data_3MQT
#
_entry.id   3MQT
#
_cell.length_a   111.164
_cell.length_b   146.142
_cell.length_c   158.710
_cell.angle_alpha   98.47
_cell.angle_beta   96.80
_cell.angle_gamma   105.04
#
_symmetry.space_group_name_H-M   'P 1'
#
loop_
_entity.id
_entity.type
_entity.pdbx_description
1 polymer 'Mandelate racemase/muconate lactonizing protein'
2 non-polymer 'MAGNESIUM ION'
3 water water
#
_entity_poly.entity_id   1
_entity_poly.type   'polypeptide(L)'
_entity_poly.pdbx_seq_one_letter_code
;MSLGANIVSVEFIPVNVAATNWSENTVIVKVTDENGVYGLGEADGPPECMKAFSEIENEHKWLNNIKEAVIGRDPLEFRA
NYNRMYDTTKWIGMRGLGLFAISGIDMALYDLAGKQLGVPAYKLMGGAQKAQLTPYFTLYPSVAADATLSEIVEAYKPLI
AKAKERGAKAVKVCIIPNDKVSDKEIVAYLRELREVIGWDMDMMVDCLYRWTDWQKARWTFRQLEDIDLYFIEACLQHDD
LIGHQKLAAAINTRLCGAEMSTTRFEAQEWLEKTGISVVQSDYNRCGGVTELLRIMDICEHHNAQLMPHNWKTGITAAAA
RHFGIVCHISEYVEYLHPDFWNGTLTQQLTLNEPKIIDGAIEVSDKPGLGIELNIEFVEQVTGHKFEGHHHHHH
;
_entity_poly.pdbx_strand_id   A,B,C,D,E,F,G,H,I,J,K,L,M,N,O,P,Q,R,S,T,U,V,W,X
#
loop_
_chem_comp.id
_chem_comp.type
_chem_comp.name
_chem_comp.formula
MG non-polymer 'MAGNESIUM ION' 'Mg 2'
#
# COMPACT_ATOMS: atom_id res chain seq x y z
N ALA A 5 14.17 55.46 74.08
CA ALA A 5 14.52 54.19 74.77
C ALA A 5 13.36 53.21 74.73
N ASN A 6 13.69 51.94 74.49
CA ASN A 6 12.72 50.89 74.41
C ASN A 6 12.35 50.36 75.79
N ILE A 7 11.16 49.77 75.87
CA ILE A 7 10.64 49.18 77.10
C ILE A 7 11.45 47.95 77.45
N VAL A 8 11.72 47.81 78.75
CA VAL A 8 12.56 46.74 79.25
C VAL A 8 11.80 45.80 80.22
N SER A 9 10.80 46.32 80.92
CA SER A 9 9.94 45.44 81.72
C SER A 9 8.56 46.01 81.97
N VAL A 10 7.67 45.12 82.39
CA VAL A 10 6.31 45.45 82.79
C VAL A 10 6.03 44.67 84.08
N GLU A 11 5.53 45.38 85.08
CA GLU A 11 5.19 44.75 86.35
C GLU A 11 3.74 45.10 86.74
N PHE A 12 2.96 44.08 87.08
CA PHE A 12 1.67 44.26 87.76
C PHE A 12 1.89 44.10 89.26
N ILE A 13 1.64 45.16 90.01
CA ILE A 13 1.91 45.16 91.44
C ILE A 13 0.57 45.28 92.17
N PRO A 14 0.08 44.16 92.72
CA PRO A 14 -1.18 44.16 93.46
C PRO A 14 -1.06 45.04 94.69
N VAL A 15 -2.09 45.83 94.93
CA VAL A 15 -2.16 46.65 96.13
C VAL A 15 -3.46 46.31 96.86
N ASN A 16 -3.30 45.77 98.06
CA ASN A 16 -4.43 45.31 98.85
C ASN A 16 -4.36 45.90 100.25
N VAL A 17 -5.41 46.60 100.65
CA VAL A 17 -5.44 47.19 101.98
C VAL A 17 -6.45 46.45 102.84
N ALA A 18 -5.95 45.83 103.91
CA ALA A 18 -6.81 45.07 104.82
C ALA A 18 -7.38 45.95 105.93
N GLU A 24 -10.83 47.76 99.18
CA GLU A 24 -9.76 48.73 98.97
C GLU A 24 -8.58 48.10 98.23
N ASN A 25 -8.64 48.06 96.91
CA ASN A 25 -7.51 47.47 96.18
C ASN A 25 -7.40 47.91 94.72
N THR A 26 -6.19 47.76 94.18
CA THR A 26 -5.89 48.10 92.80
C THR A 26 -4.69 47.28 92.32
N VAL A 27 -4.44 47.31 91.02
CA VAL A 27 -3.24 46.70 90.48
C VAL A 27 -2.43 47.81 89.85
N ILE A 28 -1.26 48.11 90.40
CA ILE A 28 -0.41 49.10 89.77
C ILE A 28 0.40 48.46 88.65
N VAL A 29 0.48 49.16 87.53
CA VAL A 29 1.20 48.66 86.37
C VAL A 29 2.33 49.60 86.05
N LYS A 30 3.54 49.07 86.15
CA LYS A 30 4.75 49.85 86.05
C LYS A 30 5.54 49.37 84.83
N VAL A 31 5.78 50.28 83.89
CA VAL A 31 6.47 49.96 82.66
C VAL A 31 7.76 50.77 82.63
N THR A 32 8.90 50.08 82.63
CA THR A 32 10.21 50.72 82.74
C THR A 32 10.98 50.62 81.41
N ASP A 33 11.64 51.70 80.99
CA ASP A 33 12.49 51.66 79.81
C ASP A 33 13.97 51.36 80.13
N GLU A 34 14.82 51.42 79.10
CA GLU A 34 16.26 51.11 79.20
C GLU A 34 17.06 52.08 80.06
N ASN A 35 16.55 53.29 80.24
CA ASN A 35 17.18 54.27 81.08
C ASN A 35 16.61 54.30 82.49
N GLY A 36 15.68 53.40 82.78
CA GLY A 36 15.04 53.35 84.11
C GLY A 36 13.88 54.30 84.36
N VAL A 37 13.53 55.13 83.39
CA VAL A 37 12.30 55.93 83.48
C VAL A 37 11.11 54.97 83.44
N TYR A 38 10.11 55.19 84.27
CA TYR A 38 8.93 54.33 84.26
C TYR A 38 7.63 55.11 84.08
N GLY A 39 6.63 54.43 83.55
CA GLY A 39 5.27 54.97 83.44
C GLY A 39 4.34 54.17 84.34
N LEU A 40 3.31 54.82 84.87
CA LEU A 40 2.36 54.15 85.76
C LEU A 40 0.96 54.13 85.17
N GLY A 41 0.30 52.98 85.33
CA GLY A 41 -1.12 52.82 85.04
C GLY A 41 -1.75 51.96 86.13
N GLU A 42 -3.06 51.77 86.08
CA GLU A 42 -3.68 50.70 86.87
C GLU A 42 -4.70 49.92 86.05
N ALA A 43 -4.86 48.65 86.40
CA ALA A 43 -5.80 47.75 85.74
C ALA A 43 -6.89 47.43 86.75
N ASP A 44 -8.14 47.36 86.28
CA ASP A 44 -9.22 46.83 87.12
C ASP A 44 -9.02 45.33 87.35
N GLY A 45 -9.76 44.78 88.32
CA GLY A 45 -9.82 43.33 88.50
C GLY A 45 -9.20 42.88 89.81
N PRO A 46 -9.42 41.60 90.20
CA PRO A 46 -8.88 41.09 91.46
C PRO A 46 -7.35 41.01 91.41
N PRO A 47 -6.68 41.67 92.36
CA PRO A 47 -5.29 42.04 92.14
C PRO A 47 -4.32 40.88 91.91
N GLU A 48 -4.45 39.82 92.72
CA GLU A 48 -3.56 38.65 92.61
C GLU A 48 -3.84 37.86 91.32
N CYS A 49 -5.12 37.80 90.94
CA CYS A 49 -5.51 37.23 89.66
C CYS A 49 -4.95 38.01 88.45
N MET A 50 -5.07 39.33 88.49
CA MET A 50 -4.51 40.16 87.43
C MET A 50 -2.99 39.99 87.35
N LYS A 51 -2.36 39.82 88.51
CA LYS A 51 -0.92 39.54 88.55
C LYS A 51 -0.56 38.22 87.85
N ALA A 52 -1.27 37.14 88.20
CA ALA A 52 -1.10 35.86 87.50
C ALA A 52 -1.31 35.98 85.99
N PHE A 53 -2.33 36.73 85.59
CA PHE A 53 -2.63 36.94 84.18
C PHE A 53 -1.42 37.54 83.44
N SER A 54 -0.79 38.55 84.03
CA SER A 54 0.41 39.18 83.47
C SER A 54 1.62 38.25 83.42
N GLU A 55 1.59 37.20 84.24
CA GLU A 55 2.73 36.29 84.39
C GLU A 55 2.56 34.92 83.73
N ILE A 56 1.54 34.78 82.88
CA ILE A 56 1.32 33.51 82.20
C ILE A 56 2.47 33.11 81.25
N GLU A 57 2.46 31.84 80.90
CA GLU A 57 3.37 31.22 79.95
C GLU A 57 2.83 31.36 78.53
N ASN A 58 3.72 31.54 77.54
CA ASN A 58 3.33 31.49 76.12
C ASN A 58 2.75 30.13 75.73
N GLU A 59 1.77 30.15 74.81
CA GLU A 59 1.15 28.90 74.32
C GLU A 59 1.06 28.80 72.80
N HIS A 60 0.34 29.73 72.17
CA HIS A 60 0.20 29.69 70.73
C HIS A 60 0.06 31.09 70.17
N LYS A 61 -0.29 31.19 68.90
CA LYS A 61 -0.28 32.47 68.20
C LYS A 61 -1.20 33.53 68.80
N TRP A 62 -2.28 33.11 69.43
CA TRP A 62 -3.26 34.05 70.01
C TRP A 62 -3.33 33.90 71.52
N LEU A 63 -2.38 33.17 72.09
CA LEU A 63 -2.25 33.10 73.54
C LEU A 63 -0.79 33.27 73.93
N ASN A 64 -0.42 34.50 74.18
CA ASN A 64 0.92 34.84 74.64
C ASN A 64 0.84 35.70 75.88
N ASN A 65 1.92 35.67 76.65
CA ASN A 65 2.07 36.58 77.75
C ASN A 65 1.99 38.01 77.22
N ILE A 66 1.14 38.81 77.86
CA ILE A 66 0.90 40.20 77.43
C ILE A 66 2.14 41.12 77.39
N LYS A 67 3.07 40.94 78.33
CA LYS A 67 4.25 41.83 78.38
C LYS A 67 5.09 41.75 77.13
N GLU A 68 5.02 40.61 76.46
CA GLU A 68 5.87 40.32 75.32
C GLU A 68 5.46 41.09 74.08
N ALA A 69 4.24 41.62 74.09
CA ALA A 69 3.80 42.48 73.02
C ALA A 69 4.41 43.88 73.15
N VAL A 70 4.94 44.23 74.32
CA VAL A 70 5.50 45.58 74.50
C VAL A 70 6.99 45.64 74.85
N ILE A 71 7.53 44.55 75.40
CA ILE A 71 8.95 44.53 75.79
C ILE A 71 9.78 44.70 74.52
N GLY A 72 10.68 45.68 74.52
CA GLY A 72 11.57 45.90 73.37
C GLY A 72 10.97 46.87 72.36
N ARG A 73 9.83 47.47 72.71
CA ARG A 73 9.14 48.41 71.82
C ARG A 73 9.20 49.85 72.34
N ASP A 74 9.01 50.79 71.42
CA ASP A 74 8.93 52.21 71.71
C ASP A 74 7.50 52.57 72.19
N PRO A 75 7.38 53.09 73.42
CA PRO A 75 6.08 53.46 74.04
C PRO A 75 5.32 54.61 73.36
N LEU A 76 5.97 55.34 72.45
CA LEU A 76 5.28 56.37 71.67
C LEU A 76 4.24 55.75 70.74
N GLU A 77 4.38 54.45 70.44
CA GLU A 77 3.63 53.83 69.35
C GLU A 77 2.31 53.21 69.84
N PHE A 78 1.37 54.06 70.24
CA PHE A 78 0.21 53.58 70.98
C PHE A 78 -0.62 52.57 70.21
N ARG A 79 -0.99 52.91 68.98
CA ARG A 79 -1.84 52.08 68.14
C ARG A 79 -1.18 50.72 67.94
N ALA A 80 0.07 50.73 67.47
CA ALA A 80 0.79 49.50 67.20
C ALA A 80 0.89 48.62 68.45
N ASN A 81 1.29 49.22 69.56
CA ASN A 81 1.40 48.50 70.85
C ASN A 81 0.06 47.95 71.37
N TYR A 82 -0.97 48.80 71.35
CA TYR A 82 -2.33 48.35 71.66
C TYR A 82 -2.71 47.14 70.81
N ASN A 83 -2.63 47.30 69.48
CA ASN A 83 -3.02 46.26 68.53
C ASN A 83 -2.23 44.97 68.74
N ARG A 84 -0.94 45.11 69.03
CA ARG A 84 -0.13 43.93 69.29
C ARG A 84 -0.54 43.25 70.60
N MET A 85 -0.79 44.03 71.65
CA MET A 85 -1.33 43.45 72.88
C MET A 85 -2.64 42.71 72.59
N TYR A 86 -3.53 43.36 71.87
CA TYR A 86 -4.85 42.81 71.67
C TYR A 86 -4.78 41.51 70.86
N ASP A 87 -3.93 41.50 69.83
CA ASP A 87 -3.86 40.40 68.89
C ASP A 87 -3.19 39.20 69.53
N THR A 88 -2.08 39.41 70.23
CA THR A 88 -1.31 38.26 70.72
C THR A 88 -1.96 37.61 71.94
N THR A 89 -3.03 38.25 72.43
CA THR A 89 -3.78 37.70 73.57
C THR A 89 -5.25 37.40 73.30
N LYS A 90 -5.64 37.44 72.03
CA LYS A 90 -7.05 37.29 71.67
C LYS A 90 -7.74 36.08 72.29
N TRP A 91 -7.05 34.94 72.38
CA TRP A 91 -7.71 33.72 72.87
C TRP A 91 -8.23 33.90 74.30
N ILE A 92 -7.49 34.64 75.11
CA ILE A 92 -7.84 34.82 76.51
C ILE A 92 -8.28 36.24 76.84
N GLY A 93 -8.19 37.13 75.85
CA GLY A 93 -8.55 38.54 76.03
C GLY A 93 -9.78 38.86 75.20
N MET A 94 -9.63 39.75 74.22
CA MET A 94 -10.73 40.15 73.34
C MET A 94 -11.83 40.97 74.05
N ARG A 95 -12.46 40.36 75.06
CA ARG A 95 -13.43 41.07 75.92
C ARG A 95 -13.17 40.67 77.36
N GLY A 96 -13.49 41.55 78.30
CA GLY A 96 -13.54 41.14 79.70
C GLY A 96 -12.23 41.29 80.42
N LEU A 97 -11.95 40.38 81.34
CA LEU A 97 -10.82 40.53 82.23
C LEU A 97 -9.49 40.76 81.49
N GLY A 98 -9.32 40.10 80.35
CA GLY A 98 -8.11 40.31 79.53
C GLY A 98 -7.90 41.75 79.10
N LEU A 99 -8.98 42.45 78.77
CA LEU A 99 -8.86 43.85 78.43
C LEU A 99 -8.52 44.79 79.59
N PHE A 100 -8.84 44.40 80.81
CA PHE A 100 -8.39 45.20 81.97
C PHE A 100 -6.87 45.29 81.96
N ALA A 101 -6.21 44.15 81.70
CA ALA A 101 -4.75 44.07 81.75
C ALA A 101 -4.17 44.91 80.64
N ILE A 102 -4.88 44.97 79.52
CA ILE A 102 -4.43 45.84 78.45
C ILE A 102 -4.59 47.31 78.82
N SER A 103 -5.73 47.64 79.42
CA SER A 103 -6.01 49.04 79.76
C SER A 103 -4.89 49.59 80.64
N GLY A 104 -4.46 48.78 81.61
CA GLY A 104 -3.45 49.18 82.59
C GLY A 104 -2.09 49.41 81.99
N ILE A 105 -1.71 48.59 81.01
CA ILE A 105 -0.43 48.79 80.33
C ILE A 105 -0.51 49.99 79.40
N ASP A 106 -1.63 50.09 78.67
CA ASP A 106 -1.87 51.24 77.80
C ASP A 106 -1.75 52.59 78.53
N MET A 107 -2.36 52.67 79.71
CA MET A 107 -2.33 53.87 80.58
C MET A 107 -0.88 54.22 80.96
N ALA A 108 -0.12 53.20 81.32
CA ALA A 108 1.25 53.37 81.74
C ALA A 108 2.13 53.82 80.58
N LEU A 109 1.77 53.43 79.36
CA LEU A 109 2.56 53.78 78.19
C LEU A 109 2.45 55.27 77.90
N TYR A 110 1.26 55.83 78.10
CA TYR A 110 1.07 57.29 77.99
C TYR A 110 1.92 58.06 79.01
N ASP A 111 1.88 57.58 80.25
CA ASP A 111 2.73 58.13 81.31
C ASP A 111 4.23 58.01 80.97
N LEU A 112 4.68 56.83 80.55
CA LEU A 112 6.08 56.63 80.17
C LEU A 112 6.48 57.49 78.96
N ALA A 113 5.72 57.46 77.88
CA ALA A 113 6.10 58.25 76.71
C ALA A 113 6.08 59.76 77.01
N GLY A 114 5.14 60.20 77.84
CA GLY A 114 5.11 61.60 78.27
C GLY A 114 6.37 61.96 79.02
N LYS A 115 6.75 61.12 79.96
CA LYS A 115 7.96 61.34 80.75
C LYS A 115 9.23 61.21 79.93
N GLN A 116 9.21 60.38 78.88
CA GLN A 116 10.36 60.28 77.97
C GLN A 116 10.58 61.57 77.19
N LEU A 117 9.52 62.11 76.61
CA LEU A 117 9.62 63.32 75.78
C LEU A 117 9.50 64.59 76.60
N GLY A 118 9.27 64.44 77.89
CA GLY A 118 9.00 65.58 78.75
C GLY A 118 7.72 66.37 78.49
N VAL A 119 6.71 65.78 77.85
CA VAL A 119 5.43 66.49 77.62
C VAL A 119 4.26 65.88 78.40
N PRO A 120 3.24 66.71 78.71
CA PRO A 120 2.02 66.15 79.34
C PRO A 120 1.31 65.16 78.41
N ALA A 121 0.74 64.10 78.99
CA ALA A 121 0.06 63.07 78.21
C ALA A 121 -1.04 63.62 77.31
N TYR A 122 -1.78 64.63 77.77
CA TYR A 122 -2.83 65.19 76.89
C TYR A 122 -2.28 65.55 75.49
N LYS A 123 -1.02 65.99 75.43
CA LYS A 123 -0.37 66.27 74.15
C LYS A 123 -0.27 65.03 73.23
N LEU A 124 0.08 63.88 73.81
CA LEU A 124 0.19 62.63 73.07
C LEU A 124 -1.19 62.04 72.78
N MET A 125 -2.23 62.61 73.38
CA MET A 125 -3.60 62.19 73.14
C MET A 125 -4.25 63.09 72.09
N GLY A 126 -3.47 64.01 71.51
CA GLY A 126 -4.00 64.89 70.46
C GLY A 126 -4.07 66.36 70.80
N GLY A 127 -3.87 66.69 72.08
CA GLY A 127 -3.80 68.08 72.50
C GLY A 127 -5.07 68.57 73.20
N ALA A 128 -4.93 69.60 74.02
CA ALA A 128 -6.04 70.07 74.83
C ALA A 128 -7.07 70.72 73.94
N GLN A 129 -8.35 70.48 74.22
CA GLN A 129 -9.41 71.02 73.38
C GLN A 129 -10.53 71.67 74.19
N LYS A 130 -10.29 71.87 75.47
CA LYS A 130 -11.15 72.76 76.24
C LYS A 130 -10.31 73.69 77.09
N ALA A 131 -10.89 74.83 77.43
CA ALA A 131 -10.22 75.85 78.24
C ALA A 131 -9.96 75.29 79.63
N GLN A 132 -10.94 74.57 80.15
CA GLN A 132 -11.02 74.16 81.56
C GLN A 132 -11.51 72.72 81.60
N LEU A 133 -11.03 71.93 82.56
CA LEU A 133 -11.68 70.66 82.89
C LEU A 133 -12.76 70.87 83.98
N THR A 134 -14.01 70.58 83.65
CA THR A 134 -15.15 70.74 84.58
C THR A 134 -15.85 69.42 84.77
N PRO A 135 -15.44 68.64 85.77
CA PRO A 135 -16.07 67.33 85.86
C PRO A 135 -17.38 67.33 86.62
N TYR A 136 -18.03 66.18 86.65
CA TYR A 136 -19.07 65.99 87.64
C TYR A 136 -18.53 65.10 88.75
N PHE A 137 -18.95 65.37 89.97
CA PHE A 137 -18.38 64.68 91.11
C PHE A 137 -19.35 63.65 91.66
N THR A 138 -18.89 62.40 91.71
CA THR A 138 -19.70 61.29 92.16
C THR A 138 -19.72 61.30 93.69
N LEU A 139 -20.93 61.31 94.25
CA LEU A 139 -21.07 61.41 95.69
C LEU A 139 -21.69 60.12 96.20
N TYR A 140 -20.95 59.43 97.05
CA TYR A 140 -21.41 58.19 97.61
C TYR A 140 -21.22 58.26 99.12
N PRO A 141 -22.32 58.21 99.88
CA PRO A 141 -22.28 58.49 101.32
C PRO A 141 -21.83 57.27 102.14
N SER A 142 -21.25 57.55 103.30
CA SER A 142 -20.84 56.47 104.20
C SER A 142 -21.98 56.16 105.15
N VAL A 143 -22.62 55.02 104.96
CA VAL A 143 -23.75 54.64 105.81
C VAL A 143 -23.77 53.14 106.15
N ALA A 144 -24.38 52.81 107.29
CA ALA A 144 -24.62 51.41 107.66
C ALA A 144 -25.30 50.65 106.52
N ALA A 145 -25.10 49.34 106.49
CA ALA A 145 -26.04 48.46 105.79
C ALA A 145 -27.43 48.75 106.37
N ASP A 146 -28.47 48.61 105.57
CA ASP A 146 -29.82 48.78 106.11
C ASP A 146 -30.00 50.18 106.73
N ALA A 147 -29.34 51.16 106.14
CA ALA A 147 -29.66 52.54 106.44
C ALA A 147 -30.93 52.90 105.69
N THR A 148 -31.78 53.70 106.31
CA THR A 148 -33.04 54.08 105.70
C THR A 148 -32.76 55.19 104.69
N LEU A 149 -33.74 55.47 103.84
CA LEU A 149 -33.57 56.49 102.80
C LEU A 149 -33.44 57.89 103.40
N SER A 150 -34.22 58.16 104.43
CA SER A 150 -34.07 59.39 105.16
C SER A 150 -32.65 59.55 105.76
N GLU A 151 -32.06 58.46 106.25
CA GLU A 151 -30.72 58.51 106.83
C GLU A 151 -29.61 58.67 105.77
N ILE A 152 -29.82 58.08 104.61
CA ILE A 152 -28.93 58.30 103.48
C ILE A 152 -29.00 59.76 103.03
N VAL A 153 -30.20 60.34 103.02
CA VAL A 153 -30.34 61.76 102.69
C VAL A 153 -29.49 62.60 103.66
N GLU A 154 -29.61 62.32 104.95
CA GLU A 154 -28.84 63.06 105.95
C GLU A 154 -27.34 62.92 105.69
N ALA A 155 -26.88 61.72 105.41
CA ALA A 155 -25.45 61.55 105.12
C ALA A 155 -25.03 62.29 103.84
N TYR A 156 -25.96 62.46 102.91
CA TYR A 156 -25.69 63.20 101.67
C TYR A 156 -25.51 64.70 101.89
N LYS A 157 -26.12 65.26 102.93
CA LYS A 157 -26.07 66.72 103.15
C LYS A 157 -24.67 67.34 103.16
N PRO A 158 -23.76 66.83 104.04
CA PRO A 158 -22.40 67.36 104.12
C PRO A 158 -21.58 67.16 102.83
N LEU A 159 -21.82 66.04 102.13
CA LEU A 159 -21.22 65.83 100.81
C LEU A 159 -21.70 66.89 99.83
N ILE A 160 -23.01 67.08 99.75
CA ILE A 160 -23.53 68.06 98.82
C ILE A 160 -23.09 69.47 99.18
N ALA A 161 -23.01 69.77 100.47
CA ALA A 161 -22.57 71.09 100.91
C ALA A 161 -21.12 71.37 100.50
N LYS A 162 -20.25 70.37 100.61
CA LYS A 162 -18.87 70.55 100.20
C LYS A 162 -18.76 70.76 98.69
N ALA A 163 -19.60 70.08 97.91
CA ALA A 163 -19.63 70.29 96.46
C ALA A 163 -19.96 71.75 96.11
N LYS A 164 -21.01 72.31 96.71
CA LYS A 164 -21.37 73.72 96.51
C LYS A 164 -20.22 74.63 96.90
N GLU A 165 -19.62 74.33 98.05
CA GLU A 165 -18.51 75.10 98.58
C GLU A 165 -17.35 75.21 97.57
N ARG A 166 -17.12 74.15 96.78
CA ARG A 166 -16.01 74.11 95.82
C ARG A 166 -16.40 74.61 94.43
N GLY A 167 -17.68 74.97 94.27
CA GLY A 167 -18.15 75.49 92.99
C GLY A 167 -18.45 74.39 91.98
N ALA A 168 -18.67 73.17 92.46
CA ALA A 168 -18.97 72.07 91.53
C ALA A 168 -20.13 72.42 90.62
N LYS A 169 -19.99 72.09 89.34
CA LYS A 169 -21.02 72.35 88.37
C LYS A 169 -22.04 71.23 88.28
N ALA A 170 -21.73 70.09 88.90
CA ALA A 170 -22.53 68.88 88.69
C ALA A 170 -22.14 67.80 89.68
N VAL A 171 -23.13 67.07 90.20
CA VAL A 171 -22.87 65.98 91.15
C VAL A 171 -23.77 64.79 90.82
N LYS A 172 -23.25 63.58 90.99
CA LYS A 172 -24.07 62.39 90.77
C LYS A 172 -24.40 61.78 92.12
N VAL A 173 -25.67 61.48 92.36
CA VAL A 173 -26.04 60.72 93.55
C VAL A 173 -26.44 59.31 93.18
N CYS A 174 -26.54 58.45 94.19
CA CYS A 174 -26.71 57.02 93.99
C CYS A 174 -27.97 56.52 94.67
N ILE A 175 -28.51 55.42 94.14
CA ILE A 175 -29.49 54.63 94.85
C ILE A 175 -28.81 53.38 95.37
N ILE A 176 -28.41 53.39 96.63
CA ILE A 176 -27.86 52.18 97.26
C ILE A 176 -28.89 51.07 97.08
N PRO A 177 -28.46 49.92 96.55
CA PRO A 177 -29.43 48.85 96.28
C PRO A 177 -30.26 48.49 97.51
N ASN A 178 -31.57 48.45 97.34
CA ASN A 178 -32.47 48.22 98.44
C ASN A 178 -33.80 47.71 97.89
N ASP A 179 -33.98 46.40 97.95
CA ASP A 179 -35.20 45.80 97.42
C ASP A 179 -36.35 45.77 98.44
N LYS A 180 -36.11 46.27 99.65
CA LYS A 180 -37.16 46.45 100.63
C LYS A 180 -37.83 47.81 100.50
N VAL A 181 -37.49 48.57 99.47
CA VAL A 181 -38.01 49.92 99.32
C VAL A 181 -38.72 50.07 97.97
N SER A 182 -39.84 50.78 97.93
CA SER A 182 -40.63 50.87 96.70
C SER A 182 -40.15 51.97 95.72
N ASP A 183 -40.55 51.87 94.46
CA ASP A 183 -40.24 52.92 93.51
C ASP A 183 -40.86 54.27 93.89
N LYS A 184 -42.08 54.25 94.45
CA LYS A 184 -42.73 55.47 94.95
C LYS A 184 -41.82 56.14 96.00
N GLU A 185 -41.28 55.33 96.91
CA GLU A 185 -40.29 55.79 97.89
C GLU A 185 -38.99 56.27 97.26
N ILE A 186 -38.62 55.69 96.11
CA ILE A 186 -37.43 56.16 95.39
C ILE A 186 -37.68 57.52 94.76
N VAL A 187 -38.86 57.72 94.19
CA VAL A 187 -39.25 59.04 93.69
C VAL A 187 -39.17 60.12 94.78
N ALA A 188 -39.82 59.90 95.94
CA ALA A 188 -39.72 60.86 97.06
C ALA A 188 -38.25 61.10 97.44
N TYR A 189 -37.46 60.04 97.49
CA TYR A 189 -36.04 60.11 97.85
C TYR A 189 -35.27 61.05 96.92
N LEU A 190 -35.44 60.86 95.61
CA LEU A 190 -34.75 61.70 94.63
C LEU A 190 -35.32 63.12 94.57
N ARG A 191 -36.61 63.28 94.84
CA ARG A 191 -37.16 64.63 94.92
C ARG A 191 -36.50 65.44 96.03
N GLU A 192 -36.35 64.81 97.21
CA GLU A 192 -35.66 65.39 98.35
C GLU A 192 -34.25 65.79 97.98
N LEU A 193 -33.56 64.92 97.27
CA LEU A 193 -32.17 65.21 96.95
C LEU A 193 -32.06 66.42 96.04
N ARG A 194 -33.01 66.60 95.12
CA ARG A 194 -32.97 67.79 94.26
C ARG A 194 -33.18 69.08 95.07
N GLU A 195 -34.12 69.08 96.01
CA GLU A 195 -34.28 70.21 96.93
C GLU A 195 -32.98 70.51 97.68
N VAL A 196 -32.35 69.48 98.23
CA VAL A 196 -31.05 69.69 98.91
C VAL A 196 -29.96 70.17 97.95
N ILE A 197 -29.90 69.59 96.75
CA ILE A 197 -28.90 70.02 95.78
C ILE A 197 -29.16 71.46 95.29
N GLY A 198 -30.42 71.85 95.24
CA GLY A 198 -30.78 73.10 94.60
C GLY A 198 -30.71 73.02 93.09
N TRP A 199 -30.71 74.20 92.47
CA TRP A 199 -30.94 74.35 91.04
C TRP A 199 -29.81 75.13 90.38
N ASP A 200 -28.68 75.20 91.06
CA ASP A 200 -27.47 75.79 90.48
C ASP A 200 -26.40 74.74 90.10
N MET A 201 -26.65 73.46 90.35
CA MET A 201 -25.79 72.39 89.85
C MET A 201 -26.63 71.38 89.03
N ASP A 202 -26.04 70.77 88.00
CA ASP A 202 -26.68 69.63 87.35
C ASP A 202 -26.72 68.44 88.30
N MET A 203 -27.77 67.61 88.16
CA MET A 203 -27.97 66.44 89.01
C MET A 203 -28.03 65.17 88.12
N MET A 204 -27.16 64.21 88.42
CA MET A 204 -27.21 62.89 87.78
C MET A 204 -27.52 61.84 88.85
N VAL A 205 -28.14 60.74 88.43
CA VAL A 205 -28.43 59.61 89.32
C VAL A 205 -27.77 58.34 88.80
N ASP A 206 -27.08 57.65 89.68
CA ASP A 206 -26.61 56.30 89.42
C ASP A 206 -27.61 55.32 90.03
N CYS A 207 -28.28 54.53 89.19
CA CYS A 207 -29.33 53.63 89.67
C CYS A 207 -28.79 52.34 90.24
N LEU A 208 -27.52 52.07 89.93
CA LEU A 208 -26.89 50.82 90.38
C LEU A 208 -27.69 49.57 90.03
N TYR A 209 -28.26 49.56 88.82
CA TYR A 209 -28.87 48.34 88.28
C TYR A 209 -30.07 47.88 89.11
N ARG A 210 -30.85 48.84 89.59
CA ARG A 210 -32.03 48.55 90.38
C ARG A 210 -33.13 47.86 89.57
N TRP A 211 -33.34 48.27 88.32
CA TRP A 211 -34.50 47.80 87.55
C TRP A 211 -34.16 46.69 86.58
N THR A 212 -35.12 45.82 86.33
CA THR A 212 -35.00 44.84 85.27
C THR A 212 -36.01 45.14 84.15
N ASP A 213 -37.21 45.61 84.53
CA ASP A 213 -38.30 45.87 83.58
C ASP A 213 -38.24 47.33 83.15
N TRP A 214 -37.93 47.59 81.89
CA TRP A 214 -37.86 48.97 81.42
C TRP A 214 -39.11 49.79 81.73
N GLN A 215 -40.27 49.14 81.70
CA GLN A 215 -41.55 49.84 81.98
C GLN A 215 -41.68 50.32 83.43
N LYS A 216 -40.99 49.65 84.34
CA LYS A 216 -40.95 50.09 85.74
C LYS A 216 -40.03 51.32 85.94
N ALA A 217 -38.86 51.30 85.33
CA ALA A 217 -37.98 52.45 85.23
C ALA A 217 -38.69 53.62 84.52
N ARG A 218 -39.47 53.31 83.49
CA ARG A 218 -40.23 54.35 82.80
C ARG A 218 -41.17 55.07 83.76
N TRP A 219 -41.93 54.31 84.53
CA TRP A 219 -42.85 54.91 85.50
C TRP A 219 -42.08 55.84 86.44
N THR A 220 -40.98 55.35 86.96
CA THR A 220 -40.22 56.10 87.95
C THR A 220 -39.71 57.43 87.42
N PHE A 221 -39.06 57.40 86.26
CA PHE A 221 -38.47 58.64 85.81
C PHE A 221 -39.43 59.55 85.10
N ARG A 222 -40.59 59.02 84.71
CA ARG A 222 -41.70 59.92 84.36
C ARG A 222 -42.15 60.76 85.58
N GLN A 223 -42.30 60.15 86.74
CA GLN A 223 -42.65 60.93 87.95
C GLN A 223 -41.60 62.02 88.22
N LEU A 224 -40.36 61.73 87.85
CA LEU A 224 -39.22 62.60 88.18
C LEU A 224 -38.84 63.61 87.09
N GLU A 225 -39.66 63.77 86.05
CA GLU A 225 -39.36 64.75 85.02
C GLU A 225 -39.12 66.13 85.60
N ASP A 226 -39.88 66.47 86.65
CA ASP A 226 -39.78 67.81 87.22
C ASP A 226 -38.51 68.09 88.06
N ILE A 227 -37.70 67.07 88.36
CA ILE A 227 -36.42 67.35 89.01
C ILE A 227 -35.30 67.51 88.01
N ASP A 228 -35.64 67.31 86.75
CA ASP A 228 -34.80 67.72 85.64
C ASP A 228 -33.41 67.06 85.68
N LEU A 229 -33.39 65.74 85.82
CA LEU A 229 -32.15 64.95 85.83
C LEU A 229 -31.31 65.19 84.59
N TYR A 230 -30.01 65.31 84.79
CA TYR A 230 -29.09 65.51 83.67
C TYR A 230 -28.83 64.16 82.96
N PHE A 231 -28.56 63.11 83.74
CA PHE A 231 -28.60 61.77 83.17
C PHE A 231 -28.99 60.70 84.18
N ILE A 232 -29.34 59.54 83.63
CA ILE A 232 -29.77 58.40 84.42
C ILE A 232 -28.88 57.22 84.05
N GLU A 233 -28.11 56.73 85.02
CA GLU A 233 -27.06 55.75 84.76
C GLU A 233 -27.44 54.40 85.35
N ALA A 234 -26.99 53.32 84.70
CA ALA A 234 -27.09 51.95 85.23
C ALA A 234 -28.52 51.67 85.66
N CYS A 235 -29.45 52.04 84.79
CA CYS A 235 -30.85 51.88 85.09
C CYS A 235 -31.31 50.40 84.99
N LEU A 236 -31.03 49.77 83.85
CA LEU A 236 -31.47 48.40 83.56
C LEU A 236 -30.25 47.46 83.51
N GLN A 237 -30.49 46.15 83.38
CA GLN A 237 -29.37 45.22 83.46
C GLN A 237 -28.45 45.40 82.25
N HIS A 238 -27.15 45.21 82.46
CA HIS A 238 -26.14 45.69 81.50
C HIS A 238 -26.25 44.97 80.16
N ASP A 239 -26.80 43.77 80.16
CA ASP A 239 -26.92 42.98 78.93
C ASP A 239 -28.17 43.36 78.13
N ASP A 240 -29.08 44.09 78.76
CA ASP A 240 -30.41 44.29 78.19
C ASP A 240 -30.49 45.47 77.23
N LEU A 241 -30.01 45.27 76.02
CA LEU A 241 -29.89 46.35 75.06
C LEU A 241 -31.25 46.85 74.66
N ILE A 242 -32.17 45.92 74.44
CA ILE A 242 -33.49 46.26 73.90
C ILE A 242 -34.30 47.07 74.90
N GLY A 243 -34.18 46.71 76.18
CA GLY A 243 -34.76 47.48 77.28
C GLY A 243 -34.21 48.88 77.40
N HIS A 244 -32.91 49.05 77.25
CA HIS A 244 -32.32 50.39 77.25
C HIS A 244 -32.82 51.21 76.05
N GLN A 245 -32.99 50.55 74.92
CA GLN A 245 -33.44 51.26 73.73
C GLN A 245 -34.87 51.81 73.90
N LYS A 246 -35.77 51.00 74.44
CA LYS A 246 -37.15 51.45 74.71
C LYS A 246 -37.21 52.53 75.81
N LEU A 247 -36.41 52.37 76.87
CA LEU A 247 -36.39 53.39 77.90
C LEU A 247 -35.83 54.72 77.37
N ALA A 248 -34.76 54.65 76.59
CA ALA A 248 -34.13 55.87 76.10
C ALA A 248 -35.09 56.65 75.23
N ALA A 249 -35.96 55.93 74.52
CA ALA A 249 -36.92 56.57 73.62
C ALA A 249 -38.11 57.15 74.37
N ALA A 250 -38.40 56.61 75.54
CA ALA A 250 -39.57 57.07 76.28
C ALA A 250 -39.30 58.21 77.28
N ILE A 251 -38.07 58.34 77.77
CA ILE A 251 -37.75 59.41 78.73
C ILE A 251 -37.39 60.69 78.00
N ASN A 252 -37.19 61.77 78.75
CA ASN A 252 -36.89 63.02 78.09
C ASN A 252 -35.52 63.58 78.46
N THR A 253 -34.66 62.75 79.04
CA THR A 253 -33.25 63.12 79.25
C THR A 253 -32.31 62.06 78.69
N ARG A 254 -31.07 62.15 79.16
CA ARG A 254 -29.99 61.24 78.75
C ARG A 254 -30.04 59.94 79.51
N LEU A 255 -29.83 58.85 78.81
CA LEU A 255 -29.69 57.56 79.47
C LEU A 255 -28.24 57.11 79.24
N CYS A 256 -27.54 56.64 80.27
CA CYS A 256 -26.17 56.14 80.10
C CYS A 256 -26.12 54.63 79.95
N GLY A 257 -24.99 54.12 79.47
CA GLY A 257 -24.78 52.67 79.52
C GLY A 257 -23.34 52.33 79.23
N ALA A 258 -23.05 51.04 79.15
CA ALA A 258 -21.73 50.52 78.80
C ALA A 258 -20.71 50.68 79.92
N GLU A 259 -21.17 50.99 81.13
CA GLU A 259 -20.25 51.18 82.27
C GLU A 259 -19.30 49.99 82.49
N MET A 260 -19.80 48.77 82.27
CA MET A 260 -19.01 47.55 82.49
C MET A 260 -18.40 46.98 81.20
N SER A 261 -18.75 47.56 80.05
CA SER A 261 -18.29 47.05 78.75
C SER A 261 -16.78 47.16 78.51
N THR A 262 -16.29 46.35 77.57
CA THR A 262 -14.91 46.48 77.10
C THR A 262 -14.86 46.60 75.57
N THR A 263 -13.90 47.38 75.07
CA THR A 263 -13.64 47.60 73.65
C THR A 263 -14.60 48.58 72.98
N ARG A 264 -14.14 49.13 71.85
CA ARG A 264 -14.98 49.98 71.05
C ARG A 264 -16.14 49.20 70.47
N PHE A 265 -16.01 47.88 70.35
CA PHE A 265 -17.03 47.12 69.63
C PHE A 265 -18.31 47.10 70.44
N GLU A 266 -18.16 46.90 71.75
CA GLU A 266 -19.32 46.94 72.63
C GLU A 266 -19.92 48.35 72.66
N ALA A 267 -19.06 49.36 72.82
CA ALA A 267 -19.50 50.74 72.92
C ALA A 267 -20.33 51.09 71.69
N GLN A 268 -19.84 50.70 70.53
CA GLN A 268 -20.56 50.99 69.29
C GLN A 268 -21.89 50.26 69.16
N GLU A 269 -21.96 49.00 69.61
CA GLU A 269 -23.24 48.28 69.63
C GLU A 269 -24.27 48.97 70.56
N TRP A 270 -23.86 49.35 71.76
CA TRP A 270 -24.68 50.19 72.64
C TRP A 270 -25.20 51.45 71.92
N LEU A 271 -24.32 52.14 71.21
CA LEU A 271 -24.72 53.37 70.52
C LEU A 271 -25.73 53.08 69.41
N GLU A 272 -25.48 52.02 68.65
CA GLU A 272 -26.28 51.69 67.49
C GLU A 272 -27.63 51.16 67.97
N LYS A 273 -27.61 50.36 69.03
CA LYS A 273 -28.80 49.61 69.45
C LYS A 273 -29.75 50.39 70.37
N THR A 274 -29.19 51.16 71.28
CA THR A 274 -29.97 51.72 72.38
C THR A 274 -30.25 53.23 72.23
N GLY A 275 -29.34 53.96 71.58
CA GLY A 275 -29.41 55.43 71.59
C GLY A 275 -29.07 56.06 72.94
N ILE A 276 -28.29 55.37 73.78
CA ILE A 276 -27.81 55.97 75.02
C ILE A 276 -27.06 57.24 74.66
N SER A 277 -27.25 58.30 75.44
CA SER A 277 -26.59 59.56 75.15
C SER A 277 -25.24 59.74 75.87
N VAL A 278 -24.95 58.87 76.83
CA VAL A 278 -23.70 58.97 77.55
C VAL A 278 -23.09 57.59 77.64
N VAL A 279 -21.86 57.45 77.15
CA VAL A 279 -21.15 56.18 77.16
C VAL A 279 -20.17 56.18 78.35
N GLN A 280 -20.11 55.08 79.08
CA GLN A 280 -19.33 55.05 80.33
C GLN A 280 -18.13 54.09 80.40
N SER A 281 -17.58 53.72 79.24
CA SER A 281 -16.44 52.79 79.20
C SER A 281 -15.34 53.31 80.09
N ASP A 282 -14.87 52.45 80.98
CA ASP A 282 -13.89 52.72 82.03
C ASP A 282 -12.44 52.75 81.50
N TYR A 283 -11.69 53.78 81.93
CA TYR A 283 -10.24 53.89 81.66
C TYR A 283 -9.47 52.61 81.91
N ASN A 284 -9.73 51.95 83.03
CA ASN A 284 -8.93 50.79 83.40
C ASN A 284 -9.62 49.45 83.10
N ARG A 285 -10.69 49.51 82.31
CA ARG A 285 -11.39 48.30 81.89
C ARG A 285 -11.42 48.10 80.37
N CYS A 286 -11.77 49.16 79.64
CA CYS A 286 -12.21 48.98 78.27
C CYS A 286 -11.08 48.80 77.26
N GLY A 287 -9.82 48.87 77.71
CA GLY A 287 -8.68 48.79 76.79
C GLY A 287 -7.77 50.00 76.90
N GLY A 288 -8.21 50.99 77.67
CA GLY A 288 -7.39 52.14 77.99
C GLY A 288 -7.62 53.36 77.16
N VAL A 289 -6.70 54.32 77.29
CA VAL A 289 -6.80 55.59 76.61
C VAL A 289 -6.80 55.40 75.09
N THR A 290 -5.96 54.50 74.60
CA THR A 290 -5.90 54.28 73.15
C THR A 290 -7.26 53.87 72.62
N GLU A 291 -7.94 53.01 73.36
CA GLU A 291 -9.24 52.55 72.92
C GLU A 291 -10.32 53.59 73.22
N LEU A 292 -10.20 54.30 74.34
CA LEU A 292 -11.16 55.39 74.59
C LEU A 292 -11.15 56.47 73.54
N LEU A 293 -9.98 56.69 72.92
CA LEU A 293 -9.92 57.69 71.84
C LEU A 293 -10.70 57.25 70.60
N ARG A 294 -10.65 55.96 70.28
CA ARG A 294 -11.49 55.43 69.20
C ARG A 294 -12.99 55.57 69.55
N ILE A 295 -13.37 55.23 70.78
CA ILE A 295 -14.77 55.32 71.23
C ILE A 295 -15.23 56.78 71.18
N MET A 296 -14.32 57.70 71.52
CA MET A 296 -14.59 59.15 71.46
C MET A 296 -15.06 59.53 70.05
N ASP A 297 -14.32 59.11 69.03
CA ASP A 297 -14.66 59.38 67.62
C ASP A 297 -16.00 58.79 67.21
N ILE A 298 -16.27 57.57 67.70
CA ILE A 298 -17.57 56.94 67.48
C ILE A 298 -18.73 57.70 68.18
N CYS A 299 -18.55 58.05 69.45
CA CYS A 299 -19.52 58.91 70.16
C CYS A 299 -19.83 60.20 69.41
N GLU A 300 -18.79 60.85 68.88
CA GLU A 300 -18.97 62.10 68.11
C GLU A 300 -19.94 61.92 66.93
N HIS A 301 -19.73 60.85 66.18
CA HIS A 301 -20.61 60.51 65.07
C HIS A 301 -22.07 60.40 65.53
N HIS A 302 -22.32 59.79 66.69
CA HIS A 302 -23.68 59.62 67.21
C HIS A 302 -24.21 60.81 68.02
N ASN A 303 -23.42 61.88 68.13
CA ASN A 303 -23.69 62.98 69.07
C ASN A 303 -24.04 62.48 70.46
N ALA A 304 -23.20 61.58 70.97
CA ALA A 304 -23.26 61.08 72.32
C ALA A 304 -22.06 61.60 73.09
N GLN A 305 -22.21 61.73 74.41
CA GLN A 305 -21.09 62.12 75.25
C GLN A 305 -20.35 60.90 75.78
N LEU A 306 -19.06 61.06 76.02
CA LEU A 306 -18.26 59.99 76.58
C LEU A 306 -17.78 60.43 77.96
N MET A 307 -18.24 59.72 78.98
CA MET A 307 -17.88 60.03 80.35
C MET A 307 -17.40 58.75 81.01
N PRO A 308 -16.12 58.40 80.81
CA PRO A 308 -15.60 57.11 81.29
C PRO A 308 -15.81 56.93 82.77
N HIS A 309 -16.28 55.76 83.16
CA HIS A 309 -16.44 55.41 84.56
C HIS A 309 -15.10 55.59 85.26
N ASN A 310 -15.13 56.30 86.38
CA ASN A 310 -13.92 56.73 87.08
C ASN A 310 -14.11 56.53 88.58
N TRP A 311 -13.81 55.33 89.06
CA TRP A 311 -13.84 55.03 90.49
C TRP A 311 -12.78 54.01 90.83
N LYS A 312 -11.54 54.48 90.87
CA LYS A 312 -10.43 53.64 91.26
C LYS A 312 -9.55 54.43 92.20
N THR A 313 -8.43 54.89 91.66
CA THR A 313 -7.36 55.44 92.45
C THR A 313 -6.92 56.75 91.77
N GLY A 314 -6.05 57.51 92.42
CA GLY A 314 -5.48 58.71 91.84
C GLY A 314 -4.72 58.49 90.55
N ILE A 315 -4.34 57.25 90.28
CA ILE A 315 -3.69 56.92 89.01
C ILE A 315 -4.66 57.10 87.85
N THR A 316 -5.86 56.53 87.99
CA THR A 316 -6.94 56.73 87.02
C THR A 316 -7.40 58.18 87.00
N ALA A 317 -7.34 58.86 88.15
CA ALA A 317 -7.79 60.24 88.23
C ALA A 317 -6.93 61.12 87.31
N ALA A 318 -5.64 60.80 87.24
CA ALA A 318 -4.73 61.54 86.38
C ALA A 318 -5.01 61.22 84.93
N ALA A 319 -5.41 59.99 84.65
CA ALA A 319 -5.81 59.63 83.29
C ALA A 319 -7.06 60.42 82.88
N ALA A 320 -8.06 60.48 83.77
CA ALA A 320 -9.25 61.31 83.56
C ALA A 320 -8.93 62.80 83.36
N ARG A 321 -8.00 63.33 84.15
CA ARG A 321 -7.57 64.71 83.94
C ARG A 321 -7.11 64.93 82.50
N HIS A 322 -6.20 64.09 82.03
CA HIS A 322 -5.64 64.28 80.70
C HIS A 322 -6.64 63.96 79.56
N PHE A 323 -7.41 62.88 79.71
CA PHE A 323 -8.44 62.54 78.73
C PHE A 323 -9.56 63.58 78.71
N GLY A 324 -10.00 64.01 79.89
CA GLY A 324 -10.98 65.08 80.03
C GLY A 324 -10.67 66.36 79.28
N ILE A 325 -9.41 66.80 79.29
CA ILE A 325 -9.04 68.04 78.59
C ILE A 325 -8.99 67.88 77.07
N VAL A 326 -8.88 66.64 76.61
CA VAL A 326 -8.87 66.33 75.17
C VAL A 326 -10.29 66.08 74.62
N CYS A 327 -11.18 65.61 75.50
CA CYS A 327 -12.48 65.10 75.08
C CYS A 327 -13.52 66.21 74.89
N HIS A 328 -13.46 66.90 73.76
CA HIS A 328 -14.24 68.11 73.52
C HIS A 328 -15.75 67.84 73.37
N ILE A 329 -16.12 66.57 73.15
CA ILE A 329 -17.54 66.25 73.00
C ILE A 329 -18.28 66.20 74.34
N SER A 330 -17.53 66.09 75.44
CA SER A 330 -18.10 65.93 76.77
C SER A 330 -18.05 67.24 77.58
N GLU A 331 -19.21 67.66 78.06
CA GLU A 331 -19.32 68.81 78.93
C GLU A 331 -18.69 68.49 80.31
N TYR A 332 -18.85 67.25 80.75
CA TYR A 332 -18.29 66.75 82.01
C TYR A 332 -17.54 65.43 81.82
N VAL A 333 -16.79 65.00 82.83
CA VAL A 333 -16.38 63.59 82.92
C VAL A 333 -16.56 63.21 84.38
N GLU A 334 -16.67 61.90 84.66
CA GLU A 334 -16.84 61.45 86.03
C GLU A 334 -15.53 61.65 86.75
N TYR A 335 -15.60 62.08 88.00
CA TYR A 335 -14.39 62.29 88.79
C TYR A 335 -14.60 61.89 90.25
N LEU A 336 -13.67 61.08 90.75
CA LEU A 336 -13.67 60.68 92.15
C LEU A 336 -12.63 61.52 92.89
N HIS A 337 -13.09 62.48 93.69
CA HIS A 337 -12.17 63.40 94.36
C HIS A 337 -12.05 63.13 95.86
N PRO A 338 -10.85 63.31 96.41
CA PRO A 338 -10.59 63.02 97.84
C PRO A 338 -11.49 63.81 98.81
N ASP A 339 -12.03 64.94 98.37
CA ASP A 339 -12.91 65.75 99.20
C ASP A 339 -14.21 65.02 99.50
N PHE A 340 -14.57 64.06 98.65
CA PHE A 340 -15.87 63.42 98.73
C PHE A 340 -15.83 61.96 99.14
N TRP A 341 -14.64 61.40 99.23
CA TRP A 341 -14.50 59.96 99.48
C TRP A 341 -13.32 59.72 100.38
N ASN A 342 -13.52 58.91 101.43
CA ASN A 342 -12.47 58.70 102.42
C ASN A 342 -11.74 57.34 102.39
N GLY A 343 -11.92 56.59 101.30
CA GLY A 343 -11.19 55.35 101.10
C GLY A 343 -9.69 55.55 101.21
N THR A 344 -9.01 54.54 101.73
CA THR A 344 -7.58 54.62 101.99
C THR A 344 -6.73 54.91 100.75
N LEU A 345 -7.02 54.27 99.62
CA LEU A 345 -6.20 54.50 98.42
C LEU A 345 -6.43 55.90 97.87
N THR A 346 -7.69 56.31 97.86
CA THR A 346 -8.06 57.64 97.38
C THR A 346 -7.33 58.67 98.20
N GLN A 347 -7.16 58.39 99.49
CA GLN A 347 -6.59 59.36 100.41
C GLN A 347 -5.07 59.31 100.47
N GLN A 348 -4.49 58.13 100.22
CA GLN A 348 -3.08 57.92 100.55
C GLN A 348 -2.15 57.49 99.42
N LEU A 349 -2.70 56.90 98.37
CA LEU A 349 -1.87 56.32 97.30
C LEU A 349 -1.15 57.36 96.44
N THR A 350 -1.83 58.46 96.16
CA THR A 350 -1.22 59.58 95.44
C THR A 350 -1.14 60.80 96.35
N LEU A 351 -0.30 61.76 95.98
CA LEU A 351 -0.06 62.95 96.78
C LEU A 351 -0.49 64.19 96.02
N ASN A 352 -0.87 65.23 96.75
CA ASN A 352 -1.00 66.54 96.16
C ASN A 352 -2.03 66.54 95.03
N GLU A 353 -3.15 65.87 95.25
CA GLU A 353 -4.24 65.83 94.27
C GLU A 353 -4.68 67.27 93.99
N PRO A 354 -4.86 67.62 92.71
CA PRO A 354 -5.23 69.01 92.40
C PRO A 354 -6.58 69.36 93.05
N LYS A 355 -6.73 70.60 93.45
CA LYS A 355 -7.92 71.00 94.16
C LYS A 355 -9.05 71.31 93.21
N ILE A 356 -10.29 71.12 93.66
CA ILE A 356 -11.45 71.69 92.98
C ILE A 356 -11.55 73.19 93.23
N ILE A 357 -11.52 73.97 92.15
CA ILE A 357 -11.55 75.44 92.26
C ILE A 357 -12.59 75.99 91.30
N ASP A 358 -13.66 76.55 91.84
CA ASP A 358 -14.77 77.05 91.04
C ASP A 358 -15.28 75.94 90.10
N GLY A 359 -15.36 74.70 90.59
CA GLY A 359 -15.83 73.57 89.80
C GLY A 359 -14.84 72.98 88.79
N ALA A 360 -13.62 73.46 88.80
CA ALA A 360 -12.62 73.05 87.82
C ALA A 360 -11.50 72.29 88.50
N ILE A 361 -10.91 71.34 87.79
CA ILE A 361 -9.61 70.88 88.25
C ILE A 361 -8.52 71.12 87.19
N GLU A 362 -7.39 71.68 87.63
CA GLU A 362 -6.30 71.97 86.70
C GLU A 362 -5.62 70.71 86.16
N VAL A 363 -5.37 70.69 84.86
CA VAL A 363 -4.55 69.67 84.26
C VAL A 363 -3.19 70.29 83.94
N SER A 364 -2.18 69.93 84.72
CA SER A 364 -0.89 70.60 84.63
C SER A 364 -0.07 70.12 83.45
N ASP A 365 0.98 70.83 83.12
CA ASP A 365 1.86 70.34 82.09
C ASP A 365 3.07 69.54 82.63
N LYS A 366 2.89 68.93 83.79
CA LYS A 366 3.80 67.89 84.28
C LYS A 366 3.87 66.71 83.27
N PRO A 367 5.08 66.17 83.04
CA PRO A 367 5.22 65.13 82.00
C PRO A 367 4.45 63.85 82.33
N GLY A 368 4.04 63.13 81.29
CA GLY A 368 3.22 61.95 81.44
C GLY A 368 1.83 62.28 81.94
N LEU A 369 1.37 61.46 82.87
CA LEU A 369 0.07 61.63 83.47
C LEU A 369 0.15 62.58 84.66
N GLY A 370 1.37 62.86 85.13
CA GLY A 370 1.58 63.84 86.17
C GLY A 370 1.25 63.24 87.51
N ILE A 371 1.46 61.93 87.62
CA ILE A 371 1.09 61.21 88.81
C ILE A 371 2.17 61.38 89.85
N GLU A 372 1.77 61.73 91.07
CA GLU A 372 2.72 61.92 92.16
C GLU A 372 2.49 60.78 93.13
N LEU A 373 3.17 59.67 92.89
CA LEU A 373 2.95 58.44 93.67
C LEU A 373 3.45 58.53 95.11
N ASN A 374 2.67 58.04 96.06
CA ASN A 374 3.16 57.95 97.44
C ASN A 374 4.01 56.70 97.62
N ILE A 375 5.29 56.81 97.27
CA ILE A 375 6.19 55.65 97.19
C ILE A 375 6.33 54.90 98.52
N GLU A 376 6.57 55.64 99.58
CA GLU A 376 6.63 55.02 100.92
C GLU A 376 5.39 54.21 101.28
N PHE A 377 4.21 54.74 100.97
CA PHE A 377 2.96 54.02 101.21
C PHE A 377 2.88 52.72 100.39
N VAL A 378 3.30 52.76 99.14
CA VAL A 378 3.22 51.57 98.30
C VAL A 378 4.22 50.50 98.77
N GLU A 379 5.37 50.94 99.24
CA GLU A 379 6.37 50.01 99.75
C GLU A 379 5.89 49.37 101.06
N GLN A 380 5.22 50.15 101.91
CA GLN A 380 4.64 49.60 103.13
C GLN A 380 3.60 48.51 102.89
N VAL A 381 2.67 48.76 101.98
CA VAL A 381 1.58 47.81 101.78
C VAL A 381 1.96 46.62 100.91
N THR A 382 2.77 46.82 99.87
CA THR A 382 3.22 45.68 99.04
C THR A 382 4.28 44.84 99.74
N GLY A 383 5.07 45.48 100.60
CA GLY A 383 6.13 44.80 101.35
C GLY A 383 7.38 44.64 100.51
N HIS A 384 7.28 44.97 99.22
CA HIS A 384 8.40 44.88 98.30
C HIS A 384 8.81 46.27 97.86
N LYS A 385 10.11 46.42 97.59
CA LYS A 385 10.71 47.70 97.24
C LYS A 385 10.24 48.22 95.88
N PHE A 386 10.30 49.53 95.71
CA PHE A 386 9.76 50.21 94.53
C PHE A 386 10.82 51.15 93.94
N ALA B 5 -38.20 4.52 85.26
CA ALA B 5 -39.45 3.87 84.79
C ALA B 5 -39.95 4.64 83.57
N ASN B 6 -40.28 3.91 82.53
CA ASN B 6 -40.79 4.50 81.32
C ASN B 6 -42.29 4.68 81.39
N ILE B 7 -42.80 5.57 80.55
CA ILE B 7 -44.22 5.81 80.49
C ILE B 7 -44.93 4.59 79.94
N VAL B 8 -46.05 4.26 80.57
CA VAL B 8 -46.88 3.15 80.17
C VAL B 8 -48.22 3.56 79.56
N SER B 9 -48.83 4.63 80.07
CA SER B 9 -50.11 5.06 79.51
C SER B 9 -50.32 6.56 79.69
N VAL B 10 -51.18 7.09 78.82
CA VAL B 10 -51.64 8.47 78.85
C VAL B 10 -53.16 8.45 78.72
N GLU B 11 -53.83 9.16 79.61
CA GLU B 11 -55.27 9.16 79.67
C GLU B 11 -55.72 10.62 79.75
N PHE B 12 -56.66 10.99 78.89
CA PHE B 12 -57.35 12.30 78.98
C PHE B 12 -58.71 12.03 79.61
N ILE B 13 -58.95 12.62 80.78
CA ILE B 13 -60.17 12.34 81.54
C ILE B 13 -61.04 13.59 81.57
N PRO B 14 -62.14 13.61 80.78
CA PRO B 14 -63.06 14.74 80.80
C PRO B 14 -63.70 14.91 82.18
N VAL B 15 -63.81 16.16 82.63
CA VAL B 15 -64.48 16.44 83.88
C VAL B 15 -65.54 17.50 83.61
N ASN B 16 -66.79 17.08 83.53
CA ASN B 16 -67.93 17.98 83.33
C ASN B 16 -68.82 18.09 84.57
N VAL B 17 -69.11 19.33 84.96
CA VAL B 17 -69.88 19.62 86.17
C VAL B 17 -71.08 20.53 85.84
N ALA B 18 -72.26 20.18 86.38
CA ALA B 18 -73.49 20.96 86.14
C ALA B 18 -73.72 22.00 87.23
N GLU B 24 -68.16 25.03 83.50
CA GLU B 24 -67.25 24.42 84.47
C GLU B 24 -66.78 23.04 83.97
N ASN B 25 -65.58 23.00 83.41
CA ASN B 25 -65.05 21.76 82.85
C ASN B 25 -63.54 21.84 82.62
N THR B 26 -62.88 20.69 82.68
CA THR B 26 -61.48 20.58 82.31
C THR B 26 -61.21 19.18 81.77
N VAL B 27 -60.04 18.99 81.19
CA VAL B 27 -59.60 17.66 80.82
C VAL B 27 -58.36 17.32 81.64
N ILE B 28 -58.47 16.36 82.54
CA ILE B 28 -57.31 15.91 83.29
C ILE B 28 -56.50 14.98 82.42
N VAL B 29 -55.20 15.25 82.34
CA VAL B 29 -54.29 14.43 81.61
C VAL B 29 -53.45 13.63 82.60
N LYS B 30 -53.60 12.32 82.56
CA LYS B 30 -52.90 11.47 83.52
C LYS B 30 -51.90 10.57 82.78
N VAL B 31 -50.64 10.68 83.15
CA VAL B 31 -49.56 9.92 82.54
C VAL B 31 -48.95 8.97 83.59
N THR B 32 -49.01 7.68 83.32
CA THR B 32 -48.60 6.68 84.30
C THR B 32 -47.36 5.92 83.83
N ASP B 33 -46.43 5.67 84.75
CA ASP B 33 -45.26 4.86 84.43
C ASP B 33 -45.40 3.37 84.79
N GLU B 34 -44.33 2.60 84.55
CA GLU B 34 -44.35 1.15 84.71
C GLU B 34 -44.53 0.70 86.17
N ASN B 35 -44.29 1.62 87.11
CA ASN B 35 -44.46 1.33 88.53
C ASN B 35 -45.83 1.75 89.07
N GLY B 36 -46.64 2.35 88.21
CA GLY B 36 -47.92 2.91 88.65
C GLY B 36 -47.88 4.33 89.22
N VAL B 37 -46.72 4.96 89.25
CA VAL B 37 -46.66 6.40 89.60
C VAL B 37 -47.17 7.25 88.41
N TYR B 38 -47.91 8.32 88.71
CA TYR B 38 -48.54 9.11 87.66
C TYR B 38 -48.35 10.61 87.88
N GLY B 39 -48.24 11.34 86.78
CA GLY B 39 -48.22 12.79 86.79
C GLY B 39 -49.53 13.32 86.28
N LEU B 40 -49.91 14.51 86.74
CA LEU B 40 -51.16 15.11 86.30
C LEU B 40 -50.93 16.44 85.63
N GLY B 41 -51.79 16.72 84.65
CA GLY B 41 -51.85 18.01 84.01
C GLY B 41 -53.24 18.25 83.46
N GLU B 42 -53.46 19.41 82.86
CA GLU B 42 -54.73 19.61 82.18
C GLU B 42 -54.53 20.30 80.84
N ALA B 43 -55.48 20.03 79.94
CA ALA B 43 -55.46 20.56 78.60
C ALA B 43 -56.69 21.46 78.47
N ASP B 44 -56.52 22.64 77.87
CA ASP B 44 -57.67 23.45 77.47
C ASP B 44 -58.49 22.76 76.38
N GLY B 45 -59.70 23.27 76.12
CA GLY B 45 -60.52 22.74 75.04
C GLY B 45 -61.78 22.04 75.53
N PRO B 46 -62.75 21.81 74.63
CA PRO B 46 -63.99 21.10 74.99
C PRO B 46 -63.69 19.64 75.36
N PRO B 47 -64.12 19.20 76.55
CA PRO B 47 -63.49 18.01 77.12
C PRO B 47 -63.64 16.72 76.29
N GLU B 48 -64.86 16.42 75.84
CA GLU B 48 -65.07 15.22 75.02
C GLU B 48 -64.35 15.33 73.68
N CYS B 49 -64.23 16.53 73.13
CA CYS B 49 -63.47 16.70 71.90
C CYS B 49 -61.98 16.43 72.11
N MET B 50 -61.43 16.99 73.19
CA MET B 50 -60.05 16.77 73.51
C MET B 50 -59.74 15.29 73.76
N LYS B 51 -60.67 14.58 74.39
CA LYS B 51 -60.49 13.13 74.63
C LYS B 51 -60.45 12.37 73.29
N ALA B 52 -61.37 12.67 72.39
CA ALA B 52 -61.36 12.05 71.06
C ALA B 52 -60.02 12.32 70.33
N PHE B 53 -59.48 13.53 70.52
CA PHE B 53 -58.22 13.92 69.88
C PHE B 53 -57.10 13.00 70.31
N SER B 54 -57.14 12.59 71.57
CA SER B 54 -56.08 11.79 72.16
C SER B 54 -56.23 10.32 71.80
N GLU B 55 -57.37 9.96 71.22
CA GLU B 55 -57.66 8.55 70.89
C GLU B 55 -57.82 8.30 69.40
N ILE B 56 -57.23 9.17 68.58
CA ILE B 56 -57.29 9.01 67.13
C ILE B 56 -56.40 7.85 66.69
N GLU B 57 -56.62 7.37 65.48
CA GLU B 57 -55.78 6.32 64.93
C GLU B 57 -54.68 6.95 64.05
N ASN B 58 -53.54 6.28 63.96
CA ASN B 58 -52.42 6.74 63.12
C ASN B 58 -52.79 6.82 61.63
N GLU B 59 -52.21 7.76 60.90
CA GLU B 59 -52.49 7.88 59.47
C GLU B 59 -51.23 7.95 58.59
N HIS B 60 -50.29 8.82 58.94
CA HIS B 60 -49.03 8.94 58.21
C HIS B 60 -47.95 9.55 59.10
N LYS B 61 -46.83 9.94 58.47
CA LYS B 61 -45.67 10.44 59.21
C LYS B 61 -45.97 11.63 60.18
N TRP B 62 -46.81 12.56 59.75
CA TRP B 62 -47.10 13.75 60.56
C TRP B 62 -48.50 13.73 61.17
N LEU B 63 -49.10 12.54 61.19
CA LEU B 63 -50.42 12.37 61.78
C LEU B 63 -50.50 11.06 62.55
N ASN B 64 -50.09 11.14 63.81
CA ASN B 64 -50.12 10.00 64.69
C ASN B 64 -50.87 10.32 65.97
N ASN B 65 -51.39 9.28 66.60
CA ASN B 65 -51.88 9.43 67.94
C ASN B 65 -50.81 10.08 68.82
N ILE B 66 -51.16 11.19 69.46
CA ILE B 66 -50.23 11.94 70.30
C ILE B 66 -49.54 11.11 71.41
N LYS B 67 -50.29 10.19 72.02
CA LYS B 67 -49.77 9.35 73.11
C LYS B 67 -48.56 8.53 72.69
N GLU B 68 -48.55 8.12 71.43
CA GLU B 68 -47.52 7.23 70.94
C GLU B 68 -46.15 7.90 70.89
N ALA B 69 -46.14 9.23 70.97
CA ALA B 69 -44.88 9.95 71.02
C ALA B 69 -44.24 9.90 72.40
N VAL B 70 -44.98 9.46 73.43
CA VAL B 70 -44.43 9.35 74.79
C VAL B 70 -44.52 7.94 75.44
N ILE B 71 -45.41 7.07 74.96
CA ILE B 71 -45.47 5.71 75.54
C ILE B 71 -44.12 5.06 75.32
N GLY B 72 -43.55 4.52 76.39
CA GLY B 72 -42.26 3.84 76.30
C GLY B 72 -41.09 4.76 76.53
N ARG B 73 -41.35 6.02 76.89
CA ARG B 73 -40.27 7.03 77.00
C ARG B 73 -40.06 7.49 78.43
N ASP B 74 -38.91 8.10 78.67
CA ASP B 74 -38.52 8.57 79.99
C ASP B 74 -39.02 10.01 80.15
N PRO B 75 -39.87 10.25 81.15
CA PRO B 75 -40.49 11.59 81.30
C PRO B 75 -39.50 12.73 81.62
N LEU B 76 -38.29 12.38 82.05
CA LEU B 76 -37.26 13.39 82.27
C LEU B 76 -36.90 14.18 81.02
N GLU B 77 -37.01 13.56 79.85
CA GLU B 77 -36.45 14.10 78.61
C GLU B 77 -37.45 15.12 78.01
N PHE B 78 -37.53 16.32 78.61
CA PHE B 78 -38.65 17.22 78.28
C PHE B 78 -38.61 17.70 76.83
N ARG B 79 -37.43 18.07 76.36
CA ARG B 79 -37.28 18.61 75.01
C ARG B 79 -37.55 17.54 73.96
N ALA B 80 -36.97 16.36 74.17
CA ALA B 80 -37.14 15.24 73.27
C ALA B 80 -38.59 14.82 73.16
N ASN B 81 -39.28 14.69 74.30
CA ASN B 81 -40.70 14.32 74.27
C ASN B 81 -41.59 15.39 73.64
N TYR B 82 -41.39 16.66 74.03
CA TYR B 82 -42.10 17.77 73.38
C TYR B 82 -41.93 17.75 71.85
N ASN B 83 -40.69 17.71 71.38
CA ASN B 83 -40.43 17.71 69.96
C ASN B 83 -41.05 16.51 69.28
N ARG B 84 -41.00 15.36 69.94
CA ARG B 84 -41.63 14.18 69.38
C ARG B 84 -43.15 14.30 69.24
N MET B 85 -43.82 14.79 70.28
CA MET B 85 -45.26 15.03 70.21
C MET B 85 -45.56 16.01 69.09
N TYR B 86 -44.80 17.10 69.06
CA TYR B 86 -45.03 18.17 68.11
C TYR B 86 -44.82 17.69 66.67
N ASP B 87 -43.75 16.93 66.44
CA ASP B 87 -43.44 16.46 65.08
C ASP B 87 -44.42 15.42 64.56
N THR B 88 -44.76 14.42 65.38
CA THR B 88 -45.60 13.32 64.91
C THR B 88 -47.09 13.72 64.72
N THR B 89 -47.45 14.89 65.22
CA THR B 89 -48.83 15.36 65.09
C THR B 89 -48.94 16.63 64.28
N LYS B 90 -47.84 17.04 63.67
CA LYS B 90 -47.79 18.30 62.91
C LYS B 90 -48.99 18.54 61.99
N TRP B 91 -49.52 17.49 61.36
CA TRP B 91 -50.56 17.71 60.35
C TRP B 91 -51.88 18.19 60.97
N ILE B 92 -52.14 17.76 62.21
CA ILE B 92 -53.38 18.14 62.90
C ILE B 92 -53.12 19.09 64.05
N GLY B 93 -51.83 19.41 64.25
CA GLY B 93 -51.42 20.26 65.36
C GLY B 93 -50.73 21.52 64.89
N MET B 94 -49.51 21.72 65.36
CA MET B 94 -48.65 22.83 64.98
C MET B 94 -49.09 24.16 65.59
N ARG B 95 -50.38 24.46 65.46
CA ARG B 95 -51.04 25.61 66.10
C ARG B 95 -52.47 25.22 66.55
N GLY B 96 -52.93 25.83 67.63
CA GLY B 96 -54.35 25.73 67.99
C GLY B 96 -54.67 24.53 68.86
N LEU B 97 -55.80 23.90 68.56
CA LEU B 97 -56.34 22.89 69.45
C LEU B 97 -55.36 21.73 69.72
N GLY B 98 -54.60 21.33 68.70
CA GLY B 98 -53.60 20.25 68.85
C GLY B 98 -52.53 20.58 69.87
N LEU B 99 -52.24 21.86 70.02
CA LEU B 99 -51.27 22.30 71.00
C LEU B 99 -51.81 22.26 72.41
N PHE B 100 -53.13 22.40 72.57
CA PHE B 100 -53.74 22.20 73.88
C PHE B 100 -53.38 20.80 74.37
N ALA B 101 -53.45 19.82 73.49
CA ALA B 101 -53.28 18.44 73.97
C ALA B 101 -51.81 18.17 74.33
N ILE B 102 -50.90 18.82 73.63
CA ILE B 102 -49.49 18.69 73.98
C ILE B 102 -49.24 19.35 75.35
N SER B 103 -49.90 20.49 75.55
CA SER B 103 -49.74 21.24 76.79
C SER B 103 -50.09 20.38 78.00
N GLY B 104 -51.22 19.68 77.94
CA GLY B 104 -51.66 18.85 79.05
C GLY B 104 -50.69 17.75 79.39
N ILE B 105 -50.16 17.08 78.36
CA ILE B 105 -49.25 15.95 78.57
C ILE B 105 -47.94 16.51 79.07
N ASP B 106 -47.47 17.58 78.45
CA ASP B 106 -46.22 18.18 78.87
C ASP B 106 -46.25 18.57 80.36
N MET B 107 -47.39 19.08 80.83
CA MET B 107 -47.57 19.50 82.22
C MET B 107 -47.46 18.25 83.11
N ALA B 108 -48.16 17.20 82.72
CA ALA B 108 -48.15 15.93 83.47
C ALA B 108 -46.75 15.28 83.51
N LEU B 109 -45.92 15.56 82.49
CA LEU B 109 -44.56 15.00 82.48
C LEU B 109 -43.65 15.61 83.54
N TYR B 110 -43.81 16.90 83.80
CA TYR B 110 -43.09 17.57 84.89
C TYR B 110 -43.53 17.05 86.28
N ASP B 111 -44.81 16.74 86.42
CA ASP B 111 -45.34 16.20 87.66
C ASP B 111 -44.79 14.77 87.82
N LEU B 112 -44.91 13.97 86.76
CA LEU B 112 -44.40 12.60 86.81
C LEU B 112 -42.90 12.52 87.08
N ALA B 113 -42.09 13.17 86.24
CA ALA B 113 -40.65 13.14 86.42
C ALA B 113 -40.25 13.61 87.82
N GLY B 114 -40.96 14.62 88.33
CA GLY B 114 -40.73 15.12 89.68
C GLY B 114 -40.99 14.05 90.73
N LYS B 115 -42.08 13.31 90.58
CA LYS B 115 -42.42 12.29 91.56
C LYS B 115 -41.48 11.08 91.44
N GLN B 116 -41.05 10.78 90.23
CA GLN B 116 -40.09 9.72 90.02
C GLN B 116 -38.75 10.04 90.70
N LEU B 117 -38.28 11.28 90.54
CA LEU B 117 -37.01 11.72 91.14
C LEU B 117 -37.14 12.09 92.61
N GLY B 118 -38.35 12.36 93.06
CA GLY B 118 -38.56 12.90 94.41
C GLY B 118 -38.09 14.34 94.54
N VAL B 119 -38.31 15.15 93.51
CA VAL B 119 -37.90 16.57 93.52
C VAL B 119 -39.07 17.41 93.02
N PRO B 120 -39.17 18.67 93.50
CA PRO B 120 -40.28 19.51 93.04
C PRO B 120 -40.05 19.93 91.60
N ALA B 121 -41.12 20.15 90.85
CA ALA B 121 -41.00 20.48 89.44
C ALA B 121 -40.14 21.72 89.14
N TYR B 122 -40.20 22.76 89.98
CA TYR B 122 -39.38 23.98 89.68
C TYR B 122 -37.90 23.68 89.52
N LYS B 123 -37.38 22.68 90.24
CA LYS B 123 -36.01 22.21 90.03
C LYS B 123 -35.80 21.64 88.62
N LEU B 124 -36.79 20.93 88.10
CA LEU B 124 -36.70 20.40 86.74
C LEU B 124 -36.94 21.49 85.71
N MET B 125 -37.34 22.68 86.17
CA MET B 125 -37.57 23.80 85.26
C MET B 125 -36.36 24.76 85.28
N GLY B 126 -35.26 24.33 85.87
CA GLY B 126 -34.09 25.21 86.01
C GLY B 126 -33.75 25.70 87.41
N GLY B 127 -34.71 25.65 88.33
CA GLY B 127 -34.47 26.00 89.73
C GLY B 127 -35.08 27.33 90.14
N ALA B 128 -35.41 27.47 91.43
CA ALA B 128 -36.07 28.68 91.91
C ALA B 128 -35.19 29.89 91.60
N GLN B 129 -35.77 30.94 91.03
CA GLN B 129 -35.00 32.15 90.79
C GLN B 129 -35.55 33.37 91.52
N LYS B 130 -36.50 33.15 92.42
CA LYS B 130 -36.87 34.21 93.36
C LYS B 130 -37.12 33.69 94.74
N ALA B 131 -37.05 34.59 95.72
CA ALA B 131 -37.25 34.24 97.11
C ALA B 131 -38.73 33.99 97.39
N GLN B 132 -39.60 34.64 96.61
CA GLN B 132 -41.05 34.59 96.85
C GLN B 132 -41.86 34.59 95.55
N LEU B 133 -43.01 33.92 95.58
CA LEU B 133 -43.98 34.04 94.51
C LEU B 133 -45.08 35.06 94.87
N THR B 134 -45.14 36.15 94.10
CA THR B 134 -46.09 37.25 94.29
C THR B 134 -47.01 37.36 93.08
N PRO B 135 -48.18 36.72 93.15
CA PRO B 135 -49.04 36.81 91.96
C PRO B 135 -49.76 38.14 91.86
N TYR B 136 -50.33 38.42 90.69
CA TYR B 136 -51.46 39.29 90.64
C TYR B 136 -52.70 38.42 90.62
N PHE B 137 -53.74 38.88 91.32
CA PHE B 137 -54.96 38.09 91.40
C PHE B 137 -56.06 38.64 90.50
N THR B 138 -56.58 37.77 89.63
CA THR B 138 -57.61 38.13 88.70
C THR B 138 -58.94 38.10 89.45
N LEU B 139 -59.63 39.24 89.44
CA LEU B 139 -60.93 39.40 90.08
C LEU B 139 -62.00 39.49 89.02
N TYR B 140 -62.90 38.51 89.02
CA TYR B 140 -64.03 38.50 88.11
C TYR B 140 -65.28 38.35 88.96
N PRO B 141 -66.23 39.28 88.81
CA PRO B 141 -67.34 39.25 89.73
C PRO B 141 -68.45 38.40 89.15
N SER B 142 -69.25 37.80 90.03
CA SER B 142 -70.40 37.01 89.61
C SER B 142 -71.62 37.91 89.51
N VAL B 143 -72.04 38.22 88.31
CA VAL B 143 -73.21 39.07 88.11
C VAL B 143 -74.08 38.56 86.97
N ALA B 144 -75.29 39.11 86.87
CA ALA B 144 -76.18 38.78 85.78
C ALA B 144 -75.71 39.39 84.45
N ALA B 145 -76.05 38.73 83.35
CA ALA B 145 -76.01 39.37 82.04
C ALA B 145 -76.76 40.70 82.14
N ASP B 146 -76.32 41.69 81.37
CA ASP B 146 -76.96 43.00 81.40
C ASP B 146 -77.03 43.58 82.83
N ALA B 147 -76.11 43.17 83.70
CA ALA B 147 -75.87 43.91 84.94
C ALA B 147 -75.21 45.22 84.55
N THR B 148 -75.63 46.30 85.18
CA THR B 148 -75.12 47.61 84.81
C THR B 148 -73.69 47.82 85.33
N LEU B 149 -73.01 48.85 84.82
CA LEU B 149 -71.67 49.15 85.29
C LEU B 149 -71.67 49.41 86.79
N SER B 150 -72.71 50.09 87.25
CA SER B 150 -72.85 50.40 88.67
C SER B 150 -72.96 49.16 89.56
N GLU B 151 -73.75 48.19 89.12
CA GLU B 151 -73.91 46.91 89.82
C GLU B 151 -72.65 46.06 89.82
N ILE B 152 -71.86 46.20 88.75
CA ILE B 152 -70.63 45.45 88.61
C ILE B 152 -69.64 46.01 89.62
N VAL B 153 -69.63 47.32 89.79
CA VAL B 153 -68.74 47.95 90.75
C VAL B 153 -69.07 47.52 92.18
N GLU B 154 -70.37 47.44 92.52
CA GLU B 154 -70.80 46.97 93.83
C GLU B 154 -70.35 45.54 94.06
N ALA B 155 -70.52 44.67 93.07
CA ALA B 155 -70.05 43.28 93.15
C ALA B 155 -68.52 43.15 93.30
N TYR B 156 -67.78 44.07 92.71
CA TYR B 156 -66.32 44.08 92.83
C TYR B 156 -65.87 44.43 94.23
N LYS B 157 -66.69 45.18 94.96
CA LYS B 157 -66.24 45.72 96.25
C LYS B 157 -65.74 44.64 97.22
N PRO B 158 -66.53 43.57 97.46
CA PRO B 158 -66.12 42.48 98.37
C PRO B 158 -64.87 41.74 97.91
N LEU B 159 -64.70 41.62 96.60
CA LEU B 159 -63.55 40.94 96.04
C LEU B 159 -62.30 41.77 96.29
N ILE B 160 -62.38 43.03 95.93
CA ILE B 160 -61.29 43.96 96.16
C ILE B 160 -60.98 44.09 97.65
N ALA B 161 -62.01 44.11 98.50
CA ALA B 161 -61.76 44.17 99.95
C ALA B 161 -61.02 42.94 100.46
N LYS B 162 -61.36 41.78 99.92
CA LYS B 162 -60.66 40.56 100.31
C LYS B 162 -59.20 40.52 99.83
N ALA B 163 -58.93 41.05 98.64
CA ALA B 163 -57.53 41.11 98.18
C ALA B 163 -56.68 41.97 99.10
N LYS B 164 -57.23 43.10 99.53
CA LYS B 164 -56.53 43.93 100.51
C LYS B 164 -56.32 43.16 101.81
N GLU B 165 -57.38 42.53 102.30
CA GLU B 165 -57.29 41.81 103.55
C GLU B 165 -56.18 40.76 103.49
N ARG B 166 -55.94 40.19 102.30
CA ARG B 166 -54.88 39.19 102.13
C ARG B 166 -53.54 39.81 101.78
N GLY B 167 -53.49 41.14 101.64
CA GLY B 167 -52.23 41.80 101.30
C GLY B 167 -51.79 41.64 99.84
N ALA B 168 -52.73 41.33 98.94
CA ALA B 168 -52.38 41.27 97.51
C ALA B 168 -51.62 42.52 97.06
N LYS B 169 -50.60 42.32 96.22
CA LYS B 169 -49.81 43.43 95.72
C LYS B 169 -50.42 43.98 94.44
N ALA B 170 -51.27 43.17 93.81
CA ALA B 170 -51.75 43.54 92.49
C ALA B 170 -53.01 42.77 92.17
N VAL B 171 -53.96 43.44 91.49
CA VAL B 171 -55.22 42.80 91.08
C VAL B 171 -55.59 43.26 89.69
N LYS B 172 -56.23 42.35 88.95
CA LYS B 172 -56.77 42.65 87.65
C LYS B 172 -58.29 42.67 87.70
N VAL B 173 -58.88 43.71 87.18
CA VAL B 173 -60.33 43.77 87.03
C VAL B 173 -60.65 43.71 85.55
N CYS B 174 -61.92 43.48 85.23
CA CYS B 174 -62.31 43.23 83.86
C CYS B 174 -63.39 44.21 83.41
N ILE B 175 -63.46 44.43 82.10
CA ILE B 175 -64.62 45.04 81.47
C ILE B 175 -65.48 43.94 80.86
N ILE B 176 -66.61 43.65 81.51
CA ILE B 176 -67.57 42.68 80.98
C ILE B 176 -68.08 43.19 79.62
N PRO B 177 -68.06 42.33 78.60
CA PRO B 177 -68.43 42.76 77.25
C PRO B 177 -69.80 43.43 77.23
N ASN B 178 -69.85 44.65 76.70
CA ASN B 178 -71.03 45.46 76.83
C ASN B 178 -71.07 46.51 75.75
N ASP B 179 -71.81 46.22 74.69
CA ASP B 179 -71.85 47.14 73.56
C ASP B 179 -72.97 48.18 73.70
N LYS B 180 -73.69 48.15 74.81
CA LYS B 180 -74.71 49.16 75.08
C LYS B 180 -74.10 50.31 75.86
N VAL B 181 -72.80 50.24 76.10
CA VAL B 181 -72.16 51.21 76.98
C VAL B 181 -71.04 51.95 76.23
N SER B 182 -70.96 53.26 76.41
CA SER B 182 -69.99 54.10 75.71
C SER B 182 -68.56 54.00 76.30
N ASP B 183 -67.54 54.40 75.54
CA ASP B 183 -66.18 54.43 76.06
C ASP B 183 -66.04 55.49 77.16
N LYS B 184 -66.77 56.58 77.04
CA LYS B 184 -66.76 57.58 78.12
C LYS B 184 -67.29 56.99 79.44
N GLU B 185 -68.27 56.10 79.36
CA GLU B 185 -68.78 55.40 80.54
C GLU B 185 -67.81 54.33 81.04
N ILE B 186 -67.11 53.69 80.12
CA ILE B 186 -65.99 52.83 80.51
C ILE B 186 -64.91 53.60 81.28
N VAL B 187 -64.52 54.78 80.82
CA VAL B 187 -63.57 55.65 81.55
C VAL B 187 -63.98 55.95 83.00
N ALA B 188 -65.25 56.32 83.21
CA ALA B 188 -65.76 56.60 84.57
C ALA B 188 -65.75 55.32 85.41
N TYR B 189 -66.09 54.19 84.79
CA TYR B 189 -66.14 52.89 85.43
C TYR B 189 -64.76 52.46 85.97
N LEU B 190 -63.75 52.57 85.13
CA LEU B 190 -62.38 52.28 85.59
C LEU B 190 -61.82 53.34 86.55
N ARG B 191 -62.22 54.60 86.42
CA ARG B 191 -61.78 55.61 87.41
C ARG B 191 -62.33 55.26 88.80
N GLU B 192 -63.62 54.92 88.85
CA GLU B 192 -64.25 54.42 90.06
C GLU B 192 -63.55 53.20 90.64
N LEU B 193 -63.16 52.26 89.80
CA LEU B 193 -62.51 51.05 90.32
C LEU B 193 -61.16 51.41 90.91
N ARG B 194 -60.43 52.35 90.32
CA ARG B 194 -59.17 52.77 90.91
C ARG B 194 -59.39 53.33 92.33
N GLU B 195 -60.42 54.16 92.49
CA GLU B 195 -60.81 54.70 93.79
C GLU B 195 -61.08 53.60 94.82
N VAL B 196 -61.80 52.57 94.41
CA VAL B 196 -62.10 51.46 95.32
C VAL B 196 -60.86 50.61 95.66
N ILE B 197 -59.98 50.43 94.68
CA ILE B 197 -58.73 49.69 94.86
C ILE B 197 -57.73 50.45 95.70
N GLY B 198 -57.71 51.77 95.56
CA GLY B 198 -56.71 52.56 96.22
C GLY B 198 -55.39 52.57 95.49
N TRP B 199 -54.35 53.00 96.19
CA TRP B 199 -53.08 53.24 95.56
C TRP B 199 -51.95 52.44 96.21
N ASP B 200 -52.32 51.41 96.96
CA ASP B 200 -51.34 50.52 97.57
C ASP B 200 -51.28 49.13 96.89
N MET B 201 -51.98 48.96 95.77
CA MET B 201 -51.91 47.75 94.94
C MET B 201 -51.80 48.18 93.45
N ASP B 202 -51.12 47.38 92.62
CA ASP B 202 -51.12 47.60 91.18
C ASP B 202 -52.46 47.17 90.59
N MET B 203 -52.92 47.88 89.57
CA MET B 203 -54.24 47.67 88.98
C MET B 203 -54.01 47.34 87.51
N MET B 204 -54.47 46.17 87.09
CA MET B 204 -54.44 45.81 85.68
C MET B 204 -55.88 45.75 85.17
N VAL B 205 -56.06 45.96 83.86
CA VAL B 205 -57.39 45.80 83.25
C VAL B 205 -57.36 44.79 82.13
N ASP B 206 -58.33 43.89 82.15
CA ASP B 206 -58.59 42.97 81.04
C ASP B 206 -59.79 43.52 80.25
N CYS B 207 -59.54 43.99 79.03
CA CYS B 207 -60.59 44.57 78.19
C CYS B 207 -61.53 43.56 77.55
N LEU B 208 -61.14 42.30 77.58
CA LEU B 208 -61.93 41.23 76.98
C LEU B 208 -62.36 41.58 75.56
N TYR B 209 -61.42 42.11 74.79
CA TYR B 209 -61.54 42.24 73.34
C TYR B 209 -62.65 43.22 72.94
N ARG B 210 -62.84 44.24 73.76
CA ARG B 210 -63.87 45.23 73.52
C ARG B 210 -63.62 46.02 72.24
N TRP B 211 -62.37 46.39 71.97
CA TRP B 211 -62.10 47.34 70.89
C TRP B 211 -61.67 46.67 69.59
N THR B 212 -62.04 47.28 68.47
CA THR B 212 -61.48 46.87 67.20
C THR B 212 -60.63 47.97 66.55
N ASP B 213 -60.96 49.23 66.83
CA ASP B 213 -60.21 50.37 66.27
C ASP B 213 -59.19 50.86 67.28
N TRP B 214 -57.90 50.78 66.96
CA TRP B 214 -56.85 51.20 67.88
C TRP B 214 -56.98 52.66 68.35
N GLN B 215 -57.58 53.51 67.52
CA GLN B 215 -57.66 54.94 67.85
C GLN B 215 -58.72 55.16 68.89
N LYS B 216 -59.67 54.23 68.96
CA LYS B 216 -60.73 54.31 69.94
C LYS B 216 -60.24 53.81 71.31
N ALA B 217 -59.40 52.79 71.29
CA ALA B 217 -58.65 52.37 72.47
C ALA B 217 -57.67 53.47 72.93
N ARG B 218 -57.02 54.12 71.99
CA ARG B 218 -56.08 55.19 72.31
C ARG B 218 -56.76 56.31 73.10
N TRP B 219 -57.95 56.72 72.62
CA TRP B 219 -58.73 57.78 73.28
C TRP B 219 -59.05 57.40 74.74
N THR B 220 -59.55 56.19 74.92
CA THR B 220 -59.90 55.70 76.23
C THR B 220 -58.74 55.75 77.20
N PHE B 221 -57.62 55.13 76.85
CA PHE B 221 -56.54 54.95 77.79
C PHE B 221 -55.66 56.19 77.93
N ARG B 222 -55.81 57.14 77.00
CA ARG B 222 -55.32 58.48 77.23
C ARG B 222 -56.14 59.16 78.35
N GLN B 223 -57.47 59.04 78.33
CA GLN B 223 -58.27 59.59 79.44
C GLN B 223 -57.83 59.02 80.78
N LEU B 224 -57.37 57.76 80.78
CA LEU B 224 -57.09 57.03 82.03
C LEU B 224 -55.65 57.03 82.47
N GLU B 225 -54.82 57.86 81.83
CA GLU B 225 -53.43 57.93 82.23
C GLU B 225 -53.25 58.17 83.72
N ASP B 226 -54.14 58.96 84.32
CA ASP B 226 -53.97 59.28 85.73
C ASP B 226 -54.37 58.18 86.73
N ILE B 227 -55.09 57.16 86.29
CA ILE B 227 -55.26 56.00 87.20
C ILE B 227 -54.10 55.00 87.14
N ASP B 228 -53.07 55.33 86.35
CA ASP B 228 -51.78 54.62 86.43
C ASP B 228 -51.93 53.08 86.32
N LEU B 229 -52.62 52.61 85.29
CA LEU B 229 -52.75 51.17 85.01
C LEU B 229 -51.40 50.49 84.77
N TYR B 230 -51.21 49.33 85.39
CA TYR B 230 -49.95 48.59 85.29
C TYR B 230 -49.83 47.85 83.94
N PHE B 231 -50.94 47.29 83.47
CA PHE B 231 -51.02 46.80 82.10
C PHE B 231 -52.44 46.74 81.55
N ILE B 232 -52.56 46.83 80.24
CA ILE B 232 -53.86 46.77 79.59
C ILE B 232 -53.85 45.51 78.70
N GLU B 233 -54.82 44.62 78.94
CA GLU B 233 -54.84 43.28 78.35
C GLU B 233 -56.01 43.17 77.35
N ALA B 234 -55.87 42.27 76.38
CA ALA B 234 -56.94 41.90 75.47
C ALA B 234 -57.68 43.14 74.98
N CYS B 235 -56.92 44.16 74.62
CA CYS B 235 -57.50 45.43 74.24
C CYS B 235 -58.14 45.37 72.84
N LEU B 236 -57.39 44.86 71.85
CA LEU B 236 -57.83 44.85 70.46
C LEU B 236 -58.03 43.40 69.99
N GLN B 237 -58.57 43.18 68.80
CA GLN B 237 -58.74 41.78 68.32
C GLN B 237 -57.42 41.02 68.19
N HIS B 238 -57.44 39.72 68.48
CA HIS B 238 -56.24 38.93 68.73
C HIS B 238 -55.34 38.83 67.50
N ASP B 239 -55.96 38.87 66.32
CA ASP B 239 -55.23 38.78 65.06
C ASP B 239 -54.60 40.10 64.62
N ASP B 240 -55.04 41.21 65.23
CA ASP B 240 -54.66 42.52 64.73
C ASP B 240 -53.33 43.00 65.34
N LEU B 241 -52.25 42.49 64.79
CA LEU B 241 -50.94 42.86 65.25
C LEU B 241 -50.62 44.34 64.99
N ILE B 242 -51.03 44.89 63.86
CA ILE B 242 -50.66 46.27 63.53
C ILE B 242 -51.37 47.30 64.43
N GLY B 243 -52.63 47.01 64.75
CA GLY B 243 -53.38 47.82 65.70
C GLY B 243 -52.70 47.78 67.05
N HIS B 244 -52.31 46.59 67.51
CA HIS B 244 -51.50 46.49 68.72
C HIS B 244 -50.21 47.30 68.68
N GLN B 245 -49.41 47.19 67.60
CA GLN B 245 -48.16 47.95 67.64
C GLN B 245 -48.40 49.47 67.68
N LYS B 246 -49.44 49.94 67.01
CA LYS B 246 -49.79 51.36 67.03
C LYS B 246 -50.28 51.81 68.41
N LEU B 247 -51.14 51.01 69.02
CA LEU B 247 -51.58 51.33 70.37
C LEU B 247 -50.42 51.35 71.38
N ALA B 248 -49.51 50.35 71.30
CA ALA B 248 -48.46 50.19 72.32
C ALA B 248 -47.47 51.34 72.29
N ALA B 249 -47.22 51.83 71.08
CA ALA B 249 -46.33 52.97 70.86
C ALA B 249 -46.99 54.26 71.31
N ALA B 250 -48.32 54.28 71.39
CA ALA B 250 -49.01 55.52 71.73
C ALA B 250 -49.34 55.66 73.22
N ILE B 251 -49.59 54.55 73.91
CA ILE B 251 -49.90 54.60 75.35
C ILE B 251 -48.64 54.78 76.17
N ASN B 252 -48.80 54.96 77.48
CA ASN B 252 -47.67 55.17 78.33
C ASN B 252 -47.43 54.08 79.39
N THR B 253 -48.13 52.95 79.26
CA THR B 253 -47.85 51.74 80.05
C THR B 253 -47.70 50.48 79.21
N ARG B 254 -47.81 49.36 79.90
CA ARG B 254 -47.68 48.04 79.28
C ARG B 254 -48.95 47.65 78.54
N LEU B 255 -48.79 47.16 77.31
CA LEU B 255 -49.87 46.45 76.61
C LEU B 255 -49.57 44.95 76.64
N CYS B 256 -50.60 44.13 76.84
CA CYS B 256 -50.44 42.67 76.80
C CYS B 256 -50.89 42.10 75.48
N GLY B 257 -50.56 40.84 75.22
CA GLY B 257 -51.08 40.17 74.05
C GLY B 257 -50.77 38.71 74.13
N ALA B 258 -51.21 37.98 73.10
CA ALA B 258 -50.86 36.57 72.91
C ALA B 258 -51.63 35.65 73.85
N GLU B 259 -52.63 36.19 74.53
CA GLU B 259 -53.43 35.40 75.49
C GLU B 259 -53.93 34.07 74.89
N MET B 260 -54.43 34.15 73.66
CA MET B 260 -55.05 33.01 73.02
C MET B 260 -54.08 32.26 72.07
N SER B 261 -52.83 32.70 72.00
CA SER B 261 -51.89 32.12 71.03
C SER B 261 -51.30 30.76 71.46
N THR B 262 -50.68 30.07 70.51
CA THR B 262 -50.00 28.81 70.77
C THR B 262 -48.64 28.83 70.08
N THR B 263 -47.63 28.28 70.78
CA THR B 263 -46.24 28.15 70.30
C THR B 263 -45.39 29.39 70.55
N ARG B 264 -44.08 29.16 70.68
CA ARG B 264 -43.14 30.26 70.75
C ARG B 264 -43.13 31.09 69.46
N PHE B 265 -43.55 30.50 68.35
CA PHE B 265 -43.48 31.18 67.06
C PHE B 265 -44.45 32.35 67.03
N GLU B 266 -45.63 32.15 67.62
CA GLU B 266 -46.62 33.21 67.63
C GLU B 266 -46.18 34.23 68.65
N ALA B 267 -45.78 33.74 69.84
CA ALA B 267 -45.27 34.62 70.88
C ALA B 267 -44.20 35.55 70.30
N GLN B 268 -43.26 34.98 69.57
CA GLN B 268 -42.17 35.77 69.03
C GLN B 268 -42.66 36.82 68.01
N GLU B 269 -43.62 36.44 67.17
CA GLU B 269 -44.13 37.40 66.20
C GLU B 269 -44.83 38.57 66.90
N TRP B 270 -45.56 38.29 67.98
CA TRP B 270 -46.21 39.32 68.78
C TRP B 270 -45.16 40.29 69.28
N LEU B 271 -44.07 39.74 69.78
CA LEU B 271 -43.00 40.54 70.39
C LEU B 271 -42.33 41.43 69.33
N GLU B 272 -41.95 40.80 68.22
CA GLU B 272 -41.25 41.47 67.12
C GLU B 272 -42.10 42.59 66.52
N LYS B 273 -43.38 42.31 66.35
CA LYS B 273 -44.24 43.15 65.55
C LYS B 273 -44.96 44.25 66.32
N THR B 274 -45.28 44.00 67.59
CA THR B 274 -46.20 44.90 68.29
C THR B 274 -45.53 45.69 69.42
N GLY B 275 -44.49 45.11 70.02
CA GLY B 275 -43.87 45.68 71.22
C GLY B 275 -44.70 45.51 72.49
N ILE B 276 -45.59 44.51 72.55
CA ILE B 276 -46.30 44.23 73.80
C ILE B 276 -45.25 43.95 74.87
N SER B 277 -45.49 44.39 76.10
CA SER B 277 -44.53 44.24 77.20
C SER B 277 -44.86 43.07 78.11
N VAL B 278 -46.02 42.47 77.92
CA VAL B 278 -46.39 41.29 78.69
C VAL B 278 -47.00 40.26 77.75
N VAL B 279 -46.49 39.03 77.82
CA VAL B 279 -46.94 37.94 76.95
C VAL B 279 -47.77 36.99 77.80
N GLN B 280 -48.90 36.56 77.26
CA GLN B 280 -49.87 35.82 78.07
C GLN B 280 -50.17 34.39 77.61
N SER B 281 -49.31 33.81 76.76
CA SER B 281 -49.43 32.40 76.36
C SER B 281 -49.72 31.52 77.57
N ASP B 282 -50.72 30.65 77.42
CA ASP B 282 -51.37 29.92 78.50
C ASP B 282 -50.68 28.55 78.76
N TYR B 283 -50.51 28.17 80.03
CA TYR B 283 -49.94 26.87 80.44
C TYR B 283 -50.55 25.67 79.75
N ASN B 284 -51.87 25.70 79.61
CA ASN B 284 -52.63 24.55 79.11
C ASN B 284 -53.08 24.73 77.65
N ARG B 285 -52.53 25.75 77.00
CA ARG B 285 -52.78 25.98 75.57
C ARG B 285 -51.53 25.97 74.65
N CYS B 286 -50.46 26.63 75.07
CA CYS B 286 -49.44 27.05 74.13
C CYS B 286 -48.36 25.98 73.85
N GLY B 287 -48.48 24.81 74.49
CA GLY B 287 -47.53 23.70 74.30
C GLY B 287 -46.95 23.30 75.64
N GLY B 288 -47.17 24.14 76.65
CA GLY B 288 -46.95 23.77 78.04
C GLY B 288 -45.73 24.40 78.64
N VAL B 289 -45.28 23.82 79.75
CA VAL B 289 -44.12 24.33 80.46
C VAL B 289 -42.86 24.31 79.59
N THR B 290 -42.65 23.21 78.86
CA THR B 290 -41.45 23.11 78.03
C THR B 290 -41.38 24.26 77.02
N GLU B 291 -42.52 24.60 76.45
CA GLU B 291 -42.56 25.68 75.47
C GLU B 291 -42.60 27.06 76.14
N LEU B 292 -43.16 27.13 77.34
CA LEU B 292 -43.16 28.39 78.07
C LEU B 292 -41.76 28.81 78.43
N LEU B 293 -40.92 27.82 78.73
CA LEU B 293 -39.52 28.08 79.07
C LEU B 293 -38.78 28.65 77.86
N ARG B 294 -39.12 28.20 76.66
CA ARG B 294 -38.53 28.79 75.45
C ARG B 294 -39.04 30.23 75.25
N ILE B 295 -40.33 30.44 75.52
CA ILE B 295 -40.92 31.78 75.40
C ILE B 295 -40.36 32.76 76.44
N MET B 296 -40.03 32.26 77.61
CA MET B 296 -39.38 33.07 78.65
C MET B 296 -38.07 33.65 78.13
N ASP B 297 -37.24 32.78 77.55
CA ASP B 297 -35.92 33.19 77.05
C ASP B 297 -36.10 34.21 75.93
N ILE B 298 -37.11 34.04 75.09
CA ILE B 298 -37.40 35.04 74.07
C ILE B 298 -37.92 36.37 74.68
N CYS B 299 -38.75 36.25 75.72
CA CYS B 299 -39.28 37.46 76.38
C CYS B 299 -38.15 38.27 76.94
N GLU B 300 -37.21 37.58 77.58
CA GLU B 300 -36.02 38.19 78.17
C GLU B 300 -35.18 39.04 77.20
N HIS B 301 -34.91 38.50 76.03
CA HIS B 301 -34.23 39.27 74.97
C HIS B 301 -35.00 40.55 74.65
N HIS B 302 -36.32 40.49 74.70
CA HIS B 302 -37.14 41.62 74.31
C HIS B 302 -37.44 42.57 75.48
N ASN B 303 -36.92 42.26 76.67
CA ASN B 303 -37.30 42.90 77.94
C ASN B 303 -38.80 42.96 78.15
N ALA B 304 -39.47 41.86 77.88
CA ALA B 304 -40.89 41.73 78.12
C ALA B 304 -41.11 40.75 79.27
N GLN B 305 -42.24 40.89 79.95
CA GLN B 305 -42.62 39.94 81.00
C GLN B 305 -43.50 38.83 80.46
N LEU B 306 -43.37 37.67 81.08
CA LEU B 306 -44.23 36.54 80.76
C LEU B 306 -45.15 36.25 81.93
N MET B 307 -46.44 36.51 81.72
CA MET B 307 -47.47 36.24 82.73
C MET B 307 -48.53 35.37 82.07
N PRO B 308 -48.29 34.05 82.06
CA PRO B 308 -49.12 33.11 81.34
C PRO B 308 -50.57 33.15 81.82
N HIS B 309 -51.52 33.18 80.89
CA HIS B 309 -52.92 33.13 81.22
C HIS B 309 -53.26 31.88 82.03
N ASN B 310 -54.03 32.09 83.10
CA ASN B 310 -54.18 31.12 84.16
C ASN B 310 -55.58 31.24 84.73
N TRP B 311 -56.49 30.45 84.16
CA TRP B 311 -57.88 30.43 84.55
C TRP B 311 -58.50 29.06 84.19
N LYS B 312 -58.15 28.06 84.99
CA LYS B 312 -58.58 26.69 84.82
C LYS B 312 -58.82 26.12 86.19
N THR B 313 -57.89 25.30 86.64
CA THR B 313 -58.12 24.47 87.81
C THR B 313 -56.90 24.53 88.74
N GLY B 314 -56.99 23.94 89.92
CA GLY B 314 -55.84 23.81 90.80
C GLY B 314 -54.68 23.05 90.17
N ILE B 315 -54.93 22.33 89.08
CA ILE B 315 -53.84 21.65 88.39
C ILE B 315 -52.95 22.69 87.71
N THR B 316 -53.56 23.58 86.95
CA THR B 316 -52.81 24.68 86.34
C THR B 316 -52.22 25.64 87.40
N ALA B 317 -52.94 25.83 88.51
CA ALA B 317 -52.45 26.70 89.58
C ALA B 317 -51.13 26.15 90.13
N ALA B 318 -51.01 24.82 90.20
CA ALA B 318 -49.77 24.22 90.68
C ALA B 318 -48.66 24.39 89.65
N ALA B 319 -49.02 24.41 88.37
CA ALA B 319 -48.02 24.62 87.32
C ALA B 319 -47.57 26.08 87.34
N ALA B 320 -48.49 27.00 87.60
CA ALA B 320 -48.12 28.40 87.79
C ALA B 320 -47.25 28.63 89.02
N ARG B 321 -47.49 27.91 90.12
CA ARG B 321 -46.64 28.11 91.30
C ARG B 321 -45.15 27.78 91.00
N HIS B 322 -44.90 26.64 90.37
CA HIS B 322 -43.55 26.20 90.06
C HIS B 322 -42.89 27.02 88.95
N PHE B 323 -43.64 27.33 87.90
CA PHE B 323 -43.12 28.16 86.82
C PHE B 323 -42.90 29.57 87.30
N GLY B 324 -43.81 30.04 88.15
CA GLY B 324 -43.67 31.34 88.75
C GLY B 324 -42.41 31.55 89.55
N ILE B 325 -41.96 30.54 90.30
CA ILE B 325 -40.76 30.71 91.14
C ILE B 325 -39.48 30.67 90.29
N VAL B 326 -39.66 30.22 89.05
CA VAL B 326 -38.58 30.06 88.06
C VAL B 326 -38.45 31.27 87.13
N CYS B 327 -39.56 31.94 86.91
CA CYS B 327 -39.63 32.95 85.86
C CYS B 327 -39.18 34.32 86.40
N HIS B 328 -37.86 34.50 86.50
CA HIS B 328 -37.24 35.67 87.13
C HIS B 328 -37.51 36.97 86.38
N ILE B 329 -37.92 36.89 85.12
CA ILE B 329 -38.15 38.11 84.36
C ILE B 329 -39.47 38.80 84.71
N SER B 330 -40.33 38.08 85.43
CA SER B 330 -41.69 38.55 85.69
C SER B 330 -41.91 38.90 87.17
N GLU B 331 -42.43 40.11 87.40
CA GLU B 331 -42.70 40.61 88.72
C GLU B 331 -43.93 39.94 89.28
N TYR B 332 -44.91 39.67 88.42
CA TYR B 332 -46.11 38.94 88.82
C TYR B 332 -46.41 37.81 87.82
N VAL B 333 -47.19 36.81 88.22
CA VAL B 333 -47.88 35.96 87.24
C VAL B 333 -49.36 35.96 87.56
N GLU B 334 -50.20 35.63 86.58
CA GLU B 334 -51.63 35.63 86.80
C GLU B 334 -51.99 34.48 87.70
N TYR B 335 -52.88 34.70 88.66
CA TYR B 335 -53.30 33.62 89.55
C TYR B 335 -54.79 33.64 89.79
N LEU B 336 -55.41 32.46 89.68
CA LEU B 336 -56.81 32.29 90.04
C LEU B 336 -56.82 31.61 91.40
N HIS B 337 -57.27 32.31 92.43
CA HIS B 337 -57.26 31.76 93.78
C HIS B 337 -58.68 31.50 94.28
N PRO B 338 -58.89 30.39 95.01
CA PRO B 338 -60.26 30.09 95.46
C PRO B 338 -60.90 31.17 96.35
N ASP B 339 -60.09 31.98 97.04
CA ASP B 339 -60.64 33.11 97.79
C ASP B 339 -61.49 34.04 96.92
N PHE B 340 -61.22 34.06 95.62
CA PHE B 340 -61.90 35.03 94.76
C PHE B 340 -62.82 34.42 93.73
N TRP B 341 -63.01 33.11 93.75
CA TRP B 341 -63.81 32.49 92.70
C TRP B 341 -64.48 31.25 93.25
N ASN B 342 -65.77 31.13 92.96
CA ASN B 342 -66.57 30.04 93.52
C ASN B 342 -66.89 28.89 92.56
N GLY B 343 -66.26 28.86 91.39
CA GLY B 343 -66.47 27.74 90.48
C GLY B 343 -66.23 26.43 91.20
N THR B 344 -67.03 25.43 90.87
CA THR B 344 -67.00 24.13 91.55
C THR B 344 -65.63 23.46 91.46
N LEU B 345 -65.02 23.53 90.28
CA LEU B 345 -63.70 22.93 90.12
C LEU B 345 -62.66 23.68 90.94
N THR B 346 -62.72 25.01 90.92
CA THR B 346 -61.81 25.82 91.71
C THR B 346 -61.89 25.47 93.19
N GLN B 347 -63.11 25.20 93.67
CA GLN B 347 -63.31 24.89 95.08
C GLN B 347 -63.07 23.43 95.43
N GLN B 348 -63.31 22.51 94.49
CA GLN B 348 -63.37 21.10 94.87
C GLN B 348 -62.38 20.13 94.23
N LEU B 349 -61.85 20.47 93.07
CA LEU B 349 -60.99 19.52 92.33
C LEU B 349 -59.68 19.19 93.02
N THR B 350 -59.07 20.18 93.66
CA THR B 350 -57.79 20.00 94.37
C THR B 350 -57.94 20.35 95.84
N LEU B 351 -57.04 19.84 96.68
CA LEU B 351 -57.15 20.01 98.14
C LEU B 351 -55.97 20.75 98.71
N ASN B 352 -56.21 21.48 99.81
CA ASN B 352 -55.13 22.09 100.56
C ASN B 352 -54.39 23.14 99.72
N GLU B 353 -55.15 23.90 98.94
CA GLU B 353 -54.61 25.02 98.18
C GLU B 353 -53.91 26.00 99.12
N PRO B 354 -52.70 26.43 98.74
CA PRO B 354 -51.91 27.30 99.60
C PRO B 354 -52.57 28.66 99.80
N LYS B 355 -52.52 29.16 101.03
CA LYS B 355 -53.18 30.39 101.40
C LYS B 355 -52.37 31.60 100.92
N ILE B 356 -53.03 32.73 100.70
CA ILE B 356 -52.35 33.96 100.36
C ILE B 356 -51.89 34.66 101.63
N ILE B 357 -50.58 34.71 101.85
CA ILE B 357 -50.04 35.34 103.04
C ILE B 357 -49.23 36.58 102.65
N ASP B 358 -49.77 37.76 102.91
CA ASP B 358 -49.07 39.00 102.60
C ASP B 358 -48.81 39.16 101.08
N GLY B 359 -49.77 38.79 100.25
CA GLY B 359 -49.63 38.94 98.81
C GLY B 359 -48.78 37.84 98.16
N ALA B 360 -48.35 36.86 98.95
CA ALA B 360 -47.45 35.83 98.45
C ALA B 360 -48.09 34.44 98.59
N ILE B 361 -47.74 33.52 97.69
CA ILE B 361 -48.10 32.14 98.00
C ILE B 361 -46.93 31.16 98.00
N GLU B 362 -46.90 30.29 99.01
CA GLU B 362 -45.81 29.32 99.16
C GLU B 362 -45.74 28.36 97.97
N VAL B 363 -44.53 28.06 97.52
CA VAL B 363 -44.35 26.98 96.56
C VAL B 363 -43.68 25.85 97.30
N SER B 364 -44.45 24.83 97.63
CA SER B 364 -43.92 23.75 98.44
C SER B 364 -42.89 22.95 97.65
N ASP B 365 -42.01 22.28 98.39
CA ASP B 365 -41.04 21.41 97.76
C ASP B 365 -41.52 19.95 97.71
N LYS B 366 -42.83 19.77 97.67
CA LYS B 366 -43.42 18.47 97.34
C LYS B 366 -42.97 17.99 95.95
N PRO B 367 -42.70 16.68 95.80
CA PRO B 367 -42.25 16.14 94.51
C PRO B 367 -43.22 16.53 93.41
N GLY B 368 -42.73 16.69 92.19
CA GLY B 368 -43.62 17.02 91.06
C GLY B 368 -44.25 18.40 91.21
N LEU B 369 -45.46 18.55 90.66
CA LEU B 369 -46.18 19.82 90.76
C LEU B 369 -46.79 20.06 92.15
N GLY B 370 -46.73 19.06 93.03
CA GLY B 370 -47.22 19.24 94.40
C GLY B 370 -48.74 19.27 94.50
N ILE B 371 -49.39 18.61 93.56
CA ILE B 371 -50.84 18.65 93.44
C ILE B 371 -51.49 17.64 94.37
N GLU B 372 -52.53 18.06 95.08
CA GLU B 372 -53.30 17.17 95.94
C GLU B 372 -54.69 17.06 95.34
N LEU B 373 -54.87 16.05 94.50
CA LEU B 373 -56.10 15.86 93.76
C LEU B 373 -57.18 15.30 94.70
N ASN B 374 -58.38 15.85 94.59
CA ASN B 374 -59.55 15.26 95.23
C ASN B 374 -60.04 14.02 94.45
N ILE B 375 -59.39 12.89 94.69
CA ILE B 375 -59.63 11.68 93.91
C ILE B 375 -61.08 11.20 94.00
N GLU B 376 -61.70 11.37 95.17
CA GLU B 376 -63.08 10.94 95.37
C GLU B 376 -64.07 11.82 94.59
N PHE B 377 -63.84 13.13 94.61
CA PHE B 377 -64.60 14.03 93.75
C PHE B 377 -64.50 13.67 92.26
N VAL B 378 -63.29 13.37 91.80
CA VAL B 378 -63.08 12.92 90.42
C VAL B 378 -63.85 11.62 90.08
N GLU B 379 -63.71 10.62 90.94
CA GLU B 379 -64.42 9.35 90.74
C GLU B 379 -65.92 9.57 90.77
N GLN B 380 -66.37 10.47 91.64
CA GLN B 380 -67.78 10.82 91.69
C GLN B 380 -68.30 11.35 90.36
N VAL B 381 -67.61 12.33 89.78
CA VAL B 381 -68.19 13.06 88.65
C VAL B 381 -67.91 12.40 87.31
N THR B 382 -66.78 11.70 87.21
CA THR B 382 -66.51 10.94 85.99
C THR B 382 -67.28 9.63 86.00
N GLY B 383 -67.80 9.26 87.18
CA GLY B 383 -68.49 7.98 87.34
C GLY B 383 -67.56 6.79 87.14
N HIS B 384 -66.31 7.08 86.77
CA HIS B 384 -65.30 6.04 86.56
C HIS B 384 -64.19 6.08 87.60
N LYS B 385 -63.72 4.90 87.98
CA LYS B 385 -62.77 4.73 89.08
C LYS B 385 -61.35 5.17 88.69
N PHE B 386 -60.53 5.43 89.70
CA PHE B 386 -59.29 6.19 89.53
C PHE B 386 -58.15 5.52 90.28
N ALA C 5 8.82 73.40 70.55
CA ALA C 5 8.77 74.86 70.20
C ALA C 5 7.51 75.15 69.40
N ASN C 6 6.91 76.31 69.63
CA ASN C 6 5.69 76.66 68.97
C ASN C 6 5.92 77.14 67.53
N ILE C 7 4.87 77.05 66.72
CA ILE C 7 4.91 77.42 65.30
C ILE C 7 4.92 78.93 65.21
N VAL C 8 5.81 79.47 64.39
CA VAL C 8 5.91 80.91 64.18
C VAL C 8 5.35 81.38 62.84
N SER C 9 5.50 80.58 61.79
CA SER C 9 5.06 81.03 60.46
C SER C 9 4.52 79.88 59.63
N VAL C 10 3.74 80.21 58.61
CA VAL C 10 3.25 79.23 57.67
C VAL C 10 3.26 79.90 56.32
N GLU C 11 3.83 79.23 55.32
CA GLU C 11 4.01 79.82 54.02
C GLU C 11 3.57 78.82 52.96
N PHE C 12 2.63 79.23 52.12
CA PHE C 12 2.22 78.48 50.93
C PHE C 12 3.07 78.98 49.79
N ILE C 13 3.80 78.08 49.13
CA ILE C 13 4.73 78.46 48.05
C ILE C 13 4.31 77.85 46.71
N PRO C 14 3.78 78.67 45.80
CA PRO C 14 3.41 78.13 44.51
C PRO C 14 4.64 77.60 43.75
N VAL C 15 4.49 76.47 43.09
CA VAL C 15 5.56 75.91 42.28
C VAL C 15 4.94 75.56 40.95
N ASN C 16 5.35 76.29 39.92
CA ASN C 16 4.69 76.22 38.63
C ASN C 16 5.77 76.03 37.58
N VAL C 17 5.76 74.88 36.91
CA VAL C 17 6.78 74.63 35.89
C VAL C 17 6.24 74.96 34.52
N ALA C 18 6.86 75.94 33.86
CA ALA C 18 6.54 76.30 32.48
C ALA C 18 7.24 75.36 31.49
N GLU C 24 2.02 70.94 35.27
CA GLU C 24 2.93 70.46 36.32
C GLU C 24 3.15 71.51 37.44
N ASN C 25 2.47 71.31 38.57
CA ASN C 25 2.63 72.24 39.67
C ASN C 25 2.23 71.66 41.03
N THR C 26 2.57 72.39 42.08
CA THR C 26 2.14 72.02 43.41
C THR C 26 2.18 73.26 44.28
N VAL C 27 1.76 73.09 45.54
CA VAL C 27 1.86 74.16 46.51
C VAL C 27 2.53 73.58 47.72
N ILE C 28 3.80 73.93 47.91
CA ILE C 28 4.55 73.50 49.07
C ILE C 28 4.13 74.29 50.29
N VAL C 29 3.82 73.59 51.36
CA VAL C 29 3.48 74.24 52.60
C VAL C 29 4.64 74.15 53.57
N LYS C 30 5.10 75.31 54.02
CA LYS C 30 6.25 75.37 54.92
C LYS C 30 5.86 75.99 56.26
N VAL C 31 6.04 75.22 57.32
CA VAL C 31 5.70 75.66 58.69
C VAL C 31 6.96 75.65 59.52
N THR C 32 7.28 76.79 60.10
CA THR C 32 8.56 77.02 60.74
C THR C 32 8.32 77.30 62.22
N ASP C 33 9.15 76.73 63.09
CA ASP C 33 9.02 76.96 64.51
C ASP C 33 9.98 78.03 65.04
N GLU C 34 9.94 78.24 66.34
CA GLU C 34 10.66 79.31 67.03
C GLU C 34 12.18 79.16 66.91
N ASN C 35 12.64 77.94 66.69
CA ASN C 35 14.07 77.67 66.55
C ASN C 35 14.51 77.66 65.08
N GLY C 36 13.57 77.86 64.17
CA GLY C 36 13.90 77.84 62.74
C GLY C 36 13.78 76.47 62.07
N VAL C 37 13.47 75.43 62.85
CA VAL C 37 13.15 74.13 62.27
C VAL C 37 11.81 74.24 61.53
N TYR C 38 11.72 73.65 60.34
CA TYR C 38 10.47 73.71 59.57
C TYR C 38 10.02 72.33 59.14
N GLY C 39 8.73 72.21 58.80
CA GLY C 39 8.20 70.99 58.23
C GLY C 39 7.60 71.33 56.88
N LEU C 40 7.57 70.33 55.99
CA LEU C 40 7.04 70.50 54.63
C LEU C 40 5.81 69.61 54.36
N GLY C 41 4.80 70.19 53.73
CA GLY C 41 3.70 69.41 53.16
C GLY C 41 3.40 70.02 51.80
N GLU C 42 2.34 69.54 51.14
CA GLU C 42 1.82 70.23 49.98
C GLU C 42 0.29 70.15 49.96
N ALA C 43 -0.34 71.20 49.48
CA ALA C 43 -1.78 71.21 49.33
C ALA C 43 -2.12 71.04 47.86
N ASP C 44 -3.22 70.35 47.58
CA ASP C 44 -3.76 70.32 46.23
C ASP C 44 -4.36 71.69 45.86
N GLY C 45 -4.61 71.91 44.56
CA GLY C 45 -5.35 73.09 44.12
C GLY C 45 -4.51 73.96 43.21
N PRO C 46 -5.16 74.88 42.48
CA PRO C 46 -4.37 75.81 41.66
C PRO C 46 -3.47 76.66 42.56
N PRO C 47 -2.18 76.72 42.24
CA PRO C 47 -1.22 77.14 43.25
C PRO C 47 -1.30 78.61 43.70
N GLU C 48 -1.54 79.53 42.75
CA GLU C 48 -1.65 80.95 43.11
C GLU C 48 -2.93 81.20 43.92
N CYS C 49 -4.00 80.51 43.54
CA CYS C 49 -5.26 80.53 44.28
C CYS C 49 -5.12 79.99 45.70
N MET C 50 -4.33 78.94 45.86
CA MET C 50 -4.12 78.37 47.18
C MET C 50 -3.27 79.28 48.08
N LYS C 51 -2.32 79.99 47.49
CA LYS C 51 -1.55 80.97 48.25
C LYS C 51 -2.45 82.11 48.77
N ALA C 52 -3.30 82.64 47.88
CA ALA C 52 -4.25 83.67 48.26
C ALA C 52 -5.19 83.17 49.36
N PHE C 53 -5.59 81.90 49.28
CA PHE C 53 -6.42 81.32 50.33
C PHE C 53 -5.75 81.44 51.70
N SER C 54 -4.44 81.19 51.72
CA SER C 54 -3.68 81.17 52.96
C SER C 54 -3.34 82.59 53.44
N GLU C 55 -3.60 83.58 52.58
CA GLU C 55 -3.29 84.96 52.89
C GLU C 55 -4.51 85.88 53.02
N ILE C 56 -5.69 85.29 53.26
CA ILE C 56 -6.91 86.06 53.47
C ILE C 56 -6.94 86.84 54.80
N GLU C 57 -7.77 87.87 54.87
CA GLU C 57 -8.03 88.57 56.13
C GLU C 57 -9.12 87.86 56.92
N ASN C 58 -9.10 88.03 58.24
CA ASN C 58 -10.22 87.58 59.10
C ASN C 58 -11.51 88.32 58.80
N GLU C 59 -12.65 87.65 59.03
CA GLU C 59 -13.95 88.26 58.83
C GLU C 59 -14.89 88.05 60.02
N HIS C 60 -14.94 86.83 60.55
CA HIS C 60 -15.82 86.51 61.69
C HIS C 60 -15.47 85.15 62.26
N LYS C 61 -16.27 84.73 63.23
CA LYS C 61 -16.02 83.53 64.02
C LYS C 61 -15.68 82.28 63.20
N TRP C 62 -16.32 82.13 62.04
CA TRP C 62 -16.12 80.93 61.24
C TRP C 62 -15.39 81.27 59.92
N LEU C 63 -14.85 82.48 59.85
CA LEU C 63 -14.04 82.87 58.69
C LEU C 63 -12.81 83.66 59.11
N ASN C 64 -11.73 82.92 59.35
CA ASN C 64 -10.45 83.48 59.73
C ASN C 64 -9.36 82.96 58.80
N ASN C 65 -8.22 83.65 58.81
CA ASN C 65 -7.04 83.16 58.13
C ASN C 65 -6.59 81.83 58.74
N ILE C 66 -6.32 80.84 57.89
CA ILE C 66 -6.10 79.49 58.36
C ILE C 66 -4.84 79.34 59.22
N LYS C 67 -3.80 80.12 58.89
CA LYS C 67 -2.53 80.06 59.63
C LYS C 67 -2.67 80.43 61.10
N GLU C 68 -3.61 81.32 61.41
CA GLU C 68 -3.82 81.79 62.77
C GLU C 68 -4.36 80.71 63.73
N ALA C 69 -4.79 79.58 63.18
CA ALA C 69 -5.24 78.47 64.01
C ALA C 69 -4.04 77.63 64.45
N VAL C 70 -2.87 77.87 63.86
CA VAL C 70 -1.67 77.11 64.23
C VAL C 70 -0.46 77.96 64.70
N ILE C 71 -0.38 79.21 64.25
CA ILE C 71 0.64 80.14 64.78
C ILE C 71 0.60 80.15 66.29
N GLY C 72 1.74 79.90 66.92
CA GLY C 72 1.81 79.86 68.39
C GLY C 72 1.37 78.55 69.01
N ARG C 73 1.10 77.54 68.18
CA ARG C 73 0.70 76.23 68.69
C ARG C 73 1.82 75.20 68.66
N ASP C 74 1.68 74.18 69.48
CA ASP C 74 2.60 73.05 69.49
C ASP C 74 2.20 72.10 68.34
N PRO C 75 3.11 71.86 67.38
CA PRO C 75 2.75 70.99 66.23
C PRO C 75 2.52 69.52 66.59
N LEU C 76 2.91 69.08 67.78
CA LEU C 76 2.56 67.74 68.28
C LEU C 76 1.04 67.50 68.41
N GLU C 77 0.27 68.57 68.60
CA GLU C 77 -1.15 68.44 68.97
C GLU C 77 -2.09 68.26 67.76
N PHE C 78 -1.97 67.12 67.09
CA PHE C 78 -2.56 66.95 65.76
C PHE C 78 -4.07 67.11 65.76
N ARG C 79 -4.77 66.45 66.68
CA ARG C 79 -6.22 66.56 66.74
C ARG C 79 -6.67 68.01 66.97
N ALA C 80 -6.08 68.65 67.99
CA ALA C 80 -6.47 70.01 68.39
C ALA C 80 -6.24 71.03 67.29
N ASN C 81 -5.06 70.95 66.67
CA ASN C 81 -4.72 71.83 65.55
C ASN C 81 -5.63 71.61 64.33
N TYR C 82 -5.85 70.35 63.96
CA TYR C 82 -6.78 70.03 62.86
C TYR C 82 -8.18 70.61 63.11
N ASN C 83 -8.73 70.29 64.28
CA ASN C 83 -10.05 70.80 64.66
C ASN C 83 -10.11 72.32 64.69
N ARG C 84 -9.02 72.96 65.13
CA ARG C 84 -8.96 74.42 65.16
C ARG C 84 -8.93 75.01 63.75
N MET C 85 -8.09 74.46 62.87
CA MET C 85 -8.09 74.86 61.46
C MET C 85 -9.48 74.71 60.84
N TYR C 86 -10.09 73.56 61.06
CA TYR C 86 -11.36 73.25 60.43
C TYR C 86 -12.44 74.18 61.00
N ASP C 87 -12.44 74.35 62.32
CA ASP C 87 -13.48 75.17 62.94
C ASP C 87 -13.41 76.66 62.57
N THR C 88 -12.23 77.26 62.63
CA THR C 88 -12.14 78.71 62.41
C THR C 88 -12.24 79.04 60.92
N THR C 89 -12.33 78.01 60.08
CA THR C 89 -12.52 78.23 58.64
C THR C 89 -13.80 77.62 58.08
N LYS C 90 -14.66 77.10 58.96
CA LYS C 90 -15.90 76.43 58.56
C LYS C 90 -16.65 77.13 57.41
N TRP C 91 -16.73 78.46 57.44
CA TRP C 91 -17.55 79.18 56.47
C TRP C 91 -17.03 79.06 55.01
N ILE C 92 -15.73 78.84 54.84
CA ILE C 92 -15.15 78.79 53.49
C ILE C 92 -14.48 77.45 53.23
N GLY C 93 -14.29 76.66 54.29
CA GLY C 93 -13.72 75.32 54.18
C GLY C 93 -14.82 74.29 54.30
N MET C 94 -14.68 73.41 55.29
CA MET C 94 -15.68 72.37 55.58
C MET C 94 -15.68 71.22 54.56
N ARG C 95 -15.70 71.56 53.27
CA ARG C 95 -15.55 70.60 52.20
C ARG C 95 -14.83 71.30 51.06
N GLY C 96 -14.17 70.55 50.19
CA GLY C 96 -13.61 71.13 48.98
C GLY C 96 -12.30 71.87 49.21
N LEU C 97 -12.06 72.85 48.35
CA LEU C 97 -10.78 73.53 48.24
C LEU C 97 -10.20 73.91 49.62
N GLY C 98 -11.06 74.39 50.51
CA GLY C 98 -10.63 74.82 51.81
C GLY C 98 -9.95 73.71 52.57
N LEU C 99 -10.36 72.47 52.29
CA LEU C 99 -9.75 71.32 52.95
C LEU C 99 -8.43 70.91 52.34
N PHE C 100 -8.17 71.39 51.12
CA PHE C 100 -6.84 71.17 50.52
C PHE C 100 -5.82 71.91 51.36
N ALA C 101 -6.18 73.14 51.76
CA ALA C 101 -5.26 74.01 52.53
C ALA C 101 -5.01 73.39 53.91
N ILE C 102 -6.05 72.83 54.52
CA ILE C 102 -5.86 72.15 55.81
C ILE C 102 -4.95 70.91 55.67
N SER C 103 -5.17 70.15 54.59
CA SER C 103 -4.35 68.98 54.27
C SER C 103 -2.85 69.35 54.21
N GLY C 104 -2.51 70.36 53.41
CA GLY C 104 -1.12 70.78 53.23
C GLY C 104 -0.45 71.06 54.58
N ILE C 105 -1.11 71.86 55.40
CA ILE C 105 -0.54 72.30 56.68
C ILE C 105 -0.42 71.10 57.61
N ASP C 106 -1.48 70.32 57.64
CA ASP C 106 -1.51 69.13 58.46
C ASP C 106 -0.34 68.18 58.14
N MET C 107 -0.06 67.99 56.86
CA MET C 107 1.09 67.18 56.41
C MET C 107 2.41 67.77 56.97
N ALA C 108 2.57 69.08 56.82
CA ALA C 108 3.78 69.76 57.29
C ALA C 108 3.95 69.63 58.80
N LEU C 109 2.84 69.55 59.54
CA LEU C 109 2.93 69.44 60.99
C LEU C 109 3.50 68.10 61.45
N TYR C 110 3.18 67.01 60.74
CA TYR C 110 3.79 65.71 61.04
C TYR C 110 5.29 65.74 60.75
N ASP C 111 5.66 66.41 59.66
CA ASP C 111 7.07 66.57 59.30
C ASP C 111 7.78 67.37 60.40
N LEU C 112 7.20 68.51 60.78
CA LEU C 112 7.80 69.41 61.78
C LEU C 112 7.91 68.77 63.16
N ALA C 113 6.78 68.26 63.66
CA ALA C 113 6.78 67.58 64.95
C ALA C 113 7.80 66.45 65.02
N GLY C 114 7.91 65.69 63.93
CA GLY C 114 8.93 64.66 63.84
C GLY C 114 10.35 65.16 63.99
N LYS C 115 10.69 66.26 63.31
CA LYS C 115 12.01 66.84 63.43
C LYS C 115 12.26 67.33 64.85
N GLN C 116 11.31 68.08 65.40
CA GLN C 116 11.43 68.56 66.79
C GLN C 116 11.76 67.42 67.74
N LEU C 117 11.12 66.28 67.55
CA LEU C 117 11.32 65.18 68.50
C LEU C 117 12.43 64.24 68.03
N GLY C 118 12.88 64.39 66.78
CA GLY C 118 13.83 63.47 66.18
C GLY C 118 13.28 62.04 65.99
N VAL C 119 12.01 61.93 65.62
CA VAL C 119 11.39 60.62 65.30
C VAL C 119 10.71 60.63 63.94
N PRO C 120 10.68 59.48 63.24
CA PRO C 120 9.95 59.42 61.97
C PRO C 120 8.44 59.66 62.13
N ALA C 121 7.80 60.31 61.16
CA ALA C 121 6.38 60.61 61.26
C ALA C 121 5.52 59.37 61.57
N TYR C 122 5.89 58.21 61.05
CA TYR C 122 5.06 57.02 61.30
C TYR C 122 4.85 56.71 62.79
N LYS C 123 5.84 56.99 63.62
CA LYS C 123 5.66 56.82 65.07
C LYS C 123 4.60 57.78 65.61
N LEU C 124 4.49 58.97 65.02
CA LEU C 124 3.52 59.94 65.51
C LEU C 124 2.13 59.62 64.94
N MET C 125 2.12 58.69 63.97
CA MET C 125 0.89 58.23 63.34
C MET C 125 0.36 56.93 63.97
N GLY C 126 0.91 56.57 65.13
CA GLY C 126 0.48 55.37 65.85
C GLY C 126 1.49 54.22 65.89
N GLY C 127 2.48 54.26 65.01
CA GLY C 127 3.50 53.21 64.98
C GLY C 127 3.38 52.34 63.74
N ALA C 128 4.50 51.78 63.28
CA ALA C 128 4.48 50.90 62.12
C ALA C 128 3.71 49.64 62.46
N GLN C 129 2.87 49.17 61.55
CA GLN C 129 2.06 47.99 61.83
C GLN C 129 2.19 46.91 60.76
N LYS C 130 3.14 47.11 59.86
CA LYS C 130 3.55 46.04 58.96
C LYS C 130 5.06 46.04 58.77
N ALA C 131 5.57 44.87 58.39
CA ALA C 131 6.99 44.70 58.17
C ALA C 131 7.49 45.52 57.00
N GLN C 132 6.66 45.64 55.96
CA GLN C 132 7.11 46.26 54.71
C GLN C 132 6.01 47.03 53.99
N LEU C 133 6.40 48.11 53.34
CA LEU C 133 5.49 48.83 52.51
C LEU C 133 5.57 48.26 51.10
N THR C 134 4.45 47.68 50.65
CA THR C 134 4.34 47.10 49.31
C THR C 134 3.31 47.87 48.49
N PRO C 135 3.74 48.84 47.69
CA PRO C 135 2.69 49.64 47.06
C PRO C 135 2.17 48.98 45.79
N TYR C 136 1.07 49.51 45.24
CA TYR C 136 0.76 49.26 43.86
C TYR C 136 1.22 50.47 43.10
N PHE C 137 1.73 50.25 41.91
CA PHE C 137 2.30 51.32 41.11
C PHE C 137 1.40 51.76 40.00
N THR C 138 1.03 53.04 40.04
CA THR C 138 0.23 53.65 39.00
C THR C 138 1.08 53.87 37.76
N LEU C 139 0.60 53.36 36.63
CA LEU C 139 1.35 53.43 35.39
C LEU C 139 0.49 54.19 34.42
N TYR C 140 0.99 55.34 33.99
CA TYR C 140 0.28 56.19 33.04
C TYR C 140 1.24 56.46 31.89
N PRO C 141 0.82 56.17 30.66
CA PRO C 141 1.82 56.23 29.60
C PRO C 141 1.97 57.66 29.06
N SER C 142 3.14 57.99 28.54
CA SER C 142 3.29 59.26 27.84
C SER C 142 2.91 59.08 26.36
N VAL C 143 1.79 59.63 25.95
CA VAL C 143 1.33 59.44 24.58
C VAL C 143 0.74 60.72 24.07
N ALA C 144 0.57 60.81 22.75
CA ALA C 144 -0.11 61.93 22.13
C ALA C 144 -1.61 61.93 22.44
N ALA C 145 -2.21 63.11 22.47
CA ALA C 145 -3.66 63.21 22.50
C ALA C 145 -4.16 62.55 21.23
N ASP C 146 -5.31 61.89 21.28
CA ASP C 146 -5.76 61.17 20.08
C ASP C 146 -4.88 59.95 19.70
N ALA C 147 -4.06 59.47 20.64
CA ALA C 147 -3.38 58.17 20.46
C ALA C 147 -4.43 57.07 20.35
N THR C 148 -4.16 56.03 19.57
CA THR C 148 -5.10 54.90 19.50
C THR C 148 -4.91 53.99 20.68
N LEU C 149 -5.88 53.12 20.92
CA LEU C 149 -5.79 52.13 21.98
C LEU C 149 -4.55 51.29 21.79
N SER C 150 -4.26 50.93 20.55
CA SER C 150 -3.08 50.12 20.26
C SER C 150 -1.81 50.90 20.61
N GLU C 151 -1.75 52.18 20.24
CA GLU C 151 -0.54 52.96 20.51
C GLU C 151 -0.33 53.09 22.01
N ILE C 152 -1.43 53.23 22.74
CA ILE C 152 -1.37 53.31 24.18
C ILE C 152 -0.87 51.99 24.77
N VAL C 153 -1.38 50.88 24.26
CA VAL C 153 -0.86 49.59 24.72
C VAL C 153 0.64 49.46 24.43
N GLU C 154 1.09 49.94 23.28
CA GLU C 154 2.51 49.87 22.96
C GLU C 154 3.37 50.77 23.87
N ALA C 155 2.86 51.94 24.25
CA ALA C 155 3.54 52.74 25.29
C ALA C 155 3.54 52.07 26.67
N TYR C 156 2.49 51.30 26.99
CA TYR C 156 2.47 50.59 28.30
C TYR C 156 3.55 49.52 28.47
N LYS C 157 3.95 48.87 27.37
CA LYS C 157 4.81 47.67 27.46
C LYS C 157 6.14 47.88 28.20
N PRO C 158 6.89 48.95 27.87
CA PRO C 158 8.15 49.23 28.56
C PRO C 158 7.96 49.61 30.05
N LEU C 159 6.87 50.29 30.37
CA LEU C 159 6.52 50.55 31.79
C LEU C 159 6.27 49.27 32.57
N ILE C 160 5.39 48.42 32.05
CA ILE C 160 5.05 47.19 32.73
C ILE C 160 6.29 46.31 32.81
N ALA C 161 7.10 46.30 31.75
CA ALA C 161 8.37 45.58 31.77
C ALA C 161 9.31 46.12 32.86
N LYS C 162 9.33 47.44 33.05
CA LYS C 162 10.09 48.01 34.15
C LYS C 162 9.54 47.58 35.52
N ALA C 163 8.22 47.57 35.66
CA ALA C 163 7.61 47.18 36.94
C ALA C 163 7.97 45.76 37.32
N LYS C 164 7.93 44.84 36.35
CA LYS C 164 8.36 43.45 36.56
C LYS C 164 9.84 43.35 36.98
N GLU C 165 10.69 44.18 36.41
CA GLU C 165 12.12 44.18 36.72
C GLU C 165 12.34 44.62 38.17
N ARG C 166 11.44 45.44 38.68
CA ARG C 166 11.57 45.95 40.05
C ARG C 166 10.88 45.00 41.05
N GLY C 167 10.25 43.95 40.53
CA GLY C 167 9.49 43.01 41.34
C GLY C 167 8.17 43.56 41.86
N ALA C 168 7.55 44.48 41.14
CA ALA C 168 6.26 45.04 41.58
C ALA C 168 5.18 43.98 41.80
N LYS C 169 4.39 44.14 42.87
CA LYS C 169 3.38 43.13 43.21
C LYS C 169 2.02 43.46 42.58
N ALA C 170 1.86 44.72 42.19
CA ALA C 170 0.61 45.19 41.61
C ALA C 170 0.84 46.46 40.83
N VAL C 171 0.09 46.62 39.74
CA VAL C 171 0.14 47.86 38.97
C VAL C 171 -1.25 48.25 38.57
N LYS C 172 -1.45 49.55 38.40
CA LYS C 172 -2.70 50.10 37.93
C LYS C 172 -2.49 50.73 36.57
N VAL C 173 -3.43 50.47 35.66
CA VAL C 173 -3.40 51.04 34.34
C VAL C 173 -4.68 51.85 34.18
N CYS C 174 -4.71 52.73 33.17
CA CYS C 174 -5.80 53.68 32.99
C CYS C 174 -6.46 53.52 31.64
N ILE C 175 -7.74 53.94 31.56
CA ILE C 175 -8.42 54.24 30.34
C ILE C 175 -8.36 55.74 30.09
N ILE C 176 -7.42 56.19 29.25
CA ILE C 176 -7.37 57.58 28.83
C ILE C 176 -8.75 57.98 28.30
N PRO C 177 -9.31 59.12 28.79
CA PRO C 177 -10.66 59.54 28.40
C PRO C 177 -10.82 59.64 26.89
N ASN C 178 -11.78 58.90 26.36
CA ASN C 178 -11.82 58.69 24.93
C ASN C 178 -13.23 58.31 24.48
N ASP C 179 -13.98 59.32 24.04
CA ASP C 179 -15.38 59.09 23.69
C ASP C 179 -15.59 58.58 22.27
N LYS C 180 -14.52 58.42 21.51
CA LYS C 180 -14.67 57.91 20.15
C LYS C 180 -14.39 56.41 20.07
N VAL C 181 -14.49 55.75 21.21
CA VAL C 181 -14.11 54.36 21.33
C VAL C 181 -15.21 53.66 22.13
N SER C 182 -15.67 52.51 21.66
CA SER C 182 -16.82 51.82 22.27
C SER C 182 -16.36 50.98 23.46
N ASP C 183 -17.30 50.52 24.28
CA ASP C 183 -16.95 49.64 25.41
C ASP C 183 -16.36 48.29 24.98
N LYS C 184 -16.81 47.79 23.83
CA LYS C 184 -16.28 46.54 23.25
C LYS C 184 -14.77 46.68 23.02
N GLU C 185 -14.37 47.84 22.51
CA GLU C 185 -12.96 48.12 22.25
C GLU C 185 -12.17 48.27 23.55
N ILE C 186 -12.83 48.81 24.59
CA ILE C 186 -12.23 48.91 25.93
C ILE C 186 -12.03 47.52 26.53
N VAL C 187 -13.02 46.64 26.34
CA VAL C 187 -12.83 45.25 26.77
C VAL C 187 -11.59 44.61 26.11
N ALA C 188 -11.43 44.75 24.80
CA ALA C 188 -10.25 44.23 24.12
C ALA C 188 -8.97 44.85 24.66
N TYR C 189 -8.97 46.18 24.82
CA TYR C 189 -7.82 46.92 25.38
C TYR C 189 -7.36 46.41 26.74
N LEU C 190 -8.28 46.23 27.69
CA LEU C 190 -7.91 45.74 29.01
C LEU C 190 -7.51 44.25 29.03
N ARG C 191 -8.10 43.46 28.13
CA ARG C 191 -7.68 42.08 27.96
C ARG C 191 -6.25 42.01 27.51
N GLU C 192 -5.92 42.86 26.53
CA GLU C 192 -4.56 42.86 25.99
C GLU C 192 -3.56 43.30 27.08
N LEU C 193 -3.94 44.27 27.91
CA LEU C 193 -3.10 44.69 29.03
C LEU C 193 -2.87 43.60 30.06
N ARG C 194 -3.89 42.82 30.37
CA ARG C 194 -3.66 41.68 31.24
C ARG C 194 -2.65 40.69 30.61
N GLU C 195 -2.82 40.39 29.33
CA GLU C 195 -1.81 39.55 28.63
C GLU C 195 -0.39 40.09 28.84
N VAL C 196 -0.25 41.42 28.83
CA VAL C 196 1.07 42.05 28.94
C VAL C 196 1.55 42.02 30.40
N ILE C 197 0.64 42.30 31.33
CA ILE C 197 0.96 42.22 32.75
C ILE C 197 1.27 40.78 33.19
N GLY C 198 0.62 39.82 32.55
CA GLY C 198 0.72 38.41 32.95
C GLY C 198 -0.01 38.17 34.27
N TRP C 199 0.20 36.99 34.85
CA TRP C 199 -0.64 36.52 35.95
C TRP C 199 0.06 36.45 37.29
N ASP C 200 1.24 37.05 37.38
CA ASP C 200 2.01 37.13 38.64
C ASP C 200 1.83 38.46 39.36
N MET C 201 1.29 39.46 38.68
CA MET C 201 1.06 40.77 39.28
C MET C 201 -0.45 41.02 39.40
N ASP C 202 -0.87 41.60 40.52
CA ASP C 202 -2.22 42.15 40.63
C ASP C 202 -2.43 43.33 39.67
N MET C 203 -3.63 43.41 39.10
CA MET C 203 -3.93 44.40 38.07
C MET C 203 -5.12 45.24 38.49
N MET C 204 -4.93 46.55 38.58
CA MET C 204 -6.00 47.49 38.87
C MET C 204 -6.28 48.32 37.63
N VAL C 205 -7.49 48.91 37.56
CA VAL C 205 -7.88 49.76 36.47
C VAL C 205 -8.50 51.05 36.96
N ASP C 206 -7.96 52.16 36.48
CA ASP C 206 -8.55 53.49 36.69
C ASP C 206 -9.38 53.83 35.48
N CYS C 207 -10.70 53.90 35.63
CA CYS C 207 -11.57 54.21 34.50
C CYS C 207 -11.61 55.70 34.14
N LEU C 208 -11.05 56.55 35.00
CA LEU C 208 -11.09 57.99 34.72
C LEU C 208 -12.49 58.51 34.34
N TYR C 209 -13.51 58.05 35.06
CA TYR C 209 -14.88 58.56 34.99
C TYR C 209 -15.53 58.36 33.63
N ARG C 210 -15.18 57.26 32.98
CA ARG C 210 -15.73 56.97 31.67
C ARG C 210 -17.25 56.93 31.69
N TRP C 211 -17.80 56.22 32.66
CA TRP C 211 -19.19 55.80 32.57
C TRP C 211 -20.12 56.69 33.39
N THR C 212 -21.34 56.85 32.90
CA THR C 212 -22.39 57.53 33.63
C THR C 212 -23.48 56.53 33.98
N ASP C 213 -23.76 55.58 33.09
CA ASP C 213 -24.80 54.56 33.31
C ASP C 213 -24.23 53.29 33.97
N TRP C 214 -24.65 52.99 35.18
CA TRP C 214 -24.06 51.85 35.88
C TRP C 214 -24.23 50.51 35.16
N GLN C 215 -25.33 50.38 34.39
CA GLN C 215 -25.61 49.16 33.60
C GLN C 215 -24.65 48.96 32.43
N LYS C 216 -24.16 50.05 31.86
CA LYS C 216 -23.13 49.99 30.84
C LYS C 216 -21.76 49.59 31.41
N ALA C 217 -21.41 50.12 32.56
CA ALA C 217 -20.24 49.66 33.30
C ALA C 217 -20.38 48.19 33.68
N ARG C 218 -21.57 47.80 34.08
CA ARG C 218 -21.85 46.43 34.48
C ARG C 218 -21.47 45.47 33.36
N TRP C 219 -21.94 45.79 32.15
CA TRP C 219 -21.68 45.02 30.96
C TRP C 219 -20.17 44.82 30.72
N THR C 220 -19.43 45.92 30.76
CA THR C 220 -18.00 45.90 30.51
C THR C 220 -17.28 45.02 31.51
N PHE C 221 -17.55 45.24 32.79
CA PHE C 221 -16.82 44.50 33.78
C PHE C 221 -17.28 43.05 33.94
N ARG C 222 -18.49 42.74 33.48
CA ARG C 222 -18.90 41.35 33.32
C ARG C 222 -18.07 40.67 32.23
N GLN C 223 -17.86 41.36 31.10
CA GLN C 223 -17.09 40.73 30.03
C GLN C 223 -15.69 40.48 30.54
N LEU C 224 -15.27 41.28 31.52
CA LEU C 224 -13.86 41.27 31.94
C LEU C 224 -13.60 40.44 33.20
N GLU C 225 -14.60 39.69 33.66
CA GLU C 225 -14.39 38.80 34.81
C GLU C 225 -13.20 37.88 34.64
N ASP C 226 -12.95 37.41 33.41
CA ASP C 226 -11.81 36.49 33.18
C ASP C 226 -10.42 37.10 33.31
N ILE C 227 -10.31 38.42 33.28
CA ILE C 227 -8.99 38.99 33.52
C ILE C 227 -8.70 39.29 35.00
N ASP C 228 -9.71 39.10 35.85
CA ASP C 228 -9.50 39.04 37.29
C ASP C 228 -8.92 40.33 37.88
N LEU C 229 -9.59 41.47 37.65
CA LEU C 229 -9.11 42.75 38.18
C LEU C 229 -9.13 42.76 39.71
N TYR C 230 -8.13 43.38 40.30
CA TYR C 230 -8.07 43.51 41.75
C TYR C 230 -9.08 44.57 42.22
N PHE C 231 -9.13 45.69 41.53
CA PHE C 231 -10.17 46.68 41.77
C PHE C 231 -10.42 47.52 40.53
N ILE C 232 -11.55 48.22 40.56
CA ILE C 232 -11.98 49.08 39.48
C ILE C 232 -12.27 50.45 40.07
N GLU C 233 -11.51 51.45 39.63
CA GLU C 233 -11.57 52.78 40.24
C GLU C 233 -12.25 53.77 39.29
N ALA C 234 -12.97 54.74 39.85
CA ALA C 234 -13.39 55.93 39.11
C ALA C 234 -14.29 55.54 37.97
N CYS C 235 -15.13 54.54 38.23
CA CYS C 235 -15.89 53.92 37.18
C CYS C 235 -17.12 54.78 36.79
N LEU C 236 -17.83 55.31 37.78
CA LEU C 236 -19.01 56.14 37.54
C LEU C 236 -18.77 57.58 38.02
N GLN C 237 -19.67 58.51 37.70
CA GLN C 237 -19.48 59.89 38.14
C GLN C 237 -19.40 59.95 39.67
N HIS C 238 -18.56 60.84 40.16
CA HIS C 238 -18.24 60.90 41.59
C HIS C 238 -19.45 61.14 42.53
N ASP C 239 -20.48 61.85 42.06
CA ASP C 239 -21.61 62.18 42.92
C ASP C 239 -22.65 61.08 42.94
N ASP C 240 -22.55 60.14 42.00
CA ASP C 240 -23.59 59.14 41.81
C ASP C 240 -23.45 57.95 42.75
N LEU C 241 -23.74 58.18 44.02
CA LEU C 241 -23.65 57.13 45.02
C LEU C 241 -24.52 55.91 44.66
N ILE C 242 -25.75 56.14 44.20
CA ILE C 242 -26.70 55.05 43.96
C ILE C 242 -26.25 54.14 42.81
N GLY C 243 -25.73 54.73 41.74
CA GLY C 243 -25.04 53.98 40.68
C GLY C 243 -23.91 53.12 41.23
N HIS C 244 -23.05 53.68 42.08
CA HIS C 244 -21.91 52.89 42.56
C HIS C 244 -22.42 51.71 43.37
N GLN C 245 -23.43 51.97 44.18
CA GLN C 245 -23.96 50.94 45.04
C GLN C 245 -24.53 49.76 44.23
N LYS C 246 -25.15 50.06 43.09
CA LYS C 246 -25.77 49.01 42.30
C LYS C 246 -24.69 48.21 41.57
N LEU C 247 -23.66 48.92 41.11
CA LEU C 247 -22.55 48.28 40.40
C LEU C 247 -21.71 47.38 41.34
N ALA C 248 -21.28 47.94 42.48
CA ALA C 248 -20.58 47.20 43.51
C ALA C 248 -21.28 45.90 43.85
N ALA C 249 -22.62 45.95 43.96
CA ALA C 249 -23.37 44.72 44.27
C ALA C 249 -23.43 43.74 43.07
N ALA C 250 -23.37 44.26 41.85
CA ALA C 250 -23.44 43.42 40.65
C ALA C 250 -22.11 42.73 40.27
N ILE C 251 -20.99 43.45 40.40
CA ILE C 251 -19.69 42.92 39.98
C ILE C 251 -19.14 41.94 40.98
N ASN C 252 -18.03 41.29 40.65
CA ASN C 252 -17.46 40.29 41.56
C ASN C 252 -16.09 40.63 42.17
N THR C 253 -15.65 41.89 42.02
CA THR C 253 -14.43 42.38 42.73
C THR C 253 -14.63 43.65 43.49
N ARG C 254 -13.49 44.24 43.87
CA ARG C 254 -13.44 45.55 44.56
C ARG C 254 -13.82 46.73 43.66
N LEU C 255 -14.82 47.51 44.10
CA LEU C 255 -15.10 48.81 43.51
C LEU C 255 -14.51 49.91 44.42
N CYS C 256 -13.92 50.95 43.82
CA CYS C 256 -13.28 52.03 44.57
C CYS C 256 -14.14 53.28 44.46
N GLY C 257 -13.97 54.21 45.40
CA GLY C 257 -14.71 55.46 45.36
C GLY C 257 -14.01 56.53 46.19
N ALA C 258 -14.46 57.78 46.06
CA ALA C 258 -14.12 58.83 47.02
C ALA C 258 -12.78 59.45 46.71
N GLU C 259 -12.28 59.20 45.49
CA GLU C 259 -11.01 59.75 45.05
C GLU C 259 -10.91 61.26 45.28
N MET C 260 -12.00 61.97 44.99
CA MET C 260 -12.02 63.42 44.92
C MET C 260 -12.68 64.02 46.17
N SER C 261 -13.13 63.18 47.08
CA SER C 261 -13.94 63.67 48.18
C SER C 261 -13.04 64.29 49.27
N THR C 262 -13.63 65.05 50.19
CA THR C 262 -12.89 65.51 51.38
C THR C 262 -13.62 65.17 52.68
N THR C 263 -12.87 64.98 53.75
CA THR C 263 -13.36 64.67 55.12
C THR C 263 -13.82 63.24 55.31
N ARG C 264 -13.84 62.82 56.57
CA ARG C 264 -14.42 61.56 56.98
C ARG C 264 -15.90 61.47 56.74
N PHE C 265 -16.58 62.63 56.70
CA PHE C 265 -18.03 62.62 56.57
C PHE C 265 -18.46 62.04 55.21
N GLU C 266 -17.77 62.46 54.16
CA GLU C 266 -18.04 61.92 52.85
C GLU C 266 -17.57 60.47 52.69
N ALA C 267 -16.36 60.15 53.17
CA ALA C 267 -15.85 58.79 53.02
C ALA C 267 -16.79 57.81 53.72
N GLN C 268 -17.29 58.21 54.88
CA GLN C 268 -18.23 57.36 55.59
C GLN C 268 -19.59 57.26 54.86
N GLU C 269 -20.08 58.36 54.29
CA GLU C 269 -21.25 58.27 53.41
C GLU C 269 -21.02 57.33 52.21
N TRP C 270 -19.83 57.38 51.63
CA TRP C 270 -19.48 56.42 50.57
C TRP C 270 -19.64 54.99 51.09
N LEU C 271 -19.00 54.68 52.23
CA LEU C 271 -19.00 53.29 52.74
C LEU C 271 -20.42 52.81 53.08
N GLU C 272 -21.18 53.66 53.76
CA GLU C 272 -22.54 53.34 54.16
C GLU C 272 -23.42 53.03 52.96
N LYS C 273 -23.35 53.90 51.95
CA LYS C 273 -24.35 53.95 50.91
C LYS C 273 -24.01 53.06 49.70
N THR C 274 -22.72 52.88 49.42
CA THR C 274 -22.33 52.20 48.20
C THR C 274 -21.69 50.85 48.44
N GLY C 275 -21.11 50.66 49.62
CA GLY C 275 -20.29 49.48 49.91
C GLY C 275 -19.05 49.33 49.03
N ILE C 276 -18.45 50.45 48.60
CA ILE C 276 -17.13 50.36 48.02
C ILE C 276 -16.19 49.63 48.97
N SER C 277 -15.21 48.95 48.40
CA SER C 277 -14.27 48.16 49.20
C SER C 277 -12.93 48.87 49.30
N VAL C 278 -12.73 49.91 48.49
CA VAL C 278 -11.53 50.74 48.57
C VAL C 278 -11.88 52.23 48.61
N VAL C 279 -11.38 52.91 49.65
CA VAL C 279 -11.55 54.34 49.77
C VAL C 279 -10.29 55.06 49.30
N GLN C 280 -10.46 56.11 48.49
CA GLN C 280 -9.32 56.80 47.88
C GLN C 280 -9.16 58.31 48.24
N SER C 281 -9.73 58.71 49.37
CA SER C 281 -9.46 60.06 49.92
C SER C 281 -7.98 60.41 49.85
N ASP C 282 -7.68 61.58 49.34
CA ASP C 282 -6.32 61.98 48.97
C ASP C 282 -5.58 62.68 50.12
N TYR C 283 -4.29 62.35 50.31
CA TYR C 283 -3.42 63.00 51.32
C TYR C 283 -3.51 64.54 51.33
N ASN C 284 -3.46 65.15 50.15
CA ASN C 284 -3.36 66.59 50.07
C ASN C 284 -4.69 67.26 49.69
N ARG C 285 -5.79 66.55 49.92
CA ARG C 285 -7.14 67.05 49.63
C ARG C 285 -8.06 66.90 50.83
N CYS C 286 -8.08 65.69 51.38
CA CYS C 286 -9.21 65.24 52.20
C CYS C 286 -9.23 65.79 53.64
N GLY C 287 -8.13 66.39 54.06
CA GLY C 287 -8.01 66.86 55.43
C GLY C 287 -6.61 66.58 55.95
N GLY C 288 -5.94 65.62 55.33
CA GLY C 288 -4.57 65.32 55.66
C GLY C 288 -4.48 63.99 56.37
N VAL C 289 -3.28 63.70 56.90
CA VAL C 289 -3.02 62.46 57.60
C VAL C 289 -3.95 62.30 58.79
N THR C 290 -4.17 63.40 59.50
CA THR C 290 -4.98 63.39 60.71
C THR C 290 -6.40 62.92 60.41
N GLU C 291 -6.96 63.39 59.29
CA GLU C 291 -8.28 62.94 58.87
C GLU C 291 -8.20 61.51 58.31
N LEU C 292 -7.11 61.20 57.63
CA LEU C 292 -6.92 59.84 57.08
C LEU C 292 -6.92 58.76 58.15
N LEU C 293 -6.31 59.05 59.30
CA LEU C 293 -6.31 58.13 60.42
C LEU C 293 -7.74 57.87 60.93
N ARG C 294 -8.57 58.93 60.93
CA ARG C 294 -10.01 58.80 61.24
C ARG C 294 -10.74 57.97 60.17
N ILE C 295 -10.49 58.31 58.90
CA ILE C 295 -11.05 57.51 57.80
C ILE C 295 -10.59 56.05 57.87
N MET C 296 -9.33 55.82 58.25
CA MET C 296 -8.79 54.46 58.40
C MET C 296 -9.63 53.63 59.40
N ASP C 297 -9.95 54.23 60.55
CA ASP C 297 -10.70 53.56 61.61
C ASP C 297 -12.14 53.22 61.17
N ILE C 298 -12.73 54.08 60.35
CA ILE C 298 -14.03 53.83 59.74
C ILE C 298 -13.99 52.73 58.68
N CYS C 299 -12.98 52.76 57.81
CA CYS C 299 -12.78 51.68 56.85
C CYS C 299 -12.67 50.35 57.56
N GLU C 300 -11.88 50.30 58.64
CA GLU C 300 -11.75 49.09 59.43
C GLU C 300 -13.09 48.49 59.88
N HIS C 301 -13.98 49.34 60.41
CA HIS C 301 -15.34 48.90 60.75
C HIS C 301 -16.03 48.19 59.56
N HIS C 302 -16.00 48.85 58.41
CA HIS C 302 -16.69 48.38 57.22
C HIS C 302 -15.92 47.30 56.43
N ASN C 303 -14.75 46.92 56.95
CA ASN C 303 -13.85 45.98 56.29
C ASN C 303 -13.52 46.45 54.87
N ALA C 304 -13.32 47.75 54.71
CA ALA C 304 -12.85 48.32 53.48
C ALA C 304 -11.37 48.67 53.63
N GLN C 305 -10.64 48.72 52.52
CA GLN C 305 -9.25 49.21 52.52
C GLN C 305 -9.17 50.72 52.23
N LEU C 306 -8.09 51.33 52.73
CA LEU C 306 -7.79 52.74 52.49
C LEU C 306 -6.52 52.82 51.64
N MET C 307 -6.65 53.32 50.42
CA MET C 307 -5.52 53.43 49.47
C MET C 307 -5.60 54.84 48.93
N PRO C 308 -5.10 55.81 49.70
CA PRO C 308 -5.34 57.20 49.32
C PRO C 308 -4.73 57.59 47.97
N HIS C 309 -5.47 58.37 47.20
CA HIS C 309 -5.02 58.91 45.94
C HIS C 309 -3.64 59.58 46.09
N ASN C 310 -2.70 59.22 45.22
CA ASN C 310 -1.32 59.63 45.39
C ASN C 310 -0.66 59.94 44.05
N TRP C 311 -0.90 61.15 43.56
CA TRP C 311 -0.32 61.57 42.29
C TRP C 311 0.03 63.03 42.39
N LYS C 312 1.09 63.33 43.13
CA LYS C 312 1.51 64.71 43.28
C LYS C 312 3.02 64.76 43.20
N THR C 313 3.64 64.97 44.35
CA THR C 313 5.07 65.19 44.41
C THR C 313 5.75 64.21 45.36
N GLY C 314 7.08 64.17 45.36
CA GLY C 314 7.83 63.47 46.40
C GLY C 314 7.42 63.84 47.81
N ILE C 315 6.84 65.03 48.00
CA ILE C 315 6.35 65.44 49.31
C ILE C 315 5.24 64.51 49.80
N THR C 316 4.17 64.38 49.00
CA THR C 316 3.10 63.45 49.31
C THR C 316 3.59 61.99 49.33
N ALA C 317 4.50 61.65 48.42
CA ALA C 317 5.07 60.30 48.41
C ALA C 317 5.68 59.93 49.78
N ALA C 318 6.41 60.86 50.39
CA ALA C 318 6.96 60.64 51.75
C ALA C 318 5.85 60.43 52.78
N ALA C 319 4.76 61.17 52.65
CA ALA C 319 3.60 60.97 53.53
C ALA C 319 2.96 59.59 53.36
N ALA C 320 2.85 59.14 52.10
CA ALA C 320 2.35 57.80 51.77
C ALA C 320 3.24 56.68 52.31
N ARG C 321 4.54 56.89 52.30
CA ARG C 321 5.44 55.91 52.89
C ARG C 321 5.14 55.75 54.38
N HIS C 322 5.04 56.88 55.08
CA HIS C 322 4.75 56.86 56.52
C HIS C 322 3.36 56.37 56.86
N PHE C 323 2.35 56.88 56.16
CA PHE C 323 0.99 56.39 56.34
C PHE C 323 0.88 54.92 55.94
N GLY C 324 1.55 54.55 54.87
CA GLY C 324 1.49 53.19 54.35
C GLY C 324 1.91 52.17 55.37
N ILE C 325 2.96 52.47 56.13
CA ILE C 325 3.49 51.48 57.07
C ILE C 325 2.65 51.36 58.35
N VAL C 326 1.75 52.33 58.52
CA VAL C 326 0.79 52.35 59.63
C VAL C 326 -0.54 51.66 59.24
N CYS C 327 -0.87 51.69 57.95
CA CYS C 327 -2.23 51.39 57.53
C CYS C 327 -2.44 49.87 57.40
N HIS C 328 -2.52 49.18 58.54
CA HIS C 328 -2.49 47.74 58.57
C HIS C 328 -3.67 47.11 57.83
N ILE C 329 -4.73 47.90 57.57
CA ILE C 329 -5.90 47.35 56.87
C ILE C 329 -5.72 47.22 55.37
N SER C 330 -4.63 47.76 54.85
CA SER C 330 -4.47 47.90 53.40
C SER C 330 -3.27 47.09 52.91
N GLU C 331 -3.53 46.17 51.99
CA GLU C 331 -2.51 45.32 51.41
C GLU C 331 -1.56 46.17 50.56
N TYR C 332 -2.13 47.19 49.90
CA TYR C 332 -1.32 48.10 49.09
C TYR C 332 -1.73 49.54 49.37
N VAL C 333 -0.94 50.47 48.86
CA VAL C 333 -1.38 51.86 48.72
C VAL C 333 -0.85 52.36 47.41
N GLU C 334 -1.40 53.47 46.93
CA GLU C 334 -1.02 53.98 45.63
C GLU C 334 0.32 54.70 45.68
N TYR C 335 1.13 54.47 44.66
CA TYR C 335 2.44 55.08 44.64
C TYR C 335 2.79 55.51 43.23
N LEU C 336 3.07 56.80 43.08
CA LEU C 336 3.74 57.31 41.91
C LEU C 336 5.25 57.26 42.09
N HIS C 337 5.92 56.37 41.38
CA HIS C 337 7.36 56.27 41.48
C HIS C 337 8.03 56.88 40.23
N PRO C 338 9.14 57.61 40.44
CA PRO C 338 9.92 58.26 39.38
C PRO C 338 10.38 57.28 38.29
N ASP C 339 10.48 56.00 38.64
CA ASP C 339 10.86 54.98 37.68
C ASP C 339 9.80 54.86 36.58
N PHE C 340 8.60 55.38 36.85
CA PHE C 340 7.45 55.11 36.02
C PHE C 340 6.83 56.38 35.46
N TRP C 341 7.30 57.52 35.94
CA TRP C 341 6.77 58.79 35.45
C TRP C 341 7.88 59.82 35.33
N ASN C 342 7.91 60.47 34.18
CA ASN C 342 8.92 61.46 33.84
C ASN C 342 8.46 62.91 34.01
N GLY C 343 7.47 63.13 34.86
CA GLY C 343 7.06 64.49 35.20
C GLY C 343 8.20 65.20 35.90
N THR C 344 8.36 66.48 35.57
CA THR C 344 9.45 67.31 36.08
C THR C 344 9.52 67.36 37.61
N LEU C 345 8.41 67.66 38.27
CA LEU C 345 8.40 67.70 39.74
C LEU C 345 8.70 66.31 40.30
N THR C 346 8.12 65.28 39.70
CA THR C 346 8.41 63.90 40.10
C THR C 346 9.92 63.58 40.03
N GLN C 347 10.58 64.10 38.99
CA GLN C 347 11.99 63.80 38.77
C GLN C 347 12.90 64.70 39.60
N GLN C 348 12.43 65.92 39.87
CA GLN C 348 13.35 66.97 40.31
C GLN C 348 13.03 67.68 41.63
N LEU C 349 11.79 67.63 42.09
CA LEU C 349 11.44 68.38 43.30
C LEU C 349 12.15 67.83 44.50
N THR C 350 12.23 66.50 44.59
CA THR C 350 12.84 65.85 45.74
C THR C 350 14.03 65.02 45.33
N LEU C 351 14.95 64.86 46.28
CA LEU C 351 16.17 64.11 46.06
C LEU C 351 16.07 62.79 46.81
N ASN C 352 16.84 61.80 46.35
CA ASN C 352 16.98 60.55 47.08
C ASN C 352 15.66 59.83 47.37
N GLU C 353 14.81 59.65 46.33
CA GLU C 353 13.64 58.76 46.43
C GLU C 353 14.08 57.32 46.71
N PRO C 354 13.33 56.60 47.55
CA PRO C 354 13.73 55.22 47.76
C PRO C 354 13.50 54.39 46.51
N LYS C 355 14.35 53.39 46.34
CA LYS C 355 14.30 52.53 45.17
C LYS C 355 13.30 51.41 45.44
N ILE C 356 12.63 50.93 44.40
CA ILE C 356 11.76 49.77 44.54
C ILE C 356 12.64 48.54 44.61
N ILE C 357 12.44 47.71 45.63
CA ILE C 357 13.22 46.48 45.79
C ILE C 357 12.30 45.27 46.07
N ASP C 358 12.22 44.39 45.07
CA ASP C 358 11.32 43.23 45.19
C ASP C 358 9.88 43.70 45.46
N GLY C 359 9.51 44.84 44.87
CA GLY C 359 8.14 45.32 45.00
C GLY C 359 7.89 46.15 46.23
N ALA C 360 8.90 46.29 47.09
CA ALA C 360 8.74 47.04 48.33
C ALA C 360 9.50 48.36 48.25
N ILE C 361 9.07 49.34 49.04
CA ILE C 361 9.87 50.54 49.22
C ILE C 361 10.08 50.83 50.70
N GLU C 362 11.34 50.94 51.08
CA GLU C 362 11.71 51.18 52.47
C GLU C 362 11.22 52.53 53.02
N VAL C 363 10.69 52.47 54.23
CA VAL C 363 10.28 53.68 54.95
C VAL C 363 11.38 54.02 55.95
N SER C 364 12.05 55.15 55.75
CA SER C 364 13.23 55.46 56.57
C SER C 364 12.82 55.90 57.95
N ASP C 365 13.72 55.79 58.91
CA ASP C 365 13.42 56.42 60.17
C ASP C 365 14.14 57.75 60.43
N LYS C 366 14.48 58.40 59.32
CA LYS C 366 14.83 59.82 59.36
C LYS C 366 13.68 60.59 60.02
N PRO C 367 14.01 61.67 60.78
CA PRO C 367 13.00 62.44 61.50
C PRO C 367 11.91 63.00 60.58
N GLY C 368 10.70 63.12 61.11
CA GLY C 368 9.58 63.66 60.34
C GLY C 368 9.27 62.80 59.14
N LEU C 369 8.98 63.45 58.01
CA LEU C 369 8.62 62.73 56.81
C LEU C 369 9.85 62.23 56.06
N GLY C 370 11.04 62.68 56.48
CA GLY C 370 12.28 62.31 55.79
C GLY C 370 12.29 62.78 54.34
N ILE C 371 11.83 64.00 54.12
CA ILE C 371 11.86 64.58 52.79
C ILE C 371 13.20 65.30 52.59
N GLU C 372 13.84 65.04 51.46
CA GLU C 372 15.00 65.81 51.03
C GLU C 372 14.63 66.72 49.86
N LEU C 373 14.30 67.97 50.17
CA LEU C 373 13.83 68.89 49.15
C LEU C 373 14.99 69.32 48.25
N ASN C 374 14.73 69.50 46.97
CA ASN C 374 15.76 70.04 46.08
C ASN C 374 15.67 71.57 46.07
N ILE C 375 16.36 72.21 47.00
CA ILE C 375 16.25 73.65 47.19
C ILE C 375 16.76 74.47 46.01
N GLU C 376 17.82 74.00 45.38
CA GLU C 376 18.28 74.64 44.15
C GLU C 376 17.15 74.72 43.15
N PHE C 377 16.56 73.57 42.86
CA PHE C 377 15.48 73.50 41.89
C PHE C 377 14.35 74.44 42.29
N VAL C 378 14.03 74.47 43.58
CA VAL C 378 12.88 75.23 44.05
C VAL C 378 13.10 76.74 43.94
N GLU C 379 14.30 77.18 44.29
CA GLU C 379 14.70 78.57 44.10
C GLU C 379 14.72 78.94 42.62
N GLN C 380 15.12 78.01 41.76
CA GLN C 380 15.12 78.22 40.31
C GLN C 380 13.73 78.55 39.77
N VAL C 381 12.72 77.77 40.18
CA VAL C 381 11.39 77.92 39.61
C VAL C 381 10.62 79.09 40.21
N THR C 382 10.78 79.32 41.51
CA THR C 382 10.04 80.38 42.20
C THR C 382 10.72 81.74 42.08
N GLY C 383 12.02 81.73 41.75
CA GLY C 383 12.79 82.96 41.67
C GLY C 383 13.00 83.63 43.02
N HIS C 384 12.75 82.89 44.10
CA HIS C 384 12.84 83.43 45.45
C HIS C 384 13.65 82.51 46.35
N LYS C 385 14.55 83.09 47.14
CA LYS C 385 15.35 82.32 48.09
C LYS C 385 14.47 81.48 49.02
N PHE C 386 14.96 80.29 49.36
CA PHE C 386 14.24 79.37 50.25
C PHE C 386 14.96 79.27 51.59
N ALA D 5 -28.27 15.97 97.01
CA ALA D 5 -27.37 16.54 98.04
C ALA D 5 -26.70 17.80 97.51
N ASN D 6 -26.45 18.75 98.40
CA ASN D 6 -25.82 20.01 98.01
C ASN D 6 -24.31 19.92 97.78
N ILE D 7 -23.82 20.86 96.99
CA ILE D 7 -22.41 21.05 96.73
C ILE D 7 -21.69 21.56 97.98
N VAL D 8 -20.52 20.98 98.25
CA VAL D 8 -19.74 21.33 99.42
C VAL D 8 -18.45 22.05 99.00
N SER D 9 -17.90 21.69 97.83
CA SER D 9 -16.64 22.28 97.39
C SER D 9 -16.48 22.37 95.88
N VAL D 10 -15.74 23.38 95.45
CA VAL D 10 -15.36 23.52 94.05
C VAL D 10 -13.83 23.65 93.97
N GLU D 11 -13.19 22.82 93.16
CA GLU D 11 -11.75 22.90 93.02
C GLU D 11 -11.37 23.08 91.55
N PHE D 12 -10.48 24.04 91.27
CA PHE D 12 -9.91 24.26 89.93
C PHE D 12 -8.50 23.67 89.98
N ILE D 13 -8.23 22.64 89.16
CA ILE D 13 -6.96 21.91 89.27
C ILE D 13 -6.11 22.10 88.01
N PRO D 14 -5.02 22.88 88.13
CA PRO D 14 -4.18 23.07 86.94
C PRO D 14 -3.50 21.78 86.55
N VAL D 15 -3.56 21.45 85.27
CA VAL D 15 -2.79 20.33 84.75
C VAL D 15 -1.87 20.85 83.66
N ASN D 16 -0.56 20.83 83.92
CA ASN D 16 0.42 21.38 83.00
C ASN D 16 1.47 20.31 82.66
N VAL D 17 1.49 19.84 81.41
CA VAL D 17 2.45 18.81 81.03
C VAL D 17 3.67 19.41 80.32
N ALA D 18 4.86 19.00 80.76
CA ALA D 18 6.13 19.42 80.13
C ALA D 18 6.60 18.41 79.08
N GLU D 24 0.54 22.06 76.13
CA GLU D 24 -0.21 20.89 76.58
C GLU D 24 -0.75 21.10 78.01
N ASN D 25 -1.91 21.74 78.15
CA ASN D 25 -2.45 21.97 79.49
C ASN D 25 -3.97 22.05 79.58
N THR D 26 -4.50 21.91 80.79
CA THR D 26 -5.92 22.12 81.03
C THR D 26 -6.20 22.52 82.48
N VAL D 27 -7.44 22.87 82.78
CA VAL D 27 -7.87 23.10 84.14
C VAL D 27 -9.08 22.22 84.45
N ILE D 28 -8.85 21.17 85.21
CA ILE D 28 -9.95 20.32 85.67
C ILE D 28 -10.73 21.03 86.75
N VAL D 29 -12.06 21.04 86.62
CA VAL D 29 -12.93 21.58 87.65
C VAL D 29 -13.65 20.42 88.32
N LYS D 30 -13.50 20.31 89.63
CA LYS D 30 -14.07 19.21 90.38
C LYS D 30 -15.01 19.76 91.42
N VAL D 31 -16.27 19.32 91.35
CA VAL D 31 -17.31 19.80 92.26
C VAL D 31 -17.85 18.61 93.03
N THR D 32 -17.82 18.70 94.36
CA THR D 32 -18.06 17.57 95.25
C THR D 32 -19.26 17.86 96.12
N ASP D 33 -20.12 16.88 96.30
CA ASP D 33 -21.34 17.09 97.07
C ASP D 33 -21.14 16.58 98.50
N GLU D 34 -22.20 16.68 99.30
CA GLU D 34 -22.17 16.29 100.70
C GLU D 34 -21.77 14.83 100.91
N ASN D 35 -22.18 13.95 100.00
CA ASN D 35 -21.86 12.53 100.12
C ASN D 35 -20.50 12.15 99.54
N GLY D 36 -19.77 13.14 99.03
CA GLY D 36 -18.45 12.89 98.47
C GLY D 36 -18.47 12.50 97.00
N VAL D 37 -19.66 12.42 96.40
CA VAL D 37 -19.76 12.28 94.95
C VAL D 37 -19.29 13.59 94.30
N TYR D 38 -18.61 13.49 93.16
CA TYR D 38 -18.09 14.67 92.49
C TYR D 38 -18.40 14.63 90.99
N GLY D 39 -18.41 15.80 90.36
CA GLY D 39 -18.56 15.89 88.91
C GLY D 39 -17.32 16.58 88.36
N LEU D 40 -16.94 16.22 87.14
CA LEU D 40 -15.78 16.82 86.48
C LEU D 40 -16.13 17.70 85.26
N GLY D 41 -15.40 18.79 85.11
CA GLY D 41 -15.50 19.64 83.93
C GLY D 41 -14.13 20.23 83.65
N GLU D 42 -14.03 21.01 82.58
CA GLU D 42 -12.83 21.80 82.36
C GLU D 42 -13.13 23.19 81.87
N ALA D 43 -12.26 24.12 82.26
CA ALA D 43 -12.35 25.49 81.81
C ALA D 43 -11.16 25.79 80.92
N ASP D 44 -11.40 26.50 79.83
CA ASP D 44 -10.32 27.05 79.03
C ASP D 44 -9.50 28.06 79.86
N GLY D 45 -8.34 28.46 79.34
CA GLY D 45 -7.51 29.52 79.95
C GLY D 45 -6.19 29.01 80.52
N PRO D 46 -5.24 29.93 80.77
CA PRO D 46 -3.96 29.58 81.42
C PRO D 46 -4.24 29.06 82.83
N PRO D 47 -3.81 27.83 83.13
CA PRO D 47 -4.32 27.10 84.28
C PRO D 47 -4.11 27.82 85.61
N GLU D 48 -2.89 28.29 85.88
CA GLU D 48 -2.60 28.94 87.16
C GLU D 48 -3.40 30.24 87.34
N CYS D 49 -3.60 30.95 86.23
CA CYS D 49 -4.45 32.13 86.22
C CYS D 49 -5.91 31.81 86.53
N MET D 50 -6.42 30.74 85.93
CA MET D 50 -7.80 30.34 86.16
C MET D 50 -8.00 29.83 87.59
N LYS D 51 -7.00 29.15 88.13
CA LYS D 51 -7.02 28.78 89.54
C LYS D 51 -7.10 30.04 90.42
N ALA D 52 -6.29 31.04 90.11
CA ALA D 52 -6.31 32.29 90.86
C ALA D 52 -7.66 32.98 90.73
N PHE D 53 -8.28 32.91 89.54
CA PHE D 53 -9.61 33.48 89.32
C PHE D 53 -10.63 32.84 90.25
N SER D 54 -10.50 31.55 90.48
CA SER D 54 -11.43 30.80 91.32
C SER D 54 -11.25 31.03 92.82
N GLU D 55 -10.12 31.60 93.22
CA GLU D 55 -9.76 31.69 94.64
C GLU D 55 -9.66 33.14 95.11
N ILE D 56 -10.26 34.05 94.35
CA ILE D 56 -10.32 35.47 94.68
C ILE D 56 -11.20 35.74 95.90
N GLU D 57 -11.04 36.92 96.50
CA GLU D 57 -11.85 37.33 97.65
C GLU D 57 -13.04 38.15 97.17
N ASN D 58 -14.17 38.09 97.90
CA ASN D 58 -15.34 38.95 97.59
C ASN D 58 -15.01 40.42 97.79
N GLU D 59 -15.52 41.27 96.91
CA GLU D 59 -15.34 42.71 97.06
C GLU D 59 -16.65 43.52 97.13
N HIS D 60 -17.66 43.12 96.34
CA HIS D 60 -18.96 43.81 96.36
C HIS D 60 -20.03 43.05 95.60
N LYS D 61 -21.19 43.69 95.43
CA LYS D 61 -22.36 43.00 94.89
C LYS D 61 -22.10 42.25 93.58
N TRP D 62 -21.32 42.84 92.68
CA TRP D 62 -21.12 42.23 91.37
C TRP D 62 -19.73 41.61 91.23
N LEU D 63 -19.03 41.49 92.36
CA LEU D 63 -17.69 40.90 92.37
C LEU D 63 -17.53 39.96 93.56
N ASN D 64 -17.82 38.69 93.34
CA ASN D 64 -17.70 37.67 94.37
C ASN D 64 -16.94 36.47 93.86
N ASN D 65 -16.42 35.69 94.80
CA ASN D 65 -15.82 34.42 94.44
C ASN D 65 -16.85 33.54 93.75
N ILE D 66 -16.51 33.12 92.54
CA ILE D 66 -17.41 32.32 91.71
C ILE D 66 -17.96 31.09 92.43
N LYS D 67 -17.14 30.42 93.23
CA LYS D 67 -17.57 29.19 93.91
C LYS D 67 -18.73 29.40 94.86
N GLU D 68 -18.92 30.64 95.32
CA GLU D 68 -19.92 30.90 96.37
C GLU D 68 -21.32 31.00 95.79
N ALA D 69 -21.42 31.13 94.48
CA ALA D 69 -22.72 31.03 93.81
C ALA D 69 -23.26 29.59 93.74
N VAL D 70 -22.46 28.59 94.08
CA VAL D 70 -22.92 27.20 93.97
C VAL D 70 -22.70 26.35 95.24
N ILE D 71 -21.69 26.71 96.04
CA ILE D 71 -21.46 26.04 97.33
C ILE D 71 -22.76 26.03 98.12
N GLY D 72 -23.29 24.86 98.41
CA GLY D 72 -24.54 24.77 99.17
C GLY D 72 -25.79 24.67 98.31
N ARG D 73 -25.64 24.61 97.00
CA ARG D 73 -26.81 24.52 96.13
C ARG D 73 -26.99 23.14 95.54
N ASP D 74 -28.19 22.88 95.03
CA ASP D 74 -28.49 21.65 94.31
C ASP D 74 -27.93 21.75 92.86
N PRO D 75 -27.05 20.81 92.47
CA PRO D 75 -26.51 20.78 91.09
C PRO D 75 -27.56 20.60 89.99
N LEU D 76 -28.74 20.12 90.35
CA LEU D 76 -29.82 19.94 89.38
C LEU D 76 -30.27 21.26 88.75
N GLU D 77 -30.05 22.37 89.43
CA GLU D 77 -30.69 23.63 89.06
C GLU D 77 -29.84 24.48 88.11
N PHE D 78 -29.70 23.99 86.89
CA PHE D 78 -28.73 24.53 85.96
C PHE D 78 -28.97 26.00 85.65
N ARG D 79 -30.20 26.39 85.37
CA ARG D 79 -30.45 27.78 84.99
C ARG D 79 -30.13 28.68 86.18
N ALA D 80 -30.69 28.36 87.35
CA ALA D 80 -30.50 29.15 88.56
C ALA D 80 -29.04 29.25 88.97
N ASN D 81 -28.34 28.11 88.94
CA ASN D 81 -26.91 28.07 89.20
C ASN D 81 -26.10 28.89 88.19
N TYR D 82 -26.37 28.68 86.89
CA TYR D 82 -25.71 29.51 85.88
C TYR D 82 -25.92 31.02 86.10
N ASN D 83 -27.16 31.43 86.35
CA ASN D 83 -27.49 32.85 86.50
C ASN D 83 -26.83 33.50 87.71
N ARG D 84 -26.82 32.76 88.81
CA ARG D 84 -26.17 33.18 90.04
C ARG D 84 -24.66 33.33 89.84
N MET D 85 -24.03 32.34 89.20
CA MET D 85 -22.60 32.47 88.90
C MET D 85 -22.34 33.73 88.07
N TYR D 86 -23.16 33.90 87.03
CA TYR D 86 -22.96 34.98 86.07
C TYR D 86 -23.19 36.33 86.75
N ASP D 87 -24.25 36.41 87.55
CA ASP D 87 -24.70 37.67 88.14
C ASP D 87 -23.74 38.14 89.23
N THR D 88 -23.27 37.22 90.06
CA THR D 88 -22.43 37.61 91.19
C THR D 88 -20.98 37.87 90.79
N THR D 89 -20.66 37.57 89.53
CA THR D 89 -19.32 37.85 89.00
C THR D 89 -19.31 38.86 87.85
N LYS D 90 -20.45 39.47 87.57
CA LYS D 90 -20.56 40.39 86.43
C LYS D 90 -19.39 41.38 86.27
N TRP D 91 -18.87 41.93 87.37
CA TRP D 91 -17.90 43.01 87.26
C TRP D 91 -16.61 42.54 86.61
N ILE D 92 -16.23 41.29 86.88
CA ILE D 92 -15.02 40.71 86.32
C ILE D 92 -15.34 39.63 85.27
N GLY D 93 -16.62 39.26 85.16
CA GLY D 93 -17.06 38.25 84.19
C GLY D 93 -17.78 38.83 82.99
N MET D 94 -19.00 38.37 82.75
CA MET D 94 -19.84 38.88 81.68
C MET D 94 -19.41 38.47 80.26
N ARG D 95 -18.14 38.64 79.94
CA ARG D 95 -17.56 38.15 78.69
C ARG D 95 -16.12 37.71 78.96
N GLY D 96 -15.56 36.93 78.07
CA GLY D 96 -14.15 36.59 78.14
C GLY D 96 -13.80 35.60 79.25
N LEU D 97 -12.62 35.80 79.82
CA LEU D 97 -11.98 34.79 80.63
C LEU D 97 -12.85 34.35 81.81
N GLY D 98 -13.61 35.28 82.39
CA GLY D 98 -14.53 34.96 83.48
C GLY D 98 -15.55 33.91 83.08
N LEU D 99 -15.94 33.90 81.81
CA LEU D 99 -16.91 32.91 81.35
C LEU D 99 -16.35 31.54 81.13
N PHE D 100 -15.03 31.45 80.98
CA PHE D 100 -14.36 30.14 80.95
C PHE D 100 -14.56 29.42 82.28
N ALA D 101 -14.38 30.18 83.37
CA ALA D 101 -14.53 29.65 84.72
C ALA D 101 -15.97 29.21 84.94
N ILE D 102 -16.94 29.98 84.46
CA ILE D 102 -18.35 29.55 84.58
C ILE D 102 -18.62 28.25 83.79
N SER D 103 -18.04 28.15 82.59
CA SER D 103 -18.19 27.01 81.68
C SER D 103 -17.75 25.69 82.33
N GLY D 104 -16.57 25.75 82.96
CA GLY D 104 -16.00 24.58 83.59
C GLY D 104 -16.86 24.06 84.71
N ILE D 105 -17.36 24.97 85.54
CA ILE D 105 -18.19 24.57 86.68
C ILE D 105 -19.52 24.02 86.18
N ASP D 106 -20.12 24.74 85.25
CA ASP D 106 -21.35 24.31 84.62
C ASP D 106 -21.24 22.89 84.03
N MET D 107 -20.19 22.65 83.25
CA MET D 107 -19.87 21.30 82.75
C MET D 107 -19.83 20.30 83.91
N ALA D 108 -19.13 20.66 84.98
CA ALA D 108 -18.99 19.77 86.13
C ALA D 108 -20.34 19.45 86.77
N LEU D 109 -21.24 20.42 86.77
CA LEU D 109 -22.57 20.26 87.36
C LEU D 109 -23.46 19.26 86.65
N TYR D 110 -23.33 19.16 85.33
CA TYR D 110 -24.03 18.09 84.58
C TYR D 110 -23.47 16.72 84.94
N ASP D 111 -22.16 16.62 85.04
CA ASP D 111 -21.54 15.38 85.50
C ASP D 111 -22.07 14.97 86.87
N LEU D 112 -22.10 15.92 87.79
CA LEU D 112 -22.43 15.63 89.19
C LEU D 112 -23.91 15.33 89.41
N ALA D 113 -24.78 16.13 88.80
CA ALA D 113 -26.22 15.92 88.90
C ALA D 113 -26.61 14.58 88.29
N GLY D 114 -25.98 14.24 87.16
CA GLY D 114 -26.21 12.92 86.54
C GLY D 114 -25.75 11.76 87.41
N LYS D 115 -24.61 11.94 88.08
CA LYS D 115 -24.14 10.93 89.01
C LYS D 115 -25.05 10.80 90.24
N GLN D 116 -25.56 11.92 90.74
CA GLN D 116 -26.49 11.88 91.87
C GLN D 116 -27.75 11.11 91.53
N LEU D 117 -28.26 11.34 90.32
CA LEU D 117 -29.55 10.79 89.92
C LEU D 117 -29.39 9.45 89.20
N GLY D 118 -28.17 9.06 88.89
CA GLY D 118 -27.94 7.84 88.13
C GLY D 118 -28.37 7.93 86.66
N VAL D 119 -28.26 9.10 86.05
CA VAL D 119 -28.68 9.23 84.64
C VAL D 119 -27.58 9.88 83.82
N PRO D 120 -27.43 9.46 82.55
CA PRO D 120 -26.51 10.14 81.63
C PRO D 120 -26.89 11.60 81.45
N ALA D 121 -25.90 12.48 81.38
CA ALA D 121 -26.15 13.92 81.29
C ALA D 121 -27.04 14.33 80.11
N TYR D 122 -27.03 13.59 79.01
CA TYR D 122 -27.88 14.00 77.88
C TYR D 122 -29.38 14.11 78.23
N LYS D 123 -29.84 13.21 79.09
CA LYS D 123 -31.22 13.26 79.59
C LYS D 123 -31.42 14.56 80.36
N LEU D 124 -30.37 15.08 80.98
CA LEU D 124 -30.49 16.27 81.80
C LEU D 124 -30.39 17.49 80.91
N MET D 125 -30.11 17.26 79.61
CA MET D 125 -29.95 18.34 78.64
C MET D 125 -31.20 18.42 77.74
N GLY D 126 -32.28 17.74 78.14
CA GLY D 126 -33.47 17.58 77.30
C GLY D 126 -33.75 16.20 76.71
N GLY D 127 -32.73 15.35 76.61
CA GLY D 127 -32.94 13.98 76.08
C GLY D 127 -32.39 13.78 74.68
N ALA D 128 -32.00 12.55 74.35
CA ALA D 128 -31.42 12.25 73.05
C ALA D 128 -32.44 12.59 71.98
N GLN D 129 -31.99 13.23 70.91
CA GLN D 129 -32.86 13.59 69.80
C GLN D 129 -32.25 13.15 68.47
N LYS D 130 -31.18 12.37 68.54
CA LYS D 130 -30.69 11.70 67.35
C LYS D 130 -30.42 10.24 67.59
N ALA D 131 -30.49 9.49 66.49
CA ALA D 131 -30.27 8.06 66.51
C ALA D 131 -28.81 7.76 66.83
N GLN D 132 -27.93 8.62 66.32
CA GLN D 132 -26.49 8.36 66.29
C GLN D 132 -25.72 9.66 66.45
N LEU D 133 -24.55 9.60 67.05
CA LEU D 133 -23.63 10.74 67.01
C LEU D 133 -22.59 10.57 65.93
N THR D 134 -22.63 11.45 64.92
CA THR D 134 -21.74 11.42 63.78
C THR D 134 -20.87 12.69 63.70
N PRO D 135 -19.66 12.63 64.25
CA PRO D 135 -18.84 13.83 64.37
C PRO D 135 -18.19 14.16 63.04
N TYR D 136 -17.69 15.39 62.89
CA TYR D 136 -16.64 15.62 61.91
C TYR D 136 -15.35 15.64 62.71
N PHE D 137 -14.32 14.96 62.19
CA PHE D 137 -13.05 14.87 62.90
C PHE D 137 -12.03 15.90 62.43
N THR D 138 -11.56 16.71 63.37
CA THR D 138 -10.58 17.72 63.09
C THR D 138 -9.21 17.04 62.93
N LEU D 139 -8.56 17.28 61.80
CA LEU D 139 -7.26 16.68 61.57
C LEU D 139 -6.20 17.77 61.53
N TYR D 140 -5.27 17.69 62.47
CA TYR D 140 -4.17 18.63 62.57
C TYR D 140 -2.86 17.85 62.46
N PRO D 141 -2.07 18.12 61.42
CA PRO D 141 -0.87 17.29 61.20
C PRO D 141 0.25 17.66 62.19
N SER D 142 1.14 16.72 62.51
CA SER D 142 2.31 17.06 63.32
C SER D 142 3.52 17.42 62.46
N VAL D 143 3.81 18.70 62.32
CA VAL D 143 4.84 19.15 61.37
C VAL D 143 5.73 20.20 62.01
N ALA D 144 6.95 20.32 61.51
CA ALA D 144 7.85 21.37 61.98
C ALA D 144 7.33 22.75 61.58
N ALA D 145 7.78 23.78 62.29
CA ALA D 145 7.57 25.16 61.87
C ALA D 145 8.31 25.34 60.56
N ASP D 146 7.88 26.30 59.75
CA ASP D 146 8.54 26.47 58.46
C ASP D 146 8.35 25.25 57.53
N ALA D 147 7.42 24.36 57.86
CA ALA D 147 7.12 23.24 56.97
C ALA D 147 6.49 23.77 55.68
N THR D 148 6.83 23.18 54.54
CA THR D 148 6.22 23.63 53.28
C THR D 148 4.82 23.07 53.14
N LEU D 149 4.05 23.71 52.27
CA LEU D 149 2.69 23.29 52.01
C LEU D 149 2.70 21.85 51.55
N SER D 150 3.66 21.50 50.70
CA SER D 150 3.75 20.11 50.20
C SER D 150 4.02 19.12 51.31
N GLU D 151 4.91 19.48 52.24
CA GLU D 151 5.25 18.66 53.38
C GLU D 151 4.07 18.46 54.34
N ILE D 152 3.26 19.50 54.46
CA ILE D 152 2.07 19.44 55.28
C ILE D 152 1.05 18.47 54.66
N VAL D 153 0.85 18.57 53.35
CA VAL D 153 -0.06 17.65 52.69
C VAL D 153 0.42 16.22 52.91
N GLU D 154 1.72 15.99 52.74
CA GLU D 154 2.28 14.66 52.95
C GLU D 154 2.05 14.18 54.37
N ALA D 155 2.09 15.07 55.35
CA ALA D 155 1.74 14.66 56.71
C ALA D 155 0.22 14.50 56.93
N TYR D 156 -0.59 15.05 56.03
CA TYR D 156 -2.03 14.81 56.12
C TYR D 156 -2.44 13.41 55.62
N LYS D 157 -1.64 12.85 54.73
CA LYS D 157 -2.03 11.60 54.07
C LYS D 157 -2.30 10.44 55.03
N PRO D 158 -1.42 10.22 56.02
CA PRO D 158 -1.75 9.14 56.95
C PRO D 158 -2.99 9.43 57.81
N LEU D 159 -3.21 10.68 58.19
CA LEU D 159 -4.35 11.03 59.03
C LEU D 159 -5.62 10.78 58.25
N ILE D 160 -5.65 11.29 57.01
CA ILE D 160 -6.82 11.13 56.18
C ILE D 160 -7.09 9.65 55.90
N ALA D 161 -6.06 8.86 55.62
CA ALA D 161 -6.26 7.42 55.46
C ALA D 161 -6.81 6.74 56.73
N LYS D 162 -6.34 7.16 57.88
CA LYS D 162 -6.88 6.64 59.13
C LYS D 162 -8.36 7.01 59.30
N ALA D 163 -8.73 8.23 58.94
CA ALA D 163 -10.14 8.62 58.95
C ALA D 163 -10.98 7.71 58.08
N LYS D 164 -10.51 7.40 56.88
CA LYS D 164 -11.28 6.56 55.97
C LYS D 164 -11.48 5.18 56.57
N GLU D 165 -10.42 4.65 57.20
CA GLU D 165 -10.45 3.32 57.77
C GLU D 165 -11.48 3.27 58.88
N ARG D 166 -11.69 4.39 59.55
CA ARG D 166 -12.69 4.41 60.61
C ARG D 166 -14.06 4.76 60.05
N GLY D 167 -14.12 5.04 58.75
CA GLY D 167 -15.40 5.29 58.07
C GLY D 167 -15.97 6.69 58.32
N ALA D 168 -15.09 7.63 58.64
CA ALA D 168 -15.51 8.98 58.99
C ALA D 168 -16.36 9.59 57.89
N LYS D 169 -17.41 10.33 58.25
CA LYS D 169 -18.25 11.02 57.27
C LYS D 169 -17.72 12.40 56.89
N ALA D 170 -16.76 12.93 57.64
CA ALA D 170 -16.39 14.33 57.46
C ALA D 170 -15.09 14.60 58.21
N VAL D 171 -14.22 15.38 57.59
CA VAL D 171 -13.03 15.79 58.33
C VAL D 171 -12.78 17.26 58.09
N LYS D 172 -12.03 17.86 59.00
CA LYS D 172 -11.67 19.26 58.84
C LYS D 172 -10.15 19.36 58.72
N VAL D 173 -9.67 20.12 57.73
CA VAL D 173 -8.25 20.33 57.53
C VAL D 173 -7.98 21.78 57.86
N CYS D 174 -6.72 22.10 58.15
CA CYS D 174 -6.33 23.44 58.56
C CYS D 174 -5.38 24.07 57.55
N ILE D 175 -5.38 25.40 57.52
CA ILE D 175 -4.32 26.17 56.91
C ILE D 175 -3.41 26.63 58.05
N ILE D 176 -2.27 25.98 58.23
CA ILE D 176 -1.26 26.48 59.17
C ILE D 176 -0.90 27.92 58.79
N PRO D 177 -0.93 28.85 59.77
CA PRO D 177 -0.67 30.27 59.50
C PRO D 177 0.69 30.44 58.86
N ASN D 178 0.74 31.17 57.75
CA ASN D 178 1.89 31.17 56.88
C ASN D 178 1.79 32.35 55.93
N ASP D 179 2.50 33.42 56.25
CA ASP D 179 2.34 34.67 55.51
C ASP D 179 3.32 34.70 54.36
N LYS D 180 4.13 33.67 54.26
CA LYS D 180 5.13 33.58 53.20
C LYS D 180 4.56 32.90 51.97
N VAL D 181 3.25 32.67 51.99
CA VAL D 181 2.64 31.85 50.97
C VAL D 181 1.39 32.55 50.46
N SER D 182 1.15 32.49 49.16
CA SER D 182 0.13 33.33 48.55
C SER D 182 -1.21 32.62 48.57
N ASP D 183 -2.28 33.35 48.25
CA ASP D 183 -3.59 32.73 48.18
C ASP D 183 -3.70 31.73 47.05
N LYS D 184 -2.98 31.97 45.96
CA LYS D 184 -2.93 31.04 44.83
C LYS D 184 -2.37 29.70 45.30
N GLU D 185 -1.31 29.78 46.09
CA GLU D 185 -0.69 28.59 46.63
C GLU D 185 -1.61 27.90 47.65
N ILE D 186 -2.43 28.67 48.38
CA ILE D 186 -3.42 28.08 49.29
C ILE D 186 -4.51 27.38 48.47
N VAL D 187 -4.95 27.99 47.37
CA VAL D 187 -5.91 27.31 46.50
C VAL D 187 -5.40 25.92 46.08
N ALA D 188 -4.16 25.82 45.60
CA ALA D 188 -3.59 24.55 45.12
C ALA D 188 -3.48 23.55 46.28
N TYR D 189 -2.99 24.02 47.41
CA TYR D 189 -2.99 23.25 48.65
C TYR D 189 -4.34 22.61 48.97
N LEU D 190 -5.42 23.39 48.92
CA LEU D 190 -6.73 22.87 49.35
C LEU D 190 -7.34 21.93 48.30
N ARG D 191 -7.09 22.24 47.03
CA ARG D 191 -7.43 21.33 45.93
C ARG D 191 -6.73 19.99 46.13
N GLU D 192 -5.43 20.02 46.43
CA GLU D 192 -4.69 18.77 46.62
C GLU D 192 -5.32 17.97 47.77
N LEU D 193 -5.67 18.65 48.85
CA LEU D 193 -6.27 18.01 50.01
C LEU D 193 -7.61 17.36 49.69
N ARG D 194 -8.39 17.99 48.82
CA ARG D 194 -9.64 17.36 48.41
C ARG D 194 -9.42 16.10 47.55
N GLU D 195 -8.47 16.18 46.61
CA GLU D 195 -8.08 14.99 45.85
C GLU D 195 -7.68 13.88 46.83
N VAL D 196 -7.02 14.24 47.93
CA VAL D 196 -6.58 13.19 48.86
C VAL D 196 -7.75 12.71 49.73
N ILE D 197 -8.64 13.63 50.07
CA ILE D 197 -9.80 13.26 50.88
C ILE D 197 -10.80 12.45 50.06
N GLY D 198 -10.85 12.71 48.76
CA GLY D 198 -11.82 12.04 47.88
C GLY D 198 -13.21 12.64 48.04
N TRP D 199 -14.17 12.04 47.36
CA TRP D 199 -15.49 12.65 47.28
C TRP D 199 -16.55 11.89 48.10
N ASP D 200 -16.14 10.97 48.98
CA ASP D 200 -17.10 10.31 49.89
C ASP D 200 -17.15 10.85 51.31
N MET D 201 -16.28 11.80 51.63
CA MET D 201 -16.32 12.46 52.92
C MET D 201 -16.58 13.93 52.67
N ASP D 202 -17.41 14.55 53.52
CA ASP D 202 -17.48 16.00 53.59
C ASP D 202 -16.15 16.60 54.03
N MET D 203 -15.80 17.76 53.45
CA MET D 203 -14.51 18.39 53.75
C MET D 203 -14.75 19.79 54.32
N MET D 204 -14.23 20.05 55.50
CA MET D 204 -14.32 21.37 56.11
C MET D 204 -12.93 21.96 56.15
N VAL D 205 -12.85 23.29 56.19
CA VAL D 205 -11.58 23.99 56.22
C VAL D 205 -11.55 24.99 57.36
N ASP D 206 -10.48 24.94 58.12
CA ASP D 206 -10.25 25.91 59.17
C ASP D 206 -9.13 26.83 58.74
N CYS D 207 -9.49 28.10 58.51
CA CYS D 207 -8.58 29.07 57.93
C CYS D 207 -7.61 29.67 58.94
N LEU D 208 -7.83 29.39 60.22
CA LEU D 208 -6.99 29.92 61.29
C LEU D 208 -6.75 31.42 61.12
N TYR D 209 -7.81 32.16 60.81
CA TYR D 209 -7.77 33.64 60.77
C TYR D 209 -6.75 34.23 59.80
N ARG D 210 -6.51 33.55 58.69
CA ARG D 210 -5.54 34.04 57.71
C ARG D 210 -5.90 35.41 57.13
N TRP D 211 -7.18 35.65 56.87
CA TRP D 211 -7.57 36.79 56.05
C TRP D 211 -8.04 37.98 56.88
N THR D 212 -7.87 39.16 56.30
CA THR D 212 -8.35 40.40 56.89
C THR D 212 -9.30 41.04 55.88
N ASP D 213 -8.95 40.98 54.59
CA ASP D 213 -9.78 41.57 53.51
C ASP D 213 -10.83 40.56 53.02
N TRP D 214 -12.11 40.80 53.27
CA TRP D 214 -13.13 39.88 52.79
C TRP D 214 -13.09 39.64 51.27
N GLN D 215 -12.65 40.63 50.48
CA GLN D 215 -12.60 40.46 49.03
C GLN D 215 -11.48 39.49 48.61
N LYS D 216 -10.46 39.37 49.45
CA LYS D 216 -9.35 38.44 49.24
C LYS D 216 -9.76 36.98 49.59
N ALA D 217 -10.51 36.83 50.68
CA ALA D 217 -11.17 35.56 51.00
C ALA D 217 -12.12 35.13 49.88
N ARG D 218 -12.90 36.09 49.41
CA ARG D 218 -13.88 35.87 48.35
C ARG D 218 -13.25 35.29 47.08
N TRP D 219 -12.12 35.86 46.68
CA TRP D 219 -11.40 35.37 45.51
C TRP D 219 -10.98 33.92 45.73
N THR D 220 -10.37 33.67 46.88
CA THR D 220 -9.95 32.32 47.23
C THR D 220 -11.06 31.28 47.16
N PHE D 221 -12.20 31.56 47.77
CA PHE D 221 -13.20 30.51 47.86
C PHE D 221 -14.07 30.44 46.62
N ARG D 222 -13.99 31.49 45.80
CA ARG D 222 -14.48 31.43 44.42
C ARG D 222 -13.70 30.39 43.61
N GLN D 223 -12.37 30.45 43.66
CA GLN D 223 -11.56 29.48 42.94
C GLN D 223 -11.90 28.08 43.43
N LEU D 224 -12.25 27.95 44.72
CA LEU D 224 -12.41 26.63 45.30
C LEU D 224 -13.83 26.06 45.30
N GLU D 225 -14.74 26.72 44.59
CA GLU D 225 -16.13 26.27 44.56
C GLU D 225 -16.22 24.84 44.08
N ASP D 226 -15.28 24.46 43.22
CA ASP D 226 -15.32 23.10 42.66
C ASP D 226 -14.84 22.00 43.60
N ILE D 227 -14.13 22.35 44.67
CA ILE D 227 -13.84 21.33 45.68
C ILE D 227 -14.99 21.14 46.70
N ASP D 228 -16.04 21.94 46.56
CA ASP D 228 -17.28 21.70 47.32
C ASP D 228 -17.07 21.63 48.83
N LEU D 229 -16.57 22.72 49.42
CA LEU D 229 -16.34 22.74 50.87
C LEU D 229 -17.69 22.73 51.59
N TYR D 230 -17.79 21.93 52.64
CA TYR D 230 -18.98 21.92 53.49
C TYR D 230 -19.08 23.22 54.30
N PHE D 231 -17.98 23.65 54.89
CA PHE D 231 -17.95 24.94 55.55
C PHE D 231 -16.55 25.53 55.58
N ILE D 232 -16.48 26.84 55.82
CA ILE D 232 -15.23 27.61 55.87
C ILE D 232 -15.23 28.36 57.20
N GLU D 233 -14.25 28.05 58.06
CA GLU D 233 -14.21 28.48 59.45
C GLU D 233 -13.08 29.49 59.64
N ALA D 234 -13.28 30.44 60.57
CA ALA D 234 -12.20 31.32 61.03
C ALA D 234 -11.54 32.01 59.86
N CYS D 235 -12.36 32.42 58.90
CA CYS D 235 -11.82 32.95 57.67
C CYS D 235 -11.30 34.36 57.90
N LEU D 236 -12.11 35.21 58.51
CA LEU D 236 -11.71 36.60 58.73
C LEU D 236 -11.46 36.85 60.21
N GLN D 237 -10.93 38.03 60.53
CA GLN D 237 -10.71 38.40 61.93
C GLN D 237 -12.00 38.32 62.76
N HIS D 238 -11.86 37.82 63.97
CA HIS D 238 -13.00 37.51 64.82
C HIS D 238 -13.94 38.69 65.12
N ASP D 239 -13.38 39.88 65.30
CA ASP D 239 -14.21 41.07 65.49
C ASP D 239 -14.90 41.59 64.25
N ASP D 240 -14.44 41.19 63.06
CA ASP D 240 -14.94 41.82 61.84
C ASP D 240 -16.26 41.24 61.34
N LEU D 241 -17.35 41.64 62.00
CA LEU D 241 -18.69 41.18 61.65
C LEU D 241 -19.12 41.60 60.26
N ILE D 242 -18.88 42.85 59.88
CA ILE D 242 -19.32 43.35 58.58
C ILE D 242 -18.61 42.61 57.42
N GLY D 243 -17.32 42.35 57.59
CA GLY D 243 -16.58 41.49 56.66
C GLY D 243 -17.21 40.13 56.49
N HIS D 244 -17.51 39.46 57.61
CA HIS D 244 -18.14 38.12 57.55
C HIS D 244 -19.47 38.17 56.81
N GLN D 245 -20.27 39.19 57.09
CA GLN D 245 -21.59 39.26 56.47
C GLN D 245 -21.51 39.46 54.93
N LYS D 246 -20.53 40.23 54.47
CA LYS D 246 -20.34 40.40 53.04
C LYS D 246 -19.80 39.10 52.40
N LEU D 247 -18.88 38.43 53.08
CA LEU D 247 -18.36 37.19 52.57
C LEU D 247 -19.44 36.10 52.55
N ALA D 248 -20.16 35.93 53.67
CA ALA D 248 -21.26 34.95 53.73
C ALA D 248 -22.28 35.11 52.62
N ALA D 249 -22.65 36.35 52.31
CA ALA D 249 -23.60 36.64 51.23
C ALA D 249 -22.99 36.33 49.86
N ALA D 250 -21.66 36.36 49.78
CA ALA D 250 -21.03 36.29 48.46
C ALA D 250 -20.68 34.86 48.02
N ILE D 251 -20.36 34.01 48.98
CA ILE D 251 -19.97 32.62 48.69
C ILE D 251 -21.19 31.71 48.53
N ASN D 252 -20.95 30.45 48.17
CA ASN D 252 -22.03 29.52 47.94
C ASN D 252 -22.10 28.33 48.91
N THR D 253 -21.34 28.35 50.01
CA THR D 253 -21.58 27.40 51.12
C THR D 253 -21.68 28.08 52.46
N ARG D 254 -21.40 27.28 53.49
CA ARG D 254 -21.51 27.71 54.89
C ARG D 254 -20.25 28.44 55.35
N LEU D 255 -20.44 29.66 55.86
CA LEU D 255 -19.43 30.34 56.68
C LEU D 255 -19.64 30.08 58.18
N CYS D 256 -18.57 29.83 58.91
CA CYS D 256 -18.65 29.64 60.35
C CYS D 256 -18.20 30.89 61.06
N GLY D 257 -18.54 31.00 62.34
CA GLY D 257 -18.02 32.06 63.17
C GLY D 257 -18.30 31.87 64.63
N ALA D 258 -17.78 32.79 65.44
CA ALA D 258 -18.04 32.84 66.87
C ALA D 258 -17.25 31.80 67.65
N GLU D 259 -16.21 31.23 67.03
CA GLU D 259 -15.31 30.27 67.67
C GLU D 259 -14.75 30.75 69.02
N MET D 260 -14.37 32.02 69.09
CA MET D 260 -13.71 32.55 70.28
C MET D 260 -14.69 33.30 71.20
N SER D 261 -15.93 33.46 70.74
CA SER D 261 -16.94 34.26 71.42
C SER D 261 -17.41 33.66 72.76
N THR D 262 -18.00 34.48 73.61
CA THR D 262 -18.62 33.97 74.82
C THR D 262 -20.03 34.53 75.00
N THR D 263 -20.91 33.69 75.53
CA THR D 263 -22.32 34.03 75.80
C THR D 263 -23.23 34.01 74.58
N ARG D 264 -24.49 33.76 74.85
CA ARG D 264 -25.52 33.79 73.85
C ARG D 264 -25.69 35.17 73.21
N PHE D 265 -25.33 36.22 73.96
CA PHE D 265 -25.43 37.59 73.43
C PHE D 265 -24.49 37.79 72.24
N GLU D 266 -23.30 37.24 72.30
CA GLU D 266 -22.41 37.39 71.14
C GLU D 266 -22.82 36.47 69.99
N ALA D 267 -23.14 35.20 70.29
CA ALA D 267 -23.52 34.26 69.25
C ALA D 267 -24.73 34.81 68.50
N GLN D 268 -25.59 35.50 69.23
CA GLN D 268 -26.79 36.05 68.65
C GLN D 268 -26.47 37.26 67.75
N GLU D 269 -25.54 38.11 68.18
CA GLU D 269 -25.05 39.20 67.33
C GLU D 269 -24.38 38.69 66.02
N TRP D 270 -23.54 37.68 66.09
CA TRP D 270 -23.00 37.04 64.88
C TRP D 270 -24.14 36.63 63.91
N LEU D 271 -25.11 35.92 64.45
CA LEU D 271 -26.20 35.36 63.63
C LEU D 271 -27.00 36.45 62.92
N GLU D 272 -27.38 37.47 63.69
CA GLU D 272 -28.19 38.60 63.24
C GLU D 272 -27.45 39.40 62.18
N LYS D 273 -26.18 39.69 62.45
CA LYS D 273 -25.42 40.65 61.68
C LYS D 273 -24.72 40.01 60.48
N THR D 274 -24.26 38.77 60.63
CA THR D 274 -23.45 38.17 59.58
C THR D 274 -24.14 37.09 58.74
N GLY D 275 -25.15 36.42 59.31
CA GLY D 275 -25.76 35.26 58.65
C GLY D 275 -24.81 34.07 58.49
N ILE D 276 -23.87 33.90 59.42
CA ILE D 276 -23.11 32.67 59.45
C ILE D 276 -24.09 31.49 59.60
N SER D 277 -23.71 30.34 59.06
CA SER D 277 -24.57 29.16 59.06
C SER D 277 -24.11 28.11 60.07
N VAL D 278 -22.95 28.34 60.68
CA VAL D 278 -22.42 27.46 61.72
C VAL D 278 -21.86 28.30 62.86
N VAL D 279 -22.42 28.15 64.06
CA VAL D 279 -21.92 28.85 65.24
C VAL D 279 -20.98 27.89 65.98
N GLN D 280 -19.82 28.38 66.43
CA GLN D 280 -18.82 27.53 67.07
C GLN D 280 -18.43 27.85 68.53
N SER D 281 -19.29 28.57 69.26
CA SER D 281 -19.10 28.75 70.72
C SER D 281 -18.63 27.46 71.40
N ASP D 282 -17.63 27.60 72.28
CA ASP D 282 -16.85 26.50 72.83
C ASP D 282 -17.42 26.01 74.19
N TYR D 283 -17.53 24.70 74.39
CA TYR D 283 -18.08 24.12 75.63
C TYR D 283 -17.40 24.71 76.86
N ASN D 284 -16.10 24.95 76.76
CA ASN D 284 -15.33 25.31 77.94
C ASN D 284 -14.93 26.80 77.93
N ARG D 285 -15.61 27.59 77.09
CA ARG D 285 -15.40 29.06 76.99
C ARG D 285 -16.70 29.88 77.15
N CYS D 286 -17.75 29.46 76.47
CA CYS D 286 -18.84 30.37 76.12
C CYS D 286 -19.83 30.56 77.26
N GLY D 287 -19.73 29.75 78.30
CA GLY D 287 -20.69 29.77 79.38
C GLY D 287 -21.02 28.36 79.83
N GLY D 288 -20.74 27.40 78.95
CA GLY D 288 -21.04 25.99 79.23
C GLY D 288 -22.28 25.47 78.56
N VAL D 289 -22.60 24.22 78.87
CA VAL D 289 -23.74 23.51 78.30
C VAL D 289 -25.05 24.27 78.46
N THR D 290 -25.28 24.80 79.66
CA THR D 290 -26.47 25.56 79.95
C THR D 290 -26.63 26.72 78.96
N GLU D 291 -25.53 27.42 78.67
CA GLU D 291 -25.60 28.53 77.74
C GLU D 291 -25.62 28.04 76.29
N LEU D 292 -24.95 26.93 76.02
CA LEU D 292 -25.03 26.31 74.69
C LEU D 292 -26.46 25.89 74.33
N LEU D 293 -27.21 25.41 75.32
CA LEU D 293 -28.60 25.07 75.07
C LEU D 293 -29.42 26.31 74.66
N ARG D 294 -29.10 27.47 75.20
CA ARG D 294 -29.81 28.70 74.82
C ARG D 294 -29.36 29.15 73.43
N ILE D 295 -28.07 28.98 73.15
CA ILE D 295 -27.54 29.33 71.83
C ILE D 295 -28.14 28.39 70.79
N MET D 296 -28.43 27.15 71.18
CA MET D 296 -28.99 26.15 70.26
C MET D 296 -30.40 26.60 69.82
N ASP D 297 -31.22 27.05 70.78
CA ASP D 297 -32.56 27.56 70.45
C ASP D 297 -32.49 28.80 69.55
N ILE D 298 -31.51 29.66 69.77
CA ILE D 298 -31.33 30.81 68.88
C ILE D 298 -30.84 30.39 67.47
N CYS D 299 -29.89 29.46 67.41
CA CYS D 299 -29.48 28.91 66.13
C CYS D 299 -30.68 28.33 65.37
N GLU D 300 -31.55 27.61 66.07
CA GLU D 300 -32.75 27.04 65.44
C GLU D 300 -33.59 28.10 64.74
N HIS D 301 -33.87 29.20 65.43
CA HIS D 301 -34.65 30.30 64.86
C HIS D 301 -34.00 30.77 63.55
N HIS D 302 -32.67 30.88 63.53
CA HIS D 302 -31.97 31.38 62.35
C HIS D 302 -31.64 30.31 61.28
N ASN D 303 -32.07 29.07 61.51
CA ASN D 303 -31.68 27.92 60.68
C ASN D 303 -30.15 27.80 60.52
N ALA D 304 -29.44 28.00 61.62
CA ALA D 304 -28.01 27.85 61.64
C ALA D 304 -27.73 26.59 62.42
N GLN D 305 -26.60 25.96 62.14
CA GLN D 305 -26.16 24.85 62.97
C GLN D 305 -25.25 25.31 64.12
N LEU D 306 -25.17 24.48 65.15
CA LEU D 306 -24.31 24.75 66.28
C LEU D 306 -23.31 23.61 66.39
N MET D 307 -22.03 23.91 66.14
CA MET D 307 -20.98 22.90 66.19
C MET D 307 -19.86 23.44 67.07
N PRO D 308 -20.00 23.26 68.39
CA PRO D 308 -19.12 23.96 69.34
C PRO D 308 -17.67 23.56 69.19
N HIS D 309 -16.78 24.56 69.30
CA HIS D 309 -15.34 24.33 69.21
C HIS D 309 -14.92 23.31 70.29
N ASN D 310 -14.19 22.28 69.86
CA ASN D 310 -13.88 21.14 70.70
C ASN D 310 -12.45 20.68 70.49
N TRP D 311 -11.51 21.34 71.17
CA TRP D 311 -10.12 20.95 71.14
C TRP D 311 -9.46 21.12 72.50
N LYS D 312 -9.72 20.19 73.39
CA LYS D 312 -9.14 20.22 74.73
C LYS D 312 -8.79 18.81 75.14
N THR D 313 -9.51 18.32 76.15
CA THR D 313 -9.22 17.04 76.76
C THR D 313 -10.39 16.07 76.56
N GLY D 314 -10.27 14.83 77.03
CA GLY D 314 -11.38 13.88 76.95
C GLY D 314 -12.59 14.27 77.78
N ILE D 315 -12.39 15.15 78.77
CA ILE D 315 -13.48 15.72 79.56
C ILE D 315 -14.45 16.51 78.68
N THR D 316 -13.94 17.50 77.95
CA THR D 316 -14.75 18.20 76.95
C THR D 316 -15.35 17.23 75.93
N ALA D 317 -14.57 16.22 75.53
CA ALA D 317 -15.06 15.26 74.53
C ALA D 317 -16.36 14.61 75.00
N ALA D 318 -16.42 14.29 76.29
CA ALA D 318 -17.60 13.67 76.86
C ALA D 318 -18.78 14.63 76.84
N ALA D 319 -18.53 15.90 77.11
CA ALA D 319 -19.57 16.89 77.03
C ALA D 319 -20.07 16.98 75.58
N ALA D 320 -19.14 16.93 74.63
CA ALA D 320 -19.52 16.95 73.22
C ALA D 320 -20.34 15.72 72.80
N ARG D 321 -20.02 14.56 73.37
CA ARG D 321 -20.85 13.37 73.12
C ARG D 321 -22.29 13.55 73.63
N HIS D 322 -22.45 14.01 74.87
CA HIS D 322 -23.77 14.28 75.43
C HIS D 322 -24.52 15.41 74.76
N PHE D 323 -23.88 16.55 74.55
CA PHE D 323 -24.53 17.65 73.85
C PHE D 323 -24.81 17.27 72.40
N GLY D 324 -23.88 16.54 71.80
CA GLY D 324 -24.00 16.17 70.41
C GLY D 324 -25.22 15.33 70.13
N ILE D 325 -25.60 14.45 71.06
CA ILE D 325 -26.76 13.57 70.84
C ILE D 325 -28.06 14.32 71.08
N VAL D 326 -27.95 15.50 71.69
CA VAL D 326 -29.09 16.35 72.00
C VAL D 326 -29.34 17.42 70.92
N CYS D 327 -28.27 17.80 70.22
CA CYS D 327 -28.32 18.97 69.36
C CYS D 327 -28.87 18.59 67.99
N HIS D 328 -30.17 18.37 67.93
CA HIS D 328 -30.83 17.92 66.72
C HIS D 328 -30.65 18.80 65.51
N ILE D 329 -30.32 20.08 65.70
CA ILE D 329 -30.21 21.00 64.57
C ILE D 329 -28.92 20.80 63.77
N SER D 330 -27.99 20.03 64.32
CA SER D 330 -26.65 19.96 63.74
C SER D 330 -26.39 18.58 63.15
N GLU D 331 -25.92 18.55 61.91
CA GLU D 331 -25.65 17.30 61.21
C GLU D 331 -24.41 16.62 61.81
N TYR D 332 -23.43 17.44 62.18
CA TYR D 332 -22.20 16.93 62.78
C TYR D 332 -21.87 17.77 64.03
N VAL D 333 -20.97 17.26 64.87
CA VAL D 333 -20.24 18.16 65.78
C VAL D 333 -18.73 17.98 65.67
N GLU D 334 -17.97 18.96 66.09
CA GLU D 334 -16.52 18.85 66.03
C GLU D 334 -16.03 17.84 67.07
N TYR D 335 -15.12 16.96 66.66
CA TYR D 335 -14.54 15.99 67.58
C TYR D 335 -13.03 15.84 67.40
N LEU D 336 -12.31 16.00 68.51
CA LEU D 336 -10.91 15.62 68.61
C LEU D 336 -10.82 14.21 69.20
N HIS D 337 -10.45 13.26 68.36
CA HIS D 337 -10.37 11.87 68.78
C HIS D 337 -8.90 11.47 68.85
N PRO D 338 -8.54 10.67 69.86
CA PRO D 338 -7.17 10.18 70.00
C PRO D 338 -6.58 9.42 68.80
N ASP D 339 -7.39 8.91 67.88
CA ASP D 339 -6.81 8.24 66.72
C ASP D 339 -6.09 9.23 65.79
N PHE D 340 -6.34 10.52 66.01
CA PHE D 340 -5.91 11.56 65.07
C PHE D 340 -4.95 12.56 65.69
N TRP D 341 -4.65 12.38 66.97
CA TRP D 341 -3.86 13.38 67.68
C TRP D 341 -3.13 12.72 68.81
N ASN D 342 -1.82 12.94 68.82
CA ASN D 342 -0.93 12.34 69.79
C ASN D 342 -0.68 13.17 71.05
N GLY D 343 -1.43 14.24 71.25
CA GLY D 343 -1.27 15.03 72.48
C GLY D 343 -1.28 14.16 73.72
N THR D 344 -0.47 14.53 74.70
CA THR D 344 -0.36 13.77 75.94
C THR D 344 -1.67 13.72 76.71
N LEU D 345 -2.28 14.88 76.93
CA LEU D 345 -3.57 14.94 77.63
C LEU D 345 -4.64 14.15 76.88
N THR D 346 -4.66 14.32 75.56
CA THR D 346 -5.55 13.58 74.67
C THR D 346 -5.33 12.08 74.77
N GLN D 347 -4.09 11.64 74.90
CA GLN D 347 -3.84 10.19 74.92
C GLN D 347 -4.01 9.59 76.31
N GLN D 348 -3.83 10.40 77.35
CA GLN D 348 -3.60 9.81 78.67
C GLN D 348 -4.50 10.29 79.79
N LEU D 349 -5.18 11.42 79.61
CA LEU D 349 -5.89 12.02 80.74
C LEU D 349 -7.13 11.24 81.12
N THR D 350 -7.80 10.69 80.12
CA THR D 350 -8.97 9.86 80.35
C THR D 350 -8.77 8.45 79.82
N LEU D 351 -9.60 7.52 80.27
CA LEU D 351 -9.46 6.12 79.88
C LEU D 351 -10.66 5.64 79.07
N ASN D 352 -10.43 4.63 78.24
CA ASN D 352 -11.51 3.92 77.59
C ASN D 352 -12.34 4.88 76.74
N GLU D 353 -11.66 5.72 75.96
CA GLU D 353 -12.36 6.61 75.03
C GLU D 353 -13.15 5.79 74.03
N PRO D 354 -14.40 6.20 73.75
CA PRO D 354 -15.19 5.52 72.74
C PRO D 354 -14.51 5.46 71.37
N LYS D 355 -14.60 4.31 70.72
CA LYS D 355 -14.03 4.15 69.40
C LYS D 355 -14.96 4.68 68.28
N ILE D 356 -14.35 5.02 67.15
CA ILE D 356 -15.08 5.36 65.95
C ILE D 356 -15.41 4.11 65.15
N ILE D 357 -16.68 3.94 64.81
CA ILE D 357 -17.12 2.79 64.04
C ILE D 357 -18.06 3.27 62.98
N ASP D 358 -17.66 3.10 61.72
CA ASP D 358 -18.44 3.56 60.60
C ASP D 358 -18.81 5.02 60.75
N GLY D 359 -17.89 5.79 61.33
CA GLY D 359 -18.05 7.24 61.36
C GLY D 359 -18.81 7.72 62.58
N ALA D 360 -19.21 6.79 63.44
CA ALA D 360 -20.05 7.13 64.59
C ALA D 360 -19.35 6.79 65.88
N ILE D 361 -19.63 7.57 66.93
CA ILE D 361 -19.15 7.18 68.25
C ILE D 361 -20.31 7.03 69.21
N GLU D 362 -20.31 5.93 69.95
CA GLU D 362 -21.35 5.67 70.95
C GLU D 362 -21.36 6.70 72.06
N VAL D 363 -22.56 7.12 72.44
CA VAL D 363 -22.75 7.94 73.62
C VAL D 363 -23.34 7.04 74.71
N SER D 364 -22.53 6.68 75.71
CA SER D 364 -22.96 5.69 76.68
C SER D 364 -24.07 6.23 77.58
N ASP D 365 -24.75 5.34 78.26
CA ASP D 365 -25.72 5.79 79.22
C ASP D 365 -25.16 5.70 80.64
N LYS D 366 -23.83 5.72 80.77
CA LYS D 366 -23.18 5.83 82.06
C LYS D 366 -23.62 7.14 82.72
N PRO D 367 -23.76 7.13 84.05
CA PRO D 367 -24.22 8.31 84.80
C PRO D 367 -23.40 9.57 84.50
N GLY D 368 -24.04 10.73 84.48
CA GLY D 368 -23.35 12.00 84.23
C GLY D 368 -22.74 12.07 82.83
N LEU D 369 -21.54 12.62 82.74
CA LEU D 369 -20.87 12.72 81.43
C LEU D 369 -20.15 11.45 81.02
N GLY D 370 -20.07 10.47 81.92
CA GLY D 370 -19.45 9.18 81.62
C GLY D 370 -17.94 9.25 81.55
N ILE D 371 -17.34 10.11 82.36
CA ILE D 371 -15.92 10.34 82.23
C ILE D 371 -15.18 9.32 83.09
N GLU D 372 -14.16 8.73 82.48
CA GLU D 372 -13.23 7.87 83.19
C GLU D 372 -11.87 8.52 83.27
N LEU D 373 -11.62 9.21 84.37
CA LEU D 373 -10.39 9.97 84.55
C LEU D 373 -9.25 9.03 84.93
N ASN D 374 -8.08 9.23 84.33
CA ASN D 374 -6.86 8.47 84.67
C ASN D 374 -6.26 9.08 85.94
N ILE D 375 -6.66 8.55 87.08
CA ILE D 375 -6.32 9.16 88.35
C ILE D 375 -4.82 9.09 88.55
N GLU D 376 -4.27 7.91 88.33
CA GLU D 376 -2.84 7.71 88.40
C GLU D 376 -2.13 8.84 87.69
N PHE D 377 -2.48 9.05 86.42
CA PHE D 377 -1.78 10.04 85.62
C PHE D 377 -1.91 11.43 86.23
N VAL D 378 -3.09 11.74 86.73
CA VAL D 378 -3.39 13.07 87.26
C VAL D 378 -2.66 13.31 88.58
N GLU D 379 -2.62 12.30 89.44
CA GLU D 379 -1.83 12.40 90.66
C GLU D 379 -0.35 12.53 90.35
N GLN D 380 0.10 11.86 89.28
CA GLN D 380 1.48 11.96 88.84
C GLN D 380 1.86 13.42 88.53
N VAL D 381 1.05 14.11 87.74
CA VAL D 381 1.45 15.43 87.25
C VAL D 381 1.07 16.60 88.15
N THR D 382 0.14 16.40 89.07
CA THR D 382 -0.24 17.47 89.99
C THR D 382 0.55 17.47 91.30
N GLY D 383 1.29 16.38 91.54
CA GLY D 383 2.02 16.23 92.79
C GLY D 383 1.08 15.96 93.96
N HIS D 384 -0.20 16.23 93.75
CA HIS D 384 -1.19 16.09 94.82
C HIS D 384 -2.20 14.96 94.54
N LYS D 385 -2.46 14.16 95.57
CA LYS D 385 -3.46 13.08 95.51
C LYS D 385 -4.89 13.56 95.22
N PHE D 386 -5.72 12.65 94.73
CA PHE D 386 -7.02 13.00 94.15
C PHE D 386 -8.16 12.43 94.98
N ALA E 5 -79.62 36.10 33.13
CA ALA E 5 -79.68 36.81 31.81
C ALA E 5 -78.50 37.77 31.65
N ASN E 6 -77.94 37.81 30.44
CA ASN E 6 -76.77 38.61 30.16
C ASN E 6 -77.08 40.09 29.89
N ILE E 7 -76.10 40.93 30.16
CA ILE E 7 -76.17 42.35 29.86
C ILE E 7 -76.27 42.58 28.35
N VAL E 8 -77.17 43.49 27.99
CA VAL E 8 -77.51 43.78 26.62
C VAL E 8 -77.12 45.22 26.23
N SER E 9 -77.06 46.11 27.21
CA SER E 9 -76.68 47.50 26.95
C SER E 9 -76.21 48.22 28.20
N VAL E 10 -75.41 49.26 27.96
CA VAL E 10 -74.96 50.17 28.97
C VAL E 10 -75.19 51.58 28.45
N GLU E 11 -75.72 52.43 29.31
CA GLU E 11 -75.97 53.81 28.95
C GLU E 11 -75.46 54.78 30.00
N PHE E 12 -74.67 55.76 29.56
CA PHE E 12 -74.30 56.87 30.45
C PHE E 12 -75.24 58.04 30.17
N ILE E 13 -76.01 58.42 31.19
CA ILE E 13 -77.03 59.46 31.03
C ILE E 13 -76.65 60.74 31.80
N PRO E 14 -76.10 61.73 31.09
CA PRO E 14 -75.73 62.98 31.75
C PRO E 14 -76.95 63.68 32.31
N VAL E 15 -76.79 64.26 33.49
CA VAL E 15 -77.86 64.96 34.17
C VAL E 15 -77.30 66.30 34.63
N ASN E 16 -77.75 67.36 33.98
CA ASN E 16 -77.29 68.70 34.32
C ASN E 16 -78.49 69.62 34.58
N VAL E 17 -78.64 70.04 35.84
CA VAL E 17 -79.71 70.97 36.20
C VAL E 17 -79.16 72.38 36.24
N ALA E 18 -79.70 73.25 35.39
CA ALA E 18 -79.26 74.66 35.34
C ALA E 18 -79.86 75.48 36.49
N SER E 23 -73.00 73.87 41.29
CA SER E 23 -73.49 73.23 40.07
C SER E 23 -73.99 71.82 40.38
N GLU E 24 -75.13 71.46 39.81
CA GLU E 24 -75.80 70.22 40.18
C GLU E 24 -75.80 69.26 39.01
N ASN E 25 -74.92 68.27 39.04
CA ASN E 25 -74.91 67.29 37.97
C ASN E 25 -74.39 65.92 38.36
N THR E 26 -74.78 64.92 37.58
CA THR E 26 -74.25 63.57 37.70
C THR E 26 -74.33 62.82 36.38
N VAL E 27 -73.77 61.62 36.32
CA VAL E 27 -73.94 60.78 35.16
C VAL E 27 -74.59 59.50 35.66
N ILE E 28 -75.80 59.23 35.19
CA ILE E 28 -76.48 58.02 35.56
C ILE E 28 -76.04 56.90 34.65
N VAL E 29 -75.68 55.77 35.23
CA VAL E 29 -75.27 54.61 34.46
C VAL E 29 -76.33 53.53 34.58
N LYS E 30 -76.91 53.19 33.44
CA LYS E 30 -77.99 52.23 33.33
C LYS E 30 -77.52 51.02 32.53
N VAL E 31 -77.54 49.86 33.19
CA VAL E 31 -77.16 48.60 32.58
C VAL E 31 -78.41 47.74 32.52
N THR E 32 -78.73 47.25 31.31
CA THR E 32 -79.99 46.58 31.04
C THR E 32 -79.69 45.17 30.55
N ASP E 33 -80.40 44.19 31.09
CA ASP E 33 -80.25 42.79 30.66
C ASP E 33 -81.25 42.37 29.57
N GLU E 34 -81.26 41.09 29.22
CA GLU E 34 -82.08 40.59 28.11
C GLU E 34 -83.59 40.58 28.36
N ASN E 35 -84.00 40.65 29.63
CA ASN E 35 -85.42 40.71 29.97
C ASN E 35 -85.89 42.13 30.22
N GLY E 36 -84.99 43.08 30.02
CA GLY E 36 -85.30 44.49 30.24
C GLY E 36 -85.22 44.94 31.70
N VAL E 37 -84.67 44.08 32.58
CA VAL E 37 -84.34 44.52 33.94
C VAL E 37 -83.08 45.38 33.85
N TYR E 38 -83.04 46.47 34.62
CA TYR E 38 -81.84 47.32 34.63
C TYR E 38 -81.25 47.56 36.02
N GLY E 39 -79.99 47.98 36.06
CA GLY E 39 -79.35 48.35 37.32
C GLY E 39 -78.88 49.78 37.18
N LEU E 40 -78.94 50.54 38.28
CA LEU E 40 -78.50 51.93 38.26
C LEU E 40 -77.25 52.14 39.08
N GLY E 41 -76.37 52.97 38.55
CA GLY E 41 -75.20 53.47 39.27
C GLY E 41 -74.95 54.90 38.85
N GLU E 42 -73.91 55.52 39.40
CA GLU E 42 -73.50 56.81 38.90
C GLU E 42 -71.99 56.95 38.88
N ALA E 43 -71.49 57.69 37.88
CA ALA E 43 -70.06 57.92 37.76
C ALA E 43 -69.73 59.38 38.11
N ASP E 44 -68.56 59.60 38.70
CA ASP E 44 -68.11 60.97 38.89
C ASP E 44 -67.66 61.55 37.55
N GLY E 45 -67.43 62.86 37.51
CA GLY E 45 -66.81 63.47 36.34
C GLY E 45 -67.76 64.37 35.60
N PRO E 46 -67.22 65.24 34.71
CA PRO E 46 -68.01 66.14 33.83
C PRO E 46 -68.94 65.34 32.93
N PRO E 47 -70.25 65.56 33.06
CA PRO E 47 -71.18 64.56 32.56
C PRO E 47 -71.07 64.26 31.07
N GLU E 48 -70.98 65.32 30.27
CA GLU E 48 -70.89 65.18 28.81
C GLU E 48 -69.59 64.50 28.38
N CYS E 49 -68.51 64.81 29.10
CA CYS E 49 -67.23 64.14 28.86
C CYS E 49 -67.25 62.66 29.30
N MET E 50 -67.93 62.34 30.40
CA MET E 50 -68.08 60.94 30.78
C MET E 50 -68.91 60.17 29.73
N LYS E 51 -69.94 60.81 29.19
CA LYS E 51 -70.72 60.24 28.10
C LYS E 51 -69.86 59.95 26.86
N ALA E 52 -69.02 60.90 26.46
CA ALA E 52 -68.08 60.68 25.35
C ALA E 52 -67.12 59.52 25.65
N PHE E 53 -66.62 59.48 26.90
CA PHE E 53 -65.78 58.36 27.33
C PHE E 53 -66.42 56.99 27.11
N SER E 54 -67.71 56.88 27.40
CA SER E 54 -68.43 55.61 27.25
C SER E 54 -68.76 55.25 25.79
N GLU E 55 -68.64 56.21 24.90
CA GLU E 55 -68.99 56.01 23.49
C GLU E 55 -67.81 55.95 22.54
N ILE E 56 -66.60 55.91 23.08
CA ILE E 56 -65.41 55.82 22.23
C ILE E 56 -65.36 54.56 21.36
N GLU E 57 -64.68 54.69 20.23
CA GLU E 57 -64.34 53.58 19.34
C GLU E 57 -63.17 52.75 19.87
N ASN E 58 -63.16 51.46 19.55
CA ASN E 58 -62.02 50.58 19.82
C ASN E 58 -60.76 51.02 19.07
N GLU E 59 -59.59 50.74 19.65
CA GLU E 59 -58.31 51.01 18.99
C GLU E 59 -57.30 49.85 19.07
N HIS E 60 -57.06 49.33 20.28
CA HIS E 60 -56.13 48.22 20.42
C HIS E 60 -56.36 47.48 21.72
N LYS E 61 -55.47 46.55 22.03
CA LYS E 61 -55.67 45.60 23.12
C LYS E 61 -56.00 46.26 24.49
N TRP E 62 -55.41 47.40 24.79
CA TRP E 62 -55.66 48.05 26.09
C TRP E 62 -56.44 49.36 25.92
N LEU E 63 -56.97 49.58 24.72
CA LEU E 63 -57.83 50.75 24.46
C LEU E 63 -59.09 50.33 23.70
N ASN E 64 -60.14 50.05 24.47
CA ASN E 64 -61.42 49.59 23.94
C ASN E 64 -62.54 50.42 24.56
N ASN E 65 -63.69 50.42 23.91
CA ASN E 65 -64.88 50.95 24.52
C ASN E 65 -65.17 50.16 25.79
N ILE E 66 -65.48 50.87 26.86
CA ILE E 66 -65.64 50.23 28.16
C ILE E 66 -66.87 49.31 28.22
N LYS E 67 -67.93 49.66 27.50
CA LYS E 67 -69.16 48.84 27.53
C LYS E 67 -68.94 47.42 27.06
N GLU E 68 -67.98 47.25 26.15
CA GLU E 68 -67.77 45.96 25.50
C GLU E 68 -67.17 44.92 26.41
N ALA E 69 -66.65 45.35 27.56
CA ALA E 69 -66.14 44.41 28.53
C ALA E 69 -67.27 43.71 29.32
N VAL E 70 -68.47 44.26 29.24
CA VAL E 70 -69.60 43.69 29.96
C VAL E 70 -70.81 43.28 29.08
N ILE E 71 -70.92 43.82 27.87
CA ILE E 71 -72.05 43.41 27.04
C ILE E 71 -71.88 41.91 26.81
N GLY E 72 -72.95 41.15 27.07
CA GLY E 72 -72.92 39.70 26.85
C GLY E 72 -72.44 38.93 28.06
N ARG E 73 -72.25 39.63 29.19
CA ARG E 73 -71.75 39.00 30.41
C ARG E 73 -72.83 38.90 31.51
N ASP E 74 -72.64 37.97 32.43
CA ASP E 74 -73.46 37.84 33.63
C ASP E 74 -73.01 38.86 34.68
N PRO E 75 -73.90 39.79 35.08
CA PRO E 75 -73.63 40.79 36.14
C PRO E 75 -73.33 40.20 37.52
N LEU E 76 -73.57 38.90 37.72
CA LEU E 76 -73.21 38.29 38.99
C LEU E 76 -71.70 38.25 39.17
N GLU E 77 -70.96 38.26 38.05
CA GLU E 77 -69.53 38.01 38.07
C GLU E 77 -68.74 39.29 38.29
N PHE E 78 -68.72 39.78 39.53
CA PHE E 78 -68.19 41.10 39.84
C PHE E 78 -66.71 41.24 39.56
N ARG E 79 -65.91 40.28 40.04
CA ARG E 79 -64.47 40.32 39.88
C ARG E 79 -64.09 40.21 38.41
N ALA E 80 -64.69 39.27 37.68
CA ALA E 80 -64.32 39.04 36.29
C ALA E 80 -64.64 40.27 35.46
N ASN E 81 -65.87 40.79 35.64
CA ASN E 81 -66.31 41.98 34.92
C ASN E 81 -65.46 43.22 35.25
N TYR E 82 -65.21 43.45 36.53
CA TYR E 82 -64.32 44.56 36.95
C TYR E 82 -62.98 44.45 36.25
N ASN E 83 -62.29 43.32 36.46
CA ASN E 83 -61.01 43.02 35.82
C ASN E 83 -61.04 43.13 34.30
N ARG E 84 -62.13 42.73 33.66
CA ARG E 84 -62.22 42.91 32.22
C ARG E 84 -62.34 44.38 31.87
N MET E 85 -63.18 45.13 32.57
CA MET E 85 -63.23 46.58 32.32
C MET E 85 -61.86 47.25 32.51
N TYR E 86 -61.18 46.92 33.60
CA TYR E 86 -59.92 47.55 33.92
C TYR E 86 -58.84 47.24 32.88
N ASP E 87 -58.74 45.98 32.46
CA ASP E 87 -57.68 45.52 31.54
C ASP E 87 -57.85 46.06 30.12
N THR E 88 -59.07 46.02 29.60
CA THR E 88 -59.34 46.43 28.22
C THR E 88 -59.30 47.96 28.06
N THR E 89 -59.29 48.69 29.17
CA THR E 89 -59.19 50.16 29.13
C THR E 89 -57.91 50.71 29.74
N LYS E 90 -56.98 49.84 30.07
CA LYS E 90 -55.74 50.23 30.73
C LYS E 90 -55.06 51.46 30.12
N TRP E 91 -55.06 51.58 28.79
CA TRP E 91 -54.31 52.68 28.16
C TRP E 91 -54.85 54.07 28.48
N ILE E 92 -56.16 54.15 28.68
CA ILE E 92 -56.81 55.43 28.96
C ILE E 92 -57.41 55.47 30.37
N GLY E 93 -57.33 54.33 31.06
CA GLY E 93 -57.93 54.15 32.38
C GLY E 93 -56.85 54.02 33.43
N MET E 94 -56.86 52.91 34.16
CA MET E 94 -55.85 52.58 35.16
C MET E 94 -55.87 53.45 36.45
N ARG E 95 -55.76 54.77 36.28
CA ARG E 95 -56.01 55.74 37.35
C ARG E 95 -56.86 56.88 36.81
N GLY E 96 -57.59 57.54 37.69
CA GLY E 96 -58.19 58.83 37.35
C GLY E 96 -59.55 58.69 36.69
N LEU E 97 -59.83 59.54 35.71
CA LEU E 97 -61.16 59.66 35.15
C LEU E 97 -61.71 58.38 34.49
N GLY E 98 -60.83 57.60 33.85
CA GLY E 98 -61.21 56.25 33.40
C GLY E 98 -61.80 55.37 34.49
N LEU E 99 -61.29 55.52 35.70
CA LEU E 99 -61.80 54.78 36.85
C LEU E 99 -63.17 55.25 37.32
N PHE E 100 -63.53 56.50 37.07
CA PHE E 100 -64.89 56.96 37.35
C PHE E 100 -65.90 56.15 36.52
N ALA E 101 -65.56 55.90 35.27
CA ALA E 101 -66.46 55.17 34.38
C ALA E 101 -66.66 53.74 34.85
N ILE E 102 -65.57 53.08 35.26
CA ILE E 102 -65.70 51.73 35.81
C ILE E 102 -66.51 51.69 37.10
N SER E 103 -66.32 52.70 37.95
CA SER E 103 -67.07 52.82 39.21
C SER E 103 -68.58 52.84 38.93
N GLY E 104 -68.99 53.64 37.94
CA GLY E 104 -70.41 53.83 37.67
C GLY E 104 -71.05 52.54 37.18
N ILE E 105 -70.36 51.83 36.29
CA ILE E 105 -70.84 50.54 35.77
C ILE E 105 -70.83 49.45 36.84
N ASP E 106 -69.75 49.36 37.62
CA ASP E 106 -69.65 48.43 38.75
C ASP E 106 -70.85 48.59 39.72
N MET E 107 -71.11 49.83 40.15
CA MET E 107 -72.29 50.16 40.99
C MET E 107 -73.61 49.60 40.41
N ALA E 108 -73.86 49.90 39.14
CA ALA E 108 -75.06 49.43 38.45
C ALA E 108 -75.14 47.89 38.34
N LEU E 109 -74.00 47.20 38.38
CA LEU E 109 -74.01 45.74 38.22
C LEU E 109 -74.45 45.06 39.52
N TYR E 110 -74.13 45.68 40.66
CA TYR E 110 -74.68 45.25 41.95
C TYR E 110 -76.20 45.44 42.04
N ASP E 111 -76.68 46.55 41.50
CA ASP E 111 -78.10 46.84 41.48
C ASP E 111 -78.81 45.85 40.53
N LEU E 112 -78.21 45.59 39.38
CA LEU E 112 -78.81 44.68 38.41
C LEU E 112 -78.77 43.23 38.89
N ALA E 113 -77.61 42.73 39.28
CA ALA E 113 -77.56 41.35 39.76
C ALA E 113 -78.51 41.11 40.95
N GLY E 114 -78.54 42.06 41.88
CA GLY E 114 -79.51 42.06 42.97
C GLY E 114 -80.95 42.03 42.47
N LYS E 115 -81.29 42.92 41.55
CA LYS E 115 -82.62 42.84 40.94
C LYS E 115 -82.91 41.51 40.23
N GLN E 116 -81.90 40.92 39.57
CA GLN E 116 -82.09 39.64 38.88
C GLN E 116 -82.42 38.51 39.86
N LEU E 117 -81.69 38.46 40.98
CA LEU E 117 -81.80 37.33 41.89
C LEU E 117 -82.85 37.57 42.96
N GLY E 118 -83.42 38.76 42.99
CA GLY E 118 -84.37 39.13 44.03
C GLY E 118 -83.78 39.37 45.41
N VAL E 119 -82.50 39.77 45.49
CA VAL E 119 -81.88 40.01 46.80
C VAL E 119 -81.33 41.42 46.96
N PRO E 120 -81.24 41.92 48.21
CA PRO E 120 -80.55 43.20 48.39
C PRO E 120 -79.05 43.08 48.07
N ALA E 121 -78.45 44.18 47.62
CA ALA E 121 -77.06 44.13 47.13
C ALA E 121 -76.08 43.77 48.24
N TYR E 122 -76.40 44.17 49.48
CA TYR E 122 -75.50 43.84 50.61
C TYR E 122 -75.20 42.34 50.76
N LYS E 123 -76.16 41.50 50.37
CA LYS E 123 -75.95 40.05 50.29
C LYS E 123 -74.89 39.68 49.26
N LEU E 124 -74.87 40.40 48.15
CA LEU E 124 -73.88 40.15 47.11
C LEU E 124 -72.51 40.74 47.47
N MET E 125 -72.47 41.55 48.52
CA MET E 125 -71.24 42.17 48.98
C MET E 125 -70.65 41.37 50.16
N GLY E 126 -71.18 40.18 50.40
CA GLY E 126 -70.69 39.37 51.51
C GLY E 126 -71.69 39.15 52.65
N GLY E 127 -72.68 40.03 52.77
CA GLY E 127 -73.69 39.90 53.81
C GLY E 127 -73.58 40.94 54.92
N ALA E 128 -74.69 41.28 55.56
CA ALA E 128 -74.66 42.30 56.60
C ALA E 128 -73.79 41.86 57.78
N GLN E 129 -72.96 42.77 58.28
CA GLN E 129 -72.06 42.45 59.38
C GLN E 129 -72.16 43.46 60.53
N LYS E 130 -73.16 44.33 60.47
CA LYS E 130 -73.53 45.10 61.65
C LYS E 130 -75.03 45.16 61.88
N ALA E 131 -75.43 45.37 63.13
CA ALA E 131 -76.84 45.33 63.46
C ALA E 131 -77.51 46.53 62.83
N GLN E 132 -76.79 47.64 62.75
CA GLN E 132 -77.36 48.89 62.24
C GLN E 132 -76.34 49.68 61.43
N LEU E 133 -76.84 50.54 60.55
CA LEU E 133 -76.01 51.53 59.85
C LEU E 133 -76.07 52.90 60.56
N THR E 134 -74.93 53.33 61.10
CA THR E 134 -74.81 54.63 61.76
C THR E 134 -73.78 55.51 61.06
N PRO E 135 -74.24 56.40 60.19
CA PRO E 135 -73.31 57.23 59.45
C PRO E 135 -72.87 58.44 60.28
N TYR E 136 -71.90 59.15 59.76
CA TYR E 136 -71.71 60.51 60.21
C TYR E 136 -72.24 61.33 59.08
N PHE E 137 -72.89 62.45 59.42
CA PHE E 137 -73.56 63.29 58.45
C PHE E 137 -72.74 64.52 58.18
N THR E 138 -72.46 64.74 56.90
CA THR E 138 -71.67 65.86 56.47
C THR E 138 -72.57 67.08 56.41
N LEU E 139 -72.10 68.16 57.02
CA LEU E 139 -72.85 69.39 57.16
C LEU E 139 -72.07 70.47 56.46
N TYR E 140 -72.60 70.93 55.34
CA TYR E 140 -72.00 72.01 54.58
C TYR E 140 -73.07 73.07 54.51
N PRO E 141 -72.73 74.31 54.89
CA PRO E 141 -73.74 75.35 55.02
C PRO E 141 -73.85 76.15 53.71
N SER E 142 -75.01 76.77 53.50
CA SER E 142 -75.25 77.56 52.29
C SER E 142 -74.99 79.05 52.56
N VAL E 143 -73.86 79.55 52.06
CA VAL E 143 -73.46 80.92 52.37
C VAL E 143 -72.72 81.55 51.20
N ALA E 144 -72.74 82.88 51.15
CA ALA E 144 -72.03 83.63 50.12
C ALA E 144 -70.52 83.48 50.30
N ALA E 145 -69.77 83.70 49.23
CA ALA E 145 -68.35 84.02 49.36
C ALA E 145 -68.23 85.26 50.24
N ASP E 146 -67.13 85.36 50.99
CA ASP E 146 -67.00 86.49 51.92
C ASP E 146 -68.07 86.44 53.00
N ALA E 147 -68.55 85.24 53.31
CA ALA E 147 -69.16 85.01 54.61
C ALA E 147 -68.03 84.98 55.60
N THR E 148 -68.12 85.79 56.63
CA THR E 148 -67.13 85.74 57.69
C THR E 148 -67.35 84.44 58.45
N LEU E 149 -66.36 84.05 59.24
CA LEU E 149 -66.44 82.81 60.00
C LEU E 149 -67.62 82.86 60.95
N SER E 150 -67.91 84.06 61.44
CA SER E 150 -69.04 84.25 62.34
C SER E 150 -70.37 83.95 61.66
N GLU E 151 -70.51 84.35 60.40
CA GLU E 151 -71.72 84.10 59.63
C GLU E 151 -71.84 82.62 59.22
N ILE E 152 -70.70 81.96 59.05
CA ILE E 152 -70.70 80.54 58.73
C ILE E 152 -71.16 79.72 59.94
N VAL E 153 -70.76 80.17 61.14
CA VAL E 153 -71.20 79.54 62.39
C VAL E 153 -72.72 79.67 62.58
N GLU E 154 -73.25 80.89 62.47
CA GLU E 154 -74.69 81.12 62.44
C GLU E 154 -75.37 80.17 61.46
N ALA E 155 -74.81 80.05 60.26
CA ALA E 155 -75.44 79.19 59.23
C ALA E 155 -75.36 77.71 59.59
N TYR E 156 -74.32 77.33 60.30
CA TYR E 156 -74.20 75.97 60.80
C TYR E 156 -75.27 75.62 61.84
N LYS E 157 -75.73 76.61 62.61
CA LYS E 157 -76.56 76.34 63.78
C LYS E 157 -77.83 75.53 63.46
N PRO E 158 -78.61 75.94 62.43
CA PRO E 158 -79.80 75.14 62.12
C PRO E 158 -79.51 73.73 61.63
N LEU E 159 -78.37 73.54 60.96
CA LEU E 159 -77.94 72.20 60.51
C LEU E 159 -77.57 71.29 61.67
N ILE E 160 -76.80 71.83 62.60
CA ILE E 160 -76.39 71.07 63.75
C ILE E 160 -77.62 70.77 64.62
N ALA E 161 -78.57 71.71 64.68
CA ALA E 161 -79.80 71.47 65.42
C ALA E 161 -80.58 70.32 64.80
N LYS E 162 -80.71 70.31 63.48
CA LYS E 162 -81.45 69.23 62.84
C LYS E 162 -80.80 67.86 63.06
N ALA E 163 -79.48 67.79 63.08
CA ALA E 163 -78.82 66.51 63.34
C ALA E 163 -79.07 66.03 64.75
N LYS E 164 -79.07 66.96 65.71
CA LYS E 164 -79.38 66.62 67.09
C LYS E 164 -80.80 66.07 67.18
N GLU E 165 -81.71 66.70 66.45
CA GLU E 165 -83.10 66.31 66.46
C GLU E 165 -83.26 64.88 65.92
N ARG E 166 -82.45 64.51 64.94
CA ARG E 166 -82.52 63.16 64.35
C ARG E 166 -81.73 62.09 65.11
N GLY E 167 -81.02 62.50 66.16
CA GLY E 167 -80.23 61.57 66.97
C GLY E 167 -78.91 61.16 66.34
N ALA E 168 -78.36 62.02 65.47
CA ALA E 168 -77.07 61.73 64.81
C ALA E 168 -76.01 61.45 65.85
N LYS E 169 -75.19 60.44 65.58
CA LYS E 169 -74.09 60.07 66.47
C LYS E 169 -72.86 60.88 66.18
N ALA E 170 -72.81 61.47 64.99
CA ALA E 170 -71.58 62.11 64.54
C ALA E 170 -71.86 63.04 63.36
N VAL E 171 -71.14 64.16 63.33
CA VAL E 171 -71.26 65.13 62.23
C VAL E 171 -69.90 65.66 61.81
N LYS E 172 -69.78 65.97 60.53
CA LYS E 172 -68.57 66.57 60.01
C LYS E 172 -68.85 68.02 59.58
N VAL E 173 -68.00 68.95 60.02
CA VAL E 173 -68.06 70.34 59.53
C VAL E 173 -66.84 70.65 58.70
N CYS E 174 -66.87 71.79 58.01
CA CYS E 174 -65.87 72.12 57.01
C CYS E 174 -65.24 73.49 57.29
N ILE E 175 -64.00 73.66 56.85
CA ILE E 175 -63.37 74.96 56.71
C ILE E 175 -63.52 75.40 55.25
N ILE E 176 -64.55 76.18 54.95
CA ILE E 176 -64.68 76.81 53.62
C ILE E 176 -63.34 77.46 53.31
N PRO E 177 -62.74 77.14 52.14
CA PRO E 177 -61.40 77.69 51.83
C PRO E 177 -61.43 79.21 51.89
N ASN E 178 -60.48 79.79 52.61
CA ASN E 178 -60.49 81.21 52.88
C ASN E 178 -59.07 81.60 53.28
N ASP E 179 -58.34 82.25 52.40
CA ASP E 179 -56.96 82.58 52.73
C ASP E 179 -56.80 83.99 53.33
N LYS E 180 -57.92 84.68 53.53
CA LYS E 180 -57.93 85.95 54.25
C LYS E 180 -58.02 85.76 55.78
N VAL E 181 -57.90 84.51 56.22
CA VAL E 181 -58.15 84.18 57.62
C VAL E 181 -56.94 83.42 58.19
N SER E 182 -56.50 83.77 59.40
CA SER E 182 -55.38 83.05 60.02
C SER E 182 -55.80 81.69 60.61
N ASP E 183 -54.80 80.86 60.87
CA ASP E 183 -55.00 79.60 61.59
C ASP E 183 -55.48 79.82 63.01
N LYS E 184 -55.08 80.95 63.61
CA LYS E 184 -55.49 81.36 64.94
C LYS E 184 -57.02 81.55 64.93
N GLU E 185 -57.49 82.24 63.90
CA GLU E 185 -58.94 82.41 63.69
C GLU E 185 -59.65 81.10 63.35
N ILE E 186 -58.97 80.19 62.66
CA ILE E 186 -59.49 78.85 62.42
C ILE E 186 -59.68 78.08 63.71
N VAL E 187 -58.69 78.12 64.60
CA VAL E 187 -58.80 77.48 65.91
C VAL E 187 -60.04 77.95 66.70
N ALA E 188 -60.28 79.27 66.73
CA ALA E 188 -61.45 79.83 67.41
C ALA E 188 -62.75 79.37 66.76
N TYR E 189 -62.81 79.50 65.44
CA TYR E 189 -63.89 78.95 64.62
C TYR E 189 -64.24 77.52 65.04
N LEU E 190 -63.25 76.64 65.13
CA LEU E 190 -63.56 75.25 65.45
C LEU E 190 -63.93 75.05 66.91
N ARG E 191 -63.29 75.79 67.81
CA ARG E 191 -63.69 75.77 69.21
C ARG E 191 -65.16 76.13 69.35
N GLU E 192 -65.57 77.19 68.66
CA GLU E 192 -66.98 77.59 68.62
C GLU E 192 -67.89 76.46 68.19
N LEU E 193 -67.54 75.80 67.10
CA LEU E 193 -68.43 74.76 66.59
C LEU E 193 -68.55 73.60 67.54
N ARG E 194 -67.49 73.31 68.29
CA ARG E 194 -67.57 72.23 69.23
C ARG E 194 -68.56 72.64 70.33
N GLU E 195 -68.51 73.91 70.75
CA GLU E 195 -69.48 74.41 71.71
C GLU E 195 -70.91 74.24 71.22
N VAL E 196 -71.15 74.60 69.95
CA VAL E 196 -72.50 74.49 69.39
C VAL E 196 -72.92 73.02 69.24
N ILE E 197 -71.95 72.19 68.88
CA ILE E 197 -72.22 70.78 68.66
C ILE E 197 -72.52 70.03 69.94
N GLY E 198 -71.82 70.37 71.02
CA GLY E 198 -72.01 69.68 72.27
C GLY E 198 -71.07 68.50 72.37
N TRP E 199 -71.29 67.67 73.37
CA TRP E 199 -70.39 66.57 73.66
C TRP E 199 -71.10 65.25 73.64
N ASP E 200 -72.23 65.23 72.95
CA ASP E 200 -72.99 64.00 72.78
C ASP E 200 -72.90 63.49 71.34
N MET E 201 -72.06 64.12 70.53
CA MET E 201 -71.85 63.71 69.13
C MET E 201 -70.36 63.75 68.82
N ASP E 202 -69.89 62.81 68.01
CA ASP E 202 -68.53 62.91 67.50
C ASP E 202 -68.49 64.04 66.50
N MET E 203 -67.32 64.69 66.43
CA MET E 203 -67.11 65.87 65.61
C MET E 203 -65.94 65.57 64.68
N MET E 204 -66.20 65.57 63.38
CA MET E 204 -65.14 65.45 62.39
C MET E 204 -64.93 66.80 61.70
N VAL E 205 -63.75 66.99 61.12
CA VAL E 205 -63.43 68.23 60.40
C VAL E 205 -62.83 67.97 59.04
N ASP E 206 -63.44 68.58 58.03
CA ASP E 206 -62.93 68.59 56.67
C ASP E 206 -62.20 69.91 56.37
N CYS E 207 -60.89 69.86 56.25
CA CYS E 207 -60.06 71.05 56.05
C CYS E 207 -60.10 71.59 54.62
N LEU E 208 -60.67 70.82 53.69
CA LEU E 208 -60.74 71.23 52.30
C LEU E 208 -59.37 71.72 51.75
N TYR E 209 -58.31 70.99 52.09
CA TYR E 209 -56.97 71.21 51.54
C TYR E 209 -56.37 72.58 51.86
N ARG E 210 -56.71 73.11 53.03
CA ARG E 210 -56.19 74.41 53.48
C ARG E 210 -54.68 74.45 53.50
N TRP E 211 -54.04 73.40 54.00
CA TRP E 211 -52.63 73.49 54.40
C TRP E 211 -51.69 72.85 53.40
N THR E 212 -50.50 73.43 53.28
CA THR E 212 -49.44 72.83 52.48
C THR E 212 -48.24 72.39 53.35
N ASP E 213 -47.98 73.11 54.44
CA ASP E 213 -46.86 72.80 55.34
C ASP E 213 -47.41 71.99 56.51
N TRP E 214 -46.96 70.75 56.67
CA TRP E 214 -47.48 69.90 57.75
C TRP E 214 -47.25 70.50 59.16
N GLN E 215 -46.21 71.32 59.28
CA GLN E 215 -45.89 71.96 60.56
C GLN E 215 -46.91 73.03 60.94
N LYS E 216 -47.50 73.66 59.94
CA LYS E 216 -48.56 74.62 60.15
C LYS E 216 -49.85 73.92 60.56
N ALA E 217 -50.16 72.81 59.89
CA ALA E 217 -51.26 71.93 60.32
C ALA E 217 -51.03 71.45 61.74
N ARG E 218 -49.82 71.00 62.02
CA ARG E 218 -49.49 70.46 63.34
C ARG E 218 -49.76 71.49 64.43
N TRP E 219 -49.33 72.73 64.21
CA TRP E 219 -49.61 73.82 65.16
C TRP E 219 -51.11 73.95 65.42
N THR E 220 -51.90 73.94 64.35
CA THR E 220 -53.33 74.19 64.47
C THR E 220 -54.02 73.11 65.30
N PHE E 221 -53.76 71.85 64.98
CA PHE E 221 -54.48 70.79 65.64
C PHE E 221 -53.91 70.39 67.01
N ARG E 222 -52.72 70.88 67.31
CA ARG E 222 -52.25 70.86 68.70
C ARG E 222 -53.08 71.81 69.57
N GLN E 223 -53.41 72.99 69.07
CA GLN E 223 -54.26 73.90 69.85
C GLN E 223 -55.63 73.24 70.10
N LEU E 224 -56.06 72.42 69.13
CA LEU E 224 -57.44 71.91 69.09
C LEU E 224 -57.62 70.53 69.73
N GLU E 225 -56.60 70.08 70.43
CA GLU E 225 -56.67 68.80 71.11
C GLU E 225 -57.83 68.76 72.09
N ASP E 226 -58.12 69.89 72.73
CA ASP E 226 -59.15 69.86 73.75
C ASP E 226 -60.58 69.77 73.20
N ILE E 227 -60.78 70.01 71.91
CA ILE E 227 -62.12 69.81 71.36
C ILE E 227 -62.37 68.39 70.84
N ASP E 228 -61.34 67.56 70.92
CA ASP E 228 -61.46 66.12 70.77
C ASP E 228 -62.03 65.68 69.41
N LEU E 229 -61.44 66.15 68.32
CA LEU E 229 -61.88 65.78 66.97
C LEU E 229 -61.70 64.29 66.76
N TYR E 230 -62.70 63.69 66.13
CA TYR E 230 -62.73 62.25 65.86
C TYR E 230 -61.82 61.96 64.66
N PHE E 231 -61.88 62.80 63.63
CA PHE E 231 -60.86 62.71 62.59
C PHE E 231 -60.67 64.04 61.89
N ILE E 232 -59.52 64.16 61.24
CA ILE E 232 -59.18 65.36 60.51
C ILE E 232 -58.96 65.02 59.01
N GLU E 233 -59.78 65.60 58.14
CA GLU E 233 -59.84 65.21 56.74
C GLU E 233 -59.21 66.27 55.82
N ALA E 234 -58.63 65.82 54.72
CA ALA E 234 -58.14 66.70 53.65
C ALA E 234 -57.29 67.82 54.22
N CYS E 235 -56.35 67.45 55.08
CA CYS E 235 -55.58 68.46 55.75
C CYS E 235 -54.50 69.09 54.85
N LEU E 236 -53.75 68.23 54.15
CA LEU E 236 -52.60 68.66 53.36
C LEU E 236 -52.86 68.31 51.89
N GLN E 237 -51.96 68.69 51.00
CA GLN E 237 -52.20 68.49 49.58
C GLN E 237 -52.19 67.00 49.29
N HIS E 238 -53.05 66.58 48.36
CA HIS E 238 -53.41 65.16 48.16
C HIS E 238 -52.20 64.31 47.72
N ASP E 239 -51.25 64.97 47.04
CA ASP E 239 -50.05 64.29 46.52
C ASP E 239 -48.96 64.13 47.59
N ASP E 240 -49.07 64.91 48.67
CA ASP E 240 -47.98 65.02 49.64
C ASP E 240 -48.06 63.94 50.71
N LEU E 241 -47.55 62.77 50.36
CA LEU E 241 -47.62 61.62 51.22
C LEU E 241 -46.71 61.78 52.42
N ILE E 242 -45.52 62.34 52.21
CA ILE E 242 -44.59 62.52 53.31
C ILE E 242 -45.11 63.49 54.37
N GLY E 243 -45.75 64.57 53.95
CA GLY E 243 -46.33 65.52 54.90
C GLY E 243 -47.42 64.90 55.75
N HIS E 244 -48.20 64.02 55.14
CA HIS E 244 -49.24 63.28 55.84
C HIS E 244 -48.66 62.32 56.87
N GLN E 245 -47.60 61.60 56.51
CA GLN E 245 -47.02 60.65 57.43
C GLN E 245 -46.47 61.39 58.67
N LYS E 246 -45.83 62.54 58.45
CA LYS E 246 -45.28 63.30 59.58
C LYS E 246 -46.37 63.90 60.46
N LEU E 247 -47.43 64.42 59.84
CA LEU E 247 -48.56 64.92 60.57
C LEU E 247 -49.27 63.82 61.37
N ALA E 248 -49.59 62.68 60.72
CA ALA E 248 -50.26 61.57 61.41
C ALA E 248 -49.51 61.14 62.67
N ALA E 249 -48.19 61.08 62.57
CA ALA E 249 -47.36 60.64 63.70
C ALA E 249 -47.28 61.72 64.77
N ALA E 250 -47.49 62.97 64.40
CA ALA E 250 -47.45 64.03 65.41
C ALA E 250 -48.76 64.21 66.19
N ILE E 251 -49.91 64.02 65.54
CA ILE E 251 -51.18 64.39 66.19
C ILE E 251 -51.63 63.25 67.09
N ASN E 252 -52.80 63.42 67.71
CA ASN E 252 -53.26 62.43 68.66
C ASN E 252 -54.65 61.86 68.35
N THR E 253 -55.11 62.11 67.12
CA THR E 253 -56.32 61.49 66.59
C THR E 253 -56.10 60.97 65.19
N ARG E 254 -57.21 60.70 64.51
CA ARG E 254 -57.15 60.03 63.22
C ARG E 254 -56.93 61.08 62.18
N LEU E 255 -56.03 60.83 61.23
CA LEU E 255 -55.92 61.67 60.05
C LEU E 255 -56.54 60.89 58.88
N CYS E 256 -57.23 61.56 57.95
CA CYS E 256 -57.81 60.85 56.81
C CYS E 256 -57.01 61.15 55.56
N GLY E 257 -57.23 60.35 54.51
CA GLY E 257 -56.60 60.61 53.22
C GLY E 257 -57.24 59.79 52.11
N ALA E 258 -56.76 60.01 50.89
CA ALA E 258 -57.14 59.21 49.73
C ALA E 258 -58.52 59.59 49.20
N GLU E 259 -59.04 60.75 49.63
CA GLU E 259 -60.35 61.22 49.18
C GLU E 259 -60.48 61.28 47.65
N MET E 260 -59.42 61.73 46.99
CA MET E 260 -59.47 61.91 45.53
C MET E 260 -58.83 60.75 44.75
N SER E 261 -58.33 59.74 45.45
CA SER E 261 -57.57 58.67 44.82
C SER E 261 -58.47 57.70 44.04
N THR E 262 -57.87 56.92 43.17
CA THR E 262 -58.54 55.79 42.54
C THR E 262 -57.69 54.50 42.67
N THR E 263 -58.35 53.35 42.81
CA THR E 263 -57.74 52.02 42.92
C THR E 263 -57.23 51.65 44.31
N ARG E 264 -57.21 50.33 44.56
CA ARG E 264 -56.60 49.81 45.75
C ARG E 264 -55.10 50.05 45.78
N PHE E 265 -54.47 50.34 44.64
CA PHE E 265 -53.02 50.53 44.62
C PHE E 265 -52.67 51.84 45.30
N GLU E 266 -53.44 52.87 44.99
CA GLU E 266 -53.22 54.15 45.65
C GLU E 266 -53.59 54.06 47.13
N ALA E 267 -54.75 53.48 47.43
CA ALA E 267 -55.23 53.33 48.81
C ALA E 267 -54.16 52.67 49.66
N GLN E 268 -53.64 51.58 49.16
CA GLN E 268 -52.60 50.84 49.85
C GLN E 268 -51.30 51.62 50.03
N GLU E 269 -50.90 52.42 49.04
CA GLU E 269 -49.74 53.30 49.19
C GLU E 269 -49.94 54.31 50.33
N TRP E 270 -51.10 54.97 50.34
CA TRP E 270 -51.48 55.86 51.42
C TRP E 270 -51.28 55.14 52.77
N LEU E 271 -51.78 53.92 52.86
CA LEU E 271 -51.80 53.19 54.12
C LEU E 271 -50.36 52.91 54.59
N GLU E 272 -49.55 52.45 53.65
CA GLU E 272 -48.18 52.01 53.90
C GLU E 272 -47.32 53.20 54.26
N LYS E 273 -47.48 54.28 53.50
CA LYS E 273 -46.54 55.40 53.59
C LYS E 273 -46.88 56.43 54.66
N THR E 274 -48.15 56.56 55.02
CA THR E 274 -48.56 57.70 55.82
C THR E 274 -49.10 57.27 57.16
N GLY E 275 -49.69 56.09 57.22
CA GLY E 275 -50.45 55.65 58.38
C GLY E 275 -51.73 56.43 58.65
N ILE E 276 -52.35 56.98 57.61
CA ILE E 276 -53.70 57.51 57.79
C ILE E 276 -54.60 56.43 58.40
N SER E 277 -55.54 56.85 59.25
CA SER E 277 -56.39 55.94 60.00
C SER E 277 -57.74 55.76 59.34
N VAL E 278 -58.06 56.62 58.38
CA VAL E 278 -59.33 56.55 57.69
C VAL E 278 -59.08 56.80 56.21
N VAL E 279 -59.58 55.89 55.37
CA VAL E 279 -59.37 55.92 53.92
C VAL E 279 -60.69 56.36 53.28
N GLN E 280 -60.63 57.28 52.34
CA GLN E 280 -61.83 57.93 51.85
C GLN E 280 -62.11 57.72 50.37
N SER E 281 -61.54 56.67 49.78
CA SER E 281 -61.83 56.28 48.40
C SER E 281 -63.33 56.30 48.10
N ASP E 282 -63.72 57.05 47.08
CA ASP E 282 -65.11 57.36 46.76
C ASP E 282 -65.78 56.21 45.94
N TYR E 283 -67.02 55.86 46.30
CA TYR E 283 -67.86 54.91 45.54
C TYR E 283 -67.90 55.10 44.04
N ASN E 284 -68.07 56.34 43.59
CA ASN E 284 -68.22 56.61 42.16
C ASN E 284 -66.92 57.06 41.47
N ARG E 285 -65.79 56.89 42.13
CA ARG E 285 -64.49 57.29 41.56
C ARG E 285 -63.47 56.16 41.50
N CYS E 286 -63.37 55.37 42.55
CA CYS E 286 -62.15 54.65 42.85
C CYS E 286 -62.11 53.28 42.18
N GLY E 287 -63.26 52.85 41.65
CA GLY E 287 -63.35 51.61 40.91
C GLY E 287 -64.69 50.97 41.17
N GLY E 288 -65.39 51.49 42.17
CA GLY E 288 -66.71 50.99 42.54
C GLY E 288 -66.70 50.14 43.78
N VAL E 289 -67.82 49.46 44.01
CA VAL E 289 -68.00 48.57 45.17
C VAL E 289 -67.03 47.38 45.13
N THR E 290 -66.79 46.83 43.94
CA THR E 290 -65.89 45.69 43.82
C THR E 290 -64.47 46.05 44.30
N GLU E 291 -64.02 47.26 43.97
CA GLU E 291 -62.70 47.69 44.37
C GLU E 291 -62.69 48.13 45.83
N LEU E 292 -63.77 48.76 46.29
CA LEU E 292 -63.87 49.11 47.72
C LEU E 292 -63.78 47.90 48.66
N LEU E 293 -64.39 46.78 48.25
CA LEU E 293 -64.22 45.52 48.98
C LEU E 293 -62.76 45.08 49.13
N ARG E 294 -61.95 45.25 48.09
CA ARG E 294 -60.51 44.91 48.16
C ARG E 294 -59.80 45.87 49.11
N ILE E 295 -60.18 47.14 49.03
CA ILE E 295 -59.63 48.19 49.90
C ILE E 295 -59.99 47.91 51.36
N MET E 296 -61.24 47.51 51.61
CA MET E 296 -61.70 47.14 52.95
C MET E 296 -60.75 46.10 53.59
N ASP E 297 -60.39 45.07 52.84
CA ASP E 297 -59.52 44.01 53.32
C ASP E 297 -58.14 44.56 53.66
N ILE E 298 -57.63 45.45 52.83
CA ILE E 298 -56.35 46.07 53.06
C ILE E 298 -56.39 47.01 54.30
N CYS E 299 -57.44 47.82 54.41
CA CYS E 299 -57.64 48.61 55.63
C CYS E 299 -57.67 47.72 56.86
N GLU E 300 -58.37 46.58 56.76
CA GLU E 300 -58.48 45.65 57.90
C GLU E 300 -57.12 45.21 58.45
N HIS E 301 -56.23 44.79 57.56
CA HIS E 301 -54.84 44.46 57.93
C HIS E 301 -54.09 45.62 58.65
N HIS E 302 -54.28 46.86 58.22
CA HIS E 302 -53.62 48.05 58.82
C HIS E 302 -54.35 48.63 60.03
N ASN E 303 -55.47 48.00 60.41
CA ASN E 303 -56.39 48.56 61.40
C ASN E 303 -56.77 50.01 61.12
N ALA E 304 -57.10 50.30 59.86
CA ALA E 304 -57.67 51.57 59.47
C ALA E 304 -59.17 51.40 59.19
N GLN E 305 -59.91 52.49 59.24
CA GLN E 305 -61.32 52.48 58.83
C GLN E 305 -61.50 52.93 57.37
N LEU E 306 -62.53 52.42 56.73
CA LEU E 306 -62.85 52.79 55.36
C LEU E 306 -64.17 53.58 55.36
N MET E 307 -64.10 54.89 55.14
CA MET E 307 -65.30 55.74 55.10
C MET E 307 -65.34 56.45 53.74
N PRO E 308 -65.88 55.75 52.72
CA PRO E 308 -65.83 56.28 51.36
C PRO E 308 -66.50 57.64 51.22
N HIS E 309 -65.83 58.54 50.54
CA HIS E 309 -66.37 59.85 50.27
C HIS E 309 -67.68 59.69 49.48
N ASN E 310 -68.68 60.45 49.92
CA ASN E 310 -70.07 60.27 49.53
C ASN E 310 -70.71 61.67 49.50
N TRP E 311 -70.62 62.29 48.32
CA TRP E 311 -71.27 63.56 48.07
C TRP E 311 -71.69 63.62 46.61
N LYS E 312 -72.79 62.94 46.29
CA LYS E 312 -73.28 62.90 44.92
C LYS E 312 -74.79 62.92 44.94
N THR E 313 -75.39 61.77 44.64
CA THR E 313 -76.82 61.70 44.43
C THR E 313 -77.38 60.61 45.35
N GLY E 314 -78.70 60.50 45.48
CA GLY E 314 -79.28 59.36 46.18
C GLY E 314 -78.94 58.00 45.58
N ILE E 315 -78.41 57.98 44.34
CA ILE E 315 -77.92 56.74 43.75
C ILE E 315 -76.70 56.22 44.51
N THR E 316 -75.72 57.10 44.77
CA THR E 316 -74.58 56.76 45.66
C THR E 316 -74.97 56.55 47.14
N ALA E 317 -76.01 57.25 47.62
CA ALA E 317 -76.48 57.05 49.00
C ALA E 317 -76.89 55.59 49.20
N ALA E 318 -77.55 55.03 48.20
CA ALA E 318 -77.97 53.64 48.23
C ALA E 318 -76.78 52.67 48.26
N ALA E 319 -75.74 52.99 47.50
CA ALA E 319 -74.57 52.16 47.50
C ALA E 319 -73.93 52.24 48.88
N ALA E 320 -73.86 53.45 49.45
CA ALA E 320 -73.35 53.62 50.80
C ALA E 320 -74.14 52.88 51.88
N ARG E 321 -75.46 52.75 51.71
CA ARG E 321 -76.26 52.02 52.71
C ARG E 321 -75.89 50.53 52.72
N HIS E 322 -75.77 49.94 51.52
CA HIS E 322 -75.46 48.53 51.39
C HIS E 322 -73.98 48.25 51.72
N PHE E 323 -73.08 49.12 51.28
CA PHE E 323 -71.68 48.91 51.61
C PHE E 323 -71.41 49.17 53.09
N GLY E 324 -72.01 50.24 53.60
CA GLY E 324 -72.06 50.57 55.03
C GLY E 324 -72.43 49.43 55.95
N ILE E 325 -73.39 48.61 55.56
CA ILE E 325 -73.91 47.54 56.43
C ILE E 325 -73.02 46.30 56.40
N VAL E 326 -72.14 46.25 55.40
CA VAL E 326 -71.22 45.13 55.24
C VAL E 326 -69.81 45.44 55.78
N CYS E 327 -69.52 46.73 55.90
CA CYS E 327 -68.17 47.19 56.20
C CYS E 327 -67.90 47.26 57.70
N HIS E 328 -67.70 46.08 58.30
CA HIS E 328 -67.67 45.93 59.76
C HIS E 328 -66.48 46.66 60.43
N ILE E 329 -65.46 47.03 59.65
CA ILE E 329 -64.27 47.65 60.22
C ILE E 329 -64.52 49.13 60.55
N SER E 330 -65.63 49.66 60.05
CA SER E 330 -65.88 51.07 60.16
C SER E 330 -67.08 51.34 61.06
N GLU E 331 -66.85 52.20 62.04
CA GLU E 331 -67.83 52.57 63.03
C GLU E 331 -68.88 53.45 62.37
N TYR E 332 -68.43 54.31 61.45
CA TYR E 332 -69.29 55.22 60.66
C TYR E 332 -68.98 55.11 59.15
N VAL E 333 -69.90 55.56 58.29
CA VAL E 333 -69.53 55.94 56.92
C VAL E 333 -70.10 57.30 56.57
N GLU E 334 -69.50 57.98 55.59
CA GLU E 334 -69.92 59.32 55.24
C GLU E 334 -71.29 59.27 54.62
N TYR E 335 -72.16 60.19 55.01
CA TYR E 335 -73.50 60.18 54.44
C TYR E 335 -74.00 61.58 54.13
N LEU E 336 -74.46 61.77 52.89
CA LEU E 336 -75.14 63.00 52.53
C LEU E 336 -76.66 62.77 52.57
N HIS E 337 -77.35 63.49 53.46
CA HIS E 337 -78.78 63.27 53.63
C HIS E 337 -79.56 64.53 53.25
N PRO E 338 -80.70 64.36 52.57
CA PRO E 338 -81.57 65.46 52.13
C PRO E 338 -81.97 66.43 53.25
N ASP E 339 -81.99 65.95 54.49
CA ASP E 339 -82.29 66.82 55.63
C ASP E 339 -81.28 67.94 55.76
N PHE E 340 -80.06 67.70 55.31
CA PHE E 340 -78.96 68.65 55.57
C PHE E 340 -78.48 69.38 54.33
N TRP E 341 -78.99 69.01 53.16
CA TRP E 341 -78.54 69.63 51.93
C TRP E 341 -79.71 69.82 51.00
N ASN E 342 -79.81 71.01 50.46
CA ASN E 342 -80.96 71.40 49.66
C ASN E 342 -80.69 71.39 48.14
N GLY E 343 -79.58 70.80 47.72
CA GLY E 343 -79.31 70.60 46.30
C GLY E 343 -80.44 69.92 45.55
N THR E 344 -80.62 70.32 44.30
CA THR E 344 -81.76 69.88 43.49
C THR E 344 -81.77 68.37 43.24
N LEU E 345 -80.60 67.81 42.96
CA LEU E 345 -80.50 66.39 42.71
C LEU E 345 -80.73 65.58 43.99
N THR E 346 -80.15 66.06 45.08
CA THR E 346 -80.31 65.41 46.39
C THR E 346 -81.78 65.36 46.79
N GLN E 347 -82.52 66.40 46.39
CA GLN E 347 -83.88 66.57 46.86
C GLN E 347 -84.86 65.90 45.91
N GLN E 348 -84.47 65.79 44.63
CA GLN E 348 -85.43 65.42 43.60
C GLN E 348 -85.13 64.16 42.79
N LEU E 349 -83.86 63.79 42.66
CA LEU E 349 -83.52 62.67 41.78
C LEU E 349 -84.01 61.31 42.29
N THR E 350 -84.04 61.13 43.60
CA THR E 350 -84.61 59.90 44.16
C THR E 350 -85.81 60.23 45.06
N LEU E 351 -86.70 59.27 45.21
CA LEU E 351 -87.89 59.41 46.06
C LEU E 351 -87.69 58.64 47.35
N ASN E 352 -88.36 59.09 48.41
CA ASN E 352 -88.57 58.23 49.57
C ASN E 352 -87.27 57.80 50.28
N GLU E 353 -86.30 58.72 50.33
CA GLU E 353 -85.04 58.47 51.02
C GLU E 353 -85.27 58.05 52.46
N PRO E 354 -84.62 56.96 52.91
CA PRO E 354 -84.79 56.50 54.29
C PRO E 354 -84.54 57.64 55.29
N LYS E 355 -85.39 57.74 56.30
CA LYS E 355 -85.28 58.80 57.30
C LYS E 355 -84.17 58.46 58.30
N ILE E 356 -83.55 59.47 58.88
CA ILE E 356 -82.63 59.27 59.99
C ILE E 356 -83.44 59.03 61.27
N ILE E 357 -83.25 57.86 61.90
CA ILE E 357 -84.03 57.50 63.08
C ILE E 357 -83.07 57.12 64.20
N ASP E 358 -82.96 57.99 65.20
CA ASP E 358 -82.01 57.80 66.29
C ASP E 358 -80.58 57.64 65.80
N GLY E 359 -80.20 58.44 64.80
CA GLY E 359 -78.86 58.39 64.23
C GLY E 359 -78.61 57.27 63.23
N ALA E 360 -79.62 56.42 63.00
CA ALA E 360 -79.43 55.25 62.16
C ALA E 360 -80.23 55.36 60.87
N ILE E 361 -79.73 54.74 59.82
CA ILE E 361 -80.55 54.67 58.62
C ILE E 361 -80.83 53.23 58.18
N GLU E 362 -82.11 52.92 57.99
CA GLU E 362 -82.52 51.58 57.58
C GLU E 362 -81.95 51.18 56.23
N VAL E 363 -81.36 49.98 56.17
CA VAL E 363 -81.02 49.39 54.90
C VAL E 363 -81.97 48.21 54.63
N SER E 364 -82.91 48.42 53.72
CA SER E 364 -83.99 47.47 53.53
C SER E 364 -83.52 46.28 52.72
N ASP E 365 -84.31 45.22 52.70
CA ASP E 365 -84.01 44.11 51.81
C ASP E 365 -84.64 44.25 50.38
N LYS E 366 -85.02 45.46 50.00
CA LYS E 366 -85.38 45.76 48.61
C LYS E 366 -84.21 45.29 47.69
N PRO E 367 -84.53 44.57 46.59
CA PRO E 367 -83.53 43.98 45.65
C PRO E 367 -82.57 45.00 45.04
N GLY E 368 -81.37 44.56 44.70
CA GLY E 368 -80.33 45.47 44.23
C GLY E 368 -79.94 46.50 45.27
N LEU E 369 -79.73 47.74 44.83
CA LEU E 369 -79.38 48.81 45.76
C LEU E 369 -80.62 49.43 46.41
N GLY E 370 -81.81 49.07 45.94
CA GLY E 370 -83.06 49.62 46.49
C GLY E 370 -83.21 51.08 46.13
N ILE E 371 -82.90 51.40 44.87
CA ILE E 371 -83.01 52.79 44.43
C ILE E 371 -84.41 53.11 43.92
N GLU E 372 -84.98 54.20 44.42
CA GLU E 372 -86.26 54.67 43.90
C GLU E 372 -86.04 55.93 43.07
N LEU E 373 -85.85 55.75 41.77
CA LEU E 373 -85.58 56.86 40.85
C LEU E 373 -86.83 57.69 40.52
N ASN E 374 -86.68 59.01 40.50
CA ASN E 374 -87.76 59.89 40.05
C ASN E 374 -87.78 59.95 38.52
N ILE E 375 -88.42 58.95 37.91
CA ILE E 375 -88.36 58.80 36.45
C ILE E 375 -88.76 60.06 35.70
N GLU E 376 -89.85 60.69 36.11
CA GLU E 376 -90.34 61.86 35.38
C GLU E 376 -89.44 63.08 35.52
N PHE E 377 -88.75 63.19 36.66
CA PHE E 377 -87.71 64.21 36.81
C PHE E 377 -86.52 63.99 35.86
N VAL E 378 -85.98 62.79 35.82
CA VAL E 378 -84.91 62.44 34.87
C VAL E 378 -85.36 62.70 33.42
N GLU E 379 -86.54 62.20 33.07
CA GLU E 379 -87.08 62.39 31.73
C GLU E 379 -87.23 63.87 31.34
N GLN E 380 -87.65 64.68 32.30
CA GLN E 380 -87.79 66.11 32.10
C GLN E 380 -86.44 66.86 31.95
N VAL E 381 -85.45 66.53 32.76
CA VAL E 381 -84.17 67.24 32.64
C VAL E 381 -83.33 66.73 31.47
N THR E 382 -83.39 65.44 31.17
CA THR E 382 -82.63 64.92 30.04
C THR E 382 -83.28 65.35 28.73
N GLY E 383 -84.61 65.23 28.66
CA GLY E 383 -85.35 65.54 27.44
C GLY E 383 -85.71 64.28 26.67
N HIS E 384 -85.16 63.14 27.08
CA HIS E 384 -85.42 61.86 26.42
C HIS E 384 -86.14 60.88 27.33
N LYS E 385 -86.97 60.01 26.76
CA LYS E 385 -87.72 59.03 27.54
C LYS E 385 -86.82 57.98 28.18
N PHE E 386 -87.19 57.56 29.39
CA PHE E 386 -86.47 56.54 30.14
C PHE E 386 -87.08 55.18 29.84
N ALA F 5 -27.47 86.90 22.07
CA ALA F 5 -26.01 87.16 21.99
C ALA F 5 -25.24 86.34 23.02
N ASN F 6 -24.06 85.88 22.63
CA ASN F 6 -23.26 85.00 23.47
C ASN F 6 -22.47 85.75 24.51
N ILE F 7 -22.06 85.03 25.53
CA ILE F 7 -21.28 85.59 26.59
C ILE F 7 -19.88 85.84 26.07
N VAL F 8 -19.33 87.02 26.38
CA VAL F 8 -18.01 87.43 25.91
C VAL F 8 -16.95 87.51 27.02
N SER F 9 -17.37 87.84 28.24
CA SER F 9 -16.44 87.89 29.34
C SER F 9 -17.14 87.78 30.71
N VAL F 10 -16.34 87.43 31.70
CA VAL F 10 -16.76 87.23 33.07
C VAL F 10 -15.70 87.91 33.91
N GLU F 11 -16.15 88.64 34.90
CA GLU F 11 -15.23 89.38 35.73
C GLU F 11 -15.69 89.26 37.18
N PHE F 12 -14.77 88.85 38.04
CA PHE F 12 -14.98 88.86 39.49
C PHE F 12 -14.33 90.09 40.09
N ILE F 13 -15.14 90.95 40.69
CA ILE F 13 -14.66 92.23 41.18
C ILE F 13 -14.73 92.26 42.70
N PRO F 14 -13.59 92.02 43.36
CA PRO F 14 -13.55 92.05 44.82
C PRO F 14 -14.01 93.39 45.34
N VAL F 15 -14.80 93.38 46.40
CA VAL F 15 -15.16 94.62 47.09
C VAL F 15 -14.83 94.46 48.56
N ASN F 16 -13.83 95.17 49.04
CA ASN F 16 -13.46 95.13 50.46
C ASN F 16 -13.47 96.54 51.05
N VAL F 17 -14.45 96.85 51.88
CA VAL F 17 -14.48 98.17 52.54
C VAL F 17 -13.63 98.17 53.80
N ALA F 18 -12.66 99.07 53.86
CA ALA F 18 -11.78 99.20 55.02
C ALA F 18 -12.20 100.34 55.96
N SER F 23 -16.87 92.82 59.25
CA SER F 23 -16.31 92.80 57.90
C SER F 23 -17.30 93.34 56.90
N GLU F 24 -16.81 93.78 55.76
CA GLU F 24 -17.66 94.45 54.78
C GLU F 24 -17.18 94.12 53.39
N ASN F 25 -17.55 92.95 52.88
CA ASN F 25 -17.05 92.59 51.56
C ASN F 25 -17.88 91.61 50.76
N THR F 26 -17.70 91.68 49.44
CA THR F 26 -18.35 90.79 48.52
C THR F 26 -17.54 90.68 47.24
N VAL F 27 -17.92 89.74 46.38
CA VAL F 27 -17.33 89.62 45.06
C VAL F 27 -18.45 89.86 44.02
N ILE F 28 -18.41 90.99 43.32
CA ILE F 28 -19.32 91.20 42.20
C ILE F 28 -18.89 90.33 41.01
N VAL F 29 -19.83 89.58 40.46
CA VAL F 29 -19.60 88.80 39.24
C VAL F 29 -20.34 89.46 38.09
N LYS F 30 -19.57 89.95 37.11
CA LYS F 30 -20.14 90.69 35.99
C LYS F 30 -19.91 89.87 34.69
N VAL F 31 -21.00 89.46 34.03
CA VAL F 31 -20.93 88.68 32.80
C VAL F 31 -21.42 89.54 31.63
N THR F 32 -20.57 89.71 30.62
CA THR F 32 -20.85 90.63 29.53
C THR F 32 -21.05 89.86 28.22
N ASP F 33 -22.09 90.23 27.47
CA ASP F 33 -22.38 89.60 26.18
C ASP F 33 -21.77 90.39 25.00
N GLU F 34 -22.06 89.96 23.78
CA GLU F 34 -21.46 90.53 22.58
C GLU F 34 -21.92 91.96 22.27
N ASN F 35 -23.01 92.39 22.89
CA ASN F 35 -23.55 93.73 22.63
C ASN F 35 -23.20 94.73 23.73
N GLY F 36 -22.37 94.30 24.68
CA GLY F 36 -22.02 95.13 25.83
C GLY F 36 -23.01 95.11 27.00
N VAL F 37 -24.06 94.30 26.90
CA VAL F 37 -25.01 94.09 27.99
C VAL F 37 -24.43 93.12 29.03
N TYR F 38 -24.67 93.41 30.31
CA TYR F 38 -24.17 92.54 31.37
C TYR F 38 -25.20 92.18 32.43
N GLY F 39 -24.93 91.04 33.10
CA GLY F 39 -25.68 90.63 34.27
C GLY F 39 -24.79 90.68 35.48
N LEU F 40 -25.37 90.92 36.64
CA LEU F 40 -24.61 90.97 37.86
C LEU F 40 -25.10 89.91 38.83
N GLY F 41 -24.14 89.28 39.51
CA GLY F 41 -24.42 88.39 40.62
C GLY F 41 -23.33 88.62 41.64
N GLU F 42 -23.37 87.83 42.72
CA GLU F 42 -22.27 87.86 43.68
C GLU F 42 -21.97 86.48 44.24
N ALA F 43 -20.70 86.25 44.52
CA ALA F 43 -20.23 84.99 45.04
C ALA F 43 -19.80 85.18 46.49
N ASP F 44 -20.11 84.21 47.34
CA ASP F 44 -19.56 84.19 48.67
C ASP F 44 -18.06 83.97 48.60
N GLY F 45 -17.36 84.17 49.71
CA GLY F 45 -15.94 83.82 49.78
C GLY F 45 -15.05 85.04 50.01
N PRO F 46 -13.78 84.81 50.42
CA PRO F 46 -12.86 85.95 50.55
C PRO F 46 -12.55 86.54 49.18
N PRO F 47 -12.76 87.86 49.01
CA PRO F 47 -12.89 88.47 47.69
C PRO F 47 -11.70 88.31 46.73
N GLU F 48 -10.48 88.48 47.23
CA GLU F 48 -9.27 88.31 46.44
C GLU F 48 -9.04 86.86 46.11
N CYS F 49 -9.35 85.98 47.06
CA CYS F 49 -9.24 84.56 46.80
C CYS F 49 -10.21 84.12 45.69
N MET F 50 -11.44 84.61 45.76
CA MET F 50 -12.42 84.27 44.74
C MET F 50 -12.01 84.83 43.37
N LYS F 51 -11.39 86.02 43.37
CA LYS F 51 -10.87 86.60 42.12
C LYS F 51 -9.77 85.70 41.56
N ALA F 52 -8.84 85.28 42.41
CA ALA F 52 -7.75 84.41 41.96
C ALA F 52 -8.31 83.08 41.42
N PHE F 53 -9.33 82.55 42.09
CA PHE F 53 -10.02 81.34 41.64
C PHE F 53 -10.57 81.47 40.22
N SER F 54 -11.12 82.64 39.91
CA SER F 54 -11.71 82.90 38.59
C SER F 54 -10.65 83.10 37.53
N GLU F 55 -9.40 83.31 37.97
CA GLU F 55 -8.32 83.64 37.04
C GLU F 55 -7.24 82.55 36.88
N ILE F 56 -7.56 81.33 37.33
CA ILE F 56 -6.63 80.21 37.21
C ILE F 56 -6.42 79.76 35.75
N GLU F 57 -5.33 79.05 35.51
CA GLU F 57 -5.02 78.46 34.21
C GLU F 57 -5.60 77.06 34.12
N ASN F 58 -5.87 76.59 32.91
CA ASN F 58 -6.35 75.24 32.70
C ASN F 58 -5.27 74.21 33.06
N GLU F 59 -5.68 73.03 33.51
CA GLU F 59 -4.73 71.98 33.89
C GLU F 59 -5.06 70.62 33.28
N HIS F 60 -6.33 70.23 33.32
CA HIS F 60 -6.77 68.92 32.84
C HIS F 60 -8.29 68.83 32.75
N LYS F 61 -8.80 67.65 32.40
CA LYS F 61 -10.22 67.51 32.09
C LYS F 61 -11.16 68.02 33.20
N TRP F 62 -10.80 67.84 34.46
CA TRP F 62 -11.67 68.23 35.57
C TRP F 62 -11.16 69.44 36.35
N LEU F 63 -10.22 70.16 35.74
CA LEU F 63 -9.66 71.36 36.34
C LEU F 63 -9.43 72.44 35.28
N ASN F 64 -10.50 73.15 34.95
CA ASN F 64 -10.41 74.27 34.02
C ASN F 64 -10.84 75.59 34.68
N ASN F 65 -10.41 76.69 34.09
CA ASN F 65 -10.87 77.98 34.47
C ASN F 65 -12.37 78.05 34.31
N ILE F 66 -13.06 78.50 35.36
CA ILE F 66 -14.51 78.45 35.40
C ILE F 66 -15.17 79.25 34.27
N LYS F 67 -14.61 80.41 33.91
CA LYS F 67 -15.17 81.25 32.85
C LYS F 67 -15.26 80.56 31.50
N GLU F 68 -14.33 79.64 31.24
CA GLU F 68 -14.30 79.00 29.94
C GLU F 68 -15.45 78.04 29.73
N ALA F 69 -16.17 77.73 30.80
CA ALA F 69 -17.38 76.92 30.62
C ALA F 69 -18.58 77.75 30.15
N VAL F 70 -18.45 79.09 30.17
CA VAL F 70 -19.55 79.96 29.73
C VAL F 70 -19.22 80.96 28.59
N ILE F 71 -17.94 81.32 28.44
CA ILE F 71 -17.52 82.23 27.37
C ILE F 71 -17.93 81.60 26.05
N GLY F 72 -18.58 82.38 25.18
CA GLY F 72 -19.07 81.86 23.91
C GLY F 72 -20.46 81.21 23.99
N ARG F 73 -21.06 81.20 25.19
CA ARG F 73 -22.34 80.47 25.39
C ARG F 73 -23.55 81.39 25.50
N ASP F 74 -24.74 80.82 25.34
CA ASP F 74 -26.01 81.53 25.48
C ASP F 74 -26.41 81.52 26.96
N PRO F 75 -26.61 82.71 27.56
CA PRO F 75 -26.96 82.73 28.99
C PRO F 75 -28.35 82.16 29.31
N LEU F 76 -29.19 81.96 28.30
CA LEU F 76 -30.54 81.38 28.49
C LEU F 76 -30.47 79.93 28.98
N GLU F 77 -29.37 79.25 28.70
CA GLU F 77 -29.29 77.79 28.89
C GLU F 77 -28.81 77.46 30.31
N PHE F 78 -29.68 77.62 31.30
CA PHE F 78 -29.20 77.60 32.69
C PHE F 78 -28.66 76.24 33.10
N ARG F 79 -29.34 75.18 32.72
CA ARG F 79 -28.93 73.82 33.08
C ARG F 79 -27.61 73.49 32.42
N ALA F 80 -27.56 73.61 31.08
CA ALA F 80 -26.34 73.33 30.32
C ALA F 80 -25.13 74.10 30.87
N ASN F 81 -25.27 75.41 31.05
CA ASN F 81 -24.18 76.22 31.63
C ASN F 81 -23.75 75.81 33.04
N TYR F 82 -24.73 75.62 33.92
CA TYR F 82 -24.46 75.09 35.25
C TYR F 82 -23.68 73.78 35.20
N ASN F 83 -24.20 72.82 34.45
CA ASN F 83 -23.55 71.51 34.35
C ASN F 83 -22.13 71.56 33.78
N ARG F 84 -21.92 72.43 32.79
CA ARG F 84 -20.59 72.62 32.20
C ARG F 84 -19.63 73.28 33.20
N MET F 85 -20.09 74.31 33.92
CA MET F 85 -19.26 74.90 34.99
C MET F 85 -18.89 73.80 36.02
N TYR F 86 -19.88 73.00 36.41
CA TYR F 86 -19.65 72.06 37.51
C TYR F 86 -18.67 70.96 37.08
N ASP F 87 -18.90 70.42 35.90
CA ASP F 87 -18.11 69.32 35.37
C ASP F 87 -16.66 69.69 35.08
N THR F 88 -16.44 70.86 34.47
CA THR F 88 -15.09 71.25 34.08
C THR F 88 -14.22 71.71 35.28
N THR F 89 -14.84 71.90 36.44
CA THR F 89 -14.12 72.35 37.64
C THR F 89 -14.20 71.37 38.78
N LYS F 90 -14.70 70.17 38.50
CA LYS F 90 -14.93 69.14 39.52
C LYS F 90 -13.77 68.93 40.46
N TRP F 91 -12.53 68.93 39.96
CA TRP F 91 -11.38 68.61 40.81
C TRP F 91 -11.16 69.63 41.95
N ILE F 92 -11.53 70.87 41.71
CA ILE F 92 -11.32 71.95 42.68
C ILE F 92 -12.63 72.56 43.17
N GLY F 93 -13.74 72.07 42.61
CA GLY F 93 -15.07 72.49 43.04
C GLY F 93 -15.82 71.34 43.67
N MET F 94 -16.98 71.03 43.09
CA MET F 94 -17.85 69.94 43.53
C MET F 94 -18.57 70.22 44.85
N ARG F 95 -17.81 70.66 45.86
CA ARG F 95 -18.36 71.18 47.11
C ARG F 95 -17.52 72.36 47.59
N GLY F 96 -18.11 73.20 48.44
CA GLY F 96 -17.40 74.29 49.10
C GLY F 96 -17.12 75.51 48.22
N LEU F 97 -15.94 76.08 48.39
CA LEU F 97 -15.64 77.39 47.83
C LEU F 97 -15.81 77.48 46.32
N GLY F 98 -15.46 76.40 45.63
CA GLY F 98 -15.61 76.34 44.17
C GLY F 98 -17.04 76.51 43.74
N LEU F 99 -17.96 76.03 44.57
CA LEU F 99 -19.37 76.26 44.33
C LEU F 99 -19.84 77.69 44.54
N PHE F 100 -19.20 78.43 45.45
CA PHE F 100 -19.44 79.86 45.59
C PHE F 100 -19.27 80.55 44.23
N ALA F 101 -18.17 80.24 43.54
CA ALA F 101 -17.84 80.86 42.24
C ALA F 101 -18.90 80.53 41.22
N ILE F 102 -19.32 79.27 41.20
CA ILE F 102 -20.40 78.83 40.31
C ILE F 102 -21.70 79.57 40.64
N SER F 103 -21.97 79.72 41.93
CA SER F 103 -23.16 80.43 42.39
C SER F 103 -23.25 81.84 41.84
N GLY F 104 -22.16 82.62 42.00
CA GLY F 104 -22.10 84.01 41.54
C GLY F 104 -22.33 84.14 40.04
N ILE F 105 -21.72 83.24 39.27
CA ILE F 105 -21.90 83.25 37.82
C ILE F 105 -23.31 82.85 37.42
N ASP F 106 -23.84 81.81 38.05
CA ASP F 106 -25.22 81.42 37.79
C ASP F 106 -26.20 82.60 37.98
N MET F 107 -26.05 83.30 39.11
CA MET F 107 -26.89 84.43 39.46
C MET F 107 -26.83 85.50 38.36
N ALA F 108 -25.62 85.80 37.90
CA ALA F 108 -25.44 86.81 36.85
C ALA F 108 -26.09 86.39 35.54
N LEU F 109 -26.20 85.09 35.30
CA LEU F 109 -26.80 84.61 34.04
C LEU F 109 -28.30 84.87 33.94
N TYR F 110 -29.00 84.77 35.07
CA TYR F 110 -30.42 85.03 35.14
C TYR F 110 -30.70 86.52 34.92
N ASP F 111 -29.80 87.35 35.45
CA ASP F 111 -29.88 88.79 35.26
C ASP F 111 -29.59 89.12 33.79
N LEU F 112 -28.55 88.52 33.23
CA LEU F 112 -28.19 88.75 31.83
C LEU F 112 -29.23 88.23 30.85
N ALA F 113 -29.67 86.98 31.03
CA ALA F 113 -30.66 86.41 30.13
C ALA F 113 -31.98 87.22 30.15
N GLY F 114 -32.37 87.61 31.36
CA GLY F 114 -33.49 88.53 31.54
C GLY F 114 -33.31 89.85 30.81
N LYS F 115 -32.14 90.48 30.95
CA LYS F 115 -31.91 91.74 30.24
C LYS F 115 -31.94 91.54 28.72
N GLN F 116 -31.42 90.40 28.28
CA GLN F 116 -31.37 90.11 26.84
C GLN F 116 -32.77 90.03 26.28
N LEU F 117 -33.66 89.36 27.02
CA LEU F 117 -35.01 89.03 26.55
C LEU F 117 -36.02 90.09 26.95
N GLY F 118 -35.62 90.96 27.87
CA GLY F 118 -36.49 92.02 28.35
C GLY F 118 -37.54 91.55 29.36
N VAL F 119 -37.26 90.43 30.03
CA VAL F 119 -38.18 89.88 31.02
C VAL F 119 -37.56 89.80 32.42
N PRO F 120 -38.39 89.95 33.47
CA PRO F 120 -37.89 89.77 34.84
C PRO F 120 -37.41 88.33 35.05
N ALA F 121 -36.39 88.16 35.87
CA ALA F 121 -35.78 86.85 36.05
C ALA F 121 -36.78 85.81 36.57
N TYR F 122 -37.76 86.22 37.39
CA TYR F 122 -38.69 85.22 37.93
C TYR F 122 -39.41 84.44 36.83
N LYS F 123 -39.61 85.07 35.67
CA LYS F 123 -40.20 84.38 34.53
C LYS F 123 -39.28 83.29 34.00
N LEU F 124 -37.97 83.56 33.98
CA LEU F 124 -36.98 82.56 33.56
C LEU F 124 -36.78 81.48 34.61
N MET F 125 -37.32 81.71 35.80
CA MET F 125 -37.25 80.76 36.92
C MET F 125 -38.50 79.87 37.01
N GLY F 126 -39.38 79.94 36.00
CA GLY F 126 -40.63 79.17 36.04
C GLY F 126 -41.92 79.98 36.13
N GLY F 127 -41.83 81.22 36.58
CA GLY F 127 -43.02 82.06 36.65
C GLY F 127 -43.48 82.29 38.08
N ALA F 128 -44.08 83.46 38.33
CA ALA F 128 -44.50 83.80 39.69
C ALA F 128 -45.56 82.80 40.17
N GLN F 129 -45.40 82.27 41.37
CA GLN F 129 -46.39 81.33 41.89
C GLN F 129 -46.98 81.75 43.22
N LYS F 130 -46.81 83.02 43.56
CA LYS F 130 -47.61 83.58 44.63
C LYS F 130 -47.99 85.02 44.40
N ALA F 131 -49.07 85.43 45.07
CA ALA F 131 -49.59 86.79 44.97
C ALA F 131 -48.57 87.81 45.50
N GLN F 132 -47.93 87.49 46.62
CA GLN F 132 -47.03 88.43 47.33
C GLN F 132 -45.78 87.71 47.82
N LEU F 133 -44.64 88.37 47.74
CA LEU F 133 -43.48 87.91 48.50
C LEU F 133 -43.51 88.44 49.93
N THR F 134 -43.63 87.53 50.89
CA THR F 134 -43.62 87.88 52.30
C THR F 134 -42.40 87.30 53.00
N PRO F 135 -41.41 88.14 53.27
CA PRO F 135 -40.21 87.56 53.85
C PRO F 135 -40.32 87.50 55.35
N TYR F 136 -39.39 86.78 55.98
CA TYR F 136 -39.13 87.03 57.38
C TYR F 136 -37.86 87.83 57.43
N PHE F 137 -37.83 88.79 58.35
CA PHE F 137 -36.72 89.72 58.47
C PHE F 137 -35.77 89.37 59.58
N THR F 138 -34.51 89.17 59.22
CA THR F 138 -33.48 88.86 60.18
C THR F 138 -33.09 90.14 60.88
N LEU F 139 -33.21 90.14 62.21
CA LEU F 139 -32.87 91.29 63.04
C LEU F 139 -31.61 90.96 63.85
N TYR F 140 -30.54 91.67 63.55
CA TYR F 140 -29.28 91.51 64.28
C TYR F 140 -28.90 92.88 64.84
N PRO F 141 -28.82 93.02 66.15
CA PRO F 141 -28.57 94.36 66.65
C PRO F 141 -27.09 94.75 66.63
N SER F 142 -26.83 96.04 66.54
CA SER F 142 -25.48 96.58 66.58
C SER F 142 -25.09 96.75 68.04
N VAL F 143 -24.19 95.92 68.54
CA VAL F 143 -23.75 96.02 69.93
C VAL F 143 -22.26 95.75 70.10
N ALA F 144 -21.70 96.26 71.19
CA ALA F 144 -20.34 95.88 71.60
C ALA F 144 -20.22 94.35 71.75
N ALA F 145 -18.99 93.86 71.84
CA ALA F 145 -18.76 92.50 72.29
C ALA F 145 -18.95 92.42 73.80
N ASP F 146 -19.28 91.24 74.30
CA ASP F 146 -19.60 91.10 75.71
C ASP F 146 -20.54 92.21 76.16
N ALA F 147 -21.52 92.54 75.31
CA ALA F 147 -22.74 93.18 75.78
C ALA F 147 -23.57 92.12 76.49
N THR F 148 -24.19 92.49 77.59
CA THR F 148 -24.98 91.55 78.35
C THR F 148 -26.28 91.24 77.60
N LEU F 149 -26.90 90.13 78.00
CA LEU F 149 -28.18 89.77 77.43
C LEU F 149 -29.17 90.92 77.54
N SER F 150 -29.16 91.59 78.68
CA SER F 150 -30.05 92.72 78.90
C SER F 150 -29.79 93.88 77.94
N GLU F 151 -28.53 94.19 77.70
CA GLU F 151 -28.17 95.23 76.74
C GLU F 151 -28.57 94.83 75.31
N ILE F 152 -28.46 93.55 75.01
CA ILE F 152 -28.95 93.05 73.73
C ILE F 152 -30.48 93.18 73.64
N VAL F 153 -31.20 92.76 74.66
CA VAL F 153 -32.64 92.98 74.65
C VAL F 153 -32.97 94.43 74.30
N GLU F 154 -32.44 95.39 75.07
CA GLU F 154 -32.65 96.82 74.80
C GLU F 154 -32.32 97.22 73.36
N ALA F 155 -31.19 96.75 72.84
CA ALA F 155 -30.81 97.11 71.47
C ALA F 155 -31.80 96.55 70.43
N TYR F 156 -32.45 95.44 70.78
CA TYR F 156 -33.46 94.80 69.90
C TYR F 156 -34.75 95.60 69.80
N LYS F 157 -35.11 96.29 70.87
CA LYS F 157 -36.43 96.95 70.94
C LYS F 157 -36.76 97.83 69.73
N PRO F 158 -35.86 98.76 69.36
CA PRO F 158 -36.16 99.63 68.22
C PRO F 158 -36.15 98.90 66.89
N LEU F 159 -35.38 97.83 66.79
CA LEU F 159 -35.40 96.97 65.62
C LEU F 159 -36.78 96.31 65.52
N ILE F 160 -37.22 95.69 66.60
CA ILE F 160 -38.52 95.03 66.60
C ILE F 160 -39.64 96.02 66.31
N ALA F 161 -39.56 97.23 66.86
CA ALA F 161 -40.55 98.27 66.58
C ALA F 161 -40.54 98.68 65.11
N LYS F 162 -39.38 98.72 64.49
CA LYS F 162 -39.36 99.14 63.11
C LYS F 162 -40.05 98.08 62.26
N ALA F 163 -39.85 96.80 62.63
CA ALA F 163 -40.47 95.68 61.92
C ALA F 163 -41.99 95.75 62.04
N LYS F 164 -42.48 96.01 63.26
CA LYS F 164 -43.92 96.17 63.47
C LYS F 164 -44.48 97.31 62.62
N GLU F 165 -43.74 98.40 62.60
CA GLU F 165 -44.14 99.61 61.91
C GLU F 165 -44.30 99.33 60.40
N ARG F 166 -43.47 98.42 59.88
CA ARG F 166 -43.51 98.03 58.47
C ARG F 166 -44.50 96.90 58.20
N GLY F 167 -45.02 96.30 59.26
CA GLY F 167 -46.06 95.27 59.08
C GLY F 167 -45.47 93.90 58.81
N ALA F 168 -44.24 93.69 59.26
CA ALA F 168 -43.58 92.40 59.10
C ALA F 168 -44.47 91.27 59.63
N LYS F 169 -44.47 90.12 58.94
CA LYS F 169 -45.21 88.95 59.41
C LYS F 169 -44.37 88.05 60.31
N ALA F 170 -43.05 88.26 60.28
CA ALA F 170 -42.13 87.30 60.89
C ALA F 170 -40.77 87.93 61.04
N VAL F 171 -40.15 87.71 62.20
CA VAL F 171 -38.81 88.22 62.41
C VAL F 171 -37.95 87.13 63.01
N LYS F 172 -36.65 87.17 62.72
CA LYS F 172 -35.71 86.23 63.31
C LYS F 172 -34.78 87.01 64.23
N VAL F 173 -34.62 86.51 65.44
CA VAL F 173 -33.64 87.06 66.36
C VAL F 173 -32.52 86.06 66.61
N CYS F 174 -31.46 86.52 67.26
CA CYS F 174 -30.23 85.75 67.33
C CYS F 174 -29.77 85.59 68.77
N ILE F 175 -29.16 84.44 69.06
CA ILE F 175 -28.30 84.31 70.21
C ILE F 175 -26.86 84.64 69.84
N ILE F 176 -26.38 85.80 70.28
CA ILE F 176 -24.99 86.19 70.05
C ILE F 176 -24.09 85.22 70.79
N PRO F 177 -23.08 84.64 70.11
CA PRO F 177 -22.26 83.58 70.69
C PRO F 177 -21.69 84.04 72.02
N ASN F 178 -21.92 83.27 73.07
CA ASN F 178 -21.63 83.74 74.39
C ASN F 178 -21.59 82.58 75.36
N ASP F 179 -20.40 82.11 75.68
CA ASP F 179 -20.30 80.92 76.53
C ASP F 179 -20.10 81.26 78.00
N LYS F 180 -20.21 82.54 78.34
CA LYS F 180 -20.18 82.96 79.73
C LYS F 180 -21.60 83.08 80.26
N VAL F 181 -22.56 82.54 79.51
CA VAL F 181 -23.98 82.66 79.84
C VAL F 181 -24.63 81.26 79.78
N SER F 182 -25.57 80.98 80.67
CA SER F 182 -26.12 79.63 80.78
C SER F 182 -27.36 79.45 79.90
N ASP F 183 -27.76 78.19 79.66
CA ASP F 183 -28.96 77.94 78.86
C ASP F 183 -30.23 78.44 79.55
N LYS F 184 -30.28 78.36 80.87
CA LYS F 184 -31.41 78.87 81.64
C LYS F 184 -31.57 80.39 81.46
N GLU F 185 -30.45 81.09 81.34
CA GLU F 185 -30.42 82.52 80.99
C GLU F 185 -30.88 82.77 79.54
N ILE F 186 -30.51 81.86 78.65
CA ILE F 186 -30.91 81.99 77.24
C ILE F 186 -32.42 81.86 77.11
N VAL F 187 -32.98 80.94 77.88
CA VAL F 187 -34.42 80.76 78.00
C VAL F 187 -35.08 82.05 78.44
N ALA F 188 -34.59 82.66 79.53
CA ALA F 188 -35.17 83.92 80.01
C ALA F 188 -35.05 85.01 78.95
N TYR F 189 -33.90 85.06 78.29
CA TYR F 189 -33.65 86.01 77.19
C TYR F 189 -34.67 85.87 76.04
N LEU F 190 -34.89 84.64 75.56
CA LEU F 190 -35.85 84.37 74.49
C LEU F 190 -37.32 84.60 74.88
N ARG F 191 -37.70 84.23 76.11
CA ARG F 191 -39.02 84.63 76.63
C ARG F 191 -39.23 86.14 76.63
N GLU F 192 -38.25 86.91 77.11
CA GLU F 192 -38.33 88.39 77.07
C GLU F 192 -38.58 88.89 75.64
N LEU F 193 -37.85 88.34 74.69
CA LEU F 193 -37.94 88.79 73.31
C LEU F 193 -39.33 88.52 72.73
N ARG F 194 -39.92 87.38 73.07
CA ARG F 194 -41.31 87.13 72.65
C ARG F 194 -42.26 88.18 73.19
N GLU F 195 -42.09 88.54 74.46
CA GLU F 195 -42.91 89.60 75.06
C GLU F 195 -42.75 90.89 74.27
N VAL F 196 -41.53 91.21 73.87
CA VAL F 196 -41.32 92.43 73.12
C VAL F 196 -41.86 92.32 71.71
N ILE F 197 -41.77 91.12 71.13
CA ILE F 197 -42.27 90.88 69.78
C ILE F 197 -43.79 90.85 69.77
N GLY F 198 -44.36 90.34 70.87
CA GLY F 198 -45.79 90.13 70.92
C GLY F 198 -46.17 88.92 70.08
N TRP F 199 -47.44 88.87 69.68
CA TRP F 199 -48.01 87.65 69.15
C TRP F 199 -48.76 87.85 67.85
N ASP F 200 -48.53 88.97 67.19
CA ASP F 200 -49.04 89.15 65.83
C ASP F 200 -47.97 88.86 64.76
N MET F 201 -46.75 88.54 65.18
CA MET F 201 -45.64 88.20 64.25
C MET F 201 -45.08 86.81 64.60
N ASP F 202 -44.68 86.04 63.59
CA ASP F 202 -43.98 84.79 63.87
C ASP F 202 -42.58 85.14 64.34
N MET F 203 -42.00 84.27 65.18
CA MET F 203 -40.72 84.49 65.81
C MET F 203 -39.82 83.31 65.48
N MET F 204 -38.68 83.57 64.83
CA MET F 204 -37.68 82.54 64.57
C MET F 204 -36.43 82.84 65.41
N VAL F 205 -35.65 81.82 65.74
CA VAL F 205 -34.38 82.03 66.45
C VAL F 205 -33.23 81.43 65.67
N ASP F 206 -32.19 82.22 65.44
CA ASP F 206 -30.92 81.71 64.92
C ASP F 206 -29.94 81.47 66.08
N CYS F 207 -29.61 80.21 66.33
CA CYS F 207 -28.78 79.86 67.47
C CYS F 207 -27.31 80.16 67.29
N LEU F 208 -26.90 80.42 66.04
CA LEU F 208 -25.49 80.61 65.72
C LEU F 208 -24.59 79.52 66.29
N TYR F 209 -25.03 78.28 66.21
CA TYR F 209 -24.18 77.13 66.51
C TYR F 209 -23.68 77.06 67.96
N ARG F 210 -24.53 77.46 68.89
CA ARG F 210 -24.22 77.49 70.32
C ARG F 210 -23.99 76.08 70.87
N TRP F 211 -24.82 75.12 70.42
CA TRP F 211 -24.86 73.82 71.09
C TRP F 211 -24.10 72.74 70.33
N THR F 212 -23.54 71.80 71.08
CA THR F 212 -22.92 70.64 70.50
C THR F 212 -23.67 69.37 70.92
N ASP F 213 -24.20 69.34 72.14
CA ASP F 213 -24.97 68.18 72.64
C ASP F 213 -26.45 68.36 72.39
N TRP F 214 -27.06 67.46 71.61
CA TRP F 214 -28.46 67.64 71.19
C TRP F 214 -29.41 67.65 72.41
N GLN F 215 -29.00 66.95 73.46
CA GLN F 215 -29.83 66.85 74.66
C GLN F 215 -29.82 68.16 75.47
N LYS F 216 -28.76 68.95 75.31
CA LYS F 216 -28.71 70.28 75.93
C LYS F 216 -29.61 71.26 75.17
N ALA F 217 -29.64 71.17 73.85
CA ALA F 217 -30.54 71.99 73.06
C ALA F 217 -32.02 71.57 73.30
N ARG F 218 -32.25 70.27 73.45
CA ARG F 218 -33.57 69.71 73.68
C ARG F 218 -34.17 70.31 74.95
N TRP F 219 -33.39 70.28 76.03
CA TRP F 219 -33.79 70.87 77.30
C TRP F 219 -34.22 72.32 77.15
N THR F 220 -33.38 73.10 76.49
CA THR F 220 -33.63 74.51 76.21
C THR F 220 -34.95 74.78 75.49
N PHE F 221 -35.15 74.11 74.37
CA PHE F 221 -36.32 74.40 73.57
C PHE F 221 -37.59 73.70 74.05
N ARG F 222 -37.43 72.71 74.94
CA ARG F 222 -38.57 72.23 75.73
C ARG F 222 -39.08 73.35 76.67
N GLN F 223 -38.18 74.06 77.35
CA GLN F 223 -38.61 75.18 78.22
C GLN F 223 -39.37 76.23 77.41
N LEU F 224 -39.02 76.37 76.13
CA LEU F 224 -39.51 77.49 75.31
C LEU F 224 -40.71 77.12 74.43
N GLU F 225 -41.28 75.95 74.66
CA GLU F 225 -42.43 75.54 73.90
C GLU F 225 -43.53 76.59 73.97
N ASP F 226 -43.68 77.20 75.15
CA ASP F 226 -44.75 78.18 75.33
C ASP F 226 -44.53 79.51 74.60
N ILE F 227 -43.32 79.81 74.13
CA ILE F 227 -43.18 80.98 73.26
C ILE F 227 -43.42 80.69 71.76
N ASP F 228 -43.66 79.42 71.42
CA ASP F 228 -44.19 79.08 70.09
C ASP F 228 -43.27 79.52 68.94
N LEU F 229 -41.99 79.15 69.00
CA LEU F 229 -41.04 79.50 67.94
C LEU F 229 -41.45 78.84 66.62
N TYR F 230 -41.40 79.61 65.55
CA TYR F 230 -41.76 79.14 64.22
C TYR F 230 -40.71 78.14 63.67
N PHE F 231 -39.43 78.48 63.80
CA PHE F 231 -38.33 77.54 63.55
C PHE F 231 -37.09 77.86 64.34
N ILE F 232 -36.21 76.89 64.44
CA ILE F 232 -34.99 77.00 65.23
C ILE F 232 -33.83 76.68 64.30
N GLU F 233 -32.93 77.65 64.14
CA GLU F 233 -31.88 77.59 63.11
C GLU F 233 -30.50 77.47 63.74
N ALA F 234 -29.61 76.74 63.07
CA ALA F 234 -28.19 76.68 63.44
C ALA F 234 -28.04 76.27 64.89
N CYS F 235 -28.79 75.25 65.27
CA CYS F 235 -28.82 74.80 66.65
C CYS F 235 -27.58 73.99 67.04
N LEU F 236 -27.22 73.00 66.22
CA LEU F 236 -26.15 72.09 66.54
C LEU F 236 -25.04 72.28 65.50
N GLN F 237 -23.89 71.62 65.67
CA GLN F 237 -22.80 71.82 64.74
C GLN F 237 -23.18 71.28 63.37
N HIS F 238 -22.65 71.88 62.31
CA HIS F 238 -23.20 71.72 60.96
C HIS F 238 -22.97 70.32 60.41
N ASP F 239 -21.92 69.65 60.89
CA ASP F 239 -21.58 68.29 60.46
C ASP F 239 -22.39 67.22 61.16
N ASP F 240 -23.03 67.59 62.27
CA ASP F 240 -23.67 66.60 63.13
C ASP F 240 -25.11 66.29 62.70
N LEU F 241 -25.22 65.44 61.68
CA LEU F 241 -26.51 65.11 61.11
C LEU F 241 -27.35 64.30 62.09
N ILE F 242 -26.70 63.41 62.85
CA ILE F 242 -27.39 62.55 63.81
C ILE F 242 -28.02 63.32 65.01
N GLY F 243 -27.26 64.23 65.61
CA GLY F 243 -27.84 65.12 66.62
C GLY F 243 -29.02 65.92 66.08
N HIS F 244 -28.90 66.41 64.85
CA HIS F 244 -30.03 67.10 64.25
C HIS F 244 -31.24 66.20 64.14
N GLN F 245 -31.06 64.95 63.70
CA GLN F 245 -32.22 64.09 63.53
C GLN F 245 -32.90 63.77 64.87
N LYS F 246 -32.09 63.59 65.91
CA LYS F 246 -32.61 63.35 67.26
C LYS F 246 -33.36 64.55 67.84
N LEU F 247 -32.83 65.73 67.60
CA LEU F 247 -33.46 66.95 68.08
C LEU F 247 -34.75 67.27 67.29
N ALA F 248 -34.72 67.11 65.97
CA ALA F 248 -35.94 67.30 65.17
C ALA F 248 -37.11 66.41 65.64
N ALA F 249 -36.79 65.17 66.00
CA ALA F 249 -37.81 64.22 66.45
C ALA F 249 -38.30 64.54 67.87
N ALA F 250 -37.50 65.25 68.67
CA ALA F 250 -37.90 65.52 70.06
C ALA F 250 -38.65 66.85 70.26
N ILE F 251 -38.32 67.87 69.47
CA ILE F 251 -39.01 69.16 69.59
C ILE F 251 -40.39 69.14 68.92
N ASN F 252 -41.16 70.22 69.08
CA ASN F 252 -42.49 70.29 68.51
C ASN F 252 -42.67 71.38 67.44
N THR F 253 -41.58 71.91 66.91
CA THR F 253 -41.65 72.85 65.77
C THR F 253 -40.64 72.49 64.72
N ARG F 254 -40.31 73.48 63.90
CA ARG F 254 -39.40 73.27 62.78
C ARG F 254 -37.98 73.44 63.23
N LEU F 255 -37.12 72.51 62.80
CA LEU F 255 -35.68 72.69 62.91
C LEU F 255 -35.08 72.99 61.52
N CYS F 256 -34.19 73.98 61.43
CA CYS F 256 -33.54 74.28 60.15
C CYS F 256 -32.18 73.63 60.03
N GLY F 257 -31.70 73.51 58.80
CA GLY F 257 -30.36 72.97 58.56
C GLY F 257 -29.81 73.43 57.22
N ALA F 258 -28.56 73.06 56.94
CA ALA F 258 -27.94 73.23 55.62
C ALA F 258 -27.57 74.68 55.28
N GLU F 259 -27.52 75.54 56.28
CA GLU F 259 -27.12 76.94 56.08
C GLU F 259 -25.79 77.11 55.34
N MET F 260 -24.78 76.32 55.72
CA MET F 260 -23.42 76.41 55.14
C MET F 260 -23.17 75.42 53.97
N SER F 261 -24.15 74.57 53.67
CA SER F 261 -23.94 73.47 52.73
C SER F 261 -23.96 73.95 51.28
N THR F 262 -23.42 73.13 50.39
CA THR F 262 -23.48 73.39 48.96
C THR F 262 -23.96 72.14 48.19
N THR F 263 -24.70 72.38 47.10
CA THR F 263 -25.21 71.33 46.21
C THR F 263 -26.49 70.68 46.69
N ARG F 264 -27.28 70.20 45.74
CA ARG F 264 -28.51 69.50 46.04
C ARG F 264 -28.20 68.19 46.77
N PHE F 265 -26.96 67.71 46.65
CA PHE F 265 -26.60 66.40 47.22
C PHE F 265 -26.51 66.50 48.75
N GLU F 266 -25.99 67.62 49.23
CA GLU F 266 -25.91 67.85 50.67
C GLU F 266 -27.31 68.15 51.18
N ALA F 267 -28.02 69.03 50.46
CA ALA F 267 -29.40 69.38 50.83
C ALA F 267 -30.20 68.11 51.03
N GLN F 268 -30.16 67.24 50.03
CA GLN F 268 -30.92 66.02 50.04
C GLN F 268 -30.53 65.09 51.17
N GLU F 269 -29.23 65.00 51.49
CA GLU F 269 -28.83 64.19 52.64
C GLU F 269 -29.36 64.77 53.97
N TRP F 270 -29.32 66.08 54.14
CA TRP F 270 -29.86 66.68 55.35
C TRP F 270 -31.32 66.23 55.49
N LEU F 271 -32.05 66.37 54.39
CA LEU F 271 -33.45 66.04 54.33
C LEU F 271 -33.75 64.56 54.65
N GLU F 272 -32.98 63.66 54.05
CA GLU F 272 -33.12 62.21 54.24
C GLU F 272 -32.83 61.87 55.69
N LYS F 273 -31.73 62.42 56.19
CA LYS F 273 -31.10 61.95 57.40
C LYS F 273 -31.70 62.58 58.66
N THR F 274 -32.02 63.86 58.58
CA THR F 274 -32.34 64.62 59.79
C THR F 274 -33.83 64.85 59.94
N GLY F 275 -34.53 65.06 58.82
CA GLY F 275 -35.91 65.52 58.86
C GLY F 275 -36.06 67.00 59.20
N ILE F 276 -35.03 67.80 58.97
CA ILE F 276 -35.17 69.24 59.12
C ILE F 276 -36.33 69.72 58.26
N SER F 277 -37.04 70.73 58.74
CA SER F 277 -38.26 71.18 58.09
C SER F 277 -38.01 72.41 57.26
N VAL F 278 -36.85 73.01 57.44
CA VAL F 278 -36.44 74.17 56.67
C VAL F 278 -35.00 73.98 56.20
N VAL F 279 -34.76 74.16 54.89
CA VAL F 279 -33.44 74.01 54.28
C VAL F 279 -32.95 75.41 54.00
N GLN F 280 -31.68 75.72 54.32
CA GLN F 280 -31.17 77.10 54.20
C GLN F 280 -30.02 77.33 53.20
N SER F 281 -29.80 76.38 52.29
CA SER F 281 -28.82 76.53 51.20
C SER F 281 -28.86 77.94 50.61
N ASP F 282 -27.70 78.57 50.55
CA ASP F 282 -27.53 80.01 50.28
C ASP F 282 -27.37 80.32 48.77
N TYR F 283 -28.08 81.35 48.29
CA TYR F 283 -28.01 81.78 46.87
C TYR F 283 -26.62 81.90 46.32
N ASN F 284 -25.70 82.47 47.09
CA ASN F 284 -24.38 82.78 46.58
C ASN F 284 -23.32 81.77 47.04
N ARG F 285 -23.78 80.64 47.58
CA ARG F 285 -22.89 79.59 48.06
C ARG F 285 -23.15 78.21 47.40
N CYS F 286 -24.42 77.84 47.29
CA CYS F 286 -24.81 76.44 47.10
C CYS F 286 -24.73 75.92 45.65
N GLY F 287 -24.53 76.83 44.70
CA GLY F 287 -24.54 76.52 43.27
C GLY F 287 -25.39 77.53 42.50
N GLY F 288 -26.22 78.27 43.24
CA GLY F 288 -26.99 79.37 42.69
C GLY F 288 -28.47 79.06 42.54
N VAL F 289 -29.13 79.88 41.73
CA VAL F 289 -30.56 79.76 41.53
C VAL F 289 -30.87 78.45 40.79
N THR F 290 -30.02 78.09 39.84
CA THR F 290 -30.22 76.84 39.10
C THR F 290 -30.18 75.63 40.04
N GLU F 291 -29.33 75.68 41.04
CA GLU F 291 -29.26 74.56 41.96
C GLU F 291 -30.39 74.66 42.97
N LEU F 292 -30.69 75.88 43.40
CA LEU F 292 -31.77 76.07 44.37
C LEU F 292 -33.10 75.60 43.78
N LEU F 293 -33.30 75.80 42.47
CA LEU F 293 -34.48 75.22 41.82
C LEU F 293 -34.61 73.69 42.01
N ARG F 294 -33.50 72.96 41.85
CA ARG F 294 -33.52 71.51 42.02
C ARG F 294 -33.78 71.14 43.48
N ILE F 295 -33.23 71.94 44.38
CA ILE F 295 -33.35 71.74 45.82
C ILE F 295 -34.80 71.96 46.24
N MET F 296 -35.44 72.94 45.61
CA MET F 296 -36.87 73.25 45.81
C MET F 296 -37.72 72.02 45.53
N ASP F 297 -37.44 71.36 44.40
CA ASP F 297 -38.25 70.19 44.01
C ASP F 297 -38.04 69.07 45.03
N ILE F 298 -36.82 68.94 45.55
CA ILE F 298 -36.53 67.88 46.52
C ILE F 298 -37.20 68.23 47.86
N CYS F 299 -37.11 69.50 48.26
CA CYS F 299 -37.84 69.96 49.44
C CYS F 299 -39.31 69.62 49.30
N GLU F 300 -39.91 69.90 48.14
CA GLU F 300 -41.35 69.62 47.94
C GLU F 300 -41.74 68.17 48.21
N HIS F 301 -40.88 67.25 47.79
CA HIS F 301 -41.13 65.82 48.03
C HIS F 301 -41.16 65.50 49.53
N HIS F 302 -40.27 66.13 50.30
CA HIS F 302 -40.21 65.89 51.74
C HIS F 302 -41.17 66.79 52.55
N ASN F 303 -41.94 67.62 51.86
CA ASN F 303 -42.77 68.64 52.51
C ASN F 303 -41.95 69.48 53.48
N ALA F 304 -40.78 69.90 53.01
CA ALA F 304 -39.93 70.84 53.72
C ALA F 304 -40.02 72.20 53.03
N GLN F 305 -39.76 73.27 53.75
CA GLN F 305 -39.68 74.60 53.14
C GLN F 305 -38.22 74.97 52.82
N LEU F 306 -38.05 75.78 51.81
CA LEU F 306 -36.73 76.22 51.42
C LEU F 306 -36.61 77.72 51.67
N MET F 307 -35.70 78.08 52.56
CA MET F 307 -35.53 79.47 52.99
C MET F 307 -34.06 79.83 52.89
N PRO F 308 -33.56 80.06 51.67
CA PRO F 308 -32.13 80.24 51.42
C PRO F 308 -31.54 81.37 52.29
N HIS F 309 -30.48 81.03 53.02
CA HIS F 309 -29.68 81.99 53.75
C HIS F 309 -29.39 83.17 52.85
N ASN F 310 -29.53 84.35 53.44
CA ASN F 310 -29.51 85.59 52.71
C ASN F 310 -28.98 86.69 53.62
N TRP F 311 -27.67 86.83 53.66
CA TRP F 311 -27.01 87.90 54.42
C TRP F 311 -25.75 88.39 53.66
N LYS F 312 -25.96 89.02 52.52
CA LYS F 312 -24.87 89.57 51.70
C LYS F 312 -25.19 91.02 51.37
N THR F 313 -25.62 91.25 50.14
CA THR F 313 -25.74 92.58 49.56
C THR F 313 -27.11 92.67 48.88
N GLY F 314 -27.46 93.83 48.34
CA GLY F 314 -28.65 93.97 47.52
C GLY F 314 -28.63 93.17 46.22
N ILE F 315 -27.46 92.68 45.84
CA ILE F 315 -27.37 91.80 44.69
C ILE F 315 -28.04 90.47 44.99
N THR F 316 -27.64 89.84 46.09
CA THR F 316 -28.35 88.64 46.57
C THR F 316 -29.81 88.94 46.98
N ALA F 317 -30.10 90.16 47.43
CA ALA F 317 -31.49 90.49 47.80
C ALA F 317 -32.39 90.45 46.57
N ALA F 318 -31.85 90.87 45.43
CA ALA F 318 -32.58 90.81 44.18
C ALA F 318 -32.81 89.35 43.80
N ALA F 319 -31.82 88.50 44.01
CA ALA F 319 -32.02 87.10 43.69
C ALA F 319 -33.12 86.51 44.58
N ALA F 320 -33.11 86.88 45.86
CA ALA F 320 -34.16 86.44 46.79
C ALA F 320 -35.57 86.89 46.41
N ARG F 321 -35.72 88.09 45.88
CA ARG F 321 -37.06 88.57 45.52
C ARG F 321 -37.65 87.74 44.38
N HIS F 322 -36.84 87.52 43.34
CA HIS F 322 -37.27 86.72 42.20
C HIS F 322 -37.49 85.23 42.56
N PHE F 323 -36.53 84.60 43.23
CA PHE F 323 -36.68 83.22 43.65
C PHE F 323 -37.84 83.06 44.64
N GLY F 324 -37.88 83.92 45.65
CA GLY F 324 -38.97 83.88 46.62
C GLY F 324 -40.36 83.96 46.01
N ILE F 325 -40.51 84.64 44.89
CA ILE F 325 -41.83 84.73 44.27
C ILE F 325 -42.18 83.45 43.48
N VAL F 326 -41.18 82.58 43.28
CA VAL F 326 -41.33 81.38 42.48
C VAL F 326 -41.45 80.16 43.41
N CYS F 327 -40.91 80.32 44.61
CA CYS F 327 -40.80 79.24 45.57
C CYS F 327 -42.09 79.09 46.38
N HIS F 328 -43.08 78.42 45.79
CA HIS F 328 -44.41 78.32 46.37
C HIS F 328 -44.50 77.41 47.60
N ILE F 329 -43.52 76.55 47.80
CA ILE F 329 -43.51 75.68 48.98
C ILE F 329 -43.15 76.47 50.25
N SER F 330 -42.67 77.70 50.07
CA SER F 330 -42.14 78.48 51.18
C SER F 330 -43.06 79.67 51.54
N GLU F 331 -43.50 79.69 52.79
CA GLU F 331 -44.35 80.74 53.29
C GLU F 331 -43.57 82.05 53.38
N TYR F 332 -42.35 81.93 53.87
CA TYR F 332 -41.43 83.05 54.03
C TYR F 332 -40.10 82.69 53.34
N VAL F 333 -39.27 83.70 53.07
CA VAL F 333 -37.84 83.47 52.84
C VAL F 333 -37.02 84.51 53.61
N GLU F 334 -35.78 84.18 53.93
CA GLU F 334 -34.98 85.09 54.73
C GLU F 334 -34.72 86.33 53.91
N TYR F 335 -34.77 87.49 54.57
CA TYR F 335 -34.46 88.76 53.95
C TYR F 335 -33.68 89.65 54.93
N LEU F 336 -32.57 90.20 54.45
CA LEU F 336 -31.86 91.29 55.12
C LEU F 336 -32.27 92.60 54.46
N HIS F 337 -33.00 93.43 55.19
CA HIS F 337 -33.43 94.72 54.66
C HIS F 337 -32.61 95.86 55.23
N PRO F 338 -32.41 96.91 54.43
CA PRO F 338 -31.65 98.07 54.86
C PRO F 338 -32.31 98.83 56.02
N ASP F 339 -33.62 98.73 56.18
CA ASP F 339 -34.23 99.30 57.37
C ASP F 339 -33.68 98.69 58.66
N PHE F 340 -33.16 97.48 58.60
CA PHE F 340 -32.78 96.77 59.84
C PHE F 340 -31.30 96.55 60.01
N TRP F 341 -30.50 97.09 59.10
CA TRP F 341 -29.07 96.82 59.13
C TRP F 341 -28.29 97.95 58.48
N ASN F 342 -27.28 98.42 59.21
CA ASN F 342 -26.55 99.60 58.80
C ASN F 342 -25.19 99.32 58.19
N GLY F 343 -24.98 98.12 57.65
CA GLY F 343 -23.74 97.80 56.97
C GLY F 343 -23.54 98.69 55.75
N THR F 344 -22.29 99.00 55.46
CA THR F 344 -21.97 99.93 54.36
C THR F 344 -22.47 99.39 53.03
N LEU F 345 -22.22 98.11 52.78
CA LEU F 345 -22.61 97.52 51.52
C LEU F 345 -24.13 97.47 51.44
N THR F 346 -24.76 96.98 52.51
CA THR F 346 -26.21 96.92 52.60
C THR F 346 -26.83 98.28 52.28
N GLN F 347 -26.22 99.35 52.78
CA GLN F 347 -26.77 100.69 52.61
C GLN F 347 -26.39 101.36 51.30
N GLN F 348 -25.23 100.99 50.75
CA GLN F 348 -24.59 101.80 49.71
C GLN F 348 -24.32 101.11 48.34
N LEU F 349 -24.19 99.79 48.33
CA LEU F 349 -23.79 99.08 47.11
C LEU F 349 -24.85 99.09 46.02
N THR F 350 -26.12 98.95 46.42
CA THR F 350 -27.22 98.99 45.48
C THR F 350 -28.13 100.17 45.74
N LEU F 351 -28.82 100.60 44.69
CA LEU F 351 -29.69 101.77 44.73
C LEU F 351 -31.15 101.34 44.73
N ASN F 352 -31.98 102.14 45.39
CA ASN F 352 -33.43 101.99 45.28
C ASN F 352 -33.96 100.61 45.70
N GLU F 353 -33.54 100.17 46.89
CA GLU F 353 -34.04 98.96 47.50
C GLU F 353 -35.55 99.05 47.77
N PRO F 354 -36.35 98.12 47.19
CA PRO F 354 -37.78 98.11 47.45
C PRO F 354 -38.10 98.21 48.94
N LYS F 355 -39.10 99.00 49.27
CA LYS F 355 -39.44 99.23 50.66
C LYS F 355 -40.50 98.22 51.12
N ILE F 356 -40.50 97.89 52.41
CA ILE F 356 -41.47 96.95 52.96
C ILE F 356 -42.84 97.60 53.17
N ILE F 357 -43.87 97.08 52.52
CA ILE F 357 -45.24 97.54 52.79
C ILE F 357 -46.13 96.41 53.33
N ASP F 358 -46.53 96.54 54.59
CA ASP F 358 -47.49 95.60 55.15
C ASP F 358 -46.84 94.22 55.23
N GLY F 359 -45.53 94.16 55.46
CA GLY F 359 -44.82 92.90 55.54
C GLY F 359 -44.43 92.30 54.20
N ALA F 360 -44.80 92.98 53.12
CA ALA F 360 -44.55 92.46 51.79
C ALA F 360 -43.53 93.27 51.02
N ILE F 361 -42.75 92.61 50.18
CA ILE F 361 -41.98 93.38 49.22
C ILE F 361 -42.29 93.00 47.78
N GLU F 362 -42.51 94.03 46.97
CA GLU F 362 -42.82 93.86 45.57
C GLU F 362 -41.63 93.36 44.76
N VAL F 363 -41.91 92.45 43.85
CA VAL F 363 -40.94 91.97 42.87
C VAL F 363 -41.33 92.63 41.56
N SER F 364 -40.53 93.56 41.09
CA SER F 364 -40.91 94.31 39.89
C SER F 364 -40.56 93.52 38.64
N ASP F 365 -41.14 93.92 37.51
CA ASP F 365 -40.83 93.23 36.27
C ASP F 365 -39.84 93.99 35.37
N LYS F 366 -39.01 94.80 36.01
CA LYS F 366 -37.73 95.25 35.45
C LYS F 366 -36.95 94.03 34.98
N PRO F 367 -36.40 94.09 33.76
CA PRO F 367 -35.73 92.95 33.16
C PRO F 367 -34.59 92.45 34.05
N GLY F 368 -34.31 91.16 34.01
CA GLY F 368 -33.28 90.57 34.84
C GLY F 368 -33.64 90.48 36.32
N LEU F 369 -32.65 90.66 37.16
CA LEU F 369 -32.85 90.59 38.58
C LEU F 369 -33.33 91.93 39.10
N GLY F 370 -33.24 92.95 38.25
CA GLY F 370 -33.70 94.29 38.58
C GLY F 370 -32.75 94.98 39.53
N ILE F 371 -31.45 94.81 39.30
CA ILE F 371 -30.45 95.41 40.17
C ILE F 371 -29.98 96.76 39.66
N GLU F 372 -30.03 97.77 40.52
CA GLU F 372 -29.42 99.06 40.21
C GLU F 372 -28.14 99.21 41.01
N LEU F 373 -27.00 98.92 40.39
CA LEU F 373 -25.72 98.96 41.09
C LEU F 373 -25.29 100.41 41.36
N ASN F 374 -24.71 100.67 42.54
CA ASN F 374 -24.16 102.00 42.83
C ASN F 374 -22.78 102.17 42.21
N ILE F 375 -22.77 102.47 40.91
CA ILE F 375 -21.52 102.45 40.16
C ILE F 375 -20.47 103.40 40.75
N GLU F 376 -20.87 104.62 41.11
CA GLU F 376 -19.92 105.54 41.74
C GLU F 376 -19.25 104.93 42.97
N PHE F 377 -20.02 104.23 43.80
CA PHE F 377 -19.50 103.65 45.04
C PHE F 377 -18.51 102.50 44.77
N VAL F 378 -18.85 101.65 43.81
CA VAL F 378 -17.93 100.60 43.37
C VAL F 378 -16.61 101.19 42.92
N GLU F 379 -16.66 102.16 42.02
CA GLU F 379 -15.42 102.77 41.53
C GLU F 379 -14.57 103.38 42.65
N GLN F 380 -15.23 104.06 43.58
CA GLN F 380 -14.59 104.57 44.79
C GLN F 380 -13.85 103.51 45.59
N VAL F 381 -14.50 102.37 45.83
CA VAL F 381 -13.93 101.44 46.79
C VAL F 381 -12.90 100.50 46.18
N THR F 382 -12.98 100.29 44.86
CA THR F 382 -12.07 99.39 44.18
C THR F 382 -10.87 100.13 43.58
N GLY F 383 -11.07 101.37 43.19
CA GLY F 383 -10.04 102.13 42.51
C GLY F 383 -10.00 101.85 41.02
N HIS F 384 -10.92 101.00 40.54
CA HIS F 384 -10.98 100.67 39.12
C HIS F 384 -12.26 101.21 38.47
N LYS F 385 -12.13 101.82 37.30
CA LYS F 385 -13.31 102.24 36.54
C LYS F 385 -14.23 101.06 36.25
N PHE F 386 -15.53 101.32 36.22
CA PHE F 386 -16.52 100.29 35.92
C PHE F 386 -17.09 100.51 34.51
N ALA G 5 -83.43 30.47 51.00
CA ALA G 5 -83.89 29.79 52.24
C ALA G 5 -82.76 29.69 53.25
N ASN G 6 -83.11 29.73 54.53
CA ASN G 6 -82.12 29.67 55.58
C ASN G 6 -81.62 28.26 55.83
N ILE G 7 -80.43 28.18 56.42
CA ILE G 7 -79.79 26.92 56.74
C ILE G 7 -80.48 26.31 57.94
N VAL G 8 -80.73 25.00 57.90
CA VAL G 8 -81.42 24.32 58.98
C VAL G 8 -80.53 23.36 59.77
N SER G 9 -79.62 22.67 59.10
CA SER G 9 -78.74 21.77 59.84
C SER G 9 -77.35 21.71 59.24
N VAL G 10 -76.41 21.23 60.03
CA VAL G 10 -75.06 21.00 59.60
C VAL G 10 -74.67 19.66 60.20
N GLU G 11 -74.16 18.77 59.36
CA GLU G 11 -73.77 17.45 59.82
C GLU G 11 -72.36 17.14 59.33
N PHE G 12 -71.52 16.67 60.26
CA PHE G 12 -70.18 16.20 59.94
C PHE G 12 -70.23 14.67 59.91
N ILE G 13 -69.93 14.08 58.75
CA ILE G 13 -70.08 12.64 58.53
C ILE G 13 -68.73 11.94 58.27
N PRO G 14 -68.19 11.25 59.30
CA PRO G 14 -66.99 10.47 59.16
C PRO G 14 -67.12 9.42 58.08
N VAL G 15 -66.21 9.43 57.12
CA VAL G 15 -66.10 8.38 56.15
C VAL G 15 -64.76 7.70 56.33
N ASN G 16 -64.79 6.47 56.86
CA ASN G 16 -63.57 5.76 57.19
C ASN G 16 -63.55 4.38 56.53
N VAL G 17 -62.70 4.21 55.52
CA VAL G 17 -62.63 2.93 54.80
C VAL G 17 -61.71 1.92 55.50
N ALA G 18 -62.29 0.80 55.90
CA ALA G 18 -61.54 -0.29 56.55
C ALA G 18 -60.77 -1.12 55.52
N GLU G 24 -57.08 6.12 54.34
CA GLU G 24 -58.18 6.60 53.47
C GLU G 24 -59.39 7.05 54.29
N ASN G 25 -59.53 8.35 54.51
CA ASN G 25 -60.72 8.86 55.20
C ASN G 25 -61.03 10.32 54.89
N THR G 26 -62.23 10.76 55.24
CA THR G 26 -62.53 12.18 55.07
C THR G 26 -63.71 12.52 55.97
N VAL G 27 -64.01 13.78 56.13
CA VAL G 27 -65.24 14.16 56.80
C VAL G 27 -66.10 14.90 55.81
N ILE G 28 -67.26 14.35 55.50
CA ILE G 28 -68.20 15.01 54.62
C ILE G 28 -69.02 15.97 55.43
N VAL G 29 -69.12 17.20 54.95
CA VAL G 29 -69.91 18.20 55.63
C VAL G 29 -71.12 18.48 54.79
N LYS G 30 -72.28 18.37 55.41
CA LYS G 30 -73.53 18.45 54.69
C LYS G 30 -74.41 19.44 55.40
N VAL G 31 -74.82 20.45 54.66
CA VAL G 31 -75.52 21.61 55.19
C VAL G 31 -76.85 21.70 54.45
N THR G 32 -77.94 21.67 55.18
CA THR G 32 -79.26 21.55 54.57
C THR G 32 -80.10 22.79 54.86
N ASP G 33 -80.78 23.29 53.83
CA ASP G 33 -81.65 24.45 54.00
C ASP G 33 -83.09 24.03 54.32
N GLU G 34 -83.96 25.02 54.50
CA GLU G 34 -85.35 24.82 54.89
C GLU G 34 -86.13 23.97 53.89
N ASN G 35 -85.79 24.09 52.62
CA ASN G 35 -86.45 23.29 51.57
C ASN G 35 -85.83 21.90 51.39
N GLY G 36 -84.83 21.57 52.20
CA GLY G 36 -84.21 20.23 52.12
C GLY G 36 -83.12 20.13 51.05
N VAL G 37 -82.81 21.25 50.41
CA VAL G 37 -81.66 21.31 49.50
C VAL G 37 -80.41 21.34 50.37
N TYR G 38 -79.35 20.70 49.90
CA TYR G 38 -78.16 20.57 50.72
C TYR G 38 -76.88 20.86 49.92
N GLY G 39 -75.82 21.20 50.64
CA GLY G 39 -74.53 21.49 50.05
C GLY G 39 -73.51 20.59 50.71
N LEU G 40 -72.48 20.22 49.95
CA LEU G 40 -71.45 19.31 50.42
C LEU G 40 -70.10 19.99 50.42
N GLY G 41 -69.36 19.79 51.50
CA GLY G 41 -67.96 20.17 51.56
C GLY G 41 -67.25 19.04 52.27
N GLU G 42 -65.95 19.20 52.49
CA GLU G 42 -65.24 18.28 53.37
C GLU G 42 -64.19 18.99 54.19
N ALA G 43 -63.98 18.49 55.40
CA ALA G 43 -63.07 19.10 56.35
C ALA G 43 -61.91 18.15 56.52
N ASP G 44 -60.70 18.70 56.68
CA ASP G 44 -59.54 17.87 56.95
C ASP G 44 -59.55 17.43 58.40
N GLY G 45 -58.74 16.43 58.73
CA GLY G 45 -58.55 16.05 60.14
C GLY G 45 -59.09 14.69 60.52
N PRO G 46 -58.73 14.20 61.71
CA PRO G 46 -59.23 12.89 62.15
C PRO G 46 -60.75 12.89 62.23
N PRO G 47 -61.39 12.00 61.47
CA PRO G 47 -62.82 12.07 61.20
C PRO G 47 -63.72 12.05 62.45
N GLU G 48 -63.51 11.09 63.36
CA GLU G 48 -64.31 11.04 64.60
C GLU G 48 -64.07 12.27 65.49
N CYS G 49 -62.82 12.72 65.55
CA CYS G 49 -62.46 13.96 66.26
C CYS G 49 -63.10 15.22 65.67
N MET G 50 -63.18 15.31 64.33
CA MET G 50 -63.83 16.45 63.69
C MET G 50 -65.35 16.45 63.97
N LYS G 51 -65.94 15.27 63.93
CA LYS G 51 -67.32 15.12 64.37
C LYS G 51 -67.55 15.64 65.80
N ALA G 52 -66.79 15.11 66.75
CA ALA G 52 -66.83 15.62 68.12
C ALA G 52 -66.69 17.14 68.18
N PHE G 53 -65.76 17.71 67.39
CA PHE G 53 -65.60 19.16 67.31
C PHE G 53 -66.91 19.87 66.96
N SER G 54 -67.61 19.33 65.96
CA SER G 54 -68.83 19.95 65.45
C SER G 54 -70.02 19.77 66.38
N GLU G 55 -69.83 18.99 67.44
CA GLU G 55 -70.94 18.62 68.33
C GLU G 55 -70.72 19.09 69.76
N ILE G 56 -69.78 20.01 69.94
CA ILE G 56 -69.47 20.56 71.27
C ILE G 56 -70.63 21.42 71.80
N GLU G 57 -70.60 21.70 73.10
CA GLU G 57 -71.57 22.61 73.69
C GLU G 57 -71.02 24.03 73.79
N ASN G 58 -71.92 25.02 73.75
CA ASN G 58 -71.56 26.42 74.01
C ASN G 58 -71.05 26.62 75.42
N GLU G 59 -70.01 27.43 75.57
CA GLU G 59 -69.44 27.74 76.89
C GLU G 59 -69.35 29.23 77.17
N HIS G 60 -69.07 30.04 76.13
CA HIS G 60 -68.90 31.49 76.31
C HIS G 60 -68.79 32.26 74.99
N LYS G 61 -68.45 33.54 75.09
CA LYS G 61 -68.46 34.43 73.94
C LYS G 61 -67.63 33.92 72.75
N TRP G 62 -66.46 33.33 73.03
CA TRP G 62 -65.56 32.90 71.95
C TRP G 62 -65.45 31.38 71.86
N LEU G 63 -66.38 30.70 72.52
CA LEU G 63 -66.42 29.24 72.47
C LEU G 63 -67.87 28.76 72.35
N ASN G 64 -68.31 28.64 71.10
CA ASN G 64 -69.63 28.13 70.78
C ASN G 64 -69.57 27.03 69.74
N ASN G 65 -70.65 26.28 69.66
CA ASN G 65 -70.76 25.25 68.67
C ASN G 65 -70.74 25.93 67.31
N ILE G 66 -69.74 25.57 66.50
CA ILE G 66 -69.52 26.17 65.18
C ILE G 66 -70.78 26.22 64.32
N LYS G 67 -71.60 25.18 64.40
CA LYS G 67 -72.82 25.11 63.60
C LYS G 67 -73.76 26.28 63.88
N GLU G 68 -73.79 26.72 65.14
CA GLU G 68 -74.71 27.76 65.53
C GLU G 68 -74.39 29.12 64.92
N ALA G 69 -73.23 29.27 64.30
CA ALA G 69 -72.93 30.51 63.58
C ALA G 69 -73.61 30.57 62.21
N VAL G 70 -74.13 29.44 61.71
CA VAL G 70 -74.71 29.43 60.37
C VAL G 70 -76.15 28.93 60.29
N ILE G 71 -76.56 28.09 61.24
CA ILE G 71 -77.99 27.74 61.35
C ILE G 71 -78.85 29.00 61.37
N GLY G 72 -79.85 29.06 60.51
CA GLY G 72 -80.74 30.22 60.44
C GLY G 72 -80.22 31.34 59.56
N ARG G 73 -79.07 31.11 58.91
CA ARG G 73 -78.46 32.12 58.08
C ARG G 73 -78.62 31.77 56.60
N ASP G 74 -78.50 32.80 55.76
CA ASP G 74 -78.56 32.67 54.31
C ASP G 74 -77.16 32.29 53.83
N PRO G 75 -77.03 31.19 53.05
CA PRO G 75 -75.67 30.74 52.70
C PRO G 75 -75.00 31.60 51.63
N LEU G 76 -75.77 32.45 50.96
CA LEU G 76 -75.19 33.45 50.07
C LEU G 76 -74.16 34.36 50.77
N GLU G 77 -74.26 34.53 52.08
CA GLU G 77 -73.48 35.59 52.75
C GLU G 77 -72.11 35.11 53.23
N PHE G 78 -71.24 34.78 52.28
CA PHE G 78 -69.99 34.11 52.61
C PHE G 78 -69.14 34.83 53.65
N ARG G 79 -68.92 36.13 53.47
CA ARG G 79 -67.99 36.85 54.35
C ARG G 79 -68.56 36.90 55.76
N ALA G 80 -69.85 37.21 55.86
CA ALA G 80 -70.54 37.32 57.15
C ALA G 80 -70.55 35.97 57.89
N ASN G 81 -70.92 34.91 57.16
CA ASN G 81 -70.93 33.56 57.74
C ASN G 81 -69.54 33.08 58.16
N TYR G 82 -68.53 33.28 57.30
CA TYR G 82 -67.15 32.99 57.66
C TYR G 82 -66.71 33.73 58.92
N ASN G 83 -66.94 35.03 58.95
CA ASN G 83 -66.56 35.85 60.10
C ASN G 83 -67.23 35.43 61.40
N ARG G 84 -68.49 35.04 61.30
CA ARG G 84 -69.24 34.63 62.49
C ARG G 84 -68.74 33.29 63.00
N MET G 85 -68.40 32.39 62.08
CA MET G 85 -67.89 31.09 62.44
C MET G 85 -66.55 31.31 63.13
N TYR G 86 -65.71 32.10 62.49
CA TYR G 86 -64.38 32.36 63.00
C TYR G 86 -64.46 33.03 64.39
N ASP G 87 -65.34 34.03 64.52
CA ASP G 87 -65.42 34.83 65.76
C ASP G 87 -65.99 34.03 66.92
N THR G 88 -67.00 33.22 66.66
CA THR G 88 -67.67 32.54 67.76
C THR G 88 -66.90 31.33 68.22
N THR G 89 -65.79 31.03 67.54
CA THR G 89 -64.97 29.87 67.91
C THR G 89 -63.50 30.21 68.16
N LYS G 90 -63.19 31.50 68.28
CA LYS G 90 -61.81 31.94 68.46
C LYS G 90 -61.05 31.13 69.51
N TRP G 91 -61.70 30.84 70.63
CA TRP G 91 -61.02 30.22 71.77
C TRP G 91 -60.44 28.83 71.46
N ILE G 92 -61.09 28.07 70.58
CA ILE G 92 -60.64 26.72 70.21
C ILE G 92 -60.25 26.62 68.73
N GLY G 93 -60.50 27.69 67.98
CA GLY G 93 -60.15 27.75 66.57
C GLY G 93 -59.03 28.75 66.34
N MET G 94 -59.27 29.72 65.47
CA MET G 94 -58.26 30.72 65.12
C MET G 94 -57.11 30.18 64.27
N ARG G 95 -56.47 29.10 64.71
CA ARG G 95 -55.54 28.36 63.85
C ARG G 95 -55.67 26.84 64.08
N GLY G 96 -55.17 26.05 63.13
CA GLY G 96 -55.12 24.61 63.31
C GLY G 96 -56.46 23.91 63.13
N LEU G 97 -56.65 22.81 63.86
CA LEU G 97 -57.76 21.89 63.63
C LEU G 97 -59.10 22.63 63.49
N GLY G 98 -59.33 23.62 64.34
CA GLY G 98 -60.56 24.36 64.35
C GLY G 98 -60.86 25.01 63.02
N LEU G 99 -59.83 25.42 62.30
CA LEU G 99 -60.03 25.98 60.97
C LEU G 99 -60.39 24.99 59.91
N PHE G 100 -59.99 23.73 60.09
CA PHE G 100 -60.42 22.65 59.18
C PHE G 100 -61.94 22.61 59.20
N ALA G 101 -62.50 22.73 60.39
CA ALA G 101 -63.96 22.54 60.52
C ALA G 101 -64.68 23.70 59.87
N ILE G 102 -64.12 24.89 60.01
CA ILE G 102 -64.64 26.03 59.25
C ILE G 102 -64.58 25.82 57.72
N SER G 103 -63.48 25.22 57.24
CA SER G 103 -63.26 25.03 55.81
C SER G 103 -64.35 24.18 55.18
N GLY G 104 -64.69 23.08 55.86
CA GLY G 104 -65.62 22.11 55.33
C GLY G 104 -66.96 22.76 55.17
N ILE G 105 -67.37 23.53 56.19
CA ILE G 105 -68.65 24.19 56.16
C ILE G 105 -68.68 25.27 55.09
N ASP G 106 -67.64 26.09 55.07
CA ASP G 106 -67.53 27.15 54.07
C ASP G 106 -67.63 26.58 52.65
N MET G 107 -66.97 25.46 52.40
CA MET G 107 -67.02 24.74 51.09
C MET G 107 -68.47 24.35 50.75
N ALA G 108 -69.13 23.70 51.70
CA ALA G 108 -70.55 23.32 51.57
C ALA G 108 -71.45 24.50 51.25
N LEU G 109 -71.15 25.64 51.86
CA LEU G 109 -71.97 26.83 51.70
C LEU G 109 -71.97 27.33 50.25
N TYR G 110 -70.84 27.20 49.56
CA TYR G 110 -70.76 27.55 48.13
C TYR G 110 -71.58 26.58 47.30
N ASP G 111 -71.52 25.30 47.66
CA ASP G 111 -72.29 24.28 46.99
C ASP G 111 -73.78 24.55 47.18
N LEU G 112 -74.18 24.85 48.41
CA LEU G 112 -75.59 25.11 48.75
C LEU G 112 -76.13 26.39 48.13
N ALA G 113 -75.39 27.48 48.28
CA ALA G 113 -75.83 28.77 47.74
C ALA G 113 -75.96 28.69 46.23
N GLY G 114 -75.05 27.92 45.61
CA GLY G 114 -75.12 27.63 44.18
C GLY G 114 -76.34 26.84 43.74
N LYS G 115 -76.71 25.80 44.47
CA LYS G 115 -77.92 25.09 44.08
C LYS G 115 -79.17 25.93 44.33
N GLN G 116 -79.23 26.63 45.47
CA GLN G 116 -80.35 27.53 45.72
C GLN G 116 -80.59 28.48 44.54
N LEU G 117 -79.55 29.15 44.08
CA LEU G 117 -79.72 30.12 42.99
C LEU G 117 -79.67 29.49 41.60
N GLY G 118 -79.16 28.27 41.48
CA GLY G 118 -79.07 27.60 40.19
C GLY G 118 -77.86 28.04 39.39
N VAL G 119 -76.79 28.45 40.07
CA VAL G 119 -75.58 28.90 39.36
C VAL G 119 -74.36 28.09 39.78
N PRO G 120 -73.40 27.90 38.86
CA PRO G 120 -72.18 27.22 39.31
C PRO G 120 -71.42 28.07 40.35
N ALA G 121 -70.70 27.39 41.26
CA ALA G 121 -70.02 28.07 42.37
C ALA G 121 -69.03 29.13 41.91
N TYR G 122 -68.41 28.92 40.75
CA TYR G 122 -67.36 29.84 40.30
C TYR G 122 -67.89 31.26 40.11
N LYS G 123 -69.17 31.36 39.74
CA LYS G 123 -69.83 32.65 39.63
C LYS G 123 -69.95 33.36 40.97
N LEU G 124 -70.12 32.59 42.05
CA LEU G 124 -70.22 33.18 43.40
C LEU G 124 -68.83 33.45 43.98
N MET G 125 -67.81 32.95 43.28
CA MET G 125 -66.42 33.18 43.67
C MET G 125 -65.82 34.35 42.84
N GLY G 126 -66.66 35.10 42.14
CA GLY G 126 -66.19 36.25 41.35
C GLY G 126 -66.36 36.10 39.84
N GLY G 127 -66.37 34.86 39.36
CA GLY G 127 -66.62 34.60 37.94
C GLY G 127 -65.37 34.06 37.28
N ALA G 128 -65.55 33.33 36.19
CA ALA G 128 -64.44 32.66 35.51
C ALA G 128 -63.51 33.69 34.88
N GLN G 129 -62.20 33.48 35.07
CA GLN G 129 -61.23 34.45 34.56
C GLN G 129 -60.15 33.79 33.73
N LYS G 130 -60.36 32.53 33.41
CA LYS G 130 -59.57 31.94 32.36
C LYS G 130 -60.45 31.09 31.47
N ALA G 131 -59.97 30.85 30.26
CA ALA G 131 -60.67 30.03 29.27
C ALA G 131 -60.82 28.60 29.74
N GLN G 132 -59.75 28.09 30.33
CA GLN G 132 -59.66 26.68 30.64
C GLN G 132 -58.90 26.45 31.94
N LEU G 133 -59.29 25.40 32.66
CA LEU G 133 -58.51 24.97 33.81
C LEU G 133 -57.46 23.97 33.40
N THR G 134 -56.20 24.33 33.58
CA THR G 134 -55.03 23.49 33.21
C THR G 134 -54.24 23.13 34.46
N PRO G 135 -54.52 21.96 35.05
CA PRO G 135 -53.87 21.73 36.34
C PRO G 135 -52.47 21.16 36.18
N TYR G 136 -51.73 21.08 37.30
CA TYR G 136 -50.60 20.18 37.32
C TYR G 136 -51.07 18.98 38.10
N PHE G 137 -50.69 17.80 37.62
CA PHE G 137 -51.13 16.56 38.23
C PHE G 137 -50.11 15.96 39.18
N THR G 138 -50.54 15.73 40.41
CA THR G 138 -49.68 15.12 41.41
C THR G 138 -49.62 13.60 41.16
N LEU G 139 -48.41 13.07 41.07
CA LEU G 139 -48.21 11.66 40.80
C LEU G 139 -47.47 11.09 41.99
N TYR G 140 -48.12 10.17 42.67
CA TYR G 140 -47.51 9.48 43.81
C TYR G 140 -47.62 8.00 43.46
N PRO G 141 -46.51 7.27 43.53
CA PRO G 141 -46.54 5.88 43.08
C PRO G 141 -47.02 4.96 44.20
N SER G 142 -47.64 3.84 43.84
CA SER G 142 -47.99 2.83 44.84
C SER G 142 -46.84 1.84 45.02
N VAL G 143 -46.09 1.98 46.10
CA VAL G 143 -44.89 1.17 46.27
C VAL G 143 -44.81 0.63 47.69
N ALA G 144 -44.06 -0.45 47.85
CA ALA G 144 -43.76 -0.97 49.18
C ALA G 144 -42.85 -0.02 49.96
N ALA G 145 -43.19 0.21 51.23
CA ALA G 145 -42.30 0.95 52.13
C ALA G 145 -40.94 0.24 52.08
N ASP G 146 -39.85 0.97 52.25
CA ASP G 146 -38.53 0.39 51.99
C ASP G 146 -38.26 0.07 50.49
N ALA G 147 -39.11 0.59 49.59
CA ALA G 147 -38.81 0.54 48.16
C ALA G 147 -37.51 1.29 47.92
N THR G 148 -36.69 0.80 47.00
CA THR G 148 -35.49 1.54 46.61
C THR G 148 -35.83 2.65 45.65
N LEU G 149 -34.90 3.59 45.50
CA LEU G 149 -35.10 4.73 44.63
C LEU G 149 -35.35 4.27 43.21
N SER G 150 -34.66 3.21 42.80
CA SER G 150 -34.84 2.69 41.45
C SER G 150 -36.22 2.03 41.28
N GLU G 151 -36.65 1.29 42.29
CA GLU G 151 -37.99 0.71 42.25
C GLU G 151 -39.08 1.79 42.17
N ILE G 152 -38.85 2.89 42.87
CA ILE G 152 -39.77 4.02 42.84
C ILE G 152 -39.81 4.62 41.44
N VAL G 153 -38.65 4.78 40.81
CA VAL G 153 -38.59 5.34 39.47
C VAL G 153 -39.33 4.42 38.51
N GLU G 154 -39.10 3.12 38.64
CA GLU G 154 -39.80 2.13 37.85
C GLU G 154 -41.32 2.17 38.05
N ALA G 155 -41.79 2.42 39.28
CA ALA G 155 -43.23 2.63 39.47
C ALA G 155 -43.73 3.95 38.87
N TYR G 156 -42.89 4.98 38.84
CA TYR G 156 -43.25 6.23 38.17
C TYR G 156 -43.49 6.15 36.67
N LYS G 157 -42.74 5.30 35.96
CA LYS G 157 -42.79 5.27 34.49
C LYS G 157 -44.20 5.13 33.87
N PRO G 158 -45.01 4.15 34.36
CA PRO G 158 -46.38 4.04 33.83
C PRO G 158 -47.28 5.27 34.13
N LEU G 159 -47.17 5.80 35.35
CA LEU G 159 -47.84 7.05 35.74
C LEU G 159 -47.51 8.20 34.80
N ILE G 160 -46.21 8.43 34.60
CA ILE G 160 -45.77 9.53 33.76
C ILE G 160 -46.22 9.31 32.30
N ALA G 161 -46.25 8.06 31.84
CA ALA G 161 -46.64 7.77 30.47
C ALA G 161 -48.12 8.04 30.30
N LYS G 162 -48.89 7.71 31.33
CA LYS G 162 -50.29 8.03 31.33
C LYS G 162 -50.52 9.55 31.34
N ALA G 163 -49.70 10.30 32.04
CA ALA G 163 -49.92 11.74 32.05
C ALA G 163 -49.64 12.34 30.68
N LYS G 164 -48.61 11.85 30.01
CA LYS G 164 -48.32 12.26 28.64
C LYS G 164 -49.49 11.90 27.72
N GLU G 165 -50.10 10.75 27.97
CA GLU G 165 -51.19 10.25 27.14
C GLU G 165 -52.43 11.17 27.25
N ARG G 166 -52.56 11.85 28.38
CA ARG G 166 -53.71 12.74 28.60
C ARG G 166 -53.41 14.17 28.18
N GLY G 167 -52.17 14.41 27.74
CA GLY G 167 -51.72 15.74 27.32
C GLY G 167 -51.35 16.66 28.48
N ALA G 168 -50.96 16.09 29.61
CA ALA G 168 -50.71 16.91 30.81
C ALA G 168 -49.62 17.97 30.58
N LYS G 169 -49.90 19.20 31.00
CA LYS G 169 -48.94 20.29 30.84
C LYS G 169 -47.84 20.29 31.92
N ALA G 170 -48.14 19.67 33.06
CA ALA G 170 -47.25 19.69 34.22
C ALA G 170 -47.56 18.52 35.14
N VAL G 171 -46.53 17.99 35.80
CA VAL G 171 -46.72 16.96 36.81
C VAL G 171 -45.82 17.21 38.01
N LYS G 172 -46.27 16.77 39.18
CA LYS G 172 -45.44 16.80 40.38
C LYS G 172 -45.04 15.39 40.80
N VAL G 173 -43.75 15.21 41.07
CA VAL G 173 -43.27 13.96 41.65
C VAL G 173 -42.73 14.23 43.05
N CYS G 174 -42.52 13.17 43.84
CA CYS G 174 -42.18 13.32 45.24
C CYS G 174 -40.91 12.58 45.63
N ILE G 175 -40.31 13.00 46.74
CA ILE G 175 -39.26 12.22 47.37
C ILE G 175 -39.89 11.50 48.55
N ILE G 176 -40.19 10.21 48.40
CA ILE G 176 -40.70 9.45 49.53
C ILE G 176 -39.72 9.61 50.68
N PRO G 177 -40.19 9.99 51.88
CA PRO G 177 -39.33 10.15 53.05
C PRO G 177 -38.45 8.93 53.26
N ASN G 178 -37.14 9.15 53.36
CA ASN G 178 -36.18 8.06 53.35
C ASN G 178 -34.83 8.54 53.82
N ASP G 179 -34.47 8.19 55.05
CA ASP G 179 -33.29 8.74 55.70
C ASP G 179 -32.09 7.84 55.52
N LYS G 180 -32.26 6.76 54.78
CA LYS G 180 -31.12 5.91 54.46
C LYS G 180 -30.50 6.28 53.11
N VAL G 181 -31.02 7.35 52.51
CA VAL G 181 -30.55 7.74 51.20
C VAL G 181 -29.94 9.14 51.22
N SER G 182 -28.80 9.30 50.55
CA SER G 182 -28.03 10.53 50.62
C SER G 182 -28.56 11.54 49.62
N ASP G 183 -28.19 12.81 49.80
CA ASP G 183 -28.61 13.86 48.89
C ASP G 183 -28.04 13.66 47.48
N LYS G 184 -26.82 13.14 47.41
CA LYS G 184 -26.20 12.77 46.15
C LYS G 184 -27.07 11.72 45.40
N GLU G 185 -27.63 10.77 46.14
CA GLU G 185 -28.59 9.83 45.55
C GLU G 185 -29.92 10.48 45.15
N ILE G 186 -30.38 11.48 45.88
CA ILE G 186 -31.62 12.19 45.53
C ILE G 186 -31.44 12.97 44.23
N VAL G 187 -30.28 13.63 44.10
CA VAL G 187 -29.94 14.33 42.85
C VAL G 187 -30.04 13.38 41.65
N ALA G 188 -29.43 12.20 41.72
CA ALA G 188 -29.50 11.22 40.61
C ALA G 188 -30.95 10.80 40.36
N TYR G 189 -31.66 10.45 41.42
CA TYR G 189 -33.09 10.12 41.36
C TYR G 189 -33.92 11.16 40.59
N LEU G 190 -33.78 12.43 40.95
CA LEU G 190 -34.56 13.47 40.28
C LEU G 190 -34.09 13.74 38.87
N ARG G 191 -32.81 13.54 38.58
CA ARG G 191 -32.31 13.65 37.21
C ARG G 191 -32.92 12.56 36.34
N GLU G 192 -32.97 11.35 36.89
CA GLU G 192 -33.60 10.27 36.17
C GLU G 192 -35.08 10.57 35.92
N LEU G 193 -35.77 11.20 36.87
CA LEU G 193 -37.17 11.54 36.63
C LEU G 193 -37.35 12.59 35.55
N ARG G 194 -36.48 13.59 35.51
CA ARG G 194 -36.54 14.50 34.36
C ARG G 194 -36.40 13.75 33.01
N GLU G 195 -35.39 12.88 32.89
CA GLU G 195 -35.24 12.06 31.67
C GLU G 195 -36.55 11.33 31.30
N VAL G 196 -37.25 10.76 32.30
CA VAL G 196 -38.49 10.05 32.03
C VAL G 196 -39.63 11.00 31.64
N ILE G 197 -39.70 12.16 32.30
CA ILE G 197 -40.72 13.17 31.98
C ILE G 197 -40.46 13.86 30.63
N GLY G 198 -39.20 14.08 30.32
CA GLY G 198 -38.85 14.79 29.09
C GLY G 198 -39.01 16.29 29.25
N TRP G 199 -38.94 17.01 28.15
CA TRP G 199 -38.78 18.44 28.22
C TRP G 199 -40.01 19.19 27.70
N ASP G 200 -41.12 18.46 27.57
CA ASP G 200 -42.38 19.04 27.10
C ASP G 200 -43.38 19.29 28.25
N MET G 201 -43.15 18.70 29.41
CA MET G 201 -43.96 19.01 30.59
C MET G 201 -43.17 19.76 31.66
N ASP G 202 -43.83 20.66 32.36
CA ASP G 202 -43.26 21.25 33.57
C ASP G 202 -43.16 20.18 34.66
N MET G 203 -42.07 20.22 35.41
CA MET G 203 -41.77 19.23 36.45
C MET G 203 -41.71 19.93 37.81
N MET G 204 -42.53 19.48 38.75
CA MET G 204 -42.49 20.01 40.11
C MET G 204 -42.01 18.90 41.03
N VAL G 205 -41.40 19.27 42.15
CA VAL G 205 -40.97 18.30 43.14
C VAL G 205 -41.54 18.63 44.53
N ASP G 206 -42.15 17.63 45.15
CA ASP G 206 -42.53 17.67 46.54
C ASP G 206 -41.47 16.94 47.37
N CYS G 207 -40.71 17.71 48.14
CA CYS G 207 -39.64 17.17 49.01
C CYS G 207 -40.14 16.44 50.26
N LEU G 208 -41.43 16.57 50.57
CA LEU G 208 -41.99 15.97 51.79
C LEU G 208 -41.11 16.23 53.04
N TYR G 209 -40.63 17.47 53.17
CA TYR G 209 -40.01 17.94 54.41
C TYR G 209 -38.73 17.20 54.71
N ARG G 210 -37.98 16.85 53.67
CA ARG G 210 -36.74 16.11 53.86
C ARG G 210 -35.69 16.93 54.63
N TRP G 211 -35.55 18.20 54.27
CA TRP G 211 -34.39 18.95 54.73
C TRP G 211 -34.69 19.77 55.97
N THR G 212 -33.67 19.92 56.81
CA THR G 212 -33.74 20.85 57.93
C THR G 212 -32.76 22.03 57.74
N ASP G 213 -31.54 21.73 57.30
CA ASP G 213 -30.52 22.76 57.01
C ASP G 213 -30.72 23.37 55.61
N TRP G 214 -31.07 24.65 55.53
CA TRP G 214 -31.21 25.27 54.21
C TRP G 214 -29.99 25.13 53.29
N GLN G 215 -28.78 25.16 53.85
CA GLN G 215 -27.56 25.00 53.04
C GLN G 215 -27.43 23.61 52.38
N LYS G 216 -28.12 22.63 52.94
CA LYS G 216 -28.05 21.27 52.43
C LYS G 216 -29.03 21.14 51.28
N ALA G 217 -30.19 21.73 51.46
CA ALA G 217 -31.15 21.91 50.37
C ALA G 217 -30.51 22.72 49.24
N ARG G 218 -29.77 23.76 49.60
CA ARG G 218 -29.11 24.64 48.63
C ARG G 218 -28.17 23.85 47.73
N TRP G 219 -27.39 22.96 48.35
CA TRP G 219 -26.46 22.11 47.63
C TRP G 219 -27.25 21.26 46.62
N THR G 220 -28.26 20.56 47.11
CA THR G 220 -29.07 19.70 46.26
C THR G 220 -29.66 20.42 45.05
N PHE G 221 -30.29 21.57 45.26
CA PHE G 221 -31.00 22.18 44.16
C PHE G 221 -30.08 22.99 43.24
N ARG G 222 -28.87 23.25 43.73
CA ARG G 222 -27.81 23.73 42.88
C ARG G 222 -27.39 22.66 41.86
N GLN G 223 -27.22 21.42 42.32
CA GLN G 223 -26.79 20.38 41.40
C GLN G 223 -27.85 20.24 40.32
N LEU G 224 -29.10 20.54 40.67
CA LEU G 224 -30.26 20.25 39.84
C LEU G 224 -30.79 21.42 38.97
N GLU G 225 -30.04 22.52 38.93
CA GLU G 225 -30.48 23.66 38.12
C GLU G 225 -30.72 23.24 36.68
N ASP G 226 -29.92 22.27 36.22
CA ASP G 226 -30.02 21.82 34.83
C ASP G 226 -31.24 20.98 34.51
N ILE G 227 -31.97 20.49 35.52
CA ILE G 227 -33.23 19.82 35.21
C ILE G 227 -34.43 20.79 35.18
N ASP G 228 -34.19 22.06 35.51
CA ASP G 228 -35.19 23.13 35.30
C ASP G 228 -36.53 22.87 36.00
N LEU G 229 -36.48 22.67 37.30
CA LEU G 229 -37.72 22.46 38.07
C LEU G 229 -38.58 23.69 38.04
N TYR G 230 -39.89 23.48 37.92
CA TYR G 230 -40.84 24.57 37.93
C TYR G 230 -41.03 25.11 39.35
N PHE G 231 -41.16 24.21 40.32
CA PHE G 231 -41.10 24.60 41.73
C PHE G 231 -40.56 23.50 42.64
N ILE G 232 -40.13 23.92 43.83
CA ILE G 232 -39.71 23.00 44.86
C ILE G 232 -40.59 23.23 46.10
N GLU G 233 -41.29 22.20 46.54
CA GLU G 233 -42.31 22.31 47.57
C GLU G 233 -41.83 21.56 48.82
N ALA G 234 -42.22 22.07 50.00
CA ALA G 234 -42.04 21.36 51.27
C ALA G 234 -40.60 20.91 51.44
N CYS G 235 -39.68 21.81 51.12
CA CYS G 235 -38.26 21.53 51.15
C CYS G 235 -37.73 21.61 52.58
N LEU G 236 -38.19 22.59 53.33
CA LEU G 236 -37.67 22.80 54.68
C LEU G 236 -38.79 22.61 55.69
N GLN G 237 -38.45 22.58 56.99
CA GLN G 237 -39.48 22.38 58.01
C GLN G 237 -40.48 23.53 57.99
N HIS G 238 -41.75 23.22 58.22
CA HIS G 238 -42.84 24.19 58.03
C HIS G 238 -42.72 25.44 58.94
N ASP G 239 -42.24 25.26 60.16
CA ASP G 239 -42.00 26.43 61.01
C ASP G 239 -40.81 27.32 60.66
N ASP G 240 -39.92 26.84 59.82
CA ASP G 240 -38.65 27.58 59.64
C ASP G 240 -38.74 28.63 58.53
N LEU G 241 -39.31 29.77 58.83
CA LEU G 241 -39.43 30.83 57.84
C LEU G 241 -38.06 31.39 57.41
N ILE G 242 -37.12 31.47 58.36
CA ILE G 242 -35.83 32.07 58.05
C ILE G 242 -35.01 31.18 57.10
N GLY G 243 -35.10 29.87 57.28
CA GLY G 243 -34.46 28.93 56.35
C GLY G 243 -35.06 29.06 54.95
N HIS G 244 -36.39 29.15 54.86
CA HIS G 244 -37.02 29.29 53.55
C HIS G 244 -36.55 30.56 52.86
N GLN G 245 -36.46 31.66 53.61
CA GLN G 245 -36.17 32.93 52.97
C GLN G 245 -34.76 32.97 52.37
N LYS G 246 -33.82 32.32 53.07
CA LYS G 246 -32.44 32.25 52.59
C LYS G 246 -32.37 31.30 51.38
N LEU G 247 -33.11 30.21 51.44
CA LEU G 247 -33.14 29.26 50.34
C LEU G 247 -33.77 29.87 49.10
N ALA G 248 -34.93 30.51 49.25
CA ALA G 248 -35.59 31.13 48.08
C ALA G 248 -34.71 32.15 47.39
N ALA G 249 -33.98 32.95 48.17
CA ALA G 249 -33.06 33.94 47.59
C ALA G 249 -31.84 33.28 46.91
N ALA G 250 -31.44 32.10 47.38
CA ALA G 250 -30.25 31.46 46.82
C ALA G 250 -30.49 30.66 45.52
N ILE G 251 -31.69 30.10 45.36
CA ILE G 251 -32.02 29.24 44.20
C ILE G 251 -32.50 30.06 43.01
N ASN G 252 -32.72 29.40 41.87
CA ASN G 252 -33.11 30.11 40.66
C ASN G 252 -34.52 29.80 40.08
N THR G 253 -35.34 29.08 40.87
CA THR G 253 -36.78 28.91 40.57
C THR G 253 -37.72 29.25 41.71
N ARG G 254 -38.94 28.74 41.59
CA ARG G 254 -40.00 28.91 42.61
C ARG G 254 -39.78 27.99 43.83
N LEU G 255 -39.79 28.59 45.03
CA LEU G 255 -39.95 27.82 46.27
C LEU G 255 -41.40 27.96 46.76
N CYS G 256 -41.99 26.87 47.24
CA CYS G 256 -43.38 26.86 47.72
C CYS G 256 -43.34 26.82 49.23
N GLY G 257 -44.46 27.14 49.87
CA GLY G 257 -44.59 26.99 51.32
C GLY G 257 -46.05 27.09 51.74
N ALA G 258 -46.29 26.95 53.06
CA ALA G 258 -47.61 27.18 53.66
C ALA G 258 -48.59 26.05 53.38
N GLU G 259 -48.07 24.89 52.97
CA GLU G 259 -48.94 23.74 52.67
C GLU G 259 -49.80 23.34 53.88
N MET G 260 -49.22 23.40 55.07
CA MET G 260 -49.89 22.98 56.29
C MET G 260 -50.53 24.16 57.07
N SER G 261 -50.43 25.37 56.53
CA SER G 261 -50.81 26.55 57.30
C SER G 261 -52.33 26.82 57.24
N THR G 262 -52.84 27.60 58.20
CA THR G 262 -54.24 28.01 58.21
C THR G 262 -54.33 29.55 58.32
N THR G 263 -55.39 30.11 57.74
CA THR G 263 -55.67 31.55 57.69
C THR G 263 -54.80 32.34 56.74
N ARG G 264 -55.32 33.48 56.32
CA ARG G 264 -54.61 34.48 55.55
C ARG G 264 -53.48 35.13 56.34
N PHE G 265 -53.57 35.11 57.67
CA PHE G 265 -52.54 35.74 58.49
C PHE G 265 -51.23 34.97 58.36
N GLU G 266 -51.31 33.65 58.32
CA GLU G 266 -50.09 32.85 58.13
C GLU G 266 -49.60 32.94 56.67
N ALA G 267 -50.51 32.91 55.71
CA ALA G 267 -50.13 32.95 54.30
C ALA G 267 -49.38 34.25 54.03
N GLN G 268 -49.94 35.35 54.51
CA GLN G 268 -49.29 36.64 54.42
C GLN G 268 -47.94 36.71 55.14
N GLU G 269 -47.82 36.08 56.32
CA GLU G 269 -46.50 36.00 56.98
C GLU G 269 -45.44 35.25 56.15
N TRP G 270 -45.81 34.13 55.53
CA TRP G 270 -44.91 33.42 54.65
C TRP G 270 -44.43 34.33 53.52
N LEU G 271 -45.37 35.01 52.87
CA LEU G 271 -45.06 35.85 51.72
C LEU G 271 -44.09 36.95 52.09
N GLU G 272 -44.42 37.67 53.16
CA GLU G 272 -43.61 38.80 53.64
C GLU G 272 -42.20 38.37 54.00
N LYS G 273 -42.08 37.27 54.75
CA LYS G 273 -40.82 36.95 55.37
C LYS G 273 -39.96 36.03 54.52
N THR G 274 -40.57 35.19 53.70
CA THR G 274 -39.78 34.21 52.96
C THR G 274 -39.63 34.53 51.48
N GLY G 275 -40.55 35.31 50.92
CA GLY G 275 -40.64 35.51 49.46
C GLY G 275 -40.83 34.20 48.67
N ILE G 276 -41.55 33.23 49.25
CA ILE G 276 -41.99 32.04 48.49
C ILE G 276 -42.83 32.54 47.31
N SER G 277 -42.81 31.83 46.19
CA SER G 277 -43.47 32.29 44.97
C SER G 277 -44.75 31.50 44.71
N VAL G 278 -44.95 30.45 45.50
CA VAL G 278 -46.17 29.68 45.42
C VAL G 278 -46.73 29.40 46.82
N VAL G 279 -47.95 29.86 47.09
CA VAL G 279 -48.62 29.53 48.36
C VAL G 279 -49.53 28.30 48.23
N GLN G 280 -49.49 27.43 49.23
CA GLN G 280 -50.15 26.13 49.11
C GLN G 280 -51.24 25.84 50.17
N SER G 281 -51.74 26.90 50.82
CA SER G 281 -52.92 26.81 51.71
C SER G 281 -54.01 25.88 51.16
N ASP G 282 -54.51 24.97 52.01
CA ASP G 282 -55.37 23.86 51.58
C ASP G 282 -56.85 24.25 51.60
N TYR G 283 -57.62 23.77 50.61
CA TYR G 283 -59.08 24.05 50.53
C TYR G 283 -59.81 23.63 51.81
N ASN G 284 -59.34 22.54 52.41
CA ASN G 284 -60.08 21.93 53.51
C ASN G 284 -59.37 22.08 54.87
N ARG G 285 -58.49 23.07 54.94
CA ARG G 285 -57.67 23.31 56.12
C ARG G 285 -57.68 24.80 56.46
N CYS G 286 -57.40 25.64 55.47
CA CYS G 286 -56.90 26.98 55.77
C CYS G 286 -58.01 27.97 56.17
N GLY G 287 -59.27 27.53 56.05
CA GLY G 287 -60.44 28.40 56.26
C GLY G 287 -61.47 28.22 55.15
N GLY G 288 -61.01 27.65 54.05
CA GLY G 288 -61.91 27.31 52.94
C GLY G 288 -61.84 28.35 51.84
N VAL G 289 -62.80 28.29 50.94
CA VAL G 289 -62.79 29.09 49.74
C VAL G 289 -62.84 30.58 50.06
N THR G 290 -63.69 30.97 51.01
CA THR G 290 -63.76 32.37 51.39
C THR G 290 -62.41 32.94 51.85
N GLU G 291 -61.63 32.16 52.58
CA GLU G 291 -60.31 32.60 53.00
C GLU G 291 -59.30 32.54 51.84
N LEU G 292 -59.39 31.50 51.03
CA LEU G 292 -58.50 31.36 49.85
C LEU G 292 -58.63 32.55 48.90
N LEU G 293 -59.85 33.04 48.72
CA LEU G 293 -60.07 34.21 47.87
C LEU G 293 -59.36 35.41 48.47
N ARG G 294 -59.29 35.45 49.81
CA ARG G 294 -58.59 36.54 50.50
C ARG G 294 -57.08 36.37 50.36
N ILE G 295 -56.62 35.13 50.44
CA ILE G 295 -55.21 34.81 50.22
C ILE G 295 -54.82 35.13 48.77
N MET G 296 -55.72 34.87 47.83
CA MET G 296 -55.49 35.14 46.41
C MET G 296 -55.13 36.62 46.20
N ASP G 297 -55.89 37.52 46.82
CA ASP G 297 -55.65 38.95 46.70
C ASP G 297 -54.28 39.39 47.25
N ILE G 298 -53.92 38.84 48.40
CA ILE G 298 -52.59 39.07 48.96
C ILE G 298 -51.45 38.55 48.05
N CYS G 299 -51.65 37.35 47.50
CA CYS G 299 -50.67 36.76 46.60
C CYS G 299 -50.46 37.64 45.40
N GLU G 300 -51.56 38.17 44.86
CA GLU G 300 -51.47 39.07 43.72
C GLU G 300 -50.58 40.28 44.03
N HIS G 301 -50.71 40.84 45.23
CA HIS G 301 -49.89 41.99 45.60
C HIS G 301 -48.40 41.62 45.52
N HIS G 302 -48.05 40.43 46.03
CA HIS G 302 -46.69 39.92 46.06
C HIS G 302 -46.23 39.26 44.75
N ASN G 303 -47.12 39.22 43.76
CA ASN G 303 -46.85 38.54 42.52
C ASN G 303 -46.50 37.07 42.73
N ALA G 304 -47.08 36.47 43.77
CA ALA G 304 -46.95 35.05 44.04
C ALA G 304 -48.15 34.31 43.44
N GLN G 305 -47.97 33.03 43.14
CA GLN G 305 -49.07 32.20 42.70
C GLN G 305 -49.72 31.47 43.87
N LEU G 306 -51.00 31.17 43.72
CA LEU G 306 -51.71 30.40 44.73
C LEU G 306 -52.13 29.06 44.15
N MET G 307 -51.57 27.98 44.69
CA MET G 307 -51.88 26.64 44.20
C MET G 307 -52.22 25.76 45.41
N PRO G 308 -53.49 25.82 45.85
CA PRO G 308 -53.89 25.23 47.12
C PRO G 308 -53.67 23.74 47.15
N HIS G 309 -53.09 23.25 48.25
CA HIS G 309 -52.89 21.83 48.47
C HIS G 309 -54.19 21.08 48.22
N ASN G 310 -54.12 20.09 47.33
CA ASN G 310 -55.32 19.37 46.89
C ASN G 310 -55.13 17.86 46.87
N TRP G 311 -55.32 17.22 48.00
CA TRP G 311 -55.16 15.78 48.11
C TRP G 311 -56.18 15.19 49.08
N LYS G 312 -57.45 15.20 48.68
CA LYS G 312 -58.46 14.57 49.51
C LYS G 312 -59.37 13.73 48.66
N THR G 313 -60.56 14.24 48.38
CA THR G 313 -61.60 13.45 47.79
C THR G 313 -62.09 14.21 46.56
N GLY G 314 -62.99 13.61 45.79
CA GLY G 314 -63.65 14.32 44.68
C GLY G 314 -64.40 15.55 45.14
N ILE G 315 -64.68 15.66 46.44
CA ILE G 315 -65.41 16.82 46.95
C ILE G 315 -64.52 18.05 46.87
N THR G 316 -63.33 17.95 47.44
CA THR G 316 -62.30 19.00 47.28
C THR G 316 -61.92 19.22 45.82
N ALA G 317 -61.92 18.17 45.01
CA ALA G 317 -61.62 18.34 43.58
C ALA G 317 -62.57 19.31 42.90
N ALA G 318 -63.86 19.21 43.25
CA ALA G 318 -64.87 20.11 42.68
C ALA G 318 -64.59 21.54 43.13
N ALA G 319 -64.15 21.69 44.38
CA ALA G 319 -63.76 23.00 44.86
C ALA G 319 -62.61 23.55 44.02
N ALA G 320 -61.59 22.72 43.78
CA ALA G 320 -60.41 23.13 43.01
C ALA G 320 -60.77 23.52 41.60
N ARG G 321 -61.75 22.84 41.02
CA ARG G 321 -62.19 23.18 39.67
C ARG G 321 -62.81 24.56 39.61
N HIS G 322 -63.75 24.85 40.52
CA HIS G 322 -64.37 26.16 40.59
C HIS G 322 -63.39 27.25 41.00
N PHE G 323 -62.59 26.99 42.03
CA PHE G 323 -61.58 27.96 42.41
C PHE G 323 -60.53 28.14 41.31
N GLY G 324 -60.14 27.05 40.67
CA GLY G 324 -59.12 27.10 39.64
C GLY G 324 -59.50 28.04 38.51
N ILE G 325 -60.76 28.00 38.12
CA ILE G 325 -61.22 28.81 36.99
C ILE G 325 -61.33 30.30 37.32
N VAL G 326 -61.35 30.63 38.62
CA VAL G 326 -61.37 32.02 39.12
C VAL G 326 -59.95 32.59 39.32
N CYS G 327 -59.00 31.70 39.58
CA CYS G 327 -57.75 32.10 40.15
C CYS G 327 -56.75 32.46 39.06
N HIS G 328 -56.92 33.66 38.52
CA HIS G 328 -56.20 34.12 37.34
C HIS G 328 -54.70 34.35 37.57
N ILE G 329 -54.29 34.54 38.82
CA ILE G 329 -52.87 34.67 39.11
C ILE G 329 -52.11 33.34 38.98
N SER G 330 -52.83 32.25 38.81
CA SER G 330 -52.17 30.95 38.84
C SER G 330 -52.18 30.22 37.51
N GLU G 331 -51.01 29.95 36.96
CA GLU G 331 -50.90 29.18 35.71
C GLU G 331 -51.48 27.78 35.88
N TYR G 332 -51.21 27.16 37.03
CA TYR G 332 -51.71 25.82 37.32
C TYR G 332 -52.41 25.80 38.68
N VAL G 333 -53.13 24.74 38.97
CA VAL G 333 -53.46 24.40 40.36
C VAL G 333 -53.26 22.90 40.55
N GLU G 334 -53.10 22.46 41.79
CA GLU G 334 -52.81 21.07 42.08
C GLU G 334 -54.05 20.24 41.88
N TYR G 335 -53.88 19.06 41.33
CA TYR G 335 -55.06 18.22 41.07
C TYR G 335 -54.75 16.75 41.28
N LEU G 336 -55.52 16.11 42.15
CA LEU G 336 -55.51 14.66 42.31
C LEU G 336 -56.56 14.05 41.36
N HIS G 337 -56.11 13.38 40.31
CA HIS G 337 -57.06 12.80 39.35
C HIS G 337 -57.10 11.28 39.47
N PRO G 338 -58.30 10.71 39.34
CA PRO G 338 -58.45 9.25 39.42
C PRO G 338 -57.62 8.47 38.40
N ASP G 339 -57.20 9.11 37.31
CA ASP G 339 -56.32 8.45 36.35
C ASP G 339 -54.95 8.08 36.95
N PHE G 340 -54.61 8.70 38.08
CA PHE G 340 -53.24 8.65 38.62
C PHE G 340 -53.17 8.10 40.04
N TRP G 341 -54.32 7.80 40.61
CA TRP G 341 -54.34 7.31 41.98
C TRP G 341 -55.47 6.38 42.18
N ASN G 342 -55.18 5.27 42.84
CA ASN G 342 -56.14 4.19 43.04
C ASN G 342 -56.71 4.10 44.46
N GLY G 343 -56.51 5.13 45.26
CA GLY G 343 -57.15 5.18 46.59
C GLY G 343 -58.65 5.02 46.48
N THR G 344 -59.25 4.32 47.44
CA THR G 344 -60.67 3.98 47.39
C THR G 344 -61.59 5.22 47.31
N LEU G 345 -61.34 6.22 48.16
CA LEU G 345 -62.20 7.39 48.14
C LEU G 345 -62.03 8.11 46.81
N THR G 346 -60.80 8.23 46.33
CA THR G 346 -60.56 8.79 45.00
C THR G 346 -61.38 8.08 43.92
N GLN G 347 -61.41 6.75 43.95
CA GLN G 347 -62.06 6.00 42.87
C GLN G 347 -63.58 5.90 43.00
N GLN G 348 -64.09 6.02 44.21
CA GLN G 348 -65.44 5.55 44.47
C GLN G 348 -66.39 6.54 45.15
N LEU G 349 -65.87 7.55 45.83
CA LEU G 349 -66.75 8.43 46.60
C LEU G 349 -67.61 9.32 45.72
N THR G 350 -67.06 9.71 44.56
CA THR G 350 -67.75 10.63 43.64
C THR G 350 -67.94 10.01 42.27
N LEU G 351 -68.96 10.47 41.55
CA LEU G 351 -69.31 9.91 40.25
C LEU G 351 -69.06 10.94 39.14
N ASN G 352 -68.85 10.44 37.92
CA ASN G 352 -68.65 11.28 36.74
C ASN G 352 -67.64 12.41 36.95
N GLU G 353 -66.41 12.02 37.34
CA GLU G 353 -65.27 12.94 37.41
C GLU G 353 -64.88 13.40 36.02
N PRO G 354 -64.58 14.69 35.86
CA PRO G 354 -64.19 15.19 34.54
C PRO G 354 -62.94 14.47 34.00
N LYS G 355 -62.92 14.16 32.70
CA LYS G 355 -61.73 13.53 32.10
C LYS G 355 -60.67 14.60 31.79
N ILE G 356 -59.40 14.20 31.81
CA ILE G 356 -58.33 15.07 31.38
C ILE G 356 -58.27 15.06 29.86
N ILE G 357 -58.50 16.21 29.26
CA ILE G 357 -58.46 16.34 27.81
C ILE G 357 -57.45 17.41 27.43
N ASP G 358 -56.38 17.00 26.72
CA ASP G 358 -55.28 17.89 26.36
C ASP G 358 -54.71 18.69 27.55
N GLY G 359 -54.59 18.09 28.73
CA GLY G 359 -54.05 18.83 29.87
C GLY G 359 -55.09 19.63 30.64
N ALA G 360 -56.32 19.67 30.12
CA ALA G 360 -57.38 20.49 30.68
C ALA G 360 -58.48 19.66 31.32
N ILE G 361 -59.14 20.24 32.31
CA ILE G 361 -60.33 19.62 32.86
C ILE G 361 -61.47 20.64 32.90
N GLU G 362 -62.59 20.28 32.27
CA GLU G 362 -63.75 21.18 32.17
C GLU G 362 -64.33 21.48 33.54
N VAL G 363 -64.76 22.73 33.70
CA VAL G 363 -65.53 23.12 34.87
C VAL G 363 -66.95 23.35 34.38
N SER G 364 -67.89 22.50 34.80
CA SER G 364 -69.24 22.59 34.27
C SER G 364 -69.98 23.74 34.91
N ASP G 365 -71.14 24.09 34.36
CA ASP G 365 -72.03 24.98 35.07
C ASP G 365 -73.23 24.31 35.70
N LYS G 366 -73.08 23.04 36.08
CA LYS G 366 -74.00 22.49 37.05
C LYS G 366 -74.01 23.37 38.30
N PRO G 367 -75.19 23.52 38.94
CA PRO G 367 -75.32 24.37 40.11
C PRO G 367 -74.35 23.95 41.23
N GLY G 368 -73.93 24.93 42.03
CA GLY G 368 -73.04 24.65 43.15
C GLY G 368 -71.67 24.18 42.68
N LEU G 369 -71.13 23.20 43.39
CA LEU G 369 -69.84 22.65 43.05
C LEU G 369 -69.91 21.55 41.99
N GLY G 370 -71.13 21.09 41.66
CA GLY G 370 -71.33 20.07 40.63
C GLY G 370 -70.83 18.71 41.10
N ILE G 371 -70.97 18.46 42.39
CA ILE G 371 -70.56 17.20 42.97
C ILE G 371 -71.65 16.15 42.76
N GLU G 372 -71.26 15.03 42.18
CA GLU G 372 -72.09 13.84 42.15
C GLU G 372 -71.63 12.85 43.22
N LEU G 373 -72.33 12.83 44.35
CA LEU G 373 -71.92 11.97 45.45
C LEU G 373 -72.32 10.53 45.15
N ASN G 374 -71.45 9.57 45.47
CA ASN G 374 -71.84 8.14 45.39
C ASN G 374 -72.51 7.70 46.68
N ILE G 375 -73.80 7.99 46.78
CA ILE G 375 -74.57 7.77 48.00
C ILE G 375 -74.62 6.31 48.45
N GLU G 376 -74.86 5.41 47.49
CA GLU G 376 -74.77 3.98 47.79
C GLU G 376 -73.49 3.66 48.54
N PHE G 377 -72.35 4.02 47.95
CA PHE G 377 -71.07 3.83 48.59
C PHE G 377 -71.05 4.48 49.96
N VAL G 378 -71.61 5.68 50.08
CA VAL G 378 -71.56 6.39 51.35
C VAL G 378 -72.35 5.67 52.47
N GLU G 379 -73.56 5.23 52.13
CA GLU G 379 -74.39 4.45 53.06
C GLU G 379 -73.73 3.12 53.40
N GLN G 380 -73.07 2.52 52.41
CA GLN G 380 -72.38 1.26 52.63
C GLN G 380 -71.29 1.41 53.69
N VAL G 381 -70.49 2.46 53.62
CA VAL G 381 -69.38 2.58 54.57
C VAL G 381 -69.69 3.27 55.92
N THR G 382 -70.70 4.14 55.97
CA THR G 382 -71.01 4.82 57.24
C THR G 382 -71.90 3.97 58.14
N GLY G 383 -72.64 3.05 57.54
CA GLY G 383 -73.61 2.23 58.26
C GLY G 383 -74.95 2.92 58.47
N HIS G 384 -75.12 4.09 57.86
CA HIS G 384 -76.32 4.90 58.06
C HIS G 384 -76.86 5.47 56.74
N LYS G 385 -78.14 5.79 56.71
CA LYS G 385 -78.80 6.36 55.54
C LYS G 385 -78.46 7.84 55.30
N PHE G 386 -78.20 8.19 54.04
CA PHE G 386 -77.86 9.54 53.66
C PHE G 386 -79.10 10.29 53.17
N ALA H 5 -46.32 88.29 24.82
CA ALA H 5 -47.81 88.35 24.60
C ALA H 5 -48.53 87.19 25.29
N ASN H 6 -49.69 87.49 25.87
CA ASN H 6 -50.50 86.51 26.60
C ASN H 6 -51.27 85.55 25.69
N ILE H 7 -51.57 84.38 26.24
CA ILE H 7 -52.35 83.39 25.54
C ILE H 7 -53.79 83.86 25.48
N VAL H 8 -54.43 83.61 24.36
CA VAL H 8 -55.78 84.09 24.13
C VAL H 8 -56.74 82.94 23.95
N SER H 9 -56.27 81.84 23.36
CA SER H 9 -57.15 80.70 23.16
C SER H 9 -56.39 79.38 23.18
N VAL H 10 -57.12 78.30 23.45
CA VAL H 10 -56.60 76.96 23.40
C VAL H 10 -57.63 76.09 22.67
N GLU H 11 -57.19 75.33 21.69
CA GLU H 11 -58.10 74.47 20.95
C GLU H 11 -57.58 73.02 20.89
N PHE H 12 -58.46 72.08 21.17
CA PHE H 12 -58.18 70.66 21.03
C PHE H 12 -58.85 70.19 19.75
N ILE H 13 -58.04 69.79 18.76
CA ILE H 13 -58.51 69.48 17.41
C ILE H 13 -58.33 67.99 17.14
N PRO H 14 -59.42 67.22 17.23
CA PRO H 14 -59.38 65.79 16.92
C PRO H 14 -58.94 65.55 15.47
N VAL H 15 -58.00 64.65 15.27
CA VAL H 15 -57.62 64.22 13.93
C VAL H 15 -57.85 62.72 13.86
N ASN H 16 -58.94 62.33 13.22
CA ASN H 16 -59.31 60.92 13.13
C ASN H 16 -59.35 60.44 11.68
N VAL H 17 -58.32 59.70 11.27
CA VAL H 17 -58.24 59.15 9.92
C VAL H 17 -58.84 57.74 9.83
N ALA H 18 -59.53 57.45 8.73
CA ALA H 18 -60.01 56.08 8.47
C ALA H 18 -59.10 55.33 7.50
N SER H 23 -55.73 51.76 13.97
CA SER H 23 -56.16 53.02 14.55
C SER H 23 -55.18 54.12 14.16
N GLU H 24 -55.71 55.23 13.66
CA GLU H 24 -54.84 56.34 13.30
C GLU H 24 -55.50 57.63 13.73
N ASN H 25 -55.18 58.07 14.94
CA ASN H 25 -55.71 59.33 15.37
C ASN H 25 -54.81 60.05 16.35
N THR H 26 -55.11 61.32 16.56
CA THR H 26 -54.44 62.10 17.59
C THR H 26 -55.30 63.32 17.91
N VAL H 27 -54.88 64.08 18.91
CA VAL H 27 -55.52 65.33 19.24
C VAL H 27 -54.48 66.42 19.13
N ILE H 28 -54.68 67.37 18.23
CA ILE H 28 -53.76 68.50 18.12
C ILE H 28 -54.20 69.63 19.03
N VAL H 29 -53.26 70.11 19.83
CA VAL H 29 -53.56 71.18 20.74
C VAL H 29 -52.90 72.40 20.18
N LYS H 30 -53.70 73.45 19.99
CA LYS H 30 -53.21 74.69 19.41
C LYS H 30 -53.47 75.85 20.37
N VAL H 31 -52.40 76.50 20.80
CA VAL H 31 -52.48 77.62 21.72
C VAL H 31 -51.99 78.89 21.03
N THR H 32 -52.87 79.88 20.96
CA THR H 32 -52.65 81.09 20.16
C THR H 32 -52.50 82.29 21.09
N ASP H 33 -51.57 83.17 20.79
CA ASP H 33 -51.39 84.37 21.60
C ASP H 33 -52.13 85.57 21.00
N GLU H 34 -52.02 86.70 21.68
CA GLU H 34 -52.67 87.94 21.29
C GLU H 34 -52.30 88.42 19.89
N ASN H 35 -51.10 88.09 19.42
CA ASN H 35 -50.68 88.47 18.07
C ASN H 35 -51.01 87.41 17.02
N GLY H 36 -51.71 86.35 17.41
CA GLY H 36 -52.06 85.29 16.46
C GLY H 36 -50.98 84.24 16.20
N VAL H 37 -49.84 84.37 16.89
CA VAL H 37 -48.82 83.32 16.85
C VAL H 37 -49.35 82.13 17.67
N TYR H 38 -49.11 80.91 17.19
CA TYR H 38 -49.58 79.71 17.90
C TYR H 38 -48.46 78.69 18.18
N GLY H 39 -48.63 77.90 19.24
CA GLY H 39 -47.83 76.69 19.43
C GLY H 39 -48.68 75.44 19.23
N LEU H 40 -48.06 74.37 18.75
CA LEU H 40 -48.72 73.07 18.56
C LEU H 40 -48.21 72.02 19.56
N GLY H 41 -49.15 71.25 20.10
CA GLY H 41 -48.84 70.04 20.84
C GLY H 41 -49.81 68.96 20.42
N GLU H 42 -49.68 67.77 21.01
CA GLU H 42 -50.74 66.80 20.93
C GLU H 42 -50.89 66.08 22.26
N ALA H 43 -52.12 65.65 22.54
CA ALA H 43 -52.50 64.96 23.77
C ALA H 43 -52.85 63.52 23.41
N ASP H 44 -52.45 62.55 24.24
CA ASP H 44 -52.91 61.17 24.06
C ASP H 44 -54.41 61.05 24.30
N GLY H 45 -54.98 59.91 23.90
CA GLY H 45 -56.35 59.53 24.29
C GLY H 45 -57.37 59.61 23.17
N PRO H 46 -58.58 59.06 23.38
CA PRO H 46 -59.59 59.14 22.31
C PRO H 46 -60.00 60.58 21.99
N PRO H 47 -59.84 60.98 20.72
CA PRO H 47 -59.84 62.38 20.31
C PRO H 47 -61.12 63.14 20.64
N GLU H 48 -62.27 62.54 20.39
CA GLU H 48 -63.52 63.25 20.63
C GLU H 48 -63.75 63.40 22.13
N CYS H 49 -63.30 62.40 22.89
CA CYS H 49 -63.37 62.49 24.35
C CYS H 49 -62.44 63.56 24.91
N MET H 50 -61.24 63.67 24.35
CA MET H 50 -60.29 64.68 24.81
C MET H 50 -60.78 66.09 24.46
N LYS H 51 -61.52 66.20 23.36
CA LYS H 51 -62.15 67.48 23.03
C LYS H 51 -63.22 67.89 24.06
N ALA H 52 -64.10 66.95 24.40
CA ALA H 52 -65.11 67.20 25.44
C ALA H 52 -64.47 67.58 26.79
N PHE H 53 -63.43 66.85 27.18
CA PHE H 53 -62.67 67.17 28.38
C PHE H 53 -62.20 68.62 28.39
N SER H 54 -61.73 69.11 27.24
CA SER H 54 -61.22 70.47 27.14
C SER H 54 -62.31 71.53 27.11
N GLU H 55 -63.56 71.11 26.90
CA GLU H 55 -64.65 72.06 26.70
C GLU H 55 -65.69 72.06 27.85
N ILE H 56 -65.32 71.45 28.97
CA ILE H 56 -66.22 71.29 30.11
C ILE H 56 -66.53 72.62 30.82
N GLU H 57 -67.58 72.62 31.63
CA GLU H 57 -67.94 73.81 32.40
C GLU H 57 -67.21 73.78 33.75
N ASN H 58 -66.84 74.94 34.28
CA ASN H 58 -66.33 75.05 35.66
C ASN H 58 -67.36 74.58 36.66
N GLU H 59 -66.92 73.94 37.74
CA GLU H 59 -67.85 73.48 38.77
C GLU H 59 -67.47 73.89 40.20
N HIS H 60 -66.18 73.81 40.53
CA HIS H 60 -65.69 74.20 41.84
C HIS H 60 -64.16 74.38 41.86
N LYS H 61 -63.59 74.50 43.05
CA LYS H 61 -62.22 74.93 43.19
C LYS H 61 -61.21 73.99 42.51
N TRP H 62 -61.43 72.69 42.63
CA TRP H 62 -60.51 71.73 42.01
C TRP H 62 -61.10 71.16 40.72
N LEU H 63 -62.16 71.79 40.21
CA LEU H 63 -62.78 71.36 38.96
C LEU H 63 -63.12 72.54 38.05
N ASN H 64 -62.15 72.93 37.23
CA ASN H 64 -62.31 74.00 36.26
C ASN H 64 -61.92 73.55 34.86
N ASN H 65 -62.50 74.20 33.87
CA ASN H 65 -62.04 74.05 32.50
C ASN H 65 -60.52 74.23 32.44
N ILE H 66 -59.82 73.24 31.89
CA ILE H 66 -58.36 73.28 31.82
C ILE H 66 -57.80 74.52 31.09
N LYS H 67 -58.48 74.99 30.05
CA LYS H 67 -57.96 76.14 29.30
C LYS H 67 -57.83 77.39 30.17
N GLU H 68 -58.69 77.51 31.18
CA GLU H 68 -58.77 78.74 31.97
C GLU H 68 -57.57 78.98 32.89
N ALA H 69 -56.76 77.95 33.11
CA ALA H 69 -55.50 78.10 33.85
C ALA H 69 -54.36 78.75 33.05
N VAL H 70 -54.54 78.91 31.74
CA VAL H 70 -53.47 79.43 30.88
C VAL H 70 -53.88 80.65 30.01
N ILE H 71 -55.18 80.75 29.71
CA ILE H 71 -55.72 81.93 29.00
C ILE H 71 -55.38 83.19 29.80
N GLY H 72 -54.81 84.19 29.12
CA GLY H 72 -54.35 85.42 29.76
C GLY H 72 -52.98 85.28 30.42
N ARG H 73 -52.35 84.11 30.31
CA ARG H 73 -51.01 83.92 30.89
C ARG H 73 -49.90 84.00 29.87
N ASP H 74 -48.69 84.26 30.36
CA ASP H 74 -47.46 84.22 29.59
C ASP H 74 -47.00 82.76 29.44
N PRO H 75 -46.81 82.28 28.20
CA PRO H 75 -46.39 80.89 27.94
C PRO H 75 -44.94 80.57 28.37
N LEU H 76 -44.14 81.60 28.68
CA LEU H 76 -42.79 81.37 29.18
C LEU H 76 -42.78 80.73 30.57
N GLU H 77 -43.89 80.86 31.31
CA GLU H 77 -43.92 80.45 32.72
C GLU H 77 -44.31 78.97 32.90
N PHE H 78 -43.42 78.07 32.53
CA PHE H 78 -43.79 76.65 32.44
C PHE H 78 -44.24 76.03 33.77
N ARG H 79 -43.48 76.28 34.84
CA ARG H 79 -43.81 75.69 36.14
C ARG H 79 -45.15 76.24 36.64
N ALA H 80 -45.31 77.55 36.62
CA ALA H 80 -46.52 78.21 37.12
C ALA H 80 -47.74 77.74 36.32
N ASN H 81 -47.62 77.75 35.00
CA ASN H 81 -48.71 77.30 34.11
C ASN H 81 -49.05 75.82 34.31
N TYR H 82 -48.04 74.97 34.42
CA TYR H 82 -48.28 73.55 34.69
C TYR H 82 -49.00 73.34 36.02
N ASN H 83 -48.45 73.94 37.07
CA ASN H 83 -48.99 73.86 38.41
C ASN H 83 -50.41 74.37 38.48
N ARG H 84 -50.66 75.48 37.80
CA ARG H 84 -52.01 76.00 37.72
C ARG H 84 -52.95 75.00 37.05
N MET H 85 -52.59 74.52 35.87
CA MET H 85 -53.43 73.55 35.17
C MET H 85 -53.69 72.36 36.09
N TYR H 86 -52.63 71.89 36.73
CA TYR H 86 -52.73 70.70 37.53
C TYR H 86 -53.63 70.94 38.75
N ASP H 87 -53.45 72.07 39.45
CA ASP H 87 -54.23 72.33 40.67
C ASP H 87 -55.71 72.58 40.37
N THR H 88 -56.01 73.31 39.30
CA THR H 88 -57.39 73.72 39.09
C THR H 88 -58.23 72.58 38.48
N THR H 89 -57.59 71.47 38.14
CA THR H 89 -58.33 70.33 37.60
C THR H 89 -58.12 69.05 38.42
N LYS H 90 -57.56 69.17 39.62
CA LYS H 90 -57.22 67.98 40.41
C LYS H 90 -58.38 66.99 40.53
N TRP H 91 -59.60 67.48 40.76
CA TRP H 91 -60.73 66.60 40.99
C TRP H 91 -60.95 65.59 39.85
N ILE H 92 -60.64 66.01 38.62
CA ILE H 92 -60.80 65.15 37.46
C ILE H 92 -59.46 64.78 36.80
N GLY H 93 -58.38 65.45 37.19
CA GLY H 93 -57.04 65.10 36.71
C GLY H 93 -56.23 64.28 37.69
N MET H 94 -55.06 64.80 38.06
CA MET H 94 -54.14 64.20 39.03
C MET H 94 -53.40 62.97 38.52
N ARG H 95 -54.16 61.95 38.08
CA ARG H 95 -53.59 60.82 37.36
C ARG H 95 -54.44 60.51 36.13
N GLY H 96 -53.81 59.97 35.10
CA GLY H 96 -54.55 59.41 33.99
C GLY H 96 -55.00 60.42 32.94
N LEU H 97 -56.19 60.17 32.41
CA LEU H 97 -56.60 60.80 31.16
C LEU H 97 -56.53 62.32 31.26
N GLY H 98 -56.84 62.86 32.42
CA GLY H 98 -56.76 64.31 32.63
C GLY H 98 -55.35 64.85 32.47
N LEU H 99 -54.37 64.02 32.80
CA LEU H 99 -52.96 64.40 32.59
C LEU H 99 -52.53 64.39 31.15
N PHE H 100 -53.23 63.63 30.31
CA PHE H 100 -52.95 63.68 28.87
C PHE H 100 -53.22 65.08 28.39
N ALA H 101 -54.34 65.64 28.86
CA ALA H 101 -54.80 66.93 28.36
C ALA H 101 -53.80 68.00 28.77
N ILE H 102 -53.27 67.86 29.98
CA ILE H 102 -52.24 68.79 30.44
C ILE H 102 -51.00 68.69 29.56
N SER H 103 -50.65 67.46 29.20
CA SER H 103 -49.46 67.14 28.41
C SER H 103 -49.47 67.83 27.06
N GLY H 104 -50.59 67.72 26.36
CA GLY H 104 -50.77 68.35 25.07
C GLY H 104 -50.57 69.86 25.14
N ILE H 105 -51.15 70.50 26.16
CA ILE H 105 -51.03 71.94 26.32
C ILE H 105 -49.59 72.31 26.71
N ASP H 106 -49.05 71.65 27.74
CA ASP H 106 -47.66 71.90 28.10
C ASP H 106 -46.72 71.88 26.87
N MET H 107 -46.87 70.88 26.02
CA MET H 107 -46.06 70.71 24.80
C MET H 107 -46.21 71.96 23.92
N ALA H 108 -47.44 72.32 23.61
CA ALA H 108 -47.76 73.51 22.85
C ALA H 108 -47.14 74.82 23.40
N LEU H 109 -47.05 74.92 24.72
CA LEU H 109 -46.47 76.11 25.31
C LEU H 109 -44.97 76.25 25.03
N TYR H 110 -44.23 75.13 25.00
CA TYR H 110 -42.80 75.17 24.62
C TYR H 110 -42.63 75.65 23.17
N ASP H 111 -43.55 75.22 22.30
CA ASP H 111 -43.57 75.66 20.90
C ASP H 111 -43.90 77.14 20.78
N LEU H 112 -44.98 77.56 21.46
CA LEU H 112 -45.41 78.97 21.49
C LEU H 112 -44.40 79.92 22.12
N ALA H 113 -43.93 79.61 23.32
CA ALA H 113 -42.91 80.46 23.95
C ALA H 113 -41.66 80.59 23.09
N GLY H 114 -41.23 79.48 22.48
CA GLY H 114 -40.06 79.52 21.58
C GLY H 114 -40.27 80.38 20.33
N LYS H 115 -41.45 80.31 19.74
CA LYS H 115 -41.75 81.12 18.58
C LYS H 115 -41.83 82.60 18.94
N GLN H 116 -42.29 82.89 20.17
CA GLN H 116 -42.37 84.26 20.65
C GLN H 116 -40.99 84.91 20.78
N LEU H 117 -40.04 84.15 21.31
CA LEU H 117 -38.73 84.69 21.60
C LEU H 117 -37.73 84.43 20.46
N GLY H 118 -38.14 83.67 19.47
CA GLY H 118 -37.25 83.21 18.42
C GLY H 118 -36.14 82.29 18.89
N VAL H 119 -36.44 81.32 19.75
CA VAL H 119 -35.45 80.31 20.14
C VAL H 119 -35.99 78.92 19.98
N PRO H 120 -35.11 77.95 19.71
CA PRO H 120 -35.51 76.54 19.72
C PRO H 120 -35.87 76.13 21.13
N ALA H 121 -36.88 75.27 21.26
CA ALA H 121 -37.43 74.83 22.55
C ALA H 121 -36.40 74.18 23.46
N TYR H 122 -35.39 73.53 22.90
CA TYR H 122 -34.41 72.87 23.76
C TYR H 122 -33.72 73.89 24.69
N LYS H 123 -33.61 75.13 24.22
CA LYS H 123 -32.99 76.18 25.02
C LYS H 123 -33.87 76.50 26.22
N LEU H 124 -35.17 76.40 26.05
CA LEU H 124 -36.11 76.70 27.12
C LEU H 124 -36.19 75.51 28.06
N MET H 125 -35.64 74.38 27.61
CA MET H 125 -35.58 73.16 28.40
C MET H 125 -34.23 73.07 29.16
N GLY H 126 -33.43 74.14 29.11
CA GLY H 126 -32.15 74.20 29.82
C GLY H 126 -30.91 74.23 28.92
N GLY H 127 -31.09 74.00 27.62
CA GLY H 127 -29.96 74.02 26.70
C GLY H 127 -29.49 72.61 26.33
N ALA H 128 -28.90 72.48 25.16
CA ALA H 128 -28.47 71.19 24.64
C ALA H 128 -27.33 70.66 25.49
N GLN H 129 -27.38 69.39 25.88
CA GLN H 129 -26.28 68.84 26.69
C GLN H 129 -25.65 67.62 26.07
N LYS H 130 -25.90 67.43 24.79
CA LYS H 130 -25.10 66.47 24.07
C LYS H 130 -24.91 66.91 22.66
N ALA H 131 -23.90 66.31 22.05
CA ALA H 131 -23.40 66.74 20.77
C ALA H 131 -24.36 66.32 19.68
N GLN H 132 -24.99 65.17 19.88
CA GLN H 132 -25.76 64.52 18.85
C GLN H 132 -26.93 63.85 19.50
N LEU H 133 -28.01 63.73 18.75
CA LEU H 133 -29.14 62.93 19.18
C LEU H 133 -29.11 61.60 18.45
N THR H 134 -28.92 60.54 19.22
CA THR H 134 -28.80 59.18 18.71
C THR H 134 -29.99 58.34 19.17
N PRO H 135 -31.01 58.20 18.31
CA PRO H 135 -32.17 57.55 18.91
C PRO H 135 -32.06 56.03 18.81
N TYR H 136 -32.89 55.30 19.56
CA TYR H 136 -33.16 53.90 19.18
C TYR H 136 -34.45 53.86 18.39
N PHE H 137 -34.48 53.06 17.34
CA PHE H 137 -35.64 53.02 16.46
C PHE H 137 -36.58 51.85 16.71
N THR H 138 -37.82 52.18 17.08
CA THR H 138 -38.83 51.15 17.32
C THR H 138 -39.25 50.57 15.98
N LEU H 139 -39.03 49.27 15.81
CA LEU H 139 -39.43 48.59 14.58
C LEU H 139 -40.63 47.70 14.87
N TYR H 140 -41.73 47.98 14.20
CA TYR H 140 -42.95 47.20 14.38
C TYR H 140 -43.38 46.71 13.01
N PRO H 141 -43.52 45.38 12.86
CA PRO H 141 -43.77 44.87 11.51
C PRO H 141 -45.25 45.03 11.12
N SER H 142 -45.52 45.27 9.85
CA SER H 142 -46.89 45.22 9.33
C SER H 142 -47.24 43.77 8.95
N VAL H 143 -47.99 43.11 9.82
CA VAL H 143 -48.38 41.72 9.59
C VAL H 143 -49.87 41.54 9.82
N ALA H 144 -50.36 40.34 9.51
CA ALA H 144 -51.74 40.00 9.81
C ALA H 144 -51.88 39.47 11.22
N ALA H 145 -53.08 39.57 11.78
CA ALA H 145 -53.45 38.76 12.94
C ALA H 145 -53.38 37.31 12.51
N ASP H 146 -52.99 36.43 13.42
CA ASP H 146 -52.80 35.04 13.02
C ASP H 146 -51.40 34.80 12.42
N ALA H 147 -50.60 35.86 12.30
CA ALA H 147 -49.23 35.71 11.82
C ALA H 147 -48.45 34.78 12.73
N THR H 148 -47.64 33.91 12.14
CA THR H 148 -46.81 33.02 12.95
C THR H 148 -45.53 33.75 13.32
N LEU H 149 -44.81 33.24 14.31
CA LEU H 149 -43.54 33.85 14.73
C LEU H 149 -42.58 33.93 13.54
N SER H 150 -42.56 32.87 12.73
CA SER H 150 -41.72 32.84 11.54
C SER H 150 -42.07 33.94 10.55
N GLU H 151 -43.35 34.13 10.27
CA GLU H 151 -43.78 35.20 9.35
C GLU H 151 -43.45 36.58 9.91
N ILE H 152 -43.48 36.69 11.23
CA ILE H 152 -43.14 37.95 11.89
C ILE H 152 -41.67 38.23 11.66
N VAL H 153 -40.81 37.23 11.88
CA VAL H 153 -39.39 37.44 11.69
C VAL H 153 -39.15 37.84 10.24
N GLU H 154 -39.86 37.22 9.32
CA GLU H 154 -39.69 37.49 7.89
C GLU H 154 -40.13 38.91 7.51
N ALA H 155 -41.13 39.44 8.19
CA ALA H 155 -41.47 40.83 7.95
C ALA H 155 -40.48 41.79 8.63
N TYR H 156 -39.80 41.30 9.67
CA TYR H 156 -38.79 42.11 10.33
C TYR H 156 -37.53 42.33 9.50
N LYS H 157 -37.19 41.39 8.62
CA LYS H 157 -35.92 41.45 7.87
C LYS H 157 -35.75 42.72 7.03
N PRO H 158 -36.74 43.05 6.18
CA PRO H 158 -36.47 44.27 5.41
C PRO H 158 -36.42 45.53 6.30
N LEU H 159 -37.16 45.54 7.39
CA LEU H 159 -37.09 46.66 8.35
C LEU H 159 -35.72 46.80 8.96
N ILE H 160 -35.20 45.70 9.48
CA ILE H 160 -33.94 45.72 10.17
C ILE H 160 -32.83 46.07 9.17
N ALA H 161 -32.93 45.57 7.95
CA ALA H 161 -31.94 45.92 6.91
C ALA H 161 -31.99 47.41 6.61
N LYS H 162 -33.18 47.97 6.66
CA LYS H 162 -33.35 49.39 6.45
C LYS H 162 -32.64 50.21 7.53
N ALA H 163 -32.79 49.77 8.78
CA ALA H 163 -32.19 50.44 9.92
C ALA H 163 -30.68 50.46 9.77
N LYS H 164 -30.11 49.30 9.47
CA LYS H 164 -28.67 49.20 9.23
C LYS H 164 -28.25 50.15 8.12
N GLU H 165 -29.02 50.20 7.05
CA GLU H 165 -28.65 51.04 5.92
C GLU H 165 -28.60 52.50 6.34
N ARG H 166 -29.43 52.88 7.32
CA ARG H 166 -29.45 54.23 7.84
C ARG H 166 -28.35 54.45 8.87
N GLY H 167 -27.70 53.37 9.30
CA GLY H 167 -26.64 53.46 10.29
C GLY H 167 -27.14 53.46 11.74
N ALA H 168 -28.34 52.94 11.96
CA ALA H 168 -28.95 52.97 13.29
C ALA H 168 -28.05 52.32 14.37
N LYS H 169 -27.99 52.89 15.56
CA LYS H 169 -27.17 52.28 16.63
C LYS H 169 -27.94 51.25 17.42
N ALA H 170 -29.27 51.34 17.37
CA ALA H 170 -30.12 50.54 18.23
C ALA H 170 -31.52 50.45 17.66
N VAL H 171 -32.12 49.27 17.79
CA VAL H 171 -33.51 49.06 17.38
C VAL H 171 -34.24 48.32 18.49
N LYS H 172 -35.54 48.58 18.61
CA LYS H 172 -36.41 47.76 19.47
C LYS H 172 -37.32 46.90 18.61
N VAL H 173 -37.46 45.63 18.99
CA VAL H 173 -38.39 44.72 18.36
C VAL H 173 -39.39 44.29 19.41
N CYS H 174 -40.51 43.71 18.99
CA CYS H 174 -41.64 43.49 19.86
C CYS H 174 -42.06 42.05 19.81
N ILE H 175 -42.68 41.61 20.91
CA ILE H 175 -43.43 40.37 20.93
C ILE H 175 -44.90 40.71 20.70
N ILE H 176 -45.40 40.45 19.50
CA ILE H 176 -46.83 40.62 19.25
C ILE H 176 -47.57 39.71 20.23
N PRO H 177 -48.59 40.25 20.92
CA PRO H 177 -49.33 39.49 21.93
C PRO H 177 -49.91 38.20 21.36
N ASN H 178 -49.52 37.07 21.92
CA ASN H 178 -49.80 35.78 21.29
C ASN H 178 -49.85 34.74 22.38
N ASP H 179 -51.05 34.39 22.82
CA ASP H 179 -51.16 33.43 23.91
C ASP H 179 -51.17 32.00 23.40
N LYS H 180 -51.12 31.81 22.09
CA LYS H 180 -51.05 30.47 21.53
C LYS H 180 -49.61 29.93 21.47
N VAL H 181 -48.65 30.77 21.83
CA VAL H 181 -47.25 30.44 21.64
C VAL H 181 -46.51 30.39 22.99
N SER H 182 -45.58 29.45 23.15
CA SER H 182 -44.94 29.22 24.46
C SER H 182 -43.69 30.08 24.66
N ASP H 183 -43.24 30.23 25.90
CA ASP H 183 -42.05 31.01 26.15
C ASP H 183 -40.83 30.43 25.45
N LYS H 184 -40.78 29.11 25.38
CA LYS H 184 -39.71 28.41 24.68
C LYS H 184 -39.68 28.88 23.21
N GLU H 185 -40.86 29.00 22.61
CA GLU H 185 -40.97 29.54 21.25
C GLU H 185 -40.59 31.02 21.17
N ILE H 186 -40.89 31.80 22.22
CA ILE H 186 -40.49 33.21 22.29
C ILE H 186 -38.98 33.32 22.40
N VAL H 187 -38.37 32.42 23.19
CA VAL H 187 -36.91 32.39 23.29
C VAL H 187 -36.25 32.18 21.91
N ALA H 188 -36.73 31.19 21.15
CA ALA H 188 -36.23 30.94 19.78
C ALA H 188 -36.42 32.15 18.87
N TYR H 189 -37.62 32.73 18.89
CA TYR H 189 -37.94 33.92 18.11
C TYR H 189 -36.99 35.10 18.39
N LEU H 190 -36.75 35.41 19.66
CA LEU H 190 -35.82 36.51 19.97
C LEU H 190 -34.36 36.21 19.59
N ARG H 191 -33.93 34.97 19.77
CA ARG H 191 -32.59 34.55 19.30
C ARG H 191 -32.46 34.70 17.80
N GLU H 192 -33.50 34.30 17.07
CA GLU H 192 -33.50 34.47 15.63
C GLU H 192 -33.40 35.96 15.26
N LEU H 193 -34.14 36.82 15.97
CA LEU H 193 -34.04 38.27 15.75
C LEU H 193 -32.67 38.87 16.00
N ARG H 194 -31.95 38.38 17.00
CA ARG H 194 -30.57 38.86 17.21
C ARG H 194 -29.62 38.44 16.07
N GLU H 195 -29.74 37.20 15.61
CA GLU H 195 -29.07 36.81 14.35
C GLU H 195 -29.35 37.80 13.21
N VAL H 196 -30.60 38.23 13.05
CA VAL H 196 -30.90 39.15 11.95
C VAL H 196 -30.34 40.55 12.22
N ILE H 197 -30.45 40.98 13.47
CA ILE H 197 -29.93 42.29 13.85
C ILE H 197 -28.40 42.33 13.80
N GLY H 198 -27.74 41.23 14.18
CA GLY H 198 -26.28 41.23 14.25
C GLY H 198 -25.79 41.86 15.54
N TRP H 199 -24.46 41.98 15.67
CA TRP H 199 -23.82 42.34 16.92
C TRP H 199 -23.21 43.76 16.92
N ASP H 200 -23.65 44.59 15.97
CA ASP H 200 -23.16 45.96 15.86
C ASP H 200 -24.24 47.01 16.15
N MET H 201 -25.44 46.54 16.49
CA MET H 201 -26.52 47.42 16.91
C MET H 201 -26.98 46.94 18.29
N ASP H 202 -27.27 47.86 19.19
CA ASP H 202 -27.99 47.48 20.42
C ASP H 202 -29.41 46.99 20.08
N MET H 203 -29.89 46.01 20.84
CA MET H 203 -31.20 45.41 20.59
C MET H 203 -32.07 45.51 21.85
N MET H 204 -33.25 46.07 21.71
CA MET H 204 -34.20 46.21 22.81
C MET H 204 -35.44 45.38 22.49
N VAL H 205 -36.12 44.88 23.52
CA VAL H 205 -37.33 44.09 23.31
C VAL H 205 -38.50 44.69 24.07
N ASP H 206 -39.62 44.87 23.36
CA ASP H 206 -40.88 45.27 23.96
C ASP H 206 -41.72 44.01 24.14
N CYS H 207 -41.96 43.60 25.37
CA CYS H 207 -42.70 42.35 25.65
C CYS H 207 -44.21 42.53 25.54
N LEU H 208 -44.63 43.79 25.44
CA LEU H 208 -46.04 44.13 25.32
C LEU H 208 -46.91 43.44 26.39
N TYR H 209 -46.42 43.43 27.63
CA TYR H 209 -47.18 42.92 28.80
C TYR H 209 -47.58 41.45 28.66
N ARG H 210 -46.71 40.66 28.02
CA ARG H 210 -46.96 39.24 27.90
C ARG H 210 -47.11 38.54 29.26
N TRP H 211 -46.20 38.83 30.18
CA TRP H 211 -46.06 38.02 31.38
C TRP H 211 -46.87 38.57 32.56
N THR H 212 -47.33 37.67 33.43
CA THR H 212 -47.94 38.05 34.69
C THR H 212 -47.12 37.49 35.88
N ASP H 213 -46.49 36.33 35.70
CA ASP H 213 -45.64 35.70 36.74
C ASP H 213 -44.17 36.04 36.52
N TRP H 214 -43.58 36.83 37.43
CA TRP H 214 -42.19 37.24 37.28
C TRP H 214 -41.23 36.06 37.10
N GLN H 215 -41.55 34.93 37.70
CA GLN H 215 -40.67 33.74 37.62
C GLN H 215 -40.66 33.08 36.23
N LYS H 216 -41.70 33.37 35.46
CA LYS H 216 -41.77 32.91 34.08
C LYS H 216 -40.93 33.82 33.17
N ALA H 217 -41.05 35.12 33.38
CA ALA H 217 -40.20 36.09 32.71
C ALA H 217 -38.74 35.79 33.03
N ARG H 218 -38.48 35.52 34.31
CA ARG H 218 -37.15 35.20 34.78
C ARG H 218 -36.57 34.02 33.99
N TRP H 219 -37.38 32.99 33.79
CA TRP H 219 -36.93 31.82 33.06
C TRP H 219 -36.53 32.21 31.63
N THR H 220 -37.40 32.96 30.97
CA THR H 220 -37.20 33.37 29.60
C THR H 220 -35.93 34.20 29.43
N PHE H 221 -35.77 35.23 30.24
CA PHE H 221 -34.64 36.12 30.04
C PHE H 221 -33.28 35.59 30.51
N ARG H 222 -33.33 34.55 31.35
CA ARG H 222 -32.15 33.78 31.67
C ARG H 222 -31.65 33.01 30.44
N GLN H 223 -32.57 32.44 29.67
CA GLN H 223 -32.15 31.72 28.45
C GLN H 223 -31.53 32.70 27.46
N LEU H 224 -32.02 33.93 27.45
CA LEU H 224 -31.63 34.91 26.45
C LEU H 224 -30.45 35.77 26.88
N GLU H 225 -29.77 35.37 27.95
CA GLU H 225 -28.63 36.17 28.44
C GLU H 225 -27.56 36.31 27.37
N ASP H 226 -27.42 35.28 26.53
CA ASP H 226 -26.40 35.30 25.49
C ASP H 226 -26.74 36.11 24.23
N ILE H 227 -28.01 36.52 24.04
CA ILE H 227 -28.26 37.52 23.00
C ILE H 227 -28.05 38.96 23.51
N ASP H 228 -27.77 39.12 24.80
CA ASP H 228 -27.28 40.42 25.32
C ASP H 228 -28.26 41.58 25.07
N LEU H 229 -29.50 41.48 25.52
CA LEU H 229 -30.46 42.57 25.27
C LEU H 229 -30.01 43.82 26.03
N TYR H 230 -30.16 44.98 25.41
CA TYR H 230 -29.82 46.22 26.05
C TYR H 230 -30.87 46.54 27.14
N PHE H 231 -32.15 46.36 26.81
CA PHE H 231 -33.21 46.49 27.82
C PHE H 231 -34.44 45.66 27.49
N ILE H 232 -35.19 45.33 28.54
CA ILE H 232 -36.43 44.54 28.44
C ILE H 232 -37.62 45.41 28.92
N GLU H 233 -38.57 45.65 28.04
CA GLU H 233 -39.66 46.60 28.31
C GLU H 233 -41.01 45.91 28.48
N ALA H 234 -41.86 46.48 29.33
CA ALA H 234 -43.27 46.08 29.44
C ALA H 234 -43.40 44.57 29.63
N CYS H 235 -42.64 44.06 30.58
CA CYS H 235 -42.48 42.62 30.69
C CYS H 235 -43.61 42.03 31.56
N LEU H 236 -43.95 42.74 32.64
CA LEU H 236 -44.99 42.29 33.56
C LEU H 236 -46.14 43.32 33.60
N GLN H 237 -47.24 42.99 34.26
CA GLN H 237 -48.38 43.92 34.29
C GLN H 237 -47.96 45.25 34.92
N HIS H 238 -48.43 46.35 34.34
CA HIS H 238 -48.04 47.70 34.78
C HIS H 238 -48.21 48.00 36.28
N ASP H 239 -49.25 47.47 36.91
CA ASP H 239 -49.48 47.70 38.35
C ASP H 239 -48.59 46.90 39.28
N ASP H 240 -47.96 45.84 38.77
CA ASP H 240 -47.32 44.88 39.63
C ASP H 240 -45.87 45.25 40.00
N LEU H 241 -45.74 46.21 40.90
CA LEU H 241 -44.43 46.77 41.20
C LEU H 241 -43.50 45.74 41.85
N ILE H 242 -44.06 44.87 42.69
CA ILE H 242 -43.24 43.89 43.41
C ILE H 242 -42.66 42.82 42.47
N GLY H 243 -43.44 42.34 41.50
CA GLY H 243 -42.87 41.41 40.51
C GLY H 243 -41.75 42.06 39.71
N HIS H 244 -41.92 43.34 39.34
CA HIS H 244 -40.85 44.03 38.61
C HIS H 244 -39.58 44.10 39.44
N GLN H 245 -39.70 44.42 40.74
CA GLN H 245 -38.51 44.60 41.56
C GLN H 245 -37.79 43.26 41.68
N LYS H 246 -38.54 42.19 41.84
CA LYS H 246 -37.93 40.88 41.92
C LYS H 246 -37.27 40.49 40.58
N LEU H 247 -37.93 40.78 39.47
CA LEU H 247 -37.34 40.46 38.16
C LEU H 247 -36.13 41.35 37.85
N ALA H 248 -36.18 42.65 38.18
CA ALA H 248 -35.05 43.54 37.98
C ALA H 248 -33.80 43.06 38.72
N ALA H 249 -33.97 42.58 39.95
CA ALA H 249 -32.84 42.08 40.75
C ALA H 249 -32.29 40.74 40.24
N ALA H 250 -33.12 39.95 39.56
CA ALA H 250 -32.71 38.61 39.11
C ALA H 250 -31.96 38.61 37.77
N ILE H 251 -32.34 39.50 36.85
CA ILE H 251 -31.75 39.50 35.51
C ILE H 251 -30.43 40.27 35.54
N ASN H 252 -29.75 40.29 34.39
CA ASN H 252 -28.44 40.92 34.32
C ASN H 252 -28.35 42.12 33.34
N THR H 253 -29.52 42.60 32.86
CA THR H 253 -29.62 43.89 32.14
C THR H 253 -30.63 44.85 32.70
N ARG H 254 -30.96 45.84 31.88
CA ARG H 254 -31.91 46.91 32.19
C ARG H 254 -33.35 46.44 32.04
N LEU H 255 -34.15 46.65 33.11
CA LEU H 255 -35.61 46.51 33.09
C LEU H 255 -36.29 47.89 33.00
N CYS H 256 -37.23 48.04 32.09
CA CYS H 256 -37.89 49.32 31.89
C CYS H 256 -39.22 49.26 32.60
N GLY H 257 -39.79 50.43 32.90
CA GLY H 257 -41.17 50.47 33.39
C GLY H 257 -41.78 51.85 33.23
N ALA H 258 -43.04 51.98 33.65
CA ALA H 258 -43.73 53.28 33.75
C ALA H 258 -44.17 53.85 32.41
N GLU H 259 -44.16 52.98 31.38
CA GLU H 259 -44.66 53.36 30.07
C GLU H 259 -46.04 54.02 30.15
N MET H 260 -46.92 53.51 31.00
CA MET H 260 -48.28 53.96 30.96
C MET H 260 -48.58 54.97 32.06
N SER H 261 -47.61 55.22 32.92
CA SER H 261 -47.84 56.01 34.11
C SER H 261 -48.02 57.50 33.79
N THR H 262 -48.51 58.26 34.77
CA THR H 262 -48.52 59.71 34.68
C THR H 262 -47.97 60.34 35.97
N THR H 263 -47.32 61.49 35.82
CA THR H 263 -46.74 62.29 36.90
C THR H 263 -45.41 61.76 37.39
N ARG H 264 -44.64 62.64 37.99
CA ARG H 264 -43.40 62.29 38.66
C ARG H 264 -43.65 61.41 39.88
N PHE H 265 -44.87 61.46 40.42
CA PHE H 265 -45.16 60.73 41.67
C PHE H 265 -45.14 59.23 41.40
N GLU H 266 -45.68 58.83 40.25
CA GLU H 266 -45.63 57.40 39.90
C GLU H 266 -44.24 57.00 39.44
N ALA H 267 -43.61 57.83 38.63
CA ALA H 267 -42.30 57.49 38.11
C ALA H 267 -41.34 57.29 39.28
N GLN H 268 -41.52 58.12 40.30
CA GLN H 268 -40.69 58.04 41.48
C GLN H 268 -40.99 56.77 42.28
N GLU H 269 -42.25 56.35 42.31
CA GLU H 269 -42.62 55.10 43.00
C GLU H 269 -42.06 53.86 42.26
N TRP H 270 -42.02 53.89 40.94
CA TRP H 270 -41.39 52.81 40.17
C TRP H 270 -39.91 52.68 40.52
N LEU H 271 -39.21 53.81 40.46
CA LEU H 271 -37.78 53.87 40.72
C LEU H 271 -37.42 53.42 42.15
N GLU H 272 -38.17 53.91 43.13
CA GLU H 272 -37.98 53.59 44.55
C GLU H 272 -38.22 52.08 44.82
N LYS H 273 -39.34 51.57 44.34
CA LYS H 273 -39.80 50.22 44.66
C LYS H 273 -39.19 49.12 43.79
N THR H 274 -38.90 49.42 42.54
CA THR H 274 -38.56 48.35 41.60
C THR H 274 -37.10 48.34 41.15
N GLY H 275 -36.45 49.49 41.14
CA GLY H 275 -35.10 49.59 40.58
C GLY H 275 -35.03 49.45 39.05
N ILE H 276 -36.14 49.71 38.36
CA ILE H 276 -36.07 49.78 36.91
C ILE H 276 -34.92 50.72 36.51
N SER H 277 -34.28 50.46 35.38
CA SER H 277 -33.11 51.25 34.98
C SER H 277 -33.43 52.21 33.83
N VAL H 278 -34.65 52.12 33.32
CA VAL H 278 -35.11 52.99 32.25
C VAL H 278 -36.56 53.37 32.55
N VAL H 279 -36.85 54.67 32.63
CA VAL H 279 -38.23 55.12 32.85
C VAL H 279 -38.83 55.54 31.51
N GLN H 280 -40.11 55.25 31.30
CA GLN H 280 -40.69 55.43 29.97
C GLN H 280 -41.94 56.34 29.89
N SER H 281 -42.19 57.12 30.95
CA SER H 281 -43.25 58.14 30.95
C SER H 281 -43.32 58.88 29.61
N ASP H 282 -44.53 59.10 29.13
CA ASP H 282 -44.78 59.45 27.73
C ASP H 282 -45.01 60.96 27.58
N TYR H 283 -44.35 61.58 26.61
CA TYR H 283 -44.46 63.04 26.37
C TYR H 283 -45.89 63.55 26.40
N ASN H 284 -46.81 62.80 25.81
CA ASN H 284 -48.19 63.28 25.67
C ASN H 284 -49.17 62.63 26.64
N ARG H 285 -48.64 62.05 27.70
CA ARG H 285 -49.47 61.41 28.72
C ARG H 285 -49.12 61.92 30.12
N CYS H 286 -47.83 61.84 30.45
CA CYS H 286 -47.37 61.92 31.84
C CYS H 286 -47.50 63.29 32.50
N GLY H 287 -47.66 64.34 31.69
CA GLY H 287 -47.68 65.70 32.21
C GLY H 287 -47.03 66.66 31.23
N GLY H 288 -46.27 66.11 30.29
CA GLY H 288 -45.61 66.91 29.28
C GLY H 288 -44.13 67.12 29.58
N VAL H 289 -43.52 68.06 28.85
CA VAL H 289 -42.10 68.27 28.96
C VAL H 289 -41.74 68.78 30.35
N THR H 290 -42.60 69.63 30.91
CA THR H 290 -42.32 70.25 32.20
C THR H 290 -42.19 69.20 33.28
N GLU H 291 -43.06 68.20 33.22
CA GLU H 291 -43.03 67.11 34.20
C GLU H 291 -41.91 66.12 33.84
N LEU H 292 -41.68 65.92 32.55
CA LEU H 292 -40.55 65.08 32.12
C LEU H 292 -39.20 65.59 32.67
N LEU H 293 -39.01 66.90 32.65
CA LEU H 293 -37.79 67.51 33.18
C LEU H 293 -37.62 67.25 34.68
N ARG H 294 -38.72 67.20 35.42
CA ARG H 294 -38.68 66.87 36.85
C ARG H 294 -38.38 65.38 37.04
N ILE H 295 -38.95 64.57 36.14
CA ILE H 295 -38.70 63.14 36.18
C ILE H 295 -37.23 62.85 35.83
N MET H 296 -36.66 63.67 34.95
CA MET H 296 -35.26 63.53 34.54
C MET H 296 -34.35 63.65 35.76
N ASP H 297 -34.58 64.69 36.57
CA ASP H 297 -33.84 64.92 37.80
C ASP H 297 -33.93 63.77 38.82
N ILE H 298 -35.11 63.19 38.97
CA ILE H 298 -35.27 62.00 39.83
C ILE H 298 -34.60 60.73 39.27
N CYS H 299 -34.68 60.52 37.95
CA CYS H 299 -33.90 59.49 37.27
C CYS H 299 -32.39 59.65 37.52
N GLU H 300 -31.89 60.87 37.41
CA GLU H 300 -30.46 61.11 37.69
C GLU H 300 -30.08 60.67 39.10
N HIS H 301 -30.86 61.06 40.09
CA HIS H 301 -30.56 60.62 41.46
C HIS H 301 -30.42 59.07 41.55
N HIS H 302 -31.33 58.37 40.92
CA HIS H 302 -31.35 56.92 40.94
C HIS H 302 -30.40 56.28 39.88
N ASN H 303 -29.70 57.10 39.10
CA ASN H 303 -28.88 56.61 37.99
C ASN H 303 -29.71 55.73 37.05
N ALA H 304 -30.93 56.16 36.79
CA ALA H 304 -31.77 55.52 35.81
C ALA H 304 -31.77 56.36 34.55
N GLN H 305 -32.03 55.75 33.41
CA GLN H 305 -32.25 56.52 32.20
C GLN H 305 -33.74 56.89 32.00
N LEU H 306 -33.98 57.98 31.28
CA LEU H 306 -35.33 58.41 30.95
C LEU H 306 -35.45 58.35 29.44
N MET H 307 -36.27 57.41 28.94
CA MET H 307 -36.49 57.26 27.49
C MET H 307 -37.99 57.24 27.24
N PRO H 308 -38.61 58.43 27.09
CA PRO H 308 -40.06 58.54 27.09
C PRO H 308 -40.67 57.80 25.88
N HIS H 309 -41.70 56.99 26.17
CA HIS H 309 -42.55 56.37 25.15
C HIS H 309 -42.91 57.40 24.08
N ASN H 310 -42.67 57.02 22.83
CA ASN H 310 -42.81 57.93 21.71
C ASN H 310 -43.37 57.19 20.50
N TRP H 311 -44.67 57.05 20.46
CA TRP H 311 -45.34 56.42 19.33
C TRP H 311 -46.61 57.19 19.04
N LYS H 312 -46.49 58.28 18.31
CA LYS H 312 -47.63 59.16 18.13
C LYS H 312 -47.51 59.77 16.75
N THR H 313 -47.25 61.07 16.71
CA THR H 313 -47.22 61.83 15.46
C THR H 313 -45.89 62.59 15.37
N GLY H 314 -45.69 63.34 14.28
CA GLY H 314 -44.48 64.13 14.12
C GLY H 314 -44.40 65.28 15.13
N ILE H 315 -45.53 65.62 15.72
CA ILE H 315 -45.60 66.70 16.71
C ILE H 315 -44.86 66.27 17.96
N THR H 316 -45.20 65.07 18.46
CA THR H 316 -44.43 64.46 19.56
C THR H 316 -42.97 64.17 19.14
N ALA H 317 -42.76 63.85 17.87
CA ALA H 317 -41.39 63.54 17.44
C ALA H 317 -40.50 64.78 17.65
N ALA H 318 -41.07 65.96 17.40
CA ALA H 318 -40.33 67.21 17.55
C ALA H 318 -40.04 67.48 19.01
N ALA H 319 -41.00 67.17 19.87
CA ALA H 319 -40.73 67.30 21.30
C ALA H 319 -39.60 66.34 21.75
N ALA H 320 -39.59 65.13 21.20
CA ALA H 320 -38.58 64.13 21.52
C ALA H 320 -37.19 64.55 21.06
N ARG H 321 -37.14 65.26 19.93
CA ARG H 321 -35.87 65.76 19.42
C ARG H 321 -35.32 66.84 20.34
N HIS H 322 -36.19 67.75 20.75
CA HIS H 322 -35.80 68.83 21.64
C HIS H 322 -35.48 68.35 23.04
N PHE H 323 -36.33 67.51 23.59
CA PHE H 323 -36.05 66.89 24.88
C PHE H 323 -34.81 66.01 24.79
N GLY H 324 -34.68 65.23 23.73
CA GLY H 324 -33.56 64.30 23.61
C GLY H 324 -32.20 64.97 23.67
N ILE H 325 -32.09 66.18 23.13
CA ILE H 325 -30.80 66.86 23.12
C ILE H 325 -30.45 67.44 24.48
N VAL H 326 -31.46 67.54 25.34
CA VAL H 326 -31.32 68.12 26.68
C VAL H 326 -31.04 67.01 27.72
N CYS H 327 -31.50 65.81 27.42
CA CYS H 327 -31.57 64.74 28.42
C CYS H 327 -30.26 63.93 28.49
N HIS H 328 -29.26 64.54 29.11
CA HIS H 328 -27.91 64.01 29.15
C HIS H 328 -27.78 62.65 29.84
N ILE H 329 -28.76 62.27 30.66
CA ILE H 329 -28.67 60.99 31.37
C ILE H 329 -28.96 59.78 30.46
N SER H 330 -29.45 60.02 29.25
CA SER H 330 -29.88 58.92 28.40
C SER H 330 -28.98 58.75 27.18
N GLU H 331 -28.45 57.54 27.02
CA GLU H 331 -27.71 57.18 25.81
C GLU H 331 -28.57 57.29 24.55
N TYR H 332 -29.82 56.85 24.64
CA TYR H 332 -30.75 56.88 23.49
C TYR H 332 -32.08 57.49 23.93
N VAL H 333 -32.95 57.80 22.95
CA VAL H 333 -34.39 57.91 23.24
C VAL H 333 -35.21 57.20 22.17
N GLU H 334 -36.44 56.84 22.52
CA GLU H 334 -37.30 56.10 21.61
C GLU H 334 -37.65 57.00 20.44
N TYR H 335 -37.71 56.42 19.25
CA TYR H 335 -38.08 57.20 18.07
C TYR H 335 -38.87 56.38 17.06
N LEU H 336 -40.06 56.88 16.73
CA LEU H 336 -40.83 56.42 15.60
C LEU H 336 -40.48 57.25 14.37
N HIS H 337 -39.81 56.63 13.42
CA HIS H 337 -39.37 57.35 12.24
C HIS H 337 -40.17 56.86 11.03
N PRO H 338 -40.56 57.77 10.14
CA PRO H 338 -41.37 57.42 8.96
C PRO H 338 -40.73 56.41 8.00
N ASP H 339 -39.41 56.26 8.07
CA ASP H 339 -38.73 55.22 7.28
C ASP H 339 -39.18 53.82 7.68
N PHE H 340 -39.67 53.68 8.91
CA PHE H 340 -39.91 52.36 9.49
C PHE H 340 -41.37 52.10 9.77
N TRP H 341 -42.22 53.05 9.41
CA TRP H 341 -43.65 52.91 9.71
C TRP H 341 -44.49 53.65 8.69
N ASN H 342 -45.46 52.96 8.12
CA ASN H 342 -46.30 53.56 7.10
C ASN H 342 -47.61 54.16 7.59
N GLY H 343 -47.73 54.43 8.88
CA GLY H 343 -48.96 55.01 9.42
C GLY H 343 -49.28 56.32 8.72
N THR H 344 -50.55 56.54 8.41
CA THR H 344 -50.95 57.75 7.68
C THR H 344 -50.50 59.04 8.37
N LEU H 345 -50.75 59.16 9.67
CA LEU H 345 -50.34 60.36 10.38
C LEU H 345 -48.82 60.50 10.39
N THR H 346 -48.11 59.39 10.59
CA THR H 346 -46.64 59.39 10.54
C THR H 346 -46.12 59.94 9.20
N GLN H 347 -46.78 59.56 8.12
CA GLN H 347 -46.35 59.92 6.78
C GLN H 347 -46.79 61.31 6.35
N GLN H 348 -47.92 61.78 6.91
CA GLN H 348 -48.62 62.88 6.26
C GLN H 348 -48.93 64.11 7.09
N LEU H 349 -48.96 63.98 8.42
CA LEU H 349 -49.44 65.07 9.25
C LEU H 349 -48.48 66.23 9.24
N THR H 350 -47.19 65.91 9.26
CA THR H 350 -46.13 66.91 9.35
C THR H 350 -45.20 66.82 8.13
N LEU H 351 -44.49 67.91 7.86
CA LEU H 351 -43.58 67.98 6.71
C LEU H 351 -42.12 68.04 7.11
N ASN H 352 -41.25 67.70 6.15
CA ASN H 352 -39.81 67.80 6.32
C ASN H 352 -39.25 67.09 7.56
N GLU H 353 -39.75 65.89 7.88
CA GLU H 353 -39.17 65.15 9.00
C GLU H 353 -37.68 64.93 8.77
N PRO H 354 -36.85 65.14 9.81
CA PRO H 354 -35.41 64.98 9.70
C PRO H 354 -35.05 63.56 9.27
N LYS H 355 -34.10 63.45 8.36
CA LYS H 355 -33.66 62.14 7.89
C LYS H 355 -32.71 61.54 8.91
N ILE H 356 -32.61 60.22 8.95
CA ILE H 356 -31.59 59.56 9.76
C ILE H 356 -30.29 59.55 9.00
N ILE H 357 -29.23 60.06 9.63
CA ILE H 357 -27.93 60.12 9.00
C ILE H 357 -26.88 59.53 9.93
N ASP H 358 -26.35 58.37 9.53
CA ASP H 358 -25.44 57.59 10.37
C ASP H 358 -26.00 57.39 11.77
N GLY H 359 -27.28 57.01 11.85
CA GLY H 359 -27.90 56.66 13.13
C GLY H 359 -28.33 57.84 13.99
N ALA H 360 -28.00 59.05 13.55
CA ALA H 360 -28.37 60.27 14.26
C ALA H 360 -29.42 61.07 13.50
N ILE H 361 -30.17 61.90 14.24
CA ILE H 361 -31.05 62.85 13.59
C ILE H 361 -30.82 64.28 14.11
N GLU H 362 -30.77 65.22 13.16
CA GLU H 362 -30.60 66.65 13.43
C GLU H 362 -31.73 67.19 14.32
N VAL H 363 -31.35 67.96 15.33
CA VAL H 363 -32.30 68.81 16.03
C VAL H 363 -32.13 70.24 15.55
N SER H 364 -33.10 70.76 14.80
CA SER H 364 -32.90 72.08 14.23
C SER H 364 -32.99 73.18 15.29
N ASP H 365 -32.52 74.37 14.95
CA ASP H 365 -32.80 75.49 15.81
C ASP H 365 -33.87 76.42 15.22
N LYS H 366 -34.78 75.87 14.42
CA LYS H 366 -36.00 76.59 14.12
C LYS H 366 -36.69 76.92 15.44
N PRO H 367 -37.41 78.06 15.49
CA PRO H 367 -38.01 78.50 16.74
C PRO H 367 -38.99 77.48 17.30
N GLY H 368 -39.12 77.43 18.62
CA GLY H 368 -40.02 76.47 19.29
C GLY H 368 -39.68 75.02 18.99
N LEU H 369 -40.69 74.23 18.67
CA LEU H 369 -40.47 72.83 18.39
C LEU H 369 -40.01 72.57 16.97
N GLY H 370 -40.01 73.60 16.14
CA GLY H 370 -39.65 73.43 14.73
C GLY H 370 -40.58 72.49 14.00
N ILE H 371 -41.87 72.59 14.29
CA ILE H 371 -42.85 71.74 13.62
C ILE H 371 -43.31 72.39 12.34
N GLU H 372 -43.36 71.58 11.28
CA GLU H 372 -43.85 72.05 9.99
C GLU H 372 -45.11 71.26 9.67
N LEU H 373 -46.26 71.84 10.02
CA LEU H 373 -47.53 71.12 9.92
C LEU H 373 -48.04 71.12 8.49
N ASN H 374 -48.48 69.96 8.01
CA ASN H 374 -49.16 69.83 6.71
C ASN H 374 -50.58 70.39 6.80
N ILE H 375 -50.70 71.70 6.64
CA ILE H 375 -51.99 72.40 6.81
C ILE H 375 -53.08 71.82 5.91
N GLU H 376 -52.76 71.60 4.64
CA GLU H 376 -53.72 71.08 3.71
C GLU H 376 -54.28 69.74 4.17
N PHE H 377 -53.37 68.83 4.52
CA PHE H 377 -53.79 67.55 5.07
C PHE H 377 -54.68 67.77 6.28
N VAL H 378 -54.25 68.64 7.20
CA VAL H 378 -55.04 68.86 8.41
C VAL H 378 -56.42 69.47 8.11
N GLU H 379 -56.48 70.37 7.13
CA GLU H 379 -57.74 71.03 6.79
C GLU H 379 -58.67 70.07 6.07
N GLN H 380 -58.06 69.17 5.30
CA GLN H 380 -58.78 68.15 4.57
C GLN H 380 -59.51 67.21 5.51
N VAL H 381 -58.84 66.78 6.58
CA VAL H 381 -59.38 65.69 7.41
C VAL H 381 -60.25 66.14 8.58
N THR H 382 -60.10 67.37 9.03
CA THR H 382 -61.01 67.93 10.04
C THR H 382 -62.23 68.57 9.38
N GLY H 383 -62.07 68.98 8.12
CA GLY H 383 -63.09 69.71 7.40
C GLY H 383 -62.95 71.20 7.62
N HIS H 384 -62.45 71.57 8.79
CA HIS H 384 -62.34 72.97 9.17
C HIS H 384 -61.09 73.65 8.60
N LYS H 385 -61.11 74.98 8.56
CA LYS H 385 -59.96 75.77 8.13
C LYS H 385 -58.93 75.95 9.26
N PHE H 386 -57.64 75.91 8.91
CA PHE H 386 -56.57 76.06 9.88
C PHE H 386 -55.90 77.44 9.76
N ALA I 5 40.95 31.78 5.44
CA ALA I 5 40.69 33.03 4.66
C ALA I 5 39.32 32.99 3.97
N ASN I 6 38.65 34.14 3.95
CA ASN I 6 37.29 34.23 3.44
C ASN I 6 37.23 34.50 1.95
N ILE I 7 36.10 34.12 1.36
CA ILE I 7 35.85 34.39 -0.05
C ILE I 7 35.65 35.89 -0.22
N VAL I 8 36.33 36.45 -1.20
CA VAL I 8 36.24 37.86 -1.53
C VAL I 8 35.51 38.09 -2.85
N SER I 9 35.54 37.11 -3.76
CA SER I 9 34.88 37.30 -5.05
C SER I 9 34.52 36.02 -5.79
N VAL I 10 33.58 36.14 -6.72
CA VAL I 10 33.12 35.03 -7.51
C VAL I 10 32.90 35.59 -8.88
N GLU I 11 33.49 34.94 -9.88
CA GLU I 11 33.39 35.39 -11.24
C GLU I 11 32.95 34.23 -12.11
N PHE I 12 31.87 34.47 -12.87
CA PHE I 12 31.48 33.55 -13.92
C PHE I 12 32.12 34.01 -15.22
N ILE I 13 32.93 33.14 -15.84
CA ILE I 13 33.68 33.52 -17.03
C ILE I 13 33.28 32.67 -18.21
N PRO I 14 32.48 33.25 -19.12
CA PRO I 14 32.00 32.56 -20.31
C PRO I 14 33.15 32.23 -21.26
N VAL I 15 33.22 30.98 -21.69
CA VAL I 15 34.22 30.54 -22.68
C VAL I 15 33.52 29.97 -23.92
N ASN I 16 33.61 30.70 -25.03
CA ASN I 16 32.93 30.33 -26.27
C ASN I 16 33.93 30.13 -27.40
N VAL I 17 34.14 28.90 -27.82
CA VAL I 17 35.11 28.63 -28.87
C VAL I 17 34.43 28.58 -30.23
N ALA I 18 34.85 29.45 -31.14
CA ALA I 18 34.30 29.47 -32.51
C ALA I 18 34.81 28.30 -33.35
N SER I 23 28.55 22.99 -31.04
CA SER I 23 29.09 24.19 -30.39
C SER I 23 29.93 23.79 -29.19
N GLU I 24 30.88 24.66 -28.82
CA GLU I 24 31.91 24.31 -27.86
C GLU I 24 32.01 25.43 -26.83
N ASN I 25 31.52 25.18 -25.62
CA ASN I 25 31.55 26.23 -24.59
C ASN I 25 31.31 25.76 -23.15
N THR I 26 31.71 26.59 -22.19
CA THR I 26 31.54 26.32 -20.76
C THR I 26 31.47 27.64 -19.99
N VAL I 27 31.07 27.58 -18.73
CA VAL I 27 31.21 28.75 -17.87
C VAL I 27 32.23 28.41 -16.79
N ILE I 28 33.36 29.10 -16.79
CA ILE I 28 34.33 28.93 -15.71
C ILE I 28 33.93 29.74 -14.50
N VAL I 29 33.92 29.09 -13.34
CA VAL I 29 33.56 29.76 -12.12
C VAL I 29 34.82 29.86 -11.27
N LYS I 30 35.22 31.10 -10.97
CA LYS I 30 36.45 31.36 -10.24
C LYS I 30 36.12 32.03 -8.92
N VAL I 31 36.48 31.40 -7.81
CA VAL I 31 36.23 31.92 -6.48
C VAL I 31 37.57 32.25 -5.85
N THR I 32 37.74 33.51 -5.46
CA THR I 32 39.02 34.00 -4.95
C THR I 32 38.91 34.38 -3.48
N ASP I 33 39.86 33.93 -2.66
CA ASP I 33 39.87 34.31 -1.24
C ASP I 33 40.68 35.59 -1.01
N GLU I 34 40.69 36.10 0.21
CA GLU I 34 41.35 37.38 0.43
C GLU I 34 42.87 37.34 0.29
N ASN I 35 43.45 36.14 0.14
CA ASN I 35 44.90 36.00 -0.13
C ASN I 35 45.27 35.95 -1.61
N GLY I 36 44.26 35.97 -2.50
CA GLY I 36 44.50 35.84 -3.94
C GLY I 36 44.40 34.40 -4.44
N VAL I 37 44.26 33.44 -3.52
CA VAL I 37 44.03 32.05 -3.89
C VAL I 37 42.63 31.89 -4.46
N TYR I 38 42.50 31.08 -5.52
CA TYR I 38 41.22 30.83 -6.16
C TYR I 38 41.01 29.33 -6.41
N GLY I 39 39.74 28.90 -6.44
CA GLY I 39 39.38 27.58 -6.89
C GLY I 39 38.57 27.70 -8.18
N LEU I 40 38.51 26.62 -8.95
CA LEU I 40 37.83 26.62 -10.22
C LEU I 40 36.71 25.60 -10.29
N GLY I 41 35.60 25.98 -10.91
CA GLY I 41 34.55 25.04 -11.26
C GLY I 41 33.93 25.43 -12.58
N GLU I 42 32.97 24.64 -13.04
CA GLU I 42 32.24 25.05 -14.22
C GLU I 42 30.78 24.76 -14.08
N ALA I 43 29.98 25.61 -14.70
CA ALA I 43 28.54 25.51 -14.61
C ALA I 43 28.01 25.14 -15.98
N ASP I 44 26.97 24.33 -16.03
CA ASP I 44 26.29 24.07 -17.28
C ASP I 44 25.46 25.27 -17.71
N GLY I 45 25.01 25.27 -18.95
CA GLY I 45 24.12 26.32 -19.44
C GLY I 45 24.75 27.25 -20.45
N PRO I 46 23.92 28.01 -21.20
CA PRO I 46 24.42 28.99 -22.16
C PRO I 46 25.27 30.04 -21.43
N PRO I 47 26.53 30.19 -21.85
CA PRO I 47 27.51 30.95 -21.13
C PRO I 47 27.08 32.38 -20.71
N GLU I 48 26.70 33.22 -21.68
CA GLU I 48 26.38 34.62 -21.36
C GLU I 48 25.20 34.70 -20.40
N CYS I 49 24.26 33.78 -20.55
CA CYS I 49 23.07 33.78 -19.72
C CYS I 49 23.41 33.35 -18.30
N MET I 50 24.30 32.38 -18.16
CA MET I 50 24.80 32.00 -16.83
C MET I 50 25.50 33.18 -16.17
N LYS I 51 26.28 33.94 -16.94
CA LYS I 51 26.91 35.15 -16.43
C LYS I 51 25.86 36.17 -15.93
N ALA I 52 24.83 36.42 -16.73
CA ALA I 52 23.79 37.38 -16.31
C ALA I 52 23.11 36.92 -15.03
N PHE I 53 22.81 35.61 -14.95
CA PHE I 53 22.28 35.01 -13.74
C PHE I 53 23.14 35.35 -12.52
N SER I 54 24.45 35.25 -12.68
CA SER I 54 25.37 35.47 -11.56
C SER I 54 25.46 36.94 -11.16
N GLU I 55 24.93 37.82 -12.00
CA GLU I 55 25.04 39.25 -11.77
C GLU I 55 23.69 39.97 -11.59
N ILE I 56 22.70 39.25 -11.10
CA ILE I 56 21.39 39.83 -10.84
C ILE I 56 21.46 40.72 -9.59
N GLU I 57 20.50 41.61 -9.46
CA GLU I 57 20.38 42.47 -8.28
C GLU I 57 19.51 41.80 -7.22
N ASN I 58 19.77 42.03 -5.94
CA ASN I 58 18.88 41.56 -4.88
C ASN I 58 17.44 42.07 -5.05
N GLU I 59 16.46 41.29 -4.62
CA GLU I 59 15.05 41.70 -4.71
C GLU I 59 14.27 41.48 -3.41
N HIS I 60 14.30 40.27 -2.89
CA HIS I 60 13.57 39.93 -1.66
C HIS I 60 14.24 38.71 -1.03
N LYS I 61 13.67 38.22 0.08
CA LYS I 61 14.32 37.18 0.90
C LYS I 61 14.69 35.87 0.17
N TRP I 62 13.96 35.52 -0.88
CA TRP I 62 14.21 34.28 -1.62
C TRP I 62 14.72 34.53 -3.04
N LEU I 63 15.05 35.78 -3.33
CA LEU I 63 15.58 36.19 -4.63
C LEU I 63 16.78 37.13 -4.42
N ASN I 64 17.95 36.53 -4.24
CA ASN I 64 19.20 37.27 -4.09
C ASN I 64 20.27 36.83 -5.09
N ASN I 65 21.24 37.70 -5.29
CA ASN I 65 22.42 37.37 -6.07
C ASN I 65 23.19 36.21 -5.41
N ILE I 66 23.39 35.14 -6.17
CA ILE I 66 23.92 33.90 -5.62
C ILE I 66 25.29 34.08 -4.93
N LYS I 67 26.14 34.94 -5.52
CA LYS I 67 27.46 35.29 -4.94
C LYS I 67 27.38 35.73 -3.48
N GLU I 68 26.29 36.40 -3.12
CA GLU I 68 26.23 37.03 -1.79
C GLU I 68 26.05 36.00 -0.68
N ALA I 69 25.61 34.80 -1.06
CA ALA I 69 25.54 33.68 -0.15
C ALA I 69 26.93 33.12 0.23
N VAL I 70 27.98 33.49 -0.51
CA VAL I 70 29.30 32.94 -0.21
C VAL I 70 30.44 33.94 0.03
N ILE I 71 30.28 35.18 -0.45
CA ILE I 71 31.28 36.23 -0.22
C ILE I 71 31.37 36.52 1.27
N GLY I 72 32.57 36.56 1.83
CA GLY I 72 32.74 36.73 3.26
C GLY I 72 32.67 35.44 4.04
N ARG I 73 32.53 34.29 3.35
CA ARG I 73 32.41 32.99 4.03
C ARG I 73 33.67 32.12 3.87
N ASP I 74 33.76 31.09 4.72
CA ASP I 74 34.85 30.13 4.68
C ASP I 74 34.51 29.01 3.68
N PRO I 75 35.37 28.78 2.68
CA PRO I 75 35.06 27.77 1.65
C PRO I 75 34.96 26.36 2.20
N LEU I 76 35.57 26.10 3.36
CA LEU I 76 35.54 24.79 3.99
C LEU I 76 34.13 24.29 4.34
N GLU I 77 33.18 25.22 4.49
CA GLU I 77 31.84 24.91 5.04
C GLU I 77 30.85 24.52 3.93
N PHE I 78 31.03 23.32 3.39
CA PHE I 78 30.34 22.92 2.17
C PHE I 78 28.81 22.89 2.30
N ARG I 79 28.32 22.32 3.40
CA ARG I 79 26.87 22.22 3.62
C ARG I 79 26.28 23.60 3.83
N ALA I 80 26.86 24.37 4.76
CA ALA I 80 26.31 25.67 5.10
C ALA I 80 26.28 26.54 3.86
N ASN I 81 27.38 26.56 3.11
CA ASN I 81 27.41 27.40 1.92
C ASN I 81 26.43 26.92 0.86
N TYR I 82 26.38 25.60 0.62
CA TYR I 82 25.39 25.01 -0.29
C TYR I 82 23.97 25.43 0.08
N ASN I 83 23.60 25.19 1.34
CA ASN I 83 22.25 25.52 1.83
C ASN I 83 21.96 27.02 1.77
N ARG I 84 22.96 27.85 2.03
CA ARG I 84 22.74 29.28 1.94
C ARG I 84 22.51 29.70 0.49
N MET I 85 23.32 29.18 -0.44
CA MET I 85 23.11 29.42 -1.87
C MET I 85 21.71 28.97 -2.29
N TYR I 86 21.30 27.78 -1.87
CA TYR I 86 20.04 27.23 -2.34
C TYR I 86 18.86 28.03 -1.76
N ASP I 87 18.94 28.37 -0.48
CA ASP I 87 17.85 29.08 0.20
C ASP I 87 17.63 30.48 -0.34
N THR I 88 18.72 31.23 -0.48
CA THR I 88 18.63 32.66 -0.80
C THR I 88 18.26 32.92 -2.26
N THR I 89 18.26 31.86 -3.08
CA THR I 89 17.91 31.94 -4.49
C THR I 89 16.68 31.11 -4.81
N LYS I 90 16.03 30.58 -3.80
CA LYS I 90 14.90 29.66 -4.03
C LYS I 90 13.92 30.13 -5.11
N TRP I 91 13.56 31.42 -5.11
CA TRP I 91 12.51 31.91 -6.03
C TRP I 91 12.86 31.74 -7.51
N ILE I 92 14.14 31.80 -7.82
CA ILE I 92 14.58 31.65 -9.19
C ILE I 92 15.41 30.39 -9.37
N GLY I 93 15.75 29.73 -8.26
CA GLY I 93 16.55 28.51 -8.32
C GLY I 93 15.71 27.27 -8.08
N MET I 94 16.05 26.54 -7.03
CA MET I 94 15.31 25.38 -6.58
C MET I 94 15.43 24.15 -7.49
N ARG I 95 15.07 24.30 -8.76
CA ARG I 95 15.36 23.29 -9.79
C ARG I 95 15.87 23.97 -11.08
N GLY I 96 16.53 23.22 -11.94
CA GLY I 96 16.85 23.72 -13.27
C GLY I 96 18.07 24.62 -13.31
N LEU I 97 18.02 25.61 -14.19
CA LEU I 97 19.15 26.49 -14.47
C LEU I 97 19.80 27.13 -13.24
N GLY I 98 18.99 27.65 -12.32
CA GLY I 98 19.55 28.20 -11.08
C GLY I 98 20.48 27.24 -10.36
N LEU I 99 20.13 25.97 -10.37
CA LEU I 99 20.99 24.93 -9.81
C LEU I 99 22.28 24.64 -10.54
N PHE I 100 22.34 24.97 -11.83
CA PHE I 100 23.61 24.91 -12.58
C PHE I 100 24.59 25.89 -11.97
N ALA I 101 24.13 27.12 -11.72
CA ALA I 101 24.98 28.15 -11.12
C ALA I 101 25.53 27.68 -9.77
N ILE I 102 24.67 27.11 -8.92
CA ILE I 102 25.12 26.59 -7.63
C ILE I 102 26.20 25.50 -7.81
N SER I 103 26.02 24.64 -8.82
CA SER I 103 26.94 23.54 -9.08
C SER I 103 28.36 23.99 -9.32
N GLY I 104 28.51 24.96 -10.23
CA GLY I 104 29.81 25.52 -10.58
C GLY I 104 30.52 26.23 -9.44
N ILE I 105 29.74 26.94 -8.62
CA ILE I 105 30.33 27.55 -7.42
C ILE I 105 30.72 26.48 -6.42
N ASP I 106 29.81 25.52 -6.17
CA ASP I 106 30.12 24.44 -5.24
C ASP I 106 31.44 23.73 -5.63
N MET I 107 31.57 23.41 -6.91
CA MET I 107 32.76 22.73 -7.45
C MET I 107 34.03 23.53 -7.17
N ALA I 108 33.99 24.83 -7.48
CA ALA I 108 35.09 25.73 -7.17
C ALA I 108 35.46 25.79 -5.69
N LEU I 109 34.46 25.61 -4.82
CA LEU I 109 34.70 25.71 -3.38
C LEU I 109 35.51 24.55 -2.86
N TYR I 110 35.31 23.36 -3.44
CA TYR I 110 36.19 22.23 -3.11
C TYR I 110 37.63 22.46 -3.58
N ASP I 111 37.80 23.10 -4.74
CA ASP I 111 39.12 23.38 -5.28
C ASP I 111 39.82 24.40 -4.37
N LEU I 112 39.09 25.45 -4.01
CA LEU I 112 39.63 26.53 -3.16
C LEU I 112 39.98 26.05 -1.76
N ALA I 113 39.04 25.35 -1.11
CA ALA I 113 39.28 24.82 0.22
C ALA I 113 40.47 23.88 0.30
N GLY I 114 40.63 23.02 -0.71
CA GLY I 114 41.77 22.14 -0.78
C GLY I 114 43.08 22.91 -0.92
N LYS I 115 43.09 23.88 -1.82
CA LYS I 115 44.23 24.77 -1.98
C LYS I 115 44.60 25.54 -0.70
N GLN I 116 43.61 26.00 0.04
CA GLN I 116 43.85 26.69 1.31
C GLN I 116 44.49 25.77 2.34
N LEU I 117 43.94 24.56 2.45
CA LEU I 117 44.42 23.64 3.47
C LEU I 117 45.63 22.82 3.03
N GLY I 118 45.91 22.81 1.73
CA GLY I 118 46.95 21.95 1.16
C GLY I 118 46.60 20.47 1.11
N VAL I 119 45.32 20.14 0.84
CA VAL I 119 44.87 18.75 0.69
C VAL I 119 44.14 18.49 -0.64
N PRO I 120 44.25 17.27 -1.18
CA PRO I 120 43.43 16.91 -2.35
C PRO I 120 41.95 16.87 -1.98
N ALA I 121 41.12 17.37 -2.88
CA ALA I 121 39.69 17.53 -2.65
C ALA I 121 39.00 16.23 -2.19
N TYR I 122 39.45 15.08 -2.72
CA TYR I 122 38.86 13.82 -2.28
C TYR I 122 38.90 13.64 -0.75
N LYS I 123 39.89 14.22 -0.11
CA LYS I 123 39.95 14.17 1.34
C LYS I 123 38.82 14.98 1.95
N LEU I 124 38.50 16.13 1.36
CA LEU I 124 37.39 16.97 1.81
C LEU I 124 36.03 16.35 1.47
N MET I 125 36.03 15.31 0.63
CA MET I 125 34.81 14.66 0.18
C MET I 125 34.55 13.40 1.01
N GLY I 126 35.36 13.20 2.06
CA GLY I 126 35.21 12.02 2.93
C GLY I 126 36.37 11.05 2.92
N GLY I 127 37.22 11.11 1.90
CA GLY I 127 38.40 10.28 1.84
C GLY I 127 38.28 9.22 0.76
N ALA I 128 39.41 8.77 0.23
CA ALA I 128 39.44 7.84 -0.89
C ALA I 128 38.93 6.47 -0.43
N GLN I 129 38.13 5.81 -1.24
CA GLN I 129 37.61 4.53 -0.82
C GLN I 129 37.73 3.41 -1.85
N LYS I 130 38.44 3.68 -2.92
CA LYS I 130 38.83 2.61 -3.83
C LYS I 130 40.33 2.59 -4.10
N ALA I 131 40.86 1.40 -4.36
CA ALA I 131 42.26 1.23 -4.69
C ALA I 131 42.64 2.13 -5.85
N GLN I 132 41.76 2.21 -6.85
CA GLN I 132 42.04 2.91 -8.11
C GLN I 132 40.76 3.51 -8.63
N LEU I 133 40.88 4.49 -9.51
CA LEU I 133 39.73 4.94 -10.28
C LEU I 133 39.68 4.25 -11.65
N THR I 134 38.62 3.47 -11.88
CA THR I 134 38.39 2.77 -13.15
C THR I 134 37.11 3.27 -13.79
N PRO I 135 37.23 4.23 -14.72
CA PRO I 135 35.98 4.76 -15.26
C PRO I 135 35.47 3.95 -16.46
N TYR I 136 34.24 4.20 -16.89
CA TYR I 136 33.85 3.79 -18.22
C TYR I 136 34.05 4.97 -19.20
N PHE I 137 34.53 4.68 -20.41
CA PHE I 137 34.80 5.75 -21.36
C PHE I 137 33.71 5.91 -22.40
N THR I 138 33.21 7.13 -22.50
CA THR I 138 32.14 7.44 -23.41
C THR I 138 32.77 7.65 -24.78
N LEU I 139 32.30 6.88 -25.77
CA LEU I 139 32.81 6.98 -27.12
C LEU I 139 31.74 7.57 -28.01
N TYR I 140 32.03 8.74 -28.58
CA TYR I 140 31.12 9.40 -29.49
C TYR I 140 31.95 9.71 -30.72
N PRO I 141 31.57 9.13 -31.88
CA PRO I 141 32.40 9.28 -33.06
C PRO I 141 32.03 10.56 -33.79
N SER I 142 33.02 11.16 -34.45
CA SER I 142 32.80 12.34 -35.27
C SER I 142 32.42 11.84 -36.65
N VAL I 143 31.19 12.14 -37.05
CA VAL I 143 30.68 11.73 -38.35
C VAL I 143 29.79 12.84 -38.91
N ALA I 144 29.54 12.80 -40.21
CA ALA I 144 28.60 13.75 -40.83
C ALA I 144 27.22 13.57 -40.26
N ALA I 145 26.39 14.62 -40.30
CA ALA I 145 24.94 14.44 -40.26
C ALA I 145 24.59 13.48 -41.38
N ASP I 146 23.63 12.59 -41.15
CA ASP I 146 23.20 11.73 -42.24
C ASP I 146 24.28 10.71 -42.61
N ALA I 147 25.18 10.43 -41.65
CA ALA I 147 26.01 9.22 -41.72
C ALA I 147 25.08 8.03 -41.57
N THR I 148 25.40 6.92 -42.23
CA THR I 148 24.60 5.72 -42.02
C THR I 148 25.09 4.92 -40.80
N LEU I 149 24.27 4.00 -40.33
CA LEU I 149 24.68 3.11 -39.24
C LEU I 149 26.02 2.41 -39.54
N SER I 150 26.17 1.95 -40.78
CA SER I 150 27.41 1.32 -41.22
C SER I 150 28.62 2.27 -41.12
N GLU I 151 28.45 3.48 -41.63
CA GLU I 151 29.50 4.50 -41.56
C GLU I 151 29.83 4.87 -40.11
N ILE I 152 28.82 4.82 -39.25
CA ILE I 152 29.02 5.12 -37.84
C ILE I 152 29.81 3.98 -37.18
N VAL I 153 29.46 2.74 -37.52
CA VAL I 153 30.25 1.62 -37.06
C VAL I 153 31.73 1.75 -37.46
N GLU I 154 31.97 2.10 -38.72
CA GLU I 154 33.34 2.33 -39.19
C GLU I 154 34.11 3.38 -38.36
N ALA I 155 33.48 4.51 -38.05
CA ALA I 155 34.12 5.52 -37.17
C ALA I 155 34.37 5.02 -35.75
N TYR I 156 33.45 4.21 -35.23
CA TYR I 156 33.63 3.58 -33.92
C TYR I 156 34.87 2.68 -33.81
N LYS I 157 35.27 2.04 -34.90
CA LYS I 157 36.35 1.06 -34.84
C LYS I 157 37.63 1.61 -34.20
N PRO I 158 38.12 2.76 -34.69
CA PRO I 158 39.39 3.23 -34.12
C PRO I 158 39.24 3.71 -32.68
N LEU I 159 38.07 4.22 -32.32
CA LEU I 159 37.86 4.63 -30.94
C LEU I 159 37.85 3.39 -30.05
N ILE I 160 37.10 2.38 -30.45
CA ILE I 160 37.09 1.16 -29.67
C ILE I 160 38.48 0.52 -29.56
N ALA I 161 39.28 0.62 -30.61
CA ALA I 161 40.64 0.04 -30.58
C ALA I 161 41.58 0.81 -29.66
N LYS I 162 41.44 2.14 -29.63
CA LYS I 162 42.19 2.90 -28.65
C LYS I 162 41.77 2.54 -27.22
N ALA I 163 40.48 2.43 -26.95
CA ALA I 163 40.04 2.03 -25.61
C ALA I 163 40.67 0.71 -25.16
N LYS I 164 40.72 -0.28 -26.06
CA LYS I 164 41.37 -1.56 -25.79
C LYS I 164 42.87 -1.40 -25.55
N GLU I 165 43.50 -0.58 -26.39
CA GLU I 165 44.94 -0.32 -26.28
C GLU I 165 45.32 0.34 -24.93
N ARG I 166 44.39 1.10 -24.36
CA ARG I 166 44.61 1.74 -23.06
C ARG I 166 44.18 0.87 -21.88
N GLY I 167 43.54 -0.27 -22.17
CA GLY I 167 43.12 -1.21 -21.12
C GLY I 167 41.76 -0.92 -20.51
N ALA I 168 40.94 -0.11 -21.18
CA ALA I 168 39.63 0.30 -20.62
C ALA I 168 38.84 -0.91 -20.18
N LYS I 169 38.18 -0.82 -19.02
CA LYS I 169 37.33 -1.92 -18.55
C LYS I 169 35.92 -1.87 -19.12
N ALA I 170 35.55 -0.74 -19.71
CA ALA I 170 34.17 -0.47 -20.01
C ALA I 170 34.08 0.71 -20.94
N VAL I 171 33.23 0.62 -21.95
CA VAL I 171 33.01 1.76 -22.81
C VAL I 171 31.53 1.94 -23.08
N LYS I 172 31.14 3.18 -23.37
CA LYS I 172 29.78 3.48 -23.74
C LYS I 172 29.71 3.96 -25.18
N VAL I 173 28.81 3.37 -25.96
CA VAL I 173 28.57 3.82 -27.32
C VAL I 173 27.20 4.44 -27.38
N CYS I 174 26.91 5.10 -28.48
CA CYS I 174 25.68 5.87 -28.60
C CYS I 174 24.87 5.51 -29.85
N ILE I 175 23.59 5.85 -29.78
CA ILE I 175 22.71 5.83 -30.93
C ILE I 175 22.46 7.28 -31.34
N ILE I 176 23.22 7.75 -32.32
CA ILE I 176 22.97 9.06 -32.90
C ILE I 176 21.50 9.13 -33.28
N PRO I 177 20.80 10.16 -32.79
CA PRO I 177 19.38 10.39 -33.09
C PRO I 177 19.11 10.28 -34.59
N ASN I 178 18.15 9.43 -34.95
CA ASN I 178 17.97 9.06 -36.33
C ASN I 178 16.61 8.44 -36.51
N ASP I 179 15.65 9.26 -36.92
CA ASP I 179 14.30 8.77 -37.05
C ASP I 179 13.99 8.19 -38.44
N LYS I 180 15.01 8.11 -39.31
CA LYS I 180 14.85 7.43 -40.60
C LYS I 180 15.23 5.96 -40.46
N VAL I 181 15.52 5.53 -39.24
CA VAL I 181 16.04 4.20 -39.05
C VAL I 181 15.17 3.40 -38.09
N SER I 182 15.06 2.10 -38.34
CA SER I 182 14.13 1.25 -37.58
C SER I 182 14.79 0.59 -36.38
N ASP I 183 13.96 0.12 -35.46
CA ASP I 183 14.46 -0.55 -34.27
C ASP I 183 15.16 -1.86 -34.60
N LYS I 184 14.69 -2.58 -35.61
CA LYS I 184 15.36 -3.82 -36.06
C LYS I 184 16.76 -3.44 -36.54
N GLU I 185 16.87 -2.32 -37.25
CA GLU I 185 18.15 -1.80 -37.72
C GLU I 185 19.05 -1.35 -36.59
N ILE I 186 18.45 -0.82 -35.51
CA ILE I 186 19.19 -0.46 -34.29
C ILE I 186 19.73 -1.73 -33.62
N VAL I 187 18.93 -2.79 -33.64
CA VAL I 187 19.32 -4.06 -33.04
C VAL I 187 20.59 -4.62 -33.70
N ALA I 188 20.61 -4.67 -35.03
CA ALA I 188 21.77 -5.16 -35.77
C ALA I 188 23.00 -4.28 -35.52
N TYR I 189 22.79 -2.97 -35.51
CA TYR I 189 23.82 -1.97 -35.19
C TYR I 189 24.54 -2.26 -33.86
N LEU I 190 23.76 -2.39 -32.79
CA LEU I 190 24.33 -2.69 -31.48
C LEU I 190 25.00 -4.07 -31.41
N ARG I 191 24.41 -5.07 -32.08
CA ARG I 191 25.02 -6.41 -32.15
C ARG I 191 26.39 -6.31 -32.78
N GLU I 192 26.48 -5.55 -33.87
CA GLU I 192 27.74 -5.39 -34.57
C GLU I 192 28.72 -4.68 -33.65
N LEU I 193 28.24 -3.72 -32.87
CA LEU I 193 29.14 -3.01 -31.98
C LEU I 193 29.69 -3.93 -30.90
N ARG I 194 28.89 -4.87 -30.41
CA ARG I 194 29.41 -5.80 -29.41
C ARG I 194 30.48 -6.68 -30.05
N GLU I 195 30.25 -7.09 -31.30
CA GLU I 195 31.25 -7.91 -32.00
C GLU I 195 32.59 -7.18 -32.08
N VAL I 196 32.53 -5.90 -32.40
CA VAL I 196 33.74 -5.07 -32.50
C VAL I 196 34.36 -4.81 -31.12
N ILE I 197 33.53 -4.56 -30.11
CA ILE I 197 34.06 -4.33 -28.75
C ILE I 197 34.69 -5.60 -28.19
N GLY I 198 34.13 -6.74 -28.55
CA GLY I 198 34.56 -8.01 -27.96
C GLY I 198 33.93 -8.22 -26.60
N TRP I 199 34.47 -9.19 -25.86
CA TRP I 199 33.83 -9.67 -24.65
C TRP I 199 34.73 -9.50 -23.43
N ASP I 200 35.71 -8.62 -23.56
CA ASP I 200 36.60 -8.34 -22.44
C ASP I 200 36.39 -6.95 -21.81
N MET I 201 35.49 -6.16 -22.36
CA MET I 201 35.12 -4.84 -21.80
C MET I 201 33.61 -4.84 -21.53
N ASP I 202 33.14 -4.09 -20.54
CA ASP I 202 31.68 -3.93 -20.41
C ASP I 202 31.22 -2.94 -21.48
N MET I 203 29.96 -3.07 -21.90
CA MET I 203 29.40 -2.26 -22.97
C MET I 203 28.17 -1.58 -22.40
N MET I 204 28.11 -0.26 -22.50
CA MET I 204 26.90 0.48 -22.10
C MET I 204 26.35 1.18 -23.35
N VAL I 205 25.05 1.46 -23.35
CA VAL I 205 24.46 2.17 -24.48
C VAL I 205 23.66 3.42 -24.07
N ASP I 206 23.92 4.50 -24.78
CA ASP I 206 23.19 5.75 -24.59
C ASP I 206 22.21 5.89 -25.76
N CYS I 207 20.92 5.80 -25.47
CA CYS I 207 19.89 5.81 -26.50
C CYS I 207 19.62 7.23 -26.97
N LEU I 208 20.18 8.20 -26.24
CA LEU I 208 19.95 9.61 -26.51
C LEU I 208 18.47 9.93 -26.72
N TYR I 209 17.60 9.31 -25.92
CA TYR I 209 16.15 9.60 -25.92
C TYR I 209 15.38 9.21 -27.19
N ARG I 210 15.77 8.12 -27.82
CA ARG I 210 15.15 7.70 -29.07
C ARG I 210 13.67 7.34 -28.87
N TRP I 211 13.34 6.69 -27.75
CA TRP I 211 12.02 6.09 -27.57
C TRP I 211 11.07 6.94 -26.75
N THR I 212 9.78 6.89 -27.11
CA THR I 212 8.74 7.51 -26.31
C THR I 212 7.88 6.43 -25.67
N ASP I 213 7.64 5.34 -26.41
CA ASP I 213 6.79 4.22 -25.94
C ASP I 213 7.65 3.15 -25.29
N TRP I 214 7.42 2.89 -24.00
CA TRP I 214 8.25 1.89 -23.30
C TRP I 214 8.16 0.50 -23.93
N GLN I 215 7.00 0.14 -24.50
CA GLN I 215 6.83 -1.19 -25.11
C GLN I 215 7.69 -1.33 -26.38
N LYS I 216 8.00 -0.22 -27.02
CA LYS I 216 8.89 -0.25 -28.17
C LYS I 216 10.36 -0.45 -27.77
N ALA I 217 10.81 0.28 -26.75
CA ALA I 217 12.13 0.07 -26.16
C ALA I 217 12.25 -1.36 -25.65
N ARG I 218 11.18 -1.83 -25.02
CA ARG I 218 11.18 -3.17 -24.45
C ARG I 218 11.49 -4.24 -25.52
N TRP I 219 10.79 -4.18 -26.65
CA TRP I 219 11.05 -5.10 -27.76
C TRP I 219 12.52 -5.06 -28.16
N THR I 220 13.05 -3.85 -28.34
CA THR I 220 14.42 -3.68 -28.79
C THR I 220 15.41 -4.34 -27.84
N PHE I 221 15.26 -4.08 -26.55
CA PHE I 221 16.23 -4.58 -25.59
C PHE I 221 16.01 -6.01 -25.17
N ARG I 222 14.82 -6.54 -25.43
CA ARG I 222 14.63 -7.98 -25.45
C ARG I 222 15.49 -8.64 -26.53
N GLN I 223 15.50 -8.11 -27.75
CA GLN I 223 16.31 -8.72 -28.80
C GLN I 223 17.80 -8.72 -28.40
N LEU I 224 18.18 -7.78 -27.54
CA LEU I 224 19.60 -7.53 -27.26
C LEU I 224 20.10 -8.19 -25.96
N GLU I 225 19.29 -9.06 -25.37
CA GLU I 225 19.72 -9.72 -24.15
C GLU I 225 21.04 -10.47 -24.32
N ASP I 226 21.30 -10.96 -25.53
CA ASP I 226 22.47 -11.77 -25.76
C ASP I 226 23.74 -10.98 -25.94
N ILE I 227 23.65 -9.66 -26.13
CA ILE I 227 24.89 -8.86 -26.15
C ILE I 227 25.25 -8.30 -24.78
N ASP I 228 24.38 -8.56 -23.81
CA ASP I 228 24.75 -8.43 -22.42
C ASP I 228 25.14 -7.00 -22.01
N LEU I 229 24.24 -6.05 -22.22
CA LEU I 229 24.55 -4.65 -21.98
C LEU I 229 24.70 -4.41 -20.47
N TYR I 230 25.74 -3.68 -20.08
CA TYR I 230 25.93 -3.34 -18.67
C TYR I 230 24.84 -2.36 -18.18
N PHE I 231 24.53 -1.34 -18.97
CA PHE I 231 23.34 -0.53 -18.70
C PHE I 231 22.80 0.14 -19.96
N ILE I 232 21.59 0.66 -19.86
CA ILE I 232 20.88 1.30 -20.97
C ILE I 232 20.45 2.70 -20.53
N GLU I 233 21.08 3.71 -21.12
CA GLU I 233 20.91 5.10 -20.68
C GLU I 233 19.96 5.89 -21.59
N ALA I 234 19.23 6.84 -20.99
CA ALA I 234 18.49 7.85 -21.76
C ALA I 234 17.58 7.18 -22.77
N CYS I 235 16.88 6.16 -22.29
CA CYS I 235 16.08 5.30 -23.15
C CYS I 235 14.74 5.95 -23.51
N LEU I 236 14.05 6.46 -22.50
CA LEU I 236 12.71 7.02 -22.68
C LEU I 236 12.77 8.51 -22.34
N GLN I 237 11.66 9.22 -22.51
CA GLN I 237 11.67 10.67 -22.25
C GLN I 237 11.83 10.97 -20.76
N HIS I 238 12.57 12.04 -20.47
CA HIS I 238 13.06 12.27 -19.11
C HIS I 238 11.95 12.48 -18.08
N ASP I 239 10.81 13.03 -18.50
CA ASP I 239 9.67 13.24 -17.60
C ASP I 239 8.89 11.95 -17.35
N ASP I 240 9.04 10.95 -18.22
CA ASP I 240 8.15 9.79 -18.13
C ASP I 240 8.63 8.75 -17.12
N LEU I 241 8.31 8.96 -15.85
CA LEU I 241 8.78 8.09 -14.78
C LEU I 241 8.10 6.72 -14.83
N ILE I 242 6.80 6.70 -15.11
CA ILE I 242 6.04 5.45 -15.15
C ILE I 242 6.52 4.53 -16.27
N GLY I 243 6.80 5.11 -17.43
CA GLY I 243 7.41 4.34 -18.52
C GLY I 243 8.77 3.78 -18.13
N HIS I 244 9.56 4.55 -17.39
CA HIS I 244 10.86 4.02 -16.97
C HIS I 244 10.65 2.84 -16.04
N GLN I 245 9.72 2.98 -15.10
CA GLN I 245 9.60 1.92 -14.12
C GLN I 245 9.01 0.63 -14.71
N LYS I 246 8.14 0.77 -15.71
CA LYS I 246 7.66 -0.39 -16.44
C LYS I 246 8.78 -1.08 -17.22
N LEU I 247 9.68 -0.31 -17.82
CA LEU I 247 10.83 -0.86 -18.53
C LEU I 247 11.88 -1.54 -17.64
N ALA I 248 12.28 -0.85 -16.58
CA ALA I 248 13.25 -1.41 -15.61
C ALA I 248 12.82 -2.80 -15.15
N ALA I 249 11.52 -2.98 -14.97
CA ALA I 249 10.97 -4.22 -14.41
C ALA I 249 10.93 -5.30 -15.48
N ALA I 250 10.92 -4.89 -16.74
CA ALA I 250 10.79 -5.83 -17.84
C ALA I 250 12.13 -6.30 -18.41
N ILE I 251 13.16 -5.45 -18.40
CA ILE I 251 14.47 -5.86 -18.92
C ILE I 251 15.27 -6.63 -17.87
N ASN I 252 16.43 -7.16 -18.27
CA ASN I 252 17.24 -7.95 -17.35
C ASN I 252 18.60 -7.33 -17.00
N THR I 253 18.75 -6.03 -17.27
CA THR I 253 19.94 -5.30 -16.82
C THR I 253 19.58 -4.00 -16.17
N ARG I 254 20.57 -3.11 -16.12
CA ARG I 254 20.45 -1.79 -15.49
C ARG I 254 19.82 -0.80 -16.46
N LEU I 255 18.87 -0.03 -15.93
CA LEU I 255 18.35 1.13 -16.62
C LEU I 255 18.90 2.36 -15.92
N CYS I 256 19.30 3.37 -16.68
CA CYS I 256 19.78 4.63 -16.08
C CYS I 256 18.70 5.68 -16.16
N GLY I 257 18.81 6.70 -15.32
CA GLY I 257 17.93 7.84 -15.46
C GLY I 257 18.52 9.03 -14.74
N ALA I 258 17.82 10.17 -14.85
CA ALA I 258 18.11 11.37 -14.05
C ALA I 258 19.30 12.14 -14.60
N GLU I 259 19.67 11.86 -15.84
CA GLU I 259 20.77 12.57 -16.49
C GLU I 259 20.58 14.09 -16.51
N MET I 260 19.35 14.54 -16.74
CA MET I 260 19.06 15.97 -16.89
C MET I 260 18.53 16.59 -15.58
N SER I 261 18.43 15.80 -14.53
CA SER I 261 17.70 16.25 -13.34
C SER I 261 18.55 17.15 -12.48
N THR I 262 17.91 17.83 -11.54
CA THR I 262 18.64 18.60 -10.54
C THR I 262 18.15 18.31 -9.11
N THR I 263 19.07 18.40 -8.15
CA THR I 263 18.82 18.17 -6.73
C THR I 263 18.60 16.71 -6.37
N ARG I 264 18.87 16.41 -5.10
CA ARG I 264 18.61 15.10 -4.55
C ARG I 264 17.13 14.76 -4.52
N PHE I 265 16.24 15.76 -4.54
CA PHE I 265 14.80 15.48 -4.48
C PHE I 265 14.35 14.77 -5.76
N GLU I 266 14.85 15.22 -6.90
CA GLU I 266 14.51 14.54 -8.16
C GLU I 266 15.15 13.16 -8.21
N ALA I 267 16.45 13.10 -7.89
CA ALA I 267 17.16 11.84 -7.87
C ALA I 267 16.41 10.80 -7.06
N GLN I 268 15.98 11.17 -5.86
CA GLN I 268 15.31 10.24 -4.95
C GLN I 268 13.95 9.81 -5.48
N GLU I 269 13.25 10.70 -6.18
CA GLU I 269 12.03 10.32 -6.86
C GLU I 269 12.23 9.31 -8.00
N TRP I 270 13.23 9.55 -8.85
CA TRP I 270 13.63 8.56 -9.83
C TRP I 270 13.80 7.19 -9.17
N LEU I 271 14.62 7.16 -8.11
CA LEU I 271 14.92 5.93 -7.40
C LEU I 271 13.67 5.24 -6.90
N GLU I 272 12.84 5.99 -6.18
CA GLU I 272 11.66 5.42 -5.54
C GLU I 272 10.58 5.00 -6.55
N LYS I 273 10.46 5.76 -7.63
CA LYS I 273 9.35 5.60 -8.56
C LYS I 273 9.68 4.60 -9.66
N THR I 274 10.92 4.60 -10.14
CA THR I 274 11.25 3.85 -11.34
C THR I 274 12.11 2.59 -11.09
N GLY I 275 12.94 2.62 -10.05
CA GLY I 275 13.89 1.53 -9.80
C GLY I 275 15.07 1.47 -10.76
N ILE I 276 15.37 2.57 -11.45
CA ILE I 276 16.62 2.71 -12.18
C ILE I 276 17.80 2.29 -11.29
N SER I 277 18.79 1.63 -11.89
CA SER I 277 19.90 1.06 -11.16
C SER I 277 21.12 1.96 -11.19
N VAL I 278 21.09 2.95 -12.09
CA VAL I 278 22.16 3.91 -12.23
C VAL I 278 21.60 5.34 -12.28
N VAL I 279 22.05 6.18 -11.35
CA VAL I 279 21.65 7.58 -11.28
C VAL I 279 22.73 8.42 -11.95
N GLN I 280 22.33 9.40 -12.73
CA GLN I 280 23.31 10.08 -13.57
C GLN I 280 23.36 11.61 -13.36
N SER I 281 22.71 12.12 -12.31
CA SER I 281 22.80 13.55 -11.98
C SER I 281 24.20 14.07 -12.25
N ASP I 282 24.29 15.24 -12.88
CA ASP I 282 25.52 15.76 -13.48
C ASP I 282 26.26 16.70 -12.52
N TYR I 283 27.59 16.55 -12.42
CA TYR I 283 28.43 17.44 -11.57
C TYR I 283 28.07 18.91 -11.71
N ASN I 284 27.80 19.36 -12.93
CA ASN I 284 27.70 20.79 -13.16
C ASN I 284 26.26 21.26 -13.39
N ARG I 285 25.30 20.45 -12.96
CA ARG I 285 23.89 20.79 -13.11
C ARG I 285 23.12 20.58 -11.81
N CYS I 286 23.32 19.43 -11.18
CA CYS I 286 22.41 18.96 -10.16
C CYS I 286 22.57 19.67 -8.81
N GLY I 287 23.64 20.45 -8.66
CA GLY I 287 23.88 21.18 -7.42
C GLY I 287 25.32 21.00 -6.96
N GLY I 288 26.04 20.15 -7.69
CA GLY I 288 27.47 19.99 -7.46
C GLY I 288 27.85 18.84 -6.55
N VAL I 289 29.10 18.83 -6.17
CA VAL I 289 29.67 17.74 -5.41
C VAL I 289 28.97 17.56 -4.06
N THR I 290 28.53 18.66 -3.47
CA THR I 290 27.96 18.58 -2.13
C THR I 290 26.65 17.84 -2.21
N GLU I 291 25.90 18.12 -3.26
CA GLU I 291 24.61 17.49 -3.46
C GLU I 291 24.81 16.06 -3.93
N LEU I 292 25.79 15.84 -4.79
CA LEU I 292 26.05 14.49 -5.28
C LEU I 292 26.41 13.59 -4.12
N LEU I 293 27.09 14.13 -3.11
CA LEU I 293 27.37 13.33 -1.92
C LEU I 293 26.11 12.92 -1.16
N ARG I 294 25.11 13.80 -1.10
CA ARG I 294 23.80 13.41 -0.55
C ARG I 294 23.12 12.38 -1.45
N ILE I 295 23.22 12.55 -2.77
CA ILE I 295 22.60 11.58 -3.67
C ILE I 295 23.29 10.23 -3.56
N MET I 296 24.59 10.23 -3.29
CA MET I 296 25.38 9.01 -3.17
C MET I 296 24.76 8.18 -2.04
N ASP I 297 24.50 8.83 -0.90
CA ASP I 297 23.96 8.14 0.30
C ASP I 297 22.57 7.55 0.04
N ILE I 298 21.73 8.29 -0.69
CA ILE I 298 20.42 7.79 -1.10
C ILE I 298 20.53 6.61 -2.08
N CYS I 299 21.44 6.69 -3.05
CA CYS I 299 21.72 5.55 -3.91
C CYS I 299 22.14 4.32 -3.11
N GLU I 300 23.04 4.49 -2.15
CA GLU I 300 23.50 3.34 -1.37
C GLU I 300 22.32 2.57 -0.74
N HIS I 301 21.37 3.31 -0.19
CA HIS I 301 20.20 2.66 0.43
C HIS I 301 19.41 1.84 -0.59
N HIS I 302 19.25 2.35 -1.80
CA HIS I 302 18.56 1.64 -2.86
C HIS I 302 19.42 0.60 -3.61
N ASN I 303 20.66 0.42 -3.14
CA ASN I 303 21.65 -0.41 -3.84
C ASN I 303 21.73 -0.05 -5.33
N ALA I 304 21.71 1.24 -5.64
CA ALA I 304 21.85 1.69 -7.01
C ALA I 304 23.23 2.32 -7.16
N GLN I 305 23.72 2.41 -8.38
CA GLN I 305 25.01 3.07 -8.58
C GLN I 305 24.83 4.54 -8.95
N LEU I 306 25.85 5.32 -8.64
CA LEU I 306 25.85 6.73 -9.00
C LEU I 306 26.98 7.02 -9.99
N MET I 307 26.62 7.39 -11.21
CA MET I 307 27.58 7.61 -12.28
C MET I 307 27.28 8.96 -12.92
N PRO I 308 27.74 10.04 -12.29
CA PRO I 308 27.30 11.35 -12.73
C PRO I 308 27.64 11.66 -14.18
N HIS I 309 26.69 12.25 -14.90
CA HIS I 309 26.94 12.70 -16.26
C HIS I 309 28.17 13.61 -16.27
N ASN I 310 29.08 13.28 -17.19
CA ASN I 310 30.38 13.93 -17.31
C ASN I 310 30.75 14.17 -18.79
N TRP I 311 30.29 15.28 -19.35
CA TRP I 311 30.66 15.65 -20.71
C TRP I 311 30.77 17.17 -20.81
N LYS I 312 31.85 17.70 -20.29
CA LYS I 312 32.15 19.12 -20.37
C LYS I 312 33.63 19.29 -20.69
N THR I 313 34.37 19.66 -19.67
CA THR I 313 35.72 20.17 -19.84
C THR I 313 36.60 19.45 -18.84
N GLY I 314 37.92 19.60 -18.94
CA GLY I 314 38.82 19.00 -17.94
C GLY I 314 38.59 19.48 -16.50
N ILE I 315 37.81 20.54 -16.33
CA ILE I 315 37.52 21.05 -14.98
C ILE I 315 36.60 20.06 -14.28
N THR I 316 35.49 19.74 -14.96
CA THR I 316 34.63 18.66 -14.51
C THR I 316 35.39 17.32 -14.42
N ALA I 317 36.26 17.04 -15.39
CA ALA I 317 37.05 15.81 -15.32
C ALA I 317 37.79 15.70 -13.98
N ALA I 318 38.41 16.79 -13.54
CA ALA I 318 39.09 16.82 -12.24
C ALA I 318 38.12 16.52 -11.11
N ALA I 319 36.94 17.13 -11.16
CA ALA I 319 35.91 16.82 -10.16
C ALA I 319 35.54 15.34 -10.19
N ALA I 320 35.33 14.78 -11.38
CA ALA I 320 35.02 13.35 -11.51
C ALA I 320 36.10 12.45 -10.95
N ARG I 321 37.37 12.83 -11.10
CA ARG I 321 38.44 12.00 -10.55
C ARG I 321 38.36 11.94 -9.03
N HIS I 322 38.08 13.07 -8.41
CA HIS I 322 37.93 13.15 -6.97
C HIS I 322 36.67 12.48 -6.43
N PHE I 323 35.50 12.79 -7.00
CA PHE I 323 34.27 12.11 -6.59
C PHE I 323 34.41 10.60 -6.81
N GLY I 324 34.83 10.25 -8.03
CA GLY I 324 35.07 8.86 -8.41
C GLY I 324 35.84 8.06 -7.38
N ILE I 325 36.90 8.63 -6.80
CA ILE I 325 37.70 7.85 -5.87
C ILE I 325 37.07 7.69 -4.48
N VAL I 326 36.02 8.48 -4.21
CA VAL I 326 35.30 8.44 -2.93
C VAL I 326 34.00 7.63 -3.07
N CYS I 327 33.45 7.62 -4.28
CA CYS I 327 32.18 6.96 -4.54
C CYS I 327 32.32 5.43 -4.61
N HIS I 328 32.40 4.81 -3.44
CA HIS I 328 32.59 3.37 -3.33
C HIS I 328 31.45 2.48 -3.85
N ILE I 329 30.26 3.05 -4.10
CA ILE I 329 29.11 2.24 -4.50
C ILE I 329 29.11 1.99 -6.01
N SER I 330 29.97 2.74 -6.70
CA SER I 330 29.98 2.74 -8.17
C SER I 330 31.20 2.00 -8.69
N GLU I 331 30.99 0.96 -9.49
CA GLU I 331 32.10 0.25 -10.13
C GLU I 331 32.89 1.17 -11.06
N TYR I 332 32.16 1.99 -11.81
CA TYR I 332 32.73 2.95 -12.75
C TYR I 332 32.17 4.34 -12.43
N VAL I 333 32.72 5.38 -13.03
CA VAL I 333 31.94 6.61 -13.30
C VAL I 333 32.18 7.02 -14.76
N GLU I 334 31.31 7.89 -15.29
CA GLU I 334 31.51 8.41 -16.64
C GLU I 334 32.78 9.25 -16.72
N TYR I 335 33.52 9.09 -17.81
CA TYR I 335 34.69 9.90 -18.05
C TYR I 335 34.85 10.23 -19.53
N LEU I 336 35.02 11.51 -19.81
CA LEU I 336 35.36 11.96 -21.15
C LEU I 336 36.86 12.22 -21.16
N HIS I 337 37.62 11.40 -21.90
CA HIS I 337 39.09 11.52 -21.98
C HIS I 337 39.53 12.07 -23.34
N PRO I 338 40.51 12.98 -23.34
CA PRO I 338 41.03 13.57 -24.59
C PRO I 338 41.45 12.53 -25.66
N ASP I 339 41.76 11.30 -25.23
CA ASP I 339 42.08 10.21 -26.18
C ASP I 339 40.93 9.86 -27.12
N PHE I 340 39.71 10.20 -26.71
CA PHE I 340 38.55 9.74 -27.46
C PHE I 340 37.73 10.87 -28.03
N TRP I 341 38.10 12.11 -27.73
CA TRP I 341 37.31 13.26 -28.17
C TRP I 341 38.20 14.43 -28.58
N ASN I 342 37.92 14.98 -29.76
CA ASN I 342 38.72 16.06 -30.32
C ASN I 342 38.24 17.48 -30.08
N GLY I 343 37.23 17.65 -29.23
CA GLY I 343 36.73 18.99 -28.92
C GLY I 343 37.86 19.91 -28.48
N THR I 344 37.80 21.16 -28.94
CA THR I 344 38.80 22.15 -28.60
C THR I 344 39.00 22.32 -27.09
N LEU I 345 37.90 22.42 -26.36
CA LEU I 345 37.99 22.63 -24.93
C LEU I 345 38.59 21.41 -24.25
N THR I 346 38.16 20.22 -24.69
CA THR I 346 38.70 18.97 -24.18
C THR I 346 40.21 18.87 -24.43
N GLN I 347 40.68 19.33 -25.59
CA GLN I 347 42.10 19.23 -25.95
C GLN I 347 42.95 20.34 -25.33
N GLN I 348 42.35 21.51 -25.09
CA GLN I 348 43.15 22.71 -24.84
C GLN I 348 42.91 23.47 -23.54
N LEU I 349 41.74 23.31 -22.92
CA LEU I 349 41.41 24.17 -21.79
C LEU I 349 42.23 23.82 -20.54
N THR I 350 42.66 22.57 -20.47
CA THR I 350 43.40 22.06 -19.33
C THR I 350 44.66 21.39 -19.86
N LEU I 351 45.70 21.35 -19.03
CA LEU I 351 46.96 20.70 -19.38
C LEU I 351 47.22 19.45 -18.52
N ASN I 352 48.05 18.55 -19.03
CA ASN I 352 48.56 17.44 -18.21
C ASN I 352 47.43 16.53 -17.68
N GLU I 353 46.45 16.21 -18.52
CA GLU I 353 45.42 15.23 -18.18
C GLU I 353 46.06 13.86 -17.93
N PRO I 354 45.66 13.19 -16.82
CA PRO I 354 46.13 11.87 -16.46
C PRO I 354 45.92 10.87 -17.57
N LYS I 355 46.97 10.10 -17.85
CA LYS I 355 46.96 9.07 -18.87
C LYS I 355 46.05 7.92 -18.42
N ILE I 356 45.45 7.21 -19.37
CA ILE I 356 44.75 5.97 -19.05
C ILE I 356 45.74 4.80 -19.07
N ILE I 357 45.95 4.17 -17.92
CA ILE I 357 46.92 3.11 -17.81
C ILE I 357 46.20 1.89 -17.29
N ASP I 358 46.02 0.89 -18.16
CA ASP I 358 45.34 -0.33 -17.74
C ASP I 358 43.91 -0.05 -17.30
N GLY I 359 43.26 0.91 -17.96
CA GLY I 359 41.89 1.30 -17.67
C GLY I 359 41.70 2.14 -16.42
N ALA I 360 42.81 2.49 -15.77
CA ALA I 360 42.77 3.29 -14.56
C ALA I 360 43.30 4.69 -14.86
N ILE I 361 42.81 5.70 -14.14
CA ILE I 361 43.45 7.01 -14.22
C ILE I 361 43.80 7.47 -12.81
N GLU I 362 45.04 7.95 -12.63
CA GLU I 362 45.49 8.32 -11.30
C GLU I 362 44.80 9.60 -10.82
N VAL I 363 44.44 9.59 -9.55
CA VAL I 363 43.90 10.75 -8.89
C VAL I 363 45.03 11.30 -8.03
N SER I 364 45.50 12.50 -8.35
CA SER I 364 46.67 13.05 -7.66
C SER I 364 46.37 13.66 -6.32
N ASP I 365 47.38 13.73 -5.47
CA ASP I 365 47.24 14.37 -4.18
C ASP I 365 47.69 15.84 -4.22
N LYS I 366 47.63 16.43 -5.41
CA LYS I 366 47.75 17.87 -5.56
C LYS I 366 46.52 18.53 -4.94
N PRO I 367 46.68 19.76 -4.39
CA PRO I 367 45.62 20.34 -3.56
C PRO I 367 44.39 20.74 -4.38
N GLY I 368 43.23 20.75 -3.73
CA GLY I 368 41.97 21.00 -4.40
C GLY I 368 41.68 19.96 -5.46
N LEU I 369 41.25 20.42 -6.62
CA LEU I 369 40.91 19.51 -7.70
C LEU I 369 42.13 19.17 -8.55
N GLY I 370 43.23 19.90 -8.34
CA GLY I 370 44.49 19.61 -9.07
C GLY I 370 44.32 19.92 -10.54
N ILE I 371 43.56 20.96 -10.82
CA ILE I 371 43.31 21.38 -12.21
C ILE I 371 44.51 22.18 -12.70
N GLU I 372 44.98 21.84 -13.90
CA GLU I 372 46.09 22.56 -14.48
C GLU I 372 45.55 23.35 -15.64
N LEU I 373 45.13 24.59 -15.37
CA LEU I 373 44.38 25.37 -16.34
C LEU I 373 45.31 25.99 -17.38
N ASN I 374 44.88 25.99 -18.64
CA ASN I 374 45.66 26.62 -19.69
C ASN I 374 45.33 28.10 -19.75
N ILE I 375 45.96 28.87 -18.86
CA ILE I 375 45.62 30.27 -18.66
C ILE I 375 45.79 31.14 -19.90
N GLU I 376 46.72 30.79 -20.78
CA GLU I 376 46.90 31.50 -22.03
C GLU I 376 45.77 31.25 -23.05
N PHE I 377 45.35 29.99 -23.16
CA PHE I 377 44.17 29.69 -23.94
C PHE I 377 42.96 30.50 -23.50
N VAL I 378 42.72 30.56 -22.19
CA VAL I 378 41.57 31.31 -21.66
C VAL I 378 41.65 32.80 -21.99
N GLU I 379 42.81 33.42 -21.78
CA GLU I 379 42.99 34.85 -22.08
C GLU I 379 42.82 35.19 -23.57
N GLN I 380 43.20 34.26 -24.44
CA GLN I 380 43.01 34.40 -25.86
C GLN I 380 41.53 34.49 -26.20
N VAL I 381 40.77 33.50 -25.73
CA VAL I 381 39.38 33.34 -26.16
C VAL I 381 38.43 34.32 -25.49
N THR I 382 38.66 34.62 -24.21
CA THR I 382 37.85 35.63 -23.52
C THR I 382 38.19 37.06 -23.94
N GLY I 383 39.48 37.35 -24.08
CA GLY I 383 39.92 38.69 -24.45
C GLY I 383 40.37 39.55 -23.28
N HIS I 384 40.16 39.05 -22.06
CA HIS I 384 40.59 39.76 -20.86
C HIS I 384 41.65 38.95 -20.12
N LYS I 385 42.45 39.62 -19.29
CA LYS I 385 43.46 38.94 -18.49
C LYS I 385 42.83 38.12 -17.35
N PHE I 386 43.58 37.16 -16.84
CA PHE I 386 43.08 36.20 -15.85
C PHE I 386 43.92 36.23 -14.57
N ALA J 5 -20.93 33.25 -34.21
CA ALA J 5 -22.43 33.19 -34.18
C ALA J 5 -22.84 32.03 -33.33
N ASN J 6 -23.95 32.21 -32.61
CA ASN J 6 -24.47 31.19 -31.70
C ASN J 6 -25.21 30.06 -32.38
N ILE J 7 -25.31 28.94 -31.68
CA ILE J 7 -26.00 27.76 -32.19
C ILE J 7 -27.51 28.01 -32.16
N VAL J 8 -28.19 27.63 -33.24
CA VAL J 8 -29.64 27.80 -33.32
C VAL J 8 -30.36 26.46 -33.21
N SER J 9 -29.73 25.39 -33.70
CA SER J 9 -30.41 24.11 -33.68
C SER J 9 -29.45 22.92 -33.72
N VAL J 10 -29.99 21.77 -33.33
CA VAL J 10 -29.26 20.53 -33.25
C VAL J 10 -30.23 19.48 -33.72
N GLU J 11 -29.78 18.64 -34.63
CA GLU J 11 -30.66 17.74 -35.33
C GLU J 11 -30.00 16.36 -35.41
N PHE J 12 -30.61 15.37 -34.79
CA PHE J 12 -30.18 13.98 -34.94
C PHE J 12 -30.93 13.35 -36.13
N ILE J 13 -30.17 12.83 -37.09
CA ILE J 13 -30.72 12.36 -38.36
C ILE J 13 -30.36 10.89 -38.61
N PRO J 14 -31.30 9.97 -38.32
CA PRO J 14 -31.07 8.54 -38.53
C PRO J 14 -30.83 8.18 -39.99
N VAL J 15 -29.77 7.43 -40.23
CA VAL J 15 -29.43 6.97 -41.56
C VAL J 15 -29.37 5.45 -41.49
N ASN J 16 -30.43 4.80 -42.00
CA ASN J 16 -30.52 3.35 -42.00
C ASN J 16 -30.52 2.81 -43.43
N VAL J 17 -29.53 2.00 -43.78
CA VAL J 17 -29.48 1.40 -45.12
C VAL J 17 -29.90 -0.06 -45.10
N ALA J 18 -30.58 -0.49 -46.16
CA ALA J 18 -30.98 -1.88 -46.33
C ALA J 18 -29.81 -2.78 -46.74
N SER J 23 -25.86 -4.94 -40.77
CA SER J 23 -26.48 -3.67 -40.45
C SER J 23 -25.56 -2.52 -40.81
N GLU J 24 -26.06 -1.61 -41.63
CA GLU J 24 -25.34 -0.39 -41.95
C GLU J 24 -26.18 0.79 -41.50
N ASN J 25 -25.76 1.44 -40.42
CA ASN J 25 -26.47 2.63 -39.98
C ASN J 25 -25.63 3.58 -39.13
N THR J 26 -25.98 4.87 -39.20
CA THR J 26 -25.42 5.85 -38.31
C THR J 26 -26.47 6.89 -37.91
N VAL J 27 -26.12 7.74 -36.96
CA VAL J 27 -26.94 8.88 -36.59
C VAL J 27 -26.11 10.12 -36.85
N ILE J 28 -26.48 10.86 -37.89
CA ILE J 28 -25.78 12.09 -38.17
C ILE J 28 -26.29 13.18 -37.25
N VAL J 29 -25.38 13.90 -36.62
CA VAL J 29 -25.73 15.02 -35.76
C VAL J 29 -25.35 16.28 -36.51
N LYS J 30 -26.35 17.11 -36.80
CA LYS J 30 -26.10 18.37 -37.49
C LYS J 30 -26.38 19.55 -36.56
N VAL J 31 -25.39 20.42 -36.39
CA VAL J 31 -25.52 21.58 -35.53
C VAL J 31 -25.44 22.83 -36.39
N THR J 32 -26.45 23.70 -36.27
CA THR J 32 -26.51 24.86 -37.14
C THR J 32 -26.47 26.20 -36.38
N ASP J 33 -25.71 27.15 -36.89
CA ASP J 33 -25.67 28.48 -36.26
C ASP J 33 -26.62 29.51 -36.90
N GLU J 34 -26.68 30.71 -36.34
CA GLU J 34 -27.60 31.75 -36.78
C GLU J 34 -27.45 32.12 -38.27
N ASN J 35 -26.24 32.00 -38.81
CA ASN J 35 -26.02 32.26 -40.24
C ASN J 35 -26.30 31.07 -41.15
N GLY J 36 -26.66 29.94 -40.57
CA GLY J 36 -26.96 28.75 -41.37
C GLY J 36 -25.77 27.88 -41.71
N VAL J 37 -24.62 28.20 -41.11
CA VAL J 37 -23.46 27.31 -41.15
C VAL J 37 -23.69 26.14 -40.19
N TYR J 38 -23.27 24.95 -40.59
CA TYR J 38 -23.49 23.75 -39.76
C TYR J 38 -22.24 22.89 -39.62
N GLY J 39 -22.21 22.10 -38.56
CA GLY J 39 -21.15 21.14 -38.33
C GLY J 39 -21.76 19.77 -38.30
N LEU J 40 -20.97 18.77 -38.69
CA LEU J 40 -21.43 17.39 -38.73
C LEU J 40 -20.64 16.52 -37.76
N GLY J 41 -21.36 15.71 -37.00
CA GLY J 41 -20.78 14.63 -36.21
C GLY J 41 -21.67 13.42 -36.38
N GLU J 42 -21.32 12.30 -35.75
CA GLU J 42 -22.23 11.17 -35.69
C GLU J 42 -22.14 10.54 -34.32
N ALA J 43 -23.27 9.99 -33.86
CA ALA J 43 -23.33 9.31 -32.57
C ALA J 43 -23.53 7.81 -32.76
N ASP J 44 -22.93 7.00 -31.89
CA ASP J 44 -23.21 5.55 -31.85
C ASP J 44 -24.63 5.31 -31.30
N GLY J 45 -25.13 4.10 -31.50
CA GLY J 45 -26.42 3.69 -30.93
C GLY J 45 -27.49 3.44 -31.98
N PRO J 46 -28.56 2.71 -31.59
CA PRO J 46 -29.64 2.46 -32.56
C PRO J 46 -30.30 3.78 -32.99
N PRO J 47 -30.33 4.05 -34.30
CA PRO J 47 -30.59 5.41 -34.78
C PRO J 47 -31.87 6.07 -34.26
N GLU J 48 -33.00 5.39 -34.35
CA GLU J 48 -34.28 5.98 -33.94
C GLU J 48 -34.32 6.23 -32.43
N CYS J 49 -33.67 5.37 -31.66
CA CYS J 49 -33.62 5.54 -30.21
C CYS J 49 -32.80 6.76 -29.82
N MET J 50 -31.66 6.96 -30.50
CA MET J 50 -30.79 8.11 -30.26
C MET J 50 -31.51 9.38 -30.68
N LYS J 51 -32.31 9.28 -31.74
CA LYS J 51 -33.18 10.38 -32.12
C LYS J 51 -34.19 10.71 -31.01
N ALA J 52 -34.88 9.69 -30.51
CA ALA J 52 -35.80 9.87 -29.39
C ALA J 52 -35.10 10.54 -28.19
N PHE J 53 -33.90 10.07 -27.86
CA PHE J 53 -33.12 10.62 -26.75
C PHE J 53 -32.87 12.12 -26.92
N SER J 54 -32.54 12.53 -28.14
CA SER J 54 -32.26 13.92 -28.43
C SER J 54 -33.54 14.76 -28.39
N GLU J 55 -34.69 14.12 -28.27
CA GLU J 55 -35.95 14.86 -28.36
C GLU J 55 -36.81 14.81 -27.11
N ILE J 56 -36.24 14.43 -25.98
CA ILE J 56 -36.98 14.28 -24.75
C ILE J 56 -37.42 15.62 -24.15
N GLU J 57 -38.37 15.55 -23.22
CA GLU J 57 -38.92 16.70 -22.51
C GLU J 57 -38.12 16.97 -21.23
N ASN J 58 -37.84 18.24 -20.94
CA ASN J 58 -37.23 18.63 -19.66
C ASN J 58 -38.00 18.11 -18.45
N GLU J 59 -37.30 17.66 -17.41
CA GLU J 59 -37.96 17.16 -16.21
C GLU J 59 -37.47 17.78 -14.90
N HIS J 60 -36.15 17.93 -14.75
CA HIS J 60 -35.59 18.45 -13.51
C HIS J 60 -34.13 18.86 -13.70
N LYS J 61 -33.50 19.32 -12.63
CA LYS J 61 -32.17 19.88 -12.74
C LYS J 61 -31.15 18.98 -13.46
N TRP J 62 -31.23 17.68 -13.24
CA TRP J 62 -30.27 16.79 -13.89
C TRP J 62 -30.85 15.99 -15.07
N LEU J 63 -32.01 16.45 -15.57
CA LEU J 63 -32.67 15.80 -16.69
C LEU J 63 -33.31 16.83 -17.65
N ASN J 64 -32.53 17.26 -18.63
CA ASN J 64 -33.01 18.17 -19.66
C ASN J 64 -32.69 17.65 -21.06
N ASN J 65 -33.45 18.11 -22.04
CA ASN J 65 -33.12 17.86 -23.42
C ASN J 65 -31.65 18.25 -23.65
N ILE J 66 -30.87 17.34 -24.24
CA ILE J 66 -29.43 17.60 -24.44
C ILE J 66 -29.14 18.85 -25.29
N LYS J 67 -30.04 19.14 -26.24
CA LYS J 67 -29.83 20.25 -27.17
C LYS J 67 -29.79 21.60 -26.47
N GLU J 68 -30.56 21.74 -25.40
CA GLU J 68 -30.71 23.01 -24.73
C GLU J 68 -29.47 23.38 -23.90
N ALA J 69 -28.53 22.46 -23.74
CA ALA J 69 -27.24 22.78 -23.14
C ALA J 69 -26.33 23.51 -24.13
N VAL J 70 -26.65 23.41 -25.42
CA VAL J 70 -25.85 24.13 -26.42
C VAL J 70 -26.57 25.19 -27.28
N ILE J 71 -27.89 25.12 -27.37
CA ILE J 71 -28.64 26.11 -28.18
C ILE J 71 -28.39 27.49 -27.58
N GLY J 72 -27.97 28.45 -28.41
CA GLY J 72 -27.71 29.82 -27.97
C GLY J 72 -26.27 30.01 -27.50
N ARG J 73 -25.45 28.98 -27.65
CA ARG J 73 -24.06 29.06 -27.18
C ARG J 73 -23.10 29.11 -28.37
N ASP J 74 -21.85 29.45 -28.08
CA ASP J 74 -20.78 29.62 -29.07
C ASP J 74 -20.02 28.30 -29.12
N PRO J 75 -19.95 27.67 -30.30
CA PRO J 75 -19.37 26.32 -30.39
C PRO J 75 -17.89 26.27 -30.05
N LEU J 76 -17.25 27.45 -30.07
CA LEU J 76 -15.84 27.55 -29.77
C LEU J 76 -15.52 27.08 -28.34
N GLU J 77 -16.51 27.16 -27.45
CA GLU J 77 -16.28 26.86 -26.03
C GLU J 77 -16.45 25.36 -25.74
N PHE J 78 -15.46 24.57 -26.13
CA PHE J 78 -15.62 23.12 -26.06
C PHE J 78 -15.80 22.57 -24.64
N ARG J 79 -14.99 23.02 -23.67
CA ARG J 79 -15.09 22.50 -22.31
C ARG J 79 -16.42 22.89 -21.68
N ALA J 80 -16.82 24.15 -21.86
CA ALA J 80 -18.01 24.66 -21.22
C ALA J 80 -19.26 24.00 -21.80
N ASN J 81 -19.29 23.83 -23.12
CA ASN J 81 -20.40 23.13 -23.74
C ASN J 81 -20.42 21.65 -23.39
N TYR J 82 -19.26 20.97 -23.44
CA TYR J 82 -19.19 19.58 -22.97
C TYR J 82 -19.69 19.44 -21.53
N ASN J 83 -19.18 20.28 -20.63
CA ASN J 83 -19.63 20.24 -19.24
C ASN J 83 -21.10 20.55 -19.06
N ARG J 84 -21.66 21.46 -19.86
CA ARG J 84 -23.10 21.74 -19.74
C ARG J 84 -23.97 20.55 -20.20
N MET J 85 -23.58 19.92 -21.31
CA MET J 85 -24.29 18.73 -21.80
C MET J 85 -24.26 17.61 -20.74
N TYR J 86 -23.07 17.33 -20.20
CA TYR J 86 -22.89 16.27 -19.24
C TYR J 86 -23.66 16.52 -17.96
N ASP J 87 -23.61 17.76 -17.45
CA ASP J 87 -24.25 18.08 -16.18
C ASP J 87 -25.76 18.06 -16.30
N THR J 88 -26.29 18.72 -17.33
CA THR J 88 -27.73 18.91 -17.40
C THR J 88 -28.50 17.61 -17.76
N THR J 89 -27.76 16.57 -18.11
CA THR J 89 -28.35 15.27 -18.47
C THR J 89 -27.81 14.15 -17.59
N LYS J 90 -27.15 14.51 -16.50
CA LYS J 90 -26.56 13.53 -15.58
C LYS J 90 -27.50 12.37 -15.24
N TRP J 91 -28.77 12.63 -14.96
CA TRP J 91 -29.69 11.60 -14.49
C TRP J 91 -29.94 10.47 -15.51
N ILE J 92 -29.78 10.78 -16.79
CA ILE J 92 -29.98 9.80 -17.84
C ILE J 92 -28.71 9.55 -18.67
N GLY J 93 -27.65 10.31 -18.41
CA GLY J 93 -26.36 10.11 -19.07
C GLY J 93 -25.31 9.61 -18.10
N MET J 94 -24.26 10.42 -17.90
CA MET J 94 -23.13 10.06 -17.04
C MET J 94 -22.27 8.90 -17.58
N ARG J 95 -22.89 7.76 -17.83
CA ARG J 95 -22.20 6.65 -18.51
C ARG J 95 -23.13 6.05 -19.56
N GLY J 96 -22.55 5.40 -20.55
CA GLY J 96 -23.33 4.64 -21.50
C GLY J 96 -23.97 5.49 -22.57
N LEU J 97 -25.20 5.13 -22.92
CA LEU J 97 -25.87 5.60 -24.12
C LEU J 97 -26.02 7.12 -24.16
N GLY J 98 -26.35 7.73 -23.04
CA GLY J 98 -26.42 9.20 -22.93
C GLY J 98 -25.14 9.85 -23.41
N LEU J 99 -24.02 9.18 -23.17
CA LEU J 99 -22.75 9.71 -23.64
C LEU J 99 -22.50 9.62 -25.14
N PHE J 100 -23.11 8.65 -25.82
CA PHE J 100 -23.11 8.61 -27.29
C PHE J 100 -23.67 9.92 -27.81
N ALA J 101 -24.81 10.36 -27.30
CA ALA J 101 -25.44 11.60 -27.76
C ALA J 101 -24.50 12.80 -27.63
N ILE J 102 -23.85 12.90 -26.48
CA ILE J 102 -22.88 13.96 -26.24
C ILE J 102 -21.70 13.90 -27.21
N SER J 103 -21.25 12.68 -27.51
CA SER J 103 -20.13 12.48 -28.44
C SER J 103 -20.40 13.08 -29.81
N GLY J 104 -21.58 12.79 -30.37
CA GLY J 104 -21.91 13.23 -31.72
C GLY J 104 -22.08 14.73 -31.81
N ILE J 105 -22.62 15.34 -30.75
CA ILE J 105 -22.71 16.80 -30.72
C ILE J 105 -21.33 17.44 -30.57
N ASP J 106 -20.53 16.93 -29.63
CA ASP J 106 -19.17 17.43 -29.45
C ASP J 106 -18.41 17.45 -30.79
N MET J 107 -18.48 16.34 -31.52
CA MET J 107 -17.83 16.20 -32.81
C MET J 107 -18.30 17.27 -33.77
N ALA J 108 -19.62 17.51 -33.81
CA ALA J 108 -20.18 18.51 -34.72
C ALA J 108 -19.73 19.93 -34.34
N LEU J 109 -19.49 20.15 -33.05
CA LEU J 109 -19.00 21.44 -32.59
C LEU J 109 -17.58 21.79 -33.08
N TYR J 110 -16.71 20.80 -33.21
CA TYR J 110 -15.39 21.07 -33.79
C TYR J 110 -15.53 21.39 -35.26
N ASP J 111 -16.45 20.69 -35.94
CA ASP J 111 -16.71 20.96 -37.34
C ASP J 111 -17.26 22.38 -37.54
N LEU J 112 -18.36 22.69 -36.85
CA LEU J 112 -18.95 24.02 -36.90
C LEU J 112 -17.98 25.16 -36.48
N ALA J 113 -17.33 25.04 -35.33
CA ALA J 113 -16.39 26.07 -34.88
C ALA J 113 -15.29 26.32 -35.91
N GLY J 114 -14.76 25.24 -36.48
CA GLY J 114 -13.74 25.34 -37.52
C GLY J 114 -14.25 26.05 -38.76
N LYS J 115 -15.48 25.74 -39.15
CA LYS J 115 -16.11 26.43 -40.29
C LYS J 115 -16.32 27.91 -40.02
N GLN J 116 -16.87 28.23 -38.84
CA GLN J 116 -17.02 29.62 -38.43
C GLN J 116 -15.71 30.40 -38.53
N LEU J 117 -14.65 29.84 -37.95
CA LEU J 117 -13.37 30.54 -37.89
C LEU J 117 -12.53 30.37 -39.16
N GLY J 118 -12.89 29.44 -40.03
CA GLY J 118 -12.11 29.17 -41.24
C GLY J 118 -10.80 28.45 -40.96
N VAL J 119 -10.78 27.61 -39.91
CA VAL J 119 -9.60 26.82 -39.56
C VAL J 119 -9.93 25.33 -39.46
N PRO J 120 -8.95 24.47 -39.82
CA PRO J 120 -9.10 23.02 -39.67
C PRO J 120 -9.22 22.66 -38.18
N ALA J 121 -9.98 21.63 -37.89
CA ALA J 121 -10.31 21.30 -36.52
C ALA J 121 -9.07 20.92 -35.68
N TYR J 122 -8.04 20.35 -36.31
CA TYR J 122 -6.81 20.03 -35.55
C TYR J 122 -6.19 21.24 -34.84
N LYS J 123 -6.34 22.44 -35.40
CA LYS J 123 -5.89 23.66 -34.72
C LYS J 123 -6.65 23.90 -33.41
N LEU J 124 -7.97 23.72 -33.44
CA LEU J 124 -8.83 23.84 -32.25
C LEU J 124 -8.57 22.73 -31.24
N MET J 125 -8.00 21.61 -31.69
CA MET J 125 -7.68 20.50 -30.80
C MET J 125 -6.28 20.64 -30.19
N GLY J 126 -5.63 21.79 -30.42
CA GLY J 126 -4.31 22.05 -29.80
C GLY J 126 -3.15 22.21 -30.78
N GLY J 127 -3.37 21.80 -32.03
CA GLY J 127 -2.39 21.95 -33.10
C GLY J 127 -1.80 20.62 -33.53
N ALA J 128 -1.27 20.57 -34.75
CA ALA J 128 -0.65 19.36 -35.29
C ALA J 128 0.65 19.06 -34.56
N GLN J 129 0.84 17.81 -34.18
CA GLN J 129 2.04 17.43 -33.47
C GLN J 129 2.79 16.23 -34.04
N LYS J 130 2.50 15.90 -35.29
CA LYS J 130 3.38 15.00 -36.01
C LYS J 130 3.41 15.36 -37.47
N ALA J 131 4.48 14.98 -38.15
CA ALA J 131 4.69 15.39 -39.53
C ALA J 131 3.65 14.76 -40.44
N GLN J 132 3.20 13.55 -40.09
CA GLN J 132 2.25 12.81 -40.92
C GLN J 132 1.34 11.95 -40.07
N LEU J 133 0.14 11.67 -40.55
CA LEU J 133 -0.73 10.68 -39.89
C LEU J 133 -0.52 9.27 -40.48
N THR J 134 -0.01 8.34 -39.68
CA THR J 134 0.18 6.93 -40.08
C THR J 134 -0.79 6.05 -39.31
N PRO J 135 -1.92 5.70 -39.92
CA PRO J 135 -2.85 4.90 -39.15
C PRO J 135 -2.48 3.41 -39.17
N TYR J 136 -3.05 2.61 -38.28
CA TYR J 136 -3.09 1.17 -38.55
C TYR J 136 -4.46 0.87 -39.15
N PHE J 137 -4.49 0.03 -40.17
CA PHE J 137 -5.73 -0.24 -40.89
C PHE J 137 -6.35 -1.53 -40.43
N THR J 138 -7.60 -1.45 -39.98
CA THR J 138 -8.37 -2.61 -39.57
C THR J 138 -8.81 -3.34 -40.82
N LEU J 139 -8.52 -4.64 -40.88
CA LEU J 139 -8.95 -5.50 -41.98
C LEU J 139 -9.91 -6.53 -41.44
N TYR J 140 -11.14 -6.51 -41.95
CA TYR J 140 -12.15 -7.50 -41.62
C TYR J 140 -12.60 -8.12 -42.93
N PRO J 141 -12.55 -9.46 -43.04
CA PRO J 141 -12.89 -10.01 -44.34
C PRO J 141 -14.39 -10.27 -44.48
N SER J 142 -14.89 -10.16 -45.69
CA SER J 142 -16.28 -10.55 -45.95
C SER J 142 -16.30 -12.03 -46.26
N VAL J 143 -16.90 -12.80 -45.36
CA VAL J 143 -16.99 -14.24 -45.50
C VAL J 143 -18.33 -14.72 -44.99
N ALA J 144 -18.72 -15.92 -45.40
CA ALA J 144 -19.95 -16.54 -44.92
C ALA J 144 -19.86 -16.86 -43.43
N ALA J 145 -21.02 -16.92 -42.78
CA ALA J 145 -21.15 -17.59 -41.50
C ALA J 145 -20.58 -18.98 -41.67
N ASP J 146 -19.94 -19.50 -40.64
CA ASP J 146 -19.42 -20.86 -40.73
C ASP J 146 -18.32 -20.99 -41.77
N ALA J 147 -17.68 -19.86 -42.10
CA ALA J 147 -16.43 -19.92 -42.85
C ALA J 147 -15.39 -20.56 -41.94
N THR J 148 -14.53 -21.38 -42.54
CA THR J 148 -13.49 -22.04 -41.79
C THR J 148 -12.29 -21.12 -41.63
N LEU J 149 -11.46 -21.41 -40.65
CA LEU J 149 -10.29 -20.59 -40.42
C LEU J 149 -9.46 -20.48 -41.70
N SER J 150 -9.35 -21.60 -42.41
CA SER J 150 -8.63 -21.65 -43.70
C SER J 150 -9.23 -20.74 -44.77
N GLU J 151 -10.56 -20.70 -44.83
CA GLU J 151 -11.27 -19.84 -45.77
C GLU J 151 -11.17 -18.35 -45.38
N ILE J 152 -11.14 -18.09 -44.08
CA ILE J 152 -10.91 -16.74 -43.59
C ILE J 152 -9.52 -16.25 -44.00
N VAL J 153 -8.51 -17.12 -43.91
CA VAL J 153 -7.17 -16.74 -44.34
C VAL J 153 -7.13 -16.37 -45.83
N GLU J 154 -7.79 -17.17 -46.67
CA GLU J 154 -7.94 -16.83 -48.11
C GLU J 154 -8.55 -15.44 -48.34
N ALA J 155 -9.65 -15.13 -47.66
CA ALA J 155 -10.24 -13.81 -47.81
C ALA J 155 -9.34 -12.67 -47.27
N TYR J 156 -8.44 -12.99 -46.34
CA TYR J 156 -7.46 -12.00 -45.89
C TYR J 156 -6.40 -11.64 -46.92
N LYS J 157 -6.10 -12.57 -47.83
CA LYS J 157 -4.96 -12.36 -48.72
C LYS J 157 -5.09 -11.09 -49.58
N PRO J 158 -6.25 -10.91 -50.26
CA PRO J 158 -6.37 -9.69 -51.07
C PRO J 158 -6.37 -8.43 -50.22
N LEU J 159 -6.96 -8.49 -49.03
CA LEU J 159 -6.93 -7.34 -48.13
C LEU J 159 -5.51 -7.01 -47.73
N ILE J 160 -4.81 -7.98 -47.18
CA ILE J 160 -3.43 -7.79 -46.78
C ILE J 160 -2.58 -7.30 -47.96
N ALA J 161 -2.88 -7.77 -49.16
CA ALA J 161 -2.07 -7.40 -50.32
C ALA J 161 -2.28 -5.93 -50.70
N LYS J 162 -3.53 -5.48 -50.69
CA LYS J 162 -3.77 -4.07 -50.94
C LYS J 162 -3.13 -3.18 -49.88
N ALA J 163 -3.17 -3.58 -48.61
CA ALA J 163 -2.50 -2.79 -47.58
C ALA J 163 -1.01 -2.62 -47.92
N LYS J 164 -0.37 -3.71 -48.33
CA LYS J 164 1.04 -3.64 -48.71
C LYS J 164 1.19 -2.72 -49.92
N GLU J 165 0.27 -2.84 -50.87
CA GLU J 165 0.33 -2.03 -52.08
C GLU J 165 0.28 -0.54 -51.74
N ARG J 166 -0.50 -0.20 -50.71
CA ARG J 166 -0.70 1.18 -50.28
C ARG J 166 0.41 1.69 -49.36
N GLY J 167 1.30 0.79 -48.94
CA GLY J 167 2.40 1.15 -48.05
C GLY J 167 2.00 1.17 -46.57
N ALA J 168 0.94 0.45 -46.20
CA ALA J 168 0.47 0.48 -44.82
C ALA J 168 1.58 0.10 -43.83
N LYS J 169 1.67 0.82 -42.72
CA LYS J 169 2.68 0.47 -41.74
C LYS J 169 2.22 -0.60 -40.75
N ALA J 170 0.93 -0.90 -40.74
CA ALA J 170 0.36 -1.70 -39.68
C ALA J 170 -1.07 -2.09 -40.02
N VAL J 171 -1.41 -3.34 -39.74
CA VAL J 171 -2.78 -3.80 -39.97
C VAL J 171 -3.25 -4.58 -38.77
N LYS J 172 -4.57 -4.58 -38.55
CA LYS J 172 -5.16 -5.37 -37.48
C LYS J 172 -6.01 -6.47 -38.11
N VAL J 173 -5.82 -7.72 -37.67
CA VAL J 173 -6.69 -8.80 -38.13
C VAL J 173 -7.62 -9.23 -37.02
N CYS J 174 -8.67 -9.96 -37.34
CA CYS J 174 -9.66 -10.33 -36.35
C CYS J 174 -9.80 -11.84 -36.18
N ILE J 175 -10.22 -12.25 -34.99
CA ILE J 175 -10.72 -13.59 -34.78
C ILE J 175 -12.26 -13.51 -34.83
N ILE J 176 -12.84 -13.81 -35.99
CA ILE J 176 -14.29 -13.99 -36.08
C ILE J 176 -14.75 -14.94 -34.96
N PRO J 177 -15.71 -14.48 -34.13
CA PRO J 177 -16.16 -15.25 -32.96
C PRO J 177 -16.60 -16.63 -33.38
N ASN J 178 -16.06 -17.65 -32.74
CA ASN J 178 -16.17 -19.00 -33.28
C ASN J 178 -15.90 -19.98 -32.17
N ASP J 179 -16.95 -20.48 -31.54
CA ASP J 179 -16.76 -21.34 -30.39
C ASP J 179 -16.54 -22.81 -30.73
N LYS J 180 -16.53 -23.13 -32.03
CA LYS J 180 -16.28 -24.50 -32.47
C LYS J 180 -14.79 -24.79 -32.73
N VAL J 181 -13.97 -23.76 -32.54
CA VAL J 181 -12.56 -23.84 -32.90
C VAL J 181 -11.69 -23.69 -31.63
N SER J 182 -10.67 -24.52 -31.47
CA SER J 182 -9.86 -24.50 -30.24
C SER J 182 -8.81 -23.39 -30.27
N ASP J 183 -8.28 -23.04 -29.10
CA ASP J 183 -7.21 -22.04 -29.03
C ASP J 183 -5.97 -22.50 -29.82
N LYS J 184 -5.68 -23.81 -29.78
CA LYS J 184 -4.55 -24.33 -30.53
C LYS J 184 -4.75 -24.09 -32.02
N GLU J 185 -5.98 -24.24 -32.50
CA GLU J 185 -6.29 -23.86 -33.89
C GLU J 185 -6.19 -22.35 -34.10
N ILE J 186 -6.51 -21.56 -33.07
CA ILE J 186 -6.33 -20.12 -33.15
C ILE J 186 -4.83 -19.75 -33.29
N VAL J 187 -3.98 -20.45 -32.56
CA VAL J 187 -2.55 -20.19 -32.68
C VAL J 187 -2.07 -20.39 -34.12
N ALA J 188 -2.43 -21.52 -34.73
CA ALA J 188 -2.00 -21.84 -36.11
C ALA J 188 -2.50 -20.78 -37.09
N TYR J 189 -3.77 -20.43 -36.94
CA TYR J 189 -4.41 -19.38 -37.73
C TYR J 189 -3.60 -18.08 -37.66
N LEU J 190 -3.30 -17.64 -36.45
CA LEU J 190 -2.56 -16.39 -36.30
C LEU J 190 -1.12 -16.47 -36.80
N ARG J 191 -0.45 -17.61 -36.60
CA ARG J 191 0.88 -17.80 -37.19
C ARG J 191 0.81 -17.70 -38.71
N GLU J 192 -0.20 -18.35 -39.30
CA GLU J 192 -0.36 -18.28 -40.76
C GLU J 192 -0.53 -16.83 -41.21
N LEU J 193 -1.22 -16.01 -40.42
CA LEU J 193 -1.46 -14.62 -40.81
C LEU J 193 -0.21 -13.73 -40.72
N ARG J 194 0.67 -14.01 -39.78
CA ARG J 194 1.95 -13.32 -39.75
C ARG J 194 2.78 -13.65 -41.00
N GLU J 195 2.68 -14.90 -41.46
CA GLU J 195 3.43 -15.34 -42.65
C GLU J 195 2.96 -14.59 -43.87
N VAL J 196 1.65 -14.52 -44.05
CA VAL J 196 1.03 -13.69 -45.11
C VAL J 196 1.37 -12.19 -44.98
N ILE J 197 1.22 -11.62 -43.79
CA ILE J 197 1.48 -10.20 -43.57
C ILE J 197 2.96 -9.85 -43.83
N GLY J 198 3.84 -10.79 -43.52
CA GLY J 198 5.26 -10.53 -43.60
C GLY J 198 5.77 -9.84 -42.36
N TRP J 199 7.04 -9.45 -42.40
CA TRP J 199 7.69 -8.87 -41.24
C TRP J 199 8.03 -7.40 -41.48
N ASP J 200 7.33 -6.78 -42.43
CA ASP J 200 7.55 -5.37 -42.72
C ASP J 200 6.42 -4.44 -42.26
N MET J 201 5.31 -5.01 -41.80
CA MET J 201 4.20 -4.23 -41.24
C MET J 201 4.00 -4.74 -39.81
N ASP J 202 3.59 -3.86 -38.89
CA ASP J 202 3.18 -4.30 -37.55
C ASP J 202 1.86 -5.07 -37.67
N MET J 203 1.65 -6.04 -36.79
CA MET J 203 0.45 -6.88 -36.84
C MET J 203 -0.32 -6.75 -35.52
N MET J 204 -1.56 -6.25 -35.57
CA MET J 204 -2.39 -6.23 -34.36
C MET J 204 -3.49 -7.30 -34.46
N VAL J 205 -4.03 -7.74 -33.33
CA VAL J 205 -5.15 -8.71 -33.34
C VAL J 205 -6.32 -8.31 -32.43
N ASP J 206 -7.51 -8.27 -33.03
CA ASP J 206 -8.77 -8.10 -32.31
C ASP J 206 -9.36 -9.47 -32.01
N CYS J 207 -9.42 -9.84 -30.73
CA CYS J 207 -9.96 -11.13 -30.33
C CYS J 207 -11.48 -11.14 -30.29
N LEU J 208 -12.08 -9.96 -30.41
CA LEU J 208 -13.52 -9.87 -30.34
C LEU J 208 -14.09 -10.63 -29.13
N TYR J 209 -13.48 -10.44 -27.96
CA TYR J 209 -14.07 -10.95 -26.73
C TYR J 209 -14.19 -12.49 -26.70
N ARG J 210 -13.32 -13.20 -27.42
CA ARG J 210 -13.29 -14.67 -27.35
C ARG J 210 -13.07 -15.25 -25.92
N TRP J 211 -12.14 -14.71 -25.16
CA TRP J 211 -11.81 -15.34 -23.88
C TRP J 211 -12.58 -14.78 -22.68
N THR J 212 -12.84 -15.64 -21.69
CA THR J 212 -13.37 -15.23 -20.38
C THR J 212 -12.35 -15.57 -19.27
N ASP J 213 -11.61 -16.67 -19.43
CA ASP J 213 -10.58 -17.05 -18.42
C ASP J 213 -9.24 -16.48 -18.85
N TRP J 214 -8.64 -15.64 -18.01
CA TRP J 214 -7.36 -15.00 -18.34
C TRP J 214 -6.22 -16.00 -18.52
N GLN J 215 -6.25 -17.09 -17.76
CA GLN J 215 -5.21 -18.13 -17.86
C GLN J 215 -5.28 -18.83 -19.22
N LYS J 216 -6.47 -18.85 -19.79
CA LYS J 216 -6.65 -19.48 -21.11
C LYS J 216 -6.13 -18.57 -22.23
N ALA J 217 -6.35 -17.27 -22.09
CA ALA J 217 -5.75 -16.31 -23.02
C ALA J 217 -4.21 -16.31 -22.88
N ARG J 218 -3.74 -16.43 -21.65
CA ARG J 218 -2.30 -16.42 -21.38
C ARG J 218 -1.57 -17.54 -22.15
N TRP J 219 -2.13 -18.74 -22.08
CA TRP J 219 -1.58 -19.88 -22.83
C TRP J 219 -1.43 -19.54 -24.31
N THR J 220 -2.48 -18.95 -24.87
CA THR J 220 -2.53 -18.69 -26.29
C THR J 220 -1.46 -17.70 -26.77
N PHE J 221 -1.33 -16.58 -26.06
CA PHE J 221 -0.38 -15.55 -26.48
C PHE J 221 1.07 -15.84 -26.06
N ARG J 222 1.25 -16.75 -25.10
CA ARG J 222 2.56 -17.35 -24.86
C ARG J 222 3.03 -18.15 -26.10
N GLN J 223 2.15 -18.93 -26.73
CA GLN J 223 2.57 -19.66 -27.94
C GLN J 223 2.92 -18.65 -29.04
N LEU J 224 2.29 -17.48 -28.98
CA LEU J 224 2.34 -16.55 -30.10
C LEU J 224 3.40 -15.46 -29.92
N GLU J 225 4.28 -15.64 -28.95
CA GLU J 225 5.32 -14.66 -28.70
C GLU J 225 6.22 -14.47 -29.92
N ASP J 226 6.40 -15.54 -30.69
CA ASP J 226 7.32 -15.49 -31.82
C ASP J 226 6.80 -14.72 -33.03
N ILE J 227 5.52 -14.38 -33.06
CA ILE J 227 5.03 -13.61 -34.21
C ILE J 227 4.97 -12.12 -33.90
N ASP J 228 5.40 -11.76 -32.69
CA ASP J 228 5.66 -10.36 -32.37
C ASP J 228 4.46 -9.46 -32.58
N LEU J 229 3.32 -9.82 -32.00
CA LEU J 229 2.10 -9.00 -32.09
C LEU J 229 2.30 -7.60 -31.52
N TYR J 230 1.90 -6.57 -32.27
CA TYR J 230 2.03 -5.20 -31.78
C TYR J 230 1.09 -4.93 -30.59
N PHE J 231 -0.15 -5.40 -30.69
CA PHE J 231 -1.04 -5.39 -29.53
C PHE J 231 -2.16 -6.40 -29.66
N ILE J 232 -2.76 -6.73 -28.53
CA ILE J 232 -3.82 -7.72 -28.47
C ILE J 232 -5.05 -7.01 -27.90
N GLU J 233 -6.15 -7.00 -28.65
CA GLU J 233 -7.31 -6.20 -28.27
C GLU J 233 -8.51 -7.09 -27.91
N ALA J 234 -9.43 -6.54 -27.09
CA ALA J 234 -10.70 -7.19 -26.75
C ALA J 234 -10.51 -8.67 -26.42
N CYS J 235 -9.53 -8.94 -25.58
CA CYS J 235 -9.14 -10.30 -25.29
C CYS J 235 -10.11 -10.92 -24.27
N LEU J 236 -10.41 -10.15 -23.22
CA LEU J 236 -11.20 -10.69 -22.13
C LEU J 236 -12.50 -9.90 -22.01
N GLN J 237 -13.39 -10.30 -21.12
CA GLN J 237 -14.67 -9.60 -21.04
C GLN J 237 -14.48 -8.18 -20.49
N HIS J 238 -15.27 -7.24 -21.02
CA HIS J 238 -14.98 -5.82 -20.86
C HIS J 238 -15.10 -5.32 -19.40
N ASP J 239 -15.92 -6.01 -18.60
CA ASP J 239 -16.05 -5.63 -17.19
C ASP J 239 -14.93 -6.18 -16.32
N ASP J 240 -14.15 -7.10 -16.88
CA ASP J 240 -13.29 -7.96 -16.08
C ASP J 240 -11.88 -7.38 -15.92
N LEU J 241 -11.77 -6.39 -15.03
CA LEU J 241 -10.56 -5.61 -14.94
C LEU J 241 -9.39 -6.41 -14.35
N ILE J 242 -9.69 -7.22 -13.35
CA ILE J 242 -8.66 -8.06 -12.71
C ILE J 242 -8.07 -9.08 -13.67
N GLY J 243 -8.89 -9.61 -14.57
CA GLY J 243 -8.41 -10.52 -15.58
C GLY J 243 -7.41 -9.83 -16.50
N HIS J 244 -7.74 -8.60 -16.93
CA HIS J 244 -6.86 -7.87 -17.81
C HIS J 244 -5.54 -7.56 -17.10
N GLN J 245 -5.64 -7.24 -15.81
CA GLN J 245 -4.46 -6.88 -15.06
C GLN J 245 -3.49 -8.06 -14.96
N LYS J 246 -4.02 -9.25 -14.68
CA LYS J 246 -3.20 -10.44 -14.58
C LYS J 246 -2.61 -10.84 -15.93
N LEU J 247 -3.40 -10.69 -17.00
CA LEU J 247 -2.89 -10.97 -18.33
C LEU J 247 -1.84 -9.95 -18.78
N ALA J 248 -2.14 -8.65 -18.65
CA ALA J 248 -1.18 -7.61 -19.02
C ALA J 248 0.18 -7.87 -18.42
N ALA J 249 0.21 -8.38 -17.20
CA ALA J 249 1.46 -8.49 -16.47
C ALA J 249 2.15 -9.77 -16.88
N ALA J 250 1.39 -10.73 -17.42
CA ALA J 250 1.98 -12.00 -17.85
C ALA J 250 2.48 -12.03 -19.30
N ILE J 251 1.81 -11.31 -20.21
CA ILE J 251 2.24 -11.32 -21.61
C ILE J 251 3.45 -10.42 -21.81
N ASN J 252 4.05 -10.47 -23.01
CA ASN J 252 5.22 -9.64 -23.29
C ASN J 252 5.01 -8.50 -24.35
N THR J 253 3.75 -8.21 -24.70
CA THR J 253 3.42 -6.99 -25.47
C THR J 253 2.33 -6.16 -24.83
N ARG J 254 1.66 -5.40 -25.68
CA ARG J 254 0.59 -4.47 -25.35
C ARG J 254 -0.75 -5.17 -25.24
N LEU J 255 -1.43 -4.97 -24.11
CA LEU J 255 -2.84 -5.34 -24.02
C LEU J 255 -3.71 -4.07 -24.23
N CYS J 256 -4.78 -4.19 -25.00
CA CYS J 256 -5.70 -3.05 -25.15
C CYS J 256 -6.90 -3.20 -24.21
N GLY J 257 -7.61 -2.11 -24.01
CA GLY J 257 -8.89 -2.17 -23.33
C GLY J 257 -9.73 -0.93 -23.56
N ALA J 258 -10.87 -0.87 -22.87
CA ALA J 258 -11.74 0.30 -22.84
C ALA J 258 -12.36 0.64 -24.17
N GLU J 259 -12.45 -0.35 -25.08
CA GLU J 259 -13.12 -0.16 -26.36
C GLU J 259 -14.58 0.29 -26.20
N MET J 260 -15.30 -0.33 -25.26
CA MET J 260 -16.71 -0.02 -25.13
C MET J 260 -17.00 1.02 -24.06
N SER J 261 -15.96 1.54 -23.43
CA SER J 261 -16.12 2.44 -22.29
C SER J 261 -16.58 3.86 -22.66
N THR J 262 -17.14 4.57 -21.69
CA THR J 262 -17.46 5.99 -21.85
C THR J 262 -16.85 6.81 -20.71
N THR J 263 -16.42 8.04 -21.03
CA THR J 263 -15.85 9.01 -20.09
C THR J 263 -14.41 8.74 -19.70
N ARG J 264 -13.75 9.78 -19.20
CA ARG J 264 -12.37 9.70 -18.78
C ARG J 264 -12.27 8.92 -17.47
N PHE J 265 -13.36 8.86 -16.71
CA PHE J 265 -13.37 8.15 -15.43
C PHE J 265 -13.20 6.63 -15.63
N GLU J 266 -13.87 6.07 -16.63
CA GLU J 266 -13.63 4.66 -16.97
C GLU J 266 -12.22 4.47 -17.55
N ALA J 267 -11.83 5.34 -18.47
CA ALA J 267 -10.54 5.16 -19.13
C ALA J 267 -9.44 5.14 -18.09
N GLN J 268 -9.56 6.02 -17.11
CA GLN J 268 -8.55 6.13 -16.08
C GLN J 268 -8.56 4.96 -15.09
N GLU J 269 -9.72 4.43 -14.76
CA GLU J 269 -9.76 3.19 -13.97
C GLU J 269 -9.07 2.01 -14.66
N TRP J 270 -9.27 1.89 -15.97
CA TRP J 270 -8.59 0.85 -16.73
C TRP J 270 -7.08 1.01 -16.59
N LEU J 271 -6.62 2.24 -16.83
CA LEU J 271 -5.20 2.57 -16.79
C LEU J 271 -4.60 2.26 -15.41
N GLU J 272 -5.33 2.65 -14.37
CA GLU J 272 -4.93 2.48 -12.98
C GLU J 272 -4.88 1.01 -12.62
N LYS J 273 -5.92 0.28 -13.00
CA LYS J 273 -6.16 -1.06 -12.45
C LYS J 273 -5.57 -2.19 -13.30
N THR J 274 -5.44 -1.99 -14.61
CA THR J 274 -5.02 -3.09 -15.48
C THR J 274 -3.63 -2.91 -16.07
N GLY J 275 -3.17 -1.66 -16.19
CA GLY J 275 -1.94 -1.40 -16.94
C GLY J 275 -2.02 -1.81 -18.41
N ILE J 276 -3.19 -1.72 -19.04
CA ILE J 276 -3.27 -1.75 -20.50
C ILE J 276 -2.34 -0.70 -21.12
N SER J 277 -1.80 -0.98 -22.29
CA SER J 277 -0.89 -0.05 -22.94
C SER J 277 -1.61 0.72 -24.05
N VAL J 278 -2.83 0.28 -24.38
CA VAL J 278 -3.60 0.95 -25.43
C VAL J 278 -5.05 1.10 -25.01
N VAL J 279 -5.49 2.37 -24.97
CA VAL J 279 -6.86 2.72 -24.62
C VAL J 279 -7.63 3.00 -25.90
N GLN J 280 -8.84 2.44 -25.99
CA GLN J 280 -9.59 2.42 -27.24
C GLN J 280 -10.93 3.16 -27.16
N SER J 281 -11.09 4.07 -26.19
CA SER J 281 -12.33 4.85 -26.08
C SER J 281 -12.72 5.37 -27.47
N ASP J 282 -13.99 5.20 -27.83
CA ASP J 282 -14.47 5.47 -29.20
C ASP J 282 -14.89 6.94 -29.39
N TYR J 283 -14.47 7.54 -30.52
CA TYR J 283 -14.87 8.92 -30.87
C TYR J 283 -16.34 9.24 -30.65
N ASN J 284 -17.23 8.35 -31.08
CA ASN J 284 -18.67 8.64 -31.07
C ASN J 284 -19.42 7.99 -29.90
N ARG J 285 -18.67 7.53 -28.91
CA ARG J 285 -19.26 6.89 -27.73
C ARG J 285 -18.79 7.54 -26.41
N CYS J 286 -17.48 7.77 -26.29
CA CYS J 286 -16.90 8.01 -24.96
C CYS J 286 -17.15 9.41 -24.39
N GLY J 287 -17.69 10.31 -25.22
CA GLY J 287 -17.89 11.72 -24.85
C GLY J 287 -17.43 12.65 -25.97
N GLY J 288 -16.68 12.10 -26.93
CA GLY J 288 -16.22 12.88 -28.07
C GLY J 288 -14.78 13.33 -28.00
N VAL J 289 -14.41 14.18 -28.95
CA VAL J 289 -13.05 14.70 -29.03
C VAL J 289 -12.63 15.44 -27.76
N THR J 290 -13.54 16.22 -27.17
CA THR J 290 -13.22 16.99 -25.98
C THR J 290 -12.85 16.07 -24.81
N GLU J 291 -13.53 14.94 -24.70
CA GLU J 291 -13.24 13.97 -23.65
C GLU J 291 -11.99 13.19 -24.01
N LEU J 292 -11.85 12.81 -25.27
CA LEU J 292 -10.63 12.14 -25.75
C LEU J 292 -9.41 12.97 -25.51
N LEU J 293 -9.49 14.28 -25.67
CA LEU J 293 -8.36 15.12 -25.26
C LEU J 293 -7.96 14.92 -23.80
N ARG J 294 -8.94 14.81 -22.92
CA ARG J 294 -8.64 14.59 -21.50
C ARG J 294 -8.05 13.21 -21.25
N ILE J 295 -8.58 12.22 -21.97
CA ILE J 295 -8.07 10.84 -21.86
C ILE J 295 -6.62 10.77 -22.35
N MET J 296 -6.31 11.54 -23.40
CA MET J 296 -4.97 11.60 -23.96
C MET J 296 -3.97 12.04 -22.89
N ASP J 297 -4.30 13.09 -22.13
CA ASP J 297 -3.39 13.58 -21.07
C ASP J 297 -3.19 12.55 -19.94
N ILE J 298 -4.25 11.87 -19.54
CA ILE J 298 -4.12 10.72 -18.64
C ILE J 298 -3.25 9.56 -19.20
N CYS J 299 -3.44 9.22 -20.48
CA CYS J 299 -2.59 8.20 -21.14
C CYS J 299 -1.11 8.60 -21.12
N GLU J 300 -0.83 9.86 -21.44
CA GLU J 300 0.54 10.33 -21.37
C GLU J 300 1.21 10.07 -20.00
N HIS J 301 0.52 10.40 -18.93
CA HIS J 301 1.04 10.14 -17.58
C HIS J 301 1.41 8.66 -17.38
N HIS J 302 0.55 7.75 -17.85
CA HIS J 302 0.81 6.31 -17.71
C HIS J 302 1.72 5.73 -18.81
N ASN J 303 2.29 6.58 -19.67
CA ASN J 303 2.96 6.16 -20.90
C ASN J 303 2.20 5.11 -21.70
N ALA J 304 0.87 5.24 -21.75
CA ALA J 304 0.05 4.39 -22.61
C ALA J 304 -0.29 5.12 -23.90
N GLN J 305 -0.69 4.37 -24.93
CA GLN J 305 -1.14 5.01 -26.18
C GLN J 305 -2.66 5.10 -26.23
N LEU J 306 -3.16 6.09 -26.97
CA LEU J 306 -4.58 6.25 -27.17
C LEU J 306 -4.88 6.03 -28.64
N MET J 307 -5.73 5.04 -28.93
CA MET J 307 -6.01 4.64 -30.31
C MET J 307 -7.52 4.39 -30.39
N PRO J 308 -8.30 5.46 -30.52
CA PRO J 308 -9.74 5.39 -30.32
C PRO J 308 -10.42 4.48 -31.34
N HIS J 309 -11.36 3.67 -30.87
CA HIS J 309 -12.10 2.76 -31.75
C HIS J 309 -12.79 3.56 -32.85
N ASN J 310 -12.58 3.12 -34.09
CA ASN J 310 -12.99 3.88 -35.25
C ASN J 310 -13.55 2.91 -36.28
N TRP J 311 -14.86 2.67 -36.21
CA TRP J 311 -15.53 1.83 -37.18
C TRP J 311 -16.96 2.30 -37.36
N LYS J 312 -17.09 3.39 -38.11
CA LYS J 312 -18.37 3.99 -38.38
C LYS J 312 -18.32 4.47 -39.81
N THR J 313 -18.38 5.78 -39.94
CA THR J 313 -18.63 6.41 -41.23
C THR J 313 -17.43 7.30 -41.59
N GLY J 314 -17.45 7.93 -42.76
CA GLY J 314 -16.41 8.91 -43.06
C GLY J 314 -16.44 10.19 -42.22
N ILE J 315 -17.54 10.43 -41.50
CA ILE J 315 -17.65 11.52 -40.54
C ILE J 315 -16.65 11.30 -39.39
N THR J 316 -16.70 10.11 -38.81
CA THR J 316 -15.73 9.69 -37.77
C THR J 316 -14.30 9.54 -38.33
N ALA J 317 -14.19 9.12 -39.58
CA ALA J 317 -12.90 9.12 -40.29
C ALA J 317 -12.26 10.51 -40.31
N ALA J 318 -13.06 11.54 -40.53
CA ALA J 318 -12.56 12.90 -40.52
C ALA J 318 -12.14 13.31 -39.10
N ALA J 319 -12.90 12.91 -38.08
CA ALA J 319 -12.48 13.23 -36.71
C ALA J 319 -11.17 12.50 -36.38
N ALA J 320 -11.10 11.22 -36.73
CA ALA J 320 -9.86 10.45 -36.55
C ALA J 320 -8.66 11.09 -37.25
N ARG J 321 -8.86 11.68 -38.43
CA ARG J 321 -7.74 12.35 -39.12
C ARG J 321 -7.22 13.56 -38.33
N HIS J 322 -8.13 14.38 -37.84
CA HIS J 322 -7.76 15.57 -37.08
C HIS J 322 -7.25 15.25 -35.68
N PHE J 323 -7.97 14.43 -34.93
CA PHE J 323 -7.46 13.99 -33.64
C PHE J 323 -6.10 13.28 -33.77
N GLY J 324 -5.97 12.42 -34.76
CA GLY J 324 -4.74 11.64 -34.94
C GLY J 324 -3.47 12.45 -35.17
N ILE J 325 -3.58 13.62 -35.79
CA ILE J 325 -2.42 14.49 -36.04
C ILE J 325 -2.02 15.28 -34.77
N VAL J 326 -2.93 15.31 -33.81
CA VAL J 326 -2.77 16.05 -32.54
C VAL J 326 -2.19 15.12 -31.47
N CYS J 327 -2.51 13.83 -31.59
CA CYS J 327 -2.23 12.86 -30.54
C CYS J 327 -0.80 12.31 -30.64
N HIS J 328 0.18 13.11 -30.22
CA HIS J 328 1.58 12.77 -30.34
C HIS J 328 2.01 11.51 -29.56
N ILE J 329 1.23 11.08 -28.58
CA ILE J 329 1.62 9.92 -27.79
C ILE J 329 1.42 8.60 -28.55
N SER J 330 0.59 8.65 -29.59
CA SER J 330 0.18 7.46 -30.30
C SER J 330 0.92 7.32 -31.64
N GLU J 331 1.60 6.20 -31.79
CA GLU J 331 2.31 5.87 -33.03
C GLU J 331 1.32 5.72 -34.16
N TYR J 332 0.21 5.03 -33.86
CA TYR J 332 -0.86 4.77 -34.81
C TYR J 332 -2.21 5.20 -34.22
N VAL J 333 -3.22 5.42 -35.06
CA VAL J 333 -4.63 5.33 -34.61
C VAL J 333 -5.40 4.39 -35.53
N GLU J 334 -6.54 3.89 -35.06
CA GLU J 334 -7.35 2.98 -35.85
C GLU J 334 -7.97 3.72 -37.03
N TYR J 335 -7.99 3.07 -38.19
CA TYR J 335 -8.59 3.67 -39.37
C TYR J 335 -9.36 2.66 -40.22
N LEU J 336 -10.63 2.99 -40.49
CA LEU J 336 -11.42 2.27 -41.48
C LEU J 336 -11.34 3.01 -42.82
N HIS J 337 -10.64 2.41 -43.77
CA HIS J 337 -10.51 3.03 -45.09
C HIS J 337 -11.34 2.25 -46.08
N PRO J 338 -12.05 2.97 -46.98
CA PRO J 338 -12.86 2.42 -48.08
C PRO J 338 -12.14 1.37 -48.94
N ASP J 339 -10.83 1.48 -49.05
CA ASP J 339 -10.04 0.51 -49.78
C ASP J 339 -10.27 -0.90 -49.22
N PHE J 340 -10.63 -0.97 -47.95
CA PHE J 340 -10.62 -2.25 -47.24
C PHE J 340 -12.00 -2.77 -46.84
N TRP J 341 -13.05 -2.00 -47.14
CA TRP J 341 -14.36 -2.35 -46.60
C TRP J 341 -15.49 -1.86 -47.50
N ASN J 342 -16.36 -2.78 -47.89
CA ASN J 342 -17.40 -2.47 -48.89
C ASN J 342 -18.76 -2.03 -48.37
N GLY J 343 -18.80 -1.57 -47.12
CA GLY J 343 -20.05 -1.06 -46.54
C GLY J 343 -20.60 0.12 -47.34
N THR J 344 -21.91 0.17 -47.46
CA THR J 344 -22.56 1.21 -48.25
C THR J 344 -22.25 2.58 -47.66
N LEU J 345 -22.33 2.69 -46.34
CA LEU J 345 -22.03 3.97 -45.71
C LEU J 345 -20.57 4.39 -45.93
N THR J 346 -19.64 3.45 -45.75
CA THR J 346 -18.21 3.72 -45.97
C THR J 346 -17.96 4.16 -47.41
N GLN J 347 -18.66 3.53 -48.36
CA GLN J 347 -18.40 3.80 -49.77
C GLN J 347 -19.10 5.08 -50.27
N GLN J 348 -20.24 5.42 -49.68
CA GLN J 348 -21.10 6.43 -50.33
C GLN J 348 -21.46 7.69 -49.52
N LEU J 349 -21.36 7.62 -48.20
CA LEU J 349 -21.86 8.70 -47.35
C LEU J 349 -21.06 9.99 -47.51
N THR J 350 -19.75 9.84 -47.70
CA THR J 350 -18.86 10.97 -47.88
C THR J 350 -18.16 10.86 -49.22
N LEU J 351 -17.72 12.00 -49.73
CA LEU J 351 -17.05 12.02 -51.02
C LEU J 351 -15.58 12.33 -50.82
N ASN J 352 -14.78 12.00 -51.82
CA ASN J 352 -13.42 12.49 -51.88
C ASN J 352 -12.57 12.07 -50.68
N GLU J 353 -12.81 10.86 -50.17
CA GLU J 353 -11.99 10.29 -49.09
C GLU J 353 -10.52 10.33 -49.45
N PRO J 354 -9.68 10.92 -48.57
CA PRO J 354 -8.27 10.97 -48.90
C PRO J 354 -7.67 9.57 -49.11
N LYS J 355 -6.66 9.49 -49.96
CA LYS J 355 -6.09 8.21 -50.36
C LYS J 355 -4.95 7.82 -49.40
N ILE J 356 -4.69 6.52 -49.27
CA ILE J 356 -3.54 6.04 -48.53
C ILE J 356 -2.30 6.13 -49.42
N ILE J 357 -1.30 6.90 -48.99
CA ILE J 357 -0.09 7.11 -49.78
C ILE J 357 1.12 6.83 -48.92
N ASP J 358 1.78 5.70 -49.20
CA ASP J 358 2.94 5.30 -48.41
C ASP J 358 2.58 5.04 -46.95
N GLY J 359 1.36 4.58 -46.70
CA GLY J 359 0.89 4.33 -45.33
C GLY J 359 0.43 5.57 -44.58
N ALA J 360 0.46 6.71 -45.25
CA ALA J 360 -0.01 7.96 -44.64
C ALA J 360 -1.31 8.43 -45.28
N ILE J 361 -2.18 9.08 -44.50
CA ILE J 361 -3.31 9.78 -45.12
C ILE J 361 -3.28 11.27 -44.75
N GLU J 362 -3.40 12.12 -45.77
CA GLU J 362 -3.28 13.56 -45.56
C GLU J 362 -4.44 14.08 -44.71
N VAL J 363 -4.12 14.98 -43.78
CA VAL J 363 -5.13 15.76 -43.10
C VAL J 363 -5.08 17.17 -43.65
N SER J 364 -6.17 17.60 -44.27
CA SER J 364 -6.18 18.88 -44.99
C SER J 364 -6.38 20.08 -44.08
N ASP J 365 -6.16 21.25 -44.63
CA ASP J 365 -6.39 22.48 -43.91
C ASP J 365 -7.79 23.02 -44.21
N LYS J 366 -8.62 22.20 -44.85
CA LYS J 366 -10.04 22.53 -45.00
C LYS J 366 -10.70 22.79 -43.64
N PRO J 367 -11.54 23.85 -43.55
CA PRO J 367 -12.13 24.29 -42.28
C PRO J 367 -12.95 23.19 -41.61
N GLY J 368 -13.04 23.22 -40.29
CA GLY J 368 -13.62 22.14 -39.52
C GLY J 368 -12.98 20.78 -39.74
N LEU J 369 -13.82 19.76 -39.85
CA LEU J 369 -13.38 18.39 -40.00
C LEU J 369 -13.04 18.06 -41.44
N GLY J 370 -13.43 18.94 -42.36
CA GLY J 370 -13.12 18.78 -43.79
C GLY J 370 -13.95 17.70 -44.44
N ILE J 371 -15.18 17.53 -43.96
CA ILE J 371 -16.06 16.50 -44.46
C ILE J 371 -16.79 16.96 -45.71
N GLU J 372 -16.72 16.16 -46.76
CA GLU J 372 -17.54 16.38 -47.95
C GLU J 372 -18.67 15.35 -47.95
N LEU J 373 -19.78 15.75 -47.37
CA LEU J 373 -20.94 14.87 -47.24
C LEU J 373 -21.61 14.67 -48.61
N ASN J 374 -22.05 13.44 -48.89
CA ASN J 374 -22.77 13.13 -50.12
C ASN J 374 -24.26 13.48 -49.94
N ILE J 375 -24.61 14.74 -50.18
CA ILE J 375 -25.94 15.25 -49.85
C ILE J 375 -27.01 14.44 -50.56
N GLU J 376 -26.81 14.18 -51.85
CA GLU J 376 -27.76 13.43 -52.68
C GLU J 376 -28.12 12.12 -52.02
N PHE J 377 -27.09 11.39 -51.62
CA PHE J 377 -27.23 10.10 -50.96
C PHE J 377 -27.98 10.20 -49.64
N VAL J 378 -27.60 11.16 -48.79
CA VAL J 378 -28.29 11.34 -47.52
C VAL J 378 -29.79 11.61 -47.71
N GLU J 379 -30.11 12.39 -48.73
CA GLU J 379 -31.51 12.76 -49.02
C GLU J 379 -32.29 11.58 -49.60
N GLN J 380 -31.60 10.74 -50.38
CA GLN J 380 -32.18 9.50 -50.84
C GLN J 380 -32.59 8.59 -49.69
N VAL J 381 -31.68 8.36 -48.75
CA VAL J 381 -31.96 7.35 -47.71
C VAL J 381 -32.89 7.83 -46.60
N THR J 382 -32.87 9.13 -46.30
CA THR J 382 -33.76 9.68 -45.30
C THR J 382 -35.15 10.03 -45.88
N GLY J 383 -35.15 10.60 -47.07
CA GLY J 383 -36.40 11.03 -47.70
C GLY J 383 -36.72 12.48 -47.38
N HIS J 384 -36.13 12.99 -46.30
CA HIS J 384 -36.25 14.40 -45.97
C HIS J 384 -35.10 15.19 -46.58
N LYS J 385 -35.27 16.50 -46.65
CA LYS J 385 -34.29 17.37 -47.31
C LYS J 385 -33.14 17.73 -46.39
N PHE J 386 -32.10 18.33 -46.96
CA PHE J 386 -30.88 18.63 -46.20
C PHE J 386 -30.40 20.05 -46.48
N ALA K 5 49.15 14.99 9.42
CA ALA K 5 50.01 13.82 9.79
C ALA K 5 49.15 12.61 10.13
N ASN K 6 49.71 11.42 9.96
CA ASN K 6 48.97 10.20 10.13
C ASN K 6 48.83 9.78 11.57
N ILE K 7 47.77 9.02 11.86
CA ILE K 7 47.50 8.51 13.18
C ILE K 7 48.51 7.43 13.54
N VAL K 8 49.03 7.51 14.75
CA VAL K 8 50.05 6.58 15.26
C VAL K 8 49.48 5.60 16.29
N SER K 9 48.58 6.09 17.15
CA SER K 9 48.03 5.26 18.20
C SER K 9 46.59 5.62 18.56
N VAL K 10 45.88 4.62 19.09
CA VAL K 10 44.54 4.78 19.64
C VAL K 10 44.54 4.15 21.03
N GLU K 11 43.98 4.85 22.00
CA GLU K 11 43.97 4.36 23.37
C GLU K 11 42.57 4.48 23.97
N PHE K 12 42.06 3.38 24.51
CA PHE K 12 40.83 3.39 25.29
C PHE K 12 41.17 3.46 26.78
N ILE K 13 40.81 4.56 27.42
CA ILE K 13 41.23 4.81 28.80
C ILE K 13 40.04 4.76 29.76
N PRO K 14 39.91 3.65 30.49
CA PRO K 14 38.79 3.53 31.41
C PRO K 14 38.91 4.53 32.57
N VAL K 15 37.79 5.12 32.94
CA VAL K 15 37.73 6.13 33.97
C VAL K 15 36.62 5.77 34.95
N ASN K 16 37.01 5.33 36.14
CA ASN K 16 36.07 4.88 37.16
C ASN K 16 36.19 5.70 38.44
N VAL K 17 35.06 6.14 38.96
CA VAL K 17 35.09 6.85 40.24
C VAL K 17 34.34 6.04 41.29
N ALA K 18 35.08 5.54 42.28
CA ALA K 18 34.52 4.73 43.37
C ALA K 18 34.24 5.57 44.62
N SER K 23 28.93 4.10 41.06
CA SER K 23 29.53 3.89 39.74
C SER K 23 29.27 5.09 38.82
N GLU K 24 30.30 5.91 38.64
CA GLU K 24 30.29 6.98 37.65
C GLU K 24 31.47 6.78 36.71
N ASN K 25 31.20 6.60 35.42
CA ASN K 25 32.24 6.16 34.51
C ASN K 25 32.14 6.58 33.05
N THR K 26 33.27 6.47 32.35
CA THR K 26 33.31 6.67 30.91
C THR K 26 34.56 5.98 30.38
N VAL K 27 34.77 6.08 29.07
CA VAL K 27 35.97 5.57 28.45
C VAL K 27 36.42 6.68 27.55
N ILE K 28 37.57 7.27 27.87
CA ILE K 28 38.21 8.26 27.01
C ILE K 28 38.90 7.58 25.83
N VAL K 29 38.65 8.10 24.64
CA VAL K 29 39.36 7.61 23.48
C VAL K 29 40.35 8.67 23.06
N LYS K 30 41.64 8.30 23.04
CA LYS K 30 42.67 9.27 22.71
C LYS K 30 43.40 8.81 21.46
N VAL K 31 43.32 9.62 20.41
CA VAL K 31 43.96 9.29 19.15
C VAL K 31 45.07 10.29 18.89
N THR K 32 46.24 9.75 18.60
CA THR K 32 47.45 10.57 18.54
C THR K 32 48.11 10.43 17.20
N ASP K 33 48.52 11.56 16.62
CA ASP K 33 49.24 11.54 15.34
C ASP K 33 50.77 11.51 15.51
N GLU K 34 51.46 11.55 14.37
CA GLU K 34 52.92 11.41 14.27
C GLU K 34 53.69 12.51 14.97
N ASN K 35 53.04 13.66 15.15
CA ASN K 35 53.64 14.83 15.76
C ASN K 35 53.31 14.91 17.26
N GLY K 36 52.50 13.99 17.76
CA GLY K 36 52.15 13.98 19.17
C GLY K 36 50.90 14.76 19.54
N VAL K 37 50.27 15.40 18.54
CA VAL K 37 48.94 16.00 18.71
C VAL K 37 47.90 14.90 18.87
N TYR K 38 46.89 15.11 19.70
CA TYR K 38 45.89 14.08 19.96
C TYR K 38 44.48 14.68 19.91
N GLY K 39 43.50 13.85 19.55
CA GLY K 39 42.09 14.20 19.70
C GLY K 39 41.44 13.32 20.76
N LEU K 40 40.38 13.83 21.37
CA LEU K 40 39.65 13.10 22.41
C LEU K 40 38.22 12.78 22.01
N GLY K 41 37.80 11.56 22.32
CA GLY K 41 36.40 11.18 22.27
C GLY K 41 36.10 10.29 23.46
N GLU K 42 34.84 9.92 23.62
CA GLU K 42 34.52 8.89 24.59
C GLU K 42 33.49 7.92 24.02
N ALA K 43 33.64 6.64 24.40
CA ALA K 43 32.77 5.57 23.94
C ALA K 43 31.85 5.19 25.08
N ASP K 44 30.63 4.77 24.77
CA ASP K 44 29.75 4.25 25.81
C ASP K 44 30.14 2.82 26.16
N GLY K 45 29.60 2.31 27.25
CA GLY K 45 29.79 0.92 27.63
C GLY K 45 30.57 0.75 28.92
N PRO K 46 30.60 -0.48 29.46
CA PRO K 46 31.42 -0.80 30.63
C PRO K 46 32.90 -0.66 30.29
N PRO K 47 33.61 0.18 31.06
CA PRO K 47 34.91 0.68 30.63
C PRO K 47 35.99 -0.38 30.45
N GLU K 48 36.08 -1.32 31.37
CA GLU K 48 37.13 -2.34 31.26
C GLU K 48 36.84 -3.22 30.05
N CYS K 49 35.57 -3.52 29.85
CA CYS K 49 35.13 -4.30 28.70
C CYS K 49 35.36 -3.55 27.38
N MET K 50 35.05 -2.27 27.35
CA MET K 50 35.36 -1.46 26.17
C MET K 50 36.88 -1.43 25.89
N LYS K 51 37.70 -1.35 26.93
CA LYS K 51 39.15 -1.51 26.75
C LYS K 51 39.52 -2.87 26.12
N ALA K 52 38.95 -3.94 26.68
CA ALA K 52 39.19 -5.27 26.12
C ALA K 52 38.80 -5.34 24.63
N PHE K 53 37.64 -4.78 24.27
CA PHE K 53 37.19 -4.80 22.85
C PHE K 53 38.23 -4.14 21.93
N SER K 54 38.81 -3.02 22.38
CA SER K 54 39.76 -2.25 21.57
C SER K 54 41.16 -2.91 21.47
N GLU K 55 41.38 -3.98 22.24
CA GLU K 55 42.69 -4.61 22.31
C GLU K 55 42.69 -6.07 21.84
N ILE K 56 41.65 -6.46 21.11
CA ILE K 56 41.52 -7.83 20.62
C ILE K 56 42.57 -8.15 19.55
N GLU K 57 42.74 -9.43 19.27
CA GLU K 57 43.58 -9.87 18.17
C GLU K 57 42.78 -10.03 16.87
N ASN K 58 43.42 -9.80 15.72
CA ASN K 58 42.83 -10.11 14.43
C ASN K 58 42.55 -11.60 14.31
N GLU K 59 41.44 -11.94 13.63
CA GLU K 59 41.05 -13.33 13.40
C GLU K 59 40.72 -13.63 11.93
N HIS K 60 39.95 -12.76 11.29
CA HIS K 60 39.62 -12.93 9.86
C HIS K 60 39.21 -11.61 9.19
N LYS K 61 38.73 -11.71 7.95
CA LYS K 61 38.40 -10.52 7.17
C LYS K 61 37.37 -9.56 7.83
N TRP K 62 36.37 -10.12 8.52
CA TRP K 62 35.35 -9.29 9.17
C TRP K 62 35.54 -9.19 10.69
N LEU K 63 36.67 -9.72 11.18
CA LEU K 63 37.00 -9.61 12.59
C LEU K 63 38.48 -9.19 12.78
N ASN K 64 38.71 -7.89 12.86
CA ASN K 64 40.04 -7.32 13.13
C ASN K 64 40.02 -6.38 14.33
N ASN K 65 41.19 -6.08 14.87
CA ASN K 65 41.29 -5.05 15.89
C ASN K 65 40.86 -3.71 15.29
N ILE K 66 40.04 -2.97 16.02
CA ILE K 66 39.43 -1.76 15.48
C ILE K 66 40.46 -0.68 15.18
N LYS K 67 41.47 -0.58 16.04
CA LYS K 67 42.51 0.45 15.90
C LYS K 67 43.22 0.33 14.58
N GLU K 68 43.31 -0.89 14.08
CA GLU K 68 44.03 -1.17 12.82
C GLU K 68 43.36 -0.54 11.57
N ALA K 69 42.11 -0.15 11.72
CA ALA K 69 41.37 0.48 10.64
C ALA K 69 41.77 1.94 10.45
N VAL K 70 42.35 2.54 11.49
CA VAL K 70 42.73 3.96 11.46
C VAL K 70 44.22 4.26 11.62
N ILE K 71 44.97 3.39 12.30
CA ILE K 71 46.42 3.59 12.46
C ILE K 71 47.05 3.76 11.09
N GLY K 72 47.76 4.87 10.89
CA GLY K 72 48.46 5.12 9.62
C GLY K 72 47.59 5.89 8.64
N ARG K 73 46.37 6.21 9.05
CA ARG K 73 45.45 6.94 8.18
C ARG K 73 45.40 8.42 8.52
N ASP K 74 44.85 9.19 7.58
CA ASP K 74 44.62 10.61 7.76
C ASP K 74 43.26 10.81 8.46
N PRO K 75 43.25 11.45 9.64
CA PRO K 75 42.00 11.67 10.39
C PRO K 75 40.99 12.59 9.68
N LEU K 76 41.41 13.32 8.66
CA LEU K 76 40.47 14.16 7.90
C LEU K 76 39.44 13.29 7.16
N GLU K 77 39.79 12.04 6.89
CA GLU K 77 38.96 11.22 5.99
C GLU K 77 37.80 10.52 6.70
N PHE K 78 36.84 11.30 7.19
CA PHE K 78 35.87 10.77 8.15
C PHE K 78 35.09 9.58 7.59
N ARG K 79 34.59 9.71 6.37
CA ARG K 79 33.80 8.62 5.78
C ARG K 79 34.60 7.36 5.60
N ALA K 80 35.76 7.47 4.98
CA ALA K 80 36.62 6.33 4.71
C ALA K 80 37.01 5.66 6.01
N ASN K 81 37.42 6.46 6.99
CA ASN K 81 37.80 5.91 8.28
C ASN K 81 36.61 5.24 8.93
N TYR K 82 35.44 5.90 8.94
CA TYR K 82 34.26 5.26 9.53
C TYR K 82 33.94 3.93 8.83
N ASN K 83 33.95 3.93 7.50
CA ASN K 83 33.63 2.72 6.73
C ASN K 83 34.64 1.61 6.96
N ARG K 84 35.92 1.97 7.08
CA ARG K 84 36.93 0.95 7.37
C ARG K 84 36.78 0.32 8.76
N MET K 85 36.51 1.14 9.78
CA MET K 85 36.28 0.57 11.12
C MET K 85 35.04 -0.34 11.07
N TYR K 86 34.01 0.10 10.35
CA TYR K 86 32.76 -0.66 10.35
C TYR K 86 32.95 -1.98 9.63
N ASP K 87 33.57 -1.94 8.45
CA ASP K 87 33.76 -3.16 7.65
C ASP K 87 34.66 -4.17 8.30
N THR K 88 35.77 -3.69 8.85
CA THR K 88 36.79 -4.59 9.34
C THR K 88 36.39 -5.21 10.68
N THR K 89 35.33 -4.69 11.29
CA THR K 89 34.84 -5.27 12.54
C THR K 89 33.42 -5.84 12.46
N LYS K 90 32.88 -5.98 11.25
CA LYS K 90 31.50 -6.44 11.07
C LYS K 90 31.11 -7.67 11.89
N TRP K 91 31.97 -8.69 11.96
CA TRP K 91 31.61 -9.92 12.66
C TRP K 91 31.25 -9.72 14.13
N ILE K 92 31.80 -8.68 14.75
CA ILE K 92 31.53 -8.41 16.17
C ILE K 92 30.89 -7.05 16.39
N GLY K 93 30.81 -6.25 15.34
CA GLY K 93 30.20 -4.94 15.43
C GLY K 93 28.84 -4.92 14.75
N MET K 94 28.70 -4.00 13.79
CA MET K 94 27.49 -3.90 12.98
C MET K 94 26.34 -3.29 13.76
N ARG K 95 26.08 -3.84 14.94
CA ARG K 95 25.10 -3.25 15.86
C ARG K 95 25.62 -3.36 17.29
N GLY K 96 25.15 -2.49 18.17
CA GLY K 96 25.38 -2.66 19.59
C GLY K 96 26.77 -2.24 20.00
N LEU K 97 27.39 -3.03 20.87
CA LEU K 97 28.54 -2.56 21.65
C LEU K 97 29.73 -2.19 20.78
N GLY K 98 29.99 -2.98 19.75
CA GLY K 98 31.07 -2.67 18.84
C GLY K 98 30.93 -1.28 18.22
N LEU K 99 29.69 -0.84 18.06
CA LEU K 99 29.46 0.53 17.58
C LEU K 99 29.74 1.65 18.56
N PHE K 100 29.68 1.37 19.87
CA PHE K 100 30.09 2.35 20.88
C PHE K 100 31.57 2.67 20.65
N ALA K 101 32.34 1.62 20.42
CA ALA K 101 33.79 1.72 20.19
C ALA K 101 34.08 2.59 18.98
N ILE K 102 33.39 2.35 17.87
CA ILE K 102 33.52 3.21 16.69
C ILE K 102 33.11 4.67 16.99
N SER K 103 32.04 4.85 17.76
CA SER K 103 31.54 6.19 18.05
C SER K 103 32.62 7.02 18.75
N GLY K 104 33.32 6.38 19.69
CA GLY K 104 34.31 7.07 20.49
C GLY K 104 35.57 7.45 19.70
N ILE K 105 35.97 6.63 18.74
CA ILE K 105 37.11 6.95 17.88
C ILE K 105 36.71 8.03 16.89
N ASP K 106 35.55 7.85 16.25
CA ASP K 106 35.01 8.85 15.33
C ASP K 106 35.00 10.24 15.96
N MET K 107 34.40 10.35 17.13
CA MET K 107 34.38 11.63 17.88
C MET K 107 35.81 12.18 18.03
N ALA K 108 36.73 11.32 18.42
CA ALA K 108 38.13 11.72 18.65
C ALA K 108 38.82 12.20 17.38
N LEU K 109 38.51 11.55 16.27
CA LEU K 109 38.97 11.99 14.95
C LEU K 109 38.54 13.41 14.56
N TYR K 110 37.31 13.81 14.86
CA TYR K 110 36.96 15.22 14.59
C TYR K 110 37.78 16.17 15.48
N ASP K 111 38.03 15.75 16.71
CA ASP K 111 38.85 16.56 17.61
C ASP K 111 40.23 16.69 17.00
N LEU K 112 40.80 15.57 16.56
CA LEU K 112 42.18 15.56 16.10
C LEU K 112 42.29 16.32 14.80
N ALA K 113 41.52 15.94 13.79
CA ALA K 113 41.56 16.64 12.50
C ALA K 113 41.47 18.15 12.67
N GLY K 114 40.59 18.61 13.55
CA GLY K 114 40.41 20.04 13.75
C GLY K 114 41.65 20.68 14.37
N LYS K 115 42.25 19.99 15.34
CA LYS K 115 43.51 20.45 15.91
C LYS K 115 44.64 20.50 14.88
N GLN K 116 44.86 19.40 14.16
CA GLN K 116 45.79 19.41 13.03
C GLN K 116 45.61 20.62 12.10
N LEU K 117 44.38 20.89 11.68
CA LEU K 117 44.18 21.93 10.65
C LEU K 117 44.02 23.33 11.24
N GLY K 118 43.72 23.38 12.53
CA GLY K 118 43.53 24.66 13.22
C GLY K 118 42.11 25.19 13.15
N VAL K 119 41.14 24.29 12.93
CA VAL K 119 39.73 24.69 12.84
C VAL K 119 38.83 24.03 13.86
N PRO K 120 37.76 24.73 14.26
CA PRO K 120 36.72 24.14 15.12
C PRO K 120 36.02 23.01 14.37
N ALA K 121 35.61 21.98 15.11
CA ALA K 121 35.13 20.76 14.49
C ALA K 121 33.84 20.97 13.68
N TYR K 122 33.01 21.96 14.04
CA TYR K 122 31.77 22.19 13.30
C TYR K 122 32.01 22.54 11.83
N LYS K 123 33.16 23.14 11.55
CA LYS K 123 33.51 23.45 10.16
C LYS K 123 33.75 22.13 9.43
N LEU K 124 34.32 21.16 10.13
CA LEU K 124 34.56 19.85 9.56
C LEU K 124 33.29 19.02 9.45
N MET K 125 32.20 19.52 10.02
CA MET K 125 30.91 18.83 10.00
C MET K 125 29.94 19.47 8.99
N GLY K 126 30.44 20.37 8.14
CA GLY K 126 29.60 21.07 7.18
C GLY K 126 29.50 22.58 7.37
N GLY K 127 29.87 23.07 8.54
CA GLY K 127 29.78 24.51 8.82
C GLY K 127 28.60 24.87 9.71
N ALA K 128 28.69 26.02 10.38
CA ALA K 128 27.65 26.45 11.29
C ALA K 128 26.40 26.87 10.52
N GLN K 129 25.23 26.43 10.99
CA GLN K 129 23.99 26.69 10.28
C GLN K 129 22.90 27.29 11.16
N LYS K 130 23.25 27.60 12.40
CA LYS K 130 22.36 28.41 13.19
C LYS K 130 23.07 29.54 13.91
N ALA K 131 22.34 30.62 14.14
CA ALA K 131 22.89 31.81 14.75
C ALA K 131 23.40 31.48 16.14
N GLN K 132 22.65 30.66 16.86
CA GLN K 132 22.93 30.38 18.28
C GLN K 132 22.73 28.92 18.56
N LEU K 133 23.37 28.43 19.62
CA LEU K 133 23.02 27.13 20.14
C LEU K 133 22.09 27.28 21.34
N THR K 134 20.87 26.73 21.20
CA THR K 134 19.80 26.81 22.21
C THR K 134 19.44 25.39 22.62
N PRO K 135 20.04 24.88 23.70
CA PRO K 135 19.73 23.51 24.02
C PRO K 135 18.42 23.38 24.80
N TYR K 136 17.94 22.14 24.95
CA TYR K 136 17.02 21.87 26.04
C TYR K 136 17.82 21.18 27.13
N PHE K 137 17.57 21.55 28.39
CA PHE K 137 18.35 21.01 29.49
C PHE K 137 17.66 19.89 30.22
N THR K 138 18.35 18.74 30.31
CA THR K 138 17.84 17.60 31.03
C THR K 138 17.99 17.81 32.53
N LEU K 139 16.88 17.71 33.25
CA LEU K 139 16.87 17.89 34.70
C LEU K 139 16.55 16.59 35.36
N TYR K 140 17.47 16.13 36.19
CA TYR K 140 17.30 14.87 36.87
C TYR K 140 17.70 15.12 38.30
N PRO K 141 16.77 14.88 39.22
CA PRO K 141 16.97 15.26 40.61
C PRO K 141 17.78 14.22 41.38
N SER K 142 18.59 14.65 42.32
CA SER K 142 19.21 13.69 43.22
C SER K 142 18.30 13.36 44.40
N VAL K 143 17.63 12.22 44.33
CA VAL K 143 16.75 11.80 45.41
C VAL K 143 17.08 10.39 45.86
N ALA K 144 16.48 9.98 46.97
CA ALA K 144 16.64 8.63 47.47
C ALA K 144 15.85 7.66 46.61
N ALA K 145 16.35 6.44 46.47
CA ALA K 145 15.51 5.37 45.95
C ALA K 145 14.34 5.25 46.91
N ASP K 146 13.14 5.06 46.38
CA ASP K 146 11.96 5.07 47.24
C ASP K 146 11.46 6.49 47.57
N ALA K 147 11.90 7.48 46.79
CA ALA K 147 11.32 8.83 46.89
C ALA K 147 9.86 8.78 46.44
N THR K 148 8.98 9.48 47.15
CA THR K 148 7.60 9.66 46.70
C THR K 148 7.56 10.61 45.50
N LEU K 149 6.46 10.61 44.75
CA LEU K 149 6.30 11.58 43.68
C LEU K 149 6.37 13.03 44.17
N SER K 150 5.78 13.29 45.33
CA SER K 150 5.80 14.63 45.91
C SER K 150 7.22 15.06 46.27
N GLU K 151 8.02 14.13 46.79
CA GLU K 151 9.40 14.44 47.14
C GLU K 151 10.27 14.67 45.90
N ILE K 152 10.02 13.90 44.85
CA ILE K 152 10.71 14.11 43.59
C ILE K 152 10.40 15.51 43.05
N VAL K 153 9.16 15.96 43.23
CA VAL K 153 8.76 17.27 42.76
C VAL K 153 9.46 18.38 43.53
N GLU K 154 9.45 18.26 44.86
CA GLU K 154 10.19 19.19 45.73
C GLU K 154 11.69 19.29 45.38
N ALA K 155 12.33 18.17 45.06
CA ALA K 155 13.71 18.19 44.59
C ALA K 155 13.83 18.81 43.18
N TYR K 156 12.77 18.74 42.40
CA TYR K 156 12.79 19.36 41.08
C TYR K 156 12.77 20.89 41.15
N LYS K 157 12.20 21.44 42.21
CA LYS K 157 11.90 22.89 42.25
C LYS K 157 13.13 23.81 42.18
N PRO K 158 14.20 23.44 42.90
CA PRO K 158 15.40 24.29 42.85
C PRO K 158 16.11 24.18 41.49
N LEU K 159 16.06 23.01 40.86
CA LEU K 159 16.66 22.80 39.55
C LEU K 159 15.94 23.63 38.49
N ILE K 160 14.62 23.63 38.56
CA ILE K 160 13.83 24.37 37.59
C ILE K 160 13.93 25.86 37.83
N ALA K 161 13.96 26.25 39.09
CA ALA K 161 14.14 27.66 39.42
C ALA K 161 15.48 28.14 38.86
N LYS K 162 16.49 27.30 39.01
CA LYS K 162 17.80 27.59 38.43
C LYS K 162 17.82 27.62 36.90
N ALA K 163 17.15 26.69 36.24
CA ALA K 163 17.06 26.76 34.77
C ALA K 163 16.51 28.09 34.29
N LYS K 164 15.41 28.52 34.92
CA LYS K 164 14.80 29.84 34.67
C LYS K 164 15.77 31.00 34.93
N GLU K 165 16.61 30.88 35.95
CA GLU K 165 17.58 31.92 36.27
C GLU K 165 18.50 32.11 35.07
N ARG K 166 18.87 31.00 34.42
CA ARG K 166 19.78 31.02 33.28
C ARG K 166 19.08 31.39 31.98
N GLY K 167 17.75 31.51 32.02
CA GLY K 167 16.96 31.89 30.85
C GLY K 167 16.71 30.72 29.90
N ALA K 168 16.76 29.50 30.44
CA ALA K 168 16.60 28.29 29.62
C ALA K 168 15.29 28.33 28.84
N LYS K 169 15.33 27.86 27.59
CA LYS K 169 14.13 27.86 26.74
C LYS K 169 13.31 26.57 26.85
N ALA K 170 13.93 25.51 27.35
CA ALA K 170 13.27 24.22 27.42
C ALA K 170 13.98 23.35 28.44
N VAL K 171 13.21 22.59 29.22
CA VAL K 171 13.80 21.60 30.10
C VAL K 171 13.08 20.25 29.97
N LYS K 172 13.81 19.18 30.25
CA LYS K 172 13.20 17.86 30.26
C LYS K 172 13.16 17.33 31.69
N VAL K 173 12.02 16.78 32.08
CA VAL K 173 11.88 16.14 33.38
C VAL K 173 11.59 14.66 33.17
N CYS K 174 11.75 13.87 34.21
CA CYS K 174 11.73 12.42 34.06
C CYS K 174 10.70 11.80 34.96
N ILE K 175 10.24 10.63 34.55
CA ILE K 175 9.53 9.74 35.44
C ILE K 175 10.54 8.71 35.94
N ILE K 176 11.06 8.90 37.15
CA ILE K 176 11.87 7.87 37.79
C ILE K 176 11.09 6.57 37.81
N PRO K 177 11.66 5.50 37.21
CA PRO K 177 10.90 4.24 37.11
C PRO K 177 10.34 3.81 38.47
N ASN K 178 9.07 3.40 38.49
CA ASN K 178 8.33 3.29 39.73
C ASN K 178 7.04 2.55 39.47
N ASP K 179 7.05 1.24 39.69
CA ASP K 179 5.89 0.41 39.36
C ASP K 179 4.84 0.37 40.48
N LYS K 180 5.19 0.92 41.64
CA LYS K 180 4.25 1.01 42.76
C LYS K 180 3.24 2.17 42.61
N VAL K 181 3.33 2.92 41.52
CA VAL K 181 2.59 4.15 41.40
C VAL K 181 1.80 4.08 40.10
N SER K 182 0.56 4.58 40.10
CA SER K 182 -0.35 4.38 38.97
C SER K 182 -0.24 5.48 37.91
N ASP K 183 -0.78 5.24 36.72
CA ASP K 183 -0.79 6.24 35.68
C ASP K 183 -1.55 7.50 36.08
N LYS K 184 -2.64 7.33 36.83
CA LYS K 184 -3.39 8.49 37.36
C LYS K 184 -2.49 9.39 38.21
N GLU K 185 -1.61 8.78 39.00
CA GLU K 185 -0.68 9.53 39.86
C GLU K 185 0.48 10.14 39.06
N ILE K 186 0.90 9.49 37.98
CA ILE K 186 1.87 10.08 37.05
C ILE K 186 1.30 11.32 36.38
N VAL K 187 0.03 11.25 35.98
CA VAL K 187 -0.69 12.40 35.41
C VAL K 187 -0.67 13.61 36.34
N ALA K 188 -1.02 13.40 37.61
CA ALA K 188 -0.98 14.46 38.61
C ALA K 188 0.45 14.98 38.81
N TYR K 189 1.39 14.06 38.91
CA TYR K 189 2.83 14.40 38.99
C TYR K 189 3.30 15.30 37.83
N LEU K 190 2.94 14.94 36.61
CA LEU K 190 3.33 15.75 35.45
C LEU K 190 2.62 17.11 35.35
N ARG K 191 1.34 17.17 35.76
CA ARG K 191 0.64 18.45 35.86
C ARG K 191 1.31 19.36 36.86
N GLU K 192 1.67 18.80 38.01
CA GLU K 192 2.31 19.62 39.03
C GLU K 192 3.61 20.22 38.48
N LEU K 193 4.39 19.40 37.77
CA LEU K 193 5.63 19.88 37.17
C LEU K 193 5.40 20.93 36.09
N ARG K 194 4.27 20.87 35.38
CA ARG K 194 3.94 21.97 34.48
C ARG K 194 3.64 23.28 35.26
N GLU K 195 2.89 23.20 36.37
CA GLU K 195 2.69 24.36 37.26
C GLU K 195 4.03 25.01 37.64
N VAL K 196 4.97 24.18 38.09
CA VAL K 196 6.28 24.67 38.56
C VAL K 196 7.12 25.29 37.42
N ILE K 197 7.08 24.65 36.25
CA ILE K 197 7.82 25.15 35.09
C ILE K 197 7.21 26.45 34.56
N GLY K 198 5.88 26.55 34.56
CA GLY K 198 5.23 27.70 33.97
C GLY K 198 5.05 27.52 32.47
N TRP K 199 4.61 28.58 31.82
CA TRP K 199 4.23 28.55 30.42
C TRP K 199 5.20 29.31 29.53
N ASP K 200 6.38 29.63 30.05
CA ASP K 200 7.39 30.33 29.25
C ASP K 200 8.55 29.48 28.75
N MET K 201 8.66 28.24 29.21
CA MET K 201 9.67 27.30 28.70
C MET K 201 8.93 26.11 28.07
N ASP K 202 9.56 25.45 27.09
CA ASP K 202 9.04 24.18 26.58
C ASP K 202 9.31 23.08 27.61
N MET K 203 8.35 22.17 27.77
CA MET K 203 8.51 21.04 28.70
C MET K 203 8.55 19.70 27.94
N MET K 204 9.66 18.98 28.10
CA MET K 204 9.76 17.63 27.56
C MET K 204 9.69 16.61 28.70
N VAL K 205 9.25 15.41 28.37
CA VAL K 205 9.16 14.34 29.35
C VAL K 205 9.87 13.09 28.84
N ASP K 206 10.80 12.58 29.67
CA ASP K 206 11.42 11.27 29.48
C ASP K 206 10.72 10.24 30.38
N CYS K 207 10.09 9.25 29.75
CA CYS K 207 9.27 8.30 30.47
C CYS K 207 10.12 7.17 31.03
N LEU K 208 11.38 7.10 30.59
CA LEU K 208 12.26 6.02 31.05
C LEU K 208 11.63 4.62 30.91
N TYR K 209 10.90 4.40 29.82
CA TYR K 209 10.43 3.07 29.42
C TYR K 209 9.38 2.48 30.37
N ARG K 210 8.55 3.35 30.91
CA ARG K 210 7.49 2.92 31.83
C ARG K 210 6.48 1.98 31.17
N TRP K 211 6.03 2.31 29.97
CA TRP K 211 4.88 1.60 29.41
C TRP K 211 5.25 0.43 28.52
N THR K 212 4.37 -0.57 28.49
CA THR K 212 4.51 -1.65 27.53
C THR K 212 3.29 -1.65 26.58
N ASP K 213 2.12 -1.30 27.11
CA ASP K 213 0.88 -1.26 26.34
C ASP K 213 0.62 0.14 25.76
N TRP K 214 0.65 0.31 24.43
CA TRP K 214 0.49 1.66 23.87
C TRP K 214 -0.85 2.34 24.24
N GLN K 215 -1.89 1.54 24.45
CA GLN K 215 -3.17 2.11 24.85
C GLN K 215 -3.15 2.70 26.26
N LYS K 216 -2.23 2.21 27.10
CA LYS K 216 -2.11 2.72 28.45
C LYS K 216 -1.34 4.04 28.46
N ALA K 217 -0.29 4.10 27.66
CA ALA K 217 0.38 5.37 27.35
C ALA K 217 -0.61 6.34 26.71
N ARG K 218 -1.43 5.85 25.78
CA ARG K 218 -2.42 6.70 25.12
C ARG K 218 -3.35 7.37 26.11
N TRP K 219 -3.78 6.62 27.12
CA TRP K 219 -4.69 7.15 28.14
C TRP K 219 -3.99 8.25 28.91
N THR K 220 -2.76 7.98 29.34
CA THR K 220 -2.01 8.94 30.12
C THR K 220 -1.81 10.26 29.39
N PHE K 221 -1.39 10.20 28.13
CA PHE K 221 -1.02 11.42 27.44
C PHE K 221 -2.21 12.16 26.84
N ARG K 222 -3.32 11.44 26.73
CA ARG K 222 -4.61 12.08 26.53
C ARG K 222 -4.99 12.97 27.73
N GLN K 223 -4.81 12.48 28.96
CA GLN K 223 -5.12 13.32 30.12
C GLN K 223 -4.26 14.60 30.12
N LEU K 224 -3.06 14.50 29.57
CA LEU K 224 -2.06 15.54 29.69
C LEU K 224 -2.00 16.50 28.51
N GLU K 225 -3.00 16.45 27.62
CA GLU K 225 -2.96 17.29 26.42
C GLU K 225 -2.89 18.76 26.81
N ASP K 226 -3.55 19.12 27.92
CA ASP K 226 -3.58 20.52 28.34
C ASP K 226 -2.32 21.02 29.06
N ILE K 227 -1.36 20.15 29.37
CA ILE K 227 -0.04 20.67 29.78
C ILE K 227 0.91 20.90 28.60
N ASP K 228 0.52 20.44 27.41
CA ASP K 228 1.18 20.85 26.16
C ASP K 228 2.65 20.43 26.06
N LEU K 229 2.91 19.16 26.28
CA LEU K 229 4.26 18.62 26.20
C LEU K 229 4.85 18.87 24.80
N TYR K 230 6.12 19.27 24.76
CA TYR K 230 6.82 19.50 23.50
C TYR K 230 7.18 18.16 22.81
N PHE K 231 7.61 17.19 23.63
CA PHE K 231 7.79 15.81 23.16
C PHE K 231 7.75 14.81 24.33
N ILE K 232 7.49 13.55 23.97
CA ILE K 232 7.44 12.42 24.89
C ILE K 232 8.43 11.33 24.47
N GLU K 233 9.39 11.05 25.35
CA GLU K 233 10.57 10.23 25.05
C GLU K 233 10.48 8.89 25.79
N ALA K 234 11.00 7.83 25.17
CA ALA K 234 11.23 6.53 25.83
C ALA K 234 9.95 6.02 26.46
N CYS K 235 8.85 6.27 25.76
CA CYS K 235 7.53 5.95 26.31
C CYS K 235 7.25 4.43 26.37
N LEU K 236 7.59 3.73 25.29
CA LEU K 236 7.33 2.30 25.18
C LEU K 236 8.63 1.53 25.06
N GLN K 237 8.54 0.20 25.05
CA GLN K 237 9.75 -0.61 25.01
C GLN K 237 10.44 -0.37 23.66
N HIS K 238 11.77 -0.29 23.72
CA HIS K 238 12.59 0.14 22.58
C HIS K 238 12.40 -0.73 21.30
N ASP K 239 12.11 -2.01 21.46
CA ASP K 239 11.94 -2.93 20.33
C ASP K 239 10.55 -2.85 19.73
N ASP K 240 9.65 -2.15 20.41
CA ASP K 240 8.26 -2.20 20.01
C ASP K 240 7.88 -1.10 19.03
N LEU K 241 8.26 -1.31 17.77
CA LEU K 241 8.03 -0.31 16.74
C LEU K 241 6.55 -0.08 16.45
N ILE K 242 5.78 -1.17 16.43
CA ILE K 242 4.37 -1.09 16.07
C ILE K 242 3.55 -0.31 17.11
N GLY K 243 3.85 -0.52 18.38
CA GLY K 243 3.24 0.28 19.44
C GLY K 243 3.57 1.77 19.34
N HIS K 244 4.82 2.10 19.09
CA HIS K 244 5.21 3.50 18.86
C HIS K 244 4.42 4.11 17.71
N GLN K 245 4.30 3.38 16.60
CA GLN K 245 3.58 3.95 15.46
C GLN K 245 2.13 4.18 15.81
N LYS K 246 1.53 3.30 16.59
CA LYS K 246 0.13 3.50 16.95
C LYS K 246 -0.03 4.70 17.90
N LEU K 247 0.87 4.79 18.89
CA LEU K 247 0.86 5.93 19.81
C LEU K 247 1.16 7.28 19.13
N ALA K 248 2.13 7.31 18.21
CA ALA K 248 2.45 8.56 17.52
C ALA K 248 1.26 9.07 16.72
N ALA K 249 0.50 8.15 16.13
CA ALA K 249 -0.65 8.55 15.31
C ALA K 249 -1.82 9.03 16.18
N ALA K 250 -2.00 8.41 17.35
CA ALA K 250 -3.04 8.79 18.32
C ALA K 250 -2.84 10.14 19.01
N ILE K 251 -1.64 10.41 19.50
CA ILE K 251 -1.37 11.61 20.30
C ILE K 251 -1.27 12.87 19.43
N ASN K 252 -1.09 14.01 20.07
CA ASN K 252 -1.06 15.27 19.34
C ASN K 252 0.24 16.09 19.47
N THR K 253 1.31 15.45 19.96
CA THR K 253 2.64 16.05 19.89
C THR K 253 3.66 15.12 19.29
N ARG K 254 4.92 15.44 19.63
CA ARG K 254 6.09 14.75 19.11
C ARG K 254 6.34 13.55 20.00
N LEU K 255 6.41 12.37 19.36
CA LEU K 255 6.88 11.17 20.01
C LEU K 255 8.35 11.01 19.62
N CYS K 256 9.20 10.64 20.58
CA CYS K 256 10.63 10.39 20.35
C CYS K 256 10.93 8.89 20.29
N GLY K 257 12.10 8.55 19.76
CA GLY K 257 12.53 7.15 19.70
C GLY K 257 14.00 6.99 19.33
N ALA K 258 14.49 5.74 19.38
CA ALA K 258 15.83 5.39 18.92
C ALA K 258 16.94 5.84 19.87
N GLU K 259 16.60 6.07 21.14
CA GLU K 259 17.59 6.51 22.13
C GLU K 259 18.72 5.50 22.30
N MET K 260 18.37 4.22 22.26
CA MET K 260 19.36 3.16 22.46
C MET K 260 19.83 2.51 21.13
N SER K 261 19.30 2.96 20.01
CA SER K 261 19.67 2.35 18.72
C SER K 261 21.11 2.66 18.29
N THR K 262 21.65 1.84 17.39
CA THR K 262 22.92 2.15 16.74
C THR K 262 22.77 2.09 15.23
N THR K 263 23.58 2.87 14.53
CA THR K 263 23.60 2.98 13.08
C THR K 263 22.38 3.67 12.49
N ARG K 264 22.59 4.21 11.29
CA ARG K 264 21.56 4.83 10.49
C ARG K 264 20.46 3.87 10.04
N PHE K 265 20.77 2.58 9.95
CA PHE K 265 19.79 1.59 9.47
C PHE K 265 18.62 1.44 10.45
N GLU K 266 18.95 1.35 11.74
CA GLU K 266 17.92 1.40 12.79
C GLU K 266 17.17 2.74 12.85
N ALA K 267 17.90 3.86 12.79
CA ALA K 267 17.28 5.18 12.82
C ALA K 267 16.27 5.29 11.69
N GLN K 268 16.69 4.86 10.51
CA GLN K 268 15.83 4.90 9.35
C GLN K 268 14.60 4.01 9.51
N GLU K 269 14.77 2.84 10.14
CA GLU K 269 13.67 1.92 10.42
C GLU K 269 12.65 2.50 11.40
N TRP K 270 13.12 3.07 12.49
CA TRP K 270 12.23 3.87 13.36
C TRP K 270 11.42 4.89 12.56
N LEU K 271 12.11 5.70 11.78
CA LEU K 271 11.45 6.81 11.10
C LEU K 271 10.34 6.34 10.18
N GLU K 272 10.63 5.28 9.42
CA GLU K 272 9.77 4.75 8.37
C GLU K 272 8.54 4.05 8.96
N LYS K 273 8.78 3.27 10.01
CA LYS K 273 7.76 2.39 10.56
C LYS K 273 6.92 3.09 11.64
N THR K 274 7.47 4.08 12.33
CA THR K 274 6.75 4.65 13.47
C THR K 274 6.31 6.10 13.30
N GLY K 275 6.96 6.86 12.42
CA GLY K 275 6.69 8.28 12.30
C GLY K 275 7.08 9.10 13.53
N ILE K 276 8.04 8.63 14.33
CA ILE K 276 8.52 9.46 15.42
C ILE K 276 8.96 10.80 14.84
N SER K 277 8.80 11.87 15.63
CA SER K 277 9.17 13.19 15.18
C SER K 277 10.54 13.61 15.72
N VAL K 278 11.06 12.86 16.68
CA VAL K 278 12.37 13.17 17.26
C VAL K 278 13.24 11.92 17.34
N VAL K 279 14.37 11.94 16.66
CA VAL K 279 15.30 10.81 16.69
C VAL K 279 16.40 11.11 17.70
N GLN K 280 16.71 10.14 18.57
CA GLN K 280 17.65 10.37 19.69
C GLN K 280 18.93 9.51 19.69
N SER K 281 19.31 8.98 18.53
CA SER K 281 20.62 8.32 18.40
C SER K 281 21.74 9.06 19.15
N ASP K 282 22.49 8.31 19.96
CA ASP K 282 23.49 8.83 20.88
C ASP K 282 24.88 9.03 20.22
N TYR K 283 25.52 10.17 20.53
CA TYR K 283 26.91 10.48 20.13
C TYR K 283 27.93 9.38 20.42
N ASN K 284 27.84 8.77 21.59
CA ASN K 284 28.81 7.73 21.92
C ASN K 284 28.29 6.31 21.75
N ARG K 285 27.26 6.17 20.93
CA ARG K 285 26.64 4.86 20.72
C ARG K 285 26.43 4.51 19.26
N CYS K 286 25.79 5.43 18.52
CA CYS K 286 25.17 5.05 17.26
C CYS K 286 26.19 4.87 16.14
N GLY K 287 27.41 5.35 16.36
CA GLY K 287 28.43 5.32 15.31
C GLY K 287 29.22 6.61 15.30
N GLY K 288 28.73 7.62 16.01
CA GLY K 288 29.46 8.88 16.21
C GLY K 288 29.00 9.98 15.26
N VAL K 289 29.74 11.08 15.24
CA VAL K 289 29.35 12.24 14.43
C VAL K 289 29.12 11.87 12.97
N THR K 290 30.03 11.09 12.40
CA THR K 290 29.98 10.77 10.98
C THR K 290 28.67 10.08 10.61
N GLU K 291 28.22 9.18 11.48
CA GLU K 291 26.94 8.51 11.29
C GLU K 291 25.74 9.44 11.64
N LEU K 292 25.86 10.27 12.68
CA LEU K 292 24.79 11.24 12.98
C LEU K 292 24.55 12.21 11.83
N LEU K 293 25.62 12.58 11.14
CA LEU K 293 25.50 13.43 9.98
C LEU K 293 24.65 12.76 8.89
N ARG K 294 24.77 11.43 8.78
CA ARG K 294 23.96 10.69 7.83
C ARG K 294 22.52 10.56 8.32
N ILE K 295 22.36 10.35 9.62
CA ILE K 295 21.04 10.24 10.21
C ILE K 295 20.32 11.58 10.10
N MET K 296 21.10 12.67 10.15
CA MET K 296 20.55 14.02 10.00
C MET K 296 19.86 14.18 8.64
N ASP K 297 20.51 13.70 7.58
CA ASP K 297 19.96 13.83 6.22
C ASP K 297 18.66 13.05 6.03
N ILE K 298 18.59 11.90 6.67
CA ILE K 298 17.39 11.08 6.66
C ILE K 298 16.24 11.68 7.48
N CYS K 299 16.57 12.28 8.63
CA CYS K 299 15.57 13.04 9.40
C CYS K 299 14.99 14.19 8.58
N GLU K 300 15.85 14.89 7.84
CA GLU K 300 15.39 16.01 7.04
C GLU K 300 14.33 15.54 6.04
N HIS K 301 14.56 14.37 5.43
CA HIS K 301 13.60 13.83 4.46
C HIS K 301 12.25 13.54 5.11
N HIS K 302 12.27 13.05 6.35
CA HIS K 302 11.05 12.69 7.04
C HIS K 302 10.46 13.86 7.86
N ASN K 303 11.08 15.03 7.74
CA ASN K 303 10.73 16.22 8.56
C ASN K 303 10.66 15.91 10.05
N ALA K 304 11.57 15.06 10.50
CA ALA K 304 11.78 14.77 11.91
C ALA K 304 12.99 15.56 12.40
N GLN K 305 13.00 15.87 13.70
CA GLN K 305 14.14 16.49 14.36
C GLN K 305 15.12 15.44 14.84
N LEU K 306 16.40 15.81 14.92
CA LEU K 306 17.43 14.93 15.47
C LEU K 306 18.00 15.59 16.74
N MET K 307 17.82 14.94 17.88
CA MET K 307 18.30 15.45 19.17
C MET K 307 19.04 14.34 19.91
N PRO K 308 20.33 14.16 19.59
CA PRO K 308 21.00 12.95 20.07
C PRO K 308 21.08 12.91 21.59
N HIS K 309 20.85 11.73 22.15
CA HIS K 309 20.95 11.51 23.59
C HIS K 309 22.33 11.99 24.07
N ASN K 310 22.32 12.78 25.13
CA ASN K 310 23.53 13.44 25.61
C ASN K 310 23.62 13.40 27.14
N TRP K 311 24.14 12.29 27.65
CA TRP K 311 24.33 12.14 29.09
C TRP K 311 25.58 11.34 29.36
N LYS K 312 26.71 12.03 29.28
CA LYS K 312 28.01 11.41 29.53
C LYS K 312 28.85 12.47 30.22
N THR K 313 29.90 12.91 29.56
CA THR K 313 30.86 13.80 30.16
C THR K 313 30.98 15.07 29.34
N GLY K 314 31.84 15.98 29.78
CA GLY K 314 32.10 17.21 29.06
C GLY K 314 32.65 16.97 27.67
N ILE K 315 33.26 15.81 27.48
CA ILE K 315 33.78 15.42 26.17
C ILE K 315 32.67 15.31 25.13
N THR K 316 31.63 14.55 25.46
CA THR K 316 30.43 14.50 24.62
C THR K 316 29.71 15.85 24.59
N ALA K 317 29.66 16.55 25.71
CA ALA K 317 29.13 17.92 25.69
C ALA K 317 29.73 18.78 24.56
N ALA K 318 31.04 18.77 24.42
CA ALA K 318 31.73 19.47 23.32
C ALA K 318 31.29 19.02 21.93
N ALA K 319 31.09 17.72 21.74
CA ALA K 319 30.61 17.22 20.47
C ALA K 319 29.22 17.75 20.18
N ALA K 320 28.35 17.76 21.20
CA ALA K 320 27.00 18.28 21.03
C ALA K 320 26.97 19.77 20.77
N ARG K 321 27.97 20.49 21.28
CA ARG K 321 28.06 21.90 20.94
C ARG K 321 28.32 22.10 19.45
N HIS K 322 29.27 21.34 18.90
CA HIS K 322 29.64 21.48 17.50
C HIS K 322 28.58 20.91 16.57
N PHE K 323 28.07 19.75 16.91
CA PHE K 323 26.98 19.16 16.14
C PHE K 323 25.68 19.98 16.24
N GLY K 324 25.37 20.46 17.43
CA GLY K 324 24.21 21.32 17.61
C GLY K 324 24.18 22.52 16.69
N ILE K 325 25.34 23.15 16.49
CA ILE K 325 25.36 24.37 15.67
C ILE K 325 25.25 24.09 14.18
N VAL K 326 25.43 22.81 13.83
CA VAL K 326 25.38 22.33 12.44
C VAL K 326 23.99 21.75 12.14
N CYS K 327 23.36 21.19 13.16
CA CYS K 327 22.11 20.48 12.96
C CYS K 327 20.93 21.44 12.84
N HIS K 328 20.80 22.07 11.66
CA HIS K 328 19.77 23.09 11.42
C HIS K 328 18.31 22.59 11.47
N ILE K 329 18.09 21.30 11.28
CA ILE K 329 16.70 20.81 11.33
C ILE K 329 16.20 20.75 12.78
N SER K 330 17.08 21.04 13.74
CA SER K 330 16.73 20.84 15.14
C SER K 330 16.67 22.17 15.91
N GLU K 331 15.51 22.47 16.47
CA GLU K 331 15.28 23.68 17.25
C GLU K 331 16.11 23.69 18.56
N TYR K 332 16.19 22.53 19.20
CA TYR K 332 17.00 22.33 20.40
C TYR K 332 17.88 21.11 20.22
N VAL K 333 18.89 20.95 21.08
CA VAL K 333 19.45 19.61 21.31
C VAL K 333 19.59 19.32 22.79
N GLU K 334 19.69 18.03 23.14
CA GLU K 334 19.81 17.66 24.55
C GLU K 334 21.12 18.10 25.14
N TYR K 335 21.06 18.59 26.38
CA TYR K 335 22.26 19.08 27.05
C TYR K 335 22.27 18.75 28.54
N LEU K 336 23.34 18.10 28.97
CA LEU K 336 23.64 17.91 30.37
C LEU K 336 24.67 18.97 30.78
N HIS K 337 24.25 19.94 31.57
CA HIS K 337 25.11 21.05 31.99
C HIS K 337 25.42 20.96 33.48
N PRO K 338 26.67 21.28 33.86
CA PRO K 338 27.10 21.21 35.28
C PRO K 338 26.18 21.94 36.26
N ASP K 339 25.48 22.96 35.79
CA ASP K 339 24.59 23.74 36.66
C ASP K 339 23.45 22.88 37.20
N PHE K 340 23.19 21.77 36.51
CA PHE K 340 21.97 20.97 36.74
C PHE K 340 22.20 19.57 37.21
N TRP K 341 23.44 19.24 37.51
CA TRP K 341 23.82 17.88 37.89
C TRP K 341 25.17 17.86 38.55
N ASN K 342 25.28 17.10 39.64
CA ASN K 342 26.50 17.11 40.45
C ASN K 342 27.42 15.91 40.31
N GLY K 343 27.24 15.12 39.25
CA GLY K 343 28.11 13.98 39.04
C GLY K 343 29.57 14.39 39.04
N THR K 344 30.44 13.57 39.63
CA THR K 344 31.86 13.85 39.72
C THR K 344 32.47 14.12 38.34
N LEU K 345 32.13 13.28 37.36
CA LEU K 345 32.72 13.42 36.04
C LEU K 345 32.20 14.67 35.37
N THR K 346 30.92 14.95 35.57
CA THR K 346 30.33 16.16 35.02
C THR K 346 31.02 17.40 35.60
N GLN K 347 31.40 17.35 36.87
CA GLN K 347 31.95 18.54 37.53
C GLN K 347 33.46 18.73 37.31
N GLN K 348 34.19 17.62 37.19
CA GLN K 348 35.65 17.68 37.32
C GLN K 348 36.43 17.26 36.08
N LEU K 349 35.84 16.47 35.21
CA LEU K 349 36.61 15.88 34.12
C LEU K 349 37.07 16.93 33.11
N THR K 350 36.23 17.92 32.87
CA THR K 350 36.59 18.97 31.91
C THR K 350 36.63 20.32 32.61
N LEU K 351 37.43 21.23 32.05
CA LEU K 351 37.58 22.56 32.62
C LEU K 351 36.87 23.61 31.80
N ASN K 352 36.43 24.66 32.49
CA ASN K 352 35.95 25.86 31.81
C ASN K 352 34.76 25.65 30.87
N GLU K 353 33.77 24.90 31.34
CA GLU K 353 32.53 24.68 30.57
C GLU K 353 31.84 26.01 30.31
N PRO K 354 31.42 26.24 29.06
CA PRO K 354 30.75 27.48 28.73
C PRO K 354 29.50 27.63 29.58
N LYS K 355 29.16 28.87 29.89
CA LYS K 355 28.07 29.17 30.80
C LYS K 355 26.79 29.31 29.97
N ILE K 356 25.65 28.97 30.59
CA ILE K 356 24.37 29.27 29.98
C ILE K 356 24.03 30.75 30.08
N ILE K 357 23.89 31.40 28.93
CA ILE K 357 23.48 32.80 28.90
C ILE K 357 22.21 33.02 28.07
N ASP K 358 21.17 33.57 28.71
CA ASP K 358 19.85 33.72 28.09
C ASP K 358 19.42 32.42 27.39
N GLY K 359 19.73 31.29 28.02
CA GLY K 359 19.34 29.98 27.51
C GLY K 359 20.20 29.46 26.37
N ALA K 360 21.23 30.21 25.99
CA ALA K 360 22.12 29.79 24.90
C ALA K 360 23.50 29.45 25.43
N ILE K 361 24.24 28.63 24.68
CA ILE K 361 25.63 28.42 25.00
C ILE K 361 26.54 28.63 23.78
N GLU K 362 27.54 29.49 23.94
CA GLU K 362 28.47 29.79 22.85
C GLU K 362 29.26 28.55 22.45
N VAL K 363 29.39 28.35 21.14
CA VAL K 363 30.30 27.35 20.58
C VAL K 363 31.55 28.07 20.09
N SER K 364 32.71 27.77 20.66
CA SER K 364 33.91 28.53 20.37
C SER K 364 34.59 28.05 19.07
N ASP K 365 35.38 28.92 18.45
CA ASP K 365 36.17 28.50 17.30
C ASP K 365 37.55 27.95 17.69
N LYS K 366 37.70 27.51 18.93
CA LYS K 366 38.86 26.72 19.34
C LYS K 366 38.99 25.47 18.47
N PRO K 367 40.21 25.17 18.00
CA PRO K 367 40.40 24.02 17.11
C PRO K 367 39.84 22.72 17.71
N GLY K 368 39.34 21.83 16.85
CA GLY K 368 38.77 20.57 17.30
C GLY K 368 37.49 20.75 18.08
N LEU K 369 37.26 19.89 19.07
CA LEU K 369 36.03 19.98 19.85
C LEU K 369 36.14 21.08 20.90
N GLY K 370 37.35 21.61 21.07
CA GLY K 370 37.58 22.67 22.03
C GLY K 370 37.42 22.15 23.45
N ILE K 371 37.84 20.91 23.66
CA ILE K 371 37.79 20.31 24.98
C ILE K 371 39.00 20.73 25.77
N GLU K 372 38.77 21.13 27.01
CA GLU K 372 39.85 21.40 27.94
C GLU K 372 39.79 20.36 29.07
N LEU K 373 40.63 19.34 28.97
CA LEU K 373 40.56 18.21 29.88
C LEU K 373 41.27 18.56 31.18
N ASN K 374 40.71 18.12 32.30
CA ASN K 374 41.37 18.24 33.59
C ASN K 374 42.42 17.14 33.76
N ILE K 375 43.58 17.37 33.16
CA ILE K 375 44.65 16.38 33.12
C ILE K 375 44.98 15.82 34.51
N GLU K 376 45.11 16.72 35.48
CA GLU K 376 45.41 16.29 36.85
C GLU K 376 44.40 15.29 37.42
N PHE K 377 43.11 15.58 37.26
CA PHE K 377 42.04 14.67 37.65
C PHE K 377 42.18 13.30 37.00
N VAL K 378 42.34 13.27 35.68
CA VAL K 378 42.47 12.02 34.95
C VAL K 378 43.68 11.20 35.40
N GLU K 379 44.82 11.87 35.61
CA GLU K 379 46.01 11.20 36.09
C GLU K 379 45.83 10.64 37.50
N GLN K 380 45.11 11.36 38.35
CA GLN K 380 44.78 10.89 39.68
C GLN K 380 43.79 9.73 39.68
N VAL K 381 42.82 9.76 38.77
CA VAL K 381 41.80 8.72 38.76
C VAL K 381 42.24 7.42 38.08
N THR K 382 42.97 7.53 36.97
CA THR K 382 43.50 6.34 36.30
C THR K 382 44.71 5.75 37.02
N GLY K 383 45.54 6.63 37.59
CA GLY K 383 46.79 6.23 38.21
C GLY K 383 47.96 6.35 37.25
N HIS K 384 47.64 6.46 35.95
CA HIS K 384 48.66 6.52 34.92
C HIS K 384 48.88 7.96 34.44
N LYS K 385 50.09 8.25 33.99
CA LYS K 385 50.42 9.52 33.35
C LYS K 385 49.71 9.69 32.00
N PHE K 386 49.30 10.92 31.70
CA PHE K 386 48.54 11.16 30.49
C PHE K 386 49.38 11.90 29.46
N ALA L 5 -2.71 34.68 -38.97
CA ALA L 5 -1.36 34.89 -39.59
C ALA L 5 -0.33 34.38 -38.61
N ASN L 6 0.88 34.10 -39.09
CA ASN L 6 1.89 33.44 -38.28
C ASN L 6 2.68 34.44 -37.46
N ILE L 7 3.34 33.94 -36.43
CA ILE L 7 4.17 34.74 -35.55
C ILE L 7 5.46 35.16 -36.26
N VAL L 8 5.84 36.40 -36.02
CA VAL L 8 6.96 36.98 -36.74
C VAL L 8 8.11 37.31 -35.77
N SER L 9 7.77 37.66 -34.54
CA SER L 9 8.80 38.04 -33.58
C SER L 9 8.37 37.82 -32.12
N VAL L 10 9.37 37.76 -31.25
CA VAL L 10 9.15 37.59 -29.82
C VAL L 10 10.19 38.44 -29.13
N GLU L 11 9.72 39.36 -28.28
CA GLU L 11 10.59 40.23 -27.50
C GLU L 11 10.35 40.05 -26.00
N PHE L 12 11.43 39.91 -25.26
CA PHE L 12 11.40 40.01 -23.81
C PHE L 12 11.86 41.40 -23.47
N ILE L 13 10.99 42.20 -22.86
CA ILE L 13 11.28 43.59 -22.56
C ILE L 13 11.40 43.81 -21.05
N PRO L 14 12.63 43.91 -20.54
CA PRO L 14 12.84 44.17 -19.12
C PRO L 14 12.26 45.51 -18.66
N VAL L 15 11.51 45.46 -17.57
CA VAL L 15 10.98 46.66 -16.97
C VAL L 15 11.48 46.68 -15.53
N ASN L 16 12.42 47.56 -15.26
CA ASN L 16 12.97 47.70 -13.93
C ASN L 16 12.75 49.14 -13.46
N VAL L 17 11.93 49.30 -12.42
CA VAL L 17 11.73 50.62 -11.82
C VAL L 17 12.50 50.76 -10.50
N ALA L 18 13.01 51.95 -10.25
CA ALA L 18 13.66 52.29 -8.98
C ALA L 18 12.67 52.91 -7.99
N SER L 23 11.79 45.56 -4.93
CA SER L 23 12.16 46.09 -6.23
C SER L 23 11.07 45.78 -7.27
N GLU L 24 10.35 46.82 -7.70
CA GLU L 24 9.26 46.68 -8.68
C GLU L 24 9.80 46.32 -10.07
N ASN L 25 9.63 45.06 -10.47
CA ASN L 25 10.03 44.70 -11.83
C ASN L 25 9.26 43.57 -12.52
N THR L 26 9.31 43.59 -13.83
CA THR L 26 8.73 42.52 -14.63
C THR L 26 9.48 42.36 -15.96
N VAL L 27 9.16 41.26 -16.66
CA VAL L 27 9.59 41.08 -18.02
C VAL L 27 8.32 40.97 -18.87
N ILE L 28 8.09 41.96 -19.71
CA ILE L 28 6.97 41.95 -20.66
C ILE L 28 7.34 41.13 -21.89
N VAL L 29 6.49 40.19 -22.26
CA VAL L 29 6.75 39.36 -23.44
C VAL L 29 5.81 39.80 -24.54
N LYS L 30 6.38 40.22 -25.67
CA LYS L 30 5.58 40.75 -26.76
C LYS L 30 5.70 39.88 -28.00
N VAL L 31 4.60 39.26 -28.41
CA VAL L 31 4.56 38.40 -29.61
C VAL L 31 3.78 39.07 -30.74
N THR L 32 4.43 39.22 -31.89
CA THR L 32 3.88 39.94 -33.03
C THR L 32 3.76 39.04 -34.27
N ASP L 33 2.61 39.10 -34.93
CA ASP L 33 2.37 38.30 -36.12
C ASP L 33 2.65 39.08 -37.43
N GLU L 34 2.36 38.44 -38.56
CA GLU L 34 2.69 38.97 -39.88
C GLU L 34 1.98 40.29 -40.15
N ASN L 35 0.81 40.46 -39.55
CA ASN L 35 0.00 41.65 -39.78
C ASN L 35 0.31 42.77 -38.80
N GLY L 36 1.33 42.57 -37.97
CA GLY L 36 1.66 43.56 -36.94
C GLY L 36 0.78 43.54 -35.68
N VAL L 37 -0.16 42.62 -35.58
CA VAL L 37 -0.96 42.46 -34.35
C VAL L 37 -0.06 41.86 -33.27
N TYR L 38 -0.20 42.28 -32.02
CA TYR L 38 0.60 41.63 -30.97
C TYR L 38 -0.21 41.12 -29.81
N GLY L 39 0.38 40.20 -29.06
CA GLY L 39 -0.15 39.82 -27.77
C GLY L 39 0.89 40.11 -26.71
N LEU L 40 0.43 40.21 -25.46
CA LEU L 40 1.30 40.52 -24.32
C LEU L 40 1.16 39.46 -23.25
N GLY L 41 2.29 39.02 -22.71
CA GLY L 41 2.33 38.22 -21.48
C GLY L 41 3.47 38.71 -20.61
N GLU L 42 3.67 38.08 -19.46
CA GLU L 42 4.86 38.40 -18.71
C GLU L 42 5.48 37.18 -18.08
N ALA L 43 6.80 37.23 -17.96
CA ALA L 43 7.57 36.14 -17.39
C ALA L 43 8.11 36.57 -16.04
N ASP L 44 8.16 35.63 -15.11
CA ASP L 44 8.79 35.85 -13.81
C ASP L 44 10.28 35.73 -14.05
N GLY L 45 11.06 36.22 -13.08
CA GLY L 45 12.51 36.13 -13.11
C GLY L 45 13.17 37.50 -13.13
N PRO L 46 14.48 37.55 -12.87
CA PRO L 46 15.27 38.78 -12.92
C PRO L 46 15.37 39.30 -14.37
N PRO L 47 14.84 40.51 -14.60
CA PRO L 47 14.52 40.97 -15.95
C PRO L 47 15.66 40.86 -16.96
N GLU L 48 16.86 41.31 -16.60
CA GLU L 48 17.93 41.28 -17.60
C GLU L 48 18.34 39.83 -17.87
N CYS L 49 18.36 39.02 -16.83
CA CYS L 49 18.67 37.59 -16.98
C CYS L 49 17.70 36.92 -17.96
N MET L 50 16.40 37.21 -17.81
CA MET L 50 15.40 36.62 -18.67
C MET L 50 15.53 37.09 -20.12
N LYS L 51 15.97 38.34 -20.33
CA LYS L 51 16.30 38.82 -21.66
C LYS L 51 17.41 37.95 -22.29
N ALA L 52 18.51 37.78 -21.54
CA ALA L 52 19.61 36.91 -21.97
C ALA L 52 19.15 35.48 -22.29
N PHE L 53 18.26 34.92 -21.45
CA PHE L 53 17.74 33.58 -21.70
C PHE L 53 17.07 33.52 -23.06
N SER L 54 16.33 34.58 -23.40
CA SER L 54 15.52 34.64 -24.62
C SER L 54 16.36 34.88 -25.87
N GLU L 55 17.61 35.27 -25.67
CA GLU L 55 18.46 35.71 -26.78
C GLU L 55 19.64 34.76 -27.01
N ILE L 56 19.60 33.58 -26.39
CA ILE L 56 20.71 32.62 -26.49
C ILE L 56 20.83 32.05 -27.90
N GLU L 57 22.00 31.51 -28.22
CA GLU L 57 22.22 30.83 -29.49
C GLU L 57 21.84 29.35 -29.39
N ASN L 58 21.44 28.76 -30.52
CA ASN L 58 21.21 27.32 -30.60
C ASN L 58 22.50 26.54 -30.35
N GLU L 59 22.39 25.37 -29.72
CA GLU L 59 23.57 24.54 -29.49
C GLU L 59 23.37 23.11 -29.98
N HIS L 60 22.27 22.50 -29.55
CA HIS L 60 21.97 21.12 -29.94
C HIS L 60 20.47 20.86 -29.83
N LYS L 61 20.09 19.61 -30.01
CA LYS L 61 18.68 19.21 -30.18
C LYS L 61 17.77 19.58 -28.99
N TRP L 62 18.31 19.52 -27.77
CA TRP L 62 17.55 19.85 -26.56
C TRP L 62 17.95 21.23 -25.97
N LEU L 63 18.82 21.96 -26.68
CA LEU L 63 19.19 23.34 -26.30
C LEU L 63 19.18 24.28 -27.52
N ASN L 64 18.00 24.83 -27.81
CA ASN L 64 17.80 25.87 -28.81
C ASN L 64 17.21 27.15 -28.20
N ASN L 65 17.34 28.26 -28.92
CA ASN L 65 16.63 29.49 -28.60
C ASN L 65 15.12 29.29 -28.58
N ILE L 66 14.50 29.72 -27.48
CA ILE L 66 13.11 29.41 -27.21
C ILE L 66 12.18 30.03 -28.26
N LYS L 67 12.57 31.21 -28.76
CA LYS L 67 11.74 31.91 -29.75
C LYS L 67 11.55 31.10 -31.00
N GLU L 68 12.52 30.26 -31.31
CA GLU L 68 12.53 29.52 -32.56
C GLU L 68 11.51 28.40 -32.57
N ALA L 69 11.01 28.04 -31.40
CA ALA L 69 9.93 27.08 -31.29
C ALA L 69 8.59 27.67 -31.77
N VAL L 70 8.46 28.99 -31.76
CA VAL L 70 7.19 29.64 -32.14
C VAL L 70 7.20 30.54 -33.40
N ILE L 71 8.34 31.15 -33.73
CA ILE L 71 8.42 31.95 -34.96
C ILE L 71 7.94 31.10 -36.14
N GLY L 72 7.00 31.65 -36.92
CA GLY L 72 6.52 30.98 -38.11
C GLY L 72 5.30 30.11 -37.84
N ARG L 73 4.91 30.02 -36.57
CA ARG L 73 3.74 29.23 -36.17
C ARG L 73 2.49 30.04 -35.94
N ASP L 74 1.36 29.34 -35.94
CA ASP L 74 0.05 29.92 -35.68
C ASP L 74 -0.18 29.92 -34.15
N PRO L 75 -0.49 31.10 -33.56
CA PRO L 75 -0.65 31.20 -32.10
C PRO L 75 -1.86 30.46 -31.53
N LEU L 76 -2.79 30.05 -32.39
CA LEU L 76 -3.96 29.26 -31.98
C LEU L 76 -3.60 27.86 -31.45
N GLU L 77 -2.45 27.34 -31.88
CA GLU L 77 -2.06 25.95 -31.59
C GLU L 77 -1.35 25.86 -30.25
N PHE L 78 -2.07 26.18 -29.17
CA PHE L 78 -1.48 26.23 -27.83
C PHE L 78 -0.71 24.97 -27.40
N ARG L 79 -1.27 23.78 -27.60
CA ARG L 79 -0.61 22.56 -27.11
C ARG L 79 0.68 22.33 -27.90
N ALA L 80 0.57 22.34 -29.22
CA ALA L 80 1.72 22.18 -30.09
C ALA L 80 2.84 23.20 -29.82
N ASN L 81 2.49 24.48 -29.60
CA ASN L 81 3.52 25.49 -29.41
C ASN L 81 4.17 25.31 -28.05
N TYR L 82 3.35 25.06 -27.03
CA TYR L 82 3.86 24.72 -25.69
C TYR L 82 4.82 23.53 -25.71
N ASN L 83 4.40 22.44 -26.32
CA ASN L 83 5.24 21.24 -26.36
C ASN L 83 6.54 21.47 -27.09
N ARG L 84 6.47 22.27 -28.16
CA ARG L 84 7.68 22.54 -28.93
C ARG L 84 8.65 23.43 -28.17
N MET L 85 8.13 24.43 -27.44
CA MET L 85 8.96 25.27 -26.59
C MET L 85 9.59 24.43 -25.49
N TYR L 86 8.79 23.57 -24.85
CA TYR L 86 9.34 22.73 -23.78
C TYR L 86 10.42 21.78 -24.29
N ASP L 87 10.12 21.08 -25.38
CA ASP L 87 11.06 20.10 -25.96
C ASP L 87 12.38 20.71 -26.44
N THR L 88 12.32 21.81 -27.18
CA THR L 88 13.55 22.34 -27.79
C THR L 88 14.44 23.01 -26.76
N THR L 89 13.91 23.20 -25.54
CA THR L 89 14.69 23.85 -24.52
C THR L 89 15.00 22.95 -23.34
N LYS L 90 14.71 21.66 -23.47
CA LYS L 90 14.80 20.72 -22.34
C LYS L 90 16.09 20.77 -21.55
N TRP L 91 17.24 20.84 -22.22
CA TRP L 91 18.52 20.86 -21.50
C TRP L 91 18.71 22.06 -20.57
N ILE L 92 18.01 23.17 -20.82
CA ILE L 92 18.16 24.34 -19.94
C ILE L 92 16.86 24.72 -19.22
N GLY L 93 15.78 24.11 -19.67
CA GLY L 93 14.47 24.31 -19.06
C GLY L 93 14.06 23.14 -18.21
N MET L 94 12.92 22.55 -18.57
CA MET L 94 12.35 21.38 -17.91
C MET L 94 11.76 21.71 -16.54
N ARG L 95 12.54 22.39 -15.73
CA ARG L 95 12.04 22.90 -14.45
C ARG L 95 12.70 24.26 -14.15
N GLY L 96 12.06 25.06 -13.31
CA GLY L 96 12.66 26.31 -12.87
C GLY L 96 12.68 27.42 -13.90
N LEU L 97 13.79 28.15 -13.94
CA LEU L 97 13.85 29.44 -14.61
C LEU L 97 13.45 29.38 -16.07
N GLY L 98 13.85 28.32 -16.76
CA GLY L 98 13.44 28.12 -18.14
C GLY L 98 11.94 28.04 -18.35
N LEU L 99 11.20 27.60 -17.33
CA LEU L 99 9.75 27.58 -17.45
C LEU L 99 9.07 28.94 -17.30
N PHE L 100 9.74 29.90 -16.65
CA PHE L 100 9.24 31.28 -16.61
C PHE L 100 9.14 31.86 -18.02
N ALA L 101 10.21 31.69 -18.79
CA ALA L 101 10.27 32.20 -20.16
C ALA L 101 9.14 31.61 -21.01
N ILE L 102 8.95 30.29 -20.93
CA ILE L 102 7.83 29.61 -21.60
C ILE L 102 6.47 30.18 -21.16
N SER L 103 6.32 30.38 -19.85
CA SER L 103 5.08 30.96 -19.26
C SER L 103 4.70 32.30 -19.88
N GLY L 104 5.69 33.20 -19.97
CA GLY L 104 5.44 34.52 -20.54
C GLY L 104 4.97 34.45 -21.98
N ILE L 105 5.62 33.61 -22.78
CA ILE L 105 5.28 33.47 -24.20
C ILE L 105 3.92 32.80 -24.35
N ASP L 106 3.69 31.71 -23.62
CA ASP L 106 2.37 31.11 -23.64
C ASP L 106 1.27 32.14 -23.32
N MET L 107 1.45 32.93 -22.28
CA MET L 107 0.45 33.96 -21.92
C MET L 107 0.18 34.89 -23.11
N ALA L 108 1.26 35.37 -23.73
CA ALA L 108 1.20 36.26 -24.88
C ALA L 108 0.47 35.61 -26.07
N LEU L 109 0.66 34.31 -26.25
CA LEU L 109 -0.01 33.58 -27.33
C LEU L 109 -1.55 33.58 -27.23
N TYR L 110 -2.07 33.48 -26.02
CA TYR L 110 -3.51 33.62 -25.80
C TYR L 110 -4.03 35.01 -26.15
N ASP L 111 -3.29 36.03 -25.73
CA ASP L 111 -3.67 37.41 -26.03
C ASP L 111 -3.64 37.58 -27.54
N LEU L 112 -2.55 37.15 -28.18
CA LEU L 112 -2.43 37.25 -29.64
C LEU L 112 -3.54 36.49 -30.37
N ALA L 113 -3.72 35.20 -30.08
CA ALA L 113 -4.75 34.42 -30.77
C ALA L 113 -6.16 35.02 -30.60
N GLY L 114 -6.49 35.48 -29.40
CA GLY L 114 -7.77 36.15 -29.19
C GLY L 114 -7.91 37.41 -30.04
N LYS L 115 -6.83 38.17 -30.14
CA LYS L 115 -6.83 39.36 -31.00
C LYS L 115 -6.99 39.07 -32.50
N GLN L 116 -6.33 38.02 -32.98
CA GLN L 116 -6.40 37.65 -34.40
C GLN L 116 -7.82 37.25 -34.79
N LEU L 117 -8.49 36.53 -33.88
CA LEU L 117 -9.80 35.95 -34.12
C LEU L 117 -10.96 36.85 -33.67
N GLY L 118 -10.66 37.89 -32.90
CA GLY L 118 -11.69 38.77 -32.36
C GLY L 118 -12.51 38.20 -31.22
N VAL L 119 -11.91 37.33 -30.39
CA VAL L 119 -12.58 36.73 -29.20
C VAL L 119 -11.78 36.89 -27.89
N PRO L 120 -12.48 36.96 -26.75
CA PRO L 120 -11.81 37.03 -25.45
C PRO L 120 -11.09 35.73 -25.16
N ALA L 121 -9.96 35.80 -24.46
CA ALA L 121 -9.13 34.61 -24.29
C ALA L 121 -9.83 33.50 -23.51
N TYR L 122 -10.76 33.82 -22.60
CA TYR L 122 -11.47 32.72 -21.88
C TYR L 122 -12.14 31.71 -22.82
N LYS L 123 -12.63 32.21 -23.96
CA LYS L 123 -13.21 31.33 -24.97
C LYS L 123 -12.18 30.36 -25.51
N LEU L 124 -10.95 30.85 -25.67
CA LEU L 124 -9.84 30.02 -26.14
C LEU L 124 -9.36 29.08 -25.06
N MET L 125 -9.77 29.34 -23.82
CA MET L 125 -9.36 28.51 -22.69
C MET L 125 -10.42 27.45 -22.33
N GLY L 126 -11.43 27.27 -23.19
CA GLY L 126 -12.52 26.33 -22.91
C GLY L 126 -13.91 26.98 -22.76
N GLY L 127 -13.96 28.27 -22.44
CA GLY L 127 -15.24 28.97 -22.29
C GLY L 127 -15.58 29.27 -20.84
N ALA L 128 -16.41 30.29 -20.62
CA ALA L 128 -16.77 30.68 -19.27
C ALA L 128 -17.63 29.61 -18.59
N GLN L 129 -17.25 29.27 -17.36
CA GLN L 129 -17.95 28.21 -16.62
C GLN L 129 -18.39 28.67 -15.24
N LYS L 130 -18.16 29.94 -14.95
CA LYS L 130 -18.82 30.53 -13.81
C LYS L 130 -19.51 31.84 -14.13
N ALA L 131 -20.53 32.15 -13.35
CA ALA L 131 -21.37 33.30 -13.58
C ALA L 131 -20.60 34.60 -13.34
N GLN L 132 -19.77 34.60 -12.31
CA GLN L 132 -19.01 35.79 -11.94
C GLN L 132 -17.63 35.40 -11.46
N LEU L 133 -16.70 36.33 -11.57
CA LEU L 133 -15.39 36.14 -10.98
C LEU L 133 -15.36 36.80 -9.61
N THR L 134 -15.23 35.97 -8.59
CA THR L 134 -15.15 36.40 -7.19
C THR L 134 -13.76 36.07 -6.66
N PRO L 135 -12.86 37.06 -6.63
CA PRO L 135 -11.50 36.78 -6.19
C PRO L 135 -11.43 36.70 -4.67
N TYR L 136 -10.30 36.22 -4.16
CA TYR L 136 -9.91 36.58 -2.81
C TYR L 136 -8.79 37.59 -2.98
N PHE L 137 -8.81 38.67 -2.20
CA PHE L 137 -7.80 39.73 -2.38
C PHE L 137 -6.65 39.59 -1.43
N THR L 138 -5.44 39.62 -1.97
CA THR L 138 -4.24 39.56 -1.17
C THR L 138 -3.90 40.93 -0.54
N LEU L 139 -3.85 40.96 0.79
CA LEU L 139 -3.49 42.19 1.50
C LEU L 139 -2.12 42.07 2.12
N TYR L 140 -1.24 42.95 1.66
CA TYR L 140 0.11 43.03 2.14
C TYR L 140 0.31 44.49 2.47
N PRO L 141 0.64 44.78 3.74
CA PRO L 141 0.72 46.16 4.18
C PRO L 141 2.10 46.77 3.85
N SER L 142 2.12 48.07 3.60
CA SER L 142 3.39 48.78 3.48
C SER L 142 3.86 49.26 4.86
N VAL L 143 4.96 48.67 5.32
CA VAL L 143 5.47 48.94 6.67
C VAL L 143 6.99 48.90 6.66
N ALA L 144 7.59 49.50 7.68
CA ALA L 144 9.04 49.49 7.82
C ALA L 144 9.52 48.08 8.12
N ALA L 145 10.76 47.78 7.74
CA ALA L 145 11.34 46.50 8.08
C ALA L 145 11.48 46.44 9.60
N ASP L 146 11.29 45.27 10.19
CA ASP L 146 11.47 45.20 11.63
C ASP L 146 10.31 45.89 12.37
N ALA L 147 9.24 46.21 11.64
CA ALA L 147 7.99 46.67 12.25
C ALA L 147 7.45 45.63 13.23
N THR L 148 6.75 46.08 14.27
CA THR L 148 6.18 45.15 15.26
C THR L 148 4.85 44.59 14.75
N LEU L 149 4.45 43.45 15.31
CA LEU L 149 3.16 42.85 14.96
C LEU L 149 2.02 43.84 15.17
N SER L 150 2.07 44.59 16.26
CA SER L 150 1.01 45.57 16.52
C SER L 150 0.97 46.60 15.39
N GLU L 151 2.12 47.09 14.95
CA GLU L 151 2.15 48.09 13.88
C GLU L 151 1.64 47.49 12.55
N ILE L 152 1.99 46.24 12.28
CA ILE L 152 1.53 45.58 11.08
C ILE L 152 0.00 45.47 11.07
N VAL L 153 -0.56 45.06 12.20
CA VAL L 153 -2.02 45.01 12.40
C VAL L 153 -2.63 46.38 12.12
N GLU L 154 -2.04 47.43 12.68
CA GLU L 154 -2.53 48.78 12.46
C GLU L 154 -2.42 49.21 11.01
N ALA L 155 -1.39 48.73 10.32
CA ALA L 155 -1.28 48.97 8.88
C ALA L 155 -2.33 48.17 8.09
N TYR L 156 -2.67 46.99 8.59
CA TYR L 156 -3.72 46.18 7.99
C TYR L 156 -5.12 46.82 8.04
N LYS L 157 -5.41 47.60 9.08
CA LYS L 157 -6.79 48.07 9.30
C LYS L 157 -7.42 48.86 8.14
N PRO L 158 -6.67 49.82 7.56
CA PRO L 158 -7.34 50.57 6.49
C PRO L 158 -7.48 49.74 5.18
N LEU L 159 -6.58 48.78 4.96
CA LEU L 159 -6.71 47.84 3.85
C LEU L 159 -7.93 46.95 3.99
N ILE L 160 -8.09 46.34 5.17
CA ILE L 160 -9.22 45.49 5.41
C ILE L 160 -10.55 46.24 5.34
N ALA L 161 -10.57 47.44 5.91
CA ALA L 161 -11.74 48.33 5.81
C ALA L 161 -12.07 48.63 4.36
N LYS L 162 -11.03 48.82 3.54
CA LYS L 162 -11.25 49.05 2.10
C LYS L 162 -11.80 47.82 1.38
N ALA L 163 -11.34 46.63 1.78
CA ALA L 163 -11.87 45.40 1.21
C ALA L 163 -13.36 45.30 1.48
N LYS L 164 -13.75 45.59 2.72
CA LYS L 164 -15.16 45.51 3.12
C LYS L 164 -16.00 46.53 2.35
N GLU L 165 -15.45 47.71 2.14
CA GLU L 165 -16.15 48.77 1.41
C GLU L 165 -16.45 48.32 -0.02
N ARG L 166 -15.53 47.57 -0.60
CA ARG L 166 -15.69 47.00 -1.95
C ARG L 166 -16.60 45.76 -1.99
N GLY L 167 -17.06 45.31 -0.82
CA GLY L 167 -17.87 44.09 -0.74
C GLY L 167 -17.11 42.76 -0.94
N ALA L 168 -15.83 42.73 -0.59
CA ALA L 168 -14.98 41.55 -0.87
C ALA L 168 -15.46 40.35 -0.07
N LYS L 169 -15.34 39.17 -0.66
CA LYS L 169 -15.80 37.95 -0.04
C LYS L 169 -14.67 37.26 0.73
N ALA L 170 -13.43 37.53 0.36
CA ALA L 170 -12.31 36.90 1.06
C ALA L 170 -11.07 37.73 0.92
N VAL L 171 -10.20 37.68 1.93
CA VAL L 171 -8.94 38.39 1.86
C VAL L 171 -7.85 37.51 2.43
N LYS L 172 -6.63 37.69 1.95
CA LYS L 172 -5.46 37.01 2.51
C LYS L 172 -4.57 37.96 3.31
N VAL L 173 -4.13 37.52 4.49
CA VAL L 173 -3.14 38.30 5.25
C VAL L 173 -1.85 37.49 5.40
N CYS L 174 -0.76 38.12 5.83
CA CYS L 174 0.55 37.50 5.77
C CYS L 174 1.28 37.62 7.09
N ILE L 175 2.09 36.62 7.39
CA ILE L 175 3.08 36.74 8.44
C ILE L 175 4.40 37.19 7.80
N ILE L 176 4.69 38.48 7.87
CA ILE L 176 5.98 39.02 7.45
C ILE L 176 7.08 38.26 8.19
N PRO L 177 8.04 37.69 7.43
CA PRO L 177 9.06 36.82 8.03
C PRO L 177 9.76 37.53 9.19
N ASN L 178 9.79 36.89 10.34
CA ASN L 178 10.22 37.56 11.54
C ASN L 178 10.63 36.53 12.57
N ASP L 179 11.94 36.32 12.67
CA ASP L 179 12.49 35.27 13.52
C ASP L 179 12.57 35.68 15.00
N LYS L 180 12.41 36.96 15.30
CA LYS L 180 12.50 37.42 16.69
C LYS L 180 11.16 37.31 17.42
N VAL L 181 10.22 36.55 16.87
CA VAL L 181 8.86 36.58 17.36
C VAL L 181 8.39 35.14 17.50
N SER L 182 7.72 34.81 18.61
CA SER L 182 7.39 33.42 18.88
C SER L 182 6.07 33.04 18.24
N ASP L 183 5.81 31.74 18.15
CA ASP L 183 4.58 31.26 17.57
C ASP L 183 3.35 31.69 18.38
N LYS L 184 3.50 31.74 19.71
CA LYS L 184 2.50 32.32 20.63
C LYS L 184 2.09 33.71 20.18
N GLU L 185 3.09 34.54 19.91
CA GLU L 185 2.84 35.89 19.40
C GLU L 185 2.16 35.85 18.02
N ILE L 186 2.49 34.85 17.21
CA ILE L 186 1.87 34.73 15.88
C ILE L 186 0.39 34.35 16.04
N VAL L 187 0.12 33.46 17.00
CA VAL L 187 -1.27 33.12 17.36
C VAL L 187 -2.10 34.37 17.70
N ALA L 188 -1.57 35.22 18.58
CA ALA L 188 -2.27 36.43 18.98
C ALA L 188 -2.45 37.39 17.82
N TYR L 189 -1.41 37.53 17.01
CA TYR L 189 -1.48 38.37 15.80
C TYR L 189 -2.62 37.95 14.87
N LEU L 190 -2.72 36.66 14.55
CA LEU L 190 -3.75 36.19 13.63
C LEU L 190 -5.17 36.25 14.24
N ARG L 191 -5.27 36.03 15.55
CA ARG L 191 -6.56 36.26 16.24
C ARG L 191 -6.98 37.70 16.15
N GLU L 192 -6.06 38.62 16.41
CA GLU L 192 -6.39 40.04 16.29
C GLU L 192 -6.85 40.40 14.87
N LEU L 193 -6.23 39.79 13.86
CA LEU L 193 -6.58 40.07 12.45
C LEU L 193 -7.95 39.54 12.09
N ARG L 194 -8.30 38.39 12.65
CA ARG L 194 -9.67 37.90 12.47
C ARG L 194 -10.69 38.85 13.13
N GLU L 195 -10.39 39.31 14.35
CA GLU L 195 -11.24 40.32 15.02
C GLU L 195 -11.45 41.48 14.02
N VAL L 196 -10.36 41.93 13.41
CA VAL L 196 -10.44 43.06 12.48
C VAL L 196 -11.27 42.73 11.24
N ILE L 197 -11.07 41.52 10.71
CA ILE L 197 -11.75 41.14 9.47
C ILE L 197 -13.21 40.84 9.72
N GLY L 198 -13.53 40.41 10.94
CA GLY L 198 -14.92 40.00 11.25
C GLY L 198 -15.24 38.66 10.61
N TRP L 199 -16.54 38.35 10.56
CA TRP L 199 -17.00 36.99 10.29
C TRP L 199 -17.85 36.88 9.04
N ASP L 200 -17.87 37.92 8.21
CA ASP L 200 -18.60 37.89 6.95
C ASP L 200 -17.70 37.74 5.71
N MET L 201 -16.39 37.65 5.94
CA MET L 201 -15.41 37.42 4.87
C MET L 201 -14.60 36.16 5.22
N ASP L 202 -14.34 35.31 4.23
CA ASP L 202 -13.32 34.25 4.39
C ASP L 202 -11.94 34.85 4.59
N MET L 203 -11.18 34.25 5.50
CA MET L 203 -9.84 34.72 5.85
C MET L 203 -8.78 33.67 5.47
N MET L 204 -7.78 34.09 4.71
CA MET L 204 -6.67 33.20 4.32
C MET L 204 -5.37 33.73 4.91
N VAL L 205 -4.43 32.84 5.20
CA VAL L 205 -3.13 33.26 5.72
C VAL L 205 -1.98 32.71 4.90
N ASP L 206 -1.11 33.60 4.47
CA ASP L 206 0.13 33.24 3.82
C ASP L 206 1.29 33.28 4.83
N CYS L 207 1.86 32.12 5.14
CA CYS L 207 2.84 32.01 6.21
C CYS L 207 4.24 32.43 5.76
N LEU L 208 4.43 32.55 4.44
CA LEU L 208 5.70 32.97 3.89
C LEU L 208 6.84 32.09 4.42
N TYR L 209 6.59 30.79 4.47
CA TYR L 209 7.61 29.77 4.72
C TYR L 209 8.25 29.90 6.10
N ARG L 210 7.47 30.35 7.08
CA ARG L 210 8.00 30.54 8.43
C ARG L 210 8.53 29.24 9.08
N TRP L 211 7.80 28.15 8.88
CA TRP L 211 8.02 26.94 9.66
C TRP L 211 8.86 25.93 8.93
N THR L 212 9.67 25.19 9.69
CA THR L 212 10.38 24.05 9.14
C THR L 212 9.89 22.74 9.77
N ASP L 213 9.61 22.76 11.07
CA ASP L 213 9.10 21.57 11.80
C ASP L 213 7.59 21.51 11.71
N TRP L 214 7.03 20.44 11.13
CA TRP L 214 5.57 20.39 10.96
C TRP L 214 4.82 20.35 12.29
N GLN L 215 5.44 19.81 13.33
CA GLN L 215 4.76 19.74 14.63
C GLN L 215 4.64 21.14 15.27
N LYS L 216 5.49 22.04 14.85
CA LYS L 216 5.43 23.41 15.34
C LYS L 216 4.31 24.19 14.64
N ALA L 217 4.19 23.98 13.34
CA ALA L 217 3.04 24.51 12.62
C ALA L 217 1.75 23.92 13.19
N ARG L 218 1.77 22.61 13.45
CA ARG L 218 0.61 21.90 13.99
C ARG L 218 0.17 22.56 15.27
N TRP L 219 1.11 22.84 16.15
CA TRP L 219 0.79 23.50 17.42
C TRP L 219 0.07 24.82 17.18
N THR L 220 0.61 25.61 16.25
CA THR L 220 0.13 26.93 15.97
C THR L 220 -1.29 26.89 15.42
N PHE L 221 -1.51 26.07 14.40
CA PHE L 221 -2.79 26.09 13.75
C PHE L 221 -3.88 25.34 14.49
N ARG L 222 -3.48 24.48 15.42
CA ARG L 222 -4.43 23.96 16.40
C ARG L 222 -4.94 25.10 17.32
N GLN L 223 -4.05 25.99 17.77
CA GLN L 223 -4.50 27.08 18.64
C GLN L 223 -5.50 27.99 17.90
N LEU L 224 -5.45 27.98 16.57
CA LEU L 224 -6.19 28.92 15.73
C LEU L 224 -7.43 28.31 15.05
N GLU L 225 -7.78 27.10 15.43
CA GLU L 225 -8.96 26.48 14.86
C GLU L 225 -10.17 27.37 15.04
N ASP L 226 -10.21 28.09 16.16
CA ASP L 226 -11.41 28.87 16.44
C ASP L 226 -11.48 30.17 15.64
N ILE L 227 -10.42 30.56 14.94
CA ILE L 227 -10.58 31.62 13.95
C ILE L 227 -11.01 31.16 12.54
N ASP L 228 -11.05 29.85 12.31
CA ASP L 228 -11.69 29.30 11.10
C ASP L 228 -11.06 29.75 9.76
N LEU L 229 -9.75 29.59 9.65
CA LEU L 229 -9.03 29.98 8.44
C LEU L 229 -9.57 29.22 7.21
N TYR L 230 -9.72 29.90 6.08
CA TYR L 230 -10.18 29.22 4.88
C TYR L 230 -9.05 28.35 4.27
N PHE L 231 -7.84 28.88 4.25
CA PHE L 231 -6.66 28.05 4.01
C PHE L 231 -5.41 28.59 4.66
N ILE L 232 -4.37 27.76 4.64
CA ILE L 232 -3.08 28.10 5.20
C ILE L 232 -2.06 27.82 4.11
N GLU L 233 -1.40 28.88 3.62
CA GLU L 233 -0.44 28.80 2.51
C GLU L 233 1.02 28.90 2.99
N ALA L 234 1.90 28.18 2.28
CA ALA L 234 3.35 28.41 2.34
C ALA L 234 3.81 28.18 3.76
N CYS L 235 3.35 27.08 4.34
CA CYS L 235 3.46 26.91 5.77
C CYS L 235 4.81 26.30 6.13
N LEU L 236 5.21 25.29 5.35
CA LEU L 236 6.45 24.57 5.58
C LEU L 236 7.38 24.79 4.39
N GLN L 237 8.63 24.36 4.49
CA GLN L 237 9.58 24.58 3.38
C GLN L 237 9.09 23.91 2.09
N HIS L 238 9.32 24.57 0.96
CA HIS L 238 8.77 24.13 -0.31
C HIS L 238 9.13 22.69 -0.74
N ASP L 239 10.32 22.21 -0.39
CA ASP L 239 10.77 20.86 -0.76
C ASP L 239 10.27 19.80 0.19
N ASP L 240 9.84 20.21 1.38
CA ASP L 240 9.46 19.23 2.38
C ASP L 240 8.06 18.69 2.18
N LEU L 241 7.93 17.75 1.23
CA LEU L 241 6.65 17.16 0.93
C LEU L 241 6.07 16.35 2.08
N ILE L 242 6.93 15.63 2.80
CA ILE L 242 6.42 14.74 3.86
C ILE L 242 5.87 15.51 5.08
N GLY L 243 6.49 16.63 5.42
CA GLY L 243 5.95 17.51 6.46
C GLY L 243 4.58 18.10 6.10
N HIS L 244 4.39 18.47 4.84
CA HIS L 244 3.11 18.99 4.39
C HIS L 244 2.07 17.89 4.54
N GLN L 245 2.40 16.68 4.08
CA GLN L 245 1.39 15.63 4.13
C GLN L 245 0.93 15.34 5.56
N LYS L 246 1.87 15.32 6.50
CA LYS L 246 1.54 15.10 7.91
C LYS L 246 0.74 16.26 8.51
N LEU L 247 1.10 17.48 8.15
CA LEU L 247 0.37 18.66 8.63
C LEU L 247 -1.03 18.72 8.03
N ALA L 248 -1.15 18.45 6.73
CA ALA L 248 -2.45 18.51 6.05
C ALA L 248 -3.40 17.49 6.65
N ALA L 249 -2.86 16.33 7.06
CA ALA L 249 -3.68 15.29 7.72
C ALA L 249 -4.03 15.67 9.17
N ALA L 250 -3.20 16.47 9.82
CA ALA L 250 -3.43 16.80 11.23
C ALA L 250 -4.38 17.97 11.45
N ILE L 251 -4.39 18.95 10.54
CA ILE L 251 -5.22 20.15 10.70
C ILE L 251 -6.64 19.85 10.22
N ASN L 252 -7.54 20.82 10.41
CA ASN L 252 -8.95 20.68 10.02
C ASN L 252 -9.43 21.62 8.88
N THR L 253 -8.49 22.27 8.20
CA THR L 253 -8.81 23.03 6.98
C THR L 253 -7.96 22.70 5.80
N ARG L 254 -7.96 23.64 4.87
CA ARG L 254 -7.19 23.54 3.63
C ARG L 254 -5.74 23.93 3.85
N LEU L 255 -4.85 23.10 3.33
CA LEU L 255 -3.44 23.45 3.27
C LEU L 255 -3.07 23.67 1.80
N CYS L 256 -2.30 24.72 1.53
CA CYS L 256 -1.88 25.05 0.17
C CYS L 256 -0.45 24.59 -0.09
N GLY L 257 -0.09 24.44 -1.36
CA GLY L 257 1.28 24.14 -1.71
C GLY L 257 1.56 24.46 -3.16
N ALA L 258 2.80 24.23 -3.59
CA ALA L 258 3.18 24.35 -4.99
C ALA L 258 3.33 25.78 -5.49
N GLU L 259 3.34 26.76 -4.58
CA GLU L 259 3.48 28.16 -4.98
C GLU L 259 4.70 28.47 -5.89
N MET L 260 5.83 27.84 -5.61
CA MET L 260 7.08 28.10 -6.34
C MET L 260 7.39 27.01 -7.39
N SER L 261 6.51 26.01 -7.50
CA SER L 261 6.74 24.88 -8.40
C SER L 261 6.56 25.26 -9.89
N THR L 262 7.13 24.45 -10.77
CA THR L 262 6.85 24.55 -12.21
C THR L 262 6.42 23.21 -12.79
N THR L 263 5.63 23.25 -13.86
CA THR L 263 5.10 22.08 -14.56
C THR L 263 4.00 21.29 -13.83
N ARG L 264 3.18 20.59 -14.61
CA ARG L 264 2.19 19.70 -14.08
C ARG L 264 2.79 18.52 -13.31
N PHE L 265 4.05 18.19 -13.57
CA PHE L 265 4.69 17.03 -12.91
C PHE L 265 4.93 17.30 -11.44
N GLU L 266 5.35 18.53 -11.11
CA GLU L 266 5.54 18.90 -9.71
C GLU L 266 4.17 19.08 -9.01
N ALA L 267 3.20 19.68 -9.70
CA ALA L 267 1.86 19.89 -9.13
C ALA L 267 1.26 18.55 -8.75
N GLN L 268 1.28 17.63 -9.70
CA GLN L 268 0.80 16.27 -9.48
C GLN L 268 1.50 15.56 -8.33
N GLU L 269 2.83 15.70 -8.23
CA GLU L 269 3.54 15.08 -7.10
C GLU L 269 3.10 15.67 -5.73
N TRP L 270 2.91 16.98 -5.68
CA TRP L 270 2.39 17.64 -4.49
C TRP L 270 1.03 17.05 -4.10
N LEU L 271 0.12 17.00 -5.07
CA LEU L 271 -1.24 16.48 -4.85
C LEU L 271 -1.19 15.03 -4.34
N GLU L 272 -0.38 14.21 -5.01
CA GLU L 272 -0.26 12.77 -4.73
C GLU L 272 0.33 12.53 -3.34
N LYS L 273 1.38 13.25 -3.02
CA LYS L 273 2.19 12.97 -1.83
C LYS L 273 1.71 13.71 -0.58
N THR L 274 1.03 14.84 -0.74
CA THR L 274 0.67 15.67 0.42
C THR L 274 -0.84 15.79 0.68
N GLY L 275 -1.68 15.58 -0.32
CA GLY L 275 -3.09 15.94 -0.21
C GLY L 275 -3.36 17.42 0.12
N ILE L 276 -2.52 18.32 -0.39
CA ILE L 276 -2.87 19.74 -0.31
C ILE L 276 -4.24 19.96 -0.95
N SER L 277 -5.00 20.94 -0.46
CA SER L 277 -6.33 21.19 -1.00
C SER L 277 -6.39 22.32 -2.02
N VAL L 278 -5.27 23.05 -2.16
CA VAL L 278 -5.19 24.21 -3.04
C VAL L 278 -3.81 24.26 -3.71
N VAL L 279 -3.82 24.27 -5.04
CA VAL L 279 -2.57 24.32 -5.79
C VAL L 279 -2.35 25.75 -6.29
N GLN L 280 -1.14 26.25 -6.09
CA GLN L 280 -0.86 27.66 -6.36
C GLN L 280 0.20 27.88 -7.43
N SER L 281 0.37 26.91 -8.32
CA SER L 281 1.25 27.10 -9.48
C SER L 281 0.99 28.46 -10.14
N ASP L 282 2.05 29.23 -10.38
CA ASP L 282 1.98 30.65 -10.79
C ASP L 282 1.83 30.84 -12.30
N TYR L 283 0.91 31.72 -12.73
CA TYR L 283 0.72 32.07 -14.17
C TYR L 283 2.00 32.30 -14.99
N ASN L 284 2.97 32.97 -14.39
CA ASN L 284 4.13 33.42 -15.11
C ASN L 284 5.39 32.63 -14.71
N ARG L 285 5.14 31.46 -14.12
CA ARG L 285 6.22 30.57 -13.68
C ARG L 285 6.05 29.13 -14.17
N CYS L 286 4.87 28.55 -13.94
CA CYS L 286 4.70 27.11 -13.96
C CYS L 286 4.64 26.55 -15.38
N GLY L 287 4.45 27.42 -16.37
CA GLY L 287 4.41 27.00 -17.77
C GLY L 287 3.40 27.80 -18.57
N GLY L 288 2.47 28.42 -17.87
CA GLY L 288 1.48 29.30 -18.49
C GLY L 288 0.07 28.76 -18.38
N VAL L 289 -0.84 29.47 -19.04
CA VAL L 289 -2.23 29.07 -19.16
C VAL L 289 -2.37 27.63 -19.67
N THR L 290 -1.61 27.28 -20.70
CA THR L 290 -1.73 25.98 -21.35
C THR L 290 -1.44 24.86 -20.37
N GLU L 291 -0.41 25.06 -19.53
CA GLU L 291 -0.05 24.10 -18.50
C GLU L 291 -0.99 24.19 -17.30
N LEU L 292 -1.37 25.40 -16.91
CA LEU L 292 -2.39 25.56 -15.85
C LEU L 292 -3.68 24.82 -16.14
N LEU L 293 -4.05 24.72 -17.42
CA LEU L 293 -5.26 24.03 -17.81
C LEU L 293 -5.15 22.52 -17.63
N ARG L 294 -3.95 22.00 -17.85
CA ARG L 294 -3.62 20.61 -17.52
C ARG L 294 -3.63 20.41 -16.02
N ILE L 295 -3.06 21.37 -15.29
CA ILE L 295 -2.99 21.23 -13.82
C ILE L 295 -4.39 21.26 -13.25
N MET L 296 -5.26 22.04 -13.89
CA MET L 296 -6.68 22.13 -13.53
C MET L 296 -7.39 20.77 -13.61
N ASP L 297 -7.11 20.00 -14.66
CA ASP L 297 -7.72 18.67 -14.82
C ASP L 297 -7.22 17.69 -13.73
N ILE L 298 -5.95 17.81 -13.37
CA ILE L 298 -5.40 16.96 -12.34
C ILE L 298 -5.97 17.34 -10.97
N CYS L 299 -6.12 18.64 -10.73
CA CYS L 299 -6.71 19.10 -9.50
C CYS L 299 -8.13 18.55 -9.38
N GLU L 300 -8.88 18.62 -10.48
CA GLU L 300 -10.28 18.16 -10.48
C GLU L 300 -10.37 16.71 -10.01
N HIS L 301 -9.47 15.87 -10.51
CA HIS L 301 -9.45 14.47 -10.11
C HIS L 301 -9.18 14.29 -8.60
N HIS L 302 -8.30 15.11 -8.04
CA HIS L 302 -8.00 15.05 -6.61
C HIS L 302 -8.97 15.89 -5.73
N ASN L 303 -10.01 16.49 -6.33
CA ASN L 303 -10.90 17.44 -5.65
C ASN L 303 -10.14 18.51 -4.89
N ALA L 304 -9.05 18.98 -5.50
CA ALA L 304 -8.33 20.14 -4.99
C ALA L 304 -8.72 21.36 -5.81
N GLN L 305 -8.53 22.55 -5.26
CA GLN L 305 -8.78 23.76 -5.99
C GLN L 305 -7.49 24.28 -6.61
N LEU L 306 -7.61 25.07 -7.66
CA LEU L 306 -6.46 25.68 -8.30
C LEU L 306 -6.58 27.19 -8.16
N MET L 307 -5.63 27.78 -7.45
CA MET L 307 -5.63 29.21 -7.15
C MET L 307 -4.25 29.81 -7.46
N PRO L 308 -3.95 30.01 -8.76
CA PRO L 308 -2.59 30.34 -9.16
C PRO L 308 -2.10 31.59 -8.46
N HIS L 309 -0.91 31.49 -7.88
CA HIS L 309 -0.18 32.65 -7.35
C HIS L 309 -0.25 33.81 -8.36
N ASN L 310 -0.73 34.97 -7.88
CA ASN L 310 -0.92 36.14 -8.70
C ASN L 310 -0.41 37.38 -7.99
N TRP L 311 0.89 37.65 -8.10
CA TRP L 311 1.50 38.87 -7.54
C TRP L 311 2.49 39.43 -8.53
N LYS L 312 2.01 40.08 -9.57
CA LYS L 312 2.90 40.62 -10.58
C LYS L 312 2.39 41.96 -11.03
N THR L 313 1.90 41.98 -12.26
CA THR L 313 1.46 43.18 -12.92
C THR L 313 0.01 42.98 -13.40
N GLY L 314 -0.63 44.05 -13.89
CA GLY L 314 -1.95 43.96 -14.52
C GLY L 314 -2.01 43.09 -15.76
N ILE L 315 -0.86 42.72 -16.29
CA ILE L 315 -0.82 41.78 -17.42
C ILE L 315 -1.27 40.42 -16.94
N THR L 316 -0.63 39.93 -15.88
CA THR L 316 -1.03 38.66 -15.24
C THR L 316 -2.44 38.74 -14.64
N ALA L 317 -2.84 39.94 -14.21
CA ALA L 317 -4.16 40.09 -13.65
C ALA L 317 -5.23 39.86 -14.72
N ALA L 318 -4.94 40.32 -15.95
CA ALA L 318 -5.82 40.01 -17.08
C ALA L 318 -5.90 38.49 -17.32
N ALA L 319 -4.79 37.79 -17.19
CA ALA L 319 -4.76 36.35 -17.37
C ALA L 319 -5.56 35.66 -16.27
N ALA L 320 -5.40 36.15 -15.03
CA ALA L 320 -6.15 35.62 -13.90
C ALA L 320 -7.66 35.83 -14.06
N ARG L 321 -8.03 36.96 -14.68
CA ARG L 321 -9.45 37.23 -14.95
C ARG L 321 -10.05 36.21 -15.92
N HIS L 322 -9.33 35.94 -17.00
CA HIS L 322 -9.79 35.00 -18.02
C HIS L 322 -9.70 33.57 -17.54
N PHE L 323 -8.58 33.19 -16.95
CA PHE L 323 -8.47 31.87 -16.37
C PHE L 323 -9.50 31.66 -15.25
N GLY L 324 -9.63 32.65 -14.38
CA GLY L 324 -10.56 32.58 -13.26
C GLY L 324 -11.99 32.30 -13.68
N ILE L 325 -12.39 32.81 -14.83
CA ILE L 325 -13.78 32.62 -15.24
C ILE L 325 -14.03 31.22 -15.84
N VAL L 326 -12.95 30.57 -16.25
CA VAL L 326 -12.97 29.21 -16.78
C VAL L 326 -12.79 28.14 -15.68
N CYS L 327 -12.17 28.50 -14.57
CA CYS L 327 -11.74 27.51 -13.60
C CYS L 327 -12.85 27.20 -12.60
N HIS L 328 -13.79 26.35 -13.01
CA HIS L 328 -15.00 26.08 -12.25
C HIS L 328 -14.75 25.29 -10.97
N ILE L 329 -13.55 24.75 -10.81
CA ILE L 329 -13.22 24.00 -9.59
C ILE L 329 -12.82 24.90 -8.43
N SER L 330 -12.52 26.16 -8.72
CA SER L 330 -12.10 27.11 -7.69
C SER L 330 -13.19 28.14 -7.38
N GLU L 331 -13.57 28.19 -6.11
CA GLU L 331 -14.52 29.17 -5.57
C GLU L 331 -13.95 30.60 -5.62
N TYR L 332 -12.66 30.75 -5.31
CA TYR L 332 -11.93 32.01 -5.50
C TYR L 332 -10.70 31.83 -6.38
N VAL L 333 -10.12 32.94 -6.85
CA VAL L 333 -8.69 32.95 -7.25
C VAL L 333 -7.97 34.12 -6.58
N GLU L 334 -6.64 34.00 -6.44
CA GLU L 334 -5.84 35.11 -5.89
C GLU L 334 -5.88 36.32 -6.82
N TYR L 335 -6.02 37.50 -6.22
CA TYR L 335 -6.03 38.73 -7.01
C TYR L 335 -5.34 39.86 -6.28
N LEU L 336 -4.41 40.51 -7.00
CA LEU L 336 -3.74 41.67 -6.49
C LEU L 336 -4.35 42.83 -7.23
N HIS L 337 -5.19 43.59 -6.54
CA HIS L 337 -5.89 44.73 -7.12
C HIS L 337 -5.21 46.00 -6.66
N PRO L 338 -5.14 47.00 -7.55
CA PRO L 338 -4.56 48.31 -7.28
C PRO L 338 -5.18 49.08 -6.11
N ASP L 339 -6.36 48.68 -5.68
CA ASP L 339 -6.97 49.31 -4.50
C ASP L 339 -6.21 49.02 -3.24
N PHE L 340 -5.43 47.94 -3.26
CA PHE L 340 -4.79 47.39 -2.06
C PHE L 340 -3.28 47.38 -2.11
N TRP L 341 -2.71 47.89 -3.20
CA TRP L 341 -1.27 47.85 -3.32
C TRP L 341 -0.76 49.03 -4.14
N ASN L 342 0.24 49.71 -3.61
CA ASN L 342 0.69 50.95 -4.21
C ASN L 342 1.91 50.83 -5.11
N GLY L 343 2.23 49.61 -5.54
CA GLY L 343 3.43 49.40 -6.32
C GLY L 343 3.36 50.17 -7.62
N THR L 344 4.50 50.68 -8.07
CA THR L 344 4.51 51.52 -9.26
C THR L 344 3.94 50.76 -10.46
N LEU L 345 4.37 49.52 -10.62
CA LEU L 345 3.92 48.74 -11.77
C LEU L 345 2.46 48.41 -11.65
N THR L 346 2.02 48.06 -10.44
CA THR L 346 0.60 47.76 -10.19
C THR L 346 -0.28 48.96 -10.54
N GLN L 347 0.23 50.17 -10.27
CA GLN L 347 -0.59 51.36 -10.43
C GLN L 347 -0.47 51.95 -11.84
N GLN L 348 0.64 51.71 -12.52
CA GLN L 348 0.89 52.43 -13.76
C GLN L 348 1.03 51.61 -15.05
N LEU L 349 1.48 50.36 -14.93
CA LEU L 349 1.79 49.58 -16.13
C LEU L 349 0.58 49.36 -17.04
N THR L 350 -0.59 49.12 -16.45
CA THR L 350 -1.83 49.02 -17.23
C THR L 350 -2.84 50.10 -16.83
N LEU L 351 -3.86 50.28 -17.67
CA LEU L 351 -4.89 51.29 -17.48
C LEU L 351 -6.27 50.66 -17.38
N ASN L 352 -7.21 51.39 -16.78
CA ASN L 352 -8.59 50.98 -16.83
C ASN L 352 -8.86 49.63 -16.19
N GLU L 353 -8.11 49.29 -15.15
CA GLU L 353 -8.35 48.07 -14.38
C GLU L 353 -9.79 48.02 -13.92
N PRO L 354 -10.46 46.88 -14.14
CA PRO L 354 -11.83 46.74 -13.65
C PRO L 354 -11.90 47.01 -12.15
N LYS L 355 -13.01 47.62 -11.75
CA LYS L 355 -13.24 48.00 -10.38
C LYS L 355 -13.84 46.80 -9.66
N ILE L 356 -13.60 46.70 -8.35
CA ILE L 356 -14.29 45.73 -7.52
C ILE L 356 -15.70 46.18 -7.19
N ILE L 357 -16.69 45.39 -7.60
CA ILE L 357 -18.08 45.73 -7.33
C ILE L 357 -18.77 44.55 -6.64
N ASP L 358 -19.11 44.74 -5.36
CA ASP L 358 -19.71 43.69 -4.54
C ASP L 358 -18.84 42.42 -4.46
N GLY L 359 -17.52 42.59 -4.47
CA GLY L 359 -16.61 41.46 -4.35
C GLY L 359 -16.33 40.75 -5.68
N ALA L 360 -16.97 41.20 -6.75
CA ALA L 360 -16.77 40.62 -8.08
C ALA L 360 -16.02 41.56 -9.01
N ILE L 361 -15.26 41.00 -9.95
CA ILE L 361 -14.69 41.83 -10.99
C ILE L 361 -15.05 41.35 -12.39
N GLU L 362 -15.51 42.30 -13.19
CA GLU L 362 -15.97 41.99 -14.53
C GLU L 362 -14.82 41.43 -15.37
N VAL L 363 -15.10 40.36 -16.09
CA VAL L 363 -14.20 39.89 -17.12
C VAL L 363 -14.75 40.29 -18.46
N SER L 364 -14.13 41.29 -19.08
CA SER L 364 -14.68 41.86 -20.31
C SER L 364 -14.59 40.89 -21.49
N ASP L 365 -15.32 41.20 -22.55
CA ASP L 365 -15.28 40.38 -23.74
C ASP L 365 -14.42 41.01 -24.83
N LYS L 366 -13.55 41.94 -24.46
CA LYS L 366 -12.53 42.46 -25.37
C LYS L 366 -11.63 41.32 -25.84
N PRO L 367 -11.24 41.34 -27.13
CA PRO L 367 -10.41 40.28 -27.73
C PRO L 367 -9.14 40.01 -26.94
N GLY L 368 -8.68 38.76 -26.95
CA GLY L 368 -7.49 38.37 -26.22
C GLY L 368 -7.64 38.60 -24.72
N LEU L 369 -6.55 38.95 -24.04
CA LEU L 369 -6.59 39.14 -22.59
C LEU L 369 -7.30 40.45 -22.20
N GLY L 370 -7.55 41.31 -23.17
CA GLY L 370 -8.26 42.56 -22.91
C GLY L 370 -7.41 43.48 -22.04
N ILE L 371 -6.11 43.47 -22.31
CA ILE L 371 -5.16 44.32 -21.60
C ILE L 371 -5.04 45.68 -22.27
N GLU L 372 -5.12 46.75 -21.47
CA GLU L 372 -4.83 48.10 -21.94
C GLU L 372 -3.49 48.57 -21.38
N LEU L 373 -2.44 48.40 -22.18
CA LEU L 373 -1.10 48.69 -21.70
C LEU L 373 -0.88 50.20 -21.64
N ASN L 374 -0.14 50.65 -20.64
CA ASN L 374 0.27 52.05 -20.62
C ASN L 374 1.51 52.27 -21.49
N ILE L 375 1.30 52.42 -22.78
CA ILE L 375 2.40 52.52 -23.76
C ILE L 375 3.44 53.57 -23.38
N GLU L 376 2.99 54.76 -23.01
CA GLU L 376 3.91 55.86 -22.74
C GLU L 376 4.85 55.53 -21.58
N PHE L 377 4.31 54.87 -20.56
CA PHE L 377 5.11 54.39 -19.42
C PHE L 377 6.22 53.42 -19.87
N VAL L 378 5.86 52.44 -20.69
CA VAL L 378 6.84 51.48 -21.18
C VAL L 378 7.92 52.14 -22.04
N GLU L 379 7.51 53.07 -22.90
CA GLU L 379 8.46 53.78 -23.74
C GLU L 379 9.39 54.64 -22.89
N GLN L 380 8.86 55.19 -21.79
CA GLN L 380 9.67 55.92 -20.82
C GLN L 380 10.77 55.06 -20.24
N VAL L 381 10.44 53.82 -19.87
CA VAL L 381 11.45 52.90 -19.34
C VAL L 381 12.39 52.34 -20.40
N THR L 382 11.85 51.98 -21.57
CA THR L 382 12.70 51.36 -22.58
C THR L 382 13.53 52.36 -23.36
N GLY L 383 12.98 53.55 -23.57
CA GLY L 383 13.68 54.60 -24.27
C GLY L 383 13.52 54.51 -25.77
N HIS L 384 12.69 53.56 -26.21
CA HIS L 384 12.44 53.34 -27.63
C HIS L 384 10.93 53.30 -27.88
N LYS L 385 10.56 53.70 -29.09
CA LYS L 385 9.17 53.66 -29.52
C LYS L 385 8.64 52.22 -29.45
N PHE L 386 7.39 52.08 -29.04
CA PHE L 386 6.77 50.77 -28.84
C PHE L 386 5.95 50.37 -30.07
N ALA M 5 -45.57 -25.87 2.00
CA ALA M 5 -45.39 -26.82 3.15
C ALA M 5 -44.12 -26.55 3.95
N ASN M 6 -44.28 -26.40 5.25
CA ASN M 6 -43.12 -26.22 6.12
C ASN M 6 -42.36 -27.50 6.40
N ILE M 7 -41.10 -27.34 6.80
CA ILE M 7 -40.27 -28.46 7.18
C ILE M 7 -40.72 -28.95 8.55
N VAL M 8 -40.74 -30.27 8.71
CA VAL M 8 -41.28 -30.90 9.91
C VAL M 8 -40.17 -31.66 10.62
N SER M 9 -39.19 -32.15 9.88
CA SER M 9 -38.06 -32.85 10.51
C SER M 9 -36.82 -32.88 9.64
N VAL M 10 -35.71 -33.17 10.32
CA VAL M 10 -34.41 -33.24 9.71
C VAL M 10 -33.75 -34.46 10.34
N GLU M 11 -33.19 -35.32 9.51
CA GLU M 11 -32.58 -36.53 10.01
C GLU M 11 -31.20 -36.70 9.41
N PHE M 12 -30.22 -36.89 10.28
CA PHE M 12 -28.85 -37.22 9.88
C PHE M 12 -28.70 -38.73 9.98
N ILE M 13 -28.50 -39.38 8.85
CA ILE M 13 -28.45 -40.85 8.77
C ILE M 13 -27.07 -41.33 8.38
N PRO M 14 -26.32 -41.85 9.34
CA PRO M 14 -24.97 -42.33 9.03
C PRO M 14 -25.00 -43.58 8.15
N VAL M 15 -24.24 -43.55 7.06
CA VAL M 15 -24.06 -44.71 6.20
C VAL M 15 -22.60 -45.17 6.22
N ASN M 16 -22.37 -46.37 6.76
CA ASN M 16 -21.03 -46.87 7.00
C ASN M 16 -20.85 -48.27 6.43
N VAL M 17 -20.09 -48.40 5.36
CA VAL M 17 -20.00 -49.69 4.67
C VAL M 17 -18.74 -50.47 5.03
N ALA M 18 -18.93 -51.74 5.41
CA ALA M 18 -17.82 -52.66 5.67
C ALA M 18 -17.15 -53.12 4.37
N GLU M 24 -15.28 -46.26 2.98
CA GLU M 24 -16.54 -45.95 2.31
C GLU M 24 -17.62 -45.55 3.32
N ASN M 25 -17.92 -44.26 3.38
CA ASN M 25 -18.97 -43.78 4.29
C ASN M 25 -19.46 -42.36 4.04
N THR M 26 -20.69 -42.08 4.45
CA THR M 26 -21.27 -40.77 4.28
C THR M 26 -22.33 -40.48 5.34
N VAL M 27 -22.87 -39.28 5.33
CA VAL M 27 -24.01 -38.98 6.20
C VAL M 27 -25.14 -38.48 5.31
N ILE M 28 -26.21 -39.25 5.21
CA ILE M 28 -27.35 -38.77 4.48
C ILE M 28 -28.15 -37.83 5.35
N VAL M 29 -28.46 -36.66 4.79
CA VAL M 29 -29.27 -35.70 5.47
C VAL M 29 -30.62 -35.65 4.78
N LYS M 30 -31.67 -35.99 5.53
CA LYS M 30 -33.02 -36.02 4.99
C LYS M 30 -33.93 -35.02 5.71
N VAL M 31 -34.56 -34.15 4.93
CA VAL M 31 -35.44 -33.11 5.44
C VAL M 31 -36.86 -33.35 4.91
N THR M 32 -37.83 -33.49 5.81
CA THR M 32 -39.18 -33.84 5.42
C THR M 32 -40.17 -32.72 5.74
N ASP M 33 -41.02 -32.37 4.78
CA ASP M 33 -42.05 -31.35 5.02
C ASP M 33 -43.36 -31.92 5.57
N GLU M 34 -44.38 -31.06 5.68
CA GLU M 34 -45.65 -31.44 6.29
C GLU M 34 -46.41 -32.51 5.53
N ASN M 35 -46.16 -32.60 4.23
CA ASN M 35 -46.85 -33.57 3.38
C ASN M 35 -46.11 -34.90 3.21
N GLY M 36 -44.98 -35.06 3.90
CA GLY M 36 -44.16 -36.27 3.74
C GLY M 36 -43.19 -36.20 2.55
N VAL M 37 -43.15 -35.07 1.86
CA VAL M 37 -42.14 -34.90 0.81
C VAL M 37 -40.80 -34.63 1.48
N TYR M 38 -39.74 -35.22 0.95
CA TYR M 38 -38.42 -35.02 1.52
C TYR M 38 -37.39 -34.65 0.46
N GLY M 39 -36.37 -33.93 0.89
CA GLY M 39 -35.20 -33.66 0.07
C GLY M 39 -34.01 -34.35 0.69
N LEU M 40 -32.96 -34.55 -0.11
CA LEU M 40 -31.79 -35.34 0.27
C LEU M 40 -30.52 -34.54 0.09
N GLY M 41 -29.63 -34.65 1.06
CA GLY M 41 -28.31 -34.06 0.95
C GLY M 41 -27.32 -34.96 1.66
N GLU M 42 -26.05 -34.60 1.61
CA GLU M 42 -25.07 -35.31 2.45
C GLU M 42 -24.06 -34.38 3.04
N ALA M 43 -23.61 -34.72 4.24
CA ALA M 43 -22.63 -33.91 4.98
C ALA M 43 -21.31 -34.64 5.08
N ASP M 44 -20.19 -33.91 4.97
CA ASP M 44 -18.89 -34.51 5.22
C ASP M 44 -18.73 -34.83 6.71
N GLY M 45 -17.71 -35.60 7.07
CA GLY M 45 -17.38 -35.81 8.47
C GLY M 45 -17.62 -37.24 8.94
N PRO M 46 -17.05 -37.61 10.10
CA PRO M 46 -17.25 -38.96 10.66
C PRO M 46 -18.71 -39.19 10.99
N PRO M 47 -19.32 -40.22 10.41
CA PRO M 47 -20.78 -40.32 10.35
C PRO M 47 -21.50 -40.28 11.71
N GLU M 48 -21.08 -41.08 12.69
CA GLU M 48 -21.76 -41.07 13.99
C GLU M 48 -21.59 -39.72 14.69
N CYS M 49 -20.39 -39.17 14.60
CA CYS M 49 -20.11 -37.87 15.18
C CYS M 49 -21.01 -36.77 14.62
N MET M 50 -21.19 -36.77 13.29
CA MET M 50 -22.08 -35.81 12.63
C MET M 50 -23.52 -36.02 13.09
N LYS M 51 -23.92 -37.28 13.28
CA LYS M 51 -25.26 -37.56 13.82
C LYS M 51 -25.42 -36.94 15.22
N ALA M 52 -24.42 -37.13 16.08
CA ALA M 52 -24.44 -36.52 17.43
C ALA M 52 -24.51 -35.00 17.36
N PHE M 53 -23.79 -34.40 16.40
CA PHE M 53 -23.83 -32.95 16.21
C PHE M 53 -25.25 -32.44 15.94
N SER M 54 -25.98 -33.16 15.11
CA SER M 54 -27.35 -32.78 14.73
C SER M 54 -28.37 -33.07 15.84
N GLU M 55 -27.93 -33.74 16.91
CA GLU M 55 -28.85 -34.17 17.95
C GLU M 55 -28.56 -33.57 19.33
N ILE M 56 -27.78 -32.50 19.35
CA ILE M 56 -27.42 -31.79 20.57
C ILE M 56 -28.62 -31.07 21.20
N GLU M 57 -28.50 -30.75 22.49
CA GLU M 57 -29.46 -29.88 23.20
C GLU M 57 -29.14 -28.40 22.97
N ASN M 58 -30.15 -27.56 22.92
CA ASN M 58 -29.93 -26.10 22.96
C ASN M 58 -29.21 -25.70 24.25
N GLU M 59 -28.35 -24.69 24.17
CA GLU M 59 -27.71 -24.13 25.37
C GLU M 59 -27.92 -22.61 25.50
N HIS M 60 -27.44 -21.85 24.52
CA HIS M 60 -27.56 -20.40 24.57
C HIS M 60 -27.80 -19.83 23.17
N LYS M 61 -27.89 -18.51 23.07
CA LYS M 61 -28.25 -17.85 21.80
C LYS M 61 -27.41 -18.27 20.57
N TRP M 62 -26.15 -18.62 20.77
CA TRP M 62 -25.26 -19.00 19.67
C TRP M 62 -24.86 -20.49 19.70
N LEU M 63 -25.52 -21.24 20.58
CA LEU M 63 -25.36 -22.70 20.61
C LEU M 63 -26.74 -23.38 20.63
N ASN M 64 -27.34 -23.51 19.46
CA ASN M 64 -28.60 -24.23 19.34
C ASN M 64 -28.48 -25.48 18.49
N ASN M 65 -29.47 -26.35 18.62
CA ASN M 65 -29.60 -27.48 17.75
C ASN M 65 -29.87 -27.02 16.32
N ILE M 66 -29.01 -27.43 15.41
CA ILE M 66 -29.01 -26.91 14.06
C ILE M 66 -30.34 -27.17 13.33
N LYS M 67 -30.95 -28.32 13.61
CA LYS M 67 -32.30 -28.60 13.06
C LYS M 67 -33.33 -27.54 13.39
N GLU M 68 -33.21 -26.91 14.55
CA GLU M 68 -34.25 -25.98 15.00
C GLU M 68 -34.27 -24.66 14.25
N ALA M 69 -33.18 -24.35 13.55
CA ALA M 69 -33.14 -23.20 12.67
C ALA M 69 -33.92 -23.40 11.37
N VAL M 70 -34.31 -24.64 11.04
CA VAL M 70 -35.14 -24.85 9.85
C VAL M 70 -36.51 -25.52 10.05
N ILE M 71 -36.70 -26.24 11.17
CA ILE M 71 -37.99 -26.89 11.48
C ILE M 71 -39.05 -25.81 11.53
N GLY M 72 -40.15 -26.01 10.81
CA GLY M 72 -41.20 -25.01 10.73
C GLY M 72 -40.96 -23.93 9.69
N ARG M 73 -39.89 -24.04 8.91
CA ARG M 73 -39.65 -23.01 7.89
C ARG M 73 -39.90 -23.47 6.46
N ASP M 74 -40.02 -22.50 5.56
CA ASP M 74 -40.17 -22.76 4.13
C ASP M 74 -38.81 -23.03 3.47
N PRO M 75 -38.61 -24.22 2.90
CA PRO M 75 -37.30 -24.54 2.32
C PRO M 75 -36.86 -23.68 1.10
N LEU M 76 -37.80 -22.97 0.49
CA LEU M 76 -37.49 -22.03 -0.61
C LEU M 76 -36.54 -20.90 -0.18
N GLU M 77 -36.50 -20.61 1.11
CA GLU M 77 -35.85 -19.41 1.60
C GLU M 77 -34.37 -19.69 1.91
N PHE M 78 -33.53 -19.81 0.88
CA PHE M 78 -32.18 -20.35 1.07
C PHE M 78 -31.28 -19.49 1.94
N ARG M 79 -31.22 -18.19 1.66
CA ARG M 79 -30.44 -17.25 2.46
C ARG M 79 -30.90 -17.20 3.91
N ALA M 80 -32.20 -16.95 4.13
CA ALA M 80 -32.71 -16.85 5.48
C ALA M 80 -32.41 -18.12 6.24
N ASN M 81 -32.64 -19.28 5.62
CA ASN M 81 -32.37 -20.52 6.35
C ASN M 81 -30.88 -20.71 6.54
N TYR M 82 -30.09 -20.46 5.50
CA TYR M 82 -28.63 -20.52 5.67
C TYR M 82 -28.19 -19.65 6.84
N ASN M 83 -28.65 -18.39 6.83
CA ASN M 83 -28.15 -17.39 7.77
C ASN M 83 -28.58 -17.75 9.17
N ARG M 84 -29.76 -18.33 9.32
CA ARG M 84 -30.23 -18.77 10.64
C ARG M 84 -29.47 -19.99 11.18
N MET M 85 -29.25 -20.99 10.33
CA MET M 85 -28.40 -22.11 10.70
C MET M 85 -27.03 -21.62 11.19
N TYR M 86 -26.40 -20.76 10.39
CA TYR M 86 -25.07 -20.25 10.71
C TYR M 86 -25.08 -19.43 12.00
N ASP M 87 -25.99 -18.47 12.10
CA ASP M 87 -26.09 -17.63 13.30
C ASP M 87 -26.35 -18.39 14.59
N THR M 88 -27.34 -19.28 14.57
CA THR M 88 -27.79 -19.92 15.81
C THR M 88 -26.83 -21.01 16.29
N THR M 89 -25.80 -21.29 15.48
CA THR M 89 -24.84 -22.34 15.83
C THR M 89 -23.41 -21.80 15.86
N LYS M 90 -23.29 -20.48 15.76
CA LYS M 90 -21.97 -19.83 15.64
C LYS M 90 -20.94 -20.32 16.68
N TRP M 91 -21.38 -20.60 17.90
CA TRP M 91 -20.44 -20.97 18.97
C TRP M 91 -19.74 -22.30 18.71
N ILE M 92 -20.43 -23.19 18.00
CA ILE M 92 -19.86 -24.50 17.70
C ILE M 92 -19.66 -24.68 16.20
N GLY M 93 -20.12 -23.69 15.43
CA GLY M 93 -19.97 -23.71 13.97
C GLY M 93 -18.95 -22.70 13.49
N MET M 94 -19.42 -21.72 12.72
CA MET M 94 -18.56 -20.75 12.05
C MET M 94 -17.51 -21.31 11.08
N ARG M 95 -16.62 -22.16 11.57
CA ARG M 95 -15.66 -22.78 10.67
C ARG M 95 -15.61 -24.25 10.95
N GLY M 96 -15.23 -25.04 9.95
CA GLY M 96 -14.92 -26.44 10.16
C GLY M 96 -16.16 -27.33 10.23
N LEU M 97 -16.13 -28.26 11.17
CA LEU M 97 -17.06 -29.37 11.19
C LEU M 97 -18.53 -28.94 11.30
N GLY M 98 -18.80 -27.88 12.05
CA GLY M 98 -20.15 -27.36 12.15
C GLY M 98 -20.65 -26.94 10.80
N LEU M 99 -19.75 -26.45 9.96
CA LEU M 99 -20.14 -26.15 8.59
C LEU M 99 -20.44 -27.34 7.72
N PHE M 100 -19.86 -28.50 8.02
CA PHE M 100 -20.23 -29.73 7.28
C PHE M 100 -21.71 -29.99 7.44
N ALA M 101 -22.21 -29.80 8.67
CA ALA M 101 -23.60 -30.09 9.01
C ALA M 101 -24.55 -29.15 8.29
N ILE M 102 -24.17 -27.87 8.19
CA ILE M 102 -24.95 -26.90 7.41
C ILE M 102 -24.96 -27.20 5.90
N SER M 103 -23.81 -27.62 5.38
CA SER M 103 -23.70 -27.94 3.95
C SER M 103 -24.72 -29.01 3.55
N GLY M 104 -24.83 -30.04 4.37
CA GLY M 104 -25.69 -31.17 4.11
C GLY M 104 -27.18 -30.86 4.22
N ILE M 105 -27.55 -30.03 5.20
CA ILE M 105 -28.91 -29.54 5.25
C ILE M 105 -29.22 -28.61 4.07
N ASP M 106 -28.31 -27.69 3.77
CA ASP M 106 -28.55 -26.73 2.69
C ASP M 106 -28.78 -27.45 1.35
N MET M 107 -27.95 -28.46 1.08
CA MET M 107 -28.10 -29.32 -0.10
C MET M 107 -29.49 -29.98 -0.13
N ALA M 108 -29.94 -30.53 0.99
CA ALA M 108 -31.26 -31.17 1.00
C ALA M 108 -32.40 -30.17 0.74
N LEU M 109 -32.18 -28.91 1.09
CA LEU M 109 -33.22 -27.90 0.94
C LEU M 109 -33.45 -27.56 -0.53
N TYR M 110 -32.37 -27.43 -1.31
CA TYR M 110 -32.51 -27.27 -2.75
C TYR M 110 -33.27 -28.46 -3.35
N ASP M 111 -33.01 -29.65 -2.85
CA ASP M 111 -33.73 -30.84 -3.32
C ASP M 111 -35.20 -30.76 -2.93
N LEU M 112 -35.47 -30.37 -1.69
CA LEU M 112 -36.84 -30.28 -1.20
C LEU M 112 -37.65 -29.14 -1.85
N ALA M 113 -37.11 -27.92 -1.85
CA ALA M 113 -37.83 -26.82 -2.50
C ALA M 113 -38.15 -27.21 -3.94
N GLY M 114 -37.15 -27.77 -4.64
CA GLY M 114 -37.36 -28.25 -6.01
C GLY M 114 -38.49 -29.26 -6.17
N LYS M 115 -38.59 -30.21 -5.26
CA LYS M 115 -39.69 -31.19 -5.33
C LYS M 115 -41.04 -30.55 -4.99
N GLN M 116 -41.02 -29.55 -4.12
CA GLN M 116 -42.25 -28.87 -3.72
C GLN M 116 -42.81 -28.07 -4.88
N LEU M 117 -41.93 -27.39 -5.60
CA LEU M 117 -42.35 -26.53 -6.68
C LEU M 117 -42.46 -27.30 -7.99
N GLY M 118 -41.90 -28.50 -8.03
CA GLY M 118 -41.79 -29.26 -9.29
C GLY M 118 -40.83 -28.65 -10.30
N VAL M 119 -39.68 -28.16 -9.84
CA VAL M 119 -38.66 -27.58 -10.72
C VAL M 119 -37.28 -28.17 -10.39
N PRO M 120 -36.42 -28.30 -11.41
CA PRO M 120 -35.04 -28.73 -11.14
C PRO M 120 -34.31 -27.68 -10.30
N ALA M 121 -33.43 -28.14 -9.43
CA ALA M 121 -32.74 -27.26 -8.50
C ALA M 121 -31.95 -26.17 -9.22
N TYR M 122 -31.39 -26.47 -10.40
CA TYR M 122 -30.60 -25.45 -11.08
C TYR M 122 -31.41 -24.19 -11.37
N LYS M 123 -32.72 -24.33 -11.55
CA LYS M 123 -33.57 -23.16 -11.72
C LYS M 123 -33.61 -22.33 -10.43
N LEU M 124 -33.50 -23.01 -9.28
CA LEU M 124 -33.53 -22.34 -7.97
C LEU M 124 -32.18 -21.73 -7.66
N MET M 125 -31.15 -22.20 -8.37
CA MET M 125 -29.81 -21.69 -8.21
C MET M 125 -29.52 -20.50 -9.14
N GLY M 126 -30.54 -19.99 -9.83
CA GLY M 126 -30.39 -18.84 -10.73
C GLY M 126 -30.62 -19.10 -12.21
N GLY M 127 -30.57 -20.36 -12.62
CA GLY M 127 -30.86 -20.71 -14.00
C GLY M 127 -29.64 -21.27 -14.71
N ALA M 128 -29.90 -22.11 -15.72
CA ALA M 128 -28.88 -22.76 -16.52
C ALA M 128 -28.14 -21.70 -17.34
N GLN M 129 -26.82 -21.72 -17.28
CA GLN M 129 -26.04 -20.73 -18.00
C GLN M 129 -24.94 -21.34 -18.88
N LYS M 130 -24.88 -22.66 -18.95
CA LYS M 130 -24.05 -23.31 -19.97
C LYS M 130 -24.92 -24.18 -20.87
N ALA M 131 -24.48 -24.36 -22.11
CA ALA M 131 -25.20 -25.20 -23.05
C ALA M 131 -25.15 -26.66 -22.58
N GLN M 132 -24.02 -27.07 -22.02
CA GLN M 132 -23.82 -28.45 -21.55
C GLN M 132 -22.98 -28.39 -20.29
N LEU M 133 -23.05 -29.43 -19.47
CA LEU M 133 -22.05 -29.65 -18.41
C LEU M 133 -20.87 -30.52 -18.85
N THR M 134 -19.68 -29.94 -18.88
CA THR M 134 -18.44 -30.63 -19.27
C THR M 134 -17.50 -30.73 -18.09
N PRO M 135 -17.49 -31.87 -17.40
CA PRO M 135 -16.61 -31.81 -16.22
C PRO M 135 -15.19 -32.28 -16.51
N TYR M 136 -14.28 -32.03 -15.57
CA TYR M 136 -13.06 -32.80 -15.57
C TYR M 136 -13.23 -34.01 -14.64
N PHE M 137 -12.69 -35.15 -15.05
CA PHE M 137 -12.91 -36.40 -14.35
C PHE M 137 -11.69 -36.80 -13.55
N THR M 138 -11.89 -36.95 -12.25
CA THR M 138 -10.79 -37.32 -11.37
C THR M 138 -10.49 -38.80 -11.53
N LEU M 139 -9.22 -39.11 -11.82
CA LEU M 139 -8.81 -40.50 -11.99
C LEU M 139 -7.86 -40.90 -10.86
N TYR M 140 -8.31 -41.84 -10.03
CA TYR M 140 -7.51 -42.35 -8.94
C TYR M 140 -7.41 -43.86 -9.07
N PRO M 141 -6.19 -44.39 -9.23
CA PRO M 141 -6.01 -45.79 -9.53
C PRO M 141 -6.11 -46.64 -8.27
N SER M 142 -6.69 -47.83 -8.42
CA SER M 142 -6.72 -48.81 -7.34
C SER M 142 -5.43 -49.63 -7.38
N VAL M 143 -4.52 -49.37 -6.43
CA VAL M 143 -3.21 -50.01 -6.42
C VAL M 143 -2.79 -50.40 -5.00
N ALA M 144 -1.73 -51.21 -4.89
CA ALA M 144 -1.22 -51.60 -3.58
C ALA M 144 -0.48 -50.47 -2.88
N ALA M 145 -0.60 -50.38 -1.56
CA ALA M 145 0.36 -49.64 -0.75
C ALA M 145 1.74 -50.08 -1.18
N ASP M 146 2.63 -49.13 -1.42
CA ASP M 146 3.98 -49.49 -1.89
C ASP M 146 3.98 -49.98 -3.34
N ALA M 147 2.94 -49.60 -4.09
CA ALA M 147 3.01 -49.63 -5.54
C ALA M 147 4.05 -48.61 -5.96
N THR M 148 4.85 -48.98 -6.96
CA THR M 148 5.85 -48.07 -7.52
C THR M 148 5.24 -47.12 -8.55
N LEU M 149 5.98 -46.08 -8.92
CA LEU M 149 5.46 -45.08 -9.84
C LEU M 149 5.14 -45.75 -11.17
N SER M 150 6.00 -46.70 -11.56
CA SER M 150 5.83 -47.44 -12.78
C SER M 150 4.56 -48.32 -12.78
N GLU M 151 4.26 -48.97 -11.64
CA GLU M 151 3.02 -49.71 -11.45
C GLU M 151 1.78 -48.79 -11.41
N ILE M 152 1.95 -47.61 -10.87
CA ILE M 152 0.85 -46.68 -10.81
C ILE M 152 0.49 -46.19 -12.20
N VAL M 153 1.49 -46.03 -13.05
CA VAL M 153 1.28 -45.64 -14.44
C VAL M 153 0.52 -46.73 -15.21
N GLU M 154 0.92 -47.99 -15.01
CA GLU M 154 0.17 -49.12 -15.59
C GLU M 154 -1.29 -49.09 -15.19
N ALA M 155 -1.55 -48.93 -13.90
CA ALA M 155 -2.95 -48.82 -13.43
C ALA M 155 -3.67 -47.60 -14.02
N TYR M 156 -2.95 -46.50 -14.25
CA TYR M 156 -3.57 -45.34 -14.89
C TYR M 156 -4.07 -45.61 -16.32
N LYS M 157 -3.43 -46.53 -17.05
CA LYS M 157 -3.69 -46.69 -18.49
C LYS M 157 -5.15 -47.02 -18.84
N PRO M 158 -5.75 -47.98 -18.14
CA PRO M 158 -7.15 -48.26 -18.46
C PRO M 158 -8.13 -47.15 -18.07
N LEU M 159 -7.86 -46.46 -16.96
CA LEU M 159 -8.70 -45.31 -16.61
C LEU M 159 -8.64 -44.23 -17.68
N ILE M 160 -7.44 -43.80 -18.03
CA ILE M 160 -7.26 -42.77 -19.04
C ILE M 160 -7.89 -43.21 -20.34
N ALA M 161 -7.72 -44.48 -20.72
CA ALA M 161 -8.28 -44.95 -21.98
C ALA M 161 -9.82 -44.95 -21.95
N LYS M 162 -10.39 -45.29 -20.80
CA LYS M 162 -11.84 -45.20 -20.68
C LYS M 162 -12.30 -43.75 -20.76
N ALA M 163 -11.52 -42.82 -20.21
CA ALA M 163 -11.90 -41.40 -20.32
C ALA M 163 -11.90 -40.88 -21.77
N LYS M 164 -10.92 -41.32 -22.56
CA LYS M 164 -10.86 -40.96 -23.99
C LYS M 164 -12.02 -41.60 -24.73
N GLU M 165 -12.38 -42.81 -24.32
CA GLU M 165 -13.50 -43.53 -24.90
C GLU M 165 -14.86 -42.83 -24.66
N ARG M 166 -15.00 -42.15 -23.52
CA ARG M 166 -16.20 -41.36 -23.24
C ARG M 166 -16.12 -39.93 -23.76
N GLY M 167 -15.01 -39.58 -24.41
CA GLY M 167 -14.85 -38.25 -25.01
C GLY M 167 -14.55 -37.16 -23.98
N ALA M 168 -14.00 -37.54 -22.82
CA ALA M 168 -13.72 -36.55 -21.76
C ALA M 168 -12.87 -35.41 -22.29
N LYS M 169 -13.18 -34.18 -21.87
CA LYS M 169 -12.34 -33.04 -22.25
C LYS M 169 -11.13 -32.85 -21.32
N ALA M 170 -11.10 -33.54 -20.19
CA ALA M 170 -10.14 -33.20 -19.14
C ALA M 170 -10.16 -34.24 -18.03
N VAL M 171 -8.97 -34.60 -17.54
CA VAL M 171 -8.80 -35.55 -16.43
C VAL M 171 -7.78 -35.04 -15.44
N LYS M 172 -7.98 -35.41 -14.18
CA LYS M 172 -7.03 -35.12 -13.10
C LYS M 172 -6.36 -36.40 -12.66
N VAL M 173 -5.03 -36.41 -12.70
CA VAL M 173 -4.26 -37.49 -12.09
C VAL M 173 -3.68 -37.05 -10.74
N CYS M 174 -3.27 -38.03 -9.96
CA CYS M 174 -2.79 -37.81 -8.60
C CYS M 174 -1.37 -38.31 -8.36
N ILE M 175 -0.71 -37.67 -7.41
CA ILE M 175 0.56 -38.15 -6.88
C ILE M 175 0.23 -38.87 -5.58
N ILE M 176 0.14 -40.20 -5.66
CA ILE M 176 -0.08 -41.02 -4.48
C ILE M 176 0.99 -40.62 -3.48
N PRO M 177 0.59 -40.29 -2.23
CA PRO M 177 1.54 -39.83 -1.22
C PRO M 177 2.68 -40.82 -1.03
N ASN M 178 3.91 -40.37 -1.19
CA ASN M 178 5.01 -41.30 -1.29
C ASN M 178 6.32 -40.59 -1.02
N ASP M 179 6.80 -40.70 0.21
CA ASP M 179 7.98 -39.97 0.62
C ASP M 179 9.28 -40.76 0.40
N LYS M 180 9.19 -41.86 -0.35
CA LYS M 180 10.37 -42.68 -0.64
C LYS M 180 10.92 -42.33 -2.02
N VAL M 181 10.36 -41.29 -2.62
CA VAL M 181 10.57 -41.04 -4.03
C VAL M 181 10.88 -39.56 -4.22
N SER M 182 11.85 -39.27 -5.09
CA SER M 182 12.31 -37.91 -5.29
C SER M 182 11.40 -37.11 -6.24
N ASP M 183 11.57 -35.80 -6.20
CA ASP M 183 10.87 -34.90 -7.10
C ASP M 183 11.29 -35.09 -8.55
N LYS M 184 12.56 -35.40 -8.78
CA LYS M 184 13.05 -35.76 -10.11
C LYS M 184 12.26 -36.97 -10.62
N GLU M 185 12.03 -37.95 -9.74
CA GLU M 185 11.20 -39.10 -10.09
C GLU M 185 9.73 -38.72 -10.34
N ILE M 186 9.21 -37.76 -9.57
CA ILE M 186 7.84 -37.25 -9.82
C ILE M 186 7.76 -36.60 -11.20
N VAL M 187 8.79 -35.84 -11.56
CA VAL M 187 8.79 -35.16 -12.85
C VAL M 187 8.67 -36.15 -14.02
N ALA M 188 9.43 -37.24 -13.95
CA ALA M 188 9.39 -38.29 -14.97
C ALA M 188 8.01 -38.95 -14.99
N TYR M 189 7.51 -39.28 -13.80
CA TYR M 189 6.16 -39.81 -13.61
C TYR M 189 5.07 -39.01 -14.33
N LEU M 190 5.04 -37.69 -14.10
CA LEU M 190 4.07 -36.82 -14.75
C LEU M 190 4.31 -36.64 -16.24
N ARG M 191 5.58 -36.62 -16.66
CA ARG M 191 5.87 -36.50 -18.09
C ARG M 191 5.29 -37.71 -18.81
N GLU M 192 5.46 -38.87 -18.20
CA GLU M 192 4.96 -40.11 -18.77
C GLU M 192 3.43 -40.09 -18.87
N LEU M 193 2.77 -39.57 -17.84
CA LEU M 193 1.32 -39.55 -17.83
C LEU M 193 0.78 -38.62 -18.91
N ARG M 194 1.44 -37.48 -19.16
CA ARG M 194 1.06 -36.65 -20.30
C ARG M 194 1.13 -37.42 -21.63
N GLU M 195 2.21 -38.20 -21.82
CA GLU M 195 2.35 -39.01 -23.04
C GLU M 195 1.19 -39.99 -23.17
N VAL M 196 0.82 -40.64 -22.07
CA VAL M 196 -0.31 -41.56 -22.08
C VAL M 196 -1.66 -40.86 -22.33
N ILE M 197 -1.88 -39.72 -21.68
CA ILE M 197 -3.10 -38.95 -21.85
C ILE M 197 -3.21 -38.37 -23.27
N GLY M 198 -2.08 -38.03 -23.85
CA GLY M 198 -2.08 -37.34 -25.12
C GLY M 198 -2.31 -35.85 -25.00
N TRP M 199 -2.58 -35.23 -26.14
CA TRP M 199 -2.64 -33.77 -26.22
C TRP M 199 -4.02 -33.33 -26.72
N ASP M 200 -5.01 -34.19 -26.55
CA ASP M 200 -6.38 -33.87 -26.90
C ASP M 200 -7.27 -33.64 -25.66
N MET M 201 -6.71 -33.80 -24.47
CA MET M 201 -7.46 -33.62 -23.21
C MET M 201 -6.66 -32.66 -22.31
N ASP M 202 -7.33 -31.85 -21.52
CA ASP M 202 -6.65 -31.08 -20.48
C ASP M 202 -6.16 -32.01 -19.38
N MET M 203 -5.01 -31.71 -18.78
CA MET M 203 -4.42 -32.55 -17.73
C MET M 203 -4.26 -31.73 -16.46
N MET M 204 -4.91 -32.18 -15.37
CA MET M 204 -4.70 -31.53 -14.07
C MET M 204 -3.94 -32.48 -13.14
N VAL M 205 -3.19 -31.94 -12.18
CA VAL M 205 -2.50 -32.78 -11.19
C VAL M 205 -2.91 -32.40 -9.76
N ASP M 206 -3.22 -33.43 -9.00
CA ASP M 206 -3.49 -33.30 -7.57
C ASP M 206 -2.28 -33.78 -6.78
N CYS M 207 -1.58 -32.86 -6.12
CA CYS M 207 -0.31 -33.22 -5.47
C CYS M 207 -0.51 -33.89 -4.12
N LEU M 208 -1.74 -33.87 -3.62
CA LEU M 208 -2.07 -34.46 -2.32
C LEU M 208 -1.14 -34.01 -1.19
N TYR M 209 -0.80 -32.71 -1.20
CA TYR M 209 -0.07 -32.11 -0.11
C TYR M 209 1.35 -32.65 0.05
N ARG M 210 1.96 -33.02 -1.06
CA ARG M 210 3.33 -33.51 -1.02
C ARG M 210 4.31 -32.46 -0.48
N TRP M 211 4.17 -31.20 -0.87
CA TRP M 211 5.24 -30.23 -0.59
C TRP M 211 4.97 -29.36 0.64
N THR M 212 6.03 -28.98 1.34
CA THR M 212 5.94 -27.99 2.41
C THR M 212 6.69 -26.72 2.02
N ASP M 213 7.81 -26.88 1.29
CA ASP M 213 8.63 -25.76 0.82
C ASP M 213 8.16 -25.30 -0.55
N TRP M 214 7.72 -24.05 -0.69
CA TRP M 214 7.28 -23.56 -1.99
C TRP M 214 8.39 -23.60 -3.07
N GLN M 215 9.64 -23.41 -2.65
CA GLN M 215 10.78 -23.42 -3.58
C GLN M 215 11.04 -24.82 -4.15
N LYS M 216 10.76 -25.85 -3.36
CA LYS M 216 10.93 -27.21 -3.83
C LYS M 216 9.79 -27.59 -4.80
N ALA M 217 8.59 -27.10 -4.55
CA ALA M 217 7.49 -27.23 -5.51
C ALA M 217 7.81 -26.46 -6.81
N ARG M 218 8.41 -25.29 -6.65
CA ARG M 218 8.73 -24.42 -7.77
C ARG M 218 9.68 -25.13 -8.74
N TRP M 219 10.70 -25.79 -8.19
CA TRP M 219 11.63 -26.54 -9.01
C TRP M 219 10.88 -27.55 -9.87
N THR M 220 9.96 -28.27 -9.23
CA THR M 220 9.25 -29.37 -9.87
C THR M 220 8.38 -28.90 -11.01
N PHE M 221 7.60 -27.87 -10.76
CA PHE M 221 6.68 -27.43 -11.78
C PHE M 221 7.31 -26.57 -12.87
N ARG M 222 8.51 -26.07 -12.59
CA ARG M 222 9.34 -25.49 -13.64
C ARG M 222 9.78 -26.57 -14.62
N GLN M 223 10.26 -27.72 -14.12
CA GLN M 223 10.64 -28.81 -15.00
C GLN M 223 9.48 -29.22 -15.90
N LEU M 224 8.26 -29.04 -15.42
CA LEU M 224 7.06 -29.60 -16.07
C LEU M 224 6.30 -28.60 -16.92
N GLU M 225 6.88 -27.43 -17.17
CA GLU M 225 6.20 -26.44 -18.01
C GLU M 225 5.81 -26.97 -19.40
N ASP M 226 6.59 -27.88 -19.96
CA ASP M 226 6.24 -28.38 -21.27
C ASP M 226 5.19 -29.48 -21.33
N ILE M 227 4.69 -29.97 -20.21
CA ILE M 227 3.53 -30.85 -20.32
C ILE M 227 2.20 -30.09 -20.14
N ASP M 228 2.30 -28.76 -19.99
CA ASP M 228 1.15 -27.87 -20.14
C ASP M 228 0.01 -28.17 -19.16
N LEU M 229 0.32 -28.30 -17.88
CA LEU M 229 -0.71 -28.67 -16.91
C LEU M 229 -1.77 -27.59 -16.82
N TYR M 230 -3.03 -28.01 -16.79
CA TYR M 230 -4.14 -27.07 -16.70
C TYR M 230 -4.22 -26.44 -15.30
N PHE M 231 -4.01 -27.23 -14.27
CA PHE M 231 -3.89 -26.67 -12.91
C PHE M 231 -3.16 -27.65 -12.00
N ILE M 232 -2.65 -27.12 -10.89
CA ILE M 232 -1.91 -27.90 -9.90
C ILE M 232 -2.58 -27.72 -8.54
N GLU M 233 -3.11 -28.80 -7.98
CA GLU M 233 -3.97 -28.75 -6.80
C GLU M 233 -3.24 -29.32 -5.58
N ALA M 234 -3.58 -28.77 -4.40
CA ALA M 234 -3.10 -29.31 -3.13
C ALA M 234 -1.58 -29.44 -3.16
N CYS M 235 -0.92 -28.39 -3.63
CA CYS M 235 0.51 -28.43 -3.78
C CYS M 235 1.25 -28.23 -2.46
N LEU M 236 0.87 -27.20 -1.71
CA LEU M 236 1.51 -26.90 -0.45
C LEU M 236 0.50 -27.12 0.68
N GLN M 237 0.95 -26.95 1.92
CA GLN M 237 0.08 -27.20 3.07
C GLN M 237 -1.02 -26.15 3.18
N HIS M 238 -2.20 -26.59 3.63
CA HIS M 238 -3.44 -25.84 3.45
C HIS M 238 -3.42 -24.50 4.21
N ASP M 239 -2.67 -24.47 5.30
CA ASP M 239 -2.58 -23.27 6.12
C ASP M 239 -1.61 -22.24 5.53
N ASP M 240 -0.75 -22.68 4.61
CA ASP M 240 0.38 -21.85 4.25
C ASP M 240 0.08 -20.88 3.10
N LEU M 241 -0.67 -19.81 3.40
CA LEU M 241 -1.11 -18.91 2.34
C LEU M 241 0.07 -18.24 1.65
N ILE M 242 1.09 -17.85 2.41
CA ILE M 242 2.23 -17.13 1.82
C ILE M 242 3.06 -17.99 0.85
N GLY M 243 3.22 -19.27 1.18
CA GLY M 243 3.81 -20.22 0.25
C GLY M 243 3.03 -20.32 -1.05
N HIS M 244 1.69 -20.37 -0.96
CA HIS M 244 0.87 -20.43 -2.16
C HIS M 244 1.04 -19.15 -2.99
N GLN M 245 1.01 -17.98 -2.35
CA GLN M 245 1.12 -16.73 -3.10
C GLN M 245 2.44 -16.67 -3.88
N LYS M 246 3.53 -17.15 -3.26
CA LYS M 246 4.85 -17.15 -3.90
C LYS M 246 4.93 -18.14 -5.05
N LEU M 247 4.37 -19.31 -4.85
CA LEU M 247 4.28 -20.31 -5.92
C LEU M 247 3.43 -19.84 -7.09
N ALA M 248 2.25 -19.28 -6.82
CA ALA M 248 1.35 -18.95 -7.93
C ALA M 248 1.97 -17.90 -8.81
N ALA M 249 2.77 -17.03 -8.20
CA ALA M 249 3.43 -15.94 -8.92
C ALA M 249 4.62 -16.46 -9.73
N ALA M 250 5.26 -17.52 -9.26
CA ALA M 250 6.43 -18.05 -9.95
C ALA M 250 6.11 -18.99 -11.12
N ILE M 251 4.98 -19.68 -11.08
CA ILE M 251 4.64 -20.62 -12.16
C ILE M 251 3.90 -19.95 -13.30
N ASN M 252 3.64 -20.72 -14.36
CA ASN M 252 2.99 -20.16 -15.52
C ASN M 252 1.62 -20.81 -15.83
N THR M 253 1.03 -21.49 -14.84
CA THR M 253 -0.37 -21.95 -14.96
C THR M 253 -1.20 -21.66 -13.74
N ARG M 254 -2.33 -22.36 -13.65
CA ARG M 254 -3.26 -22.23 -12.52
C ARG M 254 -2.80 -22.99 -11.28
N LEU M 255 -2.83 -22.32 -10.13
CA LEU M 255 -2.64 -22.96 -8.84
C LEU M 255 -4.01 -23.03 -8.14
N CYS M 256 -4.33 -24.17 -7.54
CA CYS M 256 -5.61 -24.33 -6.84
C CYS M 256 -5.42 -24.14 -5.35
N GLY M 257 -6.52 -23.89 -4.65
CA GLY M 257 -6.50 -23.93 -3.20
C GLY M 257 -7.86 -24.05 -2.57
N ALA M 258 -7.90 -23.97 -1.24
CA ALA M 258 -9.15 -23.98 -0.46
C ALA M 258 -9.97 -25.28 -0.53
N GLU M 259 -9.34 -26.38 -0.93
CA GLU M 259 -10.05 -27.67 -0.94
C GLU M 259 -10.65 -28.06 0.42
N MET M 260 -9.95 -27.77 1.51
CA MET M 260 -10.38 -28.19 2.82
C MET M 260 -11.10 -27.06 3.58
N SER M 261 -11.24 -25.89 2.95
CA SER M 261 -11.68 -24.69 3.66
C SER M 261 -13.21 -24.65 3.82
N THR M 262 -13.70 -23.80 4.71
CA THR M 262 -15.14 -23.62 4.88
C THR M 262 -15.49 -22.14 4.89
N THR M 263 -16.68 -21.81 4.39
CA THR M 263 -17.22 -20.44 4.31
C THR M 263 -16.64 -19.63 3.18
N ARG M 264 -17.38 -18.60 2.78
CA ARG M 264 -16.92 -17.64 1.80
C ARG M 264 -15.80 -16.76 2.34
N PHE M 265 -15.68 -16.68 3.67
CA PHE M 265 -14.61 -15.85 4.26
C PHE M 265 -13.22 -16.44 4.03
N GLU M 266 -13.12 -17.76 4.10
CA GLU M 266 -11.85 -18.42 3.80
C GLU M 266 -11.55 -18.35 2.30
N ALA M 267 -12.57 -18.64 1.48
CA ALA M 267 -12.42 -18.61 0.04
C ALA M 267 -11.87 -17.25 -0.39
N GLN M 268 -12.51 -16.18 0.09
CA GLN M 268 -12.09 -14.81 -0.25
C GLN M 268 -10.67 -14.49 0.16
N GLU M 269 -10.30 -14.87 1.39
CA GLU M 269 -8.91 -14.69 1.84
C GLU M 269 -7.91 -15.39 0.93
N TRP M 270 -8.14 -16.66 0.61
CA TRP M 270 -7.28 -17.37 -0.35
C TRP M 270 -7.14 -16.53 -1.63
N LEU M 271 -8.27 -16.10 -2.17
CA LEU M 271 -8.28 -15.27 -3.38
C LEU M 271 -7.41 -14.01 -3.25
N GLU M 272 -7.65 -13.26 -2.18
CA GLU M 272 -6.99 -11.98 -1.95
C GLU M 272 -5.49 -12.13 -1.68
N LYS M 273 -5.13 -13.13 -0.88
CA LYS M 273 -3.76 -13.28 -0.42
C LYS M 273 -2.86 -14.08 -1.36
N THR M 274 -3.40 -15.08 -2.04
CA THR M 274 -2.54 -16.01 -2.74
C THR M 274 -2.58 -15.86 -4.25
N GLY M 275 -3.71 -15.43 -4.79
CA GLY M 275 -3.91 -15.37 -6.23
C GLY M 275 -4.12 -16.73 -6.90
N ILE M 276 -4.57 -17.73 -6.15
CA ILE M 276 -4.98 -18.99 -6.78
C ILE M 276 -5.98 -18.69 -7.89
N SER M 277 -5.98 -19.52 -8.93
CA SER M 277 -6.88 -19.36 -10.07
C SER M 277 -8.11 -20.27 -10.00
N VAL M 278 -8.07 -21.25 -9.10
CA VAL M 278 -9.16 -22.17 -8.99
C VAL M 278 -9.47 -22.39 -7.53
N VAL M 279 -10.69 -22.04 -7.12
CA VAL M 279 -11.17 -22.29 -5.75
C VAL M 279 -11.88 -23.65 -5.66
N GLN M 280 -11.58 -24.41 -4.61
CA GLN M 280 -12.04 -25.80 -4.55
C GLN M 280 -12.95 -26.11 -3.35
N SER M 281 -13.47 -25.07 -2.69
CA SER M 281 -14.42 -25.28 -1.58
C SER M 281 -15.45 -26.37 -1.94
N ASP M 282 -15.67 -27.28 -0.99
CA ASP M 282 -16.44 -28.53 -1.17
C ASP M 282 -17.94 -28.36 -0.89
N TYR M 283 -18.77 -28.95 -1.76
CA TYR M 283 -20.25 -28.93 -1.66
C TYR M 283 -20.75 -29.32 -0.27
N ASN M 284 -20.13 -30.33 0.33
CA ASN M 284 -20.62 -30.89 1.57
C ASN M 284 -19.75 -30.51 2.78
N ARG M 285 -18.98 -29.44 2.61
CA ARG M 285 -18.09 -28.96 3.66
C ARG M 285 -18.24 -27.45 3.93
N CYS M 286 -18.29 -26.66 2.87
CA CYS M 286 -18.02 -25.23 2.96
C CYS M 286 -19.22 -24.39 3.39
N GLY M 287 -20.41 -25.00 3.41
CA GLY M 287 -21.62 -24.29 3.82
C GLY M 287 -22.72 -24.65 2.85
N GLY M 288 -22.35 -25.22 1.72
CA GLY M 288 -23.31 -25.81 0.81
C GLY M 288 -23.48 -24.98 -0.44
N VAL M 289 -24.56 -25.26 -1.16
CA VAL M 289 -24.84 -24.60 -2.40
C VAL M 289 -25.08 -23.08 -2.22
N THR M 290 -25.79 -22.71 -1.16
CA THR M 290 -26.04 -21.30 -0.90
C THR M 290 -24.74 -20.53 -0.73
N GLU M 291 -23.77 -21.12 -0.04
CA GLU M 291 -22.52 -20.45 0.24
C GLU M 291 -21.61 -20.49 -0.98
N LEU M 292 -21.62 -21.62 -1.68
CA LEU M 292 -20.94 -21.75 -2.96
C LEU M 292 -21.39 -20.73 -3.99
N LEU M 293 -22.69 -20.41 -4.01
CA LEU M 293 -23.15 -19.31 -4.87
C LEU M 293 -22.53 -17.94 -4.54
N ARG M 294 -22.32 -17.67 -3.24
CA ARG M 294 -21.68 -16.42 -2.81
C ARG M 294 -20.20 -16.42 -3.19
N ILE M 295 -19.55 -17.57 -3.04
CA ILE M 295 -18.16 -17.75 -3.45
C ILE M 295 -18.00 -17.58 -4.96
N MET M 296 -18.98 -18.04 -5.71
CA MET M 296 -18.98 -17.94 -7.16
C MET M 296 -18.88 -16.47 -7.57
N ASP M 297 -19.68 -15.62 -6.93
CA ASP M 297 -19.63 -14.18 -7.21
C ASP M 297 -18.29 -13.52 -6.83
N ILE M 298 -17.69 -13.97 -5.72
CA ILE M 298 -16.36 -13.49 -5.33
C ILE M 298 -15.31 -13.89 -6.36
N CYS M 299 -15.41 -15.11 -6.87
CA CYS M 299 -14.48 -15.60 -7.87
C CYS M 299 -14.55 -14.82 -9.17
N GLU M 300 -15.78 -14.54 -9.62
CA GLU M 300 -15.99 -13.81 -10.85
C GLU M 300 -15.20 -12.50 -10.81
N HIS M 301 -15.25 -11.83 -9.67
CA HIS M 301 -14.54 -10.56 -9.51
C HIS M 301 -13.04 -10.75 -9.71
N HIS M 302 -12.50 -11.87 -9.23
CA HIS M 302 -11.07 -12.12 -9.35
C HIS M 302 -10.64 -12.81 -10.65
N ASN M 303 -11.61 -13.09 -11.53
CA ASN M 303 -11.39 -13.94 -12.70
C ASN M 303 -10.78 -15.31 -12.33
N ALA M 304 -11.24 -15.84 -11.20
CA ALA M 304 -10.81 -17.15 -10.78
C ALA M 304 -11.95 -18.10 -11.07
N GLN M 305 -11.65 -19.38 -11.23
CA GLN M 305 -12.71 -20.37 -11.42
C GLN M 305 -13.08 -21.07 -10.12
N LEU M 306 -14.30 -21.59 -10.08
CA LEU M 306 -14.79 -22.28 -8.90
C LEU M 306 -15.08 -23.71 -9.29
N MET M 307 -14.23 -24.61 -8.78
CA MET M 307 -14.32 -26.02 -9.12
C MET M 307 -14.39 -26.81 -7.81
N PRO M 308 -15.59 -26.95 -7.24
CA PRO M 308 -15.71 -27.46 -5.88
C PRO M 308 -15.28 -28.91 -5.77
N HIS M 309 -14.52 -29.21 -4.72
CA HIS M 309 -14.10 -30.57 -4.44
C HIS M 309 -15.34 -31.45 -4.44
N ASN M 310 -15.25 -32.58 -5.13
CA ASN M 310 -16.39 -33.44 -5.35
C ASN M 310 -15.93 -34.90 -5.32
N TRP M 311 -15.97 -35.51 -4.14
CA TRP M 311 -15.52 -36.89 -3.98
C TRP M 311 -16.26 -37.50 -2.82
N LYS M 312 -17.53 -37.79 -3.03
CA LYS M 312 -18.38 -38.32 -1.99
C LYS M 312 -19.25 -39.41 -2.59
N THR M 313 -20.49 -39.05 -2.90
CA THR M 313 -21.53 -40.02 -3.19
C THR M 313 -22.31 -39.43 -4.36
N GLY M 314 -23.16 -40.23 -5.00
CA GLY M 314 -24.03 -39.71 -6.05
C GLY M 314 -24.96 -38.58 -5.60
N ILE M 315 -25.12 -38.41 -4.28
CA ILE M 315 -25.93 -37.30 -3.75
C ILE M 315 -25.22 -35.97 -4.03
N THR M 316 -23.93 -35.90 -3.69
CA THR M 316 -23.09 -34.77 -4.10
C THR M 316 -22.93 -34.63 -5.63
N ALA M 317 -22.88 -35.75 -6.35
CA ALA M 317 -22.76 -35.68 -7.81
C ALA M 317 -23.97 -34.97 -8.41
N ALA M 318 -25.15 -35.25 -7.88
CA ALA M 318 -26.37 -34.52 -8.25
C ALA M 318 -26.27 -33.03 -7.92
N ALA M 319 -25.63 -32.67 -6.82
CA ALA M 319 -25.45 -31.24 -6.53
C ALA M 319 -24.46 -30.63 -7.53
N ALA M 320 -23.35 -31.33 -7.78
CA ALA M 320 -22.35 -30.88 -8.74
C ALA M 320 -22.96 -30.62 -10.12
N ARG M 321 -23.87 -31.50 -10.54
CA ARG M 321 -24.50 -31.37 -11.85
C ARG M 321 -25.35 -30.10 -11.92
N HIS M 322 -26.19 -29.88 -10.92
CA HIS M 322 -27.00 -28.66 -10.89
C HIS M 322 -26.20 -27.36 -10.73
N PHE M 323 -25.21 -27.34 -9.86
CA PHE M 323 -24.39 -26.16 -9.64
C PHE M 323 -23.54 -25.89 -10.88
N GLY M 324 -22.95 -26.93 -11.43
CA GLY M 324 -22.10 -26.84 -12.62
C GLY M 324 -22.77 -26.24 -13.85
N ILE M 325 -24.07 -26.47 -14.02
CA ILE M 325 -24.75 -25.92 -15.19
C ILE M 325 -25.09 -24.44 -14.99
N VAL M 326 -24.95 -24.00 -13.74
CA VAL M 326 -25.25 -22.62 -13.33
C VAL M 326 -23.93 -21.84 -13.25
N CYS M 327 -22.84 -22.55 -13.01
CA CYS M 327 -21.57 -21.88 -12.69
C CYS M 327 -20.82 -21.51 -13.96
N HIS M 328 -21.22 -20.40 -14.59
CA HIS M 328 -20.74 -20.07 -15.93
C HIS M 328 -19.27 -19.60 -15.98
N ILE M 329 -18.69 -19.26 -14.83
CA ILE M 329 -17.28 -18.83 -14.79
C ILE M 329 -16.31 -20.03 -14.88
N SER M 330 -16.87 -21.23 -14.77
CA SER M 330 -16.04 -22.41 -14.67
C SER M 330 -16.14 -23.23 -15.94
N GLU M 331 -15.01 -23.44 -16.58
CA GLU M 331 -14.95 -24.28 -17.77
C GLU M 331 -15.31 -25.72 -17.42
N TYR M 332 -14.77 -26.20 -16.31
CA TYR M 332 -15.05 -27.55 -15.80
C TYR M 332 -15.49 -27.46 -14.33
N VAL M 333 -16.07 -28.52 -13.80
CA VAL M 333 -16.05 -28.74 -12.35
C VAL M 333 -15.62 -30.18 -12.08
N GLU M 334 -15.14 -30.44 -10.86
CA GLU M 334 -14.73 -31.78 -10.52
C GLU M 334 -15.91 -32.75 -10.55
N TYR M 335 -15.67 -33.94 -11.08
CA TYR M 335 -16.68 -34.98 -11.07
C TYR M 335 -16.08 -36.36 -10.83
N LEU M 336 -16.64 -37.07 -9.85
CA LEU M 336 -16.34 -38.47 -9.60
C LEU M 336 -17.45 -39.27 -10.26
N HIS M 337 -17.10 -39.99 -11.33
CA HIS M 337 -18.04 -40.83 -12.07
C HIS M 337 -17.80 -42.32 -11.78
N PRO M 338 -18.88 -43.10 -11.70
CA PRO M 338 -18.86 -44.55 -11.49
C PRO M 338 -17.96 -45.28 -12.51
N ASP M 339 -17.83 -44.73 -13.71
CA ASP M 339 -16.96 -45.35 -14.72
C ASP M 339 -15.52 -45.50 -14.25
N PHE M 340 -15.09 -44.62 -13.34
CA PHE M 340 -13.66 -44.50 -13.02
C PHE M 340 -13.31 -44.89 -11.60
N TRP M 341 -14.33 -45.20 -10.81
CA TRP M 341 -14.14 -45.48 -9.39
C TRP M 341 -15.09 -46.59 -9.00
N ASN M 342 -14.54 -47.64 -8.39
CA ASN M 342 -15.34 -48.78 -7.93
C ASN M 342 -15.66 -48.83 -6.43
N GLY M 343 -15.57 -47.70 -5.74
CA GLY M 343 -16.12 -47.58 -4.39
C GLY M 343 -17.57 -48.02 -4.33
N THR M 344 -17.93 -48.68 -3.23
CA THR M 344 -19.26 -49.29 -3.08
C THR M 344 -20.38 -48.27 -3.13
N LEU M 345 -20.18 -47.15 -2.44
CA LEU M 345 -21.19 -46.12 -2.36
C LEU M 345 -21.37 -45.47 -3.72
N THR M 346 -20.24 -45.23 -4.39
CA THR M 346 -20.28 -44.68 -5.75
C THR M 346 -21.11 -45.57 -6.67
N GLN M 347 -21.00 -46.89 -6.49
CA GLN M 347 -21.65 -47.86 -7.38
C GLN M 347 -23.10 -48.19 -7.00
N GLN M 348 -23.44 -48.04 -5.72
CA GLN M 348 -24.68 -48.64 -5.22
C GLN M 348 -25.65 -47.67 -4.55
N LEU M 349 -25.12 -46.62 -3.93
CA LEU M 349 -25.97 -45.73 -3.16
C LEU M 349 -27.05 -45.05 -4.02
N THR M 350 -26.68 -44.69 -5.25
CA THR M 350 -27.60 -44.02 -6.17
C THR M 350 -27.81 -44.87 -7.43
N LEU M 351 -28.93 -44.66 -8.10
CA LEU M 351 -29.24 -45.37 -9.34
C LEU M 351 -29.37 -44.41 -10.51
N ASN M 352 -29.18 -44.94 -11.72
CA ASN M 352 -29.38 -44.18 -12.95
C ASN M 352 -28.48 -42.95 -13.06
N GLU M 353 -27.21 -43.11 -12.71
CA GLU M 353 -26.23 -42.06 -12.94
C GLU M 353 -26.13 -41.74 -14.44
N PRO M 354 -26.25 -40.45 -14.80
CA PRO M 354 -26.11 -39.98 -16.19
C PRO M 354 -24.80 -40.44 -16.84
N LYS M 355 -24.91 -40.92 -18.07
CA LYS M 355 -23.77 -41.43 -18.79
C LYS M 355 -22.90 -40.25 -19.28
N ILE M 356 -21.59 -40.49 -19.43
CA ILE M 356 -20.70 -39.51 -20.04
C ILE M 356 -20.79 -39.64 -21.56
N ILE M 357 -21.25 -38.59 -22.22
CA ILE M 357 -21.53 -38.63 -23.65
C ILE M 357 -20.77 -37.49 -24.30
N ASP M 358 -19.70 -37.83 -25.01
CA ASP M 358 -18.85 -36.81 -25.62
C ASP M 358 -18.25 -35.85 -24.57
N GLY M 359 -17.89 -36.40 -23.41
CA GLY M 359 -17.32 -35.59 -22.32
C GLY M 359 -18.34 -34.75 -21.55
N ALA M 360 -19.62 -34.94 -21.87
CA ALA M 360 -20.71 -34.21 -21.22
C ALA M 360 -21.63 -35.14 -20.43
N ILE M 361 -22.26 -34.59 -19.39
CA ILE M 361 -23.30 -35.32 -18.70
C ILE M 361 -24.56 -34.48 -18.61
N GLU M 362 -25.69 -35.08 -18.99
CA GLU M 362 -26.98 -34.39 -18.96
C GLU M 362 -27.31 -33.96 -17.53
N VAL M 363 -27.80 -32.75 -17.38
CA VAL M 363 -28.42 -32.33 -16.13
C VAL M 363 -29.92 -32.41 -16.38
N SER M 364 -30.61 -33.35 -15.74
CA SER M 364 -32.03 -33.55 -16.00
C SER M 364 -32.91 -32.44 -15.46
N ASP M 365 -34.11 -32.37 -16.02
CA ASP M 365 -35.10 -31.41 -15.57
C ASP M 365 -36.03 -32.04 -14.53
N LYS M 366 -35.63 -33.15 -13.93
CA LYS M 366 -36.42 -33.72 -12.84
C LYS M 366 -36.40 -32.80 -11.62
N PRO M 367 -37.50 -32.77 -10.84
CA PRO M 367 -37.60 -31.77 -9.79
C PRO M 367 -36.50 -31.97 -8.76
N GLY M 368 -36.06 -30.90 -8.12
CA GLY M 368 -35.01 -30.95 -7.11
C GLY M 368 -33.67 -31.30 -7.72
N LEU M 369 -32.88 -32.07 -6.97
CA LEU M 369 -31.58 -32.55 -7.44
C LEU M 369 -31.70 -33.78 -8.36
N GLY M 370 -32.89 -34.34 -8.46
CA GLY M 370 -33.13 -35.46 -9.38
C GLY M 370 -32.34 -36.68 -8.96
N ILE M 371 -32.28 -36.92 -7.66
CA ILE M 371 -31.52 -38.02 -7.10
C ILE M 371 -32.36 -39.29 -7.14
N GLU M 372 -31.71 -40.41 -7.46
CA GLU M 372 -32.40 -41.69 -7.52
C GLU M 372 -31.80 -42.57 -6.45
N LEU M 373 -32.24 -42.40 -5.21
CA LEU M 373 -31.61 -43.07 -4.08
C LEU M 373 -31.92 -44.56 -4.10
N ASN M 374 -30.94 -45.38 -3.74
CA ASN M 374 -31.15 -46.80 -3.59
C ASN M 374 -31.60 -47.14 -2.17
N ILE M 375 -32.92 -47.04 -1.97
CA ILE M 375 -33.51 -47.14 -0.66
C ILE M 375 -33.26 -48.50 0.01
N GLU M 376 -33.38 -49.57 -0.78
CA GLU M 376 -33.10 -50.91 -0.29
C GLU M 376 -31.66 -51.03 0.20
N PHE M 377 -30.72 -50.46 -0.55
CA PHE M 377 -29.33 -50.42 -0.11
C PHE M 377 -29.17 -49.69 1.23
N VAL M 378 -29.78 -48.51 1.33
CA VAL M 378 -29.74 -47.76 2.57
C VAL M 378 -30.37 -48.53 3.74
N GLU M 379 -31.53 -49.14 3.50
CA GLU M 379 -32.20 -49.90 4.56
C GLU M 379 -31.41 -51.11 5.07
N GLN M 380 -30.53 -51.66 4.23
CA GLN M 380 -29.74 -52.82 4.60
C GLN M 380 -28.62 -52.41 5.53
N VAL M 381 -27.80 -51.47 5.06
CA VAL M 381 -26.59 -51.08 5.76
C VAL M 381 -26.84 -50.36 7.08
N THR M 382 -27.96 -49.64 7.17
CA THR M 382 -28.32 -48.96 8.40
C THR M 382 -29.17 -49.84 9.32
N GLY M 383 -29.88 -50.81 8.73
CA GLY M 383 -30.74 -51.70 9.49
C GLY M 383 -32.10 -51.10 9.83
N HIS M 384 -32.29 -49.82 9.54
CA HIS M 384 -33.55 -49.15 9.85
C HIS M 384 -34.40 -48.90 8.59
N LYS M 385 -35.69 -48.62 8.78
CA LYS M 385 -36.57 -48.33 7.66
C LYS M 385 -36.51 -46.86 7.24
N PHE M 386 -36.89 -46.59 5.99
CA PHE M 386 -36.61 -45.31 5.35
C PHE M 386 -37.89 -44.68 4.80
N ALA N 5 17.03 -27.83 41.07
CA ALA N 5 18.06 -26.98 41.73
C ALA N 5 18.37 -25.70 40.97
N ASN N 6 18.43 -24.59 41.70
CA ASN N 6 18.72 -23.30 41.11
C ASN N 6 20.19 -23.19 40.75
N ILE N 7 20.47 -22.26 39.84
CA ILE N 7 21.79 -22.00 39.32
C ILE N 7 22.59 -21.27 40.39
N VAL N 8 23.84 -21.71 40.58
CA VAL N 8 24.75 -21.07 41.53
C VAL N 8 25.75 -20.18 40.79
N SER N 9 26.16 -20.58 39.59
CA SER N 9 27.26 -19.89 38.92
C SER N 9 27.26 -19.96 37.39
N VAL N 10 27.83 -18.93 36.78
CA VAL N 10 28.07 -18.90 35.35
C VAL N 10 29.53 -18.56 35.11
N GLU N 11 30.14 -19.26 34.17
CA GLU N 11 31.55 -19.07 33.87
C GLU N 11 31.75 -19.04 32.35
N PHE N 12 32.36 -17.95 31.88
CA PHE N 12 32.83 -17.85 30.50
C PHE N 12 34.30 -18.23 30.49
N ILE N 13 34.61 -19.36 29.85
CA ILE N 13 35.97 -19.89 29.83
C ILE N 13 36.54 -19.77 28.44
N PRO N 14 37.49 -18.84 28.26
CA PRO N 14 38.15 -18.64 26.97
C PRO N 14 38.97 -19.86 26.59
N VAL N 15 38.74 -20.39 25.40
CA VAL N 15 39.57 -21.46 24.88
C VAL N 15 40.31 -20.97 23.65
N ASN N 16 41.63 -20.94 23.71
CA ASN N 16 42.44 -20.37 22.65
C ASN N 16 43.58 -21.30 22.26
N VAL N 17 43.59 -21.74 21.02
CA VAL N 17 44.71 -22.56 20.53
C VAL N 17 45.57 -21.76 19.56
N ALA N 18 46.89 -21.91 19.70
CA ALA N 18 47.86 -21.20 18.88
C ALA N 18 48.56 -22.13 17.89
N GLU N 24 41.84 -20.24 15.78
CA GLU N 24 41.08 -21.27 16.47
C GLU N 24 40.72 -20.84 17.90
N ASN N 25 39.44 -20.62 18.15
CA ASN N 25 39.03 -20.29 19.51
C ASN N 25 37.53 -20.28 19.75
N THR N 26 37.16 -20.46 21.01
CA THR N 26 35.79 -20.35 21.43
C THR N 26 35.71 -19.88 22.88
N VAL N 27 34.53 -19.47 23.30
CA VAL N 27 34.29 -19.18 24.70
C VAL N 27 33.33 -20.22 25.23
N ILE N 28 33.81 -21.13 26.09
CA ILE N 28 32.91 -22.06 26.73
C ILE N 28 32.11 -21.37 27.85
N VAL N 29 30.82 -21.66 27.89
CA VAL N 29 29.96 -21.08 28.90
C VAL N 29 29.45 -22.21 29.79
N LYS N 30 29.87 -22.20 31.05
CA LYS N 30 29.55 -23.27 31.98
C LYS N 30 28.63 -22.75 33.07
N VAL N 31 27.40 -23.25 33.10
CA VAL N 31 26.43 -22.90 34.13
C VAL N 31 26.25 -24.09 35.06
N THR N 32 26.38 -23.84 36.35
CA THR N 32 26.36 -24.90 37.36
C THR N 32 25.24 -24.68 38.37
N ASP N 33 24.56 -25.75 38.78
CA ASP N 33 23.50 -25.65 39.79
C ASP N 33 23.95 -25.98 41.22
N GLU N 34 23.00 -25.89 42.16
CA GLU N 34 23.27 -26.11 43.59
C GLU N 34 23.91 -27.47 43.89
N ASN N 35 23.69 -28.44 43.02
CA ASN N 35 24.20 -29.80 43.22
C ASN N 35 25.52 -30.08 42.50
N GLY N 36 26.06 -29.06 41.81
CA GLY N 36 27.31 -29.24 41.07
C GLY N 36 27.15 -29.80 39.66
N VAL N 37 25.91 -30.09 39.26
CA VAL N 37 25.59 -30.39 37.86
C VAL N 37 25.68 -29.11 37.01
N TYR N 38 26.35 -29.22 35.87
CA TYR N 38 26.56 -28.08 34.98
C TYR N 38 26.04 -28.37 33.57
N GLY N 39 25.69 -27.30 32.87
CA GLY N 39 25.43 -27.30 31.44
C GLY N 39 26.49 -26.53 30.68
N LEU N 40 26.66 -26.86 29.40
CA LEU N 40 27.66 -26.25 28.55
C LEU N 40 27.04 -25.62 27.32
N GLY N 41 27.56 -24.45 26.96
CA GLY N 41 27.20 -23.76 25.73
C GLY N 41 28.43 -23.03 25.26
N GLU N 42 28.32 -22.29 24.18
CA GLU N 42 29.39 -21.43 23.74
C GLU N 42 28.89 -20.15 23.08
N ALA N 43 29.60 -19.07 23.34
CA ALA N 43 29.29 -17.77 22.76
C ALA N 43 30.26 -17.47 21.63
N ASP N 44 29.77 -16.83 20.57
CA ASP N 44 30.70 -16.21 19.61
C ASP N 44 31.44 -15.05 20.26
N GLY N 45 32.49 -14.59 19.58
CA GLY N 45 33.19 -13.37 19.98
C GLY N 45 34.63 -13.63 20.40
N PRO N 46 35.45 -12.57 20.45
CA PRO N 46 36.83 -12.67 20.92
C PRO N 46 36.83 -13.09 22.38
N PRO N 47 37.46 -14.23 22.68
CA PRO N 47 37.34 -14.91 23.96
C PRO N 47 37.55 -14.00 25.19
N GLU N 48 38.68 -13.30 25.24
CA GLU N 48 38.98 -12.47 26.42
C GLU N 48 37.94 -11.36 26.57
N CYS N 49 37.49 -10.84 25.44
CA CYS N 49 36.49 -9.78 25.47
C CYS N 49 35.12 -10.25 25.99
N MET N 50 34.67 -11.43 25.56
CA MET N 50 33.41 -11.97 26.04
C MET N 50 33.54 -12.29 27.53
N LYS N 51 34.74 -12.73 27.94
CA LYS N 51 34.99 -12.97 29.36
C LYS N 51 34.80 -11.68 30.18
N ALA N 52 35.32 -10.57 29.68
CA ALA N 52 35.18 -9.31 30.40
C ALA N 52 33.71 -8.85 30.44
N PHE N 53 33.02 -9.01 29.31
CA PHE N 53 31.58 -8.69 29.22
C PHE N 53 30.78 -9.40 30.32
N SER N 54 31.08 -10.68 30.53
CA SER N 54 30.38 -11.50 31.52
C SER N 54 30.82 -11.17 32.95
N GLU N 55 31.80 -10.30 33.10
CA GLU N 55 32.33 -9.97 34.42
C GLU N 55 32.22 -8.49 34.79
N ILE N 56 31.32 -7.79 34.11
CA ILE N 56 31.14 -6.36 34.38
C ILE N 56 30.41 -6.07 35.69
N GLU N 57 30.65 -4.87 36.21
CA GLU N 57 29.96 -4.32 37.38
C GLU N 57 28.54 -3.84 37.00
N ASN N 58 27.59 -4.02 37.90
CA ASN N 58 26.24 -3.43 37.76
C ASN N 58 26.29 -1.91 37.72
N GLU N 59 25.37 -1.26 37.00
CA GLU N 59 25.34 0.20 36.94
C GLU N 59 23.95 0.83 37.10
N HIS N 60 22.95 0.28 36.42
CA HIS N 60 21.58 0.81 36.53
C HIS N 60 20.57 -0.21 36.00
N LYS N 61 19.30 0.19 35.96
CA LYS N 61 18.22 -0.71 35.56
C LYS N 61 18.46 -1.50 34.26
N TRP N 62 19.09 -0.89 33.27
CA TRP N 62 19.30 -1.57 31.98
C TRP N 62 20.76 -1.95 31.70
N LEU N 63 21.59 -1.88 32.74
CA LEU N 63 23.01 -2.24 32.62
C LEU N 63 23.49 -3.01 33.83
N ASN N 64 23.24 -4.32 33.81
CA ASN N 64 23.61 -5.23 34.89
C ASN N 64 24.48 -6.37 34.38
N ASN N 65 25.31 -6.92 35.26
CA ASN N 65 26.06 -8.12 34.95
C ASN N 65 25.09 -9.21 34.48
N ILE N 66 25.38 -9.80 33.31
CA ILE N 66 24.44 -10.75 32.67
C ILE N 66 24.13 -11.98 33.54
N LYS N 67 25.12 -12.43 34.31
CA LYS N 67 24.97 -13.60 35.16
C LYS N 67 23.88 -13.46 36.23
N GLU N 68 23.66 -12.24 36.71
CA GLU N 68 22.72 -12.01 37.81
C GLU N 68 21.26 -12.20 37.39
N ALA N 69 21.01 -12.18 36.08
CA ALA N 69 19.70 -12.53 35.56
C ALA N 69 19.36 -14.01 35.71
N VAL N 70 20.37 -14.85 35.90
CA VAL N 70 20.12 -16.30 35.99
C VAL N 70 20.57 -16.97 37.29
N ILE N 71 21.58 -16.40 37.97
CA ILE N 71 22.00 -16.93 39.28
C ILE N 71 20.80 -17.00 40.20
N GLY N 72 20.51 -18.17 40.74
CA GLY N 72 19.38 -18.32 41.66
C GLY N 72 18.07 -18.67 40.98
N ARG N 73 18.09 -18.89 39.66
CA ARG N 73 16.87 -19.29 38.93
C ARG N 73 16.87 -20.77 38.54
N ASP N 74 15.70 -21.24 38.13
CA ASP N 74 15.50 -22.57 37.56
C ASP N 74 15.87 -22.54 36.07
N PRO N 75 16.86 -23.34 35.64
CA PRO N 75 17.16 -23.34 34.19
C PRO N 75 16.01 -23.83 33.28
N LEU N 76 15.01 -24.50 33.84
CA LEU N 76 13.82 -24.89 33.08
C LEU N 76 13.05 -23.73 32.41
N GLU N 77 13.11 -22.54 33.01
CA GLU N 77 12.25 -21.43 32.59
C GLU N 77 12.92 -20.62 31.46
N PHE N 78 12.87 -21.14 30.23
CA PHE N 78 13.70 -20.60 29.17
C PHE N 78 13.32 -19.19 28.76
N ARG N 79 12.03 -18.94 28.57
CA ARG N 79 11.57 -17.63 28.14
C ARG N 79 11.88 -16.60 29.22
N ALA N 80 11.51 -16.91 30.46
CA ALA N 80 11.66 -15.99 31.58
C ALA N 80 13.11 -15.62 31.76
N ASN N 81 14.00 -16.62 31.74
CA ASN N 81 15.44 -16.37 31.84
C ASN N 81 15.99 -15.59 30.64
N TYR N 82 15.63 -16.02 29.43
CA TYR N 82 15.99 -15.25 28.25
C TYR N 82 15.54 -13.78 28.38
N ASN N 83 14.26 -13.55 28.65
CA ASN N 83 13.73 -12.19 28.78
C ASN N 83 14.41 -11.40 29.89
N ARG N 84 14.79 -12.07 30.98
CA ARG N 84 15.53 -11.40 32.06
C ARG N 84 16.96 -10.97 31.64
N MET N 85 17.69 -11.86 30.98
CA MET N 85 19.01 -11.52 30.45
C MET N 85 18.92 -10.36 29.43
N TYR N 86 17.96 -10.44 28.53
CA TYR N 86 17.82 -9.43 27.50
C TYR N 86 17.45 -8.06 28.13
N ASP N 87 16.50 -8.09 29.04
CA ASP N 87 16.02 -6.85 29.64
C ASP N 87 17.08 -6.19 30.47
N THR N 88 17.72 -6.95 31.36
CA THR N 88 18.61 -6.33 32.33
C THR N 88 19.86 -5.78 31.66
N THR N 89 20.13 -6.23 30.44
CA THR N 89 21.36 -5.85 29.72
C THR N 89 21.10 -4.96 28.51
N LYS N 90 19.92 -4.39 28.42
CA LYS N 90 19.53 -3.70 27.18
C LYS N 90 20.49 -2.58 26.76
N TRP N 91 21.02 -1.83 27.72
CA TRP N 91 21.84 -0.67 27.39
C TRP N 91 23.12 -1.05 26.64
N ILE N 92 23.65 -2.22 26.92
CA ILE N 92 24.87 -2.70 26.26
C ILE N 92 24.61 -3.90 25.34
N GLY N 93 23.42 -4.50 25.45
CA GLY N 93 23.03 -5.64 24.60
C GLY N 93 22.08 -5.22 23.49
N MET N 94 20.89 -5.82 23.50
CA MET N 94 19.82 -5.55 22.53
C MET N 94 20.10 -6.08 21.11
N ARG N 95 21.22 -5.65 20.53
CA ARG N 95 21.73 -6.24 19.30
C ARG N 95 23.23 -6.47 19.42
N GLY N 96 23.75 -7.40 18.64
CA GLY N 96 25.18 -7.53 18.47
C GLY N 96 25.86 -8.29 19.59
N LEU N 97 27.06 -7.85 19.95
CA LEU N 97 27.94 -8.65 20.78
C LEU N 97 27.29 -9.05 22.10
N GLY N 98 26.44 -8.18 22.64
CA GLY N 98 25.72 -8.48 23.87
C GLY N 98 24.89 -9.75 23.75
N LEU N 99 24.34 -9.95 22.55
CA LEU N 99 23.54 -11.12 22.26
C LEU N 99 24.33 -12.42 22.18
N PHE N 100 25.61 -12.32 21.78
CA PHE N 100 26.50 -13.50 21.77
C PHE N 100 26.57 -14.08 23.17
N ALA N 101 26.74 -13.20 24.16
CA ALA N 101 26.83 -13.59 25.55
C ALA N 101 25.55 -14.28 25.98
N ILE N 102 24.40 -13.72 25.62
CA ILE N 102 23.12 -14.38 25.93
C ILE N 102 22.97 -15.80 25.30
N SER N 103 23.40 -15.91 24.04
CA SER N 103 23.28 -17.15 23.28
C SER N 103 23.96 -18.30 24.01
N GLY N 104 25.17 -18.05 24.47
CA GLY N 104 25.99 -19.08 25.08
C GLY N 104 25.42 -19.56 26.40
N ILE N 105 24.93 -18.62 27.21
CA ILE N 105 24.19 -18.96 28.43
C ILE N 105 22.90 -19.75 28.13
N ASP N 106 22.09 -19.23 27.21
CA ASP N 106 20.84 -19.89 26.85
C ASP N 106 21.08 -21.35 26.45
N MET N 107 22.12 -21.57 25.64
CA MET N 107 22.52 -22.89 25.15
C MET N 107 22.86 -23.79 26.33
N ALA N 108 23.72 -23.31 27.22
CA ALA N 108 24.05 -24.06 28.45
C ALA N 108 22.82 -24.38 29.30
N LEU N 109 21.80 -23.54 29.24
CA LEU N 109 20.62 -23.76 30.06
C LEU N 109 19.80 -24.95 29.62
N TYR N 110 19.71 -25.15 28.29
CA TYR N 110 19.06 -26.35 27.77
C TYR N 110 19.86 -27.60 28.17
N ASP N 111 21.18 -27.48 28.19
CA ASP N 111 22.03 -28.62 28.54
C ASP N 111 21.84 -28.95 30.03
N LEU N 112 21.84 -27.91 30.85
CA LEU N 112 21.66 -28.05 32.29
C LEU N 112 20.29 -28.57 32.68
N ALA N 113 19.23 -27.92 32.22
CA ALA N 113 17.88 -28.40 32.56
C ALA N 113 17.67 -29.84 32.06
N GLY N 114 18.19 -30.14 30.88
CA GLY N 114 18.18 -31.51 30.37
C GLY N 114 18.83 -32.50 31.33
N LYS N 115 19.99 -32.16 31.86
CA LYS N 115 20.69 -33.04 32.82
C LYS N 115 19.94 -33.15 34.15
N GLN N 116 19.38 -32.04 34.61
CA GLN N 116 18.62 -32.05 35.86
C GLN N 116 17.44 -33.00 35.76
N LEU N 117 16.75 -32.97 34.62
CA LEU N 117 15.52 -33.70 34.46
C LEU N 117 15.77 -35.09 33.88
N GLY N 118 16.95 -35.32 33.34
CA GLY N 118 17.29 -36.59 32.71
C GLY N 118 16.62 -36.81 31.36
N VAL N 119 16.41 -35.73 30.59
CA VAL N 119 15.83 -35.76 29.25
C VAL N 119 16.73 -35.09 28.21
N PRO N 120 16.71 -35.57 26.96
CA PRO N 120 17.49 -34.91 25.92
C PRO N 120 16.94 -33.52 25.64
N ALA N 121 17.81 -32.58 25.27
CA ALA N 121 17.36 -31.21 25.12
C ALA N 121 16.23 -31.04 24.09
N TYR N 122 16.19 -31.89 23.06
CA TYR N 122 15.15 -31.73 22.02
C TYR N 122 13.72 -31.82 22.58
N LYS N 123 13.55 -32.54 23.68
CA LYS N 123 12.26 -32.59 24.36
C LYS N 123 11.92 -31.24 25.01
N LEU N 124 12.93 -30.55 25.54
CA LEU N 124 12.73 -29.23 26.15
C LEU N 124 12.50 -28.17 25.07
N MET N 125 12.86 -28.51 23.82
CA MET N 125 12.72 -27.59 22.69
C MET N 125 11.42 -27.84 21.94
N GLY N 126 10.54 -28.67 22.51
CA GLY N 126 9.22 -28.94 21.91
C GLY N 126 8.96 -30.38 21.46
N GLY N 127 10.01 -31.17 21.29
CA GLY N 127 9.90 -32.57 20.88
C GLY N 127 10.40 -32.80 19.46
N ALA N 128 10.91 -34.00 19.19
CA ALA N 128 11.45 -34.32 17.87
C ALA N 128 10.34 -34.31 16.82
N GLN N 129 10.58 -33.68 15.67
CA GLN N 129 9.55 -33.62 14.62
C GLN N 129 10.00 -34.09 13.23
N LYS N 130 11.16 -34.72 13.18
CA LYS N 130 11.53 -35.42 11.98
C LYS N 130 12.04 -36.81 12.29
N ALA N 131 11.87 -37.70 11.32
CA ALA N 131 12.24 -39.09 11.47
C ALA N 131 13.73 -39.19 11.80
N GLN N 132 14.52 -38.30 11.17
CA GLN N 132 15.98 -38.31 11.29
C GLN N 132 16.46 -36.91 11.04
N LEU N 133 17.71 -36.66 11.40
CA LEU N 133 18.39 -35.42 11.10
C LEU N 133 19.30 -35.55 9.87
N THR N 134 18.95 -34.87 8.79
CA THR N 134 19.74 -34.88 7.56
C THR N 134 20.32 -33.50 7.31
N PRO N 135 21.58 -33.28 7.69
CA PRO N 135 22.12 -31.92 7.56
C PRO N 135 22.62 -31.68 6.14
N TYR N 136 22.83 -30.42 5.75
CA TYR N 136 23.82 -30.17 4.71
C TYR N 136 25.21 -29.94 5.35
N PHE N 137 26.26 -30.46 4.69
CA PHE N 137 27.62 -30.34 5.20
C PHE N 137 28.41 -29.25 4.50
N THR N 138 28.90 -28.30 5.29
CA THR N 138 29.75 -27.25 4.75
C THR N 138 31.13 -27.79 4.46
N LEU N 139 31.62 -27.49 3.28
CA LEU N 139 32.89 -28.00 2.82
C LEU N 139 33.80 -26.82 2.53
N TYR N 140 34.81 -26.62 3.37
CA TYR N 140 35.76 -25.54 3.17
C TYR N 140 37.15 -26.13 3.01
N PRO N 141 37.79 -25.88 1.86
CA PRO N 141 39.04 -26.57 1.58
C PRO N 141 40.21 -25.86 2.25
N SER N 142 41.19 -26.64 2.74
CA SER N 142 42.43 -26.04 3.25
C SER N 142 43.41 -25.81 2.10
N VAL N 143 43.57 -24.54 1.73
CA VAL N 143 44.43 -24.16 0.62
C VAL N 143 45.28 -22.94 1.03
N ALA N 144 46.38 -22.71 0.32
CA ALA N 144 47.17 -21.50 0.52
C ALA N 144 46.38 -20.26 0.14
N ALA N 145 46.78 -19.11 0.68
CA ALA N 145 46.48 -17.83 0.06
C ALA N 145 46.97 -17.87 -1.38
N ASP N 146 46.32 -17.12 -2.26
CA ASP N 146 46.80 -17.06 -3.63
C ASP N 146 46.70 -18.42 -4.31
N ALA N 147 45.94 -19.34 -3.73
CA ALA N 147 45.51 -20.53 -4.47
C ALA N 147 44.64 -20.08 -5.63
N THR N 148 44.76 -20.75 -6.76
CA THR N 148 43.93 -20.42 -7.92
C THR N 148 42.62 -21.21 -7.86
N LEU N 149 41.68 -20.84 -8.72
CA LEU N 149 40.39 -21.51 -8.76
C LEU N 149 40.56 -22.99 -9.08
N SER N 150 41.49 -23.28 -9.99
CA SER N 150 41.88 -24.66 -10.31
C SER N 150 42.39 -25.45 -9.09
N GLU N 151 43.32 -24.89 -8.34
CA GLU N 151 43.84 -25.52 -7.13
C GLU N 151 42.74 -25.78 -6.08
N ILE N 152 41.81 -24.84 -5.96
CA ILE N 152 40.71 -24.95 -5.02
C ILE N 152 39.80 -26.10 -5.43
N VAL N 153 39.52 -26.22 -6.73
CA VAL N 153 38.77 -27.37 -7.23
C VAL N 153 39.47 -28.68 -6.88
N GLU N 154 40.77 -28.79 -7.16
CA GLU N 154 41.58 -29.92 -6.72
C GLU N 154 41.41 -30.24 -5.23
N ALA N 155 41.53 -29.23 -4.37
CA ALA N 155 41.35 -29.47 -2.93
C ALA N 155 39.91 -29.87 -2.56
N TYR N 156 38.92 -29.44 -3.35
CA TYR N 156 37.54 -29.86 -3.11
C TYR N 156 37.26 -31.33 -3.42
N LYS N 157 37.97 -31.90 -4.39
CA LYS N 157 37.69 -33.29 -4.79
C LYS N 157 37.64 -34.31 -3.63
N PRO N 158 38.67 -34.34 -2.76
CA PRO N 158 38.62 -35.37 -1.70
C PRO N 158 37.51 -35.15 -0.69
N LEU N 159 37.18 -33.89 -0.45
CA LEU N 159 36.04 -33.53 0.41
C LEU N 159 34.71 -33.97 -0.20
N ILE N 160 34.47 -33.61 -1.44
CA ILE N 160 33.24 -33.97 -2.07
C ILE N 160 33.13 -35.50 -2.09
N ALA N 161 34.24 -36.20 -2.33
CA ALA N 161 34.22 -37.66 -2.39
C ALA N 161 33.93 -38.29 -1.04
N LYS N 162 34.49 -37.75 0.03
CA LYS N 162 34.11 -38.21 1.37
C LYS N 162 32.63 -37.98 1.66
N ALA N 163 32.07 -36.85 1.24
CA ALA N 163 30.65 -36.60 1.46
C ALA N 163 29.80 -37.66 0.77
N LYS N 164 30.13 -37.97 -0.49
CA LYS N 164 29.43 -39.04 -1.21
C LYS N 164 29.59 -40.40 -0.53
N GLU N 165 30.77 -40.66 0.02
CA GLU N 165 31.06 -41.94 0.65
C GLU N 165 30.19 -42.14 1.91
N ARG N 166 29.91 -41.03 2.59
CA ARG N 166 29.06 -41.04 3.78
C ARG N 166 27.58 -40.92 3.45
N GLY N 167 27.25 -40.65 2.18
CA GLY N 167 25.85 -40.62 1.75
C GLY N 167 25.17 -39.28 2.01
N ALA N 168 25.99 -38.22 2.13
CA ALA N 168 25.50 -36.85 2.29
C ALA N 168 24.45 -36.47 1.27
N LYS N 169 23.41 -35.79 1.74
CA LYS N 169 22.32 -35.37 0.85
C LYS N 169 22.55 -34.02 0.17
N ALA N 170 23.50 -33.26 0.70
CA ALA N 170 23.64 -31.86 0.32
C ALA N 170 24.97 -31.36 0.86
N VAL N 171 25.67 -30.57 0.06
CA VAL N 171 26.91 -29.98 0.53
C VAL N 171 26.92 -28.52 0.14
N LYS N 172 27.67 -27.73 0.89
CA LYS N 172 27.88 -26.35 0.56
C LYS N 172 29.33 -26.12 0.19
N VAL N 173 29.55 -25.47 -0.96
CA VAL N 173 30.88 -25.03 -1.35
C VAL N 173 31.01 -23.52 -1.27
N CYS N 174 32.25 -23.04 -1.23
CA CYS N 174 32.52 -21.64 -0.98
C CYS N 174 33.28 -20.98 -2.14
N ILE N 175 33.09 -19.67 -2.28
CA ILE N 175 33.94 -18.83 -3.11
C ILE N 175 34.92 -18.11 -2.19
N ILE N 176 36.13 -18.65 -2.04
CA ILE N 176 37.16 -17.99 -1.26
C ILE N 176 37.29 -16.57 -1.80
N PRO N 177 37.20 -15.55 -0.91
CA PRO N 177 37.25 -14.15 -1.34
C PRO N 177 38.46 -13.86 -2.21
N ASN N 178 38.24 -13.23 -3.35
CA ASN N 178 39.24 -13.23 -4.40
C ASN N 178 38.89 -12.20 -5.45
N ASP N 179 39.28 -10.97 -5.21
CA ASP N 179 38.88 -9.86 -6.05
C ASP N 179 39.68 -9.83 -7.36
N LYS N 180 40.73 -10.63 -7.43
CA LYS N 180 41.57 -10.71 -8.63
C LYS N 180 40.95 -11.62 -9.70
N VAL N 181 39.74 -12.09 -9.42
CA VAL N 181 39.09 -13.09 -10.26
C VAL N 181 37.74 -12.56 -10.75
N SER N 182 37.39 -12.81 -12.00
CA SER N 182 36.19 -12.24 -12.57
C SER N 182 34.95 -13.10 -12.33
N ASP N 183 33.80 -12.46 -12.34
CA ASP N 183 32.54 -13.20 -12.23
C ASP N 183 32.41 -14.34 -13.27
N LYS N 184 32.84 -14.08 -14.52
CA LYS N 184 32.86 -15.14 -15.56
C LYS N 184 33.73 -16.32 -15.12
N GLU N 185 34.83 -16.04 -14.43
CA GLU N 185 35.66 -17.14 -13.93
C GLU N 185 34.96 -17.86 -12.76
N ILE N 186 34.25 -17.10 -11.93
CA ILE N 186 33.44 -17.70 -10.86
C ILE N 186 32.41 -18.66 -11.43
N VAL N 187 31.77 -18.23 -12.51
CA VAL N 187 30.77 -19.09 -13.16
C VAL N 187 31.34 -20.44 -13.61
N ALA N 188 32.44 -20.41 -14.35
CA ALA N 188 33.14 -21.63 -14.75
C ALA N 188 33.53 -22.47 -13.53
N TYR N 189 34.08 -21.82 -12.50
CA TYR N 189 34.44 -22.47 -11.23
C TYR N 189 33.28 -23.28 -10.60
N LEU N 190 32.12 -22.63 -10.47
CA LEU N 190 30.95 -23.30 -9.90
C LEU N 190 30.37 -24.37 -10.81
N ARG N 191 30.40 -24.16 -12.12
CA ARG N 191 29.98 -25.20 -13.06
C ARG N 191 30.82 -26.44 -12.89
N GLU N 192 32.12 -26.24 -12.71
CA GLU N 192 33.04 -27.35 -12.53
C GLU N 192 32.74 -28.10 -11.24
N LEU N 193 32.40 -27.36 -10.20
CA LEU N 193 32.07 -27.97 -8.92
C LEU N 193 30.78 -28.79 -8.99
N ARG N 194 29.81 -28.33 -9.77
CA ARG N 194 28.61 -29.15 -10.02
C ARG N 194 28.95 -30.47 -10.73
N GLU N 195 29.82 -30.40 -11.74
CA GLU N 195 30.31 -31.62 -12.41
C GLU N 195 30.89 -32.61 -11.41
N VAL N 196 31.77 -32.12 -10.55
CA VAL N 196 32.44 -32.95 -9.57
C VAL N 196 31.46 -33.50 -8.54
N ILE N 197 30.53 -32.66 -8.10
CA ILE N 197 29.55 -33.09 -7.10
C ILE N 197 28.58 -34.14 -7.67
N GLY N 198 28.27 -34.03 -8.96
CA GLY N 198 27.22 -34.87 -9.55
C GLY N 198 25.82 -34.32 -9.27
N TRP N 199 24.82 -35.14 -9.54
CA TRP N 199 23.43 -34.71 -9.56
C TRP N 199 22.60 -35.52 -8.57
N ASP N 200 23.27 -36.10 -7.59
CA ASP N 200 22.57 -36.90 -6.59
C ASP N 200 22.70 -36.25 -5.21
N MET N 201 23.35 -35.09 -5.14
CA MET N 201 23.39 -34.29 -3.90
C MET N 201 22.94 -32.87 -4.21
N ASP N 202 22.25 -32.23 -3.27
CA ASP N 202 21.93 -30.82 -3.43
C ASP N 202 23.20 -30.01 -3.28
N MET N 203 23.28 -28.89 -3.99
CA MET N 203 24.48 -28.04 -3.99
C MET N 203 24.14 -26.61 -3.55
N MET N 204 24.71 -26.18 -2.44
CA MET N 204 24.56 -24.80 -1.97
C MET N 204 25.89 -24.05 -2.16
N VAL N 205 25.82 -22.74 -2.35
CA VAL N 205 27.03 -21.90 -2.47
C VAL N 205 27.06 -20.80 -1.40
N ASP N 206 28.21 -20.70 -0.72
CA ASP N 206 28.50 -19.55 0.16
C ASP N 206 29.39 -18.57 -0.61
N CYS N 207 28.86 -17.38 -0.87
CA CYS N 207 29.57 -16.36 -1.64
C CYS N 207 30.55 -15.57 -0.79
N LEU N 208 30.40 -15.69 0.52
CA LEU N 208 31.25 -14.93 1.44
C LEU N 208 31.28 -13.44 1.11
N TYR N 209 30.12 -12.87 0.81
CA TYR N 209 29.99 -11.42 0.62
C TYR N 209 30.80 -10.84 -0.55
N ARG N 210 30.98 -11.63 -1.59
CA ARG N 210 31.70 -11.17 -2.78
C ARG N 210 31.11 -9.92 -3.44
N TRP N 211 29.78 -9.80 -3.49
CA TRP N 211 29.17 -8.72 -4.31
C TRP N 211 28.65 -7.56 -3.50
N THR N 212 28.67 -6.38 -4.10
CA THR N 212 27.99 -5.21 -3.52
C THR N 212 26.83 -4.77 -4.41
N ASP N 213 26.95 -4.99 -5.72
CA ASP N 213 25.91 -4.59 -6.71
C ASP N 213 25.02 -5.79 -7.01
N TRP N 214 23.74 -5.69 -6.66
CA TRP N 214 22.81 -6.77 -6.92
C TRP N 214 22.71 -7.14 -8.40
N GLN N 215 22.89 -6.17 -9.29
CA GLN N 215 22.75 -6.39 -10.73
C GLN N 215 23.92 -7.24 -11.22
N LYS N 216 25.05 -7.15 -10.52
CA LYS N 216 26.21 -7.95 -10.85
C LYS N 216 26.11 -9.40 -10.37
N ALA N 217 25.57 -9.63 -9.19
CA ALA N 217 25.21 -10.99 -8.75
C ALA N 217 24.12 -11.59 -9.66
N ARG N 218 23.14 -10.78 -10.02
CA ARG N 218 22.06 -11.24 -10.89
C ARG N 218 22.64 -11.89 -12.17
N TRP N 219 23.54 -11.18 -12.84
CA TRP N 219 24.24 -11.71 -14.02
C TRP N 219 24.81 -13.07 -13.72
N THR N 220 25.54 -13.16 -12.63
CA THR N 220 26.28 -14.36 -12.32
C THR N 220 25.36 -15.55 -12.13
N PHE N 221 24.30 -15.36 -11.34
CA PHE N 221 23.46 -16.50 -11.04
C PHE N 221 22.44 -16.78 -12.14
N ARG N 222 22.18 -15.81 -13.00
CA ARG N 222 21.46 -16.10 -14.21
C ARG N 222 22.25 -17.13 -15.04
N GLN N 223 23.57 -16.92 -15.20
CA GLN N 223 24.38 -17.87 -15.97
C GLN N 223 24.34 -19.27 -15.36
N LEU N 224 24.10 -19.33 -14.05
CA LEU N 224 24.24 -20.56 -13.28
C LEU N 224 22.92 -21.28 -13.02
N GLU N 225 21.85 -20.85 -13.68
CA GLU N 225 20.57 -21.51 -13.51
C GLU N 225 20.64 -23.01 -13.83
N ASP N 226 21.47 -23.35 -14.81
CA ASP N 226 21.52 -24.72 -15.29
C ASP N 226 22.20 -25.67 -14.32
N ILE N 227 22.89 -25.13 -13.32
CA ILE N 227 23.45 -26.00 -12.31
C ILE N 227 22.60 -26.19 -11.06
N ASP N 228 21.44 -25.53 -11.01
CA ASP N 228 20.38 -25.95 -10.09
C ASP N 228 20.78 -25.80 -8.62
N LEU N 229 21.33 -24.63 -8.26
CA LEU N 229 21.77 -24.37 -6.89
C LEU N 229 20.59 -24.43 -5.93
N TYR N 230 20.78 -25.11 -4.81
CA TYR N 230 19.73 -25.20 -3.81
C TYR N 230 19.52 -23.84 -3.12
N PHE N 231 20.60 -23.23 -2.65
CA PHE N 231 20.52 -21.86 -2.21
C PHE N 231 21.80 -21.10 -2.43
N ILE N 232 21.68 -19.79 -2.39
CA ILE N 232 22.82 -18.89 -2.58
C ILE N 232 22.95 -18.06 -1.32
N GLU N 233 24.09 -18.17 -0.63
CA GLU N 233 24.30 -17.54 0.67
C GLU N 233 25.26 -16.34 0.63
N ALA N 234 25.05 -15.38 1.54
CA ALA N 234 25.99 -14.28 1.76
C ALA N 234 26.38 -13.61 0.45
N CYS N 235 25.39 -13.41 -0.40
CA CYS N 235 25.64 -12.91 -1.73
C CYS N 235 25.92 -11.39 -1.74
N LEU N 236 25.06 -10.62 -1.09
CA LEU N 236 25.27 -9.18 -1.03
C LEU N 236 25.70 -8.74 0.38
N GLN N 237 26.04 -7.47 0.52
CA GLN N 237 26.47 -6.95 1.83
C GLN N 237 25.33 -7.02 2.89
N HIS N 238 25.68 -7.43 4.11
CA HIS N 238 24.70 -7.83 5.11
C HIS N 238 23.68 -6.76 5.45
N ASP N 239 24.07 -5.49 5.34
CA ASP N 239 23.18 -4.39 5.68
C ASP N 239 22.23 -4.10 4.54
N ASP N 240 22.48 -4.70 3.38
CA ASP N 240 21.84 -4.23 2.15
C ASP N 240 20.53 -4.96 1.82
N LEU N 241 19.47 -4.54 2.51
CA LEU N 241 18.22 -5.26 2.41
C LEU N 241 17.54 -5.05 1.05
N ILE N 242 17.60 -3.84 0.50
CA ILE N 242 16.96 -3.58 -0.80
C ILE N 242 17.61 -4.36 -1.95
N GLY N 243 18.94 -4.45 -1.92
CA GLY N 243 19.68 -5.31 -2.86
C GLY N 243 19.22 -6.75 -2.77
N HIS N 244 19.14 -7.28 -1.55
CA HIS N 244 18.68 -8.63 -1.36
C HIS N 244 17.26 -8.82 -1.90
N GLN N 245 16.37 -7.86 -1.64
CA GLN N 245 14.99 -8.04 -2.10
C GLN N 245 14.90 -8.08 -3.64
N LYS N 246 15.64 -7.20 -4.30
CA LYS N 246 15.72 -7.18 -5.75
C LYS N 246 16.36 -8.44 -6.34
N LEU N 247 17.43 -8.92 -5.72
CA LEU N 247 18.05 -10.14 -6.19
C LEU N 247 17.16 -11.36 -5.98
N ALA N 248 16.59 -11.50 -4.78
CA ALA N 248 15.70 -12.63 -4.50
C ALA N 248 14.55 -12.71 -5.48
N ALA N 249 14.03 -11.56 -5.88
CA ALA N 249 12.92 -11.56 -6.84
C ALA N 249 13.39 -11.84 -8.28
N ALA N 250 14.66 -11.61 -8.58
CA ALA N 250 15.16 -11.89 -9.92
C ALA N 250 15.62 -13.34 -10.14
N ILE N 251 16.18 -13.98 -9.12
CA ILE N 251 16.68 -15.34 -9.31
C ILE N 251 15.56 -16.37 -9.27
N ASN N 252 15.89 -17.62 -9.59
CA ASN N 252 14.88 -18.67 -9.57
C ASN N 252 15.09 -19.73 -8.49
N THR N 253 15.96 -19.44 -7.51
CA THR N 253 16.06 -20.26 -6.29
C THR N 253 16.04 -19.47 -5.01
N ARG N 254 16.57 -20.14 -3.98
CA ARG N 254 16.54 -19.65 -2.62
C ARG N 254 17.70 -18.70 -2.45
N LEU N 255 17.40 -17.51 -1.96
CA LEU N 255 18.44 -16.62 -1.50
C LEU N 255 18.46 -16.66 0.03
N CYS N 256 19.66 -16.69 0.63
CA CYS N 256 19.77 -16.74 2.09
C CYS N 256 20.11 -15.37 2.64
N GLY N 257 19.87 -15.18 3.94
CA GLY N 257 20.33 -13.98 4.61
C GLY N 257 20.37 -14.14 6.10
N ALA N 258 20.63 -13.03 6.80
CA ALA N 258 20.66 -12.96 8.27
C ALA N 258 21.73 -13.78 8.99
N GLU N 259 22.82 -14.11 8.30
CA GLU N 259 23.89 -14.90 8.92
C GLU N 259 24.59 -14.24 10.11
N MET N 260 24.85 -12.95 9.98
CA MET N 260 25.51 -12.18 11.02
C MET N 260 24.53 -11.52 12.01
N SER N 261 23.22 -11.68 11.78
CA SER N 261 22.21 -10.91 12.49
C SER N 261 21.92 -11.41 13.91
N THR N 262 21.39 -10.53 14.77
CA THR N 262 20.96 -10.96 16.10
C THR N 262 19.51 -10.59 16.37
N THR N 263 18.85 -11.45 17.14
CA THR N 263 17.44 -11.29 17.53
C THR N 263 16.44 -11.63 16.44
N ARG N 264 15.24 -11.98 16.90
CA ARG N 264 14.11 -12.21 16.04
C ARG N 264 13.65 -10.95 15.29
N PHE N 265 13.92 -9.76 15.84
CA PHE N 265 13.48 -8.51 15.22
C PHE N 265 14.23 -8.26 13.90
N GLU N 266 15.52 -8.58 13.88
CA GLU N 266 16.30 -8.51 12.65
C GLU N 266 15.88 -9.62 11.65
N ALA N 267 15.88 -10.86 12.11
CA ALA N 267 15.38 -11.97 11.28
C ALA N 267 14.04 -11.64 10.63
N GLN N 268 13.11 -11.09 11.40
CA GLN N 268 11.81 -10.74 10.87
C GLN N 268 11.86 -9.60 9.84
N GLU N 269 12.74 -8.62 10.05
CA GLU N 269 12.94 -7.58 9.02
C GLU N 269 13.49 -8.14 7.70
N TRP N 270 14.52 -8.96 7.75
CA TRP N 270 14.98 -9.65 6.55
C TRP N 270 13.82 -10.31 5.81
N LEU N 271 13.02 -11.07 6.55
CA LEU N 271 11.92 -11.83 5.97
C LEU N 271 10.93 -10.91 5.26
N GLU N 272 10.60 -9.79 5.90
CA GLU N 272 9.53 -8.90 5.47
C GLU N 272 9.96 -8.17 4.22
N LYS N 273 11.16 -7.60 4.29
CA LYS N 273 11.70 -6.69 3.29
C LYS N 273 12.32 -7.39 2.10
N THR N 274 12.93 -8.56 2.30
CA THR N 274 13.71 -9.17 1.23
C THR N 274 13.08 -10.42 0.60
N GLY N 275 12.24 -11.13 1.34
CA GLY N 275 11.75 -12.41 0.86
C GLY N 275 12.83 -13.47 0.69
N ILE N 276 13.96 -13.37 1.41
CA ILE N 276 14.90 -14.50 1.53
C ILE N 276 14.13 -15.78 1.90
N SER N 277 14.61 -16.94 1.43
CA SER N 277 13.93 -18.20 1.69
C SER N 277 14.62 -19.02 2.77
N VAL N 278 15.83 -18.61 3.13
CA VAL N 278 16.61 -19.28 4.16
C VAL N 278 17.20 -18.28 5.14
N VAL N 279 16.88 -18.44 6.41
CA VAL N 279 17.38 -17.56 7.45
C VAL N 279 18.49 -18.28 8.17
N GLN N 280 19.61 -17.59 8.40
CA GLN N 280 20.83 -18.23 8.89
C GLN N 280 21.27 -17.77 10.28
N SER N 281 20.38 -17.10 11.02
CA SER N 281 20.70 -16.66 12.40
C SER N 281 21.47 -17.76 13.10
N ASP N 282 22.60 -17.38 13.71
CA ASP N 282 23.56 -18.30 14.32
C ASP N 282 23.20 -18.72 15.77
N TYR N 283 23.43 -20.00 16.10
CA TYR N 283 23.14 -20.52 17.46
C TYR N 283 23.84 -19.77 18.58
N ASN N 284 25.07 -19.36 18.37
CA ASN N 284 25.84 -18.76 19.45
C ASN N 284 26.00 -17.24 19.25
N ARG N 285 25.15 -16.68 18.40
CA ARG N 285 25.13 -15.23 18.18
C ARG N 285 23.76 -14.59 18.44
N CYS N 286 22.70 -15.17 17.89
CA CYS N 286 21.46 -14.45 17.66
C CYS N 286 20.55 -14.29 18.89
N GLY N 287 20.90 -14.97 19.99
CA GLY N 287 20.02 -15.09 21.16
C GLY N 287 19.95 -16.51 21.68
N GLY N 288 20.30 -17.48 20.82
CA GLY N 288 20.35 -18.88 21.23
C GLY N 288 19.13 -19.68 20.84
N VAL N 289 19.00 -20.87 21.42
CA VAL N 289 17.92 -21.76 21.06
C VAL N 289 16.57 -21.11 21.35
N THR N 290 16.47 -20.39 22.47
CA THR N 290 15.22 -19.78 22.84
C THR N 290 14.71 -18.81 21.78
N GLU N 291 15.63 -18.00 21.23
CA GLU N 291 15.27 -17.00 20.24
C GLU N 291 15.13 -17.66 18.87
N LEU N 292 15.94 -18.68 18.63
CA LEU N 292 15.82 -19.46 17.40
C LEU N 292 14.47 -20.12 17.32
N LEU N 293 13.96 -20.61 18.44
CA LEU N 293 12.61 -21.16 18.44
C LEU N 293 11.55 -20.13 18.03
N ARG N 294 11.71 -18.87 18.44
CA ARG N 294 10.81 -17.80 18.01
C ARG N 294 10.96 -17.48 16.52
N ILE N 295 12.20 -17.45 16.05
CA ILE N 295 12.48 -17.16 14.64
C ILE N 295 11.93 -18.29 13.76
N MET N 296 11.88 -19.50 14.31
CA MET N 296 11.35 -20.65 13.60
C MET N 296 9.87 -20.41 13.27
N ASP N 297 9.09 -19.96 14.26
CA ASP N 297 7.66 -19.73 14.09
C ASP N 297 7.46 -18.59 13.07
N ILE N 298 8.28 -17.55 13.15
CA ILE N 298 8.22 -16.44 12.16
C ILE N 298 8.54 -16.92 10.70
N CYS N 299 9.58 -17.72 10.54
CA CYS N 299 9.85 -18.42 9.28
C CYS N 299 8.66 -19.25 8.77
N GLU N 300 8.09 -20.07 9.65
CA GLU N 300 6.95 -20.87 9.26
C GLU N 300 5.85 -20.03 8.63
N HIS N 301 5.53 -18.90 9.23
CA HIS N 301 4.57 -17.97 8.63
C HIS N 301 4.97 -17.52 7.23
N HIS N 302 6.27 -17.30 6.98
CA HIS N 302 6.69 -16.83 5.66
C HIS N 302 7.03 -17.95 4.67
N ASN N 303 6.73 -19.19 5.04
CA ASN N 303 7.20 -20.39 4.31
C ASN N 303 8.70 -20.30 3.98
N ALA N 304 9.49 -19.85 4.94
CA ALA N 304 10.94 -19.82 4.80
C ALA N 304 11.56 -20.92 5.63
N GLN N 305 12.81 -21.26 5.35
CA GLN N 305 13.50 -22.27 6.13
C GLN N 305 14.50 -21.61 7.06
N LEU N 306 14.78 -22.28 8.17
CA LEU N 306 15.69 -21.76 9.15
C LEU N 306 16.86 -22.72 9.21
N MET N 307 18.01 -22.27 8.72
CA MET N 307 19.20 -23.10 8.72
C MET N 307 20.30 -22.31 9.44
N PRO N 308 20.29 -22.34 10.78
CA PRO N 308 21.19 -21.52 11.60
C PRO N 308 22.65 -21.75 11.24
N HIS N 309 23.41 -20.66 11.14
CA HIS N 309 24.84 -20.73 10.85
C HIS N 309 25.52 -21.56 11.92
N ASN N 310 26.33 -22.52 11.47
CA ASN N 310 26.93 -23.49 12.34
C ASN N 310 28.39 -23.71 11.98
N TRP N 311 29.29 -22.93 12.57
CA TRP N 311 30.71 -23.14 12.37
C TRP N 311 31.49 -22.77 13.62
N LYS N 312 31.47 -23.66 14.59
CA LYS N 312 32.09 -23.38 15.88
C LYS N 312 32.72 -24.65 16.36
N THR N 313 32.15 -25.19 17.42
CA THR N 313 32.72 -26.35 18.09
C THR N 313 31.71 -27.50 18.09
N GLY N 314 32.11 -28.65 18.61
CA GLY N 314 31.15 -29.71 18.89
C GLY N 314 30.05 -29.34 19.88
N ILE N 315 30.26 -28.29 20.66
CA ILE N 315 29.24 -27.85 21.61
C ILE N 315 28.03 -27.34 20.82
N THR N 316 28.30 -26.48 19.85
CA THR N 316 27.26 -26.02 18.95
C THR N 316 26.73 -27.15 18.07
N ALA N 317 27.62 -28.03 17.61
CA ALA N 317 27.17 -29.15 16.80
C ALA N 317 26.11 -29.93 17.59
N ALA N 318 26.30 -30.03 18.90
CA ALA N 318 25.29 -30.69 19.72
C ALA N 318 23.98 -29.88 19.75
N ALA N 319 24.07 -28.56 19.87
CA ALA N 319 22.84 -27.75 19.83
C ALA N 319 22.13 -27.93 18.47
N ALA N 320 22.92 -27.91 17.41
CA ALA N 320 22.41 -28.13 16.07
C ALA N 320 21.65 -29.45 15.93
N ARG N 321 22.20 -30.51 16.52
CA ARG N 321 21.54 -31.82 16.45
C ARG N 321 20.17 -31.82 17.15
N HIS N 322 20.11 -31.20 18.32
CA HIS N 322 18.86 -31.07 19.06
C HIS N 322 17.83 -30.14 18.42
N PHE N 323 18.25 -28.95 18.02
CA PHE N 323 17.36 -28.02 17.32
C PHE N 323 16.98 -28.55 15.96
N GLY N 324 17.90 -29.24 15.30
CA GLY N 324 17.62 -29.79 13.97
C GLY N 324 16.51 -30.82 13.91
N ILE N 325 16.40 -31.66 14.94
CA ILE N 325 15.38 -32.70 14.95
C ILE N 325 13.98 -32.16 15.30
N VAL N 326 13.96 -30.91 15.78
CA VAL N 326 12.74 -30.22 16.22
C VAL N 326 12.24 -29.29 15.11
N CYS N 327 13.16 -28.81 14.30
CA CYS N 327 12.86 -27.73 13.35
C CYS N 327 12.26 -28.31 12.07
N HIS N 328 10.98 -28.66 12.13
CA HIS N 328 10.33 -29.41 11.08
C HIS N 328 10.19 -28.63 9.77
N ILE N 329 10.38 -27.30 9.81
CA ILE N 329 10.24 -26.52 8.58
C ILE N 329 11.48 -26.62 7.70
N SER N 330 12.56 -27.18 8.23
CA SER N 330 13.82 -27.18 7.49
C SER N 330 14.17 -28.57 7.03
N GLU N 331 14.33 -28.71 5.72
CA GLU N 331 14.81 -29.95 5.11
C GLU N 331 16.19 -30.31 5.65
N TYR N 332 17.05 -29.30 5.73
CA TYR N 332 18.46 -29.46 6.19
C TYR N 332 18.79 -28.41 7.27
N VAL N 333 19.83 -28.67 8.05
CA VAL N 333 20.47 -27.59 8.79
C VAL N 333 21.98 -27.65 8.55
N GLU N 334 22.66 -26.51 8.71
CA GLU N 334 24.09 -26.48 8.46
C GLU N 334 24.80 -27.34 9.48
N TYR N 335 25.82 -28.05 9.03
CA TYR N 335 26.60 -28.90 9.92
C TYR N 335 28.08 -28.94 9.55
N LEU N 336 28.91 -28.64 10.55
CA LEU N 336 30.36 -28.80 10.47
C LEU N 336 30.77 -30.15 11.10
N HIS N 337 31.25 -31.08 10.28
CA HIS N 337 31.59 -32.41 10.76
C HIS N 337 33.10 -32.64 10.70
N PRO N 338 33.67 -33.27 11.73
CA PRO N 338 35.10 -33.61 11.75
C PRO N 338 35.61 -34.36 10.51
N ASP N 339 34.77 -35.12 9.81
CA ASP N 339 35.23 -35.78 8.59
C ASP N 339 35.71 -34.75 7.57
N PHE N 340 35.23 -33.52 7.70
CA PHE N 340 35.44 -32.52 6.67
C PHE N 340 36.37 -31.38 7.09
N TRP N 341 36.76 -31.32 8.35
CA TRP N 341 37.51 -30.17 8.82
C TRP N 341 38.44 -30.58 9.94
N ASN N 342 39.72 -30.29 9.74
CA ASN N 342 40.76 -30.76 10.66
C ASN N 342 41.24 -29.65 11.59
N GLY N 343 40.36 -28.70 11.88
CA GLY N 343 40.66 -27.69 12.90
C GLY N 343 40.75 -28.36 14.26
N THR N 344 41.57 -27.80 15.14
CA THR N 344 41.93 -28.46 16.39
C THR N 344 40.77 -28.59 17.36
N LEU N 345 39.95 -27.55 17.45
CA LEU N 345 38.77 -27.58 18.30
C LEU N 345 37.76 -28.56 17.74
N THR N 346 37.61 -28.59 16.43
CA THR N 346 36.70 -29.56 15.80
C THR N 346 37.15 -30.97 16.10
N GLN N 347 38.45 -31.21 16.01
CA GLN N 347 38.95 -32.57 16.11
C GLN N 347 39.07 -33.02 17.56
N GLN N 348 39.30 -32.07 18.47
CA GLN N 348 39.74 -32.42 19.82
C GLN N 348 38.87 -32.01 21.00
N LEU N 349 38.12 -30.93 20.89
CA LEU N 349 37.36 -30.42 22.04
C LEU N 349 36.32 -31.41 22.58
N THR N 350 35.62 -32.09 21.67
CA THR N 350 34.56 -33.04 22.04
C THR N 350 34.95 -34.47 21.64
N LEU N 351 34.44 -35.45 22.39
CA LEU N 351 34.77 -36.85 22.13
C LEU N 351 33.56 -37.56 21.54
N ASN N 352 33.82 -38.58 20.72
CA ASN N 352 32.75 -39.48 20.34
C ASN N 352 31.63 -38.79 19.53
N GLU N 353 32.02 -37.90 18.62
CA GLU N 353 31.06 -37.31 17.69
C GLU N 353 30.28 -38.37 16.90
N PRO N 354 28.96 -38.18 16.77
CA PRO N 354 28.16 -39.10 15.96
C PRO N 354 28.59 -39.12 14.49
N LYS N 355 28.86 -40.32 13.98
CA LYS N 355 29.25 -40.53 12.57
C LYS N 355 28.10 -40.18 11.60
N ILE N 356 28.45 -39.79 10.38
CA ILE N 356 27.45 -39.62 9.33
C ILE N 356 27.11 -40.97 8.72
N ILE N 357 25.85 -41.38 8.79
CA ILE N 357 25.43 -42.68 8.25
C ILE N 357 24.29 -42.49 7.26
N ASP N 358 24.57 -42.80 6.00
CA ASP N 358 23.63 -42.57 4.92
C ASP N 358 23.12 -41.12 4.90
N GLY N 359 24.03 -40.17 5.11
CA GLY N 359 23.69 -38.75 5.07
C GLY N 359 23.01 -38.21 6.33
N ALA N 360 22.89 -39.07 7.34
CA ALA N 360 22.15 -38.69 8.55
C ALA N 360 23.07 -38.74 9.77
N ILE N 361 22.77 -37.95 10.79
CA ILE N 361 23.42 -38.14 12.07
C ILE N 361 22.41 -38.33 13.19
N GLU N 362 22.63 -39.38 13.97
CA GLU N 362 21.74 -39.75 15.08
C GLU N 362 21.72 -38.68 16.16
N VAL N 363 20.52 -38.38 16.67
CA VAL N 363 20.40 -37.54 17.85
C VAL N 363 20.01 -38.42 19.03
N SER N 364 20.96 -38.58 19.97
CA SER N 364 20.78 -39.48 21.11
C SER N 364 19.85 -38.90 22.17
N ASP N 365 19.41 -39.79 23.06
CA ASP N 365 18.52 -39.41 24.13
C ASP N 365 19.27 -39.22 25.45
N LYS N 366 20.59 -39.08 25.37
CA LYS N 366 21.38 -38.60 26.51
C LYS N 366 20.90 -37.24 26.98
N PRO N 367 20.82 -37.05 28.31
CA PRO N 367 20.24 -35.83 28.89
C PRO N 367 20.95 -34.59 28.37
N GLY N 368 20.22 -33.48 28.31
CA GLY N 368 20.78 -32.21 27.84
C GLY N 368 21.16 -32.25 26.36
N LEU N 369 22.26 -31.59 26.03
CA LEU N 369 22.74 -31.58 24.66
C LEU N 369 23.51 -32.86 24.35
N GLY N 370 23.90 -33.61 25.37
CA GLY N 370 24.59 -34.90 25.17
C GLY N 370 26.01 -34.69 24.70
N ILE N 371 26.64 -33.68 25.27
CA ILE N 371 27.99 -33.30 24.91
C ILE N 371 28.99 -34.14 25.70
N GLU N 372 30.05 -34.54 25.02
CA GLU N 372 31.07 -35.41 25.60
C GLU N 372 32.37 -34.63 25.56
N LEU N 373 32.48 -33.68 26.48
CA LEU N 373 33.63 -32.78 26.50
C LEU N 373 34.92 -33.55 26.81
N ASN N 374 35.99 -33.18 26.11
CA ASN N 374 37.33 -33.72 26.33
C ASN N 374 38.04 -32.89 27.42
N ILE N 375 37.80 -33.27 28.66
CA ILE N 375 38.22 -32.49 29.81
C ILE N 375 39.74 -32.34 29.84
N GLU N 376 40.45 -33.42 29.49
CA GLU N 376 41.92 -33.41 29.49
C GLU N 376 42.48 -32.37 28.52
N PHE N 377 41.83 -32.21 27.36
CA PHE N 377 42.21 -31.15 26.43
C PHE N 377 41.88 -29.75 26.99
N VAL N 378 40.68 -29.58 27.54
CA VAL N 378 40.30 -28.28 28.05
C VAL N 378 41.24 -27.84 29.19
N GLU N 379 41.51 -28.74 30.12
CA GLU N 379 42.40 -28.45 31.25
C GLU N 379 43.80 -28.12 30.78
N GLN N 380 44.21 -28.73 29.68
CA GLN N 380 45.53 -28.49 29.10
C GLN N 380 45.64 -27.13 28.41
N VAL N 381 44.62 -26.73 27.65
CA VAL N 381 44.71 -25.46 26.92
C VAL N 381 44.38 -24.21 27.75
N THR N 382 43.38 -24.30 28.62
CA THR N 382 43.07 -23.18 29.50
C THR N 382 44.14 -22.98 30.56
N GLY N 383 44.74 -24.09 31.00
CA GLY N 383 45.71 -24.07 32.09
C GLY N 383 45.07 -24.10 33.47
N HIS N 384 43.75 -24.24 33.50
CA HIS N 384 43.00 -24.25 34.76
C HIS N 384 42.04 -25.45 34.83
N LYS N 385 42.12 -26.18 35.93
CA LYS N 385 41.33 -27.41 36.15
C LYS N 385 39.82 -27.23 36.00
N PHE N 386 39.13 -28.33 35.71
CA PHE N 386 37.72 -28.29 35.32
C PHE N 386 36.86 -29.03 36.34
N ALA O 5 55.42 -3.76 -75.11
CA ALA O 5 54.25 -3.03 -75.69
C ALA O 5 52.96 -3.83 -75.58
N ASN O 6 51.85 -3.12 -75.50
CA ASN O 6 50.54 -3.74 -75.32
C ASN O 6 49.88 -4.08 -76.64
N ILE O 7 48.87 -4.93 -76.59
CA ILE O 7 48.21 -5.39 -77.78
C ILE O 7 47.25 -4.31 -78.25
N VAL O 8 47.30 -3.98 -79.53
CA VAL O 8 46.48 -2.92 -80.08
C VAL O 8 45.28 -3.42 -80.89
N SER O 9 45.46 -4.50 -81.65
CA SER O 9 44.34 -5.00 -82.47
C SER O 9 44.42 -6.49 -82.69
N VAL O 10 43.28 -7.09 -82.99
CA VAL O 10 43.21 -8.50 -83.35
C VAL O 10 42.40 -8.60 -84.62
N GLU O 11 42.91 -9.34 -85.60
CA GLU O 11 42.20 -9.47 -86.87
C GLU O 11 42.10 -10.92 -87.29
N PHE O 12 40.89 -11.31 -87.65
CA PHE O 12 40.62 -12.63 -88.23
C PHE O 12 40.50 -12.48 -89.74
N ILE O 13 41.48 -13.01 -90.46
CA ILE O 13 41.53 -12.86 -91.90
C ILE O 13 41.21 -14.19 -92.60
N PRO O 14 39.98 -14.31 -93.14
CA PRO O 14 39.59 -15.51 -93.86
C PRO O 14 40.49 -15.73 -95.06
N VAL O 15 40.86 -16.98 -95.30
CA VAL O 15 41.60 -17.32 -96.50
C VAL O 15 40.95 -18.50 -97.22
N ASN O 16 40.34 -18.22 -98.36
CA ASN O 16 39.58 -19.22 -99.10
C ASN O 16 40.12 -19.31 -100.53
N VAL O 17 40.63 -20.49 -100.89
CA VAL O 17 41.14 -20.68 -102.24
C VAL O 17 40.10 -21.34 -103.14
N ALA O 18 39.71 -20.64 -104.20
CA ALA O 18 38.76 -21.15 -105.19
C ALA O 18 39.47 -21.92 -106.30
N SER O 23 38.03 -28.31 -100.68
CA SER O 23 37.93 -27.19 -99.75
C SER O 23 39.30 -26.89 -99.17
N GLU O 24 39.84 -25.73 -99.55
CA GLU O 24 41.20 -25.35 -99.18
C GLU O 24 41.20 -23.98 -98.46
N ASN O 25 41.18 -24.00 -97.13
CA ASN O 25 41.03 -22.74 -96.40
C ASN O 25 41.47 -22.67 -94.93
N THR O 26 41.61 -21.44 -94.43
CA THR O 26 42.00 -21.19 -93.05
C THR O 26 41.53 -19.81 -92.57
N VAL O 27 41.70 -19.56 -91.28
CA VAL O 27 41.53 -18.22 -90.74
C VAL O 27 42.84 -17.76 -90.12
N ILE O 28 43.52 -16.83 -90.78
CA ILE O 28 44.73 -16.27 -90.19
C ILE O 28 44.34 -15.29 -89.09
N VAL O 29 44.96 -15.43 -87.93
CA VAL O 29 44.75 -14.50 -86.82
C VAL O 29 45.97 -13.63 -86.64
N LYS O 30 45.78 -12.32 -86.79
CA LYS O 30 46.88 -11.37 -86.67
C LYS O 30 46.69 -10.47 -85.46
N VAL O 31 47.63 -10.56 -84.51
CA VAL O 31 47.61 -9.73 -83.30
C VAL O 31 48.78 -8.73 -83.33
N THR O 32 48.46 -7.44 -83.23
CA THR O 32 49.43 -6.36 -83.42
C THR O 32 49.55 -5.50 -82.15
N ASP O 33 50.77 -5.13 -81.82
CA ASP O 33 51.04 -4.34 -80.62
C ASP O 33 51.27 -2.85 -80.96
N GLU O 34 51.56 -2.07 -79.93
CA GLU O 34 51.72 -0.63 -80.07
C GLU O 34 52.74 -0.25 -81.15
N ASN O 35 53.87 -0.96 -81.20
CA ASN O 35 54.94 -0.64 -82.15
C ASN O 35 54.74 -1.19 -83.56
N GLY O 36 53.63 -1.90 -83.78
CA GLY O 36 53.37 -2.53 -85.08
C GLY O 36 53.90 -3.95 -85.24
N VAL O 37 54.55 -4.49 -84.23
CA VAL O 37 54.97 -5.90 -84.29
C VAL O 37 53.73 -6.79 -84.18
N TYR O 38 53.61 -7.77 -85.06
CA TYR O 38 52.47 -8.68 -84.99
C TYR O 38 52.86 -10.14 -84.84
N GLY O 39 51.96 -10.91 -84.22
CA GLY O 39 52.07 -12.36 -84.12
C GLY O 39 50.98 -12.99 -84.97
N LEU O 40 51.21 -14.22 -85.42
CA LEU O 40 50.27 -14.90 -86.30
C LEU O 40 49.87 -16.23 -85.72
N GLY O 41 48.58 -16.51 -85.78
CA GLY O 41 48.04 -17.84 -85.48
C GLY O 41 47.04 -18.19 -86.57
N GLU O 42 46.49 -19.39 -86.47
CA GLU O 42 45.29 -19.71 -87.22
C GLU O 42 44.28 -20.44 -86.37
N ALA O 43 43.01 -20.22 -86.68
CA ALA O 43 41.91 -20.88 -86.00
C ALA O 43 41.24 -21.85 -86.95
N ASP O 44 40.73 -22.96 -86.41
CA ASP O 44 39.90 -23.83 -87.21
C ASP O 44 38.57 -23.16 -87.46
N GLY O 45 37.80 -23.70 -88.39
CA GLY O 45 36.42 -23.29 -88.56
C GLY O 45 36.13 -22.67 -89.91
N PRO O 46 34.84 -22.55 -90.25
CA PRO O 46 34.44 -21.93 -91.52
C PRO O 46 34.82 -20.45 -91.51
N PRO O 47 35.62 -20.03 -92.50
CA PRO O 47 36.37 -18.79 -92.31
C PRO O 47 35.50 -17.55 -92.12
N GLU O 48 34.46 -17.39 -92.93
CA GLU O 48 33.60 -16.20 -92.77
C GLU O 48 32.88 -16.26 -91.43
N CYS O 49 32.48 -17.46 -91.03
CA CYS O 49 31.81 -17.63 -89.76
C CYS O 49 32.71 -17.30 -88.58
N MET O 50 33.95 -17.75 -88.62
CA MET O 50 34.93 -17.40 -87.58
C MET O 50 35.23 -15.89 -87.55
N LYS O 51 35.23 -15.25 -88.72
CA LYS O 51 35.35 -13.78 -88.78
C LYS O 51 34.17 -13.08 -88.10
N ALA O 52 32.96 -13.46 -88.49
CA ALA O 52 31.77 -12.89 -87.86
C ALA O 52 31.81 -13.13 -86.33
N PHE O 53 32.23 -14.32 -85.91
CA PHE O 53 32.43 -14.62 -84.48
C PHE O 53 33.33 -13.60 -83.76
N SER O 54 34.44 -13.23 -84.40
CA SER O 54 35.43 -12.32 -83.81
C SER O 54 34.97 -10.86 -83.85
N GLU O 55 33.83 -10.61 -84.48
CA GLU O 55 33.36 -9.24 -84.63
C GLU O 55 32.04 -8.96 -83.92
N ILE O 56 31.55 -9.92 -83.15
CA ILE O 56 30.29 -9.75 -82.43
C ILE O 56 30.31 -8.53 -81.49
N GLU O 57 29.11 -8.05 -81.18
CA GLU O 57 28.91 -6.97 -80.21
C GLU O 57 28.76 -7.56 -78.80
N ASN O 58 29.31 -6.88 -77.79
CA ASN O 58 29.12 -7.25 -76.37
C ASN O 58 27.65 -7.35 -75.96
N GLU O 59 27.36 -8.25 -75.01
CA GLU O 59 26.00 -8.39 -74.48
C GLU O 59 25.92 -8.39 -72.95
N HIS O 60 26.71 -9.25 -72.31
CA HIS O 60 26.69 -9.34 -70.85
C HIS O 60 27.94 -10.00 -70.32
N LYS O 61 27.89 -10.32 -69.03
CA LYS O 61 29.07 -10.72 -68.30
C LYS O 61 29.82 -11.89 -68.92
N TRP O 62 29.10 -12.84 -69.52
CA TRP O 62 29.75 -13.99 -70.16
C TRP O 62 29.52 -14.03 -71.66
N LEU O 63 29.22 -12.88 -72.24
CA LEU O 63 29.08 -12.80 -73.68
C LEU O 63 29.67 -11.49 -74.17
N ASN O 64 30.98 -11.51 -74.36
CA ASN O 64 31.70 -10.35 -74.85
C ASN O 64 32.48 -10.69 -76.13
N ASN O 65 32.78 -9.65 -76.90
CA ASN O 65 33.71 -9.77 -78.00
C ASN O 65 35.06 -10.32 -77.53
N ILE O 66 35.48 -11.44 -78.12
CA ILE O 66 36.73 -12.11 -77.72
C ILE O 66 37.99 -11.23 -77.75
N LYS O 67 38.08 -10.34 -78.75
CA LYS O 67 39.25 -9.46 -78.87
C LYS O 67 39.41 -8.56 -77.66
N GLU O 68 38.29 -8.20 -77.04
CA GLU O 68 38.29 -7.27 -75.91
C GLU O 68 38.99 -7.82 -74.67
N ALA O 69 39.15 -9.14 -74.58
CA ALA O 69 39.87 -9.76 -73.47
C ALA O 69 41.41 -9.64 -73.56
N VAL O 70 41.92 -9.23 -74.73
CA VAL O 70 43.38 -9.11 -74.90
C VAL O 70 43.87 -7.72 -75.32
N ILE O 71 43.03 -6.97 -76.05
CA ILE O 71 43.38 -5.63 -76.45
C ILE O 71 43.71 -4.83 -75.18
N GLY O 72 44.91 -4.27 -75.12
CA GLY O 72 45.31 -3.51 -73.93
C GLY O 72 46.22 -4.29 -73.01
N ARG O 73 46.43 -5.56 -73.34
CA ARG O 73 47.17 -6.49 -72.48
C ARG O 73 48.57 -6.83 -73.01
N ASP O 74 49.40 -7.36 -72.14
CA ASP O 74 50.72 -7.85 -72.48
C ASP O 74 50.63 -9.31 -72.96
N PRO O 75 51.05 -9.60 -74.20
CA PRO O 75 50.95 -10.96 -74.77
C PRO O 75 51.82 -11.99 -74.03
N LEU O 76 52.70 -11.54 -73.14
CA LEU O 76 53.55 -12.49 -72.41
C LEU O 76 52.74 -13.25 -71.34
N GLU O 77 51.60 -12.69 -70.93
CA GLU O 77 50.80 -13.25 -69.84
C GLU O 77 49.81 -14.31 -70.36
N PHE O 78 50.33 -15.52 -70.65
CA PHE O 78 49.58 -16.52 -71.43
C PHE O 78 48.37 -17.08 -70.68
N ARG O 79 48.54 -17.41 -69.41
CA ARG O 79 47.45 -17.95 -68.62
C ARG O 79 46.35 -16.91 -68.45
N ALA O 80 46.73 -15.69 -68.07
CA ALA O 80 45.77 -14.63 -67.78
C ALA O 80 44.98 -14.33 -69.05
N ASN O 81 45.69 -14.17 -70.15
CA ASN O 81 45.06 -13.92 -71.43
C ASN O 81 44.10 -15.02 -71.84
N TYR O 82 44.55 -16.26 -71.74
CA TYR O 82 43.69 -17.41 -72.00
C TYR O 82 42.42 -17.41 -71.14
N ASN O 83 42.60 -17.31 -69.83
CA ASN O 83 41.48 -17.35 -68.87
C ASN O 83 40.50 -16.19 -69.07
N ARG O 84 41.01 -15.02 -69.43
CA ARG O 84 40.13 -13.89 -69.71
C ARG O 84 39.29 -14.11 -70.97
N MET O 85 39.92 -14.63 -72.02
CA MET O 85 39.23 -14.96 -73.27
C MET O 85 38.12 -15.99 -72.97
N TYR O 86 38.51 -17.06 -72.27
CA TYR O 86 37.59 -18.14 -71.96
C TYR O 86 36.43 -17.61 -71.09
N ASP O 87 36.74 -16.96 -69.97
CA ASP O 87 35.70 -16.45 -69.05
C ASP O 87 34.71 -15.44 -69.66
N THR O 88 35.20 -14.50 -70.46
CA THR O 88 34.34 -13.44 -70.98
C THR O 88 33.52 -13.92 -72.16
N THR O 89 33.86 -15.08 -72.70
CA THR O 89 33.08 -15.64 -73.81
C THR O 89 32.33 -16.92 -73.43
N LYS O 90 32.25 -17.20 -72.12
CA LYS O 90 31.66 -18.47 -71.67
C LYS O 90 30.33 -18.79 -72.32
N TRP O 91 29.45 -17.81 -72.46
CA TRP O 91 28.10 -18.08 -72.91
C TRP O 91 28.02 -18.60 -74.33
N ILE O 92 28.97 -18.22 -75.17
CA ILE O 92 29.01 -18.69 -76.55
C ILE O 92 30.24 -19.54 -76.84
N GLY O 93 31.09 -19.71 -75.85
CA GLY O 93 32.33 -20.45 -76.02
C GLY O 93 32.32 -21.72 -75.21
N MET O 94 33.32 -21.86 -74.35
CA MET O 94 33.39 -22.97 -73.40
C MET O 94 33.78 -24.31 -74.02
N ARG O 95 33.03 -24.75 -75.02
CA ARG O 95 33.39 -25.92 -75.81
C ARG O 95 33.11 -25.57 -77.25
N GLY O 96 33.76 -26.26 -78.17
CA GLY O 96 33.36 -26.17 -79.58
C GLY O 96 33.88 -24.94 -80.30
N LEU O 97 33.07 -24.42 -81.21
CA LEU O 97 33.54 -23.45 -82.19
C LEU O 97 34.14 -22.22 -81.51
N GLY O 98 33.51 -21.77 -80.42
CA GLY O 98 34.10 -20.75 -79.56
C GLY O 98 35.56 -20.92 -79.22
N LEU O 99 35.96 -22.15 -78.88
CA LEU O 99 37.36 -22.46 -78.58
C LEU O 99 38.35 -22.44 -79.76
N PHE O 100 37.86 -22.62 -80.99
CA PHE O 100 38.72 -22.47 -82.18
C PHE O 100 39.27 -21.03 -82.24
N ALA O 101 38.38 -20.08 -82.03
CA ALA O 101 38.73 -18.66 -81.96
C ALA O 101 39.80 -18.38 -80.91
N ILE O 102 39.57 -18.83 -79.69
CA ILE O 102 40.60 -18.68 -78.66
C ILE O 102 41.93 -19.32 -79.09
N SER O 103 41.87 -20.48 -79.75
CA SER O 103 43.08 -21.21 -80.15
C SER O 103 43.96 -20.37 -81.07
N GLY O 104 43.35 -19.73 -82.06
CA GLY O 104 44.09 -18.94 -83.05
C GLY O 104 44.73 -17.72 -82.43
N ILE O 105 44.04 -17.09 -81.49
CA ILE O 105 44.60 -15.93 -80.81
C ILE O 105 45.72 -16.35 -79.87
N ASP O 106 45.52 -17.45 -79.13
CA ASP O 106 46.53 -17.91 -78.20
C ASP O 106 47.85 -18.21 -78.96
N MET O 107 47.71 -18.82 -80.15
CA MET O 107 48.85 -19.18 -81.02
C MET O 107 49.63 -17.92 -81.45
N ALA O 108 48.88 -16.91 -81.90
CA ALA O 108 49.47 -15.62 -82.25
C ALA O 108 50.14 -14.91 -81.07
N LEU O 109 49.69 -15.17 -79.84
CA LEU O 109 50.29 -14.54 -78.68
C LEU O 109 51.69 -15.09 -78.39
N TYR O 110 51.86 -16.40 -78.54
CA TYR O 110 53.22 -16.95 -78.47
C TYR O 110 54.10 -16.40 -79.59
N ASP O 111 53.51 -16.17 -80.76
CA ASP O 111 54.31 -15.61 -81.84
C ASP O 111 54.68 -14.16 -81.54
N LEU O 112 53.70 -13.38 -81.11
CA LEU O 112 53.95 -11.97 -80.77
C LEU O 112 54.94 -11.81 -79.62
N ALA O 113 54.67 -12.49 -78.51
CA ALA O 113 55.52 -12.37 -77.33
C ALA O 113 56.96 -12.72 -77.64
N GLY O 114 57.17 -13.77 -78.43
CA GLY O 114 58.53 -14.20 -78.82
C GLY O 114 59.23 -13.12 -79.63
N LYS O 115 58.49 -12.50 -80.53
CA LYS O 115 59.06 -11.44 -81.34
C LYS O 115 59.35 -10.18 -80.52
N GLN O 116 58.52 -9.90 -79.52
CA GLN O 116 58.76 -8.73 -78.64
C GLN O 116 60.00 -8.95 -77.79
N LEU O 117 60.17 -10.17 -77.29
CA LEU O 117 61.29 -10.47 -76.42
C LEU O 117 62.54 -10.89 -77.18
N GLY O 118 62.39 -11.26 -78.45
CA GLY O 118 63.49 -11.75 -79.26
C GLY O 118 63.88 -13.20 -78.98
N VAL O 119 62.92 -14.02 -78.52
CA VAL O 119 63.18 -15.46 -78.22
C VAL O 119 62.26 -16.38 -79.04
N PRO O 120 62.74 -17.58 -79.38
CA PRO O 120 61.86 -18.51 -80.08
C PRO O 120 60.73 -18.93 -79.14
N ALA O 121 59.55 -19.22 -79.68
CA ALA O 121 58.39 -19.52 -78.85
C ALA O 121 58.58 -20.72 -77.91
N TYR O 122 59.45 -21.67 -78.25
CA TYR O 122 59.60 -22.83 -77.37
C TYR O 122 60.17 -22.48 -75.99
N LYS O 123 60.93 -21.39 -75.91
CA LYS O 123 61.42 -20.90 -74.61
C LYS O 123 60.26 -20.39 -73.77
N LEU O 124 59.28 -19.77 -74.42
CA LEU O 124 58.11 -19.30 -73.71
C LEU O 124 57.20 -20.45 -73.32
N MET O 125 57.44 -21.63 -73.90
CA MET O 125 56.57 -22.79 -73.69
C MET O 125 57.20 -23.69 -72.64
N GLY O 126 58.31 -23.23 -72.05
CA GLY O 126 59.01 -23.92 -70.96
C GLY O 126 60.41 -24.41 -71.32
N GLY O 127 60.74 -24.38 -72.61
CA GLY O 127 62.10 -24.70 -73.07
C GLY O 127 62.20 -26.06 -73.75
N ALA O 128 63.21 -26.20 -74.61
CA ALA O 128 63.41 -27.40 -75.41
C ALA O 128 63.75 -28.59 -74.53
N GLN O 129 63.07 -29.72 -74.73
CA GLN O 129 63.33 -30.86 -73.86
C GLN O 129 63.70 -32.13 -74.61
N LYS O 130 63.96 -32.01 -75.90
CA LYS O 130 64.58 -33.13 -76.60
C LYS O 130 65.63 -32.65 -77.57
N ALA O 131 66.58 -33.54 -77.87
CA ALA O 131 67.66 -33.21 -78.77
C ALA O 131 67.14 -32.79 -80.15
N GLN O 132 66.10 -33.46 -80.64
CA GLN O 132 65.63 -33.22 -82.03
C GLN O 132 64.13 -33.38 -82.12
N LEU O 133 63.52 -32.76 -83.12
CA LEU O 133 62.11 -33.01 -83.38
C LEU O 133 61.94 -34.10 -84.44
N THR O 134 61.42 -35.24 -84.01
CA THR O 134 61.13 -36.40 -84.88
C THR O 134 59.61 -36.55 -85.07
N PRO O 135 59.04 -35.97 -86.14
CA PRO O 135 57.60 -36.15 -86.29
C PRO O 135 57.23 -37.54 -86.80
N TYR O 136 55.95 -37.86 -86.76
CA TYR O 136 55.46 -38.84 -87.72
C TYR O 136 54.77 -38.05 -88.83
N PHE O 137 54.82 -38.58 -90.05
CA PHE O 137 54.35 -37.87 -91.21
C PHE O 137 53.06 -38.45 -91.76
N THR O 138 52.01 -37.63 -91.76
CA THR O 138 50.71 -38.09 -92.26
C THR O 138 50.71 -38.16 -93.79
N LEU O 139 50.37 -39.33 -94.32
CA LEU O 139 50.38 -39.56 -95.76
C LEU O 139 48.97 -39.80 -96.23
N TYR O 140 48.48 -38.87 -97.03
CA TYR O 140 47.15 -38.95 -97.62
C TYR O 140 47.29 -38.84 -99.14
N PRO O 141 46.91 -39.90 -99.85
CA PRO O 141 47.16 -39.91 -101.28
C PRO O 141 46.06 -39.16 -102.03
N SER O 142 46.41 -38.54 -103.13
CA SER O 142 45.43 -37.87 -103.98
C SER O 142 44.91 -38.88 -105.00
N VAL O 143 43.66 -39.28 -104.84
CA VAL O 143 43.04 -40.24 -105.73
C VAL O 143 41.60 -39.87 -106.02
N ALA O 144 41.03 -40.53 -107.02
CA ALA O 144 39.62 -40.33 -107.35
C ALA O 144 38.70 -40.86 -106.25
N ALA O 145 37.62 -40.12 -106.01
CA ALA O 145 36.46 -40.69 -105.32
C ALA O 145 36.07 -41.94 -106.10
N ASP O 146 35.86 -43.05 -105.41
CA ASP O 146 35.57 -44.31 -106.09
C ASP O 146 36.84 -45.12 -106.48
N ALA O 147 38.01 -44.64 -106.08
CA ALA O 147 39.25 -45.40 -106.27
C ALA O 147 39.21 -46.70 -105.47
N THR O 148 39.73 -47.77 -106.05
CA THR O 148 39.71 -49.07 -105.36
C THR O 148 40.82 -49.15 -104.32
N LEU O 149 40.76 -50.17 -103.47
CA LEU O 149 41.79 -50.35 -102.47
C LEU O 149 43.13 -50.56 -103.14
N SER O 150 43.10 -51.29 -104.24
CA SER O 150 44.30 -51.60 -104.99
C SER O 150 44.94 -50.32 -105.55
N GLU O 151 44.09 -49.41 -106.02
CA GLU O 151 44.56 -48.16 -106.64
C GLU O 151 45.06 -47.16 -105.59
N ILE O 152 44.53 -47.27 -104.38
CA ILE O 152 44.96 -46.43 -103.27
C ILE O 152 46.35 -46.87 -102.78
N VAL O 153 46.60 -48.17 -102.73
CA VAL O 153 47.94 -48.65 -102.43
C VAL O 153 48.97 -48.20 -103.47
N GLU O 154 48.61 -48.28 -104.76
CA GLU O 154 49.50 -47.74 -105.81
C GLU O 154 49.81 -46.25 -105.60
N ALA O 155 48.81 -45.47 -105.23
CA ALA O 155 49.04 -44.06 -104.95
C ALA O 155 49.87 -43.82 -103.68
N TYR O 156 49.79 -44.75 -102.73
CA TYR O 156 50.58 -44.67 -101.52
C TYR O 156 52.05 -44.88 -101.76
N LYS O 157 52.40 -45.65 -102.78
CA LYS O 157 53.79 -46.08 -102.96
C LYS O 157 54.82 -44.94 -103.07
N PRO O 158 54.54 -43.91 -103.89
CA PRO O 158 55.59 -42.87 -103.99
C PRO O 158 55.71 -42.01 -102.72
N LEU O 159 54.59 -41.81 -102.01
CA LEU O 159 54.62 -41.07 -100.76
C LEU O 159 55.46 -41.85 -99.77
N ILE O 160 55.24 -43.15 -99.70
CA ILE O 160 55.99 -43.98 -98.78
C ILE O 160 57.47 -43.99 -99.14
N ALA O 161 57.78 -44.14 -100.40
CA ALA O 161 59.17 -44.03 -100.86
C ALA O 161 59.80 -42.68 -100.52
N LYS O 162 59.07 -41.58 -100.64
CA LYS O 162 59.68 -40.28 -100.33
C LYS O 162 59.94 -40.15 -98.82
N ALA O 163 59.04 -40.71 -98.03
CA ALA O 163 59.21 -40.74 -96.58
C ALA O 163 60.49 -41.48 -96.22
N LYS O 164 60.71 -42.65 -96.83
CA LYS O 164 61.96 -43.40 -96.62
C LYS O 164 63.17 -42.63 -97.12
N GLU O 165 63.06 -41.98 -98.28
CA GLU O 165 64.16 -41.16 -98.77
C GLU O 165 64.55 -40.07 -97.75
N ARG O 166 63.57 -39.44 -97.10
CA ARG O 166 63.84 -38.37 -96.14
C ARG O 166 64.28 -38.93 -94.80
N GLY O 167 64.18 -40.25 -94.62
CA GLY O 167 64.56 -40.86 -93.36
C GLY O 167 63.49 -40.80 -92.29
N ALA O 168 62.23 -40.64 -92.71
CA ALA O 168 61.12 -40.57 -91.74
C ALA O 168 61.18 -41.75 -90.76
N LYS O 169 60.91 -41.49 -89.48
CA LYS O 169 60.93 -42.58 -88.49
C LYS O 169 59.56 -43.25 -88.37
N ALA O 170 58.53 -42.56 -88.83
CA ALA O 170 57.15 -43.02 -88.65
C ALA O 170 56.23 -42.35 -89.65
N VAL O 171 55.28 -43.12 -90.17
CA VAL O 171 54.28 -42.57 -91.09
C VAL O 171 52.90 -43.03 -90.70
N LYS O 172 51.90 -42.24 -91.07
CA LYS O 172 50.50 -42.58 -90.85
C LYS O 172 49.77 -42.65 -92.17
N VAL O 173 49.07 -43.76 -92.38
CA VAL O 173 48.30 -43.97 -93.59
C VAL O 173 46.83 -44.06 -93.18
N CYS O 174 45.93 -43.90 -94.15
CA CYS O 174 44.52 -43.73 -93.83
C CYS O 174 43.64 -44.73 -94.57
N ILE O 175 42.49 -45.02 -93.98
CA ILE O 175 41.43 -45.75 -94.65
C ILE O 175 40.47 -44.69 -95.15
N ILE O 176 40.52 -44.41 -96.45
CA ILE O 176 39.53 -43.49 -97.05
C ILE O 176 38.15 -44.06 -96.80
N PRO O 177 37.19 -43.21 -96.40
CA PRO O 177 35.83 -43.65 -96.07
C PRO O 177 35.17 -44.37 -97.24
N ASN O 178 34.69 -45.57 -96.99
CA ASN O 178 34.33 -46.48 -98.07
C ASN O 178 33.46 -47.61 -97.53
N ASP O 179 32.15 -47.43 -97.58
CA ASP O 179 31.26 -48.45 -97.04
C ASP O 179 30.83 -49.47 -98.10
N LYS O 180 31.54 -49.50 -99.22
CA LYS O 180 31.32 -50.53 -100.22
C LYS O 180 32.32 -51.67 -100.03
N VAL O 181 33.16 -51.55 -99.02
CA VAL O 181 34.32 -52.42 -98.89
C VAL O 181 34.31 -53.06 -97.50
N SER O 182 34.50 -54.38 -97.45
CA SER O 182 34.36 -55.10 -96.19
C SER O 182 35.58 -54.98 -95.27
N ASP O 183 35.40 -55.35 -94.01
CA ASP O 183 36.50 -55.28 -93.05
C ASP O 183 37.61 -56.30 -93.37
N LYS O 184 37.24 -57.44 -93.96
CA LYS O 184 38.22 -58.41 -94.44
C LYS O 184 39.13 -57.77 -95.50
N GLU O 185 38.55 -56.90 -96.33
CA GLU O 185 39.33 -56.20 -97.37
C GLU O 185 40.22 -55.11 -96.78
N ILE O 186 39.80 -54.52 -95.66
CA ILE O 186 40.63 -53.56 -94.92
C ILE O 186 41.84 -54.27 -94.32
N VAL O 187 41.62 -55.44 -93.71
CA VAL O 187 42.74 -56.22 -93.18
C VAL O 187 43.82 -56.47 -94.26
N ALA O 188 43.41 -56.90 -95.46
CA ALA O 188 44.39 -57.22 -96.50
C ALA O 188 45.03 -55.93 -97.02
N TYR O 189 44.22 -54.89 -97.15
CA TYR O 189 44.69 -53.52 -97.41
C TYR O 189 45.83 -53.09 -96.48
N LEU O 190 45.56 -53.10 -95.19
CA LEU O 190 46.57 -52.66 -94.24
C LEU O 190 47.76 -53.63 -94.17
N ARG O 191 47.53 -54.92 -94.41
CA ARG O 191 48.67 -55.84 -94.52
C ARG O 191 49.56 -55.48 -95.71
N GLU O 192 48.95 -55.13 -96.84
CA GLU O 192 49.72 -54.71 -98.01
C GLU O 192 50.63 -53.51 -97.68
N LEU O 193 50.05 -52.52 -97.01
CA LEU O 193 50.76 -51.30 -96.67
C LEU O 193 51.94 -51.53 -95.72
N ARG O 194 51.77 -52.39 -94.72
CA ARG O 194 52.93 -52.79 -93.94
C ARG O 194 54.05 -53.41 -94.80
N GLU O 195 53.71 -54.28 -95.75
CA GLU O 195 54.75 -54.78 -96.69
C GLU O 195 55.48 -53.66 -97.44
N VAL O 196 54.73 -52.68 -97.90
CA VAL O 196 55.31 -51.57 -98.66
C VAL O 196 56.13 -50.64 -97.76
N ILE O 197 55.58 -50.32 -96.59
CA ILE O 197 56.27 -49.51 -95.59
C ILE O 197 57.55 -50.18 -95.11
N GLY O 198 57.53 -51.50 -95.02
CA GLY O 198 58.67 -52.21 -94.47
C GLY O 198 58.70 -52.16 -92.96
N TRP O 199 59.82 -52.56 -92.38
CA TRP O 199 59.90 -52.80 -90.94
C TRP O 199 60.87 -51.86 -90.24
N ASP O 200 61.20 -50.79 -90.92
CA ASP O 200 62.14 -49.85 -90.36
C ASP O 200 61.51 -48.52 -89.97
N MET O 201 60.21 -48.38 -90.20
CA MET O 201 59.46 -47.18 -89.80
C MET O 201 58.24 -47.65 -88.97
N ASP O 202 57.86 -46.88 -87.95
CA ASP O 202 56.59 -47.13 -87.26
C ASP O 202 55.45 -46.81 -88.20
N MET O 203 54.37 -47.59 -88.11
CA MET O 203 53.21 -47.40 -88.97
C MET O 203 51.97 -47.09 -88.11
N MET O 204 51.35 -45.94 -88.37
CA MET O 204 50.12 -45.54 -87.71
C MET O 204 48.97 -45.66 -88.72
N VAL O 205 47.75 -45.84 -88.21
CA VAL O 205 46.55 -45.87 -89.05
C VAL O 205 45.46 -44.94 -88.53
N ASP O 206 44.94 -44.10 -89.42
CA ASP O 206 43.80 -43.25 -89.15
C ASP O 206 42.60 -43.88 -89.85
N CYS O 207 41.61 -44.28 -89.06
CA CYS O 207 40.47 -45.06 -89.52
C CYS O 207 39.36 -44.14 -89.99
N LEU O 208 39.53 -42.84 -89.79
CA LEU O 208 38.55 -41.84 -90.19
C LEU O 208 37.11 -42.23 -89.81
N TYR O 209 36.96 -42.74 -88.59
CA TYR O 209 35.65 -42.95 -87.99
C TYR O 209 34.81 -43.98 -88.76
N ARG O 210 35.50 -44.94 -89.37
CA ARG O 210 34.83 -46.01 -90.09
C ARG O 210 33.87 -46.84 -89.23
N TRP O 211 34.27 -47.16 -88.00
CA TRP O 211 33.49 -48.08 -87.17
C TRP O 211 32.55 -47.41 -86.19
N THR O 212 31.38 -48.00 -86.00
CA THR O 212 30.48 -47.60 -84.92
C THR O 212 30.49 -48.64 -83.79
N ASP O 213 30.59 -49.92 -84.14
CA ASP O 213 30.53 -51.02 -83.15
C ASP O 213 31.94 -51.43 -82.70
N TRP O 214 32.23 -51.35 -81.41
CA TRP O 214 33.59 -51.65 -80.94
C TRP O 214 34.00 -53.09 -81.23
N GLN O 215 33.04 -54.00 -81.12
CA GLN O 215 33.33 -55.42 -81.38
C GLN O 215 33.73 -55.68 -82.84
N LYS O 216 33.25 -54.85 -83.78
CA LYS O 216 33.63 -54.99 -85.18
C LYS O 216 35.02 -54.43 -85.45
N ALA O 217 35.32 -53.29 -84.84
CA ALA O 217 36.70 -52.78 -84.75
C ALA O 217 37.67 -53.78 -84.10
N ARG O 218 37.26 -54.39 -83.00
CA ARG O 218 38.07 -55.40 -82.34
C ARG O 218 38.48 -56.56 -83.28
N TRP O 219 37.54 -57.04 -84.08
CA TRP O 219 37.77 -58.18 -84.96
C TRP O 219 38.85 -57.81 -85.98
N THR O 220 38.79 -56.58 -86.47
CA THR O 220 39.69 -56.10 -87.51
C THR O 220 41.12 -56.03 -87.01
N PHE O 221 41.30 -55.44 -85.83
CA PHE O 221 42.64 -55.17 -85.33
C PHE O 221 43.26 -56.36 -84.61
N ARG O 222 42.43 -57.30 -84.15
CA ARG O 222 42.95 -58.63 -83.83
C ARG O 222 43.67 -59.31 -85.03
N GLN O 223 43.05 -59.28 -86.22
CA GLN O 223 43.66 -59.80 -87.46
C GLN O 223 44.99 -59.11 -87.75
N LEU O 224 45.08 -57.83 -87.39
CA LEU O 224 46.24 -57.02 -87.72
C LEU O 224 47.35 -56.96 -86.67
N GLU O 225 47.28 -57.81 -85.65
CA GLU O 225 48.29 -57.78 -84.60
C GLU O 225 49.69 -57.95 -85.14
N ASP O 226 49.87 -58.84 -86.12
CA ASP O 226 51.21 -59.15 -86.55
C ASP O 226 51.88 -58.07 -87.41
N ILE O 227 51.13 -57.08 -87.89
CA ILE O 227 51.73 -55.94 -88.59
C ILE O 227 52.18 -54.81 -87.66
N ASP O 228 51.95 -54.96 -86.36
CA ASP O 228 52.53 -54.03 -85.38
C ASP O 228 52.20 -52.55 -85.55
N LEU O 229 50.93 -52.22 -85.67
CA LEU O 229 50.52 -50.83 -85.68
C LEU O 229 51.05 -50.10 -84.44
N TYR O 230 51.59 -48.91 -84.65
CA TYR O 230 52.01 -48.06 -83.52
C TYR O 230 50.78 -47.49 -82.83
N PHE O 231 49.84 -46.97 -83.62
CA PHE O 231 48.56 -46.59 -83.06
C PHE O 231 47.41 -46.65 -84.05
N ILE O 232 46.22 -46.66 -83.47
CA ILE O 232 44.98 -46.75 -84.22
C ILE O 232 44.15 -45.51 -83.84
N GLU O 233 44.00 -44.58 -84.79
CA GLU O 233 43.32 -43.32 -84.55
C GLU O 233 41.92 -43.32 -85.15
N ALA O 234 41.00 -42.57 -84.51
CA ALA O 234 39.67 -42.29 -85.05
C ALA O 234 38.95 -43.57 -85.42
N CYS O 235 39.01 -44.54 -84.52
CA CYS O 235 38.48 -45.85 -84.83
C CYS O 235 36.97 -45.91 -84.67
N LEU O 236 36.46 -45.33 -83.58
CA LEU O 236 35.03 -45.36 -83.27
C LEU O 236 34.50 -43.92 -83.26
N GLN O 237 33.18 -43.74 -83.21
CA GLN O 237 32.65 -42.36 -83.22
C GLN O 237 33.11 -41.58 -82.00
N HIS O 238 33.28 -40.27 -82.20
CA HIS O 238 33.92 -39.40 -81.19
C HIS O 238 33.23 -39.37 -79.82
N ASP O 239 31.91 -39.51 -79.81
CA ASP O 239 31.12 -39.44 -78.58
C ASP O 239 31.12 -40.73 -77.81
N ASP O 240 31.54 -41.81 -78.48
CA ASP O 240 31.39 -43.14 -77.92
C ASP O 240 32.55 -43.52 -77.01
N LEU O 241 32.51 -42.99 -75.77
CA LEU O 241 33.62 -43.18 -74.84
C LEU O 241 33.68 -44.61 -74.31
N ILE O 242 32.51 -45.22 -74.11
CA ILE O 242 32.47 -46.58 -73.59
C ILE O 242 32.95 -47.61 -74.61
N GLY O 243 32.62 -47.43 -75.88
CA GLY O 243 33.20 -48.27 -76.94
C GLY O 243 34.72 -48.17 -76.99
N HIS O 244 35.26 -46.95 -76.94
CA HIS O 244 36.70 -46.78 -76.97
C HIS O 244 37.32 -47.48 -75.77
N GLN O 245 36.74 -47.30 -74.59
CA GLN O 245 37.27 -47.92 -73.38
C GLN O 245 37.39 -49.46 -73.50
N LYS O 246 36.39 -50.10 -74.13
CA LYS O 246 36.39 -51.55 -74.33
C LYS O 246 37.33 -51.98 -75.46
N LEU O 247 37.40 -51.16 -76.50
CA LEU O 247 38.31 -51.47 -77.59
C LEU O 247 39.76 -51.35 -77.09
N ALA O 248 40.05 -50.26 -76.40
CA ALA O 248 41.38 -50.03 -75.84
C ALA O 248 41.90 -51.15 -74.96
N ALA O 249 41.03 -51.69 -74.11
CA ALA O 249 41.39 -52.82 -73.26
C ALA O 249 41.53 -54.14 -74.05
N ALA O 250 40.88 -54.26 -75.19
CA ALA O 250 40.94 -55.53 -75.92
C ALA O 250 42.12 -55.65 -76.91
N ILE O 251 42.57 -54.53 -77.47
CA ILE O 251 43.63 -54.59 -78.46
C ILE O 251 44.96 -54.62 -77.73
N ASN O 252 46.06 -54.75 -78.46
CA ASN O 252 47.36 -54.82 -77.82
C ASN O 252 48.32 -53.67 -78.16
N THR O 253 47.82 -52.58 -78.76
CA THR O 253 48.61 -51.35 -78.95
C THR O 253 47.87 -50.16 -78.44
N ARG O 254 48.29 -49.01 -78.96
CA ARG O 254 47.78 -47.69 -78.57
C ARG O 254 46.50 -47.36 -79.33
N LEU O 255 45.42 -47.05 -78.60
CA LEU O 255 44.22 -46.44 -79.17
C LEU O 255 44.33 -44.93 -78.97
N CYS O 256 43.88 -44.15 -79.97
CA CYS O 256 43.92 -42.69 -79.94
C CYS O 256 42.52 -42.12 -79.73
N GLY O 257 42.44 -40.88 -79.27
CA GLY O 257 41.13 -40.26 -79.14
C GLY O 257 41.25 -38.77 -79.09
N ALA O 258 40.10 -38.10 -78.99
CA ALA O 258 40.03 -36.69 -78.66
C ALA O 258 40.41 -35.75 -79.81
N GLU O 259 40.57 -36.30 -81.00
CA GLU O 259 40.96 -35.50 -82.16
C GLU O 259 40.09 -34.26 -82.35
N MET O 260 38.79 -34.45 -82.17
CA MET O 260 37.82 -33.38 -82.42
C MET O 260 37.45 -32.60 -81.15
N SER O 261 38.11 -32.92 -80.04
CA SER O 261 37.69 -32.39 -78.74
C SER O 261 38.26 -31.00 -78.42
N THR O 262 37.56 -30.25 -77.58
CA THR O 262 38.10 -28.99 -77.09
C THR O 262 38.24 -29.01 -75.58
N THR O 263 39.25 -28.30 -75.10
CA THR O 263 39.56 -28.12 -73.69
C THR O 263 40.23 -29.29 -72.97
N ARG O 264 40.97 -28.93 -71.92
CA ARG O 264 41.52 -29.93 -71.02
C ARG O 264 40.43 -30.76 -70.36
N PHE O 265 39.21 -30.23 -70.23
CA PHE O 265 38.16 -30.97 -69.55
C PHE O 265 37.70 -32.19 -70.36
N GLU O 266 37.57 -32.03 -71.68
CA GLU O 266 37.25 -33.16 -72.52
C GLU O 266 38.43 -34.14 -72.62
N ALA O 267 39.66 -33.62 -72.67
CA ALA O 267 40.83 -34.48 -72.83
C ALA O 267 41.01 -35.37 -71.60
N GLN O 268 40.84 -34.79 -70.42
CA GLN O 268 40.90 -35.56 -69.20
C GLN O 268 39.80 -36.62 -69.07
N GLU O 269 38.56 -36.26 -69.42
CA GLU O 269 37.48 -37.23 -69.46
C GLU O 269 37.80 -38.42 -70.37
N TRP O 270 38.40 -38.15 -71.54
CA TRP O 270 38.88 -39.23 -72.44
C TRP O 270 39.86 -40.15 -71.71
N LEU O 271 40.86 -39.55 -71.08
CA LEU O 271 41.95 -40.33 -70.49
C LEU O 271 41.42 -41.23 -69.38
N GLU O 272 40.61 -40.64 -68.51
CA GLU O 272 40.15 -41.33 -67.30
C GLU O 272 39.10 -42.39 -67.62
N LYS O 273 38.27 -42.12 -68.63
CA LYS O 273 37.22 -43.04 -69.04
C LYS O 273 37.63 -44.09 -70.05
N THR O 274 38.59 -43.79 -70.92
CA THR O 274 38.84 -44.71 -72.03
C THR O 274 40.16 -45.49 -71.96
N GLY O 275 41.15 -44.97 -71.25
CA GLY O 275 42.51 -45.52 -71.32
C GLY O 275 43.24 -45.26 -72.64
N ILE O 276 42.73 -44.35 -73.47
CA ILE O 276 43.47 -44.04 -74.68
C ILE O 276 44.95 -43.71 -74.38
N SER O 277 45.85 -44.11 -75.26
CA SER O 277 47.28 -43.96 -75.02
C SER O 277 47.81 -42.71 -75.70
N VAL O 278 47.05 -42.19 -76.66
CA VAL O 278 47.45 -41.02 -77.46
C VAL O 278 46.31 -40.00 -77.53
N VAL O 279 46.56 -38.79 -77.03
CA VAL O 279 45.61 -37.69 -77.08
C VAL O 279 45.93 -36.81 -78.28
N GLN O 280 44.90 -36.40 -79.02
CA GLN O 280 45.07 -35.69 -80.28
C GLN O 280 44.37 -34.31 -80.37
N SER O 281 44.08 -33.71 -79.23
CA SER O 281 43.61 -32.33 -79.18
C SER O 281 44.41 -31.45 -80.15
N ASP O 282 43.69 -30.68 -80.96
CA ASP O 282 44.25 -29.98 -82.13
C ASP O 282 44.70 -28.56 -81.73
N TYR O 283 45.87 -28.13 -82.20
CA TYR O 283 46.38 -26.76 -81.97
C TYR O 283 45.37 -25.66 -82.21
N ASN O 284 44.66 -25.74 -83.33
CA ASN O 284 43.78 -24.63 -83.67
C ASN O 284 42.30 -24.84 -83.31
N ARG O 285 42.04 -25.82 -82.45
CA ARG O 285 40.67 -26.13 -81.99
C ARG O 285 40.54 -26.13 -80.46
N CYS O 286 41.49 -26.76 -79.78
CA CYS O 286 41.25 -27.19 -78.41
C CYS O 286 41.37 -26.08 -77.39
N GLY O 287 41.84 -24.90 -77.80
CA GLY O 287 42.17 -23.84 -76.85
C GLY O 287 43.52 -23.22 -77.17
N GLY O 288 44.42 -24.00 -77.76
CA GLY O 288 45.71 -23.49 -78.22
C GLY O 288 46.87 -24.06 -77.45
N VAL O 289 48.05 -23.47 -77.62
CA VAL O 289 49.25 -23.95 -76.94
C VAL O 289 49.11 -23.89 -75.41
N THR O 290 48.54 -22.81 -74.90
CA THR O 290 48.37 -22.63 -73.48
C THR O 290 47.58 -23.79 -72.88
N GLU O 291 46.49 -24.16 -73.54
CA GLU O 291 45.69 -25.30 -73.14
C GLU O 291 46.39 -26.65 -73.43
N LEU O 292 47.12 -26.75 -74.55
CA LEU O 292 47.82 -27.99 -74.85
C LEU O 292 48.84 -28.30 -73.78
N LEU O 293 49.45 -27.26 -73.25
CA LEU O 293 50.48 -27.42 -72.21
C LEU O 293 49.89 -28.04 -70.94
N ARG O 294 48.64 -27.66 -70.63
CA ARG O 294 47.91 -28.25 -69.51
C ARG O 294 47.56 -29.72 -69.81
N ILE O 295 47.02 -29.97 -70.99
CA ILE O 295 46.75 -31.33 -71.44
C ILE O 295 47.99 -32.19 -71.33
N MET O 296 49.14 -31.62 -71.67
CA MET O 296 50.42 -32.33 -71.60
C MET O 296 50.64 -32.89 -70.19
N ASP O 297 50.51 -32.04 -69.17
CA ASP O 297 50.77 -32.47 -67.80
C ASP O 297 49.78 -33.54 -67.36
N ILE O 298 48.54 -33.46 -67.85
CA ILE O 298 47.55 -34.50 -67.59
C ILE O 298 47.91 -35.84 -68.26
N CYS O 299 48.38 -35.78 -69.51
CA CYS O 299 48.84 -36.98 -70.21
C CYS O 299 49.98 -37.65 -69.46
N GLU O 300 50.94 -36.83 -68.99
CA GLU O 300 52.07 -37.34 -68.22
C GLU O 300 51.64 -38.22 -67.04
N HIS O 301 50.67 -37.73 -66.27
CA HIS O 301 50.15 -38.49 -65.14
C HIS O 301 49.61 -39.88 -65.56
N HIS O 302 48.89 -39.93 -66.68
CA HIS O 302 48.36 -41.19 -67.19
C HIS O 302 49.37 -41.98 -68.05
N ASN O 303 50.59 -41.45 -68.17
CA ASN O 303 51.59 -42.04 -69.07
C ASN O 303 51.02 -42.25 -70.47
N ALA O 304 50.28 -41.24 -70.93
CA ALA O 304 49.79 -41.17 -72.29
C ALA O 304 50.66 -40.17 -73.07
N GLN O 305 50.65 -40.30 -74.38
CA GLN O 305 51.33 -39.33 -75.22
C GLN O 305 50.35 -38.31 -75.77
N LEU O 306 50.87 -37.13 -76.05
CA LEU O 306 50.06 -36.06 -76.61
C LEU O 306 50.59 -35.78 -78.04
N MET O 307 49.76 -36.02 -79.04
CA MET O 307 50.16 -35.87 -80.45
C MET O 307 49.07 -35.08 -81.17
N PRO O 308 49.12 -33.76 -81.03
CA PRO O 308 48.02 -32.87 -81.43
C PRO O 308 47.76 -32.91 -82.92
N HIS O 309 46.49 -33.06 -83.28
CA HIS O 309 46.06 -33.14 -84.67
C HIS O 309 46.57 -31.91 -85.43
N ASN O 310 47.30 -32.17 -86.52
CA ASN O 310 48.05 -31.15 -87.24
C ASN O 310 47.83 -31.32 -88.74
N TRP O 311 46.72 -30.78 -89.25
CA TRP O 311 46.45 -30.76 -90.67
C TRP O 311 45.80 -29.44 -91.04
N LYS O 312 46.61 -28.39 -91.11
CA LYS O 312 46.11 -27.08 -91.55
C LYS O 312 47.12 -26.49 -92.52
N THR O 313 47.86 -25.51 -92.01
CA THR O 313 48.70 -24.64 -92.79
C THR O 313 50.09 -24.68 -92.15
N GLY O 314 51.08 -24.08 -92.80
CA GLY O 314 52.42 -23.93 -92.23
C GLY O 314 52.45 -23.03 -90.99
N ILE O 315 51.35 -22.32 -90.72
CA ILE O 315 51.23 -21.55 -89.47
C ILE O 315 51.15 -22.51 -88.27
N THR O 316 50.18 -23.41 -88.30
CA THR O 316 50.09 -24.49 -87.30
C THR O 316 51.34 -25.38 -87.28
N ALA O 317 51.96 -25.59 -88.43
CA ALA O 317 53.17 -26.39 -88.48
C ALA O 317 54.27 -25.77 -87.61
N ALA O 318 54.34 -24.45 -87.62
CA ALA O 318 55.33 -23.73 -86.83
C ALA O 318 55.04 -23.93 -85.34
N ALA O 319 53.76 -23.99 -84.99
CA ALA O 319 53.38 -24.21 -83.61
C ALA O 319 53.79 -25.63 -83.19
N ALA O 320 53.54 -26.61 -84.08
CA ALA O 320 53.94 -28.01 -83.86
C ALA O 320 55.43 -28.17 -83.65
N ARG O 321 56.20 -27.48 -84.49
CA ARG O 321 57.64 -27.42 -84.32
C ARG O 321 58.02 -26.99 -82.90
N HIS O 322 57.47 -25.87 -82.43
CA HIS O 322 57.86 -25.35 -81.12
C HIS O 322 57.30 -26.21 -79.99
N PHE O 323 56.04 -26.61 -80.12
CA PHE O 323 55.42 -27.44 -79.12
C PHE O 323 56.08 -28.82 -79.08
N GLY O 324 56.37 -29.36 -80.25
CA GLY O 324 56.97 -30.69 -80.33
C GLY O 324 58.29 -30.81 -79.64
N ILE O 325 59.13 -29.79 -79.75
CA ILE O 325 60.45 -29.87 -79.11
C ILE O 325 60.36 -29.73 -77.59
N VAL O 326 59.22 -29.23 -77.13
CA VAL O 326 58.94 -28.99 -75.71
C VAL O 326 58.25 -30.19 -75.05
N CYS O 327 57.57 -30.99 -75.86
CA CYS O 327 56.65 -32.02 -75.35
C CYS O 327 57.39 -33.35 -75.15
N HIS O 328 58.21 -33.41 -74.09
CA HIS O 328 59.09 -34.54 -73.86
C HIS O 328 58.37 -35.89 -73.68
N ILE O 329 57.06 -35.88 -73.39
CA ILE O 329 56.32 -37.13 -73.20
C ILE O 329 55.97 -37.82 -74.53
N SER O 330 56.30 -37.18 -75.64
CA SER O 330 55.87 -37.70 -76.91
C SER O 330 57.04 -38.04 -77.78
N GLU O 331 57.10 -39.29 -78.20
CA GLU O 331 58.13 -39.76 -79.09
C GLU O 331 57.97 -39.08 -80.46
N TYR O 332 56.72 -38.81 -80.85
CA TYR O 332 56.43 -38.20 -82.14
C TYR O 332 55.36 -37.13 -81.95
N VAL O 333 55.23 -36.22 -82.92
CA VAL O 333 53.97 -35.50 -83.09
C VAL O 333 53.55 -35.56 -84.56
N GLU O 334 52.24 -35.40 -84.81
CA GLU O 334 51.73 -35.35 -86.18
C GLU O 334 52.28 -34.17 -86.95
N TYR O 335 52.73 -34.41 -88.18
CA TYR O 335 53.22 -33.34 -89.04
C TYR O 335 52.75 -33.51 -90.48
N LEU O 336 52.18 -32.43 -91.02
CA LEU O 336 51.85 -32.33 -92.44
C LEU O 336 52.99 -31.59 -93.13
N HIS O 337 53.79 -32.32 -93.92
CA HIS O 337 54.90 -31.68 -94.59
C HIS O 337 54.64 -31.52 -96.09
N PRO O 338 55.16 -30.44 -96.69
CA PRO O 338 54.93 -30.16 -98.10
C PRO O 338 55.52 -31.22 -99.05
N ASP O 339 56.41 -32.08 -98.56
CA ASP O 339 56.90 -33.20 -99.37
C ASP O 339 55.82 -34.21 -99.69
N PHE O 340 54.75 -34.22 -98.89
CA PHE O 340 53.78 -35.31 -98.91
C PHE O 340 52.36 -34.86 -99.25
N TRP O 341 52.18 -33.55 -99.37
CA TRP O 341 50.87 -32.98 -99.67
C TRP O 341 51.01 -31.78 -100.59
N ASN O 342 50.12 -31.72 -101.58
CA ASN O 342 50.19 -30.70 -102.62
C ASN O 342 49.14 -29.62 -102.49
N GLY O 343 48.46 -29.55 -101.35
CA GLY O 343 47.41 -28.54 -101.20
C GLY O 343 47.98 -27.16 -101.36
N THR O 344 47.28 -26.29 -102.07
CA THR O 344 47.71 -24.91 -102.28
C THR O 344 48.26 -24.25 -101.00
N LEU O 345 47.50 -24.29 -99.91
CA LEU O 345 47.92 -23.54 -98.72
C LEU O 345 49.19 -24.10 -98.15
N THR O 346 49.27 -25.43 -98.08
CA THR O 346 50.49 -26.07 -97.63
C THR O 346 51.68 -25.63 -98.49
N GLN O 347 51.46 -25.45 -99.79
CA GLN O 347 52.56 -25.18 -100.73
C GLN O 347 52.90 -23.70 -100.83
N GLN O 348 51.90 -22.84 -100.66
CA GLN O 348 52.05 -21.41 -101.02
C GLN O 348 51.97 -20.39 -99.86
N LEU O 349 51.32 -20.75 -98.75
CA LEU O 349 51.01 -19.77 -97.70
C LEU O 349 52.22 -19.31 -96.88
N THR O 350 53.13 -20.23 -96.60
CA THR O 350 54.31 -19.89 -95.82
C THR O 350 55.58 -20.13 -96.64
N LEU O 351 56.69 -19.51 -96.21
CA LEU O 351 57.96 -19.61 -96.93
C LEU O 351 59.03 -20.33 -96.11
N ASN O 352 60.06 -20.82 -96.79
CA ASN O 352 61.18 -21.52 -96.15
C ASN O 352 60.77 -22.56 -95.11
N GLU O 353 59.84 -23.46 -95.49
CA GLU O 353 59.47 -24.58 -94.63
C GLU O 353 60.69 -25.48 -94.40
N PRO O 354 60.96 -25.82 -93.13
CA PRO O 354 62.16 -26.62 -92.89
C PRO O 354 62.11 -27.97 -93.61
N LYS O 355 63.22 -28.35 -94.22
CA LYS O 355 63.38 -29.64 -94.89
C LYS O 355 63.48 -30.81 -93.87
N ILE O 356 63.08 -32.01 -94.28
CA ILE O 356 63.20 -33.20 -93.45
C ILE O 356 64.59 -33.82 -93.63
N ILE O 357 65.35 -33.89 -92.53
CA ILE O 357 66.70 -34.44 -92.59
C ILE O 357 66.82 -35.58 -91.61
N ASP O 358 67.13 -36.76 -92.14
CA ASP O 358 67.18 -37.99 -91.35
C ASP O 358 65.98 -38.14 -90.40
N GLY O 359 64.79 -37.87 -90.90
CA GLY O 359 63.58 -37.99 -90.08
C GLY O 359 63.29 -36.85 -89.11
N ALA O 360 64.17 -35.84 -89.08
CA ALA O 360 64.05 -34.71 -88.16
C ALA O 360 63.79 -33.38 -88.87
N ILE O 361 63.19 -32.46 -88.13
CA ILE O 361 62.94 -31.13 -88.66
C ILE O 361 63.52 -30.12 -87.67
N GLU O 362 64.37 -29.24 -88.17
CA GLU O 362 64.94 -28.17 -87.34
C GLU O 362 63.90 -27.20 -86.84
N VAL O 363 64.02 -26.88 -85.55
CA VAL O 363 63.24 -25.84 -84.91
C VAL O 363 64.19 -24.64 -84.73
N SER O 364 63.95 -23.57 -85.46
CA SER O 364 64.92 -22.47 -85.50
C SER O 364 64.81 -21.63 -84.23
N ASP O 365 65.85 -20.86 -83.94
CA ASP O 365 65.76 -20.00 -82.80
C ASP O 365 65.33 -18.58 -83.20
N LYS O 366 64.83 -18.43 -84.44
CA LYS O 366 64.13 -17.22 -84.85
C LYS O 366 63.03 -16.91 -83.84
N PRO O 367 62.79 -15.61 -83.59
CA PRO O 367 61.89 -15.15 -82.55
C PRO O 367 60.43 -15.56 -82.82
N GLY O 368 59.69 -15.86 -81.76
CA GLY O 368 58.28 -16.25 -81.92
C GLY O 368 58.14 -17.64 -82.50
N LEU O 369 57.13 -17.86 -83.33
CA LEU O 369 56.96 -19.15 -83.99
C LEU O 369 57.86 -19.35 -85.22
N GLY O 370 58.56 -18.29 -85.63
CA GLY O 370 59.43 -18.38 -86.79
C GLY O 370 58.66 -18.57 -88.08
N ILE O 371 57.47 -17.98 -88.15
CA ILE O 371 56.68 -18.10 -89.35
C ILE O 371 57.08 -17.02 -90.34
N GLU O 372 57.22 -17.42 -91.60
CA GLU O 372 57.54 -16.50 -92.68
C GLU O 372 56.37 -16.46 -93.65
N LEU O 373 55.43 -15.54 -93.42
CA LEU O 373 54.18 -15.54 -94.19
C LEU O 373 54.38 -15.05 -95.62
N ASN O 374 53.73 -15.73 -96.57
CA ASN O 374 53.76 -15.28 -97.96
C ASN O 374 52.68 -14.22 -98.21
N ILE O 375 52.98 -12.98 -97.82
CA ILE O 375 52.04 -11.86 -97.85
C ILE O 375 51.47 -11.64 -99.25
N GLU O 376 52.35 -11.78 -100.24
CA GLU O 376 51.96 -11.61 -101.63
C GLU O 376 50.88 -12.60 -102.03
N PHE O 377 51.03 -13.87 -101.64
CA PHE O 377 49.99 -14.86 -101.80
C PHE O 377 48.72 -14.44 -101.05
N VAL O 378 48.85 -14.16 -99.75
CA VAL O 378 47.68 -13.81 -98.96
C VAL O 378 46.87 -12.65 -99.58
N GLU O 379 47.56 -11.55 -99.87
CA GLU O 379 46.91 -10.37 -100.47
C GLU O 379 46.24 -10.70 -101.81
N GLN O 380 46.85 -11.59 -102.57
CA GLN O 380 46.31 -11.99 -103.86
C GLN O 380 44.98 -12.71 -103.71
N VAL O 381 44.86 -13.58 -102.70
CA VAL O 381 43.63 -14.34 -102.55
C VAL O 381 42.59 -13.70 -101.63
N THR O 382 43.03 -12.84 -100.71
CA THR O 382 42.07 -12.06 -99.90
C THR O 382 41.53 -10.82 -100.62
N GLY O 383 42.41 -10.16 -101.39
CA GLY O 383 42.02 -8.94 -102.10
C GLY O 383 42.18 -7.71 -101.23
N HIS O 384 42.57 -7.92 -99.97
CA HIS O 384 42.79 -6.82 -99.05
C HIS O 384 44.24 -6.76 -98.54
N LYS O 385 44.63 -5.57 -98.09
CA LYS O 385 45.97 -5.26 -97.64
C LYS O 385 46.35 -5.91 -96.31
N PHE O 386 47.49 -6.61 -96.28
CA PHE O 386 48.03 -7.18 -95.04
C PHE O 386 49.10 -6.25 -94.45
N ALA P 5 -8.97 -39.04 -84.42
CA ALA P 5 -10.07 -39.75 -83.70
C ALA P 5 -9.49 -40.55 -82.55
N ASN P 6 -10.25 -40.65 -81.45
CA ASN P 6 -9.80 -41.36 -80.27
C ASN P 6 -10.11 -42.86 -80.32
N ILE P 7 -9.54 -43.59 -79.36
CA ILE P 7 -9.66 -45.04 -79.32
C ILE P 7 -10.98 -45.43 -78.68
N VAL P 8 -11.69 -46.35 -79.31
CA VAL P 8 -12.97 -46.79 -78.76
C VAL P 8 -12.91 -48.21 -78.23
N SER P 9 -12.03 -49.04 -78.77
CA SER P 9 -12.00 -50.43 -78.33
C SER P 9 -10.65 -51.10 -78.47
N VAL P 10 -10.42 -52.09 -77.61
CA VAL P 10 -9.20 -52.91 -77.65
C VAL P 10 -9.64 -54.36 -77.48
N GLU P 11 -9.20 -55.22 -78.39
CA GLU P 11 -9.56 -56.60 -78.31
C GLU P 11 -8.33 -57.49 -78.38
N PHE P 12 -8.27 -58.46 -77.48
CA PHE P 12 -7.28 -59.54 -77.55
C PHE P 12 -7.92 -60.76 -78.19
N ILE P 13 -7.41 -61.16 -79.35
CA ILE P 13 -8.00 -62.24 -80.14
C ILE P 13 -7.08 -63.47 -80.15
N PRO P 14 -7.37 -64.44 -79.26
CA PRO P 14 -6.56 -65.65 -79.19
C PRO P 14 -6.52 -66.38 -80.53
N VAL P 15 -5.32 -66.77 -80.94
CA VAL P 15 -5.15 -67.59 -82.11
C VAL P 15 -4.39 -68.85 -81.73
N ASN P 16 -5.11 -69.98 -81.72
CA ASN P 16 -4.51 -71.24 -81.31
C ASN P 16 -4.78 -72.26 -82.39
N VAL P 17 -3.72 -72.78 -83.00
CA VAL P 17 -3.85 -73.71 -84.13
C VAL P 17 -3.26 -75.09 -83.85
N ALA P 18 -3.91 -76.12 -84.38
CA ALA P 18 -3.47 -77.51 -84.20
C ALA P 18 -2.20 -77.85 -84.99
N SER P 23 3.89 -76.12 -81.05
CA SER P 23 2.73 -75.34 -80.64
C SER P 23 2.68 -74.01 -81.40
N GLU P 24 1.52 -73.72 -81.97
CA GLU P 24 1.39 -72.63 -82.93
C GLU P 24 0.32 -71.62 -82.47
N ASN P 25 0.73 -70.64 -81.68
CA ASN P 25 -0.24 -69.65 -81.25
C ASN P 25 0.25 -68.19 -81.15
N THR P 26 -0.71 -67.28 -81.08
CA THR P 26 -0.43 -65.87 -80.89
C THR P 26 -1.67 -65.18 -80.31
N VAL P 27 -1.50 -63.95 -79.88
CA VAL P 27 -2.66 -63.15 -79.54
C VAL P 27 -2.64 -61.85 -80.31
N ILE P 28 -3.59 -61.72 -81.21
CA ILE P 28 -3.77 -60.49 -81.95
C ILE P 28 -4.45 -59.45 -81.09
N VAL P 29 -3.87 -58.26 -81.08
CA VAL P 29 -4.46 -57.13 -80.40
C VAL P 29 -4.96 -56.16 -81.46
N LYS P 30 -6.27 -55.92 -81.45
CA LYS P 30 -6.89 -55.04 -82.41
C LYS P 30 -7.45 -53.81 -81.68
N VAL P 31 -6.93 -52.63 -82.02
CA VAL P 31 -7.34 -51.36 -81.41
C VAL P 31 -8.04 -50.53 -82.47
N THR P 32 -9.28 -50.14 -82.19
CA THR P 32 -10.16 -49.49 -83.15
C THR P 32 -10.51 -48.09 -82.68
N ASP P 33 -10.50 -47.13 -83.60
CA ASP P 33 -10.87 -45.76 -83.27
C ASP P 33 -12.34 -45.44 -83.62
N GLU P 34 -12.76 -44.21 -83.33
CA GLU P 34 -14.15 -43.78 -83.53
C GLU P 34 -14.58 -43.97 -84.98
N ASN P 35 -13.65 -43.77 -85.92
CA ASN P 35 -13.93 -43.95 -87.35
C ASN P 35 -13.92 -45.40 -87.84
N GLY P 36 -13.66 -46.35 -86.94
CA GLY P 36 -13.57 -47.77 -87.34
C GLY P 36 -12.27 -48.17 -88.03
N VAL P 37 -11.31 -47.25 -88.08
CA VAL P 37 -9.93 -47.59 -88.47
C VAL P 37 -9.31 -48.34 -87.30
N TYR P 38 -8.55 -49.39 -87.58
CA TYR P 38 -7.92 -50.15 -86.49
C TYR P 38 -6.43 -50.38 -86.72
N GLY P 39 -5.72 -50.66 -85.63
CA GLY P 39 -4.32 -51.08 -85.68
C GLY P 39 -4.11 -52.48 -85.14
N LEU P 40 -3.08 -53.15 -85.64
CA LEU P 40 -2.84 -54.55 -85.26
C LEU P 40 -1.54 -54.68 -84.53
N GLY P 41 -1.56 -55.47 -83.47
CA GLY P 41 -0.35 -55.79 -82.74
C GLY P 41 -0.49 -57.22 -82.30
N GLU P 42 0.56 -57.76 -81.69
CA GLU P 42 0.44 -59.04 -81.01
C GLU P 42 1.22 -59.05 -79.72
N ALA P 43 0.68 -59.75 -78.73
CA ALA P 43 1.26 -59.88 -77.41
C ALA P 43 1.71 -61.31 -77.27
N ASP P 44 2.86 -61.52 -76.62
CA ASP P 44 3.34 -62.86 -76.29
C ASP P 44 2.54 -63.47 -75.15
N GLY P 45 2.64 -64.78 -74.99
CA GLY P 45 2.00 -65.47 -73.86
C GLY P 45 0.89 -66.45 -74.22
N PRO P 46 0.49 -67.28 -73.25
CA PRO P 46 -0.60 -68.25 -73.49
C PRO P 46 -1.90 -67.52 -73.87
N PRO P 47 -2.47 -67.85 -75.04
CA PRO P 47 -3.43 -66.93 -75.62
C PRO P 47 -4.69 -66.72 -74.79
N GLU P 48 -5.27 -67.78 -74.26
CA GLU P 48 -6.48 -67.59 -73.46
C GLU P 48 -6.16 -66.78 -72.19
N CYS P 49 -4.97 -67.03 -71.63
CA CYS P 49 -4.55 -66.34 -70.40
C CYS P 49 -4.44 -64.83 -70.62
N MET P 50 -3.87 -64.43 -71.75
CA MET P 50 -3.75 -63.03 -72.12
C MET P 50 -5.11 -62.33 -72.37
N LYS P 51 -6.03 -63.05 -73.02
CA LYS P 51 -7.42 -62.59 -73.10
C LYS P 51 -8.04 -62.34 -71.71
N ALA P 52 -7.97 -63.32 -70.81
CA ALA P 52 -8.46 -63.11 -69.44
C ALA P 52 -7.83 -61.87 -68.82
N PHE P 53 -6.50 -61.75 -68.96
CA PHE P 53 -5.79 -60.57 -68.48
C PHE P 53 -6.39 -59.25 -68.97
N SER P 54 -6.60 -59.14 -70.29
CA SER P 54 -7.19 -57.95 -70.89
C SER P 54 -8.62 -57.66 -70.41
N GLU P 55 -9.21 -58.61 -69.68
CA GLU P 55 -10.62 -58.50 -69.29
C GLU P 55 -10.87 -58.43 -67.79
N ILE P 56 -9.82 -58.21 -67.00
CA ILE P 56 -9.95 -58.08 -65.56
C ILE P 56 -10.83 -56.89 -65.15
N GLU P 57 -11.37 -56.93 -63.93
CA GLU P 57 -12.11 -55.81 -63.34
C GLU P 57 -11.14 -54.88 -62.60
N ASN P 58 -11.51 -53.61 -62.47
CA ASN P 58 -10.72 -52.68 -61.66
C ASN P 58 -10.72 -53.04 -60.18
N GLU P 59 -9.64 -52.76 -59.48
CA GLU P 59 -9.56 -53.04 -58.05
C GLU P 59 -9.12 -51.82 -57.23
N HIS P 60 -8.15 -51.08 -57.75
CA HIS P 60 -7.57 -49.93 -57.05
C HIS P 60 -6.59 -49.15 -57.92
N LYS P 61 -5.93 -48.17 -57.29
CA LYS P 61 -5.09 -47.19 -57.99
C LYS P 61 -4.10 -47.78 -58.99
N TRP P 62 -3.38 -48.84 -58.58
CA TRP P 62 -2.38 -49.47 -59.44
C TRP P 62 -2.84 -50.86 -59.94
N LEU P 63 -4.15 -51.13 -59.85
CA LEU P 63 -4.69 -52.35 -60.45
C LEU P 63 -5.99 -52.10 -61.21
N ASN P 64 -5.83 -51.71 -62.48
CA ASN P 64 -6.96 -51.43 -63.37
C ASN P 64 -6.93 -52.26 -64.65
N ASN P 65 -8.09 -52.44 -65.25
CA ASN P 65 -8.15 -52.96 -66.60
C ASN P 65 -7.25 -52.15 -67.53
N ILE P 66 -6.41 -52.85 -68.30
CA ILE P 66 -5.37 -52.20 -69.10
C ILE P 66 -5.95 -51.40 -70.25
N LYS P 67 -7.07 -51.87 -70.80
CA LYS P 67 -7.74 -51.16 -71.87
C LYS P 67 -8.14 -49.77 -71.44
N GLU P 68 -8.42 -49.62 -70.14
CA GLU P 68 -8.97 -48.37 -69.64
C GLU P 68 -7.95 -47.25 -69.71
N ALA P 69 -6.68 -47.61 -69.84
CA ALA P 69 -5.62 -46.63 -69.98
C ALA P 69 -5.52 -46.02 -71.39
N VAL P 70 -6.23 -46.60 -72.36
CA VAL P 70 -6.19 -46.09 -73.74
C VAL P 70 -7.56 -45.76 -74.36
N ILE P 71 -8.65 -46.40 -73.91
CA ILE P 71 -9.96 -46.03 -74.45
C ILE P 71 -10.15 -44.53 -74.21
N GLY P 72 -10.53 -43.80 -75.24
CA GLY P 72 -10.75 -42.36 -75.11
C GLY P 72 -9.54 -41.53 -75.46
N ARG P 73 -8.41 -42.17 -75.73
CA ARG P 73 -7.13 -41.46 -75.93
C ARG P 73 -6.69 -41.40 -77.39
N ASP P 74 -5.78 -40.48 -77.67
CA ASP P 74 -5.19 -40.34 -78.97
C ASP P 74 -3.98 -41.27 -79.11
N PRO P 75 -4.01 -42.18 -80.10
CA PRO P 75 -2.95 -43.20 -80.24
C PRO P 75 -1.60 -42.63 -80.67
N LEU P 76 -1.59 -41.38 -81.13
CA LEU P 76 -0.35 -40.66 -81.48
C LEU P 76 0.55 -40.42 -80.24
N GLU P 77 -0.05 -40.44 -79.05
CA GLU P 77 0.66 -40.09 -77.82
C GLU P 77 1.34 -41.32 -77.18
N PHE P 78 2.43 -41.79 -77.78
CA PHE P 78 3.01 -43.08 -77.41
C PHE P 78 3.51 -43.15 -75.98
N ARG P 79 4.30 -42.15 -75.60
CA ARG P 79 4.83 -42.05 -74.24
C ARG P 79 3.70 -41.99 -73.22
N ALA P 80 2.87 -40.94 -73.29
CA ALA P 80 1.69 -40.81 -72.42
C ALA P 80 0.90 -42.11 -72.29
N ASN P 81 0.58 -42.72 -73.43
CA ASN P 81 -0.20 -43.96 -73.45
C ASN P 81 0.54 -45.16 -72.83
N TYR P 82 1.79 -45.36 -73.21
CA TYR P 82 2.62 -46.37 -72.54
C TYR P 82 2.65 -46.20 -71.02
N ASN P 83 3.03 -45.00 -70.57
CA ASN P 83 3.18 -44.74 -69.15
C ASN P 83 1.87 -44.96 -68.40
N ARG P 84 0.75 -44.55 -69.01
CA ARG P 84 -0.55 -44.79 -68.40
C ARG P 84 -0.87 -46.27 -68.27
N MET P 85 -0.65 -47.05 -69.33
CA MET P 85 -0.85 -48.49 -69.23
C MET P 85 0.06 -49.05 -68.13
N TYR P 86 1.35 -48.71 -68.19
CA TYR P 86 2.30 -49.17 -67.19
C TYR P 86 1.84 -48.82 -65.77
N ASP P 87 1.61 -47.53 -65.48
CA ASP P 87 1.21 -47.09 -64.14
C ASP P 87 -0.05 -47.76 -63.60
N THR P 88 -1.11 -47.75 -64.39
CA THR P 88 -2.41 -48.21 -63.89
C THR P 88 -2.48 -49.74 -63.71
N THR P 89 -1.44 -50.45 -64.12
CA THR P 89 -1.42 -51.90 -64.00
C THR P 89 -0.29 -52.38 -63.12
N LYS P 90 0.36 -51.43 -62.46
CA LYS P 90 1.62 -51.71 -61.74
C LYS P 90 1.52 -52.93 -60.84
N TRP P 91 0.43 -53.02 -60.07
CA TRP P 91 0.27 -54.09 -59.10
C TRP P 91 0.37 -55.49 -59.68
N ILE P 92 -0.03 -55.65 -60.94
CA ILE P 92 0.01 -56.96 -61.57
C ILE P 92 0.91 -56.95 -62.79
N GLY P 93 1.59 -55.83 -63.00
CA GLY P 93 2.44 -55.67 -64.17
C GLY P 93 3.84 -55.39 -63.74
N MET P 94 4.40 -54.29 -64.26
CA MET P 94 5.73 -53.85 -63.89
C MET P 94 6.83 -54.72 -64.49
N ARG P 95 6.72 -56.03 -64.34
CA ARG P 95 7.61 -57.00 -64.96
C ARG P 95 6.81 -58.24 -65.37
N GLY P 96 7.26 -58.95 -66.40
CA GLY P 96 6.68 -60.24 -66.76
C GLY P 96 5.43 -60.15 -67.63
N LEU P 97 4.49 -61.06 -67.36
CA LEU P 97 3.34 -61.30 -68.22
C LEU P 97 2.51 -60.05 -68.47
N GLY P 98 2.36 -59.22 -67.44
CA GLY P 98 1.72 -57.91 -67.58
C GLY P 98 2.31 -57.09 -68.72
N LEU P 99 3.62 -57.17 -68.90
CA LEU P 99 4.28 -56.38 -69.93
C LEU P 99 4.10 -56.91 -71.33
N PHE P 100 3.77 -58.18 -71.49
CA PHE P 100 3.41 -58.71 -72.83
C PHE P 100 2.15 -57.99 -73.36
N ALA P 101 1.11 -57.94 -72.52
CA ALA P 101 -0.14 -57.23 -72.85
C ALA P 101 0.09 -55.79 -73.29
N ILE P 102 0.82 -55.03 -72.46
CA ILE P 102 1.19 -53.66 -72.84
C ILE P 102 1.92 -53.66 -74.20
N SER P 103 2.80 -54.65 -74.41
CA SER P 103 3.56 -54.74 -75.66
C SER P 103 2.65 -54.80 -76.87
N GLY P 104 1.63 -55.65 -76.78
CA GLY P 104 0.73 -55.91 -77.90
C GLY P 104 -0.06 -54.68 -78.28
N ILE P 105 -0.61 -54.01 -77.27
CA ILE P 105 -1.36 -52.77 -77.47
C ILE P 105 -0.46 -51.66 -78.02
N ASP P 106 0.70 -51.49 -77.41
CA ASP P 106 1.67 -50.51 -77.88
C ASP P 106 2.02 -50.68 -79.37
N MET P 107 2.20 -51.93 -79.82
CA MET P 107 2.51 -52.26 -81.22
C MET P 107 1.34 -51.85 -82.14
N ALA P 108 0.13 -52.24 -81.74
CA ALA P 108 -1.09 -51.84 -82.46
C ALA P 108 -1.27 -50.32 -82.53
N LEU P 109 -0.78 -49.59 -81.52
CA LEU P 109 -0.94 -48.13 -81.50
C LEU P 109 -0.11 -47.46 -82.58
N TYR P 110 1.08 -48.00 -82.85
CA TYR P 110 1.88 -47.49 -83.97
C TYR P 110 1.20 -47.75 -85.31
N ASP P 111 0.54 -48.89 -85.42
CA ASP P 111 -0.18 -49.24 -86.63
C ASP P 111 -1.40 -48.32 -86.81
N LEU P 112 -2.20 -48.18 -85.75
CA LEU P 112 -3.36 -47.28 -85.75
C LEU P 112 -3.00 -45.84 -86.09
N ALA P 113 -2.04 -45.26 -85.35
CA ALA P 113 -1.62 -43.88 -85.56
C ALA P 113 -1.11 -43.64 -86.97
N GLY P 114 -0.25 -44.53 -87.46
CA GLY P 114 0.25 -44.44 -88.82
C GLY P 114 -0.87 -44.48 -89.84
N LYS P 115 -1.85 -45.35 -89.63
CA LYS P 115 -3.02 -45.42 -90.51
C LYS P 115 -3.93 -44.22 -90.40
N GLN P 116 -3.93 -43.55 -89.25
CA GLN P 116 -4.73 -42.34 -89.07
C GLN P 116 -4.08 -41.19 -89.82
N LEU P 117 -2.77 -41.10 -89.71
CA LEU P 117 -2.02 -40.00 -90.28
C LEU P 117 -1.64 -40.26 -91.75
N GLY P 118 -1.81 -41.49 -92.20
CA GLY P 118 -1.40 -41.86 -93.54
C GLY P 118 0.11 -41.98 -93.69
N VAL P 119 0.80 -42.36 -92.60
CA VAL P 119 2.27 -42.50 -92.65
C VAL P 119 2.78 -43.88 -92.22
N PRO P 120 3.95 -44.28 -92.76
CA PRO P 120 4.54 -45.54 -92.26
C PRO P 120 4.98 -45.38 -90.82
N ALA P 121 4.76 -46.43 -90.02
CA ALA P 121 5.15 -46.42 -88.62
C ALA P 121 6.60 -46.01 -88.37
N TYR P 122 7.52 -46.29 -89.30
CA TYR P 122 8.89 -45.87 -89.04
C TYR P 122 9.07 -44.36 -88.88
N LYS P 123 8.21 -43.58 -89.55
CA LYS P 123 8.25 -42.13 -89.39
C LYS P 123 7.88 -41.72 -87.96
N LEU P 124 6.96 -42.46 -87.35
CA LEU P 124 6.50 -42.11 -86.01
C LEU P 124 7.46 -42.64 -84.95
N MET P 125 8.39 -43.48 -85.39
CA MET P 125 9.35 -44.11 -84.51
C MET P 125 10.62 -43.28 -84.53
N GLY P 126 10.59 -42.14 -85.20
CA GLY P 126 11.74 -41.25 -85.27
C GLY P 126 12.34 -41.07 -86.66
N GLY P 127 11.93 -41.89 -87.62
CA GLY P 127 12.41 -41.72 -88.99
C GLY P 127 13.51 -42.70 -89.38
N ALA P 128 13.59 -42.99 -90.67
CA ALA P 128 14.53 -43.99 -91.19
C ALA P 128 15.97 -43.49 -91.04
N GLN P 129 16.83 -44.36 -90.52
CA GLN P 129 18.20 -43.95 -90.32
C GLN P 129 19.19 -44.91 -90.97
N LYS P 130 18.71 -45.82 -91.80
CA LYS P 130 19.64 -46.52 -92.67
C LYS P 130 19.05 -46.74 -94.05
N ALA P 131 19.95 -46.88 -95.02
CA ALA P 131 19.59 -47.08 -96.41
C ALA P 131 18.76 -48.36 -96.59
N GLN P 132 19.11 -49.41 -95.85
CA GLN P 132 18.50 -50.73 -96.06
C GLN P 132 18.25 -51.49 -94.77
N LEU P 133 17.29 -52.39 -94.79
CA LEU P 133 17.12 -53.34 -93.71
C LEU P 133 17.82 -54.66 -94.07
N THR P 134 18.94 -54.93 -93.40
CA THR P 134 19.71 -56.16 -93.57
C THR P 134 19.62 -56.99 -92.30
N PRO P 135 18.70 -57.96 -92.25
CA PRO P 135 18.57 -58.72 -91.03
C PRO P 135 19.58 -59.86 -90.95
N TYR P 136 19.70 -60.50 -89.78
CA TYR P 136 20.19 -61.86 -89.76
C TYR P 136 18.99 -62.78 -89.72
N PHE P 137 19.12 -63.98 -90.29
CA PHE P 137 17.98 -64.88 -90.34
C PHE P 137 18.17 -66.08 -89.45
N THR P 138 17.19 -66.31 -88.58
CA THR P 138 17.25 -67.42 -87.63
C THR P 138 16.86 -68.70 -88.36
N LEU P 139 17.75 -69.69 -88.35
CA LEU P 139 17.47 -70.99 -88.95
C LEU P 139 17.27 -72.05 -87.88
N TYR P 140 16.05 -72.55 -87.79
CA TYR P 140 15.73 -73.62 -86.88
C TYR P 140 15.19 -74.77 -87.71
N PRO P 141 15.83 -75.94 -87.63
CA PRO P 141 15.52 -77.03 -88.51
C PRO P 141 14.39 -77.89 -87.96
N SER P 142 13.66 -78.55 -88.85
CA SER P 142 12.59 -79.46 -88.49
C SER P 142 13.14 -80.88 -88.31
N VAL P 143 13.28 -81.31 -87.06
CA VAL P 143 13.84 -82.63 -86.79
C VAL P 143 13.09 -83.36 -85.69
N ALA P 144 13.25 -84.68 -85.67
CA ALA P 144 12.74 -85.50 -84.57
C ALA P 144 13.49 -85.21 -83.27
N ALA P 145 12.74 -85.09 -82.17
CA ALA P 145 13.33 -84.99 -80.83
C ALA P 145 14.22 -86.21 -80.58
N ASP P 146 15.41 -85.98 -80.04
CA ASP P 146 16.45 -87.01 -80.03
C ASP P 146 16.90 -87.39 -81.45
N ALA P 147 17.04 -86.37 -82.31
CA ALA P 147 17.85 -86.48 -83.52
C ALA P 147 19.33 -86.34 -83.14
N THR P 148 20.20 -87.03 -83.86
CA THR P 148 21.63 -86.92 -83.62
C THR P 148 22.17 -85.60 -84.20
N LEU P 149 23.30 -85.13 -83.67
CA LEU P 149 23.90 -83.90 -84.18
C LEU P 149 24.21 -84.02 -85.67
N SER P 150 24.71 -85.19 -86.06
CA SER P 150 24.85 -85.54 -87.47
C SER P 150 23.57 -85.27 -88.28
N GLU P 151 22.41 -85.69 -87.77
CA GLU P 151 21.16 -85.49 -88.50
C GLU P 151 20.69 -84.03 -88.52
N ILE P 152 20.96 -83.31 -87.44
CA ILE P 152 20.56 -81.90 -87.35
C ILE P 152 21.40 -81.11 -88.37
N VAL P 153 22.67 -81.47 -88.51
CA VAL P 153 23.51 -80.86 -89.53
C VAL P 153 22.92 -81.09 -90.93
N GLU P 154 22.46 -82.31 -91.17
CA GLU P 154 21.88 -82.67 -92.46
C GLU P 154 20.63 -81.85 -92.69
N ALA P 155 19.83 -81.71 -91.64
CA ALA P 155 18.62 -80.90 -91.72
C ALA P 155 18.93 -79.42 -91.90
N TYR P 156 20.10 -79.00 -91.42
CA TYR P 156 20.48 -77.61 -91.59
C TYR P 156 20.85 -77.22 -93.03
N LYS P 157 21.23 -78.21 -93.85
CA LYS P 157 21.87 -77.92 -95.14
C LYS P 157 21.00 -77.16 -96.16
N PRO P 158 19.74 -77.58 -96.33
CA PRO P 158 18.85 -76.86 -97.25
C PRO P 158 18.50 -75.43 -96.80
N LEU P 159 18.41 -75.20 -95.49
CA LEU P 159 18.13 -73.85 -94.99
C LEU P 159 19.31 -72.93 -95.26
N ILE P 160 20.50 -73.42 -94.95
CA ILE P 160 21.71 -72.67 -95.21
C ILE P 160 21.87 -72.39 -96.69
N ALA P 161 21.57 -73.39 -97.51
CA ALA P 161 21.61 -73.21 -98.96
C ALA P 161 20.60 -72.16 -99.41
N LYS P 162 19.39 -72.20 -98.88
CA LYS P 162 18.37 -71.27 -99.28
C LYS P 162 18.74 -69.84 -98.87
N ALA P 163 19.41 -69.71 -97.73
CA ALA P 163 19.92 -68.42 -97.24
C ALA P 163 20.95 -67.81 -98.17
N LYS P 164 21.89 -68.64 -98.63
CA LYS P 164 22.88 -68.20 -99.62
C LYS P 164 22.19 -67.77 -100.91
N GLU P 165 21.26 -68.59 -101.40
CA GLU P 165 20.51 -68.25 -102.60
C GLU P 165 19.90 -66.85 -102.50
N ARG P 166 19.42 -66.47 -101.32
CA ARG P 166 18.75 -65.19 -101.12
C ARG P 166 19.75 -64.06 -100.86
N GLY P 167 21.02 -64.41 -100.74
CA GLY P 167 22.07 -63.45 -100.41
C GLY P 167 22.04 -62.95 -98.97
N ALA P 168 21.50 -63.74 -98.06
CA ALA P 168 21.59 -63.44 -96.61
C ALA P 168 23.01 -63.03 -96.20
N LYS P 169 23.14 -62.01 -95.35
CA LYS P 169 24.47 -61.57 -94.90
C LYS P 169 24.85 -62.27 -93.60
N ALA P 170 23.86 -62.88 -92.96
CA ALA P 170 24.08 -63.46 -91.64
C ALA P 170 22.99 -64.44 -91.31
N VAL P 171 23.36 -65.52 -90.63
CA VAL P 171 22.38 -66.46 -90.16
C VAL P 171 22.73 -66.88 -88.74
N LYS P 172 21.70 -67.23 -87.98
CA LYS P 172 21.89 -67.79 -86.66
C LYS P 172 21.46 -69.25 -86.68
N VAL P 173 22.30 -70.11 -86.12
CA VAL P 173 21.94 -71.53 -85.90
C VAL P 173 21.83 -71.83 -84.40
N CYS P 174 21.24 -72.98 -84.08
CA CYS P 174 20.89 -73.29 -82.70
C CYS P 174 21.54 -74.58 -82.26
N ILE P 175 21.82 -74.66 -80.96
CA ILE P 175 22.10 -75.94 -80.32
C ILE P 175 20.79 -76.43 -79.73
N ILE P 176 20.17 -77.43 -80.38
CA ILE P 176 18.96 -78.05 -79.83
C ILE P 176 19.26 -78.69 -78.46
N PRO P 177 18.42 -78.40 -77.43
CA PRO P 177 18.78 -78.83 -76.07
C PRO P 177 18.94 -80.35 -76.00
N ASN P 178 20.02 -80.80 -75.39
CA ASN P 178 20.42 -82.18 -75.53
C ASN P 178 21.51 -82.49 -74.53
N ASP P 179 21.13 -82.84 -73.31
CA ASP P 179 22.13 -83.03 -72.27
C ASP P 179 22.74 -84.45 -72.31
N LYS P 180 22.47 -85.16 -73.39
CA LYS P 180 23.06 -86.47 -73.63
C LYS P 180 24.23 -86.38 -74.61
N VAL P 181 24.72 -85.17 -74.84
CA VAL P 181 25.77 -84.90 -75.81
C VAL P 181 26.80 -83.96 -75.12
N SER P 182 28.08 -84.28 -75.23
CA SER P 182 29.12 -83.53 -74.55
C SER P 182 29.47 -82.18 -75.25
N ASP P 183 30.13 -81.30 -74.51
CA ASP P 183 30.58 -80.04 -75.08
C ASP P 183 31.62 -80.24 -76.21
N LYS P 184 32.47 -81.26 -76.07
CA LYS P 184 33.38 -81.69 -77.15
C LYS P 184 32.59 -81.96 -78.44
N GLU P 185 31.48 -82.70 -78.32
CA GLU P 185 30.59 -82.93 -79.48
C GLU P 185 29.94 -81.66 -80.02
N ILE P 186 29.58 -80.74 -79.11
CA ILE P 186 29.04 -79.44 -79.51
C ILE P 186 30.07 -78.65 -80.35
N VAL P 187 31.33 -78.68 -79.91
CA VAL P 187 32.42 -78.08 -80.68
C VAL P 187 32.49 -78.64 -82.13
N ALA P 188 32.55 -79.98 -82.28
CA ALA P 188 32.62 -80.58 -83.62
C ALA P 188 31.39 -80.17 -84.42
N TYR P 189 30.22 -80.30 -83.81
CA TYR P 189 28.97 -79.80 -84.37
C TYR P 189 29.08 -78.38 -84.95
N LEU P 190 29.49 -77.40 -84.14
CA LEU P 190 29.51 -76.01 -84.61
C LEU P 190 30.60 -75.75 -85.65
N ARG P 191 31.72 -76.48 -85.58
CA ARG P 191 32.75 -76.37 -86.61
C ARG P 191 32.22 -76.86 -87.97
N GLU P 192 31.50 -77.98 -87.93
CA GLU P 192 30.85 -78.50 -89.15
C GLU P 192 29.96 -77.43 -89.77
N LEU P 193 29.11 -76.82 -88.95
CA LEU P 193 28.17 -75.82 -89.41
C LEU P 193 28.85 -74.59 -89.99
N ARG P 194 30.01 -74.22 -89.47
CA ARG P 194 30.78 -73.14 -90.12
C ARG P 194 31.29 -73.58 -91.49
N GLU P 195 31.79 -74.81 -91.57
CA GLU P 195 32.18 -75.38 -92.87
C GLU P 195 31.03 -75.28 -93.87
N VAL P 196 29.81 -75.67 -93.45
CA VAL P 196 28.65 -75.64 -94.34
C VAL P 196 28.15 -74.22 -94.70
N ILE P 197 28.22 -73.32 -93.73
CA ILE P 197 27.81 -71.91 -93.93
C ILE P 197 28.84 -71.20 -94.81
N GLY P 198 30.10 -71.58 -94.67
CA GLY P 198 31.17 -70.89 -95.39
C GLY P 198 31.57 -69.58 -94.72
N TRP P 199 32.30 -68.74 -95.44
CA TRP P 199 32.91 -67.55 -94.87
C TRP P 199 32.45 -66.26 -95.52
N ASP P 200 31.27 -66.29 -96.14
CA ASP P 200 30.72 -65.09 -96.74
C ASP P 200 29.43 -64.61 -96.06
N MET P 201 29.06 -65.25 -94.95
CA MET P 201 27.96 -64.76 -94.10
C MET P 201 28.48 -64.75 -92.67
N ASP P 202 27.96 -63.85 -91.83
CA ASP P 202 28.22 -63.94 -90.40
C ASP P 202 27.44 -65.11 -89.81
N MET P 203 27.99 -65.78 -88.82
CA MET P 203 27.36 -66.92 -88.19
C MET P 203 27.14 -66.63 -86.70
N MET P 204 25.89 -66.71 -86.25
CA MET P 204 25.55 -66.49 -84.85
C MET P 204 25.15 -67.83 -84.30
N VAL P 205 25.34 -68.06 -83.00
CA VAL P 205 24.79 -69.25 -82.34
C VAL P 205 23.83 -68.92 -81.21
N ASP P 206 22.72 -69.65 -81.17
CA ASP P 206 21.79 -69.63 -80.06
C ASP P 206 21.95 -70.94 -79.31
N CYS P 207 22.47 -70.82 -78.09
CA CYS P 207 22.77 -71.95 -77.22
C CYS P 207 21.57 -72.52 -76.50
N LEU P 208 20.42 -71.84 -76.58
CA LEU P 208 19.21 -72.24 -75.86
C LEU P 208 19.43 -72.65 -74.40
N TYR P 209 20.22 -71.86 -73.68
CA TYR P 209 20.32 -71.97 -72.23
C TYR P 209 20.96 -73.28 -71.77
N ARG P 210 21.88 -73.77 -72.58
CA ARG P 210 22.52 -75.06 -72.34
C ARG P 210 23.35 -75.04 -71.07
N TRP P 211 24.12 -73.99 -70.86
CA TRP P 211 25.13 -74.02 -69.81
C TRP P 211 24.67 -73.33 -68.53
N THR P 212 25.14 -73.83 -67.40
CA THR P 212 24.92 -73.16 -66.15
C THR P 212 26.24 -72.65 -65.58
N ASP P 213 27.32 -73.40 -65.78
CA ASP P 213 28.68 -72.99 -65.31
C ASP P 213 29.39 -72.12 -66.35
N TRP P 214 29.68 -70.87 -66.04
CA TRP P 214 30.35 -70.02 -67.02
C TRP P 214 31.66 -70.64 -67.52
N GLN P 215 32.32 -71.43 -66.67
CA GLN P 215 33.65 -71.94 -67.03
C GLN P 215 33.58 -73.06 -68.08
N LYS P 216 32.46 -73.77 -68.12
CA LYS P 216 32.24 -74.77 -69.17
C LYS P 216 31.95 -74.07 -70.49
N ALA P 217 31.06 -73.08 -70.46
CA ALA P 217 30.82 -72.26 -71.65
C ALA P 217 32.13 -71.66 -72.14
N ARG P 218 32.96 -71.18 -71.21
CA ARG P 218 34.26 -70.61 -71.57
C ARG P 218 35.12 -71.63 -72.32
N TRP P 219 35.16 -72.87 -71.84
CA TRP P 219 35.94 -73.93 -72.48
C TRP P 219 35.47 -74.16 -73.91
N THR P 220 34.16 -74.24 -74.07
CA THR P 220 33.57 -74.49 -75.38
C THR P 220 33.92 -73.41 -76.41
N PHE P 221 33.78 -72.14 -76.02
CA PHE P 221 33.93 -71.04 -76.97
C PHE P 221 35.37 -70.57 -77.18
N ARG P 222 36.26 -71.00 -76.30
CA ARG P 222 37.69 -70.95 -76.57
C ARG P 222 38.06 -71.88 -77.74
N GLN P 223 37.55 -73.11 -77.74
CA GLN P 223 37.84 -74.07 -78.83
C GLN P 223 37.28 -73.54 -80.15
N LEU P 224 36.20 -72.76 -80.07
CA LEU P 224 35.52 -72.25 -81.28
C LEU P 224 35.98 -70.86 -81.75
N GLU P 225 37.09 -70.37 -81.21
CA GLU P 225 37.55 -69.04 -81.62
C GLU P 225 37.86 -69.00 -83.10
N ASP P 226 38.35 -70.11 -83.66
CA ASP P 226 38.67 -70.17 -85.08
C ASP P 226 37.46 -70.12 -86.03
N ILE P 227 36.26 -70.44 -85.55
CA ILE P 227 35.10 -70.32 -86.47
C ILE P 227 34.51 -68.92 -86.48
N ASP P 228 35.01 -68.04 -85.62
CA ASP P 228 34.71 -66.62 -85.75
C ASP P 228 33.22 -66.29 -85.58
N LEU P 229 32.62 -66.79 -84.51
CA LEU P 229 31.23 -66.51 -84.21
C LEU P 229 31.00 -65.01 -84.06
N TYR P 230 29.93 -64.51 -84.67
CA TYR P 230 29.58 -63.09 -84.57
C TYR P 230 28.96 -62.78 -83.21
N PHE P 231 28.04 -63.63 -82.77
CA PHE P 231 27.64 -63.58 -81.37
C PHE P 231 27.23 -64.93 -80.79
N ILE P 232 27.15 -64.97 -79.46
CA ILE P 232 26.74 -66.16 -78.73
C ILE P 232 25.58 -65.77 -77.82
N GLU P 233 24.42 -66.40 -78.05
CA GLU P 233 23.17 -65.98 -77.39
C GLU P 233 22.70 -67.06 -76.42
N ALA P 234 21.99 -66.63 -75.38
CA ALA P 234 21.29 -67.53 -74.46
C ALA P 234 22.24 -68.60 -73.98
N CYS P 235 23.44 -68.18 -73.61
CA CYS P 235 24.48 -69.12 -73.32
C CYS P 235 24.34 -69.72 -71.92
N LEU P 236 24.09 -68.84 -70.95
CA LEU P 236 23.98 -69.19 -69.53
C LEU P 236 22.55 -68.89 -69.08
N GLN P 237 22.16 -69.33 -67.88
CA GLN P 237 20.79 -69.10 -67.41
C GLN P 237 20.51 -67.60 -67.29
N HIS P 238 19.26 -67.24 -67.53
CA HIS P 238 18.86 -65.85 -67.71
C HIS P 238 19.06 -64.99 -66.46
N ASP P 239 18.95 -65.59 -65.27
CA ASP P 239 19.11 -64.82 -64.02
C ASP P 239 20.56 -64.59 -63.66
N ASP P 240 21.46 -65.35 -64.27
CA ASP P 240 22.84 -65.41 -63.81
C ASP P 240 23.69 -64.30 -64.44
N LEU P 241 23.56 -63.10 -63.87
CA LEU P 241 24.18 -61.90 -64.44
C LEU P 241 25.70 -61.91 -64.25
N ILE P 242 26.13 -62.44 -63.11
CA ILE P 242 27.54 -62.52 -62.75
C ILE P 242 28.31 -63.52 -63.63
N GLY P 243 27.74 -64.70 -63.88
CA GLY P 243 28.32 -65.67 -64.81
C GLY P 243 28.43 -65.12 -66.23
N HIS P 244 27.44 -64.35 -66.65
CA HIS P 244 27.50 -63.68 -67.96
C HIS P 244 28.63 -62.66 -68.00
N GLN P 245 28.78 -61.88 -66.93
CA GLN P 245 29.82 -60.88 -66.95
C GLN P 245 31.23 -61.50 -66.98
N LYS P 246 31.41 -62.63 -66.28
CA LYS P 246 32.69 -63.33 -66.34
C LYS P 246 32.93 -63.94 -67.72
N LEU P 247 31.87 -64.47 -68.33
CA LEU P 247 31.98 -65.10 -69.65
C LEU P 247 32.27 -64.07 -70.71
N ALA P 248 31.50 -62.98 -70.70
CA ALA P 248 31.72 -61.85 -71.61
C ALA P 248 33.14 -61.31 -71.58
N ALA P 249 33.73 -61.19 -70.40
CA ALA P 249 35.10 -60.68 -70.33
C ALA P 249 36.14 -61.69 -70.81
N ALA P 250 35.80 -62.98 -70.80
CA ALA P 250 36.78 -64.03 -71.11
C ALA P 250 36.86 -64.36 -72.62
N ILE P 251 35.72 -64.24 -73.31
CA ILE P 251 35.62 -64.64 -74.72
C ILE P 251 36.12 -63.49 -75.59
N ASN P 252 36.22 -63.71 -76.90
CA ASN P 252 36.72 -62.63 -77.74
C ASN P 252 35.72 -62.09 -78.76
N THR P 253 34.41 -62.34 -78.53
CA THR P 253 33.33 -61.80 -79.38
C THR P 253 32.16 -61.30 -78.55
N ARG P 254 31.05 -61.08 -79.25
CA ARG P 254 29.79 -60.59 -78.66
C ARG P 254 29.06 -61.68 -77.85
N LEU P 255 28.75 -61.37 -76.59
CA LEU P 255 27.80 -62.21 -75.84
C LEU P 255 26.44 -61.49 -75.83
N CYS P 256 25.33 -62.22 -76.02
CA CYS P 256 23.99 -61.58 -75.93
C CYS P 256 23.28 -61.94 -74.62
N GLY P 257 22.27 -61.16 -74.29
CA GLY P 257 21.44 -61.47 -73.16
C GLY P 257 20.13 -60.73 -73.20
N ALA P 258 19.36 -60.89 -72.12
CA ALA P 258 18.08 -60.22 -71.95
C ALA P 258 17.00 -60.66 -72.94
N GLU P 259 17.17 -61.82 -73.56
CA GLU P 259 16.14 -62.32 -74.50
C GLU P 259 14.75 -62.43 -73.86
N MET P 260 14.71 -62.85 -72.60
CA MET P 260 13.45 -63.08 -71.89
C MET P 260 13.04 -61.90 -70.99
N SER P 261 13.86 -60.85 -70.96
CA SER P 261 13.63 -59.74 -70.03
C SER P 261 12.43 -58.86 -70.40
N THR P 262 12.00 -58.03 -69.44
CA THR P 262 10.99 -57.01 -69.71
C THR P 262 11.40 -55.67 -69.06
N THR P 263 11.09 -54.59 -69.77
CA THR P 263 11.38 -53.22 -69.35
C THR P 263 12.81 -52.78 -69.60
N ARG P 264 12.98 -51.47 -69.73
CA ARG P 264 14.30 -50.90 -69.85
C ARG P 264 15.10 -51.13 -68.58
N PHE P 265 14.42 -51.46 -67.47
CA PHE P 265 15.08 -51.53 -66.17
C PHE P 265 15.93 -52.79 -66.12
N GLU P 266 15.43 -53.88 -66.67
CA GLU P 266 16.20 -55.10 -66.74
C GLU P 266 17.29 -54.96 -67.80
N ALA P 267 16.91 -54.51 -69.00
CA ALA P 267 17.87 -54.28 -70.08
C ALA P 267 19.08 -53.51 -69.58
N GLN P 268 18.80 -52.43 -68.89
CA GLN P 268 19.85 -51.64 -68.28
C GLN P 268 20.74 -52.38 -67.30
N GLU P 269 20.13 -53.10 -66.36
CA GLU P 269 20.90 -53.85 -65.40
C GLU P 269 21.82 -54.85 -66.11
N TRP P 270 21.33 -55.49 -67.17
CA TRP P 270 22.12 -56.46 -67.92
C TRP P 270 23.36 -55.76 -68.47
N LEU P 271 23.16 -54.55 -68.96
CA LEU P 271 24.17 -53.80 -69.68
C LEU P 271 25.21 -53.30 -68.69
N GLU P 272 24.73 -52.81 -67.55
CA GLU P 272 25.56 -52.28 -66.49
C GLU P 272 26.43 -53.37 -65.91
N LYS P 273 25.80 -54.51 -65.65
CA LYS P 273 26.37 -55.55 -64.81
C LYS P 273 27.17 -56.59 -65.62
N THR P 274 26.82 -56.83 -66.87
CA THR P 274 27.47 -57.92 -67.62
C THR P 274 28.38 -57.50 -68.77
N GLY P 275 28.16 -56.33 -69.36
CA GLY P 275 28.87 -55.99 -70.59
C GLY P 275 28.44 -56.81 -71.82
N ILE P 276 27.23 -57.40 -71.79
CA ILE P 276 26.71 -58.04 -73.00
C ILE P 276 26.74 -57.00 -74.11
N SER P 277 27.03 -57.46 -75.32
CA SER P 277 27.20 -56.56 -76.46
C SER P 277 25.96 -56.49 -77.33
N VAL P 278 25.00 -57.38 -77.08
CA VAL P 278 23.77 -57.40 -77.86
C VAL P 278 22.62 -57.60 -76.87
N VAL P 279 21.67 -56.67 -76.87
CA VAL P 279 20.46 -56.80 -76.06
C VAL P 279 19.34 -57.34 -76.94
N GLN P 280 18.55 -58.26 -76.39
CA GLN P 280 17.58 -58.99 -77.20
C GLN P 280 16.14 -58.89 -76.70
N SER P 281 15.84 -57.84 -75.94
CA SER P 281 14.47 -57.52 -75.54
C SER P 281 13.49 -57.72 -76.69
N ASP P 282 12.39 -58.42 -76.41
CA ASP P 282 11.42 -58.85 -77.41
C ASP P 282 10.35 -57.76 -77.70
N TYR P 283 10.00 -57.58 -78.97
CA TYR P 283 8.92 -56.65 -79.36
C TYR P 283 7.63 -56.89 -78.60
N ASN P 284 7.23 -58.15 -78.50
CA ASN P 284 5.96 -58.47 -77.92
C ASN P 284 6.02 -58.93 -76.47
N ARG P 285 7.12 -58.60 -75.77
CA ARG P 285 7.24 -58.96 -74.36
C ARG P 285 7.70 -57.80 -73.51
N CYS P 286 8.64 -57.02 -74.01
CA CYS P 286 9.42 -56.12 -73.16
C CYS P 286 8.74 -54.77 -72.85
N GLY P 287 7.64 -54.46 -73.53
CA GLY P 287 7.00 -53.17 -73.38
C GLY P 287 6.55 -52.58 -74.72
N GLY P 288 7.04 -53.15 -75.82
CA GLY P 288 6.66 -52.70 -77.14
C GLY P 288 7.73 -51.81 -77.73
N VAL P 289 7.45 -51.26 -78.91
CA VAL P 289 8.36 -50.38 -79.59
C VAL P 289 8.70 -49.16 -78.75
N THR P 290 7.70 -48.63 -78.05
CA THR P 290 7.91 -47.46 -77.20
C THR P 290 9.00 -47.70 -76.17
N GLU P 291 8.96 -48.84 -75.51
CA GLU P 291 10.01 -49.22 -74.57
C GLU P 291 11.33 -49.57 -75.29
N LEU P 292 11.25 -50.16 -76.49
CA LEU P 292 12.48 -50.53 -77.22
C LEU P 292 13.23 -49.30 -77.68
N LEU P 293 12.48 -48.24 -78.00
CA LEU P 293 13.10 -46.96 -78.30
C LEU P 293 13.92 -46.44 -77.11
N ARG P 294 13.41 -46.60 -75.90
CA ARG P 294 14.17 -46.19 -74.70
C ARG P 294 15.36 -47.13 -74.48
N ILE P 295 15.17 -48.40 -74.77
CA ILE P 295 16.27 -49.36 -74.64
C ILE P 295 17.40 -49.05 -75.64
N MET P 296 17.01 -48.64 -76.84
CA MET P 296 17.94 -48.25 -77.90
C MET P 296 18.91 -47.14 -77.47
N ASP P 297 18.38 -46.11 -76.80
CA ASP P 297 19.19 -44.97 -76.41
C ASP P 297 20.18 -45.40 -75.34
N ILE P 298 19.76 -46.33 -74.49
CA ILE P 298 20.61 -46.88 -73.46
C ILE P 298 21.71 -47.78 -74.04
N CYS P 299 21.37 -48.65 -74.99
CA CYS P 299 22.39 -49.43 -75.70
C CYS P 299 23.45 -48.54 -76.31
N GLU P 300 23.02 -47.44 -76.91
CA GLU P 300 23.95 -46.53 -77.60
C GLU P 300 25.02 -46.02 -76.64
N HIS P 301 24.60 -45.60 -75.44
CA HIS P 301 25.55 -45.15 -74.42
C HIS P 301 26.58 -46.23 -74.12
N HIS P 302 26.15 -47.50 -74.07
CA HIS P 302 27.07 -48.60 -73.75
C HIS P 302 27.77 -49.17 -75.00
N ASN P 303 27.50 -48.58 -76.16
CA ASN P 303 27.99 -49.13 -77.44
C ASN P 303 27.67 -50.62 -77.60
N ALA P 304 26.44 -50.96 -77.25
CA ALA P 304 25.90 -52.27 -77.48
C ALA P 304 24.88 -52.18 -78.62
N GLN P 305 24.55 -53.33 -79.18
CA GLN P 305 23.55 -53.40 -80.22
C GLN P 305 22.22 -53.89 -79.66
N LEU P 306 21.14 -53.47 -80.29
CA LEU P 306 19.82 -53.89 -79.89
C LEU P 306 19.25 -54.74 -81.02
N MET P 307 19.03 -56.04 -80.76
CA MET P 307 18.53 -56.99 -81.76
C MET P 307 17.36 -57.76 -81.17
N PRO P 308 16.17 -57.13 -81.11
CA PRO P 308 15.05 -57.68 -80.37
C PRO P 308 14.66 -59.07 -80.85
N HIS P 309 14.42 -59.96 -79.91
CA HIS P 309 13.95 -61.29 -80.20
C HIS P 309 12.65 -61.23 -81.01
N ASN P 310 12.57 -62.09 -82.02
CA ASN P 310 11.57 -62.02 -83.07
C ASN P 310 11.23 -63.42 -83.61
N TRP P 311 10.37 -64.14 -82.91
CA TRP P 311 9.93 -65.46 -83.36
C TRP P 311 8.44 -65.61 -83.03
N LYS P 312 7.60 -64.91 -83.80
CA LYS P 312 6.16 -64.95 -83.62
C LYS P 312 5.48 -65.10 -84.98
N THR P 313 4.95 -63.98 -85.45
CA THR P 313 4.05 -63.94 -86.58
C THR P 313 4.49 -62.82 -87.50
N GLY P 314 3.94 -62.76 -88.70
CA GLY P 314 4.16 -61.63 -89.61
C GLY P 314 3.76 -60.28 -89.02
N ILE P 315 2.98 -60.30 -87.94
CA ILE P 315 2.61 -59.05 -87.28
C ILE P 315 3.83 -58.44 -86.60
N THR P 316 4.56 -59.24 -85.83
CA THR P 316 5.81 -58.80 -85.23
C THR P 316 6.89 -58.56 -86.29
N ALA P 317 6.84 -59.30 -87.38
CA ALA P 317 7.78 -59.10 -88.49
C ALA P 317 7.70 -57.68 -89.04
N ALA P 318 6.48 -57.16 -89.18
CA ALA P 318 6.29 -55.80 -89.65
C ALA P 318 6.79 -54.77 -88.64
N ALA P 319 6.60 -55.05 -87.35
CA ALA P 319 7.21 -54.20 -86.31
C ALA P 319 8.74 -54.20 -86.44
N ALA P 320 9.32 -55.37 -86.68
CA ALA P 320 10.77 -55.48 -86.81
C ALA P 320 11.29 -54.77 -88.06
N ARG P 321 10.49 -54.79 -89.12
CA ARG P 321 10.90 -54.09 -90.35
C ARG P 321 10.97 -52.59 -90.09
N HIS P 322 9.95 -52.08 -89.42
CA HIS P 322 9.86 -50.68 -89.12
C HIS P 322 10.89 -50.22 -88.10
N PHE P 323 11.02 -50.98 -87.01
CA PHE P 323 12.03 -50.69 -85.99
C PHE P 323 13.46 -50.86 -86.53
N GLY P 324 13.67 -51.87 -87.35
CA GLY P 324 14.99 -52.16 -87.89
C GLY P 324 15.57 -51.05 -88.74
N ILE P 325 14.72 -50.38 -89.53
CA ILE P 325 15.17 -49.26 -90.38
C ILE P 325 15.45 -47.99 -89.55
N VAL P 326 14.96 -47.97 -88.32
CA VAL P 326 15.13 -46.81 -87.43
C VAL P 326 16.34 -47.01 -86.49
N CYS P 327 16.63 -48.26 -86.17
CA CYS P 327 17.60 -48.58 -85.15
C CYS P 327 19.04 -48.58 -85.71
N HIS P 328 19.62 -47.38 -85.82
CA HIS P 328 20.91 -47.19 -86.46
C HIS P 328 22.12 -47.79 -85.72
N ILE P 329 21.97 -48.09 -84.44
CA ILE P 329 23.08 -48.68 -83.71
C ILE P 329 23.29 -50.16 -84.09
N SER P 330 22.28 -50.77 -84.71
CA SER P 330 22.33 -52.20 -85.04
C SER P 330 22.61 -52.49 -86.52
N GLU P 331 23.68 -53.24 -86.75
CA GLU P 331 24.03 -53.74 -88.05
C GLU P 331 22.95 -54.71 -88.56
N TYR P 332 22.47 -55.58 -87.68
CA TYR P 332 21.44 -56.57 -88.02
C TYR P 332 20.25 -56.46 -87.04
N VAL P 333 19.10 -56.99 -87.44
CA VAL P 333 18.08 -57.37 -86.47
C VAL P 333 17.62 -58.78 -86.77
N GLU P 334 17.18 -59.49 -85.72
CA GLU P 334 16.63 -60.83 -85.89
C GLU P 334 15.38 -60.81 -86.73
N TYR P 335 15.27 -61.78 -87.63
CA TYR P 335 14.12 -61.88 -88.51
C TYR P 335 13.74 -63.33 -88.74
N LEU P 336 12.45 -63.63 -88.60
CA LEU P 336 11.91 -64.94 -88.90
C LEU P 336 11.17 -64.83 -90.22
N HIS P 337 11.72 -65.44 -91.27
CA HIS P 337 11.16 -65.30 -92.59
C HIS P 337 10.51 -66.61 -93.11
N PRO P 338 9.40 -66.48 -93.85
CA PRO P 338 8.69 -67.67 -94.34
C PRO P 338 9.53 -68.62 -95.20
N ASP P 339 10.60 -68.13 -95.82
CA ASP P 339 11.51 -69.03 -96.56
C ASP P 339 12.16 -70.10 -95.67
N PHE P 340 12.35 -69.79 -94.39
CA PHE P 340 13.14 -70.64 -93.50
C PHE P 340 12.33 -71.34 -92.42
N TRP P 341 11.03 -71.09 -92.37
CA TRP P 341 10.19 -71.71 -91.36
C TRP P 341 8.81 -72.00 -91.91
N ASN P 342 8.33 -73.23 -91.69
CA ASN P 342 7.06 -73.66 -92.26
C ASN P 342 5.90 -73.68 -91.27
N GLY P 343 6.02 -73.01 -90.13
CA GLY P 343 4.93 -72.94 -89.18
C GLY P 343 3.68 -72.35 -89.82
N THR P 344 2.53 -72.85 -89.39
CA THR P 344 1.26 -72.41 -89.95
C THR P 344 1.08 -70.89 -89.89
N LEU P 345 1.27 -70.32 -88.71
CA LEU P 345 1.07 -68.89 -88.53
C LEU P 345 2.04 -68.07 -89.36
N THR P 346 3.28 -68.53 -89.44
CA THR P 346 4.27 -67.86 -90.29
C THR P 346 3.87 -67.85 -91.77
N GLN P 347 3.37 -69.00 -92.25
CA GLN P 347 2.97 -69.17 -93.65
C GLN P 347 1.60 -68.56 -93.98
N GLN P 348 0.68 -68.55 -93.03
CA GLN P 348 -0.72 -68.21 -93.36
C GLN P 348 -1.35 -66.97 -92.70
N LEU P 349 -0.77 -66.46 -91.62
CA LEU P 349 -1.43 -65.37 -90.87
C LEU P 349 -1.46 -64.04 -91.62
N THR P 350 -0.39 -63.74 -92.36
CA THR P 350 -0.31 -62.51 -93.12
C THR P 350 -0.08 -62.81 -94.60
N LEU P 351 -0.25 -61.80 -95.45
CA LEU P 351 -0.12 -61.96 -96.90
C LEU P 351 0.97 -61.07 -97.43
N ASN P 352 1.58 -61.49 -98.55
CA ASN P 352 2.41 -60.58 -99.31
C ASN P 352 3.67 -60.20 -98.53
N GLU P 353 4.23 -61.16 -97.78
CA GLU P 353 5.45 -60.91 -97.01
C GLU P 353 6.56 -60.48 -97.95
N PRO P 354 7.30 -59.42 -97.58
CA PRO P 354 8.39 -58.95 -98.42
C PRO P 354 9.37 -60.08 -98.72
N LYS P 355 9.92 -60.07 -99.91
CA LYS P 355 10.83 -61.13 -100.30
C LYS P 355 12.23 -60.74 -99.85
N ILE P 356 13.11 -61.72 -99.59
CA ILE P 356 14.53 -61.40 -99.36
C ILE P 356 15.24 -61.20 -100.70
N ILE P 357 15.84 -60.02 -100.86
CA ILE P 357 16.54 -59.64 -102.08
C ILE P 357 17.96 -59.17 -101.78
N ASP P 358 18.94 -59.99 -102.12
CA ASP P 358 20.32 -59.72 -101.77
C ASP P 358 20.51 -59.45 -100.28
N GLY P 359 19.83 -60.23 -99.44
CA GLY P 359 20.05 -60.17 -98.01
C GLY P 359 19.30 -59.06 -97.29
N ALA P 360 18.53 -58.29 -98.07
CA ALA P 360 17.75 -57.15 -97.60
C ALA P 360 16.25 -57.42 -97.76
N ILE P 361 15.44 -56.79 -96.91
CA ILE P 361 13.99 -56.78 -97.16
C ILE P 361 13.46 -55.35 -97.15
N GLU P 362 12.64 -55.02 -98.15
CA GLU P 362 12.16 -53.66 -98.25
C GLU P 362 11.12 -53.32 -97.18
N VAL P 363 11.28 -52.15 -96.59
CA VAL P 363 10.29 -51.62 -95.65
C VAL P 363 9.40 -50.68 -96.45
N SER P 364 8.14 -51.07 -96.66
CA SER P 364 7.23 -50.26 -97.49
C SER P 364 6.75 -49.01 -96.75
N ASP P 365 6.25 -48.04 -97.51
CA ASP P 365 5.69 -46.88 -96.88
C ASP P 365 4.16 -46.90 -96.89
N LYS P 366 3.60 -48.11 -96.86
CA LYS P 366 2.19 -48.29 -96.49
C LYS P 366 1.99 -47.67 -95.11
N PRO P 367 0.82 -47.05 -94.88
CA PRO P 367 0.55 -46.44 -93.59
C PRO P 367 0.64 -47.46 -92.46
N GLY P 368 1.08 -47.00 -91.28
CA GLY P 368 1.16 -47.87 -90.11
C GLY P 368 2.21 -48.93 -90.35
N LEU P 369 1.97 -50.14 -89.83
CA LEU P 369 2.94 -51.21 -89.96
C LEU P 369 2.95 -51.85 -91.37
N GLY P 370 1.95 -51.50 -92.17
CA GLY P 370 1.77 -52.10 -93.49
C GLY P 370 1.53 -53.60 -93.43
N ILE P 371 0.79 -54.05 -92.42
CA ILE P 371 0.43 -55.46 -92.30
C ILE P 371 -0.77 -55.77 -93.18
N GLU P 372 -0.69 -56.84 -93.96
CA GLU P 372 -1.85 -57.33 -94.70
C GLU P 372 -2.28 -58.63 -94.07
N LEU P 373 -3.26 -58.54 -93.18
CA LEU P 373 -3.71 -59.70 -92.47
C LEU P 373 -4.52 -60.61 -93.39
N ASN P 374 -4.37 -61.93 -93.21
CA ASN P 374 -5.19 -62.88 -93.93
C ASN P 374 -6.50 -63.02 -93.18
N ILE P 375 -7.48 -62.18 -93.52
CA ILE P 375 -8.77 -62.18 -92.82
C ILE P 375 -9.45 -63.57 -92.82
N GLU P 376 -9.62 -64.15 -94.00
CA GLU P 376 -10.26 -65.47 -94.11
C GLU P 376 -9.72 -66.45 -93.07
N PHE P 377 -8.40 -66.60 -93.08
CA PHE P 377 -7.72 -67.53 -92.17
C PHE P 377 -8.06 -67.24 -90.72
N VAL P 378 -7.90 -65.98 -90.31
CA VAL P 378 -8.24 -65.58 -88.94
C VAL P 378 -9.68 -65.97 -88.60
N GLU P 379 -10.62 -65.60 -89.47
CA GLU P 379 -12.03 -65.87 -89.24
C GLU P 379 -12.28 -67.36 -89.17
N GLN P 380 -11.44 -68.11 -89.87
CA GLN P 380 -11.53 -69.56 -89.91
C GLN P 380 -11.04 -70.19 -88.62
N VAL P 381 -9.93 -69.70 -88.08
CA VAL P 381 -9.36 -70.31 -86.87
C VAL P 381 -10.04 -69.87 -85.58
N THR P 382 -10.48 -68.63 -85.52
CA THR P 382 -11.16 -68.13 -84.31
C THR P 382 -12.61 -68.62 -84.22
N GLY P 383 -13.23 -68.86 -85.37
CA GLY P 383 -14.65 -69.23 -85.43
C GLY P 383 -15.57 -68.02 -85.47
N HIS P 384 -15.01 -66.85 -85.17
CA HIS P 384 -15.78 -65.61 -85.12
C HIS P 384 -15.38 -64.66 -86.24
N LYS P 385 -16.30 -63.76 -86.61
CA LYS P 385 -16.10 -62.81 -87.71
C LYS P 385 -15.14 -61.67 -87.36
N PHE P 386 -14.78 -60.87 -88.36
CA PHE P 386 -13.78 -59.82 -88.20
C PHE P 386 -14.24 -58.52 -88.87
N ALA Q 5 71.24 -14.25 -71.73
CA ALA Q 5 72.60 -14.83 -71.53
C ALA Q 5 72.52 -16.05 -70.62
N ASN Q 6 73.57 -16.87 -70.68
CA ASN Q 6 73.53 -18.17 -70.03
C ASN Q 6 74.04 -18.15 -68.59
N ILE Q 7 73.51 -19.06 -67.79
CA ILE Q 7 73.92 -19.17 -66.42
C ILE Q 7 75.39 -19.54 -66.35
N VAL Q 8 76.15 -18.85 -65.50
CA VAL Q 8 77.56 -19.15 -65.35
C VAL Q 8 77.96 -19.76 -63.99
N SER Q 9 77.15 -19.53 -62.96
CA SER Q 9 77.48 -20.03 -61.62
C SER Q 9 76.25 -20.09 -60.72
N VAL Q 10 76.27 -20.98 -59.74
CA VAL Q 10 75.21 -21.09 -58.75
C VAL Q 10 75.92 -21.16 -57.42
N GLU Q 11 75.50 -20.34 -56.45
CA GLU Q 11 76.10 -20.38 -55.12
C GLU Q 11 75.04 -20.62 -54.09
N PHE Q 12 75.27 -21.56 -53.18
CA PHE Q 12 74.44 -21.69 -51.98
C PHE Q 12 75.14 -21.01 -50.79
N ILE Q 13 74.59 -19.89 -50.34
CA ILE Q 13 75.20 -19.07 -49.29
C ILE Q 13 74.52 -19.24 -47.93
N PRO Q 14 75.08 -20.09 -47.05
CA PRO Q 14 74.45 -20.30 -45.74
C PRO Q 14 74.29 -18.99 -45.00
N VAL Q 15 73.12 -18.77 -44.41
CA VAL Q 15 72.90 -17.63 -43.54
C VAL Q 15 72.41 -18.13 -42.19
N ASN Q 16 73.15 -17.80 -41.15
CA ASN Q 16 73.08 -18.55 -39.92
C ASN Q 16 73.08 -17.57 -38.78
N VAL Q 17 71.91 -17.05 -38.43
CA VAL Q 17 71.84 -15.96 -37.48
C VAL Q 17 71.60 -16.42 -36.04
N ALA Q 18 71.92 -15.53 -35.11
CA ALA Q 18 72.21 -15.94 -33.75
C ALA Q 18 72.00 -14.77 -32.80
N SER Q 23 65.30 -20.93 -34.14
CA SER Q 23 66.42 -21.22 -35.03
C SER Q 23 66.27 -20.45 -36.33
N GLU Q 24 67.02 -19.36 -36.44
CA GLU Q 24 66.78 -18.36 -37.49
C GLU Q 24 67.84 -18.40 -38.58
N ASN Q 25 67.54 -19.08 -39.68
CA ASN Q 25 68.49 -19.15 -40.77
C ASN Q 25 67.88 -19.49 -42.12
N THR Q 26 68.71 -19.49 -43.15
CA THR Q 26 68.25 -19.72 -44.50
C THR Q 26 69.46 -20.05 -45.37
N VAL Q 27 69.21 -20.42 -46.62
CA VAL Q 27 70.28 -20.60 -47.57
C VAL Q 27 69.89 -19.77 -48.78
N ILE Q 28 70.61 -18.68 -49.02
CA ILE Q 28 70.36 -17.84 -50.20
C ILE Q 28 71.01 -18.52 -51.41
N VAL Q 29 70.27 -18.62 -52.51
CA VAL Q 29 70.78 -19.19 -53.72
C VAL Q 29 70.98 -18.06 -54.72
N LYS Q 30 72.22 -17.90 -55.18
CA LYS Q 30 72.54 -16.87 -56.15
C LYS Q 30 72.97 -17.44 -57.50
N VAL Q 31 72.23 -17.07 -58.54
CA VAL Q 31 72.49 -17.57 -59.88
C VAL Q 31 72.85 -16.40 -60.78
N THR Q 32 74.04 -16.47 -61.36
CA THR Q 32 74.62 -15.36 -62.08
C THR Q 32 74.85 -15.72 -63.54
N ASP Q 33 74.55 -14.80 -64.44
CA ASP Q 33 74.74 -15.06 -65.87
C ASP Q 33 76.06 -14.51 -66.39
N GLU Q 34 76.26 -14.64 -67.70
CA GLU Q 34 77.53 -14.27 -68.33
C GLU Q 34 77.83 -12.79 -68.17
N ASN Q 35 76.78 -12.00 -67.92
CA ASN Q 35 76.90 -10.55 -67.80
C ASN Q 35 77.07 -10.05 -66.36
N GLY Q 36 76.99 -10.95 -65.38
CA GLY Q 36 77.10 -10.53 -63.98
C GLY Q 36 75.77 -10.25 -63.30
N VAL Q 37 74.68 -10.27 -64.07
CA VAL Q 37 73.35 -10.25 -63.47
C VAL Q 37 73.06 -11.55 -62.72
N TYR Q 38 72.41 -11.44 -61.58
CA TYR Q 38 72.12 -12.59 -60.74
C TYR Q 38 70.66 -12.60 -60.31
N GLY Q 39 70.17 -13.80 -59.98
CA GLY Q 39 68.83 -13.95 -59.43
C GLY Q 39 68.96 -14.53 -58.04
N LEU Q 40 67.99 -14.23 -57.18
CA LEU Q 40 68.03 -14.67 -55.79
C LEU Q 40 66.84 -15.53 -55.49
N GLY Q 41 67.10 -16.64 -54.80
CA GLY Q 41 66.03 -17.47 -54.27
C GLY Q 41 66.50 -17.97 -52.93
N GLU Q 42 65.70 -18.80 -52.27
CA GLU Q 42 66.18 -19.43 -51.05
C GLU Q 42 65.67 -20.86 -50.91
N ALA Q 43 66.50 -21.71 -50.32
CA ALA Q 43 66.18 -23.11 -50.16
C ALA Q 43 65.94 -23.34 -48.69
N ASP Q 44 65.04 -24.25 -48.37
CA ASP Q 44 64.91 -24.72 -47.00
C ASP Q 44 66.05 -25.69 -46.64
N GLY Q 45 66.13 -26.06 -45.37
CA GLY Q 45 67.10 -27.06 -44.91
C GLY Q 45 68.20 -26.49 -44.04
N PRO Q 46 68.90 -27.34 -43.28
CA PRO Q 46 70.05 -26.89 -42.49
C PRO Q 46 71.12 -26.32 -43.41
N PRO Q 47 71.58 -25.10 -43.12
CA PRO Q 47 72.31 -24.29 -44.09
C PRO Q 47 73.60 -24.92 -44.61
N GLU Q 48 74.48 -25.35 -43.70
CA GLU Q 48 75.75 -25.94 -44.11
C GLU Q 48 75.54 -27.25 -44.86
N CYS Q 49 74.57 -28.04 -44.43
CA CYS Q 49 74.24 -29.28 -45.11
C CYS Q 49 73.75 -29.03 -46.54
N MET Q 50 72.95 -27.98 -46.75
CA MET Q 50 72.47 -27.68 -48.10
C MET Q 50 73.61 -27.19 -48.99
N LYS Q 51 74.52 -26.41 -48.43
CA LYS Q 51 75.72 -25.97 -49.14
C LYS Q 51 76.50 -27.18 -49.66
N ALA Q 52 76.73 -28.16 -48.79
CA ALA Q 52 77.45 -29.37 -49.19
C ALA Q 52 76.67 -30.19 -50.20
N PHE Q 53 75.34 -30.18 -50.09
CA PHE Q 53 74.52 -30.84 -51.11
C PHE Q 53 74.80 -30.26 -52.49
N SER Q 54 74.91 -28.95 -52.55
CA SER Q 54 75.10 -28.30 -53.84
C SER Q 54 76.56 -28.36 -54.29
N GLU Q 55 77.43 -28.93 -53.46
CA GLU Q 55 78.85 -29.08 -53.83
C GLU Q 55 79.31 -30.52 -54.05
N ILE Q 56 78.37 -31.44 -54.21
CA ILE Q 56 78.75 -32.85 -54.41
C ILE Q 56 79.48 -33.08 -55.74
N GLU Q 57 80.22 -34.18 -55.81
CA GLU Q 57 80.90 -34.60 -57.03
C GLU Q 57 79.99 -35.56 -57.80
N ASN Q 58 80.03 -35.49 -59.13
CA ASN Q 58 79.30 -36.43 -59.96
C ASN Q 58 79.62 -37.89 -59.63
N GLU Q 59 78.63 -38.77 -59.72
CA GLU Q 59 78.86 -40.19 -59.48
C GLU Q 59 78.32 -41.07 -60.60
N HIS Q 60 77.13 -40.73 -61.10
CA HIS Q 60 76.53 -41.51 -62.19
C HIS Q 60 75.33 -40.80 -62.80
N LYS Q 61 74.60 -41.51 -63.66
CA LYS Q 61 73.57 -40.91 -64.50
C LYS Q 61 72.44 -40.20 -63.72
N TRP Q 62 72.06 -40.75 -62.57
CA TRP Q 62 71.01 -40.14 -61.78
C TRP Q 62 71.58 -39.51 -60.52
N LEU Q 63 72.88 -39.19 -60.55
CA LEU Q 63 73.55 -38.62 -59.39
C LEU Q 63 74.67 -37.66 -59.84
N ASN Q 64 74.26 -36.42 -60.10
CA ASN Q 64 75.16 -35.37 -60.55
C ASN Q 64 74.98 -34.15 -59.67
N ASN Q 65 76.04 -33.36 -59.55
CA ASN Q 65 75.94 -32.07 -58.90
C ASN Q 65 74.81 -31.25 -59.52
N ILE Q 66 73.90 -30.78 -58.69
CA ILE Q 66 72.70 -30.10 -59.16
C ILE Q 66 72.98 -28.88 -60.06
N LYS Q 67 74.09 -28.19 -59.80
CA LYS Q 67 74.40 -26.97 -60.55
C LYS Q 67 74.61 -27.26 -62.04
N GLU Q 68 75.03 -28.47 -62.36
CA GLU Q 68 75.44 -28.77 -63.73
C GLU Q 68 74.23 -28.92 -64.66
N ALA Q 69 73.04 -29.06 -64.07
CA ALA Q 69 71.83 -29.15 -64.88
C ALA Q 69 71.41 -27.76 -65.37
N VAL Q 70 71.93 -26.73 -64.72
CA VAL Q 70 71.60 -25.36 -65.11
C VAL Q 70 72.75 -24.51 -65.65
N ILE Q 71 73.99 -24.75 -65.21
CA ILE Q 71 75.14 -24.00 -65.75
C ILE Q 71 75.17 -24.14 -67.27
N GLY Q 72 75.30 -23.02 -67.97
CA GLY Q 72 75.37 -23.01 -69.42
C GLY Q 72 73.98 -22.95 -70.02
N ARG Q 73 72.96 -22.77 -69.18
CA ARG Q 73 71.56 -22.78 -69.64
C ARG Q 73 70.86 -21.42 -69.60
N ASP Q 74 69.73 -21.34 -70.29
CA ASP Q 74 68.91 -20.13 -70.31
C ASP Q 74 67.86 -20.19 -69.20
N PRO Q 75 67.92 -19.24 -68.26
CA PRO Q 75 67.02 -19.25 -67.08
C PRO Q 75 65.55 -19.08 -67.45
N LEU Q 76 65.27 -18.72 -68.69
CA LEU Q 76 63.89 -18.54 -69.16
C LEU Q 76 63.15 -19.88 -69.35
N GLU Q 77 63.91 -20.97 -69.52
CA GLU Q 77 63.36 -22.30 -69.82
C GLU Q 77 63.00 -23.06 -68.55
N PHE Q 78 61.97 -22.60 -67.84
CA PHE Q 78 61.68 -23.08 -66.50
C PHE Q 78 61.47 -24.59 -66.42
N ARG Q 79 60.61 -25.14 -67.28
CA ARG Q 79 60.30 -26.57 -67.24
C ARG Q 79 61.53 -27.40 -67.56
N ALA Q 80 62.23 -27.03 -68.64
CA ALA Q 80 63.42 -27.76 -69.09
C ALA Q 80 64.46 -27.82 -67.96
N ASN Q 81 64.63 -26.70 -67.28
CA ASN Q 81 65.64 -26.60 -66.24
C ASN Q 81 65.19 -27.40 -65.02
N TYR Q 82 63.95 -27.20 -64.62
CA TYR Q 82 63.40 -27.99 -63.51
C TYR Q 82 63.52 -29.51 -63.74
N ASN Q 83 63.00 -29.98 -64.86
CA ASN Q 83 63.08 -31.41 -65.19
C ASN Q 83 64.51 -31.93 -65.22
N ARG Q 84 65.45 -31.11 -65.68
CA ARG Q 84 66.86 -31.53 -65.76
C ARG Q 84 67.49 -31.56 -64.38
N MET Q 85 67.21 -30.56 -63.57
CA MET Q 85 67.60 -30.63 -62.16
C MET Q 85 67.05 -31.90 -61.48
N TYR Q 86 65.77 -32.17 -61.67
CA TYR Q 86 65.13 -33.31 -61.01
C TYR Q 86 65.67 -34.65 -61.52
N ASP Q 87 65.72 -34.78 -62.84
CA ASP Q 87 66.23 -35.99 -63.48
C ASP Q 87 67.66 -36.34 -63.10
N THR Q 88 68.57 -35.37 -63.20
CA THR Q 88 69.99 -35.65 -63.06
C THR Q 88 70.37 -35.84 -61.60
N THR Q 89 69.40 -35.62 -60.70
CA THR Q 89 69.64 -35.80 -59.26
C THR Q 89 68.70 -36.79 -58.60
N LYS Q 90 67.98 -37.59 -59.39
CA LYS Q 90 66.98 -38.54 -58.84
C LYS Q 90 67.49 -39.47 -57.72
N TRP Q 91 68.71 -39.96 -57.87
CA TRP Q 91 69.21 -40.92 -56.89
C TRP Q 91 69.22 -40.35 -55.46
N ILE Q 92 69.44 -39.05 -55.35
CA ILE Q 92 69.53 -38.40 -54.04
C ILE Q 92 68.40 -37.41 -53.80
N GLY Q 93 67.64 -37.12 -54.86
CA GLY Q 93 66.57 -36.16 -54.80
C GLY Q 93 65.24 -36.87 -54.80
N MET Q 94 64.39 -36.47 -55.74
CA MET Q 94 63.09 -37.08 -55.98
C MET Q 94 62.05 -36.67 -54.93
N ARG Q 95 62.35 -36.91 -53.66
CA ARG Q 95 61.54 -36.30 -52.59
C ARG Q 95 62.48 -35.77 -51.54
N GLY Q 96 61.96 -34.94 -50.63
CA GLY Q 96 62.70 -34.57 -49.44
C GLY Q 96 63.79 -33.54 -49.70
N LEU Q 97 64.90 -33.68 -49.00
CA LEU Q 97 65.91 -32.61 -48.90
C LEU Q 97 66.47 -32.15 -50.25
N GLY Q 98 66.68 -33.08 -51.16
CA GLY Q 98 67.11 -32.75 -52.51
C GLY Q 98 66.18 -31.81 -53.26
N LEU Q 99 64.88 -31.91 -52.97
CA LEU Q 99 63.94 -30.97 -53.57
C LEU Q 99 63.97 -29.58 -52.98
N PHE Q 100 64.51 -29.43 -51.77
CA PHE Q 100 64.64 -28.08 -51.20
C PHE Q 100 65.63 -27.32 -52.07
N ALA Q 101 66.74 -27.98 -52.37
CA ALA Q 101 67.79 -27.41 -53.22
C ALA Q 101 67.26 -27.01 -54.59
N ILE Q 102 66.48 -27.89 -55.22
CA ILE Q 102 65.82 -27.54 -56.48
C ILE Q 102 64.92 -26.30 -56.36
N SER Q 103 64.17 -26.21 -55.26
CA SER Q 103 63.23 -25.10 -55.05
C SER Q 103 63.99 -23.77 -55.00
N GLY Q 104 65.13 -23.77 -54.31
CA GLY Q 104 65.94 -22.57 -54.14
C GLY Q 104 66.52 -22.08 -55.46
N ILE Q 105 67.05 -23.00 -56.26
CA ILE Q 105 67.50 -22.65 -57.60
C ILE Q 105 66.38 -22.20 -58.52
N ASP Q 106 65.26 -22.91 -58.49
CA ASP Q 106 64.09 -22.53 -59.30
C ASP Q 106 63.61 -21.10 -59.02
N MET Q 107 63.56 -20.72 -57.74
CA MET Q 107 63.14 -19.39 -57.32
C MET Q 107 64.11 -18.33 -57.90
N ALA Q 108 65.40 -18.60 -57.80
CA ALA Q 108 66.39 -17.65 -58.29
C ALA Q 108 66.30 -17.49 -59.79
N LEU Q 109 65.78 -18.51 -60.48
CA LEU Q 109 65.70 -18.44 -61.94
C LEU Q 109 64.60 -17.52 -62.44
N TYR Q 110 63.46 -17.50 -61.76
CA TYR Q 110 62.40 -16.53 -62.09
C TYR Q 110 62.91 -15.10 -61.88
N ASP Q 111 63.70 -14.90 -60.83
CA ASP Q 111 64.25 -13.58 -60.53
C ASP Q 111 65.24 -13.17 -61.63
N LEU Q 112 66.14 -14.09 -61.99
CA LEU Q 112 67.16 -13.83 -63.02
C LEU Q 112 66.55 -13.59 -64.38
N ALA Q 113 65.67 -14.50 -64.81
CA ALA Q 113 64.96 -14.33 -66.08
C ALA Q 113 64.20 -13.00 -66.16
N GLY Q 114 63.50 -12.66 -65.09
CA GLY Q 114 62.79 -11.37 -64.98
C GLY Q 114 63.72 -10.16 -65.12
N LYS Q 115 64.85 -10.22 -64.43
CA LYS Q 115 65.88 -9.20 -64.55
C LYS Q 115 66.49 -9.14 -65.96
N GLN Q 116 66.79 -10.30 -66.55
CA GLN Q 116 67.32 -10.32 -67.92
C GLN Q 116 66.34 -9.71 -68.91
N LEU Q 117 65.06 -9.96 -68.70
CA LEU Q 117 64.06 -9.54 -69.69
C LEU Q 117 63.46 -8.19 -69.35
N GLY Q 118 63.71 -7.71 -68.13
CA GLY Q 118 63.11 -6.47 -67.65
C GLY Q 118 61.61 -6.54 -67.42
N VAL Q 119 61.15 -7.69 -66.89
CA VAL Q 119 59.73 -7.89 -66.55
C VAL Q 119 59.53 -8.46 -65.14
N PRO Q 120 58.41 -8.08 -64.51
CA PRO Q 120 58.14 -8.64 -63.18
C PRO Q 120 57.93 -10.15 -63.26
N ALA Q 121 58.41 -10.89 -62.27
CA ALA Q 121 58.31 -12.34 -62.27
C ALA Q 121 56.90 -12.88 -62.49
N TYR Q 122 55.87 -12.12 -62.12
CA TYR Q 122 54.51 -12.63 -62.26
C TYR Q 122 54.08 -12.84 -63.70
N LYS Q 123 54.67 -12.07 -64.62
CA LYS Q 123 54.40 -12.26 -66.04
C LYS Q 123 54.98 -13.60 -66.53
N LEU Q 124 56.08 -14.02 -65.93
CA LEU Q 124 56.72 -15.29 -66.29
C LEU Q 124 55.98 -16.49 -65.67
N MET Q 125 55.23 -16.23 -64.61
CA MET Q 125 54.41 -17.26 -63.98
C MET Q 125 53.02 -17.37 -64.63
N GLY Q 126 52.77 -16.57 -65.67
CA GLY Q 126 51.53 -16.71 -66.45
C GLY Q 126 50.67 -15.46 -66.43
N GLY Q 127 51.05 -14.46 -65.62
CA GLY Q 127 50.37 -13.18 -65.62
C GLY Q 127 49.41 -12.99 -64.46
N ALA Q 128 49.22 -11.73 -64.06
CA ALA Q 128 48.37 -11.38 -62.91
C ALA Q 128 46.92 -11.71 -63.15
N GLN Q 129 46.33 -12.46 -62.22
CA GLN Q 129 44.93 -12.83 -62.38
C GLN Q 129 44.03 -12.34 -61.24
N LYS Q 130 44.57 -11.47 -60.39
CA LYS Q 130 43.70 -10.77 -59.47
C LYS Q 130 43.99 -9.30 -59.37
N ALA Q 131 42.96 -8.57 -58.96
CA ALA Q 131 43.02 -7.12 -58.84
C ALA Q 131 44.02 -6.73 -57.76
N GLN Q 132 44.04 -7.52 -56.69
CA GLN Q 132 44.83 -7.20 -55.50
C GLN Q 132 45.34 -8.47 -54.88
N LEU Q 133 46.49 -8.39 -54.25
CA LEU Q 133 46.96 -9.48 -53.40
C LEU Q 133 46.50 -9.27 -51.95
N THR Q 134 45.58 -10.12 -51.51
CA THR Q 134 45.03 -10.09 -50.17
C THR Q 134 45.40 -11.36 -49.41
N PRO Q 135 46.49 -11.32 -48.65
CA PRO Q 135 46.96 -12.51 -47.94
C PRO Q 135 46.27 -12.71 -46.58
N TYR Q 136 46.43 -13.90 -46.01
CA TYR Q 136 46.17 -14.05 -44.59
C TYR Q 136 47.50 -13.93 -43.87
N PHE Q 137 47.47 -13.31 -42.70
CA PHE Q 137 48.69 -13.03 -41.96
C PHE Q 137 48.84 -13.98 -40.79
N THR Q 138 49.90 -14.78 -40.82
CA THR Q 138 50.21 -15.69 -39.73
C THR Q 138 50.68 -14.88 -38.53
N LEU Q 139 50.06 -15.12 -37.39
CA LEU Q 139 50.36 -14.40 -36.15
C LEU Q 139 50.87 -15.43 -35.17
N TYR Q 140 52.14 -15.29 -34.84
CA TYR Q 140 52.77 -16.19 -33.91
C TYR Q 140 53.40 -15.32 -32.83
N PRO Q 141 52.95 -15.49 -31.58
CA PRO Q 141 53.33 -14.55 -30.55
C PRO Q 141 54.62 -14.97 -29.87
N SER Q 142 55.37 -14.01 -29.36
CA SER Q 142 56.58 -14.34 -28.63
C SER Q 142 56.24 -14.52 -27.16
N VAL Q 143 56.32 -15.77 -26.71
CA VAL Q 143 55.98 -16.09 -25.33
C VAL Q 143 57.04 -16.94 -24.67
N ALA Q 144 57.08 -16.86 -23.35
CA ALA Q 144 57.86 -17.78 -22.54
C ALA Q 144 57.48 -19.21 -22.92
N ALA Q 145 58.39 -20.15 -22.66
CA ALA Q 145 58.08 -21.57 -22.83
C ALA Q 145 57.10 -21.95 -21.72
N ASP Q 146 56.27 -22.97 -21.98
CA ASP Q 146 55.25 -23.35 -21.01
C ASP Q 146 54.53 -22.11 -20.48
N ALA Q 147 54.27 -21.16 -21.38
CA ALA Q 147 53.33 -20.08 -21.13
C ALA Q 147 51.93 -20.67 -21.04
N THR Q 148 51.10 -20.14 -20.15
CA THR Q 148 49.72 -20.60 -20.05
C THR Q 148 48.90 -20.10 -21.24
N LEU Q 149 47.71 -20.67 -21.42
CA LEU Q 149 46.86 -20.30 -22.54
C LEU Q 149 46.39 -18.88 -22.37
N SER Q 150 46.16 -18.51 -21.12
CA SER Q 150 45.71 -17.16 -20.82
C SER Q 150 46.82 -16.13 -21.12
N GLU Q 151 48.07 -16.51 -20.85
CA GLU Q 151 49.25 -15.71 -21.21
C GLU Q 151 49.42 -15.60 -22.72
N ILE Q 152 49.19 -16.70 -23.43
CA ILE Q 152 49.28 -16.70 -24.88
C ILE Q 152 48.20 -15.81 -25.53
N VAL Q 153 46.97 -15.86 -25.00
CA VAL Q 153 45.92 -14.95 -25.46
C VAL Q 153 46.31 -13.48 -25.23
N GLU Q 154 46.91 -13.16 -24.08
CA GLU Q 154 47.41 -11.78 -23.86
C GLU Q 154 48.46 -11.38 -24.88
N ALA Q 155 49.41 -12.25 -25.17
CA ALA Q 155 50.41 -11.95 -26.19
C ALA Q 155 49.83 -11.72 -27.60
N TYR Q 156 48.68 -12.35 -27.90
CA TYR Q 156 48.05 -12.24 -29.23
C TYR Q 156 47.37 -10.90 -29.46
N LYS Q 157 46.91 -10.29 -28.37
CA LYS Q 157 46.12 -9.08 -28.47
C LYS Q 157 46.77 -7.95 -29.28
N PRO Q 158 48.06 -7.68 -29.07
CA PRO Q 158 48.62 -6.58 -29.87
C PRO Q 158 48.83 -6.97 -31.33
N LEU Q 159 49.12 -8.25 -31.57
CA LEU Q 159 49.28 -8.75 -32.93
C LEU Q 159 47.95 -8.66 -33.67
N ILE Q 160 46.88 -9.13 -33.02
CA ILE Q 160 45.55 -9.06 -33.60
C ILE Q 160 45.10 -7.64 -33.82
N ALA Q 161 45.36 -6.77 -32.85
CA ALA Q 161 44.97 -5.38 -33.02
C ALA Q 161 45.77 -4.69 -34.14
N LYS Q 162 47.05 -5.02 -34.27
CA LYS Q 162 47.79 -4.47 -35.40
C LYS Q 162 47.27 -4.97 -36.74
N ALA Q 163 46.86 -6.23 -36.81
CA ALA Q 163 46.24 -6.76 -38.03
C ALA Q 163 44.95 -6.02 -38.39
N LYS Q 164 44.08 -5.78 -37.41
CA LYS Q 164 42.87 -4.98 -37.65
C LYS Q 164 43.18 -3.56 -38.15
N GLU Q 165 44.20 -2.96 -37.57
CA GLU Q 165 44.66 -1.62 -37.94
C GLU Q 165 45.14 -1.55 -39.41
N ARG Q 166 45.76 -2.61 -39.89
CA ARG Q 166 46.26 -2.63 -41.27
C ARG Q 166 45.18 -3.03 -42.28
N GLY Q 167 43.98 -3.34 -41.80
CA GLY Q 167 42.86 -3.72 -42.68
C GLY Q 167 42.90 -5.17 -43.14
N ALA Q 168 43.65 -6.02 -42.44
CA ALA Q 168 43.78 -7.43 -42.82
C ALA Q 168 42.42 -8.13 -42.93
N LYS Q 169 42.30 -9.08 -43.88
CA LYS Q 169 41.03 -9.75 -44.09
C LYS Q 169 40.98 -11.09 -43.38
N ALA Q 170 42.14 -11.58 -42.95
CA ALA Q 170 42.27 -12.92 -42.42
C ALA Q 170 43.57 -13.07 -41.66
N VAL Q 171 43.55 -13.85 -40.60
CA VAL Q 171 44.72 -14.05 -39.76
C VAL Q 171 44.73 -15.48 -39.31
N LYS Q 172 45.92 -16.02 -39.07
CA LYS Q 172 46.05 -17.37 -38.58
C LYS Q 172 46.67 -17.37 -37.19
N VAL Q 173 46.07 -18.14 -36.29
CA VAL Q 173 46.59 -18.26 -34.92
C VAL Q 173 47.07 -19.69 -34.76
N CYS Q 174 47.89 -19.91 -33.72
CA CYS Q 174 48.52 -21.21 -33.52
C CYS Q 174 48.16 -21.80 -32.17
N ILE Q 175 48.17 -23.13 -32.10
CA ILE Q 175 48.15 -23.83 -30.84
C ILE Q 175 49.58 -24.20 -30.52
N ILE Q 176 50.22 -23.41 -29.67
CA ILE Q 176 51.60 -23.69 -29.28
C ILE Q 176 51.66 -25.12 -28.73
N PRO Q 177 52.68 -25.91 -29.13
CA PRO Q 177 52.65 -27.31 -28.72
C PRO Q 177 52.74 -27.47 -27.20
N ASN Q 178 51.86 -28.28 -26.63
CA ASN Q 178 51.63 -28.21 -25.19
C ASN Q 178 50.82 -29.40 -24.74
N ASP Q 179 51.49 -30.47 -24.32
CA ASP Q 179 50.73 -31.66 -23.96
C ASP Q 179 50.41 -31.71 -22.47
N LYS Q 180 50.49 -30.56 -21.81
CA LYS Q 180 50.04 -30.48 -20.41
C LYS Q 180 48.68 -29.79 -20.33
N VAL Q 181 47.96 -29.78 -21.44
CA VAL Q 181 46.75 -28.99 -21.55
C VAL Q 181 45.72 -29.77 -22.37
N SER Q 182 44.47 -29.76 -21.91
CA SER Q 182 43.46 -30.65 -22.46
C SER Q 182 42.85 -30.04 -23.74
N ASP Q 183 42.17 -30.89 -24.52
CA ASP Q 183 41.44 -30.43 -25.69
C ASP Q 183 40.31 -29.50 -25.33
N LYS Q 184 39.68 -29.75 -24.18
CA LYS Q 184 38.67 -28.87 -23.62
C LYS Q 184 39.22 -27.45 -23.39
N GLU Q 185 40.44 -27.37 -22.88
CA GLU Q 185 41.14 -26.07 -22.74
C GLU Q 185 41.51 -25.42 -24.08
N ILE Q 186 41.84 -26.25 -25.08
CA ILE Q 186 42.07 -25.76 -26.44
C ILE Q 186 40.78 -25.11 -27.01
N VAL Q 187 39.65 -25.78 -26.81
CA VAL Q 187 38.37 -25.20 -27.23
C VAL Q 187 38.11 -23.82 -26.62
N ALA Q 188 38.29 -23.70 -25.30
CA ALA Q 188 38.00 -22.45 -24.61
C ALA Q 188 38.99 -21.38 -25.07
N TYR Q 189 40.24 -21.79 -25.18
CA TYR Q 189 41.30 -20.99 -25.82
C TYR Q 189 40.94 -20.44 -27.20
N LEU Q 190 40.59 -21.32 -28.14
CA LEU Q 190 40.21 -20.84 -29.47
C LEU Q 190 38.94 -19.98 -29.50
N ARG Q 191 37.96 -20.28 -28.65
CA ARG Q 191 36.76 -19.41 -28.54
C ARG Q 191 37.17 -18.02 -28.12
N GLU Q 192 37.98 -17.94 -27.07
CA GLU Q 192 38.49 -16.65 -26.64
C GLU Q 192 39.17 -15.90 -27.78
N LEU Q 193 40.00 -16.57 -28.57
CA LEU Q 193 40.64 -15.90 -29.69
C LEU Q 193 39.67 -15.41 -30.77
N ARG Q 194 38.61 -16.16 -31.05
CA ARG Q 194 37.58 -15.60 -31.91
C ARG Q 194 36.93 -14.34 -31.30
N GLU Q 195 36.61 -14.36 -30.02
CA GLU Q 195 36.13 -13.10 -29.35
C GLU Q 195 37.08 -11.92 -29.59
N VAL Q 196 38.38 -12.15 -29.39
CA VAL Q 196 39.34 -11.07 -29.56
C VAL Q 196 39.44 -10.60 -31.02
N ILE Q 197 39.46 -11.58 -31.94
CA ILE Q 197 39.49 -11.33 -33.38
C ILE Q 197 38.24 -10.61 -33.91
N GLY Q 198 37.05 -11.06 -33.50
CA GLY Q 198 35.83 -10.49 -34.02
C GLY Q 198 35.38 -11.21 -35.26
N TRP Q 199 34.46 -10.60 -35.99
CA TRP Q 199 33.65 -11.29 -36.97
C TRP Q 199 33.76 -10.57 -38.30
N ASP Q 200 34.84 -9.81 -38.42
CA ASP Q 200 35.14 -9.07 -39.62
C ASP Q 200 36.41 -9.55 -40.32
N MET Q 201 37.21 -10.38 -39.64
CA MET Q 201 38.32 -11.09 -40.28
C MET Q 201 38.02 -12.59 -40.28
N ASP Q 202 38.46 -13.29 -41.32
CA ASP Q 202 38.49 -14.75 -41.32
C ASP Q 202 39.55 -15.24 -40.34
N MET Q 203 39.29 -16.37 -39.69
CA MET Q 203 40.20 -16.90 -38.69
C MET Q 203 40.65 -18.29 -39.11
N MET Q 204 41.96 -18.51 -39.14
CA MET Q 204 42.55 -19.80 -39.48
C MET Q 204 43.28 -20.33 -38.24
N VAL Q 205 43.38 -21.64 -38.12
CA VAL Q 205 44.15 -22.22 -37.03
C VAL Q 205 45.21 -23.22 -37.49
N ASP Q 206 46.41 -23.05 -36.94
CA ASP Q 206 47.53 -23.97 -37.12
C ASP Q 206 47.63 -24.82 -35.87
N CYS Q 207 47.42 -26.12 -36.03
CA CYS Q 207 47.32 -27.04 -34.90
C CYS Q 207 48.69 -27.55 -34.52
N LEU Q 208 49.67 -27.19 -35.34
CA LEU Q 208 51.05 -27.63 -35.18
C LEU Q 208 51.19 -29.12 -34.85
N TYR Q 209 50.43 -29.97 -35.53
CA TYR Q 209 50.58 -31.40 -35.40
C TYR Q 209 50.25 -31.92 -34.00
N ARG Q 210 49.37 -31.23 -33.28
CA ARG Q 210 48.94 -31.66 -31.95
C ARG Q 210 48.34 -33.08 -31.90
N TRP Q 211 47.45 -33.40 -32.82
CA TRP Q 211 46.69 -34.66 -32.69
C TRP Q 211 47.29 -35.81 -33.48
N THR Q 212 47.12 -37.01 -32.94
CA THR Q 212 47.48 -38.22 -33.64
C THR Q 212 46.23 -39.05 -33.93
N ASP Q 213 45.20 -38.90 -33.10
CA ASP Q 213 43.94 -39.66 -33.27
C ASP Q 213 42.91 -38.75 -33.94
N TRP Q 214 42.36 -39.15 -35.09
CA TRP Q 214 41.44 -38.28 -35.82
C TRP Q 214 40.15 -38.06 -35.05
N GLN Q 215 39.72 -39.10 -34.35
CA GLN Q 215 38.50 -39.01 -33.53
C GLN Q 215 38.72 -38.01 -32.39
N LYS Q 216 39.96 -37.79 -31.99
CA LYS Q 216 40.19 -36.77 -30.99
C LYS Q 216 40.13 -35.35 -31.55
N ALA Q 217 40.70 -35.15 -32.73
CA ALA Q 217 40.59 -33.84 -33.39
C ALA Q 217 39.13 -33.54 -33.73
N ARG Q 218 38.37 -34.57 -34.12
CA ARG Q 218 36.99 -34.42 -34.51
C ARG Q 218 36.16 -33.78 -33.38
N TRP Q 219 36.35 -34.31 -32.17
CA TRP Q 219 35.61 -33.86 -31.03
C TRP Q 219 35.86 -32.38 -30.83
N THR Q 220 37.14 -32.01 -30.89
CA THR Q 220 37.56 -30.63 -30.65
C THR Q 220 36.89 -29.66 -31.61
N PHE Q 221 36.96 -29.97 -32.91
CA PHE Q 221 36.45 -29.05 -33.92
C PHE Q 221 34.95 -29.14 -34.13
N ARG Q 222 34.33 -30.21 -33.64
CA ARG Q 222 32.89 -30.24 -33.52
C ARG Q 222 32.41 -29.18 -32.50
N GLN Q 223 33.11 -29.09 -31.37
CA GLN Q 223 32.80 -28.10 -30.32
C GLN Q 223 32.97 -26.69 -30.87
N LEU Q 224 33.88 -26.55 -31.83
CA LEU Q 224 34.28 -25.24 -32.34
C LEU Q 224 33.54 -24.82 -33.61
N GLU Q 225 32.50 -25.57 -33.98
CA GLU Q 225 31.76 -25.21 -35.19
C GLU Q 225 31.25 -23.78 -35.17
N ASP Q 226 30.90 -23.28 -33.99
CA ASP Q 226 30.26 -21.96 -33.91
C ASP Q 226 31.20 -20.77 -34.00
N ILE Q 227 32.51 -21.01 -33.92
CA ILE Q 227 33.46 -19.92 -34.17
C ILE Q 227 33.89 -19.80 -35.62
N ASP Q 228 33.46 -20.73 -36.47
CA ASP Q 228 33.54 -20.53 -37.93
C ASP Q 228 34.97 -20.46 -38.47
N LEU Q 229 35.81 -21.38 -38.06
CA LEU Q 229 37.18 -21.44 -38.57
C LEU Q 229 37.20 -21.54 -40.11
N TYR Q 230 38.04 -20.72 -40.75
CA TYR Q 230 38.15 -20.75 -42.20
C TYR Q 230 38.90 -22.00 -42.63
N PHE Q 231 40.00 -22.30 -41.97
CA PHE Q 231 40.61 -23.61 -42.13
C PHE Q 231 41.34 -24.14 -40.91
N ILE Q 232 41.57 -25.45 -40.92
CA ILE Q 232 42.30 -26.12 -39.85
C ILE Q 232 43.56 -26.79 -40.43
N GLU Q 233 44.72 -26.25 -40.04
CA GLU Q 233 46.03 -26.69 -40.57
C GLU Q 233 46.79 -27.64 -39.62
N ALA Q 234 47.51 -28.59 -40.21
CA ALA Q 234 48.50 -29.40 -39.50
C ALA Q 234 47.87 -30.08 -38.31
N CYS Q 235 46.66 -30.57 -38.50
CA CYS Q 235 45.89 -31.18 -37.47
C CYS Q 235 46.42 -32.57 -37.04
N LEU Q 236 46.63 -33.47 -38.01
CA LEU Q 236 47.12 -34.82 -37.68
C LEU Q 236 48.54 -35.00 -38.20
N GLN Q 237 49.15 -36.16 -37.92
CA GLN Q 237 50.51 -36.39 -38.36
C GLN Q 237 50.59 -36.45 -39.90
N HIS Q 238 51.69 -35.96 -40.44
CA HIS Q 238 51.80 -35.67 -41.87
C HIS Q 238 51.63 -36.90 -42.76
N ASP Q 239 52.03 -38.06 -42.24
CA ASP Q 239 51.96 -39.31 -43.00
C ASP Q 239 50.59 -39.96 -42.94
N ASP Q 240 49.71 -39.45 -42.07
CA ASP Q 240 48.44 -40.10 -41.85
C ASP Q 240 47.35 -39.59 -42.78
N LEU Q 241 47.36 -40.12 -43.99
CA LEU Q 241 46.45 -39.70 -45.03
C LEU Q 241 45.03 -40.16 -44.73
N ILE Q 242 44.90 -41.36 -44.15
CA ILE Q 242 43.58 -41.92 -43.87
C ILE Q 242 42.89 -41.21 -42.71
N GLY Q 243 43.63 -40.94 -41.63
CA GLY Q 243 43.16 -40.02 -40.59
C GLY Q 243 42.63 -38.69 -41.10
N HIS Q 244 43.37 -38.03 -42.00
CA HIS Q 244 42.94 -36.78 -42.58
C HIS Q 244 41.65 -36.93 -43.38
N GLN Q 245 41.57 -37.96 -44.22
CA GLN Q 245 40.36 -38.16 -45.02
C GLN Q 245 39.09 -38.39 -44.18
N LYS Q 246 39.22 -39.09 -43.04
CA LYS Q 246 38.09 -39.28 -42.13
C LYS Q 246 37.72 -37.99 -41.37
N LEU Q 247 38.73 -37.23 -40.97
CA LEU Q 247 38.50 -35.93 -40.37
C LEU Q 247 37.92 -34.93 -41.38
N ALA Q 248 38.47 -34.89 -42.60
CA ALA Q 248 37.96 -33.97 -43.60
C ALA Q 248 36.46 -34.16 -43.84
N ALA Q 249 36.02 -35.41 -43.97
CA ALA Q 249 34.61 -35.74 -44.18
C ALA Q 249 33.72 -35.46 -42.95
N ALA Q 250 34.27 -35.56 -41.74
CA ALA Q 250 33.48 -35.29 -40.53
C ALA Q 250 33.24 -33.81 -40.19
N ILE Q 251 34.22 -32.95 -40.43
CA ILE Q 251 34.10 -31.54 -40.02
C ILE Q 251 33.32 -30.72 -41.04
N ASN Q 252 33.04 -29.46 -40.74
CA ASN Q 252 32.23 -28.68 -41.68
C ASN Q 252 32.91 -27.47 -42.32
N THR Q 253 34.24 -27.39 -42.21
CA THR Q 253 35.04 -26.42 -42.96
C THR Q 253 36.17 -27.09 -43.68
N ARG Q 254 37.12 -26.26 -44.09
CA ARG Q 254 38.34 -26.66 -44.84
C ARG Q 254 39.39 -27.25 -43.92
N LEU Q 255 39.86 -28.47 -44.23
CA LEU Q 255 41.10 -29.04 -43.66
C LEU Q 255 42.26 -28.82 -44.63
N CYS Q 256 43.46 -28.53 -44.10
CA CYS Q 256 44.67 -28.31 -44.90
C CYS Q 256 45.59 -29.51 -44.75
N GLY Q 257 46.54 -29.65 -45.65
CA GLY Q 257 47.51 -30.74 -45.60
C GLY Q 257 48.69 -30.45 -46.50
N ALA Q 258 49.68 -31.34 -46.47
CA ALA Q 258 50.83 -31.30 -47.39
C ALA Q 258 51.81 -30.17 -47.10
N GLU Q 259 51.66 -29.50 -45.95
CA GLU Q 259 52.64 -28.48 -45.50
C GLU Q 259 54.11 -28.93 -45.66
N MET Q 260 54.41 -30.16 -45.26
CA MET Q 260 55.80 -30.66 -45.31
C MET Q 260 56.14 -31.44 -46.60
N SER Q 261 55.19 -31.57 -47.53
CA SER Q 261 55.35 -32.47 -48.67
C SER Q 261 56.33 -31.93 -49.69
N THR Q 262 56.82 -32.79 -50.58
CA THR Q 262 57.54 -32.32 -51.77
C THR Q 262 57.01 -32.97 -53.06
N THR Q 263 57.06 -32.19 -54.14
CA THR Q 263 56.60 -32.58 -55.47
C THR Q 263 55.09 -32.63 -55.61
N ARG Q 264 54.62 -32.46 -56.84
CA ARG Q 264 53.23 -32.59 -57.22
C ARG Q 264 52.65 -33.99 -56.97
N PHE Q 265 53.51 -34.99 -56.95
CA PHE Q 265 53.05 -36.38 -56.78
C PHE Q 265 52.49 -36.57 -55.36
N GLU Q 266 53.10 -35.90 -54.37
CA GLU Q 266 52.60 -35.97 -52.99
C GLU Q 266 51.37 -35.08 -52.85
N ALA Q 267 51.44 -33.89 -53.45
CA ALA Q 267 50.30 -32.96 -53.43
C ALA Q 267 49.05 -33.65 -53.99
N GLN Q 268 49.21 -34.28 -55.14
CA GLN Q 268 48.10 -34.97 -55.78
C GLN Q 268 47.58 -36.17 -54.97
N GLU Q 269 48.48 -36.93 -54.35
CA GLU Q 269 48.05 -38.06 -53.52
C GLU Q 269 47.21 -37.57 -52.33
N TRP Q 270 47.61 -36.44 -51.74
CA TRP Q 270 46.87 -35.84 -50.64
C TRP Q 270 45.48 -35.49 -51.10
N LEU Q 271 45.41 -34.77 -52.22
CA LEU Q 271 44.14 -34.31 -52.76
C LEU Q 271 43.19 -35.48 -53.03
N GLU Q 272 43.67 -36.49 -53.76
CA GLU Q 272 42.81 -37.62 -54.16
C GLU Q 272 42.35 -38.48 -52.98
N LYS Q 273 43.21 -38.60 -51.98
CA LYS Q 273 43.06 -39.59 -50.91
C LYS Q 273 42.36 -39.00 -49.69
N THR Q 274 42.63 -37.74 -49.37
CA THR Q 274 42.07 -37.14 -48.16
C THR Q 274 40.92 -36.15 -48.42
N GLY Q 275 40.93 -35.48 -49.57
CA GLY Q 275 39.96 -34.41 -49.82
C GLY Q 275 40.24 -33.14 -49.02
N ILE Q 276 41.49 -32.95 -48.60
CA ILE Q 276 41.89 -31.64 -48.09
C ILE Q 276 41.45 -30.51 -49.04
N SER Q 277 41.04 -29.38 -48.48
CA SER Q 277 40.55 -28.26 -49.27
C SER Q 277 41.60 -27.19 -49.48
N VAL Q 278 42.69 -27.28 -48.71
CA VAL Q 278 43.82 -26.34 -48.85
C VAL Q 278 45.15 -27.10 -48.92
N VAL Q 279 45.92 -26.84 -49.98
CA VAL Q 279 47.24 -27.45 -50.15
C VAL Q 279 48.29 -26.43 -49.75
N GLN Q 280 49.26 -26.87 -48.96
CA GLN Q 280 50.24 -25.96 -48.41
C GLN Q 280 51.71 -26.22 -48.78
N SER Q 281 51.96 -27.01 -49.83
CA SER Q 281 53.33 -27.17 -50.38
C SER Q 281 54.15 -25.85 -50.31
N ASP Q 282 55.36 -25.92 -49.76
CA ASP Q 282 56.17 -24.74 -49.43
C ASP Q 282 57.00 -24.28 -50.63
N TYR Q 283 57.05 -22.97 -50.90
CA TYR Q 283 57.90 -22.39 -51.97
C TYR Q 283 59.34 -22.95 -51.98
N ASN Q 284 59.94 -23.09 -50.80
CA ASN Q 284 61.36 -23.40 -50.71
C ASN Q 284 61.67 -24.85 -50.31
N ARG Q 285 60.69 -25.72 -50.52
CA ARG Q 285 60.80 -27.13 -50.18
C ARG Q 285 60.27 -28.00 -51.34
N CYS Q 286 59.14 -27.62 -51.91
CA CYS Q 286 58.33 -28.55 -52.67
C CYS Q 286 58.84 -28.80 -54.09
N GLY Q 287 59.79 -27.98 -54.53
CA GLY Q 287 60.20 -27.95 -55.94
C GLY Q 287 60.19 -26.53 -56.51
N GLY Q 288 59.57 -25.60 -55.81
CA GLY Q 288 59.61 -24.19 -56.21
C GLY Q 288 58.41 -23.76 -57.03
N VAL Q 289 58.51 -22.58 -57.62
CA VAL Q 289 57.40 -21.97 -58.35
C VAL Q 289 56.95 -22.85 -59.53
N THR Q 290 57.92 -23.37 -60.27
CA THR Q 290 57.63 -24.22 -61.41
C THR Q 290 56.80 -25.43 -61.01
N GLU Q 291 57.09 -26.03 -59.86
CA GLU Q 291 56.31 -27.18 -59.39
C GLU Q 291 54.97 -26.75 -58.76
N LEU Q 292 54.99 -25.66 -58.01
CA LEU Q 292 53.77 -25.07 -57.49
C LEU Q 292 52.75 -24.72 -58.58
N LEU Q 293 53.23 -24.27 -59.73
CA LEU Q 293 52.33 -23.95 -60.85
C LEU Q 293 51.61 -25.21 -61.36
N ARG Q 294 52.29 -26.34 -61.30
CA ARG Q 294 51.66 -27.62 -61.66
C ARG Q 294 50.71 -28.05 -60.54
N ILE Q 295 51.13 -27.85 -59.28
CA ILE Q 295 50.24 -28.14 -58.16
C ILE Q 295 48.98 -27.28 -58.24
N MET Q 296 49.13 -26.04 -58.72
CA MET Q 296 48.00 -25.12 -58.79
C MET Q 296 46.92 -25.73 -59.67
N ASP Q 297 47.34 -26.24 -60.83
CA ASP Q 297 46.42 -26.77 -61.80
C ASP Q 297 45.75 -28.07 -61.32
N ILE Q 298 46.48 -28.85 -60.54
CA ILE Q 298 45.86 -30.03 -59.95
C ILE Q 298 44.81 -29.61 -58.90
N CYS Q 299 45.13 -28.60 -58.09
CA CYS Q 299 44.19 -28.09 -57.11
C CYS Q 299 42.90 -27.60 -57.75
N GLU Q 300 43.02 -26.84 -58.83
CA GLU Q 300 41.85 -26.33 -59.58
C GLU Q 300 40.86 -27.43 -59.96
N HIS Q 301 41.37 -28.52 -60.51
CA HIS Q 301 40.53 -29.68 -60.84
C HIS Q 301 39.70 -30.20 -59.64
N HIS Q 302 40.30 -30.25 -58.45
CA HIS Q 302 39.57 -30.70 -57.25
C HIS Q 302 38.83 -29.57 -56.55
N ASN Q 303 38.90 -28.36 -57.10
CA ASN Q 303 38.35 -27.18 -56.44
C ASN Q 303 38.96 -27.02 -55.04
N ALA Q 304 40.25 -27.30 -54.94
CA ALA Q 304 41.01 -27.02 -53.74
C ALA Q 304 41.73 -25.70 -53.90
N GLN Q 305 42.09 -25.08 -52.77
CA GLN Q 305 42.96 -23.93 -52.83
C GLN Q 305 44.43 -24.31 -52.60
N LEU Q 306 45.30 -23.46 -53.09
CA LEU Q 306 46.72 -23.62 -52.90
C LEU Q 306 47.25 -22.40 -52.12
N MET Q 307 47.72 -22.64 -50.90
CA MET Q 307 48.23 -21.58 -50.02
C MET Q 307 49.58 -22.06 -49.48
N PRO Q 308 50.65 -21.81 -50.25
CA PRO Q 308 51.95 -22.38 -49.95
C PRO Q 308 52.50 -21.86 -48.63
N HIS Q 309 53.01 -22.78 -47.82
CA HIS Q 309 53.65 -22.45 -46.54
C HIS Q 309 54.71 -21.40 -46.79
N ASN Q 310 54.62 -20.30 -46.03
CA ASN Q 310 55.43 -19.14 -46.25
C ASN Q 310 55.98 -18.57 -44.95
N TRP Q 311 57.05 -19.17 -44.46
CA TRP Q 311 57.68 -18.71 -43.24
C TRP Q 311 59.21 -18.81 -43.36
N LYS Q 312 59.83 -17.82 -43.99
CA LYS Q 312 61.30 -17.75 -44.16
C LYS Q 312 61.75 -16.30 -44.12
N THR Q 313 62.17 -15.85 -45.29
CA THR Q 313 62.79 -14.55 -45.46
C THR Q 313 61.97 -13.68 -46.42
N GLY Q 314 62.33 -12.41 -46.53
CA GLY Q 314 61.77 -11.53 -47.55
C GLY Q 314 62.02 -12.03 -48.97
N ILE Q 315 63.01 -12.92 -49.14
CA ILE Q 315 63.22 -13.55 -50.44
C ILE Q 315 62.00 -14.37 -50.83
N THR Q 316 61.57 -15.26 -49.94
CA THR Q 316 60.35 -16.02 -50.19
C THR Q 316 59.09 -15.17 -50.20
N ALA Q 317 59.03 -14.16 -49.34
CA ALA Q 317 57.89 -13.25 -49.37
C ALA Q 317 57.74 -12.65 -50.78
N ALA Q 318 58.86 -12.30 -51.38
CA ALA Q 318 58.84 -11.81 -52.77
C ALA Q 318 58.23 -12.85 -53.76
N ALA Q 319 58.60 -14.12 -53.63
CA ALA Q 319 58.01 -15.15 -54.48
C ALA Q 319 56.52 -15.28 -54.21
N ALA Q 320 56.14 -15.22 -52.94
CA ALA Q 320 54.75 -15.29 -52.56
C ALA Q 320 53.95 -14.14 -53.17
N ARG Q 321 54.53 -12.95 -53.22
CA ARG Q 321 53.83 -11.81 -53.84
C ARG Q 321 53.53 -12.08 -55.32
N HIS Q 322 54.51 -12.62 -56.03
CA HIS Q 322 54.37 -12.81 -57.47
C HIS Q 322 53.52 -14.03 -57.79
N PHE Q 323 53.70 -15.09 -57.04
CA PHE Q 323 52.87 -16.27 -57.22
C PHE Q 323 51.43 -16.01 -56.77
N GLY Q 324 51.27 -15.28 -55.67
CA GLY Q 324 49.94 -14.92 -55.15
C GLY Q 324 49.09 -14.11 -56.11
N ILE Q 325 49.68 -13.17 -56.84
CA ILE Q 325 48.87 -12.38 -57.77
C ILE Q 325 48.45 -13.20 -59.00
N VAL Q 326 49.09 -14.35 -59.16
CA VAL Q 326 48.89 -15.23 -60.29
C VAL Q 326 47.92 -16.36 -59.97
N CYS Q 327 47.91 -16.75 -58.69
CA CYS Q 327 47.19 -17.94 -58.24
C CYS Q 327 45.72 -17.63 -57.95
N HIS Q 328 44.91 -17.60 -59.00
CA HIS Q 328 43.55 -17.11 -58.96
C HIS Q 328 42.58 -18.03 -58.21
N ILE Q 329 42.97 -19.29 -57.99
CA ILE Q 329 42.10 -20.23 -57.30
C ILE Q 329 42.16 -19.97 -55.80
N SER Q 330 43.06 -19.10 -55.38
CA SER Q 330 43.25 -18.90 -53.95
C SER Q 330 42.74 -17.55 -53.52
N GLU Q 331 41.78 -17.57 -52.61
CA GLU Q 331 41.28 -16.35 -52.01
C GLU Q 331 42.41 -15.61 -51.28
N TYR Q 332 43.27 -16.38 -50.59
CA TYR Q 332 44.36 -15.82 -49.79
C TYR Q 332 45.61 -16.60 -50.11
N VAL Q 333 46.76 -16.09 -49.69
CA VAL Q 333 47.93 -16.93 -49.50
C VAL Q 333 48.53 -16.56 -48.15
N GLU Q 334 49.37 -17.44 -47.61
CA GLU Q 334 50.02 -17.21 -46.33
C GLU Q 334 51.10 -16.14 -46.47
N TYR Q 335 51.11 -15.21 -45.52
CA TYR Q 335 52.14 -14.15 -45.56
C TYR Q 335 52.75 -13.88 -44.18
N LEU Q 336 54.07 -13.86 -44.16
CA LEU Q 336 54.80 -13.47 -42.98
C LEU Q 336 55.29 -12.03 -43.18
N HIS Q 337 54.68 -11.09 -42.46
CA HIS Q 337 55.02 -9.68 -42.62
C HIS Q 337 55.76 -9.11 -41.41
N PRO Q 338 56.80 -8.29 -41.65
CA PRO Q 338 57.61 -7.67 -40.62
C PRO Q 338 56.81 -7.03 -39.48
N ASP Q 339 55.59 -6.60 -39.78
CA ASP Q 339 54.70 -5.97 -38.79
C ASP Q 339 54.32 -6.94 -37.68
N PHE Q 340 54.33 -8.24 -37.98
CA PHE Q 340 53.83 -9.26 -37.06
C PHE Q 340 54.91 -10.18 -36.51
N TRP Q 341 56.15 -10.01 -36.98
CA TRP Q 341 57.24 -10.89 -36.61
C TRP Q 341 58.57 -10.15 -36.50
N ASN Q 342 59.31 -10.45 -35.44
CA ASN Q 342 60.51 -9.69 -35.14
C ASN Q 342 61.83 -10.39 -35.43
N GLY Q 343 61.75 -11.57 -36.05
CA GLY Q 343 62.93 -12.35 -36.32
C GLY Q 343 63.95 -11.50 -37.06
N THR Q 344 65.23 -11.71 -36.73
CA THR Q 344 66.30 -10.92 -37.35
C THR Q 344 66.18 -10.91 -38.87
N LEU Q 345 66.05 -12.10 -39.46
CA LEU Q 345 66.06 -12.23 -40.91
C LEU Q 345 64.87 -11.54 -41.55
N THR Q 346 63.69 -11.70 -40.96
CA THR Q 346 62.49 -10.98 -41.37
C THR Q 346 62.68 -9.47 -41.33
N GLN Q 347 63.35 -8.99 -40.27
CA GLN Q 347 63.57 -7.55 -40.08
C GLN Q 347 64.76 -6.99 -40.87
N GLN Q 348 65.79 -7.80 -41.10
CA GLN Q 348 67.05 -7.25 -41.60
C GLN Q 348 67.57 -7.73 -42.95
N LEU Q 349 67.09 -8.87 -43.47
CA LEU Q 349 67.70 -9.47 -44.66
C LEU Q 349 67.39 -8.71 -45.94
N THR Q 350 66.14 -8.27 -46.09
CA THR Q 350 65.77 -7.46 -47.24
C THR Q 350 65.38 -6.06 -46.80
N LEU Q 351 65.18 -5.16 -47.76
CA LEU Q 351 64.85 -3.78 -47.46
C LEU Q 351 63.56 -3.36 -48.13
N ASN Q 352 62.94 -2.31 -47.60
CA ASN Q 352 61.81 -1.67 -48.26
C ASN Q 352 60.62 -2.61 -48.56
N GLU Q 353 60.39 -3.57 -47.67
CA GLU Q 353 59.20 -4.42 -47.75
C GLU Q 353 57.90 -3.64 -47.92
N PRO Q 354 57.00 -4.14 -48.80
CA PRO Q 354 55.75 -3.43 -49.09
C PRO Q 354 54.79 -3.39 -47.91
N LYS Q 355 54.12 -2.27 -47.73
CA LYS Q 355 53.31 -2.05 -46.55
C LYS Q 355 51.94 -2.69 -46.74
N ILE Q 356 51.32 -3.14 -45.64
CA ILE Q 356 49.94 -3.59 -45.70
C ILE Q 356 49.01 -2.39 -45.68
N ILE Q 357 48.20 -2.28 -46.74
CA ILE Q 357 47.28 -1.18 -46.94
C ILE Q 357 45.90 -1.72 -47.25
N ASP Q 358 44.98 -1.60 -46.29
CA ASP Q 358 43.64 -2.16 -46.42
C ASP Q 358 43.65 -3.68 -46.65
N GLY Q 359 44.58 -4.37 -45.99
CA GLY Q 359 44.71 -5.83 -46.09
C GLY Q 359 45.43 -6.34 -47.33
N ALA Q 360 45.76 -5.42 -48.24
CA ALA Q 360 46.48 -5.77 -49.47
C ALA Q 360 47.96 -5.43 -49.38
N ILE Q 361 48.77 -6.18 -50.12
CA ILE Q 361 50.13 -5.75 -50.32
C ILE Q 361 50.40 -5.62 -51.82
N GLU Q 362 50.99 -4.50 -52.22
CA GLU Q 362 51.21 -4.27 -53.64
C GLU Q 362 52.36 -5.14 -54.18
N VAL Q 363 52.15 -5.65 -55.38
CA VAL Q 363 53.16 -6.41 -56.10
C VAL Q 363 53.70 -5.50 -57.20
N SER Q 364 54.96 -5.11 -57.11
CA SER Q 364 55.49 -4.12 -58.05
C SER Q 364 55.80 -4.75 -59.40
N ASP Q 365 55.76 -3.95 -60.46
CA ASP Q 365 56.26 -4.39 -61.76
C ASP Q 365 57.76 -4.09 -61.92
N LYS Q 366 58.49 -4.19 -60.81
CA LYS Q 366 59.95 -4.25 -60.82
C LYS Q 366 60.44 -5.60 -61.36
N PRO Q 367 61.60 -5.61 -62.04
CA PRO Q 367 62.05 -6.84 -62.71
C PRO Q 367 62.36 -8.00 -61.76
N GLY Q 368 62.09 -9.21 -62.22
CA GLY Q 368 62.26 -10.39 -61.40
C GLY Q 368 61.32 -10.38 -60.20
N LEU Q 369 61.84 -10.80 -59.06
CA LEU Q 369 61.00 -10.92 -57.86
C LEU Q 369 60.86 -9.59 -57.16
N GLY Q 370 61.73 -8.65 -57.52
CA GLY Q 370 61.66 -7.31 -57.01
C GLY Q 370 62.22 -7.28 -55.60
N ILE Q 371 63.32 -8.01 -55.40
CA ILE Q 371 63.95 -8.08 -54.10
C ILE Q 371 65.01 -7.01 -53.95
N GLU Q 372 65.08 -6.43 -52.76
CA GLU Q 372 66.13 -5.49 -52.39
C GLU Q 372 66.93 -6.09 -51.25
N LEU Q 373 68.03 -6.75 -51.58
CA LEU Q 373 68.82 -7.40 -50.55
C LEU Q 373 69.55 -6.34 -49.72
N ASN Q 374 69.64 -6.57 -48.40
CA ASN Q 374 70.45 -5.71 -47.52
C ASN Q 374 71.88 -6.22 -47.51
N ILE Q 375 72.67 -5.70 -48.45
CA ILE Q 375 73.97 -6.25 -48.80
C ILE Q 375 74.95 -6.23 -47.63
N GLU Q 376 75.10 -5.07 -47.01
CA GLU Q 376 75.95 -4.93 -45.83
C GLU Q 376 75.65 -5.99 -44.78
N PHE Q 377 74.37 -6.12 -44.43
CA PHE Q 377 73.94 -7.15 -43.51
C PHE Q 377 74.41 -8.53 -43.99
N VAL Q 378 74.16 -8.86 -45.26
CA VAL Q 378 74.56 -10.18 -45.73
C VAL Q 378 76.07 -10.43 -45.63
N GLU Q 379 76.86 -9.56 -46.25
CA GLU Q 379 78.32 -9.64 -46.16
C GLU Q 379 78.76 -9.75 -44.70
N GLN Q 380 78.14 -8.93 -43.85
CA GLN Q 380 78.45 -8.87 -42.43
C GLN Q 380 78.24 -10.23 -41.77
N VAL Q 381 77.08 -10.85 -42.01
CA VAL Q 381 76.73 -12.09 -41.30
C VAL Q 381 77.19 -13.37 -41.97
N THR Q 382 77.59 -13.29 -43.25
CA THR Q 382 78.08 -14.46 -43.97
C THR Q 382 79.59 -14.40 -44.15
N GLY Q 383 80.17 -13.23 -43.88
CA GLY Q 383 81.61 -13.05 -43.88
C GLY Q 383 82.27 -13.23 -45.24
N HIS Q 384 81.46 -13.30 -46.29
CA HIS Q 384 81.97 -13.22 -47.65
C HIS Q 384 81.31 -12.05 -48.36
N LYS Q 385 82.11 -11.29 -49.11
CA LYS Q 385 81.63 -10.11 -49.82
C LYS Q 385 80.74 -10.45 -51.02
N PHE Q 386 79.81 -9.57 -51.34
CA PHE Q 386 78.83 -9.83 -52.39
C PHE Q 386 79.36 -9.41 -53.76
N ALA R 5 69.66 -70.93 -24.34
CA ALA R 5 69.30 -72.36 -24.33
C ALA R 5 67.96 -72.57 -25.04
N ASN R 6 67.84 -73.71 -25.69
CA ASN R 6 66.64 -74.05 -26.42
C ASN R 6 65.51 -74.47 -25.50
N ILE R 7 64.30 -74.45 -26.02
CA ILE R 7 63.14 -74.85 -25.25
C ILE R 7 63.18 -76.36 -25.09
N VAL R 8 62.87 -76.83 -23.89
CA VAL R 8 62.81 -78.25 -23.63
C VAL R 8 61.39 -78.81 -23.44
N SER R 9 60.50 -78.03 -22.83
CA SER R 9 59.15 -78.52 -22.60
C SER R 9 58.11 -77.39 -22.64
N VAL R 10 56.89 -77.75 -22.98
CA VAL R 10 55.78 -76.83 -22.93
C VAL R 10 54.66 -77.52 -22.16
N GLU R 11 54.10 -76.82 -21.19
CA GLU R 11 53.06 -77.38 -20.35
C GLU R 11 51.83 -76.47 -20.27
N PHE R 12 50.65 -76.98 -20.63
CA PHE R 12 49.40 -76.24 -20.41
C PHE R 12 48.81 -76.73 -19.10
N ILE R 13 48.72 -75.84 -18.12
CA ILE R 13 48.32 -76.21 -16.75
C ILE R 13 46.96 -75.59 -16.39
N PRO R 14 45.89 -76.39 -16.43
CA PRO R 14 44.56 -75.88 -16.13
C PRO R 14 44.51 -75.35 -14.72
N VAL R 15 44.06 -74.10 -14.57
CA VAL R 15 43.77 -73.55 -13.25
C VAL R 15 42.29 -73.18 -13.14
N ASN R 16 41.54 -74.01 -12.43
CA ASN R 16 40.08 -73.90 -12.35
C ASN R 16 39.61 -73.79 -10.91
N VAL R 17 39.12 -72.61 -10.53
CA VAL R 17 38.85 -72.33 -9.12
C VAL R 17 37.45 -71.80 -8.91
N ALA R 18 36.68 -72.53 -8.11
CA ALA R 18 35.30 -72.15 -7.81
C ALA R 18 35.18 -71.45 -6.46
N SER R 23 34.26 -67.00 -8.95
CA SER R 23 34.84 -68.16 -9.66
C SER R 23 35.56 -67.68 -10.93
N GLU R 24 36.81 -68.11 -11.13
CA GLU R 24 37.48 -67.87 -12.41
C GLU R 24 38.28 -69.10 -12.87
N ASN R 25 38.60 -69.14 -14.15
CA ASN R 25 39.47 -70.19 -14.66
C ASN R 25 40.48 -69.64 -15.66
N THR R 26 41.63 -70.32 -15.77
CA THR R 26 42.61 -70.04 -16.81
C THR R 26 43.44 -71.27 -17.17
N VAL R 27 44.22 -71.19 -18.25
CA VAL R 27 45.23 -72.19 -18.54
C VAL R 27 46.59 -71.51 -18.47
N ILE R 28 47.43 -71.88 -17.52
CA ILE R 28 48.81 -71.40 -17.53
C ILE R 28 49.65 -72.17 -18.55
N VAL R 29 50.38 -71.44 -19.37
CA VAL R 29 51.36 -72.01 -20.28
C VAL R 29 52.77 -71.81 -19.75
N LYS R 30 53.44 -72.91 -19.44
CA LYS R 30 54.79 -72.85 -18.88
C LYS R 30 55.79 -73.45 -19.88
N VAL R 31 56.70 -72.61 -20.36
CA VAL R 31 57.72 -73.00 -21.35
C VAL R 31 59.11 -72.98 -20.70
N THR R 32 59.74 -74.14 -20.66
CA THR R 32 60.98 -74.29 -19.91
C THR R 32 62.16 -74.56 -20.83
N ASP R 33 63.30 -73.92 -20.54
CA ASP R 33 64.50 -74.07 -21.36
C ASP R 33 65.49 -75.09 -20.79
N GLU R 34 66.61 -75.31 -21.50
CA GLU R 34 67.55 -76.38 -21.15
C GLU R 34 68.11 -76.24 -19.73
N ASN R 35 68.23 -74.99 -19.26
CA ASN R 35 68.71 -74.68 -17.91
C ASN R 35 67.63 -74.66 -16.85
N GLY R 36 66.39 -74.97 -17.24
CA GLY R 36 65.30 -74.93 -16.28
C GLY R 36 64.67 -73.56 -16.02
N VAL R 37 65.12 -72.54 -16.75
CA VAL R 37 64.46 -71.25 -16.73
C VAL R 37 63.16 -71.37 -17.52
N TYR R 38 62.13 -70.66 -17.07
CA TYR R 38 60.85 -70.77 -17.75
C TYR R 38 60.17 -69.42 -17.92
N GLY R 39 59.25 -69.34 -18.87
CA GLY R 39 58.36 -68.19 -19.03
C GLY R 39 56.91 -68.62 -18.94
N LEU R 40 56.04 -67.69 -18.55
CA LEU R 40 54.61 -67.95 -18.37
C LEU R 40 53.74 -67.17 -19.35
N GLY R 41 52.71 -67.82 -19.85
CA GLY R 41 51.64 -67.15 -20.55
C GLY R 41 50.33 -67.75 -20.08
N GLU R 42 49.22 -67.28 -20.65
CA GLU R 42 47.97 -68.00 -20.49
C GLU R 42 47.18 -67.98 -21.78
N ALA R 43 46.47 -69.09 -22.02
CA ALA R 43 45.64 -69.26 -23.20
C ALA R 43 44.16 -69.17 -22.80
N ASP R 44 43.36 -68.49 -23.61
CA ASP R 44 41.92 -68.52 -23.41
C ASP R 44 41.40 -69.91 -23.74
N GLY R 45 40.16 -70.18 -23.39
CA GLY R 45 39.53 -71.46 -23.72
C GLY R 45 39.23 -72.29 -22.48
N PRO R 46 38.33 -73.26 -22.61
CA PRO R 46 38.03 -74.10 -21.44
C PRO R 46 39.23 -75.00 -21.06
N PRO R 47 39.66 -74.92 -19.80
CA PRO R 47 41.02 -75.35 -19.44
C PRO R 47 41.35 -76.80 -19.81
N GLU R 48 40.44 -77.73 -19.54
CA GLU R 48 40.72 -79.14 -19.80
C GLU R 48 40.76 -79.39 -21.31
N CYS R 49 39.96 -78.63 -22.05
CA CYS R 49 39.94 -78.78 -23.49
C CYS R 49 41.23 -78.25 -24.12
N MET R 50 41.74 -77.13 -23.59
CA MET R 50 42.95 -76.52 -24.12
C MET R 50 44.14 -77.43 -23.85
N LYS R 51 44.13 -78.09 -22.70
CA LYS R 51 45.13 -79.07 -22.34
C LYS R 51 45.14 -80.27 -23.31
N ALA R 52 43.96 -80.84 -23.57
CA ALA R 52 43.83 -81.90 -24.57
C ALA R 52 44.40 -81.44 -25.92
N PHE R 53 44.07 -80.22 -26.32
CA PHE R 53 44.57 -79.63 -27.56
C PHE R 53 46.09 -79.59 -27.59
N SER R 54 46.71 -79.22 -26.47
CA SER R 54 48.16 -79.19 -26.37
C SER R 54 48.79 -80.59 -26.42
N GLU R 55 47.98 -81.64 -26.23
CA GLU R 55 48.50 -83.02 -26.11
C GLU R 55 48.10 -83.98 -27.22
N ILE R 56 47.61 -83.45 -28.34
CA ILE R 56 47.25 -84.28 -29.47
C ILE R 56 48.48 -84.98 -30.07
N GLU R 57 48.23 -86.09 -30.76
CA GLU R 57 49.26 -86.79 -31.54
C GLU R 57 49.39 -86.18 -32.94
N ASN R 58 50.58 -86.29 -33.54
CA ASN R 58 50.76 -85.88 -34.94
C ASN R 58 49.90 -86.70 -35.91
N GLU R 59 49.46 -86.08 -37.00
CA GLU R 59 48.74 -86.80 -38.05
C GLU R 59 49.31 -86.54 -39.44
N HIS R 60 49.44 -85.26 -39.82
CA HIS R 60 50.04 -84.90 -41.11
C HIS R 60 50.74 -83.53 -41.10
N LYS R 61 51.17 -83.11 -42.29
CA LYS R 61 51.94 -81.88 -42.48
C LYS R 61 51.28 -80.62 -41.87
N TRP R 62 49.96 -80.54 -41.92
CA TRP R 62 49.26 -79.38 -41.34
C TRP R 62 48.52 -79.73 -40.05
N LEU R 63 48.83 -80.88 -39.47
CA LEU R 63 48.20 -81.31 -38.24
C LEU R 63 49.20 -81.99 -37.29
N ASN R 64 49.88 -81.15 -36.51
CA ASN R 64 50.88 -81.63 -35.57
C ASN R 64 50.58 -81.11 -34.18
N ASN R 65 51.10 -81.81 -33.20
CA ASN R 65 51.09 -81.30 -31.85
C ASN R 65 51.83 -79.98 -31.82
N ILE R 66 51.18 -78.97 -31.25
CA ILE R 66 51.71 -77.60 -31.31
C ILE R 66 53.06 -77.40 -30.61
N LYS R 67 53.30 -78.17 -29.55
CA LYS R 67 54.53 -78.06 -28.79
C LYS R 67 55.75 -78.30 -29.68
N GLU R 68 55.62 -79.24 -30.62
CA GLU R 68 56.73 -79.67 -31.47
C GLU R 68 57.27 -78.56 -32.36
N ALA R 69 56.46 -77.51 -32.53
CA ALA R 69 56.89 -76.36 -33.32
C ALA R 69 57.90 -75.50 -32.58
N VAL R 70 58.03 -75.71 -31.26
CA VAL R 70 58.94 -74.87 -30.46
C VAL R 70 60.00 -75.59 -29.60
N ILE R 71 59.72 -76.84 -29.19
CA ILE R 71 60.73 -77.69 -28.57
C ILE R 71 61.98 -77.74 -29.44
N GLY R 72 63.13 -77.39 -28.84
CA GLY R 72 64.40 -77.42 -29.55
C GLY R 72 64.73 -76.09 -30.19
N ARG R 73 63.85 -75.12 -30.02
CA ARG R 73 64.05 -73.81 -30.62
C ARG R 73 64.45 -72.75 -29.61
N ASP R 74 64.93 -71.63 -30.14
CA ASP R 74 65.34 -70.50 -29.35
C ASP R 74 64.14 -69.54 -29.18
N PRO R 75 63.79 -69.19 -27.93
CA PRO R 75 62.54 -68.45 -27.71
C PRO R 75 62.64 -66.97 -28.08
N LEU R 76 63.84 -66.52 -28.42
CA LEU R 76 64.06 -65.18 -29.00
C LEU R 76 63.45 -64.99 -30.40
N GLU R 77 63.35 -66.08 -31.16
CA GLU R 77 62.93 -66.04 -32.58
C GLU R 77 61.40 -65.97 -32.75
N PHE R 78 60.80 -64.84 -32.37
CA PHE R 78 59.34 -64.73 -32.27
C PHE R 78 58.59 -64.99 -33.57
N ARG R 79 59.02 -64.37 -34.67
CA ARG R 79 58.36 -64.55 -35.96
C ARG R 79 58.42 -65.99 -36.41
N ALA R 80 59.63 -66.55 -36.49
CA ALA R 80 59.83 -67.93 -36.93
C ALA R 80 59.00 -68.87 -36.08
N ASN R 81 59.00 -68.62 -34.78
CA ASN R 81 58.30 -69.48 -33.84
C ASN R 81 56.79 -69.38 -34.02
N TYR R 82 56.29 -68.15 -34.12
CA TYR R 82 54.88 -67.96 -34.41
C TYR R 82 54.48 -68.66 -35.71
N ASN R 83 55.19 -68.34 -36.80
CA ASN R 83 54.85 -68.87 -38.13
C ASN R 83 54.88 -70.39 -38.20
N ARG R 84 55.80 -71.00 -37.44
CA ARG R 84 55.94 -72.45 -37.42
C ARG R 84 54.78 -73.12 -36.64
N MET R 85 54.37 -72.48 -35.54
CA MET R 85 53.21 -72.95 -34.78
C MET R 85 51.98 -72.87 -35.68
N TYR R 86 51.78 -71.71 -36.29
CA TYR R 86 50.64 -71.46 -37.16
C TYR R 86 50.60 -72.43 -38.35
N ASP R 87 51.74 -72.68 -39.00
CA ASP R 87 51.80 -73.55 -40.17
C ASP R 87 51.60 -75.02 -39.83
N THR R 88 52.29 -75.50 -38.81
CA THR R 88 52.18 -76.91 -38.44
C THR R 88 50.84 -77.29 -37.79
N THR R 89 50.02 -76.29 -37.48
CA THR R 89 48.71 -76.56 -36.86
C THR R 89 47.54 -76.07 -37.69
N LYS R 90 47.83 -75.67 -38.93
CA LYS R 90 46.82 -75.07 -39.80
C LYS R 90 45.53 -75.87 -39.89
N TRP R 91 45.63 -77.19 -40.00
CA TRP R 91 44.43 -77.99 -40.19
C TRP R 91 43.44 -77.89 -39.04
N ILE R 92 43.94 -77.76 -37.81
CA ILE R 92 43.03 -77.66 -36.66
C ILE R 92 43.02 -76.26 -36.05
N GLY R 93 43.76 -75.34 -36.66
CA GLY R 93 43.93 -73.99 -36.15
C GLY R 93 43.50 -72.94 -37.13
N MET R 94 44.40 -72.03 -37.44
CA MET R 94 44.15 -71.00 -38.45
C MET R 94 43.21 -69.90 -37.93
N ARG R 95 42.07 -70.28 -37.37
CA ARG R 95 41.19 -69.31 -36.73
C ARG R 95 40.64 -69.98 -35.48
N GLY R 96 40.23 -69.20 -34.49
CA GLY R 96 39.45 -69.75 -33.39
C GLY R 96 40.33 -70.42 -32.35
N LEU R 97 39.85 -71.52 -31.79
CA LEU R 97 40.41 -72.09 -30.55
C LEU R 97 41.88 -72.45 -30.67
N GLY R 98 42.26 -72.97 -31.83
CA GLY R 98 43.66 -73.31 -32.07
C GLY R 98 44.56 -72.13 -31.83
N LEU R 99 44.03 -70.94 -32.08
CA LEU R 99 44.83 -69.73 -31.93
C LEU R 99 45.00 -69.27 -30.48
N PHE R 100 44.07 -69.65 -29.61
CA PHE R 100 44.22 -69.34 -28.18
C PHE R 100 45.48 -70.02 -27.69
N ALA R 101 45.67 -71.27 -28.12
CA ALA R 101 46.82 -72.08 -27.70
C ALA R 101 48.14 -71.46 -28.17
N ILE R 102 48.14 -71.02 -29.42
CA ILE R 102 49.29 -70.30 -29.93
C ILE R 102 49.54 -69.04 -29.11
N SER R 103 48.46 -68.35 -28.72
CA SER R 103 48.56 -67.10 -27.99
C SER R 103 49.25 -67.29 -26.65
N GLY R 104 48.82 -68.32 -25.91
CA GLY R 104 49.44 -68.66 -24.63
C GLY R 104 50.94 -68.92 -24.76
N ILE R 105 51.32 -69.70 -25.76
CA ILE R 105 52.74 -70.04 -25.92
C ILE R 105 53.59 -68.84 -26.34
N ASP R 106 53.10 -68.05 -27.30
CA ASP R 106 53.79 -66.82 -27.73
C ASP R 106 54.05 -65.90 -26.53
N MET R 107 53.03 -65.70 -25.70
CA MET R 107 53.15 -64.90 -24.48
C MET R 107 54.26 -65.46 -23.60
N ALA R 108 54.23 -66.77 -23.35
CA ALA R 108 55.28 -67.40 -22.54
C ALA R 108 56.68 -67.18 -23.16
N LEU R 109 56.77 -67.15 -24.48
CA LEU R 109 58.08 -66.94 -25.12
C LEU R 109 58.69 -65.58 -24.86
N TYR R 110 57.87 -64.53 -24.75
CA TYR R 110 58.42 -63.21 -24.46
C TYR R 110 58.95 -63.19 -23.03
N ASP R 111 58.23 -63.87 -22.14
CA ASP R 111 58.61 -63.95 -20.74
C ASP R 111 59.93 -64.74 -20.68
N LEU R 112 60.01 -65.86 -21.40
CA LEU R 112 61.20 -66.71 -21.36
C LEU R 112 62.45 -66.05 -21.97
N ALA R 113 62.35 -65.57 -23.20
CA ALA R 113 63.48 -64.93 -23.84
C ALA R 113 63.99 -63.77 -22.99
N GLY R 114 63.07 -63.06 -22.35
CA GLY R 114 63.45 -61.92 -21.52
C GLY R 114 64.24 -62.29 -20.27
N LYS R 115 63.86 -63.40 -19.66
CA LYS R 115 64.56 -63.90 -18.49
C LYS R 115 65.90 -64.51 -18.90
N GLN R 116 65.94 -65.13 -20.07
CA GLN R 116 67.20 -65.59 -20.65
C GLN R 116 68.18 -64.44 -20.91
N LEU R 117 67.71 -63.35 -21.50
CA LEU R 117 68.61 -62.24 -21.80
C LEU R 117 68.82 -61.29 -20.64
N GLY R 118 67.92 -61.31 -19.67
CA GLY R 118 67.99 -60.33 -18.58
C GLY R 118 67.30 -59.01 -18.89
N VAL R 119 66.40 -58.99 -19.88
CA VAL R 119 65.70 -57.75 -20.26
C VAL R 119 64.18 -57.82 -20.13
N PRO R 120 63.55 -56.66 -19.87
CA PRO R 120 62.09 -56.61 -19.81
C PRO R 120 61.46 -56.83 -21.18
N ALA R 121 60.38 -57.59 -21.22
CA ALA R 121 59.74 -57.97 -22.46
C ALA R 121 59.45 -56.80 -23.43
N TYR R 122 59.24 -55.59 -22.90
CA TYR R 122 58.93 -54.45 -23.77
C TYR R 122 60.09 -54.08 -24.69
N LYS R 123 61.32 -54.33 -24.25
CA LYS R 123 62.49 -54.17 -25.13
C LYS R 123 62.46 -55.19 -26.32
N LEU R 124 62.02 -56.41 -26.07
CA LEU R 124 61.83 -57.41 -27.14
C LEU R 124 60.58 -57.18 -27.99
N MET R 125 59.71 -56.26 -27.57
CA MET R 125 58.55 -55.88 -28.36
C MET R 125 58.82 -54.62 -29.20
N GLY R 126 60.06 -54.13 -29.17
CA GLY R 126 60.42 -52.93 -29.96
C GLY R 126 60.84 -51.72 -29.11
N GLY R 127 60.59 -51.81 -27.81
CA GLY R 127 60.98 -50.73 -26.87
C GLY R 127 59.87 -49.75 -26.49
N ALA R 128 59.98 -49.20 -25.28
CA ALA R 128 59.02 -48.23 -24.73
C ALA R 128 58.87 -47.00 -25.60
N GLN R 129 57.62 -46.60 -25.85
CA GLN R 129 57.40 -45.45 -26.70
C GLN R 129 56.43 -44.48 -26.07
N LYS R 130 56.17 -44.70 -24.78
CA LYS R 130 55.45 -43.71 -24.02
C LYS R 130 56.15 -43.41 -22.72
N ALA R 131 55.96 -42.18 -22.25
CA ALA R 131 56.51 -41.74 -20.99
C ALA R 131 55.92 -42.56 -19.85
N GLN R 132 54.62 -42.86 -19.96
CA GLN R 132 53.88 -43.54 -18.90
C GLN R 132 52.88 -44.51 -19.52
N LEU R 133 52.42 -45.47 -18.72
CA LEU R 133 51.26 -46.30 -19.08
C LEU R 133 49.96 -45.87 -18.39
N THR R 134 49.01 -45.42 -19.19
CA THR R 134 47.74 -44.85 -18.74
C THR R 134 46.58 -45.64 -19.31
N PRO R 135 46.11 -46.68 -18.59
CA PRO R 135 45.09 -47.54 -19.15
C PRO R 135 43.71 -46.96 -18.89
N TYR R 136 42.70 -47.53 -19.54
CA TYR R 136 41.31 -47.36 -19.07
C TYR R 136 40.90 -48.56 -18.20
N PHE R 137 40.14 -48.30 -17.15
CA PHE R 137 39.88 -49.37 -16.21
C PHE R 137 38.47 -49.94 -16.36
N THR R 138 38.36 -51.23 -16.61
CA THR R 138 37.05 -51.82 -16.83
C THR R 138 36.36 -52.03 -15.49
N LEU R 139 35.14 -51.55 -15.39
CA LEU R 139 34.39 -51.58 -14.15
C LEU R 139 33.13 -52.40 -14.40
N TYR R 140 33.13 -53.58 -13.81
CA TYR R 140 32.03 -54.51 -13.92
C TYR R 140 31.56 -54.77 -12.50
N PRO R 141 30.30 -54.44 -12.19
CA PRO R 141 29.80 -54.52 -10.83
C PRO R 141 29.34 -55.93 -10.47
N SER R 142 29.43 -56.29 -9.21
CA SER R 142 28.87 -57.56 -8.75
C SER R 142 27.42 -57.37 -8.36
N VAL R 143 26.52 -57.80 -9.24
CA VAL R 143 25.08 -57.67 -9.03
C VAL R 143 24.39 -58.97 -9.36
N ALA R 144 23.20 -59.15 -8.79
CA ALA R 144 22.39 -60.30 -9.09
C ALA R 144 21.81 -60.18 -10.49
N ALA R 145 21.69 -61.33 -11.16
CA ALA R 145 20.91 -61.45 -12.39
C ALA R 145 19.62 -60.65 -12.27
N ASP R 146 19.19 -60.06 -13.37
CA ASP R 146 17.89 -59.37 -13.38
C ASP R 146 17.75 -58.32 -12.26
N ALA R 147 18.89 -57.84 -11.77
CA ALA R 147 18.96 -56.60 -10.98
C ALA R 147 18.44 -55.47 -11.85
N THR R 148 17.88 -54.44 -11.22
CA THR R 148 17.34 -53.31 -11.95
C THR R 148 18.48 -52.36 -12.35
N LEU R 149 18.23 -51.51 -13.35
CA LEU R 149 19.23 -50.55 -13.78
C LEU R 149 19.64 -49.63 -12.63
N SER R 150 18.66 -49.27 -11.82
CA SER R 150 18.93 -48.45 -10.63
C SER R 150 19.82 -49.16 -9.60
N GLU R 151 19.62 -50.46 -9.41
CA GLU R 151 20.49 -51.25 -8.55
C GLU R 151 21.89 -51.36 -9.14
N ILE R 152 21.96 -51.46 -10.45
CA ILE R 152 23.25 -51.48 -11.10
C ILE R 152 23.98 -50.13 -10.95
N VAL R 153 23.27 -49.02 -11.11
CA VAL R 153 23.89 -47.72 -10.91
C VAL R 153 24.45 -47.63 -9.49
N GLU R 154 23.67 -48.05 -8.50
CA GLU R 154 24.15 -48.01 -7.12
C GLU R 154 25.35 -48.92 -6.92
N ALA R 155 25.35 -50.10 -7.53
CA ALA R 155 26.52 -50.97 -7.45
C ALA R 155 27.76 -50.34 -8.10
N TYR R 156 27.55 -49.50 -9.10
CA TYR R 156 28.69 -48.89 -9.80
C TYR R 156 29.39 -47.81 -9.00
N LYS R 157 28.68 -47.18 -8.06
CA LYS R 157 29.16 -45.94 -7.42
C LYS R 157 30.47 -46.11 -6.65
N PRO R 158 30.60 -47.21 -5.88
CA PRO R 158 31.89 -47.44 -5.20
C PRO R 158 33.03 -47.74 -6.16
N LEU R 159 32.73 -48.46 -7.24
CA LEU R 159 33.75 -48.73 -8.25
C LEU R 159 34.25 -47.43 -8.88
N ILE R 160 33.32 -46.57 -9.28
CA ILE R 160 33.67 -45.26 -9.85
C ILE R 160 34.42 -44.35 -8.86
N ALA R 161 33.98 -44.31 -7.61
CA ALA R 161 34.67 -43.51 -6.61
C ALA R 161 36.10 -44.01 -6.42
N LYS R 162 36.30 -45.32 -6.39
CA LYS R 162 37.64 -45.85 -6.26
C LYS R 162 38.53 -45.47 -7.44
N ALA R 163 37.97 -45.50 -8.66
CA ALA R 163 38.71 -45.09 -9.86
C ALA R 163 39.19 -43.64 -9.73
N LYS R 164 38.28 -42.75 -9.33
CA LYS R 164 38.63 -41.35 -9.07
C LYS R 164 39.73 -41.21 -8.03
N GLU R 165 39.59 -41.94 -6.93
CA GLU R 165 40.59 -41.92 -5.89
C GLU R 165 41.99 -42.31 -6.41
N ARG R 166 42.05 -43.29 -7.31
CA ARG R 166 43.34 -43.73 -7.86
C ARG R 166 43.82 -42.83 -9.00
N GLY R 167 43.00 -41.87 -9.42
CA GLY R 167 43.39 -40.93 -10.48
C GLY R 167 43.19 -41.45 -11.91
N ALA R 168 42.35 -42.46 -12.08
CA ALA R 168 42.03 -43.03 -13.40
C ALA R 168 41.68 -41.97 -14.42
N LYS R 169 42.18 -42.12 -15.65
CA LYS R 169 41.91 -41.15 -16.71
C LYS R 169 40.72 -41.56 -17.55
N ALA R 170 40.24 -42.79 -17.37
CA ALA R 170 39.19 -43.32 -18.22
C ALA R 170 38.68 -44.63 -17.63
N VAL R 171 37.36 -44.80 -17.61
CA VAL R 171 36.80 -46.07 -17.19
C VAL R 171 35.83 -46.59 -18.23
N LYS R 172 35.62 -47.91 -18.22
CA LYS R 172 34.57 -48.54 -19.04
C LYS R 172 33.46 -49.12 -18.19
N VAL R 173 32.22 -48.76 -18.52
CA VAL R 173 31.04 -49.36 -17.88
C VAL R 173 30.31 -50.22 -18.88
N CYS R 174 29.48 -51.11 -18.37
CA CYS R 174 28.88 -52.15 -19.16
C CYS R 174 27.36 -52.05 -19.10
N ILE R 175 26.71 -52.51 -20.16
CA ILE R 175 25.29 -52.85 -20.07
C ILE R 175 25.17 -54.36 -19.83
N ILE R 176 24.76 -54.72 -18.62
CA ILE R 176 24.49 -56.11 -18.32
C ILE R 176 23.38 -56.61 -19.24
N PRO R 177 23.57 -57.80 -19.85
CA PRO R 177 22.55 -58.23 -20.80
C PRO R 177 21.16 -58.34 -20.15
N ASN R 178 20.17 -57.67 -20.74
CA ASN R 178 18.85 -57.52 -20.12
C ASN R 178 17.82 -57.18 -21.17
N ASP R 179 17.07 -58.20 -21.60
CA ASP R 179 16.06 -57.98 -22.62
C ASP R 179 14.69 -57.64 -22.04
N LYS R 180 14.66 -57.32 -20.75
CA LYS R 180 13.39 -56.93 -20.12
C LYS R 180 13.33 -55.40 -19.97
N VAL R 181 14.38 -54.73 -20.43
CA VAL R 181 14.52 -53.31 -20.26
C VAL R 181 14.69 -52.67 -21.65
N SER R 182 14.09 -51.51 -21.87
CA SER R 182 14.05 -50.93 -23.21
C SER R 182 15.28 -50.07 -23.52
N ASP R 183 15.46 -49.74 -24.79
CA ASP R 183 16.53 -48.84 -25.15
C ASP R 183 16.41 -47.45 -24.49
N LYS R 184 15.17 -46.95 -24.39
CA LYS R 184 14.91 -45.69 -23.70
C LYS R 184 15.40 -45.76 -22.24
N GLU R 185 15.15 -46.87 -21.58
CA GLU R 185 15.71 -47.10 -20.24
C GLU R 185 17.24 -47.16 -20.24
N ILE R 186 17.83 -47.77 -21.26
CA ILE R 186 19.30 -47.74 -21.44
C ILE R 186 19.86 -46.32 -21.58
N VAL R 187 19.19 -45.47 -22.36
CA VAL R 187 19.62 -44.08 -22.47
C VAL R 187 19.65 -43.38 -21.11
N ALA R 188 18.56 -43.54 -20.35
CA ALA R 188 18.44 -42.92 -19.04
C ALA R 188 19.50 -43.45 -18.10
N TYR R 189 19.81 -44.75 -18.22
CA TYR R 189 20.86 -45.43 -17.45
C TYR R 189 22.28 -44.93 -17.77
N LEU R 190 22.62 -44.80 -19.06
CA LEU R 190 23.91 -44.23 -19.40
C LEU R 190 24.08 -42.75 -19.05
N ARG R 191 23.03 -41.95 -19.19
CA ARG R 191 23.11 -40.56 -18.74
C ARG R 191 23.40 -40.51 -17.25
N GLU R 192 22.70 -41.32 -16.50
CA GLU R 192 22.96 -41.35 -15.07
C GLU R 192 24.42 -41.65 -14.76
N LEU R 193 25.00 -42.68 -15.39
CA LEU R 193 26.38 -43.03 -15.12
C LEU R 193 27.37 -41.94 -15.52
N ARG R 194 27.10 -41.20 -16.58
CA ARG R 194 27.92 -40.04 -16.88
C ARG R 194 27.89 -39.03 -15.73
N GLU R 195 26.69 -38.71 -15.23
CA GLU R 195 26.56 -37.85 -14.03
C GLU R 195 27.43 -38.34 -12.87
N VAL R 196 27.37 -39.63 -12.58
CA VAL R 196 28.14 -40.18 -11.47
C VAL R 196 29.66 -40.18 -11.76
N ILE R 197 30.01 -40.50 -13.00
CA ILE R 197 31.41 -40.51 -13.41
C ILE R 197 31.98 -39.08 -13.44
N GLY R 198 31.17 -38.14 -13.88
CA GLY R 198 31.62 -36.77 -13.99
C GLY R 198 32.26 -36.51 -15.34
N TRP R 199 33.02 -35.41 -15.41
CA TRP R 199 33.51 -34.85 -16.67
C TRP R 199 35.01 -34.72 -16.71
N ASP R 200 35.66 -35.56 -15.90
CA ASP R 200 37.10 -35.50 -15.76
C ASP R 200 37.78 -36.84 -16.10
N MET R 201 36.97 -37.85 -16.38
CA MET R 201 37.46 -39.11 -16.91
C MET R 201 36.73 -39.39 -18.21
N ASP R 202 37.43 -39.98 -19.17
CA ASP R 202 36.75 -40.45 -20.37
C ASP R 202 35.89 -41.65 -20.01
N MET R 203 34.78 -41.83 -20.72
CA MET R 203 33.79 -42.84 -20.36
C MET R 203 33.59 -43.76 -21.58
N MET R 204 33.83 -45.06 -21.39
CA MET R 204 33.62 -46.06 -22.46
C MET R 204 32.39 -46.89 -22.14
N VAL R 205 31.74 -47.44 -23.15
CA VAL R 205 30.62 -48.35 -22.90
C VAL R 205 30.77 -49.67 -23.63
N ASP R 206 30.60 -50.74 -22.86
CA ASP R 206 30.53 -52.09 -23.40
C ASP R 206 29.07 -52.52 -23.46
N CYS R 207 28.58 -52.73 -24.67
CA CYS R 207 27.18 -53.03 -24.88
C CYS R 207 26.89 -54.53 -24.74
N LEU R 208 27.95 -55.32 -24.62
CA LEU R 208 27.83 -56.78 -24.46
C LEU R 208 26.87 -57.41 -25.48
N TYR R 209 26.96 -56.97 -26.73
CA TYR R 209 26.22 -57.57 -27.84
C TYR R 209 24.70 -57.48 -27.72
N ARG R 210 24.22 -56.42 -27.09
CA ARG R 210 22.78 -56.22 -26.91
C ARG R 210 21.99 -56.15 -28.24
N TRP R 211 22.58 -55.52 -29.24
CA TRP R 211 21.80 -55.14 -30.40
C TRP R 211 22.06 -56.07 -31.57
N THR R 212 21.02 -56.32 -32.35
CA THR R 212 21.16 -57.05 -33.59
C THR R 212 20.87 -56.15 -34.80
N ASP R 213 20.01 -55.15 -34.61
CA ASP R 213 19.64 -54.24 -35.69
C ASP R 213 20.44 -52.93 -35.57
N TRP R 214 21.29 -52.60 -36.55
CA TRP R 214 22.09 -51.37 -36.46
C TRP R 214 21.21 -50.13 -36.27
N GLN R 215 20.05 -50.09 -36.91
CA GLN R 215 19.20 -48.90 -36.82
C GLN R 215 18.68 -48.70 -35.40
N LYS R 216 18.56 -49.79 -34.65
CA LYS R 216 18.14 -49.66 -33.27
C LYS R 216 19.27 -49.12 -32.37
N ALA R 217 20.50 -49.52 -32.64
CA ALA R 217 21.65 -48.95 -31.90
C ALA R 217 21.84 -47.49 -32.28
N ARG R 218 21.61 -47.19 -33.55
CA ARG R 218 21.75 -45.84 -34.05
C ARG R 218 20.89 -44.87 -33.23
N TRP R 219 19.66 -45.27 -32.99
CA TRP R 219 18.73 -44.45 -32.23
C TRP R 219 19.27 -44.23 -30.82
N THR R 220 19.72 -45.30 -30.18
CA THR R 220 20.22 -45.21 -28.82
C THR R 220 21.38 -44.24 -28.68
N PHE R 221 22.40 -44.40 -29.52
CA PHE R 221 23.60 -43.60 -29.39
C PHE R 221 23.49 -42.20 -30.00
N ARG R 222 22.45 -41.99 -30.82
CA ARG R 222 22.08 -40.62 -31.19
C ARG R 222 21.47 -39.87 -29.99
N GLN R 223 20.72 -40.56 -29.12
CA GLN R 223 20.19 -39.90 -27.93
C GLN R 223 21.30 -39.56 -26.91
N LEU R 224 22.41 -40.30 -27.00
CA LEU R 224 23.53 -40.12 -26.07
C LEU R 224 24.70 -39.30 -26.58
N GLU R 225 24.54 -38.59 -27.69
CA GLU R 225 25.64 -37.77 -28.17
C GLU R 225 26.16 -36.79 -27.11
N ASP R 226 25.27 -36.27 -26.28
CA ASP R 226 25.69 -35.28 -25.30
C ASP R 226 26.46 -35.80 -24.05
N ILE R 227 26.48 -37.11 -23.80
CA ILE R 227 27.32 -37.62 -22.71
C ILE R 227 28.72 -37.97 -23.20
N ASP R 228 28.94 -37.82 -24.50
CA ASP R 228 30.29 -37.75 -25.03
C ASP R 228 31.08 -39.05 -24.86
N LEU R 229 30.46 -40.19 -25.17
CA LEU R 229 31.11 -41.48 -25.04
C LEU R 229 32.42 -41.50 -25.84
N TYR R 230 33.46 -42.07 -25.24
CA TYR R 230 34.76 -42.15 -25.89
C TYR R 230 34.75 -43.29 -26.90
N PHE R 231 34.13 -44.41 -26.54
CA PHE R 231 33.84 -45.44 -27.51
C PHE R 231 32.72 -46.36 -27.08
N ILE R 232 32.18 -47.06 -28.07
CA ILE R 232 31.04 -47.94 -27.92
C ILE R 232 31.47 -49.34 -28.40
N GLU R 233 31.53 -50.29 -27.48
CA GLU R 233 32.07 -51.61 -27.78
C GLU R 233 30.98 -52.69 -27.86
N ALA R 234 31.19 -53.68 -28.72
CA ALA R 234 30.37 -54.88 -28.78
C ALA R 234 28.92 -54.50 -28.96
N CYS R 235 28.68 -53.54 -29.83
CA CYS R 235 27.34 -53.00 -30.06
C CYS R 235 26.44 -53.99 -30.80
N LEU R 236 26.95 -54.51 -31.91
CA LEU R 236 26.18 -55.40 -32.79
C LEU R 236 26.78 -56.78 -32.77
N GLN R 237 26.12 -57.74 -33.41
CA GLN R 237 26.60 -59.12 -33.40
C GLN R 237 27.95 -59.18 -34.13
N HIS R 238 28.85 -59.98 -33.58
CA HIS R 238 30.26 -59.99 -34.02
C HIS R 238 30.49 -60.30 -35.52
N ASP R 239 29.63 -61.10 -36.13
CA ASP R 239 29.80 -61.46 -37.54
C ASP R 239 29.26 -60.36 -38.47
N ASP R 240 28.49 -59.42 -37.92
CA ASP R 240 27.76 -58.46 -38.75
C ASP R 240 28.60 -57.25 -39.15
N LEU R 241 29.56 -57.48 -40.05
CA LEU R 241 30.43 -56.42 -40.54
C LEU R 241 29.65 -55.25 -41.17
N ILE R 242 28.64 -55.56 -41.95
CA ILE R 242 27.87 -54.51 -42.65
C ILE R 242 27.06 -53.63 -41.68
N GLY R 243 26.48 -54.24 -40.65
CA GLY R 243 25.81 -53.49 -39.60
C GLY R 243 26.75 -52.53 -38.87
N HIS R 244 27.97 -52.98 -38.58
CA HIS R 244 29.00 -52.14 -37.99
C HIS R 244 29.42 -50.99 -38.90
N GLN R 245 29.64 -51.28 -40.17
CA GLN R 245 30.03 -50.23 -41.11
C GLN R 245 28.98 -49.11 -41.17
N LYS R 246 27.71 -49.48 -41.11
CA LYS R 246 26.61 -48.50 -41.19
C LYS R 246 26.45 -47.73 -39.88
N LEU R 247 26.54 -48.44 -38.76
CA LEU R 247 26.55 -47.78 -37.45
C LEU R 247 27.73 -46.81 -37.31
N ALA R 248 28.94 -47.27 -37.59
CA ALA R 248 30.12 -46.42 -37.46
C ALA R 248 30.07 -45.14 -38.29
N ALA R 249 29.50 -45.20 -39.49
CA ALA R 249 29.34 -43.99 -40.30
C ALA R 249 28.22 -43.07 -39.77
N ALA R 250 27.23 -43.65 -39.09
CA ALA R 250 26.13 -42.83 -38.57
C ALA R 250 26.45 -42.08 -37.27
N ILE R 251 27.19 -42.70 -36.35
CA ILE R 251 27.42 -42.10 -35.03
C ILE R 251 28.53 -41.04 -35.12
N ASN R 252 28.89 -40.45 -33.99
CA ASN R 252 29.91 -39.43 -34.01
C ASN R 252 31.06 -39.65 -33.05
N THR R 253 31.21 -40.87 -32.53
CA THR R 253 32.46 -41.27 -31.85
C THR R 253 33.04 -42.52 -32.45
N ARG R 254 33.88 -43.18 -31.64
CA ARG R 254 34.55 -44.42 -31.98
C ARG R 254 33.63 -45.62 -31.77
N LEU R 255 33.50 -46.46 -32.80
CA LEU R 255 32.93 -47.80 -32.61
C LEU R 255 34.10 -48.79 -32.52
N CYS R 256 33.98 -49.78 -31.64
CA CYS R 256 35.01 -50.81 -31.49
C CYS R 256 34.56 -52.08 -32.19
N GLY R 257 35.48 -53.02 -32.37
CA GLY R 257 35.11 -54.31 -32.89
C GLY R 257 36.22 -55.31 -32.73
N ALA R 258 35.94 -56.55 -33.15
CA ALA R 258 36.94 -57.59 -33.28
C ALA R 258 37.36 -58.16 -31.95
N GLU R 259 36.63 -57.83 -30.90
CA GLU R 259 36.88 -58.40 -29.56
C GLU R 259 37.09 -59.93 -29.57
N MET R 260 36.25 -60.65 -30.29
CA MET R 260 36.29 -62.11 -30.25
C MET R 260 37.10 -62.71 -31.42
N SER R 261 37.68 -61.85 -32.25
CA SER R 261 38.39 -62.31 -33.45
C SER R 261 39.73 -62.98 -33.15
N THR R 262 40.23 -63.76 -34.12
CA THR R 262 41.61 -64.24 -34.11
C THR R 262 42.34 -63.88 -35.42
N THR R 263 43.66 -63.65 -35.32
CA THR R 263 44.54 -63.29 -36.43
C THR R 263 44.44 -61.85 -36.95
N ARG R 264 45.52 -61.40 -37.58
CA ARG R 264 45.57 -60.18 -38.32
C ARG R 264 44.62 -60.14 -39.51
N PHE R 265 44.31 -61.31 -40.09
CA PHE R 265 43.44 -61.35 -41.27
C PHE R 265 42.03 -60.89 -40.86
N GLU R 266 41.59 -61.27 -39.67
CA GLU R 266 40.29 -60.82 -39.18
C GLU R 266 40.32 -59.36 -38.75
N ALA R 267 41.36 -58.96 -38.01
CA ALA R 267 41.46 -57.56 -37.57
C ALA R 267 41.38 -56.66 -38.80
N GLN R 268 42.25 -56.98 -39.76
CA GLN R 268 42.28 -56.38 -41.08
C GLN R 268 40.93 -56.21 -41.81
N GLU R 269 40.21 -57.31 -42.05
CA GLU R 269 38.88 -57.21 -42.66
C GLU R 269 37.92 -56.30 -41.88
N TRP R 270 38.00 -56.34 -40.55
CA TRP R 270 37.21 -55.43 -39.73
C TRP R 270 37.54 -53.98 -40.09
N LEU R 271 38.83 -53.67 -40.13
CA LEU R 271 39.32 -52.31 -40.37
C LEU R 271 38.86 -51.78 -41.75
N GLU R 272 39.04 -52.59 -42.77
CA GLU R 272 38.72 -52.21 -44.16
C GLU R 272 37.21 -52.09 -44.42
N LYS R 273 36.43 -52.95 -43.79
CA LYS R 273 35.03 -53.13 -44.13
C LYS R 273 34.10 -52.30 -43.25
N THR R 274 34.51 -52.03 -42.00
CA THR R 274 33.59 -51.37 -41.05
C THR R 274 33.99 -49.95 -40.67
N GLY R 275 35.28 -49.65 -40.78
CA GLY R 275 35.83 -48.39 -40.26
C GLY R 275 35.70 -48.25 -38.75
N ILE R 276 35.73 -49.37 -38.02
CA ILE R 276 35.87 -49.29 -36.57
C ILE R 276 37.15 -48.52 -36.22
N SER R 277 37.11 -47.76 -35.14
CA SER R 277 38.22 -46.90 -34.75
C SER R 277 39.07 -47.57 -33.68
N VAL R 278 38.52 -48.60 -33.05
CA VAL R 278 39.23 -49.32 -31.98
C VAL R 278 39.14 -50.83 -32.19
N VAL R 279 40.30 -51.47 -32.29
CA VAL R 279 40.37 -52.90 -32.52
C VAL R 279 40.70 -53.55 -31.18
N GLN R 280 40.02 -54.63 -30.84
CA GLN R 280 40.11 -55.20 -29.51
C GLN R 280 40.59 -56.64 -29.46
N SER R 281 41.24 -57.10 -30.54
CA SER R 281 41.82 -58.45 -30.55
C SER R 281 42.53 -58.76 -29.20
N ASP R 282 42.23 -59.92 -28.62
CA ASP R 282 42.68 -60.30 -27.27
C ASP R 282 44.07 -60.93 -27.21
N TYR R 283 44.88 -60.52 -26.23
CA TYR R 283 46.20 -61.14 -25.92
C TYR R 283 46.24 -62.66 -26.00
N ASN R 284 45.24 -63.30 -25.39
CA ASN R 284 45.30 -64.74 -25.19
C ASN R 284 44.34 -65.51 -26.09
N ARG R 285 43.98 -64.88 -27.20
CA ARG R 285 43.06 -65.44 -28.16
C ARG R 285 43.59 -65.26 -29.59
N CYS R 286 44.14 -64.08 -29.88
CA CYS R 286 44.24 -63.64 -31.27
C CYS R 286 45.48 -64.20 -32.00
N GLY R 287 46.44 -64.70 -31.24
CA GLY R 287 47.71 -65.18 -31.78
C GLY R 287 48.85 -64.71 -30.89
N GLY R 288 48.56 -63.77 -30.00
CA GLY R 288 49.54 -63.34 -28.99
C GLY R 288 50.20 -62.02 -29.31
N VAL R 289 51.21 -61.67 -28.54
CA VAL R 289 51.95 -60.43 -28.72
C VAL R 289 52.51 -60.31 -30.15
N THR R 290 53.00 -61.42 -30.68
CA THR R 290 53.60 -61.41 -32.01
C THR R 290 52.57 -61.06 -33.06
N GLU R 291 51.36 -61.60 -32.94
CA GLU R 291 50.29 -61.23 -33.87
C GLU R 291 49.74 -59.82 -33.58
N LEU R 292 49.70 -59.44 -32.30
CA LEU R 292 49.22 -58.09 -31.94
C LEU R 292 50.12 -57.00 -32.48
N LEU R 293 51.43 -57.27 -32.55
CA LEU R 293 52.39 -56.31 -33.12
C LEU R 293 52.14 -56.08 -34.60
N ARG R 294 51.80 -57.15 -35.31
CA ARG R 294 51.39 -57.04 -36.70
C ARG R 294 50.07 -56.24 -36.86
N ILE R 295 49.10 -56.54 -36.01
CA ILE R 295 47.82 -55.84 -36.07
C ILE R 295 48.04 -54.35 -35.73
N MET R 296 48.96 -54.07 -34.80
CA MET R 296 49.30 -52.69 -34.41
C MET R 296 49.67 -51.88 -35.66
N ASP R 297 50.50 -52.47 -36.51
CA ASP R 297 51.04 -51.78 -37.64
C ASP R 297 49.95 -51.52 -38.67
N ILE R 298 49.02 -52.47 -38.80
CA ILE R 298 47.84 -52.32 -39.66
C ILE R 298 46.83 -51.32 -39.08
N CYS R 299 46.67 -51.30 -37.76
CA CYS R 299 45.89 -50.23 -37.12
C CYS R 299 46.41 -48.84 -37.46
N GLU R 300 47.72 -48.66 -37.34
CA GLU R 300 48.36 -47.38 -37.61
C GLU R 300 47.99 -46.79 -38.98
N HIS R 301 47.98 -47.65 -39.99
CA HIS R 301 47.64 -47.24 -41.36
C HIS R 301 46.22 -46.67 -41.46
N HIS R 302 45.29 -47.24 -40.69
CA HIS R 302 43.88 -46.86 -40.76
C HIS R 302 43.58 -45.74 -39.76
N ASN R 303 44.62 -45.27 -39.06
CA ASN R 303 44.49 -44.38 -37.92
C ASN R 303 43.51 -44.94 -36.90
N ALA R 304 43.58 -46.25 -36.68
CA ALA R 304 42.77 -46.87 -35.65
C ALA R 304 43.62 -47.15 -34.41
N GLN R 305 43.01 -47.17 -33.24
CA GLN R 305 43.74 -47.57 -32.03
C GLN R 305 43.63 -49.09 -31.78
N LEU R 306 44.60 -49.66 -31.10
CA LEU R 306 44.54 -51.06 -30.75
C LEU R 306 44.41 -51.16 -29.22
N MET R 307 43.27 -51.63 -28.73
CA MET R 307 43.06 -51.79 -27.27
C MET R 307 42.62 -53.21 -26.97
N PRO R 308 43.58 -54.14 -26.89
CA PRO R 308 43.36 -55.57 -26.80
C PRO R 308 42.49 -55.94 -25.60
N HIS R 309 41.49 -56.79 -25.83
CA HIS R 309 40.64 -57.29 -24.75
C HIS R 309 41.52 -57.90 -23.67
N ASN R 310 41.27 -57.48 -22.42
CA ASN R 310 42.14 -57.82 -21.29
C ASN R 310 41.31 -58.10 -20.05
N TRP R 311 40.81 -59.32 -19.94
CA TRP R 311 40.03 -59.76 -18.80
C TRP R 311 40.36 -61.21 -18.49
N LYS R 312 41.51 -61.42 -17.85
CA LYS R 312 41.99 -62.76 -17.48
C LYS R 312 42.66 -62.70 -16.12
N THR R 313 43.97 -62.99 -16.12
CA THR R 313 44.74 -63.09 -14.88
C THR R 313 45.85 -62.02 -14.83
N GLY R 314 46.59 -61.95 -13.72
CA GLY R 314 47.75 -61.05 -13.65
C GLY R 314 48.81 -61.42 -14.69
N ILE R 315 48.70 -62.61 -15.27
CA ILE R 315 49.64 -63.03 -16.30
C ILE R 315 49.42 -62.21 -17.55
N THR R 316 48.16 -62.11 -17.98
CA THR R 316 47.84 -61.25 -19.10
C THR R 316 47.99 -59.76 -18.74
N ALA R 317 47.75 -59.40 -17.49
CA ALA R 317 47.93 -58.00 -17.10
C ALA R 317 49.40 -57.54 -17.27
N ALA R 318 50.34 -58.44 -16.97
CA ALA R 318 51.75 -58.16 -17.19
C ALA R 318 52.11 -58.01 -18.68
N ALA R 319 51.50 -58.83 -19.53
CA ALA R 319 51.65 -58.69 -20.97
C ALA R 319 51.04 -57.37 -21.49
N ALA R 320 49.88 -57.00 -20.94
CA ALA R 320 49.28 -55.70 -21.25
C ALA R 320 50.18 -54.53 -20.86
N ARG R 321 50.86 -54.67 -19.72
CA ARG R 321 51.73 -53.59 -19.27
C ARG R 321 52.86 -53.36 -20.26
N HIS R 322 53.48 -54.45 -20.73
CA HIS R 322 54.60 -54.34 -21.67
C HIS R 322 54.17 -53.92 -23.07
N PHE R 323 53.13 -54.57 -23.59
CA PHE R 323 52.54 -54.17 -24.85
C PHE R 323 52.07 -52.72 -24.80
N GLY R 324 51.37 -52.34 -23.74
CA GLY R 324 50.85 -50.99 -23.61
C GLY R 324 51.89 -49.89 -23.70
N ILE R 325 53.06 -50.12 -23.12
CA ILE R 325 54.09 -49.10 -23.10
C ILE R 325 54.79 -48.97 -24.48
N VAL R 326 54.54 -49.94 -25.36
CA VAL R 326 55.15 -50.01 -26.69
C VAL R 326 54.17 -49.52 -27.77
N CYS R 327 52.89 -49.60 -27.46
CA CYS R 327 51.83 -49.37 -28.43
C CYS R 327 51.50 -47.89 -28.50
N HIS R 328 52.30 -47.13 -29.24
CA HIS R 328 52.23 -45.68 -29.20
C HIS R 328 50.99 -45.14 -29.89
N ILE R 329 50.27 -45.98 -30.62
CA ILE R 329 49.11 -45.52 -31.38
C ILE R 329 47.87 -45.42 -30.48
N SER R 330 47.94 -46.06 -29.31
CA SER R 330 46.81 -46.13 -28.41
C SER R 330 46.99 -45.18 -27.20
N GLU R 331 45.99 -44.34 -26.99
CA GLU R 331 45.97 -43.43 -25.86
C GLU R 331 45.81 -44.22 -24.58
N TYR R 332 45.02 -45.30 -24.66
CA TYR R 332 44.72 -46.18 -23.52
C TYR R 332 44.92 -47.63 -23.94
N VAL R 333 45.03 -48.54 -22.97
CA VAL R 333 44.67 -49.92 -23.26
C VAL R 333 43.75 -50.41 -22.16
N GLU R 334 42.97 -51.45 -22.46
CA GLU R 334 42.12 -52.04 -21.44
C GLU R 334 42.94 -52.64 -20.31
N TYR R 335 42.47 -52.43 -19.09
CA TYR R 335 43.15 -53.02 -17.96
C TYR R 335 42.17 -53.53 -16.88
N LEU R 336 42.41 -54.76 -16.42
CA LEU R 336 41.66 -55.34 -15.32
C LEU R 336 42.53 -55.30 -14.09
N HIS R 337 42.19 -54.41 -13.16
CA HIS R 337 43.01 -54.23 -11.97
C HIS R 337 42.32 -54.83 -10.75
N PRO R 338 43.08 -55.46 -9.84
CA PRO R 338 42.45 -56.09 -8.65
C PRO R 338 41.70 -55.10 -7.75
N ASP R 339 42.03 -53.82 -7.84
CA ASP R 339 41.27 -52.81 -7.09
C ASP R 339 39.77 -52.84 -7.49
N PHE R 340 39.48 -53.31 -8.70
CA PHE R 340 38.12 -53.21 -9.23
C PHE R 340 37.40 -54.55 -9.41
N TRP R 341 38.04 -55.65 -9.03
CA TRP R 341 37.45 -56.95 -9.28
C TRP R 341 37.94 -57.94 -8.25
N ASN R 342 37.00 -58.73 -7.70
CA ASN R 342 37.36 -59.64 -6.63
C ASN R 342 37.50 -61.11 -7.04
N GLY R 343 37.57 -61.37 -8.35
CA GLY R 343 37.76 -62.73 -8.84
C GLY R 343 38.94 -63.36 -8.12
N THR R 344 38.79 -64.63 -7.74
CA THR R 344 39.83 -65.32 -7.00
C THR R 344 41.19 -65.28 -7.71
N LEU R 345 41.20 -65.59 -9.00
CA LEU R 345 42.47 -65.62 -9.73
C LEU R 345 43.09 -64.21 -9.81
N THR R 346 42.26 -63.22 -10.15
CA THR R 346 42.64 -61.81 -10.13
C THR R 346 43.25 -61.38 -8.78
N GLN R 347 42.67 -61.86 -7.68
CA GLN R 347 43.16 -61.50 -6.36
C GLN R 347 44.36 -62.32 -5.91
N GLN R 348 44.46 -63.57 -6.38
CA GLN R 348 45.36 -64.55 -5.74
C GLN R 348 46.47 -65.17 -6.61
N LEU R 349 46.27 -65.28 -7.92
CA LEU R 349 47.24 -65.98 -8.79
C LEU R 349 48.64 -65.35 -8.81
N THR R 350 48.70 -64.01 -8.83
CA THR R 350 49.98 -63.30 -8.87
C THR R 350 50.13 -62.43 -7.64
N LEU R 351 51.37 -62.04 -7.36
CA LEU R 351 51.67 -61.25 -6.17
C LEU R 351 52.11 -59.87 -6.57
N ASN R 352 51.84 -58.90 -5.70
CA ASN R 352 52.48 -57.61 -5.81
C ASN R 352 52.13 -56.92 -7.13
N GLU R 353 50.87 -56.95 -7.53
CA GLU R 353 50.42 -56.19 -8.69
C GLU R 353 50.74 -54.70 -8.51
N PRO R 354 51.17 -54.03 -9.59
CA PRO R 354 51.55 -52.63 -9.40
C PRO R 354 50.34 -51.75 -9.09
N LYS R 355 50.58 -50.77 -8.23
CA LYS R 355 49.53 -49.88 -7.74
C LYS R 355 49.09 -48.91 -8.87
N ILE R 356 47.86 -48.41 -8.82
CA ILE R 356 47.47 -47.33 -9.72
C ILE R 356 47.81 -46.00 -9.07
N ILE R 357 48.69 -45.24 -9.70
CA ILE R 357 49.17 -43.98 -9.14
C ILE R 357 48.91 -42.86 -10.14
N ASP R 358 47.96 -41.99 -9.81
CA ASP R 358 47.55 -40.92 -10.71
C ASP R 358 47.17 -41.46 -12.11
N GLY R 359 46.40 -42.53 -12.12
CA GLY R 359 45.92 -43.08 -13.38
C GLY R 359 46.92 -43.92 -14.17
N ALA R 360 48.16 -43.97 -13.70
CA ALA R 360 49.20 -44.75 -14.37
C ALA R 360 49.55 -46.03 -13.60
N ILE R 361 50.04 -47.04 -14.32
CA ILE R 361 50.69 -48.15 -13.63
C ILE R 361 52.12 -48.34 -14.13
N GLU R 362 53.03 -48.50 -13.19
CA GLU R 362 54.44 -48.69 -13.52
C GLU R 362 54.68 -49.95 -14.34
N VAL R 363 55.46 -49.82 -15.41
CA VAL R 363 55.93 -50.98 -16.15
C VAL R 363 57.39 -51.22 -15.74
N SER R 364 57.65 -52.33 -15.06
CA SER R 364 58.94 -52.50 -14.44
C SER R 364 60.00 -52.98 -15.43
N ASP R 365 61.27 -52.81 -15.08
CA ASP R 365 62.34 -53.35 -15.90
C ASP R 365 62.85 -54.73 -15.41
N LYS R 366 62.04 -55.42 -14.62
CA LYS R 366 62.31 -56.83 -14.31
C LYS R 366 62.29 -57.68 -15.58
N PRO R 367 63.13 -58.72 -15.63
CA PRO R 367 63.28 -59.46 -16.89
C PRO R 367 61.98 -60.11 -17.31
N GLY R 368 61.80 -60.24 -18.63
CA GLY R 368 60.60 -60.82 -19.22
C GLY R 368 59.37 -59.99 -18.92
N LEU R 369 58.26 -60.67 -18.65
CA LEU R 369 57.01 -60.00 -18.35
C LEU R 369 56.98 -59.45 -16.93
N GLY R 370 57.94 -59.87 -16.11
CA GLY R 370 58.02 -59.41 -14.74
C GLY R 370 56.89 -59.95 -13.88
N ILE R 371 56.60 -61.25 -14.03
CA ILE R 371 55.47 -61.85 -13.32
C ILE R 371 55.92 -62.44 -11.99
N GLU R 372 55.18 -62.17 -10.93
CA GLU R 372 55.39 -62.84 -9.65
C GLU R 372 54.25 -63.83 -9.42
N LEU R 373 54.50 -65.09 -9.74
CA LEU R 373 53.46 -66.11 -9.64
C LEU R 373 53.36 -66.64 -8.21
N ASN R 374 52.14 -66.70 -7.69
CA ASN R 374 51.88 -67.23 -6.36
C ASN R 374 51.94 -68.75 -6.42
N ILE R 375 53.15 -69.31 -6.32
CA ILE R 375 53.38 -70.72 -6.61
C ILE R 375 52.63 -71.58 -5.61
N GLU R 376 52.72 -71.20 -4.33
CA GLU R 376 51.97 -71.90 -3.30
C GLU R 376 50.50 -72.06 -3.68
N PHE R 377 49.89 -70.98 -4.17
CA PHE R 377 48.49 -71.01 -4.59
C PHE R 377 48.26 -71.99 -5.74
N VAL R 378 49.13 -71.94 -6.74
CA VAL R 378 49.01 -72.84 -7.89
C VAL R 378 49.14 -74.28 -7.44
N GLU R 379 50.11 -74.56 -6.59
CA GLU R 379 50.30 -75.92 -6.11
C GLU R 379 49.11 -76.46 -5.32
N GLN R 380 48.49 -75.61 -4.49
CA GLN R 380 47.21 -75.95 -3.84
C GLN R 380 46.18 -76.45 -4.85
N VAL R 381 45.84 -75.61 -5.82
CA VAL R 381 44.73 -75.88 -6.73
C VAL R 381 45.01 -76.98 -7.76
N THR R 382 46.25 -77.09 -8.22
CA THR R 382 46.58 -78.11 -9.23
C THR R 382 46.72 -79.50 -8.66
N GLY R 383 47.10 -79.58 -7.38
CA GLY R 383 47.46 -80.85 -6.76
C GLY R 383 48.91 -81.26 -7.04
N HIS R 384 49.51 -80.67 -8.07
CA HIS R 384 50.89 -81.01 -8.45
C HIS R 384 51.86 -79.85 -8.20
N LYS R 385 53.07 -80.18 -7.74
CA LYS R 385 54.13 -79.21 -7.46
C LYS R 385 54.66 -78.53 -8.74
N PHE R 386 55.57 -77.58 -8.56
CA PHE R 386 55.88 -76.61 -9.61
C PHE R 386 57.39 -76.44 -9.83
N ALA S 5 4.51 -33.02 -96.86
CA ALA S 5 5.33 -32.04 -97.64
C ALA S 5 6.76 -32.01 -97.11
N ASN S 6 7.71 -31.88 -98.02
CA ASN S 6 9.13 -31.85 -97.65
C ASN S 6 9.61 -30.44 -97.36
N ILE S 7 10.70 -30.34 -96.62
CA ILE S 7 11.28 -29.05 -96.30
C ILE S 7 11.96 -28.48 -97.53
N VAL S 8 11.72 -27.19 -97.78
CA VAL S 8 12.27 -26.51 -98.95
C VAL S 8 13.38 -25.55 -98.55
N SER S 9 13.23 -24.88 -97.41
CA SER S 9 14.19 -23.85 -97.02
C SER S 9 14.34 -23.68 -95.52
N VAL S 10 15.50 -23.16 -95.11
CA VAL S 10 15.75 -22.83 -93.73
C VAL S 10 16.38 -21.45 -93.66
N GLU S 11 15.88 -20.60 -92.77
CA GLU S 11 16.31 -19.22 -92.72
C GLU S 11 16.58 -18.82 -91.30
N PHE S 12 17.78 -18.30 -91.03
CA PHE S 12 18.08 -17.70 -89.73
C PHE S 12 17.94 -16.19 -89.79
N ILE S 13 16.94 -15.67 -89.08
CA ILE S 13 16.61 -14.25 -89.12
C ILE S 13 17.02 -13.51 -87.83
N PRO S 14 18.11 -12.75 -87.89
CA PRO S 14 18.56 -11.96 -86.75
C PRO S 14 17.51 -10.95 -86.37
N VAL S 15 17.15 -10.93 -85.10
CA VAL S 15 16.28 -9.91 -84.54
C VAL S 15 17.09 -9.08 -83.55
N ASN S 16 17.34 -7.83 -83.88
CA ASN S 16 18.22 -7.00 -83.06
C ASN S 16 17.56 -5.66 -82.79
N VAL S 17 17.58 -5.24 -81.52
CA VAL S 17 16.81 -4.10 -81.06
C VAL S 17 17.68 -3.14 -80.26
N ALA S 18 17.61 -1.85 -80.58
CA ALA S 18 18.39 -0.83 -79.88
C ALA S 18 17.57 -0.10 -78.80
N GLU S 24 19.41 -7.14 -76.01
CA GLU S 24 18.04 -7.44 -76.43
C GLU S 24 17.94 -7.98 -77.86
N ASN S 25 17.91 -9.31 -78.00
CA ASN S 25 18.00 -9.90 -79.32
C ASN S 25 17.75 -11.40 -79.34
N THR S 26 17.56 -11.94 -80.55
CA THR S 26 17.38 -13.36 -80.77
C THR S 26 17.57 -13.66 -82.27
N VAL S 27 17.65 -14.93 -82.60
CA VAL S 27 17.63 -15.39 -83.99
C VAL S 27 16.37 -16.21 -84.24
N ILE S 28 15.51 -15.74 -85.14
CA ILE S 28 14.35 -16.53 -85.54
C ILE S 28 14.74 -17.55 -86.60
N VAL S 29 14.31 -18.79 -86.40
CA VAL S 29 14.59 -19.87 -87.35
C VAL S 29 13.30 -20.28 -88.02
N LYS S 30 13.25 -20.09 -89.33
CA LYS S 30 12.06 -20.36 -90.12
C LYS S 30 12.32 -21.50 -91.09
N VAL S 31 11.52 -22.55 -90.96
CA VAL S 31 11.61 -23.70 -91.84
C VAL S 31 10.28 -23.90 -92.58
N THR S 32 10.35 -23.79 -93.90
CA THR S 32 9.18 -23.80 -94.78
C THR S 32 9.19 -25.04 -95.66
N ASP S 33 8.04 -25.69 -95.78
CA ASP S 33 7.88 -26.85 -96.67
C ASP S 33 7.43 -26.44 -98.08
N GLU S 34 7.12 -27.46 -98.88
CA GLU S 34 6.70 -27.29 -100.27
C GLU S 34 5.47 -26.40 -100.42
N ASN S 35 4.49 -26.56 -99.53
CA ASN S 35 3.23 -25.86 -99.67
C ASN S 35 3.26 -24.44 -99.13
N GLY S 36 4.40 -24.00 -98.63
CA GLY S 36 4.51 -22.65 -98.06
C GLY S 36 4.26 -22.58 -96.56
N VAL S 37 3.86 -23.71 -95.96
CA VAL S 37 3.70 -23.79 -94.50
C VAL S 37 5.06 -23.73 -93.78
N TYR S 38 5.13 -22.98 -92.70
CA TYR S 38 6.39 -22.87 -91.98
C TYR S 38 6.24 -23.16 -90.50
N GLY S 39 7.37 -23.47 -89.87
CA GLY S 39 7.46 -23.59 -88.43
C GLY S 39 8.54 -22.67 -87.92
N LEU S 40 8.43 -22.28 -86.65
CA LEU S 40 9.34 -21.32 -86.05
C LEU S 40 10.06 -21.92 -84.88
N GLY S 41 11.34 -21.56 -84.73
CA GLY S 41 12.07 -21.75 -83.49
C GLY S 41 12.99 -20.57 -83.28
N GLU S 42 13.82 -20.64 -82.25
CA GLU S 42 14.87 -19.66 -82.10
C GLU S 42 16.13 -20.30 -81.55
N ALA S 43 17.28 -19.77 -81.96
CA ALA S 43 18.56 -20.32 -81.60
C ALA S 43 19.26 -19.31 -80.73
N ASP S 44 19.96 -19.76 -79.69
CA ASP S 44 20.81 -18.86 -78.94
C ASP S 44 22.02 -18.42 -79.79
N GLY S 45 22.74 -17.41 -79.33
CA GLY S 45 23.97 -16.99 -79.99
C GLY S 45 23.88 -15.56 -80.49
N PRO S 46 25.03 -14.93 -80.81
CA PRO S 46 25.06 -13.58 -81.40
C PRO S 46 24.45 -13.60 -82.81
N PRO S 47 23.48 -12.72 -83.07
CA PRO S 47 22.59 -13.14 -84.14
C PRO S 47 23.27 -13.15 -85.51
N GLU S 48 24.12 -12.16 -85.79
CA GLU S 48 24.79 -12.09 -87.09
C GLU S 48 25.76 -13.27 -87.28
N CYS S 49 26.43 -13.65 -86.20
CA CYS S 49 27.31 -14.81 -86.22
C CYS S 49 26.55 -16.12 -86.49
N MET S 50 25.44 -16.33 -85.78
CA MET S 50 24.58 -17.50 -86.00
C MET S 50 24.07 -17.55 -87.45
N LYS S 51 23.69 -16.42 -88.01
CA LYS S 51 23.29 -16.35 -89.42
C LYS S 51 24.41 -16.88 -90.35
N ALA S 52 25.61 -16.34 -90.20
CA ALA S 52 26.77 -16.85 -90.94
C ALA S 52 26.95 -18.37 -90.77
N PHE S 53 26.81 -18.86 -89.54
CA PHE S 53 26.96 -20.29 -89.30
C PHE S 53 26.01 -21.10 -90.19
N SER S 54 24.77 -20.64 -90.27
CA SER S 54 23.76 -21.31 -91.07
C SER S 54 24.03 -21.22 -92.58
N GLU S 55 24.96 -20.35 -92.99
CA GLU S 55 25.16 -20.05 -94.41
C GLU S 55 26.56 -20.44 -94.96
N ILE S 56 27.32 -21.18 -94.16
CA ILE S 56 28.66 -21.61 -94.56
C ILE S 56 28.65 -22.50 -95.80
N GLU S 57 29.83 -22.68 -96.39
CA GLU S 57 30.03 -23.62 -97.49
C GLU S 57 30.32 -25.04 -97.00
N ASN S 58 29.86 -26.05 -97.74
CA ASN S 58 30.30 -27.43 -97.52
C ASN S 58 31.82 -27.55 -97.65
N GLU S 59 32.45 -28.39 -96.83
CA GLU S 59 33.89 -28.61 -96.93
C GLU S 59 34.27 -30.10 -96.99
N HIS S 60 33.70 -30.90 -96.11
CA HIS S 60 33.94 -32.34 -96.09
C HIS S 60 32.87 -33.14 -95.34
N LYS S 61 33.11 -34.44 -95.22
CA LYS S 61 32.15 -35.36 -94.62
C LYS S 61 31.56 -34.88 -93.29
N TRP S 62 32.37 -34.27 -92.43
CA TRP S 62 31.86 -33.82 -91.14
C TRP S 62 31.76 -32.29 -91.05
N LEU S 63 31.73 -31.64 -92.20
CA LEU S 63 31.65 -30.19 -92.24
C LEU S 63 30.79 -29.75 -93.41
N ASN S 64 29.47 -29.79 -93.22
CA ASN S 64 28.54 -29.29 -94.21
C ASN S 64 27.72 -28.11 -93.69
N ASN S 65 27.01 -27.45 -94.59
CA ASN S 65 26.07 -26.41 -94.23
C ASN S 65 24.92 -27.09 -93.51
N ILE S 66 24.63 -26.66 -92.29
CA ILE S 66 23.60 -27.32 -91.48
C ILE S 66 22.25 -27.49 -92.19
N LYS S 67 21.87 -26.56 -93.06
CA LYS S 67 20.55 -26.64 -93.67
C LYS S 67 20.42 -27.84 -94.61
N GLU S 68 21.54 -28.31 -95.13
CA GLU S 68 21.49 -29.40 -96.11
C GLU S 68 21.15 -30.76 -95.48
N ALA S 69 21.07 -30.81 -94.16
CA ALA S 69 20.65 -32.03 -93.47
C ALA S 69 19.13 -32.17 -93.38
N VAL S 70 18.42 -31.06 -93.60
CA VAL S 70 16.98 -31.11 -93.48
C VAL S 70 16.25 -30.73 -94.76
N ILE S 71 16.89 -29.95 -95.63
CA ILE S 71 16.26 -29.61 -96.91
C ILE S 71 15.87 -30.90 -97.62
N GLY S 72 14.59 -31.01 -97.98
CA GLY S 72 14.12 -32.17 -98.73
C GLY S 72 13.66 -33.32 -97.85
N ARG S 73 13.72 -33.13 -96.53
CA ARG S 73 13.28 -34.16 -95.58
C ARG S 73 11.92 -33.85 -94.97
N ASP S 74 11.38 -34.86 -94.30
CA ASP S 74 10.08 -34.75 -93.68
C ASP S 74 10.24 -34.29 -92.21
N PRO S 75 9.65 -33.14 -91.86
CA PRO S 75 9.90 -32.57 -90.52
C PRO S 75 9.42 -33.45 -89.36
N LEU S 76 8.60 -34.43 -89.68
CA LEU S 76 8.10 -35.38 -88.68
C LEU S 76 9.21 -36.30 -88.15
N GLU S 77 10.29 -36.48 -88.91
CA GLU S 77 11.33 -37.46 -88.56
C GLU S 77 12.37 -36.85 -87.61
N PHE S 78 11.94 -36.56 -86.39
CA PHE S 78 12.77 -35.86 -85.40
C PHE S 78 14.14 -36.47 -85.17
N ARG S 79 14.19 -37.76 -84.83
CA ARG S 79 15.47 -38.38 -84.52
C ARG S 79 16.37 -38.36 -85.74
N ALA S 80 15.84 -38.75 -86.90
CA ALA S 80 16.67 -38.88 -88.09
C ALA S 80 17.22 -37.52 -88.51
N ASN S 81 16.36 -36.52 -88.42
CA ASN S 81 16.77 -35.15 -88.76
C ASN S 81 17.81 -34.58 -87.81
N TYR S 82 17.58 -34.78 -86.50
CA TYR S 82 18.57 -34.40 -85.50
C TYR S 82 19.90 -35.11 -85.72
N ASN S 83 19.88 -36.44 -85.77
CA ASN S 83 21.13 -37.17 -85.99
C ASN S 83 21.89 -36.71 -87.25
N ARG S 84 21.15 -36.29 -88.27
CA ARG S 84 21.75 -35.89 -89.54
C ARG S 84 22.37 -34.50 -89.44
N MET S 85 21.63 -33.56 -88.86
CA MET S 85 22.20 -32.25 -88.46
C MET S 85 23.49 -32.43 -87.65
N TYR S 86 23.44 -33.30 -86.65
CA TYR S 86 24.57 -33.46 -85.73
C TYR S 86 25.74 -34.14 -86.44
N ASP S 87 25.49 -35.23 -87.15
CA ASP S 87 26.57 -35.97 -87.81
C ASP S 87 27.31 -35.11 -88.86
N THR S 88 26.56 -34.45 -89.72
CA THR S 88 27.16 -33.75 -90.86
C THR S 88 27.82 -32.43 -90.47
N THR S 89 27.65 -32.02 -89.21
CA THR S 89 28.32 -30.79 -88.75
C THR S 89 29.28 -31.07 -87.62
N LYS S 90 29.59 -32.34 -87.39
CA LYS S 90 30.46 -32.75 -86.27
C LYS S 90 31.73 -31.91 -86.12
N TRP S 91 32.46 -31.71 -87.22
CA TRP S 91 33.70 -30.95 -87.18
C TRP S 91 33.62 -29.57 -86.55
N ILE S 92 32.53 -28.85 -86.80
CA ILE S 92 32.35 -27.49 -86.27
C ILE S 92 31.26 -27.45 -85.19
N GLY S 93 30.58 -28.57 -84.98
CA GLY S 93 29.46 -28.64 -84.04
C GLY S 93 29.80 -29.45 -82.80
N MET S 94 28.98 -30.43 -82.48
CA MET S 94 29.28 -31.43 -81.45
C MET S 94 29.09 -30.90 -80.02
N ARG S 95 29.69 -29.76 -79.71
CA ARG S 95 29.42 -29.03 -78.46
C ARG S 95 29.37 -27.54 -78.75
N GLY S 96 28.70 -26.77 -77.90
CA GLY S 96 28.78 -25.31 -77.98
C GLY S 96 27.94 -24.67 -79.08
N LEU S 97 28.47 -23.60 -79.67
CA LEU S 97 27.70 -22.73 -80.58
C LEU S 97 27.01 -23.53 -81.70
N GLY S 98 27.66 -24.59 -82.17
CA GLY S 98 27.03 -25.45 -83.16
C GLY S 98 25.71 -26.04 -82.77
N LEU S 99 25.58 -26.41 -81.50
CA LEU S 99 24.33 -26.96 -81.03
C LEU S 99 23.21 -25.96 -80.88
N PHE S 100 23.56 -24.68 -80.73
CA PHE S 100 22.52 -23.65 -80.65
C PHE S 100 21.74 -23.67 -81.97
N ALA S 101 22.46 -23.74 -83.07
CA ALA S 101 21.86 -23.74 -84.41
C ALA S 101 20.97 -24.98 -84.65
N ILE S 102 21.45 -26.14 -84.22
CA ILE S 102 20.63 -27.33 -84.30
C ILE S 102 19.38 -27.22 -83.44
N SER S 103 19.50 -26.52 -82.31
CA SER S 103 18.39 -26.33 -81.36
C SER S 103 17.23 -25.57 -82.01
N GLY S 104 17.58 -24.43 -82.61
CA GLY S 104 16.60 -23.58 -83.28
C GLY S 104 15.89 -24.28 -84.42
N ILE S 105 16.64 -24.98 -85.26
CA ILE S 105 16.03 -25.75 -86.35
C ILE S 105 15.14 -26.86 -85.82
N ASP S 106 15.60 -27.56 -84.79
CA ASP S 106 14.83 -28.65 -84.20
C ASP S 106 13.54 -28.13 -83.57
N MET S 107 13.63 -27.01 -82.85
CA MET S 107 12.43 -26.33 -82.33
C MET S 107 11.44 -26.03 -83.46
N ALA S 108 11.94 -25.44 -84.55
CA ALA S 108 11.06 -25.11 -85.68
C ALA S 108 10.40 -26.34 -86.30
N LEU S 109 11.05 -27.50 -86.19
CA LEU S 109 10.53 -28.70 -86.83
C LEU S 109 9.35 -29.30 -86.09
N TYR S 110 9.28 -29.08 -84.78
CA TYR S 110 8.10 -29.45 -84.03
C TYR S 110 6.94 -28.52 -84.38
N ASP S 111 7.24 -27.24 -84.54
CA ASP S 111 6.19 -26.31 -84.93
C ASP S 111 5.65 -26.62 -86.34
N LEU S 112 6.55 -26.92 -87.27
CA LEU S 112 6.17 -27.27 -88.66
C LEU S 112 5.42 -28.60 -88.79
N ALA S 113 5.95 -29.65 -88.19
CA ALA S 113 5.28 -30.96 -88.24
C ALA S 113 3.89 -30.88 -87.63
N GLY S 114 3.78 -30.17 -86.51
CA GLY S 114 2.49 -29.96 -85.85
C GLY S 114 1.49 -29.30 -86.77
N LYS S 115 1.94 -28.29 -87.50
CA LYS S 115 1.08 -27.54 -88.43
C LYS S 115 0.73 -28.37 -89.67
N GLN S 116 1.71 -29.10 -90.20
CA GLN S 116 1.45 -30.00 -91.31
C GLN S 116 0.36 -31.00 -90.93
N LEU S 117 0.41 -31.50 -89.69
CA LEU S 117 -0.55 -32.52 -89.28
C LEU S 117 -1.78 -31.97 -88.57
N GLY S 118 -1.77 -30.66 -88.30
CA GLY S 118 -2.80 -30.05 -87.47
C GLY S 118 -2.88 -30.59 -86.04
N VAL S 119 -1.72 -30.92 -85.44
CA VAL S 119 -1.71 -31.35 -84.04
C VAL S 119 -0.80 -30.45 -83.20
N PRO S 120 -1.17 -30.26 -81.92
CA PRO S 120 -0.29 -29.51 -81.04
C PRO S 120 1.02 -30.25 -80.83
N ALA S 121 2.10 -29.50 -80.76
CA ALA S 121 3.43 -30.08 -80.65
C ALA S 121 3.55 -31.10 -79.53
N TYR S 122 2.86 -30.90 -78.41
CA TYR S 122 3.03 -31.81 -77.28
C TYR S 122 2.62 -33.23 -77.61
N LYS S 123 1.75 -33.42 -78.60
CA LYS S 123 1.41 -34.75 -79.07
C LYS S 123 2.60 -35.40 -79.80
N LEU S 124 3.36 -34.58 -80.51
CA LEU S 124 4.53 -35.04 -81.23
C LEU S 124 5.73 -35.28 -80.30
N MET S 125 5.63 -34.79 -79.06
CA MET S 125 6.66 -34.96 -78.03
C MET S 125 6.33 -36.16 -77.13
N GLY S 126 5.23 -36.86 -77.44
CA GLY S 126 4.85 -38.07 -76.72
C GLY S 126 3.56 -37.97 -75.92
N GLY S 127 2.98 -36.78 -75.85
CA GLY S 127 1.66 -36.63 -75.25
C GLY S 127 1.69 -35.97 -73.89
N ALA S 128 0.65 -35.20 -73.58
CA ALA S 128 0.56 -34.51 -72.28
C ALA S 128 0.54 -35.53 -71.16
N GLN S 129 1.36 -35.31 -70.14
CA GLN S 129 1.41 -36.26 -69.04
C GLN S 129 1.14 -35.66 -67.67
N LYS S 130 0.58 -34.46 -67.66
CA LYS S 130 0.07 -33.90 -66.42
C LYS S 130 -1.18 -33.08 -66.68
N ALA S 131 -1.98 -32.89 -65.63
CA ALA S 131 -3.24 -32.17 -65.76
C ALA S 131 -3.03 -30.71 -66.16
N GLN S 132 -1.98 -30.10 -65.62
CA GLN S 132 -1.82 -28.65 -65.72
C GLN S 132 -0.34 -28.33 -65.86
N LEU S 133 -0.02 -27.24 -66.54
CA LEU S 133 1.33 -26.70 -66.49
C LEU S 133 1.45 -25.63 -65.39
N THR S 134 2.32 -25.92 -64.42
CA THR S 134 2.51 -25.11 -63.22
C THR S 134 3.98 -24.76 -63.16
N PRO S 135 4.39 -23.66 -63.82
CA PRO S 135 5.83 -23.38 -63.83
C PRO S 135 6.29 -22.59 -62.61
N TYR S 136 7.59 -22.48 -62.41
CA TYR S 136 8.14 -21.49 -61.52
C TYR S 136 8.47 -20.25 -62.35
N PHE S 137 8.17 -19.08 -61.81
CA PHE S 137 8.40 -17.84 -62.54
C PHE S 137 9.68 -17.16 -62.10
N THR S 138 10.48 -16.76 -63.08
CA THR S 138 11.76 -16.15 -62.81
C THR S 138 11.58 -14.65 -62.63
N LEU S 139 12.09 -14.13 -61.51
CA LEU S 139 11.86 -12.75 -61.12
C LEU S 139 13.18 -11.99 -61.12
N TYR S 140 13.35 -11.16 -62.13
CA TYR S 140 14.52 -10.33 -62.24
C TYR S 140 14.09 -8.85 -62.21
N PRO S 141 14.57 -8.09 -61.20
CA PRO S 141 14.10 -6.74 -60.99
C PRO S 141 14.83 -5.76 -61.89
N SER S 142 14.18 -4.67 -62.26
CA SER S 142 14.82 -3.65 -63.07
C SER S 142 15.44 -2.61 -62.15
N VAL S 143 16.77 -2.62 -62.08
CA VAL S 143 17.49 -1.74 -61.15
C VAL S 143 18.72 -1.14 -61.81
N ALA S 144 19.19 -0.04 -61.24
CA ALA S 144 20.42 0.60 -61.68
C ALA S 144 21.62 -0.32 -61.39
N ALA S 145 22.62 -0.29 -62.27
CA ALA S 145 23.90 -0.91 -61.99
C ALA S 145 24.39 -0.44 -60.62
N ASP S 146 24.92 -1.37 -59.83
CA ASP S 146 25.34 -1.06 -58.46
C ASP S 146 24.25 -0.41 -57.57
N ALA S 147 23.02 -0.91 -57.70
CA ALA S 147 21.99 -0.66 -56.69
C ALA S 147 22.35 -1.46 -55.44
N THR S 148 22.00 -0.93 -54.27
CA THR S 148 22.28 -1.62 -53.03
C THR S 148 21.33 -2.81 -52.82
N LEU S 149 21.66 -3.68 -51.87
CA LEU S 149 20.88 -4.87 -51.62
C LEU S 149 19.48 -4.52 -51.11
N SER S 150 19.40 -3.48 -50.30
CA SER S 150 18.09 -2.99 -49.85
C SER S 150 17.23 -2.45 -51.01
N GLU S 151 17.84 -1.71 -51.92
CA GLU S 151 17.13 -1.22 -53.10
C GLU S 151 16.58 -2.34 -53.97
N ILE S 152 17.39 -3.37 -54.16
CA ILE S 152 16.99 -4.53 -54.95
C ILE S 152 15.80 -5.23 -54.29
N VAL S 153 15.84 -5.37 -52.98
CA VAL S 153 14.70 -5.93 -52.27
C VAL S 153 13.44 -5.08 -52.53
N GLU S 154 13.59 -3.76 -52.53
CA GLU S 154 12.46 -2.87 -52.80
C GLU S 154 11.89 -3.11 -54.19
N ALA S 155 12.77 -3.31 -55.17
CA ALA S 155 12.33 -3.52 -56.54
C ALA S 155 11.72 -4.92 -56.72
N TYR S 156 12.09 -5.86 -55.85
CA TYR S 156 11.48 -7.18 -55.87
C TYR S 156 10.02 -7.15 -55.40
N LYS S 157 9.70 -6.22 -54.51
CA LYS S 157 8.37 -6.23 -53.85
C LYS S 157 7.18 -6.28 -54.80
N PRO S 158 7.18 -5.44 -55.85
CA PRO S 158 5.99 -5.52 -56.71
C PRO S 158 5.99 -6.74 -57.64
N LEU S 159 7.17 -7.29 -57.94
CA LEU S 159 7.23 -8.49 -58.74
C LEU S 159 6.70 -9.69 -57.97
N ILE S 160 7.07 -9.78 -56.69
CA ILE S 160 6.57 -10.82 -55.80
C ILE S 160 5.05 -10.70 -55.54
N ALA S 161 4.58 -9.49 -55.30
CA ALA S 161 3.16 -9.27 -55.10
C ALA S 161 2.34 -9.67 -56.33
N LYS S 162 2.86 -9.39 -57.50
CA LYS S 162 2.14 -9.69 -58.73
C LYS S 162 2.08 -11.19 -58.94
N ALA S 163 3.18 -11.88 -58.65
CA ALA S 163 3.20 -13.35 -58.64
C ALA S 163 2.17 -13.96 -57.67
N LYS S 164 2.06 -13.40 -56.46
CA LYS S 164 1.03 -13.88 -55.51
C LYS S 164 -0.36 -13.65 -56.05
N GLU S 165 -0.56 -12.50 -56.68
CA GLU S 165 -1.86 -12.17 -57.23
C GLU S 165 -2.25 -13.09 -58.39
N ARG S 166 -1.27 -13.61 -59.13
CA ARG S 166 -1.59 -14.58 -60.20
C ARG S 166 -1.63 -16.03 -59.69
N GLY S 167 -1.37 -16.23 -58.40
CA GLY S 167 -1.43 -17.60 -57.84
C GLY S 167 -0.18 -18.42 -58.12
N ALA S 168 0.92 -17.77 -58.50
CA ALA S 168 2.20 -18.47 -58.72
C ALA S 168 2.46 -19.50 -57.61
N LYS S 169 2.99 -20.66 -57.97
CA LYS S 169 3.26 -21.70 -56.97
C LYS S 169 4.71 -21.67 -56.54
N ALA S 170 5.51 -20.88 -57.27
CA ALA S 170 6.96 -20.91 -57.10
C ALA S 170 7.61 -19.77 -57.84
N VAL S 171 8.58 -19.13 -57.22
CA VAL S 171 9.30 -18.04 -57.88
C VAL S 171 10.80 -18.23 -57.73
N LYS S 172 11.55 -17.65 -58.67
CA LYS S 172 13.00 -17.61 -58.58
C LYS S 172 13.53 -16.18 -58.45
N VAL S 173 14.37 -15.96 -57.45
CA VAL S 173 15.01 -14.68 -57.28
C VAL S 173 16.51 -14.85 -57.57
N CYS S 174 17.19 -13.72 -57.78
CA CYS S 174 18.57 -13.71 -58.26
C CYS S 174 19.48 -12.91 -57.32
N ILE S 175 20.75 -13.29 -57.29
CA ILE S 175 21.78 -12.46 -56.67
C ILE S 175 22.46 -11.68 -57.80
N ILE S 176 22.06 -10.42 -58.02
CA ILE S 176 22.72 -9.62 -59.05
C ILE S 176 24.24 -9.68 -58.79
N PRO S 177 25.04 -9.99 -59.82
CA PRO S 177 26.47 -10.10 -59.58
C PRO S 177 26.99 -8.86 -58.87
N ASN S 178 27.72 -9.08 -57.77
CA ASN S 178 28.13 -7.99 -56.92
C ASN S 178 29.24 -8.40 -55.98
N ASP S 179 30.48 -8.08 -56.34
CA ASP S 179 31.61 -8.42 -55.49
C ASP S 179 31.95 -7.35 -54.44
N LYS S 180 31.14 -6.31 -54.32
CA LYS S 180 31.36 -5.32 -53.26
C LYS S 180 30.64 -5.74 -51.97
N VAL S 181 30.04 -6.93 -52.00
CA VAL S 181 29.11 -7.30 -50.94
C VAL S 181 29.44 -8.68 -50.37
N SER S 182 29.38 -8.80 -49.04
CA SER S 182 29.85 -10.02 -48.40
C SER S 182 28.80 -11.13 -48.45
N ASP S 183 29.27 -12.37 -48.27
CA ASP S 183 28.36 -13.50 -48.17
C ASP S 183 27.39 -13.36 -47.00
N LYS S 184 27.85 -12.78 -45.89
CA LYS S 184 26.99 -12.52 -44.74
C LYS S 184 25.88 -11.52 -45.10
N GLU S 185 26.22 -10.56 -45.96
CA GLU S 185 25.20 -9.65 -46.48
C GLU S 185 24.21 -10.38 -47.39
N ILE S 186 24.72 -11.27 -48.24
CA ILE S 186 23.90 -12.13 -49.09
C ILE S 186 22.90 -12.97 -48.29
N VAL S 187 23.35 -13.58 -47.19
CA VAL S 187 22.43 -14.28 -46.30
C VAL S 187 21.26 -13.41 -45.81
N ALA S 188 21.56 -12.20 -45.31
CA ALA S 188 20.51 -11.32 -44.81
C ALA S 188 19.55 -10.94 -45.95
N TYR S 189 20.12 -10.69 -47.11
CA TYR S 189 19.36 -10.44 -48.32
C TYR S 189 18.36 -11.57 -48.67
N LEU S 190 18.81 -12.82 -48.66
CA LEU S 190 17.91 -13.93 -48.99
C LEU S 190 16.87 -14.27 -47.88
N ARG S 191 17.23 -14.09 -46.62
CA ARG S 191 16.24 -14.13 -45.54
C ARG S 191 15.17 -13.08 -45.72
N GLU S 192 15.59 -11.86 -46.01
CA GLU S 192 14.61 -10.82 -46.26
C GLU S 192 13.67 -11.19 -47.39
N LEU S 193 14.21 -11.71 -48.49
CA LEU S 193 13.35 -12.17 -49.58
C LEU S 193 12.35 -13.26 -49.21
N ARG S 194 12.76 -14.24 -48.41
CA ARG S 194 11.81 -15.23 -47.93
C ARG S 194 10.70 -14.57 -47.11
N GLU S 195 11.06 -13.60 -46.27
CA GLU S 195 10.01 -12.85 -45.50
C GLU S 195 8.98 -12.23 -46.43
N VAL S 196 9.47 -11.54 -47.46
CA VAL S 196 8.59 -10.92 -48.44
C VAL S 196 7.79 -11.96 -49.21
N ILE S 197 8.47 -13.03 -49.62
CA ILE S 197 7.82 -14.03 -50.45
C ILE S 197 6.77 -14.75 -49.63
N GLY S 198 7.08 -14.99 -48.35
CA GLY S 198 6.17 -15.73 -47.50
C GLY S 198 6.38 -17.21 -47.66
N TRP S 199 5.37 -17.98 -47.29
CA TRP S 199 5.55 -19.39 -47.05
C TRP S 199 4.51 -20.22 -47.79
N ASP S 200 3.89 -19.60 -48.78
CA ASP S 200 2.87 -20.26 -49.56
C ASP S 200 3.31 -20.44 -51.03
N MET S 201 4.55 -20.04 -51.31
CA MET S 201 5.19 -20.28 -52.61
C MET S 201 6.56 -20.88 -52.36
N ASP S 202 6.98 -21.79 -53.23
CA ASP S 202 8.35 -22.26 -53.29
C ASP S 202 9.28 -21.14 -53.74
N MET S 203 10.51 -21.14 -53.23
CA MET S 203 11.45 -20.05 -53.44
C MET S 203 12.74 -20.66 -54.00
N MET S 204 13.13 -20.23 -55.20
CA MET S 204 14.39 -20.69 -55.80
C MET S 204 15.38 -19.55 -55.84
N VAL S 205 16.68 -19.88 -55.84
CA VAL S 205 17.72 -18.86 -55.99
C VAL S 205 18.68 -19.13 -57.16
N ASP S 206 18.88 -18.09 -57.97
CA ASP S 206 19.88 -18.13 -59.01
C ASP S 206 21.05 -17.30 -58.54
N CYS S 207 22.20 -17.93 -58.39
CA CYS S 207 23.39 -17.28 -57.82
C CYS S 207 24.22 -16.55 -58.86
N LEU S 208 23.85 -16.69 -60.13
CA LEU S 208 24.62 -16.09 -61.21
C LEU S 208 26.14 -16.29 -61.05
N TYR S 209 26.55 -17.50 -60.72
CA TYR S 209 27.96 -17.86 -60.70
C TYR S 209 28.81 -17.01 -59.75
N ARG S 210 28.23 -16.61 -58.62
CA ARG S 210 28.96 -15.77 -57.65
C ARG S 210 30.23 -16.47 -57.11
N TRP S 211 30.13 -17.76 -56.83
CA TRP S 211 31.17 -18.42 -56.02
C TRP S 211 32.14 -19.25 -56.86
N THR S 212 33.40 -19.30 -56.42
CA THR S 212 34.38 -20.18 -57.02
C THR S 212 34.81 -21.28 -56.05
N ASP S 213 34.76 -21.01 -54.75
CA ASP S 213 35.16 -21.99 -53.72
C ASP S 213 33.92 -22.71 -53.15
N TRP S 214 33.82 -24.04 -53.31
CA TRP S 214 32.65 -24.75 -52.77
C TRP S 214 32.52 -24.60 -51.25
N GLN S 215 33.64 -24.53 -50.55
CA GLN S 215 33.61 -24.34 -49.11
C GLN S 215 32.97 -22.98 -48.75
N LYS S 216 33.08 -22.00 -49.66
CA LYS S 216 32.47 -20.72 -49.39
C LYS S 216 30.94 -20.69 -49.64
N ALA S 217 30.48 -21.29 -50.74
CA ALA S 217 29.05 -21.46 -50.93
C ALA S 217 28.45 -22.32 -49.81
N ARG S 218 29.19 -23.33 -49.38
CA ARG S 218 28.69 -24.24 -48.37
C ARG S 218 28.31 -23.44 -47.11
N TRP S 219 29.20 -22.56 -46.64
CA TRP S 219 28.93 -21.72 -45.49
C TRP S 219 27.67 -20.90 -45.68
N THR S 220 27.52 -20.31 -46.86
CA THR S 220 26.37 -19.45 -47.13
C THR S 220 25.04 -20.20 -46.97
N PHE S 221 24.93 -21.39 -47.56
CA PHE S 221 23.65 -22.07 -47.65
C PHE S 221 23.35 -22.95 -46.43
N ARG S 222 24.39 -23.27 -45.66
CA ARG S 222 24.18 -23.72 -44.29
C ARG S 222 23.47 -22.67 -43.45
N GLN S 223 23.86 -21.41 -43.58
CA GLN S 223 23.20 -20.31 -42.86
C GLN S 223 21.74 -20.19 -43.26
N LEU S 224 21.44 -20.49 -44.52
CA LEU S 224 20.10 -20.31 -45.10
C LEU S 224 19.22 -21.56 -45.03
N GLU S 225 19.65 -22.57 -44.28
CA GLU S 225 18.85 -23.78 -44.21
C GLU S 225 17.41 -23.54 -43.78
N ASP S 226 17.18 -22.53 -42.94
CA ASP S 226 15.83 -22.34 -42.40
C ASP S 226 14.87 -21.59 -43.29
N ILE S 227 15.35 -20.98 -44.39
CA ILE S 227 14.43 -20.40 -45.37
C ILE S 227 13.99 -21.40 -46.44
N ASP S 228 14.52 -22.62 -46.39
CA ASP S 228 13.91 -23.71 -47.15
C ASP S 228 13.89 -23.46 -48.64
N LEU S 229 15.04 -23.15 -49.20
CA LEU S 229 15.18 -22.97 -50.63
C LEU S 229 14.83 -24.26 -51.39
N TYR S 230 14.00 -24.15 -52.40
CA TYR S 230 13.64 -25.30 -53.23
C TYR S 230 14.86 -25.77 -54.04
N PHE S 231 15.58 -24.82 -54.62
CA PHE S 231 16.86 -25.13 -55.27
C PHE S 231 17.80 -23.93 -55.37
N ILE S 232 19.08 -24.25 -55.51
CA ILE S 232 20.15 -23.26 -55.70
C ILE S 232 20.83 -23.47 -57.05
N GLU S 233 20.80 -22.44 -57.91
CA GLU S 233 21.22 -22.54 -59.32
C GLU S 233 22.53 -21.77 -59.54
N ALA S 234 23.36 -22.26 -60.45
CA ALA S 234 24.54 -21.51 -60.90
C ALA S 234 25.39 -21.05 -59.73
N CYS S 235 25.66 -21.98 -58.82
CA CYS S 235 26.33 -21.64 -57.58
C CYS S 235 27.85 -21.54 -57.77
N LEU S 236 28.42 -22.54 -58.45
CA LEU S 236 29.84 -22.56 -58.69
C LEU S 236 30.06 -22.38 -60.17
N GLN S 237 31.31 -22.28 -60.58
CA GLN S 237 31.62 -22.10 -62.00
C GLN S 237 31.27 -23.36 -62.77
N HIS S 238 30.85 -23.16 -64.02
CA HIS S 238 30.16 -24.21 -64.80
C HIS S 238 30.99 -25.47 -65.06
N ASP S 239 32.30 -25.29 -65.23
CA ASP S 239 33.23 -26.41 -65.44
C ASP S 239 33.63 -27.15 -64.15
N ASP S 240 33.33 -26.56 -62.99
CA ASP S 240 33.80 -27.15 -61.74
C ASP S 240 32.88 -28.27 -61.24
N LEU S 241 32.99 -29.44 -61.86
CA LEU S 241 32.16 -30.60 -61.53
C LEU S 241 32.44 -31.16 -60.12
N ILE S 242 33.70 -31.23 -59.74
CA ILE S 242 34.05 -31.74 -58.41
C ILE S 242 33.54 -30.86 -57.27
N GLY S 243 33.70 -29.53 -57.41
CA GLY S 243 33.15 -28.57 -56.46
C GLY S 243 31.65 -28.75 -56.32
N HIS S 244 30.95 -28.91 -57.45
CA HIS S 244 29.51 -29.16 -57.42
C HIS S 244 29.19 -30.47 -56.68
N GLN S 245 29.94 -31.54 -56.97
CA GLN S 245 29.73 -32.79 -56.25
C GLN S 245 29.91 -32.65 -54.73
N LYS S 246 30.82 -31.78 -54.29
CA LYS S 246 31.08 -31.66 -52.87
C LYS S 246 30.02 -30.78 -52.20
N LEU S 247 29.59 -29.74 -52.91
CA LEU S 247 28.51 -28.89 -52.42
C LEU S 247 27.17 -29.63 -52.36
N ALA S 248 26.84 -30.38 -53.42
CA ALA S 248 25.58 -31.14 -53.42
C ALA S 248 25.45 -32.12 -52.24
N ALA S 249 26.54 -32.80 -51.90
CA ALA S 249 26.58 -33.73 -50.77
C ALA S 249 26.49 -33.01 -49.42
N ALA S 250 27.01 -31.79 -49.35
CA ALA S 250 27.03 -31.08 -48.08
C ALA S 250 25.69 -30.41 -47.71
N ILE S 251 24.95 -29.91 -48.71
CA ILE S 251 23.76 -29.11 -48.46
C ILE S 251 22.58 -30.03 -48.28
N ASN S 252 21.40 -29.47 -48.00
CA ASN S 252 20.23 -30.30 -47.74
C ASN S 252 19.00 -30.02 -48.63
N THR S 253 19.20 -29.30 -49.73
CA THR S 253 18.25 -29.28 -50.84
C THR S 253 18.88 -29.61 -52.17
N ARG S 254 18.18 -29.13 -53.21
CA ARG S 254 18.53 -29.33 -54.62
C ARG S 254 19.58 -28.33 -55.09
N LEU S 255 20.71 -28.87 -55.57
CA LEU S 255 21.66 -28.10 -56.36
C LEU S 255 21.37 -28.28 -57.86
N CYS S 256 21.46 -27.21 -58.63
CA CYS S 256 21.22 -27.27 -60.09
C CYS S 256 22.53 -27.26 -60.87
N GLY S 257 22.48 -27.60 -62.14
CA GLY S 257 23.67 -27.51 -62.97
C GLY S 257 23.36 -27.55 -64.45
N ALA S 258 24.41 -27.47 -65.28
CA ALA S 258 24.29 -27.69 -66.71
C ALA S 258 23.50 -26.61 -67.44
N GLU S 259 23.27 -25.48 -66.78
CA GLU S 259 22.57 -24.36 -67.41
C GLU S 259 23.15 -24.00 -68.78
N MET S 260 24.48 -24.00 -68.91
CA MET S 260 25.12 -23.54 -70.14
C MET S 260 25.56 -24.71 -71.03
N SER S 261 25.18 -25.94 -70.66
CA SER S 261 25.73 -27.11 -71.34
C SER S 261 25.01 -27.40 -72.65
N THR S 262 25.63 -28.20 -73.50
CA THR S 262 24.99 -28.67 -74.72
C THR S 262 25.14 -30.17 -74.83
N THR S 263 24.13 -30.80 -75.43
CA THR S 263 24.06 -32.25 -75.65
C THR S 263 23.75 -33.01 -74.37
N ARG S 264 23.16 -34.18 -74.54
CA ARG S 264 22.91 -35.14 -73.52
C ARG S 264 24.19 -35.71 -72.89
N PHE S 265 25.32 -35.67 -73.61
CA PHE S 265 26.57 -36.22 -73.05
C PHE S 265 27.05 -35.39 -71.86
N GLU S 266 26.86 -34.07 -71.93
CA GLU S 266 27.24 -33.22 -70.81
C GLU S 266 26.26 -33.38 -69.63
N ALA S 267 24.97 -33.36 -69.94
CA ALA S 267 23.92 -33.51 -68.94
C ALA S 267 24.19 -34.78 -68.13
N GLN S 268 24.45 -35.86 -68.85
CA GLN S 268 24.69 -37.14 -68.24
C GLN S 268 25.98 -37.14 -67.38
N GLU S 269 27.05 -36.50 -67.84
CA GLU S 269 28.25 -36.33 -67.00
C GLU S 269 27.98 -35.52 -65.71
N TRP S 270 27.22 -34.44 -65.80
CA TRP S 270 26.82 -33.68 -64.62
C TRP S 270 26.07 -34.60 -63.65
N LEU S 271 25.12 -35.35 -64.17
CA LEU S 271 24.24 -36.15 -63.34
C LEU S 271 25.05 -37.22 -62.58
N GLU S 272 25.88 -37.92 -63.33
CA GLU S 272 26.68 -39.00 -62.81
C GLU S 272 27.79 -38.54 -61.87
N LYS S 273 28.39 -37.40 -62.19
CA LYS S 273 29.56 -36.90 -61.49
C LYS S 273 29.23 -35.98 -60.29
N THR S 274 28.13 -35.24 -60.36
CA THR S 274 27.85 -34.25 -59.32
C THR S 274 26.65 -34.54 -58.43
N GLY S 275 25.78 -35.46 -58.86
CA GLY S 275 24.46 -35.65 -58.24
C GLY S 275 23.63 -34.37 -58.10
N ILE S 276 23.73 -33.45 -59.07
CA ILE S 276 22.76 -32.35 -59.13
C ILE S 276 21.35 -32.93 -59.23
N SER S 277 20.37 -32.21 -58.69
CA SER S 277 18.99 -32.71 -58.63
C SER S 277 18.13 -32.07 -59.70
N VAL S 278 18.61 -30.99 -60.29
CA VAL S 278 17.88 -30.29 -61.35
C VAL S 278 18.83 -29.97 -62.49
N VAL S 279 18.50 -30.44 -63.70
CA VAL S 279 19.29 -30.17 -64.89
C VAL S 279 18.64 -29.01 -65.66
N GLN S 280 19.45 -28.08 -66.16
CA GLN S 280 18.90 -26.85 -66.71
C GLN S 280 19.26 -26.62 -68.18
N SER S 281 19.64 -27.69 -68.87
CA SER S 281 19.90 -27.65 -70.32
C SER S 281 18.85 -26.82 -71.07
N ASP S 282 19.33 -25.85 -71.85
CA ASP S 282 18.49 -24.82 -72.48
C ASP S 282 17.85 -25.27 -73.81
N TYR S 283 16.58 -24.91 -74.02
CA TYR S 283 15.85 -25.26 -75.25
C TYR S 283 16.56 -24.82 -76.53
N ASN S 284 17.15 -23.63 -76.50
CA ASN S 284 17.74 -23.07 -77.71
C ASN S 284 19.26 -23.16 -77.76
N ARG S 285 19.82 -23.99 -76.88
CA ARG S 285 21.26 -24.17 -76.78
C ARG S 285 21.66 -25.65 -76.92
N CYS S 286 20.94 -26.53 -76.23
CA CYS S 286 21.45 -27.86 -75.92
C CYS S 286 21.25 -28.90 -77.02
N GLY S 287 20.48 -28.57 -78.05
CA GLY S 287 20.15 -29.49 -79.12
C GLY S 287 18.69 -29.41 -79.49
N GLY S 288 17.88 -28.91 -78.57
CA GLY S 288 16.46 -28.69 -78.85
C GLY S 288 15.58 -29.66 -78.11
N VAL S 289 14.31 -29.69 -78.48
CA VAL S 289 13.36 -30.59 -77.85
C VAL S 289 13.77 -32.07 -77.98
N THR S 290 14.33 -32.43 -79.14
CA THR S 290 14.70 -33.83 -79.40
C THR S 290 15.77 -34.30 -78.42
N GLU S 291 16.78 -33.47 -78.20
CA GLU S 291 17.83 -33.83 -77.25
C GLU S 291 17.32 -33.71 -75.81
N LEU S 292 16.46 -32.71 -75.55
CA LEU S 292 15.86 -32.57 -74.23
C LEU S 292 15.07 -33.80 -73.83
N LEU S 293 14.37 -34.41 -74.79
CA LEU S 293 13.61 -35.63 -74.51
C LEU S 293 14.54 -36.77 -74.06
N ARG S 294 15.72 -36.84 -74.68
CA ARG S 294 16.75 -37.81 -74.26
C ARG S 294 17.32 -37.50 -72.86
N ILE S 295 17.59 -36.23 -72.60
CA ILE S 295 18.04 -35.79 -71.27
C ILE S 295 16.99 -36.16 -70.20
N MET S 296 15.71 -36.05 -70.59
CA MET S 296 14.57 -36.32 -69.67
C MET S 296 14.61 -37.78 -69.19
N ASP S 297 14.86 -38.69 -70.13
CA ASP S 297 14.89 -40.12 -69.83
C ASP S 297 16.10 -40.41 -68.95
N ILE S 298 17.20 -39.70 -69.18
CA ILE S 298 18.36 -39.83 -68.31
C ILE S 298 18.16 -39.22 -66.90
N CYS S 299 17.49 -38.06 -66.82
CA CYS S 299 17.09 -37.54 -65.51
C CYS S 299 16.18 -38.50 -64.74
N GLU S 300 15.21 -39.11 -65.43
CA GLU S 300 14.27 -40.01 -64.78
C GLU S 300 15.04 -41.08 -64.04
N HIS S 301 16.07 -41.62 -64.68
CA HIS S 301 16.86 -42.70 -64.09
C HIS S 301 17.50 -42.27 -62.76
N HIS S 302 18.00 -41.04 -62.72
CA HIS S 302 18.69 -40.53 -61.54
C HIS S 302 17.75 -39.88 -60.53
N ASN S 303 16.45 -39.92 -60.82
CA ASN S 303 15.45 -39.17 -60.07
C ASN S 303 15.80 -37.69 -59.99
N ALA S 304 16.33 -37.15 -61.08
CA ALA S 304 16.55 -35.71 -61.17
C ALA S 304 15.42 -35.04 -61.95
N GLN S 305 15.18 -33.77 -61.66
CA GLN S 305 14.21 -33.02 -62.46
C GLN S 305 14.89 -32.32 -63.61
N LEU S 306 14.15 -32.07 -64.68
CA LEU S 306 14.68 -31.35 -65.82
C LEU S 306 13.91 -30.06 -65.92
N MET S 307 14.59 -28.94 -65.71
CA MET S 307 13.93 -27.62 -65.76
C MET S 307 14.73 -26.73 -66.69
N PRO S 308 14.48 -26.85 -68.00
CA PRO S 308 15.37 -26.26 -69.00
C PRO S 308 15.42 -24.74 -68.90
N HIS S 309 16.62 -24.17 -68.94
CA HIS S 309 16.78 -22.73 -68.91
C HIS S 309 15.91 -22.06 -69.98
N ASN S 310 15.19 -21.01 -69.57
CA ASN S 310 14.18 -20.38 -70.42
C ASN S 310 14.20 -18.88 -70.22
N TRP S 311 15.06 -18.19 -70.97
CA TRP S 311 15.09 -16.74 -70.91
C TRP S 311 15.38 -16.21 -72.30
N LYS S 312 14.37 -16.23 -73.16
CA LYS S 312 14.54 -15.73 -74.52
C LYS S 312 13.31 -14.95 -74.93
N THR S 313 12.50 -15.54 -75.81
CA THR S 313 11.39 -14.88 -76.44
C THR S 313 10.14 -15.72 -76.19
N GLY S 314 8.96 -15.18 -76.55
CA GLY S 314 7.74 -15.99 -76.56
C GLY S 314 7.79 -17.22 -77.49
N ILE S 315 8.79 -17.27 -78.37
CA ILE S 315 8.97 -18.45 -79.21
C ILE S 315 9.40 -19.66 -78.37
N THR S 316 10.44 -19.49 -77.58
CA THR S 316 10.85 -20.51 -76.62
C THR S 316 9.79 -20.73 -75.54
N ALA S 317 9.09 -19.66 -75.14
CA ALA S 317 8.01 -19.84 -74.17
C ALA S 317 6.97 -20.84 -74.68
N ALA S 318 6.69 -20.81 -75.97
CA ALA S 318 5.73 -21.76 -76.53
C ALA S 318 6.32 -23.18 -76.49
N ALA S 319 7.61 -23.31 -76.78
CA ALA S 319 8.28 -24.61 -76.67
C ALA S 319 8.25 -25.11 -75.21
N ALA S 320 8.54 -24.22 -74.28
CA ALA S 320 8.41 -24.52 -72.87
C ALA S 320 7.01 -25.01 -72.47
N ARG S 321 5.96 -24.38 -73.01
CA ARG S 321 4.60 -24.81 -72.65
C ARG S 321 4.34 -26.24 -73.10
N HIS S 322 4.76 -26.56 -74.31
CA HIS S 322 4.52 -27.88 -74.88
C HIS S 322 5.38 -28.93 -74.19
N PHE S 323 6.65 -28.63 -74.02
CA PHE S 323 7.54 -29.56 -73.37
C PHE S 323 7.16 -29.81 -71.89
N GLY S 324 6.87 -28.73 -71.16
CA GLY S 324 6.59 -28.87 -69.73
C GLY S 324 5.35 -29.69 -69.39
N ILE S 325 4.38 -29.74 -70.30
CA ILE S 325 3.15 -30.49 -70.05
C ILE S 325 3.39 -31.98 -70.29
N VAL S 326 4.50 -32.27 -70.97
CA VAL S 326 4.93 -33.62 -71.32
C VAL S 326 5.97 -34.11 -70.30
N CYS S 327 6.69 -33.17 -69.70
CA CYS S 327 7.81 -33.52 -68.85
C CYS S 327 7.32 -33.87 -67.45
N HIS S 328 6.93 -35.14 -67.26
CA HIS S 328 6.24 -35.56 -66.05
C HIS S 328 7.14 -35.69 -64.82
N ILE S 329 8.46 -35.75 -65.02
CA ILE S 329 9.40 -35.83 -63.90
C ILE S 329 9.59 -34.46 -63.22
N SER S 330 9.02 -33.43 -63.82
CA SER S 330 9.29 -32.07 -63.39
C SER S 330 8.07 -31.40 -62.81
N GLU S 331 8.17 -31.02 -61.53
CA GLU S 331 7.12 -30.32 -60.79
C GLU S 331 6.85 -28.95 -61.41
N TYR S 332 7.93 -28.28 -61.80
CA TYR S 332 7.88 -26.93 -62.36
C TYR S 332 8.77 -26.95 -63.60
N VAL S 333 8.64 -25.94 -64.46
CA VAL S 333 9.70 -25.62 -65.40
C VAL S 333 9.91 -24.12 -65.34
N GLU S 334 11.10 -23.66 -65.72
CA GLU S 334 11.32 -22.23 -65.72
C GLU S 334 10.45 -21.53 -66.75
N TYR S 335 9.88 -20.40 -66.36
CA TYR S 335 9.08 -19.63 -67.30
C TYR S 335 9.34 -18.15 -67.16
N LEU S 336 9.58 -17.48 -68.29
CA LEU S 336 9.63 -16.02 -68.37
C LEU S 336 8.33 -15.45 -68.94
N HIS S 337 7.53 -14.82 -68.08
CA HIS S 337 6.22 -14.30 -68.47
C HIS S 337 6.23 -12.78 -68.57
N PRO S 338 5.50 -12.23 -69.55
CA PRO S 338 5.54 -10.78 -69.74
C PRO S 338 5.05 -9.97 -68.53
N ASP S 339 4.27 -10.59 -67.65
CA ASP S 339 3.87 -9.94 -66.41
C ASP S 339 5.06 -9.56 -65.54
N PHE S 340 6.19 -10.25 -65.71
CA PHE S 340 7.33 -10.05 -64.80
C PHE S 340 8.56 -9.43 -65.46
N TRP S 341 8.47 -9.11 -66.74
CA TRP S 341 9.64 -8.60 -67.43
C TRP S 341 9.24 -7.71 -68.60
N ASN S 342 9.87 -6.54 -68.68
CA ASN S 342 9.53 -5.55 -69.69
C ASN S 342 10.45 -5.48 -70.91
N GLY S 343 11.22 -6.53 -71.15
CA GLY S 343 12.02 -6.60 -72.36
C GLY S 343 11.14 -6.36 -73.58
N THR S 344 11.68 -5.68 -74.57
CA THR S 344 10.90 -5.35 -75.76
C THR S 344 10.41 -6.63 -76.44
N LEU S 345 11.34 -7.56 -76.67
CA LEU S 345 11.03 -8.80 -77.34
C LEU S 345 9.98 -9.57 -76.59
N THR S 346 10.18 -9.73 -75.28
CA THR S 346 9.21 -10.37 -74.40
C THR S 346 7.80 -9.80 -74.52
N GLN S 347 7.71 -8.47 -74.62
CA GLN S 347 6.43 -7.75 -74.65
C GLN S 347 5.80 -7.74 -76.03
N GLN S 348 6.64 -7.70 -77.07
CA GLN S 348 6.19 -7.28 -78.39
C GLN S 348 6.37 -8.29 -79.53
N LEU S 349 7.20 -9.32 -79.33
CA LEU S 349 7.51 -10.24 -80.43
C LEU S 349 6.38 -11.21 -80.74
N THR S 350 5.68 -11.66 -79.70
CA THR S 350 4.57 -12.60 -79.87
C THR S 350 3.28 -12.01 -79.32
N LEU S 351 2.14 -12.52 -79.78
CA LEU S 351 0.85 -11.95 -79.36
C LEU S 351 0.02 -12.90 -78.53
N ASN S 352 -0.93 -12.33 -77.80
CA ASN S 352 -1.92 -13.11 -77.06
C ASN S 352 -1.27 -14.26 -76.25
N GLU S 353 -0.15 -13.94 -75.58
CA GLU S 353 0.47 -14.83 -74.59
C GLU S 353 -0.53 -15.26 -73.53
N PRO S 354 -0.58 -16.57 -73.24
CA PRO S 354 -1.57 -17.05 -72.28
C PRO S 354 -1.30 -16.47 -70.90
N LYS S 355 -2.37 -16.15 -70.19
CA LYS S 355 -2.30 -15.48 -68.91
C LYS S 355 -1.96 -16.52 -67.80
N ILE S 356 -1.42 -16.06 -66.68
CA ILE S 356 -1.26 -16.93 -65.53
C ILE S 356 -2.55 -16.96 -64.74
N ILE S 357 -3.11 -18.15 -64.55
CA ILE S 357 -4.37 -18.33 -63.83
C ILE S 357 -4.16 -19.39 -62.77
N ASP S 358 -4.26 -18.97 -61.50
CA ASP S 358 -4.02 -19.85 -60.37
C ASP S 358 -2.66 -20.57 -60.49
N GLY S 359 -1.65 -19.84 -60.97
CA GLY S 359 -0.28 -20.35 -61.05
C GLY S 359 -0.01 -21.26 -62.23
N ALA S 360 -1.05 -21.46 -63.06
CA ALA S 360 -0.98 -22.34 -64.21
C ALA S 360 -1.06 -21.54 -65.50
N ILE S 361 -0.49 -22.08 -66.56
CA ILE S 361 -0.76 -21.51 -67.87
C ILE S 361 -1.28 -22.57 -68.84
N GLU S 362 -2.38 -22.26 -69.52
CA GLU S 362 -2.98 -23.17 -70.51
C GLU S 362 -2.01 -23.50 -71.63
N VAL S 363 -1.95 -24.76 -72.00
CA VAL S 363 -1.28 -25.19 -73.22
C VAL S 363 -2.37 -25.51 -74.24
N SER S 364 -2.45 -24.74 -75.30
CA SER S 364 -3.57 -24.86 -76.23
C SER S 364 -3.38 -26.05 -77.16
N ASP S 365 -4.49 -26.51 -77.72
CA ASP S 365 -4.47 -27.53 -78.73
C ASP S 365 -4.22 -26.96 -80.14
N LYS S 366 -3.81 -25.69 -80.24
CA LYS S 366 -3.42 -25.15 -81.55
C LYS S 366 -2.21 -25.88 -82.13
N PRO S 367 -2.26 -26.16 -83.45
CA PRO S 367 -1.24 -26.91 -84.16
C PRO S 367 0.16 -26.39 -83.90
N GLY S 368 1.14 -27.29 -83.90
CA GLY S 368 2.53 -26.92 -83.70
C GLY S 368 2.73 -26.31 -82.34
N LEU S 369 3.64 -25.35 -82.25
CA LEU S 369 3.93 -24.71 -80.98
C LEU S 369 2.87 -23.70 -80.57
N GLY S 370 1.96 -23.35 -81.49
CA GLY S 370 0.88 -22.44 -81.18
C GLY S 370 1.40 -21.04 -80.99
N ILE S 371 2.38 -20.66 -81.81
CA ILE S 371 2.95 -19.32 -81.71
C ILE S 371 2.17 -18.32 -82.55
N GLU S 372 1.87 -17.19 -81.93
CA GLU S 372 1.28 -16.06 -82.64
C GLU S 372 2.32 -14.96 -82.74
N LEU S 373 2.98 -14.88 -83.89
CA LEU S 373 4.10 -13.95 -84.08
C LEU S 373 3.60 -12.56 -84.41
N ASN S 374 4.33 -11.52 -83.99
CA ASN S 374 3.97 -10.14 -84.31
C ASN S 374 4.61 -9.71 -85.63
N ILE S 375 3.99 -10.10 -86.74
CA ILE S 375 4.53 -9.83 -88.08
C ILE S 375 4.93 -8.37 -88.29
N GLU S 376 4.02 -7.46 -87.95
CA GLU S 376 4.26 -6.01 -88.09
C GLU S 376 5.51 -5.61 -87.34
N PHE S 377 5.64 -6.07 -86.09
CA PHE S 377 6.86 -5.87 -85.31
C PHE S 377 8.09 -6.49 -85.96
N VAL S 378 7.98 -7.73 -86.45
CA VAL S 378 9.15 -8.38 -87.01
C VAL S 378 9.60 -7.72 -88.31
N GLU S 379 8.64 -7.38 -89.16
CA GLU S 379 8.92 -6.58 -90.35
C GLU S 379 9.48 -5.20 -90.01
N GLN S 380 9.03 -4.61 -88.90
CA GLN S 380 9.63 -3.37 -88.41
C GLN S 380 11.12 -3.51 -88.14
N VAL S 381 11.49 -4.45 -87.28
CA VAL S 381 12.84 -4.48 -86.70
C VAL S 381 13.89 -5.06 -87.64
N THR S 382 13.48 -5.94 -88.55
CA THR S 382 14.39 -6.52 -89.52
C THR S 382 14.63 -5.63 -90.75
N GLY S 383 13.57 -5.02 -91.26
CA GLY S 383 13.62 -4.31 -92.54
C GLY S 383 13.12 -5.15 -93.72
N HIS S 384 13.14 -6.47 -93.53
CA HIS S 384 12.68 -7.40 -94.56
C HIS S 384 11.34 -8.01 -94.19
N LYS S 385 10.40 -7.98 -95.13
CA LYS S 385 9.04 -8.48 -94.87
C LYS S 385 8.97 -10.02 -94.77
N PHE S 386 8.04 -10.52 -93.96
CA PHE S 386 7.92 -11.97 -93.74
C PHE S 386 7.49 -12.72 -94.99
N ALA T 5 10.08 -87.07 -31.83
CA ALA T 5 10.47 -86.96 -30.39
C ALA T 5 11.80 -86.23 -30.22
N ASN T 6 12.00 -85.66 -29.04
CA ASN T 6 13.11 -84.77 -28.80
C ASN T 6 14.42 -85.50 -28.58
N ILE T 7 15.51 -84.78 -28.70
CA ILE T 7 16.85 -85.31 -28.53
C ILE T 7 17.09 -85.52 -27.04
N VAL T 8 17.70 -86.65 -26.67
CA VAL T 8 17.97 -86.93 -25.27
C VAL T 8 19.46 -86.97 -25.00
N SER T 9 20.25 -87.37 -26.00
CA SER T 9 21.68 -87.48 -25.80
C SER T 9 22.49 -87.15 -27.05
N VAL T 10 23.70 -86.66 -26.83
CA VAL T 10 24.70 -86.42 -27.88
C VAL T 10 26.04 -86.97 -27.37
N GLU T 11 26.64 -87.85 -28.17
CA GLU T 11 27.89 -88.49 -27.78
C GLU T 11 28.91 -88.29 -28.88
N PHE T 12 30.08 -87.77 -28.51
CA PHE T 12 31.22 -87.68 -29.42
C PHE T 12 32.11 -88.90 -29.19
N ILE T 13 32.17 -89.77 -30.17
CA ILE T 13 32.82 -91.07 -30.03
C ILE T 13 34.10 -91.14 -30.88
N PRO T 14 35.27 -91.01 -30.22
CA PRO T 14 36.56 -90.95 -30.89
C PRO T 14 36.92 -92.26 -31.56
N VAL T 15 37.48 -92.18 -32.76
CA VAL T 15 37.86 -93.37 -33.50
C VAL T 15 39.31 -93.23 -33.96
N ASN T 16 40.21 -93.91 -33.24
CA ASN T 16 41.65 -93.85 -33.50
C ASN T 16 42.11 -95.10 -34.22
N VAL T 17 42.54 -94.94 -35.46
CA VAL T 17 43.03 -96.07 -36.26
C VAL T 17 44.31 -95.67 -36.98
N ALA T 18 45.45 -96.18 -36.53
CA ALA T 18 46.73 -95.73 -37.08
C ALA T 18 47.17 -96.58 -38.27
N SER T 23 47.59 -92.26 -40.36
CA SER T 23 46.85 -91.87 -39.16
C SER T 23 45.38 -91.54 -39.50
N GLU T 24 44.64 -92.58 -39.88
CA GLU T 24 43.20 -92.50 -40.14
C GLU T 24 42.45 -92.31 -38.84
N ASN T 25 41.59 -91.31 -38.79
CA ASN T 25 40.66 -91.20 -37.67
C ASN T 25 39.56 -90.16 -37.78
N THR T 26 38.59 -90.25 -36.87
CA THR T 26 37.38 -89.47 -36.96
C THR T 26 36.69 -89.41 -35.59
N VAL T 27 35.68 -88.55 -35.49
CA VAL T 27 34.83 -88.51 -34.34
C VAL T 27 33.42 -88.81 -34.81
N ILE T 28 32.89 -89.96 -34.38
CA ILE T 28 31.49 -90.26 -34.61
C ILE T 28 30.63 -89.47 -33.62
N VAL T 29 29.65 -88.75 -34.15
CA VAL T 29 28.70 -88.03 -33.32
C VAL T 29 27.36 -88.78 -33.37
N LYS T 30 26.93 -89.30 -32.23
CA LYS T 30 25.67 -90.02 -32.15
C LYS T 30 24.65 -89.22 -31.33
N VAL T 31 23.58 -88.82 -32.02
CA VAL T 31 22.46 -88.12 -31.42
C VAL T 31 21.26 -89.08 -31.32
N THR T 32 20.71 -89.19 -30.11
CA THR T 32 19.64 -90.16 -29.80
C THR T 32 18.37 -89.46 -29.30
N ASP T 33 17.21 -89.89 -29.79
CA ASP T 33 15.95 -89.29 -29.35
C ASP T 33 15.26 -90.12 -28.26
N GLU T 34 14.10 -89.66 -27.80
CA GLU T 34 13.40 -90.25 -26.65
C GLU T 34 13.12 -91.74 -26.83
N ASN T 35 12.82 -92.14 -28.06
CA ASN T 35 12.49 -93.54 -28.37
C ASN T 35 13.71 -94.43 -28.61
N GLY T 36 14.91 -93.85 -28.54
CA GLY T 36 16.12 -94.62 -28.81
C GLY T 36 16.58 -94.69 -30.25
N VAL T 37 15.91 -93.95 -31.14
CA VAL T 37 16.38 -93.79 -32.51
C VAL T 37 17.59 -92.84 -32.51
N TYR T 38 18.58 -93.10 -33.35
CA TYR T 38 19.73 -92.21 -33.41
C TYR T 38 20.09 -91.74 -34.82
N GLY T 39 20.88 -90.69 -34.90
CA GLY T 39 21.45 -90.24 -36.16
C GLY T 39 22.95 -90.21 -36.02
N LEU T 40 23.67 -90.43 -37.13
CA LEU T 40 25.15 -90.39 -37.09
C LEU T 40 25.72 -89.29 -37.98
N GLY T 41 26.76 -88.63 -37.47
CA GLY T 41 27.51 -87.66 -38.24
C GLY T 41 28.94 -87.81 -37.86
N GLU T 42 29.82 -87.08 -38.54
CA GLU T 42 31.21 -87.00 -38.08
C GLU T 42 31.79 -85.60 -38.03
N ALA T 43 32.61 -85.37 -37.02
CA ALA T 43 33.31 -84.11 -36.84
C ALA T 43 34.77 -84.32 -37.14
N ASP T 44 35.34 -83.37 -37.88
CA ASP T 44 36.78 -83.34 -38.07
C ASP T 44 37.45 -82.90 -36.78
N GLY T 45 38.78 -83.07 -36.73
CA GLY T 45 39.58 -82.66 -35.58
C GLY T 45 40.18 -83.84 -34.82
N PRO T 46 41.21 -83.57 -33.99
CA PRO T 46 41.84 -84.65 -33.23
C PRO T 46 40.84 -85.22 -32.23
N PRO T 47 40.66 -86.55 -32.24
CA PRO T 47 39.42 -87.07 -31.67
C PRO T 47 39.25 -86.84 -30.17
N GLU T 48 40.28 -87.13 -29.38
CA GLU T 48 40.18 -86.96 -27.93
C GLU T 48 39.93 -85.49 -27.63
N CYS T 49 40.57 -84.63 -28.39
CA CYS T 49 40.38 -83.21 -28.21
C CYS T 49 38.94 -82.81 -28.54
N MET T 50 38.37 -83.41 -29.58
CA MET T 50 36.99 -83.11 -29.92
C MET T 50 36.03 -83.68 -28.88
N LYS T 51 36.38 -84.82 -28.29
CA LYS T 51 35.58 -85.35 -27.18
C LYS T 51 35.55 -84.40 -25.98
N ALA T 52 36.70 -83.91 -25.56
CA ALA T 52 36.80 -82.97 -24.44
C ALA T 52 36.03 -81.68 -24.74
N PHE T 53 36.07 -81.22 -25.98
CA PHE T 53 35.36 -80.00 -26.36
C PHE T 53 33.85 -80.15 -26.17
N SER T 54 33.32 -81.34 -26.46
CA SER T 54 31.89 -81.58 -26.34
C SER T 54 31.47 -81.83 -24.89
N GLU T 55 32.46 -81.90 -24.00
CA GLU T 55 32.20 -82.15 -22.58
C GLU T 55 32.53 -80.97 -21.67
N ILE T 56 32.72 -79.79 -22.23
CA ILE T 56 33.06 -78.64 -21.39
C ILE T 56 31.93 -78.23 -20.45
N GLU T 57 32.30 -77.51 -19.42
CA GLU T 57 31.36 -76.91 -18.49
C GLU T 57 30.76 -75.66 -19.12
N ASN T 58 29.50 -75.38 -18.83
CA ASN T 58 28.90 -74.05 -19.04
C ASN T 58 29.62 -72.94 -18.27
N GLU T 59 29.87 -71.80 -18.91
CA GLU T 59 30.52 -70.67 -18.22
C GLU T 59 29.73 -69.35 -18.29
N HIS T 60 29.29 -68.96 -19.48
CA HIS T 60 28.56 -67.71 -19.65
C HIS T 60 27.76 -67.70 -20.95
N LYS T 61 27.17 -66.55 -21.26
CA LYS T 61 26.21 -66.41 -22.36
C LYS T 61 26.71 -66.91 -23.74
N TRP T 62 28.01 -66.80 -23.98
CA TRP T 62 28.54 -67.25 -25.28
C TRP T 62 29.54 -68.38 -25.12
N LEU T 63 29.50 -69.02 -23.96
CA LEU T 63 30.37 -70.15 -23.68
C LEU T 63 29.63 -71.23 -22.92
N ASN T 64 28.90 -72.06 -23.67
CA ASN T 64 28.17 -73.18 -23.11
C ASN T 64 28.53 -74.53 -23.76
N ASN T 65 28.16 -75.62 -23.10
CA ASN T 65 28.30 -76.93 -23.67
C ASN T 65 27.45 -77.04 -24.92
N ILE T 66 28.08 -77.44 -26.02
CA ILE T 66 27.41 -77.46 -27.32
C ILE T 66 26.18 -78.38 -27.35
N LYS T 67 26.22 -79.47 -26.57
CA LYS T 67 25.12 -80.44 -26.57
C LYS T 67 23.84 -79.83 -26.02
N GLU T 68 24.00 -78.88 -25.10
CA GLU T 68 22.89 -78.25 -24.43
C GLU T 68 22.06 -77.36 -25.34
N ALA T 69 22.55 -77.10 -26.55
CA ALA T 69 21.79 -76.33 -27.54
C ALA T 69 20.76 -77.19 -28.28
N VAL T 70 20.91 -78.51 -28.20
CA VAL T 70 20.05 -79.44 -28.95
C VAL T 70 19.31 -80.45 -28.07
N ILE T 71 19.86 -80.80 -26.91
CA ILE T 71 19.17 -81.70 -25.98
C ILE T 71 17.78 -81.14 -25.64
N GLY T 72 16.73 -81.95 -25.80
CA GLY T 72 15.38 -81.45 -25.56
C GLY T 72 14.78 -80.73 -26.77
N ARG T 73 15.47 -80.76 -27.91
CA ARG T 73 14.96 -80.12 -29.12
C ARG T 73 14.52 -81.11 -30.20
N ASP T 74 13.75 -80.62 -31.16
CA ASP T 74 13.27 -81.43 -32.26
C ASP T 74 14.32 -81.39 -33.39
N PRO T 75 14.80 -82.55 -33.84
CA PRO T 75 15.91 -82.52 -34.82
C PRO T 75 15.54 -81.97 -36.22
N LEU T 76 14.26 -81.81 -36.51
CA LEU T 76 13.82 -81.25 -37.80
C LEU T 76 14.14 -79.76 -37.95
N GLU T 77 14.32 -79.08 -36.82
CA GLU T 77 14.46 -77.62 -36.79
C GLU T 77 15.92 -77.23 -37.04
N PHE T 78 16.35 -77.46 -38.29
CA PHE T 78 17.74 -77.38 -38.65
C PHE T 78 18.35 -76.02 -38.39
N ARG T 79 17.66 -74.97 -38.84
CA ARG T 79 18.18 -73.61 -38.72
C ARG T 79 18.21 -73.20 -37.26
N ALA T 80 17.11 -73.40 -36.54
CA ALA T 80 17.08 -73.06 -35.11
C ALA T 80 18.20 -73.76 -34.36
N ASN T 81 18.35 -75.07 -34.58
CA ASN T 81 19.37 -75.85 -33.88
C ASN T 81 20.78 -75.44 -34.24
N TYR T 82 21.03 -75.20 -35.53
CA TYR T 82 22.34 -74.67 -35.93
C TYR T 82 22.63 -73.31 -35.27
N ASN T 83 21.66 -72.40 -35.34
CA ASN T 83 21.84 -71.05 -34.82
C ASN T 83 22.05 -71.09 -33.31
N ARG T 84 21.32 -71.97 -32.64
CA ARG T 84 21.51 -72.09 -31.20
C ARG T 84 22.89 -72.63 -30.81
N MET T 85 23.38 -73.66 -31.50
CA MET T 85 24.72 -74.17 -31.23
C MET T 85 25.74 -73.06 -31.46
N TYR T 86 25.63 -72.39 -32.60
CA TYR T 86 26.60 -71.37 -32.97
C TYR T 86 26.59 -70.24 -31.95
N ASP T 87 25.40 -69.79 -31.56
CA ASP T 87 25.30 -68.61 -30.70
C ASP T 87 25.79 -68.90 -29.28
N THR T 88 25.38 -70.04 -28.74
CA THR T 88 25.73 -70.39 -27.37
C THR T 88 27.21 -70.77 -27.20
N THR T 89 27.91 -71.01 -28.31
CA THR T 89 29.35 -71.34 -28.27
C THR T 89 30.22 -70.31 -28.93
N LYS T 90 29.65 -69.16 -29.26
CA LYS T 90 30.43 -68.12 -29.95
C LYS T 90 31.84 -67.92 -29.37
N TRP T 91 31.94 -67.77 -28.05
CA TRP T 91 33.22 -67.43 -27.44
C TRP T 91 34.40 -68.38 -27.75
N ILE T 92 34.10 -69.66 -27.98
CA ILE T 92 35.13 -70.67 -28.27
C ILE T 92 34.99 -71.27 -29.68
N GLY T 93 33.87 -70.98 -30.33
CA GLY T 93 33.62 -71.42 -31.71
C GLY T 93 33.74 -70.27 -32.69
N MET T 94 32.66 -70.03 -33.44
CA MET T 94 32.58 -68.96 -34.44
C MET T 94 33.44 -69.28 -35.68
N ARG T 95 34.70 -69.61 -35.46
CA ARG T 95 35.53 -70.16 -36.55
C ARG T 95 36.39 -71.30 -36.05
N GLY T 96 36.89 -72.11 -36.98
CA GLY T 96 37.85 -73.14 -36.65
C GLY T 96 37.25 -74.30 -35.89
N LEU T 97 38.03 -74.84 -34.96
CA LEU T 97 37.71 -76.10 -34.29
C LEU T 97 36.30 -76.22 -33.71
N GLY T 98 35.78 -75.15 -33.12
CA GLY T 98 34.39 -75.15 -32.64
C GLY T 98 33.38 -75.48 -33.72
N LEU T 99 33.69 -75.06 -34.94
CA LEU T 99 32.83 -75.34 -36.09
C LEU T 99 32.81 -76.79 -36.56
N PHE T 100 33.92 -77.49 -36.37
CA PHE T 100 33.95 -78.94 -36.57
C PHE T 100 32.89 -79.65 -35.71
N ALA T 101 32.75 -79.22 -34.46
CA ALA T 101 31.79 -79.85 -33.51
C ALA T 101 30.33 -79.61 -33.93
N ILE T 102 30.03 -78.40 -34.39
CA ILE T 102 28.71 -78.14 -34.94
C ILE T 102 28.42 -78.94 -36.21
N SER T 103 29.41 -79.08 -37.08
CA SER T 103 29.27 -79.86 -38.32
C SER T 103 28.84 -81.31 -38.06
N GLY T 104 29.52 -82.00 -37.14
CA GLY T 104 29.16 -83.38 -36.82
C GLY T 104 27.76 -83.57 -36.22
N ILE T 105 27.37 -82.72 -35.28
CA ILE T 105 26.01 -82.76 -34.75
C ILE T 105 24.96 -82.46 -35.83
N ASP T 106 25.13 -81.33 -36.53
CA ASP T 106 24.30 -80.99 -37.68
C ASP T 106 24.08 -82.18 -38.66
N MET T 107 25.17 -82.84 -39.06
CA MET T 107 25.09 -84.02 -39.95
C MET T 107 24.22 -85.12 -39.33
N ALA T 108 24.44 -85.39 -38.03
CA ALA T 108 23.68 -86.41 -37.34
C ALA T 108 22.20 -86.06 -37.23
N LEU T 109 21.90 -84.76 -37.30
CA LEU T 109 20.52 -84.32 -37.09
C LEU T 109 19.69 -84.56 -38.34
N TYR T 110 20.31 -84.45 -39.51
CA TYR T 110 19.62 -84.82 -40.76
C TYR T 110 19.39 -86.31 -40.81
N ASP T 111 20.33 -87.06 -40.28
CA ASP T 111 20.20 -88.52 -40.21
C ASP T 111 19.07 -88.94 -39.24
N LEU T 112 19.06 -88.34 -38.05
CA LEU T 112 17.99 -88.56 -37.08
C LEU T 112 16.62 -88.11 -37.62
N ALA T 113 16.48 -86.86 -38.02
CA ALA T 113 15.18 -86.39 -38.48
C ALA T 113 14.63 -87.23 -39.61
N GLY T 114 15.49 -87.56 -40.58
CA GLY T 114 15.14 -88.51 -41.62
C GLY T 114 14.61 -89.83 -41.07
N LYS T 115 15.36 -90.47 -40.17
CA LYS T 115 14.88 -91.72 -39.55
C LYS T 115 13.57 -91.55 -38.76
N GLN T 116 13.38 -90.38 -38.12
CA GLN T 116 12.15 -90.14 -37.35
C GLN T 116 10.97 -90.01 -38.30
N LEU T 117 11.20 -89.42 -39.46
CA LEU T 117 10.09 -89.13 -40.36
C LEU T 117 9.90 -90.20 -41.41
N GLY T 118 10.86 -91.11 -41.53
CA GLY T 118 10.89 -92.11 -42.60
C GLY T 118 11.19 -91.54 -43.99
N VAL T 119 11.96 -90.45 -44.06
CA VAL T 119 12.36 -89.90 -45.36
C VAL T 119 13.88 -89.78 -45.55
N PRO T 120 14.34 -89.91 -46.81
CA PRO T 120 15.77 -89.79 -47.07
C PRO T 120 16.24 -88.39 -46.70
N ALA T 121 17.47 -88.25 -46.22
CA ALA T 121 17.95 -86.92 -45.86
C ALA T 121 17.84 -85.88 -46.99
N TYR T 122 18.01 -86.28 -48.25
CA TYR T 122 17.96 -85.29 -49.33
C TYR T 122 16.63 -84.53 -49.44
N LYS T 123 15.52 -85.14 -49.02
CA LYS T 123 14.24 -84.42 -49.03
C LYS T 123 14.22 -83.35 -47.95
N LEU T 124 14.91 -83.62 -46.84
CA LEU T 124 15.07 -82.64 -45.79
C LEU T 124 16.02 -81.51 -46.18
N MET T 125 16.84 -81.72 -47.22
CA MET T 125 17.75 -80.68 -47.73
C MET T 125 17.07 -79.93 -48.86
N GLY T 126 15.80 -80.22 -49.09
CA GLY T 126 15.04 -79.50 -50.10
C GLY T 126 14.70 -80.31 -51.34
N GLY T 127 15.24 -81.52 -51.44
CA GLY T 127 14.82 -82.45 -52.49
C GLY T 127 15.82 -82.62 -53.61
N ALA T 128 15.70 -83.73 -54.34
CA ALA T 128 16.60 -84.12 -55.41
C ALA T 128 16.42 -83.22 -56.62
N GLN T 129 17.52 -82.71 -57.16
CA GLN T 129 17.42 -81.81 -58.29
C GLN T 129 18.32 -82.25 -59.43
N LYS T 130 18.82 -83.46 -59.37
CA LYS T 130 19.42 -84.00 -60.56
C LYS T 130 19.09 -85.46 -60.67
N ALA T 131 19.11 -85.97 -61.89
CA ALA T 131 18.63 -87.31 -62.14
C ALA T 131 19.64 -88.34 -61.65
N GLN T 132 20.90 -87.94 -61.58
CA GLN T 132 22.04 -88.84 -61.32
C GLN T 132 23.05 -88.11 -60.44
N LEU T 133 23.67 -88.82 -59.50
CA LEU T 133 24.86 -88.27 -58.84
C LEU T 133 26.14 -88.73 -59.56
N THR T 134 26.86 -87.78 -60.14
CA THR T 134 28.12 -88.03 -60.83
C THR T 134 29.29 -87.33 -60.14
N PRO T 135 29.99 -88.05 -59.24
CA PRO T 135 31.10 -87.45 -58.51
C PRO T 135 32.39 -87.43 -59.32
N TYR T 136 33.36 -86.64 -58.89
CA TYR T 136 34.71 -86.86 -59.32
C TYR T 136 35.38 -87.64 -58.19
N PHE T 137 36.23 -88.58 -58.57
CA PHE T 137 36.86 -89.44 -57.56
C PHE T 137 38.31 -89.03 -57.25
N THR T 138 38.58 -88.78 -55.99
CA THR T 138 39.93 -88.44 -55.55
C THR T 138 40.84 -89.68 -55.57
N LEU T 139 41.95 -89.57 -56.30
CA LEU T 139 42.89 -90.67 -56.46
C LEU T 139 44.15 -90.29 -55.73
N TYR T 140 44.41 -91.00 -54.63
CA TYR T 140 45.58 -90.75 -53.83
C TYR T 140 46.33 -92.05 -53.68
N PRO T 141 47.58 -92.09 -54.18
CA PRO T 141 48.28 -93.35 -54.27
C PRO T 141 48.98 -93.69 -52.95
N SER T 142 49.08 -94.98 -52.64
CA SER T 142 49.85 -95.38 -51.45
C SER T 142 51.32 -95.65 -51.76
N VAL T 143 52.17 -94.73 -51.32
CA VAL T 143 53.60 -94.81 -51.56
C VAL T 143 54.34 -94.43 -50.30
N ALA T 144 55.58 -94.89 -50.19
CA ALA T 144 56.46 -94.46 -49.11
C ALA T 144 56.77 -92.98 -49.29
N ALA T 145 57.12 -92.31 -48.19
CA ALA T 145 57.77 -91.00 -48.29
C ALA T 145 59.09 -91.22 -49.03
N ASP T 146 59.54 -90.22 -49.78
CA ASP T 146 60.74 -90.41 -50.60
C ASP T 146 60.50 -91.26 -51.86
N ALA T 147 59.24 -91.42 -52.26
CA ALA T 147 58.94 -91.94 -53.59
C ALA T 147 59.25 -90.86 -54.64
N THR T 148 59.77 -91.26 -55.79
CA THR T 148 60.06 -90.29 -56.84
C THR T 148 58.81 -90.06 -57.70
N LEU T 149 58.84 -89.04 -58.54
CA LEU T 149 57.68 -88.74 -59.36
C LEU T 149 57.40 -89.94 -60.29
N SER T 150 58.47 -90.58 -60.74
CA SER T 150 58.36 -91.74 -61.61
C SER T 150 57.58 -92.85 -60.90
N GLU T 151 57.87 -93.05 -59.61
CA GLU T 151 57.25 -94.11 -58.83
C GLU T 151 55.81 -93.78 -58.44
N ILE T 152 55.53 -92.49 -58.28
CA ILE T 152 54.18 -92.05 -57.98
C ILE T 152 53.29 -92.22 -59.22
N VAL T 153 53.78 -91.87 -60.40
CA VAL T 153 53.08 -92.19 -61.65
C VAL T 153 52.73 -93.67 -61.77
N GLU T 154 53.70 -94.55 -61.48
CA GLU T 154 53.45 -96.00 -61.50
C GLU T 154 52.40 -96.40 -60.47
N ALA T 155 52.44 -95.82 -59.28
CA ALA T 155 51.41 -96.16 -58.28
C ALA T 155 50.01 -95.63 -58.68
N TYR T 156 49.99 -94.55 -59.48
CA TYR T 156 48.71 -94.03 -60.01
C TYR T 156 48.04 -94.98 -60.99
N LYS T 157 48.85 -95.71 -61.76
CA LYS T 157 48.29 -96.41 -62.91
C LYS T 157 47.16 -97.39 -62.58
N PRO T 158 47.27 -98.14 -61.45
CA PRO T 158 46.13 -99.05 -61.26
C PRO T 158 44.87 -98.34 -60.78
N LEU T 159 45.03 -97.18 -60.15
CA LEU T 159 43.89 -96.39 -59.70
C LEU T 159 43.19 -95.80 -60.90
N ILE T 160 43.95 -95.29 -61.86
CA ILE T 160 43.36 -94.69 -63.03
C ILE T 160 42.62 -95.76 -63.83
N ALA T 161 43.23 -96.92 -63.98
CA ALA T 161 42.60 -98.03 -64.69
C ALA T 161 41.33 -98.47 -63.98
N LYS T 162 41.35 -98.47 -62.66
CA LYS T 162 40.13 -98.85 -61.95
C LYS T 162 39.02 -97.83 -62.21
N ALA T 163 39.36 -96.55 -62.22
CA ALA T 163 38.38 -95.49 -62.48
C ALA T 163 37.82 -95.56 -63.88
N LYS T 164 38.67 -95.81 -64.88
CA LYS T 164 38.21 -96.06 -66.26
C LYS T 164 37.27 -97.28 -66.32
N GLU T 165 37.63 -98.33 -65.61
CA GLU T 165 36.79 -99.53 -65.54
C GLU T 165 35.37 -99.23 -65.02
N ARG T 166 35.25 -98.34 -64.04
CA ARG T 166 33.97 -98.01 -63.42
C ARG T 166 33.20 -96.96 -64.24
N GLY T 167 33.83 -96.47 -65.31
CA GLY T 167 33.24 -95.41 -66.13
C GLY T 167 33.19 -94.05 -65.47
N ALA T 168 34.10 -93.79 -64.53
CA ALA T 168 34.23 -92.45 -63.89
C ALA T 168 34.27 -91.33 -64.93
N LYS T 169 33.64 -90.20 -64.61
CA LYS T 169 33.63 -89.09 -65.55
C LYS T 169 34.75 -88.09 -65.25
N ALA T 170 35.33 -88.21 -64.07
CA ALA T 170 36.30 -87.21 -63.62
C ALA T 170 37.14 -87.77 -62.50
N VAL T 171 38.44 -87.44 -62.51
CA VAL T 171 39.34 -87.88 -61.45
C VAL T 171 40.26 -86.75 -61.00
N LYS T 172 40.58 -86.74 -59.70
CA LYS T 172 41.54 -85.79 -59.12
C LYS T 172 42.83 -86.46 -58.73
N VAL T 173 43.95 -85.98 -59.26
CA VAL T 173 45.25 -86.45 -58.85
C VAL T 173 45.94 -85.38 -57.99
N CYS T 174 47.01 -85.78 -57.31
CA CYS T 174 47.64 -84.93 -56.30
C CYS T 174 49.13 -84.70 -56.61
N ILE T 175 49.61 -83.52 -56.22
CA ILE T 175 51.04 -83.31 -56.08
C ILE T 175 51.43 -83.57 -54.62
N ILE T 176 52.05 -84.72 -54.38
CA ILE T 176 52.52 -85.09 -53.05
C ILE T 176 53.64 -84.13 -52.67
N PRO T 177 53.52 -83.48 -51.50
CA PRO T 177 54.46 -82.43 -51.12
C PRO T 177 55.89 -82.92 -51.21
N ASN T 178 56.76 -82.10 -51.81
CA ASN T 178 58.05 -82.58 -52.23
C ASN T 178 58.84 -81.38 -52.71
N ASP T 179 59.66 -80.82 -51.84
CA ASP T 179 60.41 -79.62 -52.21
C ASP T 179 61.80 -79.90 -52.74
N LYS T 180 62.13 -81.17 -52.98
CA LYS T 180 63.37 -81.52 -53.65
C LYS T 180 63.13 -81.66 -55.16
N VAL T 181 62.03 -81.10 -55.62
CA VAL T 181 61.59 -81.35 -56.98
C VAL T 181 61.08 -80.05 -57.58
N SER T 182 61.46 -79.77 -58.81
CA SER T 182 61.24 -78.46 -59.42
C SER T 182 59.85 -78.37 -60.08
N ASP T 183 59.43 -77.15 -60.40
CA ASP T 183 58.17 -76.93 -61.07
C ASP T 183 58.24 -77.48 -62.49
N LYS T 184 59.43 -77.41 -63.10
CA LYS T 184 59.60 -77.96 -64.44
C LYS T 184 59.36 -79.47 -64.44
N GLU T 185 59.79 -80.12 -63.36
CA GLU T 185 59.50 -81.53 -63.09
C GLU T 185 58.02 -81.84 -62.79
N ILE T 186 57.38 -80.97 -62.02
CA ILE T 186 55.94 -81.03 -61.82
C ILE T 186 55.21 -80.99 -63.17
N VAL T 187 55.54 -80.02 -64.02
CA VAL T 187 54.89 -79.92 -65.33
C VAL T 187 54.99 -81.25 -66.10
N ALA T 188 56.17 -81.87 -66.13
CA ALA T 188 56.38 -83.10 -66.90
C ALA T 188 55.56 -84.23 -66.26
N TYR T 189 55.62 -84.28 -64.94
CA TYR T 189 54.80 -85.17 -64.14
C TYR T 189 53.30 -85.08 -64.43
N LEU T 190 52.72 -83.88 -64.44
CA LEU T 190 51.28 -83.80 -64.71
C LEU T 190 50.93 -84.08 -66.17
N ARG T 191 51.82 -83.74 -67.10
CA ARG T 191 51.66 -84.17 -68.47
C ARG T 191 51.58 -85.70 -68.58
N GLU T 192 52.43 -86.39 -67.84
CA GLU T 192 52.39 -87.84 -67.85
C GLU T 192 51.01 -88.32 -67.42
N LEU T 193 50.52 -87.78 -66.31
CA LEU T 193 49.25 -88.21 -65.77
C LEU T 193 48.06 -87.98 -66.72
N ARG T 194 48.06 -86.89 -67.49
CA ARG T 194 47.03 -86.73 -68.53
C ARG T 194 47.14 -87.80 -69.62
N GLU T 195 48.34 -88.06 -70.14
CA GLU T 195 48.54 -89.20 -71.05
C GLU T 195 47.95 -90.49 -70.48
N VAL T 196 48.18 -90.77 -69.21
CA VAL T 196 47.69 -92.03 -68.61
C VAL T 196 46.18 -92.00 -68.37
N ILE T 197 45.67 -90.82 -68.02
CA ILE T 197 44.25 -90.62 -67.79
C ILE T 197 43.48 -90.72 -69.10
N GLY T 198 44.04 -90.17 -70.16
CA GLY T 198 43.35 -90.17 -71.44
C GLY T 198 42.48 -88.92 -71.55
N TRP T 199 41.65 -88.89 -72.56
CA TRP T 199 40.91 -87.68 -72.86
C TRP T 199 39.40 -87.89 -72.76
N ASP T 200 39.02 -88.92 -72.04
CA ASP T 200 37.62 -89.26 -71.90
C ASP T 200 37.12 -89.07 -70.45
N MET T 201 37.97 -88.52 -69.58
CA MET T 201 37.62 -88.17 -68.20
C MET T 201 38.18 -86.76 -67.94
N ASP T 202 37.43 -85.93 -67.21
CA ASP T 202 37.95 -84.66 -66.72
C ASP T 202 39.05 -84.94 -65.68
N MET T 203 40.07 -84.07 -65.64
CA MET T 203 41.24 -84.23 -64.77
C MET T 203 41.34 -83.01 -63.85
N MET T 204 41.36 -83.25 -62.55
CA MET T 204 41.53 -82.18 -61.58
C MET T 204 42.88 -82.37 -60.89
N VAL T 205 43.50 -81.28 -60.45
CA VAL T 205 44.73 -81.40 -59.67
C VAL T 205 44.58 -80.80 -58.28
N ASP T 206 45.09 -81.51 -57.29
CA ASP T 206 45.20 -80.97 -55.96
C ASP T 206 46.67 -80.68 -55.68
N CYS T 207 47.00 -79.40 -55.47
CA CYS T 207 48.39 -79.00 -55.32
C CYS T 207 48.93 -79.23 -53.91
N LEU T 208 48.04 -79.51 -52.97
CA LEU T 208 48.41 -79.68 -51.57
C LEU T 208 49.31 -78.55 -51.12
N TYR T 209 48.93 -77.32 -51.45
CA TYR T 209 49.56 -76.11 -50.91
C TYR T 209 51.04 -75.96 -51.22
N ARG T 210 51.45 -76.42 -52.39
CA ARG T 210 52.83 -76.28 -52.85
C ARG T 210 53.32 -74.84 -53.00
N TRP T 211 52.55 -73.98 -53.66
CA TRP T 211 53.09 -72.65 -54.01
C TRP T 211 52.80 -71.58 -52.95
N THR T 212 53.71 -70.63 -52.84
CA THR T 212 53.46 -69.44 -52.05
C THR T 212 53.40 -68.22 -52.96
N ASP T 213 54.25 -68.19 -53.99
CA ASP T 213 54.27 -67.08 -54.98
C ASP T 213 53.28 -67.35 -56.13
N TRP T 214 52.26 -66.50 -56.28
CA TRP T 214 51.27 -66.72 -57.35
C TRP T 214 51.90 -66.67 -58.75
N GLN T 215 52.95 -65.87 -58.91
CA GLN T 215 53.60 -65.77 -60.22
C GLN T 215 54.31 -67.08 -60.56
N LYS T 216 54.68 -67.83 -59.53
CA LYS T 216 55.34 -69.09 -59.78
C LYS T 216 54.32 -70.19 -60.08
N ALA T 217 53.23 -70.25 -59.32
CA ALA T 217 52.07 -71.04 -59.77
C ALA T 217 51.60 -70.65 -61.20
N ARG T 218 51.58 -69.35 -61.47
CA ARG T 218 51.19 -68.87 -62.79
C ARG T 218 52.05 -69.53 -63.89
N TRP T 219 53.37 -69.57 -63.67
CA TRP T 219 54.30 -70.14 -64.64
C TRP T 219 53.90 -71.58 -64.93
N THR T 220 53.75 -72.34 -63.85
CA THR T 220 53.44 -73.76 -63.94
C THR T 220 52.21 -74.07 -64.79
N PHE T 221 51.10 -73.41 -64.48
CA PHE T 221 49.82 -73.74 -65.07
C PHE T 221 49.58 -73.10 -66.44
N ARG T 222 50.41 -72.12 -66.78
CA ARG T 222 50.54 -71.70 -68.17
C ARG T 222 51.12 -72.83 -69.05
N GLN T 223 52.16 -73.51 -68.57
CA GLN T 223 52.74 -74.64 -69.32
C GLN T 223 51.72 -75.77 -69.51
N LEU T 224 50.86 -75.96 -68.50
CA LEU T 224 49.87 -77.05 -68.48
C LEU T 224 48.51 -76.72 -69.13
N GLU T 225 48.42 -75.58 -69.81
CA GLU T 225 47.18 -75.23 -70.51
C GLU T 225 46.72 -76.37 -71.42
N ASP T 226 47.67 -77.02 -72.09
CA ASP T 226 47.31 -78.05 -73.06
C ASP T 226 46.76 -79.37 -72.51
N ILE T 227 47.07 -79.71 -71.26
CA ILE T 227 46.46 -80.88 -70.65
C ILE T 227 45.05 -80.58 -70.10
N ASP T 228 44.62 -79.33 -70.22
CA ASP T 228 43.21 -78.98 -70.09
C ASP T 228 42.60 -79.37 -68.74
N LEU T 229 43.18 -78.86 -67.65
CA LEU T 229 42.74 -79.21 -66.31
C LEU T 229 41.35 -78.65 -66.06
N TYR T 230 40.51 -79.42 -65.39
CA TYR T 230 39.16 -78.97 -65.04
C TYR T 230 39.21 -77.94 -63.90
N PHE T 231 39.95 -78.26 -62.85
CA PHE T 231 40.23 -77.27 -61.83
C PHE T 231 41.59 -77.47 -61.18
N ILE T 232 42.05 -76.40 -60.54
CA ILE T 232 43.31 -76.41 -59.80
C ILE T 232 43.02 -76.05 -58.33
N GLU T 233 43.22 -77.00 -57.42
CA GLU T 233 42.88 -76.90 -56.00
C GLU T 233 44.12 -76.66 -55.14
N ALA T 234 43.94 -75.94 -54.03
CA ALA T 234 44.98 -75.80 -53.01
C ALA T 234 46.32 -75.43 -53.60
N CYS T 235 46.28 -74.40 -54.43
CA CYS T 235 47.46 -74.00 -55.16
C CYS T 235 48.38 -73.10 -54.31
N LEU T 236 47.79 -72.13 -53.61
CA LEU T 236 48.52 -71.14 -52.83
C LEU T 236 48.13 -71.30 -51.38
N GLN T 237 48.85 -70.64 -50.47
CA GLN T 237 48.53 -70.77 -49.06
C GLN T 237 47.11 -70.26 -48.80
N HIS T 238 46.43 -70.92 -47.85
CA HIS T 238 45.03 -70.71 -47.57
C HIS T 238 44.67 -69.28 -47.15
N ASP T 239 45.60 -68.55 -46.54
CA ASP T 239 45.31 -67.18 -46.09
C ASP T 239 45.48 -66.18 -47.25
N ASP T 240 46.14 -66.60 -48.31
CA ASP T 240 46.59 -65.62 -49.28
C ASP T 240 45.52 -65.34 -50.35
N LEU T 241 44.51 -64.55 -49.95
CA LEU T 241 43.37 -64.23 -50.80
C LEU T 241 43.78 -63.43 -52.05
N ILE T 242 44.70 -62.49 -51.86
CA ILE T 242 45.11 -61.62 -52.96
C ILE T 242 45.91 -62.38 -54.02
N GLY T 243 46.78 -63.27 -53.57
CA GLY T 243 47.51 -64.20 -54.43
C GLY T 243 46.55 -65.04 -55.28
N HIS T 244 45.52 -65.60 -54.65
CA HIS T 244 44.52 -66.37 -55.37
C HIS T 244 43.75 -65.52 -56.37
N GLN T 245 43.38 -64.31 -55.98
CA GLN T 245 42.61 -63.51 -56.91
C GLN T 245 43.41 -63.18 -58.18
N LYS T 246 44.71 -62.97 -58.05
CA LYS T 246 45.56 -62.68 -59.20
C LYS T 246 45.79 -63.91 -60.08
N LEU T 247 45.91 -65.07 -59.45
CA LEU T 247 46.11 -66.33 -60.15
C LEU T 247 44.84 -66.74 -60.88
N ALA T 248 43.71 -66.68 -60.18
CA ALA T 248 42.40 -66.90 -60.83
C ALA T 248 42.20 -66.04 -62.08
N ALA T 249 42.57 -64.76 -62.01
CA ALA T 249 42.41 -63.88 -63.17
C ALA T 249 43.40 -64.21 -64.30
N ALA T 250 44.54 -64.81 -63.97
CA ALA T 250 45.57 -65.10 -64.98
C ALA T 250 45.41 -66.43 -65.74
N ILE T 251 44.87 -67.45 -65.09
CA ILE T 251 44.79 -68.78 -65.69
C ILE T 251 43.54 -68.85 -66.56
N ASN T 252 43.34 -69.96 -67.24
CA ASN T 252 42.20 -70.05 -68.14
C ASN T 252 41.20 -71.13 -67.74
N THR T 253 41.29 -71.62 -66.50
CA THR T 253 40.33 -72.61 -65.98
C THR T 253 39.96 -72.27 -64.56
N ARG T 254 39.35 -73.22 -63.89
CA ARG T 254 38.76 -73.04 -62.55
C ARG T 254 39.86 -73.09 -61.48
N LEU T 255 39.95 -72.08 -60.62
CA LEU T 255 40.78 -72.17 -59.40
C LEU T 255 39.85 -72.52 -58.22
N CYS T 256 40.28 -73.41 -57.31
CA CYS T 256 39.47 -73.74 -56.13
C CYS T 256 39.99 -73.06 -54.86
N GLY T 257 39.13 -72.95 -53.85
CA GLY T 257 39.62 -72.49 -52.56
C GLY T 257 38.69 -72.84 -51.41
N ALA T 258 39.11 -72.50 -50.21
CA ALA T 258 38.30 -72.54 -48.98
C ALA T 258 38.15 -73.95 -48.45
N GLU T 259 39.07 -74.82 -48.85
CA GLU T 259 39.04 -76.21 -48.43
C GLU T 259 39.11 -76.34 -46.91
N MET T 260 39.82 -75.40 -46.30
CA MET T 260 40.07 -75.43 -44.86
C MET T 260 39.18 -74.44 -44.09
N SER T 261 38.38 -73.66 -44.81
CA SER T 261 37.58 -72.59 -44.20
C SER T 261 36.41 -73.13 -43.37
N THR T 262 35.87 -72.29 -42.48
CA THR T 262 34.65 -72.62 -41.76
C THR T 262 33.71 -71.44 -41.89
N THR T 263 32.41 -71.73 -41.99
CA THR T 263 31.32 -70.76 -42.09
C THR T 263 31.11 -70.16 -43.47
N ARG T 264 29.86 -69.78 -43.73
CA ARG T 264 29.51 -69.02 -44.90
C ARG T 264 30.20 -67.67 -45.01
N PHE T 265 30.65 -67.12 -43.88
CA PHE T 265 31.33 -65.81 -43.89
C PHE T 265 32.70 -65.90 -44.55
N GLU T 266 33.43 -66.98 -44.29
CA GLU T 266 34.68 -67.20 -44.99
C GLU T 266 34.45 -67.55 -46.46
N ALA T 267 33.52 -68.48 -46.72
CA ALA T 267 33.24 -68.92 -48.09
C ALA T 267 32.96 -67.70 -48.94
N GLN T 268 32.10 -66.84 -48.41
CA GLN T 268 31.72 -65.64 -49.12
C GLN T 268 32.86 -64.66 -49.33
N GLU T 269 33.69 -64.47 -48.31
CA GLU T 269 34.85 -63.61 -48.46
C GLU T 269 35.78 -64.13 -49.58
N TRP T 270 35.97 -65.44 -49.65
CA TRP T 270 36.78 -66.05 -50.71
C TRP T 270 36.17 -65.71 -52.08
N LEU T 271 34.87 -65.89 -52.20
CA LEU T 271 34.17 -65.68 -53.47
C LEU T 271 34.26 -64.22 -53.93
N GLU T 272 34.03 -63.30 -53.00
CA GLU T 272 34.03 -61.87 -53.29
C GLU T 272 35.42 -61.38 -53.67
N LYS T 273 36.41 -61.75 -52.86
CA LYS T 273 37.78 -61.21 -53.00
C LYS T 273 38.61 -61.88 -54.10
N THR T 274 38.36 -63.17 -54.38
CA THR T 274 39.27 -63.94 -55.23
C THR T 274 38.70 -64.39 -56.58
N GLY T 275 37.39 -64.54 -56.68
CA GLY T 275 36.76 -65.11 -57.88
C GLY T 275 37.08 -66.59 -58.13
N ILE T 276 37.44 -67.35 -57.09
CA ILE T 276 37.59 -68.80 -57.26
C ILE T 276 36.28 -69.34 -57.84
N SER T 277 36.35 -70.41 -58.63
CA SER T 277 35.14 -70.93 -59.30
C SER T 277 34.63 -72.19 -58.66
N VAL T 278 35.33 -72.68 -57.65
CA VAL T 278 34.92 -73.90 -56.93
C VAL T 278 35.20 -73.71 -55.44
N VAL T 279 34.15 -73.73 -54.63
CA VAL T 279 34.28 -73.57 -53.18
C VAL T 279 34.30 -74.96 -52.60
N GLN T 280 35.22 -75.21 -51.68
CA GLN T 280 35.40 -76.57 -51.16
C GLN T 280 35.18 -76.75 -49.66
N SER T 281 34.42 -75.83 -49.06
CA SER T 281 34.02 -75.98 -47.65
C SER T 281 33.67 -77.43 -47.33
N ASP T 282 34.20 -77.93 -46.22
CA ASP T 282 34.17 -79.36 -45.87
C ASP T 282 32.91 -79.71 -45.04
N TYR T 283 32.28 -80.84 -45.38
CA TYR T 283 31.10 -81.34 -44.64
C TYR T 283 31.29 -81.34 -43.14
N ASN T 284 32.49 -81.70 -42.68
CA ASN T 284 32.71 -81.93 -41.26
C ASN T 284 33.53 -80.83 -40.56
N ARG T 285 33.69 -79.70 -41.22
CA ARG T 285 34.48 -78.59 -40.68
C ARG T 285 33.72 -77.26 -40.67
N CYS T 286 33.03 -76.97 -41.79
CA CYS T 286 32.55 -75.62 -42.08
C CYS T 286 31.24 -75.23 -41.37
N GLY T 287 30.57 -76.18 -40.74
CA GLY T 287 29.26 -75.91 -40.14
C GLY T 287 28.26 -77.03 -40.37
N GLY T 288 28.49 -77.82 -41.42
CA GLY T 288 27.66 -78.99 -41.73
C GLY T 288 26.73 -78.72 -42.89
N VAL T 289 25.77 -79.62 -43.10
CA VAL T 289 24.84 -79.54 -44.20
C VAL T 289 24.07 -78.23 -44.18
N THR T 290 23.61 -77.85 -43.00
CA THR T 290 22.83 -76.63 -42.85
C THR T 290 23.57 -75.40 -43.34
N GLU T 291 24.84 -75.29 -42.98
CA GLU T 291 25.69 -74.20 -43.43
C GLU T 291 26.09 -74.36 -44.90
N LEU T 292 26.23 -75.60 -45.38
CA LEU T 292 26.58 -75.79 -46.79
C LEU T 292 25.45 -75.35 -47.70
N LEU T 293 24.22 -75.56 -47.26
CA LEU T 293 23.06 -75.14 -48.07
C LEU T 293 22.99 -73.61 -48.22
N ARG T 294 23.42 -72.89 -47.19
CA ARG T 294 23.56 -71.42 -47.30
C ARG T 294 24.74 -71.09 -48.24
N ILE T 295 25.80 -71.86 -48.14
CA ILE T 295 26.98 -71.64 -49.00
C ILE T 295 26.63 -71.89 -50.47
N MET T 296 25.78 -72.89 -50.69
CA MET T 296 25.26 -73.21 -52.02
C MET T 296 24.55 -72.00 -52.65
N ASP T 297 23.68 -71.34 -51.88
CA ASP T 297 22.93 -70.20 -52.41
C ASP T 297 23.87 -69.02 -52.73
N ILE T 298 24.90 -68.83 -51.92
CA ILE T 298 25.92 -67.82 -52.19
C ILE T 298 26.77 -68.15 -53.46
N CYS T 299 27.16 -69.39 -53.58
CA CYS T 299 27.84 -69.87 -54.79
C CYS T 299 27.02 -69.62 -56.05
N GLU T 300 25.73 -69.94 -56.02
CA GLU T 300 24.83 -69.73 -57.16
C GLU T 300 24.85 -68.29 -57.69
N HIS T 301 24.69 -67.35 -56.77
CA HIS T 301 24.78 -65.93 -57.06
C HIS T 301 26.11 -65.57 -57.75
N HIS T 302 27.23 -66.05 -57.22
CA HIS T 302 28.54 -65.80 -57.84
C HIS T 302 28.82 -66.66 -59.08
N ASN T 303 27.87 -67.52 -59.44
CA ASN T 303 28.06 -68.57 -60.45
C ASN T 303 29.29 -69.43 -60.21
N ALA T 304 29.42 -69.93 -58.99
CA ALA T 304 30.54 -70.77 -58.63
C ALA T 304 29.95 -72.13 -58.36
N GLN T 305 30.78 -73.15 -58.37
CA GLN T 305 30.35 -74.48 -57.94
C GLN T 305 30.78 -74.72 -56.50
N LEU T 306 30.03 -75.59 -55.83
CA LEU T 306 30.29 -75.98 -54.47
C LEU T 306 30.62 -77.49 -54.47
N MET T 307 31.88 -77.83 -54.20
CA MET T 307 32.32 -79.23 -54.22
C MET T 307 33.01 -79.50 -52.89
N PRO T 308 32.20 -79.73 -51.83
CA PRO T 308 32.72 -79.78 -50.48
C PRO T 308 33.79 -80.85 -50.32
N HIS T 309 34.88 -80.49 -49.66
CA HIS T 309 35.99 -81.41 -49.36
C HIS T 309 35.46 -82.64 -48.63
N ASN T 310 35.76 -83.82 -49.18
CA ASN T 310 35.18 -85.09 -48.73
C ASN T 310 36.25 -86.14 -48.66
N TRP T 311 36.88 -86.27 -47.50
CA TRP T 311 37.88 -87.31 -47.24
C TRP T 311 37.80 -87.74 -45.78
N LYS T 312 36.80 -88.56 -45.46
CA LYS T 312 36.63 -89.11 -44.12
C LYS T 312 36.19 -90.56 -44.19
N THR T 313 34.99 -90.81 -43.71
CA THR T 313 34.47 -92.14 -43.55
C THR T 313 33.25 -92.30 -44.46
N GLY T 314 32.61 -93.47 -44.44
CA GLY T 314 31.36 -93.69 -45.17
C GLY T 314 30.17 -92.92 -44.62
N ILE T 315 30.31 -92.41 -43.39
CA ILE T 315 29.33 -91.49 -42.79
C ILE T 315 29.24 -90.18 -43.56
N THR T 316 30.38 -89.56 -43.82
CA THR T 316 30.44 -88.36 -44.65
C THR T 316 30.17 -88.68 -46.12
N ALA T 317 30.47 -89.90 -46.58
CA ALA T 317 30.11 -90.31 -47.93
C ALA T 317 28.60 -90.30 -48.12
N ALA T 318 27.87 -90.88 -47.17
CA ALA T 318 26.41 -90.78 -47.21
C ALA T 318 25.93 -89.32 -47.28
N ALA T 319 26.54 -88.44 -46.48
CA ALA T 319 26.20 -87.03 -46.53
C ALA T 319 26.47 -86.41 -47.91
N ALA T 320 27.58 -86.77 -48.54
CA ALA T 320 27.91 -86.31 -49.89
C ALA T 320 26.93 -86.78 -50.97
N ARG T 321 26.44 -88.00 -50.85
CA ARG T 321 25.42 -88.50 -51.78
C ARG T 321 24.13 -87.69 -51.69
N HIS T 322 23.68 -87.43 -50.46
CA HIS T 322 22.43 -86.70 -50.23
C HIS T 322 22.53 -85.24 -50.63
N PHE T 323 23.59 -84.58 -50.19
CA PHE T 323 23.86 -83.21 -50.56
C PHE T 323 24.14 -83.08 -52.07
N GLY T 324 24.95 -83.98 -52.60
CA GLY T 324 25.25 -84.00 -54.02
C GLY T 324 24.03 -84.05 -54.94
N ILE T 325 23.03 -84.86 -54.58
CA ILE T 325 21.80 -84.93 -55.39
C ILE T 325 20.94 -83.66 -55.28
N VAL T 326 21.14 -82.91 -54.22
CA VAL T 326 20.44 -81.64 -54.03
C VAL T 326 21.17 -80.49 -54.72
N CYS T 327 22.48 -80.59 -54.83
CA CYS T 327 23.32 -79.44 -55.20
C CYS T 327 23.36 -79.25 -56.73
N HIS T 328 22.33 -78.60 -57.25
CA HIS T 328 22.11 -78.53 -58.70
C HIS T 328 23.14 -77.66 -59.41
N ILE T 329 23.78 -76.75 -58.67
CA ILE T 329 24.81 -75.89 -59.27
C ILE T 329 26.13 -76.59 -59.59
N SER T 330 26.35 -77.78 -59.05
CA SER T 330 27.62 -78.49 -59.23
C SER T 330 27.49 -79.68 -60.19
N GLU T 331 28.35 -79.70 -61.20
CA GLU T 331 28.43 -80.82 -62.15
C GLU T 331 28.96 -82.06 -61.42
N TYR T 332 29.96 -81.88 -60.57
CA TYR T 332 30.52 -82.96 -59.75
C TYR T 332 30.47 -82.63 -58.26
N VAL T 333 30.73 -83.61 -57.40
CA VAL T 333 31.23 -83.35 -56.04
C VAL T 333 32.32 -84.34 -55.71
N GLU T 334 33.20 -83.97 -54.78
CA GLU T 334 34.29 -84.85 -54.39
C GLU T 334 33.77 -86.10 -53.71
N TYR T 335 34.33 -87.25 -54.09
CA TYR T 335 33.94 -88.53 -53.50
C TYR T 335 35.15 -89.41 -53.19
N LEU T 336 35.22 -89.86 -51.94
CA LEU T 336 36.18 -90.88 -51.57
C LEU T 336 35.48 -92.23 -51.67
N HIS T 337 35.90 -93.06 -52.62
CA HIS T 337 35.26 -94.35 -52.80
C HIS T 337 36.18 -95.51 -52.44
N PRO T 338 35.62 -96.60 -51.88
CA PRO T 338 36.54 -97.67 -51.43
C PRO T 338 37.25 -98.42 -52.57
N ASP T 339 36.81 -98.26 -53.81
CA ASP T 339 37.57 -98.78 -54.97
C ASP T 339 38.97 -98.18 -55.05
N PHE T 340 39.12 -96.96 -54.54
CA PHE T 340 40.31 -96.17 -54.83
C PHE T 340 41.17 -95.90 -53.61
N TRP T 341 40.75 -96.40 -52.45
CA TRP T 341 41.45 -96.07 -51.22
C TRP T 341 41.30 -97.20 -50.27
N ASN T 342 42.40 -97.58 -49.64
CA ASN T 342 42.41 -98.79 -48.84
C ASN T 342 42.47 -98.57 -47.33
N GLY T 343 42.17 -97.35 -46.90
CA GLY T 343 42.14 -97.06 -45.47
C GLY T 343 41.18 -97.97 -44.75
N THR T 344 41.55 -98.39 -43.55
CA THR T 344 40.71 -99.32 -42.80
C THR T 344 39.29 -98.80 -42.58
N LEU T 345 39.18 -97.54 -42.16
CA LEU T 345 37.85 -96.93 -41.94
C LEU T 345 37.02 -96.96 -43.20
N THR T 346 37.64 -96.65 -44.34
CA THR T 346 36.92 -96.59 -45.60
C THR T 346 36.38 -97.95 -45.96
N GLN T 347 37.16 -98.99 -45.65
CA GLN T 347 36.84 -100.34 -46.12
C GLN T 347 35.86 -101.05 -45.20
N GLN T 348 35.83 -100.66 -43.93
CA GLN T 348 35.12 -101.49 -42.95
C GLN T 348 34.07 -100.82 -42.07
N LEU T 349 34.03 -99.49 -42.03
CA LEU T 349 33.08 -98.84 -41.14
C LEU T 349 31.64 -98.95 -41.64
N THR T 350 31.46 -98.93 -42.96
CA THR T 350 30.13 -99.06 -43.51
C THR T 350 30.02 -100.28 -44.40
N LEU T 351 28.80 -100.71 -44.67
CA LEU T 351 28.56 -101.91 -45.45
C LEU T 351 27.73 -101.54 -46.67
N ASN T 352 27.83 -102.36 -47.73
CA ASN T 352 27.16 -102.06 -48.99
C ASN T 352 27.33 -100.59 -49.44
N GLU T 353 28.57 -100.13 -49.54
CA GLU T 353 28.84 -98.85 -50.19
C GLU T 353 28.31 -98.98 -51.61
N PRO T 354 27.57 -97.96 -52.08
CA PRO T 354 27.03 -98.07 -53.42
C PRO T 354 28.12 -98.22 -54.47
N LYS T 355 27.89 -99.13 -55.41
CA LYS T 355 28.81 -99.40 -56.49
C LYS T 355 28.84 -98.21 -57.48
N ILE T 356 30.02 -97.93 -58.05
CA ILE T 356 30.14 -96.97 -59.14
C ILE T 356 29.73 -97.66 -60.43
N ILE T 357 28.72 -97.09 -61.09
CA ILE T 357 28.13 -97.72 -62.27
C ILE T 357 28.01 -96.67 -63.37
N ASP T 358 28.88 -96.78 -64.38
CA ASP T 358 29.02 -95.75 -65.40
C ASP T 358 29.31 -94.37 -64.78
N GLY T 359 30.17 -94.35 -63.77
CA GLY T 359 30.60 -93.08 -63.19
C GLY T 359 29.56 -92.42 -62.32
N ALA T 360 28.42 -93.10 -62.11
CA ALA T 360 27.37 -92.63 -61.20
C ALA T 360 27.31 -93.48 -59.93
N ILE T 361 26.85 -92.89 -58.83
CA ILE T 361 26.49 -93.72 -57.68
C ILE T 361 25.11 -93.42 -57.13
N GLU T 362 24.37 -94.49 -56.82
CA GLU T 362 22.97 -94.36 -56.45
C GLU T 362 22.79 -93.76 -55.06
N VAL T 363 21.96 -92.73 -54.98
CA VAL T 363 21.54 -92.19 -53.69
C VAL T 363 20.21 -92.84 -53.33
N SER T 364 20.22 -93.64 -52.26
CA SER T 364 19.05 -94.46 -51.95
C SER T 364 17.99 -93.67 -51.17
N ASP T 365 16.76 -94.15 -51.20
CA ASP T 365 15.74 -93.43 -50.45
C ASP T 365 15.42 -94.09 -49.10
N LYS T 366 16.38 -94.84 -48.56
CA LYS T 366 16.35 -95.25 -47.17
C LYS T 366 16.35 -94.00 -46.27
N PRO T 367 15.63 -94.06 -45.11
CA PRO T 367 15.45 -92.95 -44.17
C PRO T 367 16.76 -92.30 -43.73
N GLY T 368 16.73 -90.98 -43.54
CA GLY T 368 17.92 -90.23 -43.10
C GLY T 368 19.07 -90.35 -44.09
N LEU T 369 20.28 -90.55 -43.58
CA LEU T 369 21.43 -90.67 -44.47
C LEU T 369 21.56 -92.03 -45.16
N GLY T 370 20.73 -92.98 -44.74
CA GLY T 370 20.78 -94.34 -45.25
C GLY T 370 22.12 -95.01 -45.03
N ILE T 371 22.78 -94.67 -43.92
CA ILE T 371 24.02 -95.36 -43.54
C ILE T 371 23.77 -96.79 -43.08
N GLU T 372 24.59 -97.70 -43.61
CA GLU T 372 24.56 -99.11 -43.24
C GLU T 372 25.85 -99.38 -42.44
N LEU T 373 25.75 -99.21 -41.13
CA LEU T 373 26.93 -99.16 -40.27
C LEU T 373 27.38 -100.58 -39.91
N ASN T 374 28.69 -100.82 -39.97
CA ASN T 374 29.25 -102.09 -39.52
C ASN T 374 29.35 -102.05 -38.01
N ILE T 375 28.25 -102.38 -37.35
CA ILE T 375 28.16 -102.24 -35.90
C ILE T 375 29.32 -102.95 -35.22
N GLU T 376 29.52 -104.23 -35.55
CA GLU T 376 30.65 -104.99 -35.05
C GLU T 376 31.93 -104.15 -35.10
N PHE T 377 32.23 -103.58 -36.25
CA PHE T 377 33.52 -102.91 -36.45
C PHE T 377 33.55 -101.61 -35.68
N VAL T 378 32.43 -100.90 -35.68
CA VAL T 378 32.36 -99.65 -34.94
C VAL T 378 32.70 -99.88 -33.46
N GLU T 379 32.11 -100.94 -32.88
CA GLU T 379 32.33 -101.25 -31.46
C GLU T 379 33.76 -101.68 -31.23
N GLN T 380 34.26 -102.53 -32.13
CA GLN T 380 35.63 -103.05 -32.04
C GLN T 380 36.69 -101.94 -31.90
N VAL T 381 36.50 -100.84 -32.63
CA VAL T 381 37.43 -99.72 -32.49
C VAL T 381 36.92 -98.57 -31.63
N THR T 382 35.62 -98.58 -31.33
CA THR T 382 35.03 -97.64 -30.36
C THR T 382 35.32 -98.05 -28.92
N GLY T 383 35.27 -99.35 -28.65
CA GLY T 383 35.37 -99.84 -27.28
C GLY T 383 34.09 -99.59 -26.49
N HIS T 384 33.07 -99.08 -27.17
CA HIS T 384 31.81 -98.78 -26.52
C HIS T 384 30.62 -99.36 -27.27
N LYS T 385 29.73 -100.00 -26.51
CA LYS T 385 28.55 -100.67 -27.04
C LYS T 385 27.68 -99.70 -27.81
N PHE T 386 27.20 -100.14 -28.98
CA PHE T 386 26.15 -99.42 -29.68
C PHE T 386 24.77 -99.81 -29.17
N ALA U 5 74.30 -51.81 -22.04
CA ALA U 5 75.07 -50.57 -22.34
C ALA U 5 74.32 -49.64 -23.28
N ASN U 6 74.23 -48.36 -22.91
CA ASN U 6 73.58 -47.36 -23.75
C ASN U 6 74.55 -46.84 -24.80
N ILE U 7 73.97 -46.30 -25.87
CA ILE U 7 74.72 -45.72 -26.96
C ILE U 7 75.42 -44.44 -26.52
N VAL U 8 76.68 -44.29 -26.92
CA VAL U 8 77.49 -43.19 -26.47
C VAL U 8 77.87 -42.26 -27.63
N SER U 9 77.99 -42.81 -28.83
CA SER U 9 78.35 -42.01 -29.98
C SER U 9 77.92 -42.62 -31.30
N VAL U 10 77.79 -41.76 -32.30
CA VAL U 10 77.44 -42.14 -33.67
C VAL U 10 78.40 -41.37 -34.54
N GLU U 11 79.00 -42.04 -35.53
CA GLU U 11 79.95 -41.41 -36.41
C GLU U 11 79.69 -41.81 -37.84
N PHE U 12 79.60 -40.83 -38.72
CA PHE U 12 79.47 -41.07 -40.16
C PHE U 12 80.86 -40.90 -40.79
N ILE U 13 81.43 -41.99 -41.28
CA ILE U 13 82.79 -41.99 -41.82
C ILE U 13 82.80 -42.11 -43.35
N PRO U 14 83.01 -40.98 -44.02
CA PRO U 14 83.03 -40.95 -45.47
C PRO U 14 84.21 -41.75 -45.99
N VAL U 15 83.94 -42.69 -46.89
CA VAL U 15 84.99 -43.46 -47.54
C VAL U 15 84.91 -43.16 -49.04
N ASN U 16 85.94 -42.52 -49.57
CA ASN U 16 85.87 -42.08 -50.96
C ASN U 16 87.16 -42.40 -51.68
N VAL U 17 87.09 -43.39 -52.57
CA VAL U 17 88.27 -43.92 -53.21
C VAL U 17 88.26 -43.60 -54.68
N ALA U 18 89.14 -42.69 -55.09
CA ALA U 18 89.21 -42.23 -56.46
C ALA U 18 89.94 -43.22 -57.38
N SER U 23 82.16 -44.16 -59.78
CA SER U 23 82.56 -43.66 -58.47
C SER U 23 82.61 -44.84 -57.50
N GLU U 24 83.41 -44.71 -56.45
CA GLU U 24 83.61 -45.81 -55.51
C GLU U 24 83.59 -45.30 -54.07
N ASN U 25 82.40 -45.19 -53.51
CA ASN U 25 82.30 -44.63 -52.18
C ASN U 25 81.13 -45.11 -51.33
N THR U 26 81.22 -44.83 -50.03
CA THR U 26 80.19 -45.20 -49.08
C THR U 26 80.34 -44.32 -47.86
N VAL U 27 79.34 -44.35 -46.97
CA VAL U 27 79.49 -43.79 -45.64
C VAL U 27 79.33 -44.89 -44.60
N ILE U 28 80.40 -45.22 -43.90
CA ILE U 28 80.33 -46.17 -42.80
C ILE U 28 79.70 -45.46 -41.61
N VAL U 29 78.66 -46.08 -41.04
CA VAL U 29 78.08 -45.55 -39.81
C VAL U 29 78.56 -46.38 -38.63
N LYS U 30 79.19 -45.73 -37.65
CA LYS U 30 79.71 -46.43 -36.49
C LYS U 30 79.04 -45.96 -35.21
N VAL U 31 78.37 -46.90 -34.54
CA VAL U 31 77.68 -46.62 -33.28
C VAL U 31 78.35 -47.40 -32.15
N THR U 32 78.83 -46.67 -31.15
CA THR U 32 79.63 -47.25 -30.09
C THR U 32 78.88 -47.14 -28.77
N ASP U 33 78.96 -48.18 -27.95
CA ASP U 33 78.28 -48.14 -26.65
C ASP U 33 79.21 -47.71 -25.50
N GLU U 34 78.66 -47.68 -24.29
CA GLU U 34 79.40 -47.29 -23.08
C GLU U 34 80.64 -48.13 -22.79
N ASN U 35 80.63 -49.39 -23.24
CA ASN U 35 81.75 -50.32 -23.00
C ASN U 35 82.77 -50.40 -24.13
N GLY U 36 82.62 -49.53 -25.13
CA GLY U 36 83.53 -49.49 -26.26
C GLY U 36 83.15 -50.43 -27.40
N VAL U 37 82.09 -51.21 -27.23
CA VAL U 37 81.58 -52.06 -28.33
C VAL U 37 80.87 -51.19 -29.38
N TYR U 38 80.95 -51.59 -30.65
CA TYR U 38 80.30 -50.83 -31.71
C TYR U 38 79.62 -51.70 -32.75
N GLY U 39 78.65 -51.12 -33.46
CA GLY U 39 78.02 -51.78 -34.59
C GLY U 39 78.25 -50.95 -35.83
N LEU U 40 78.24 -51.60 -37.00
CA LEU U 40 78.54 -50.91 -38.25
C LEU U 40 77.38 -51.06 -39.21
N GLY U 41 77.00 -49.98 -39.87
CA GLY U 41 76.07 -50.03 -40.98
C GLY U 41 76.59 -49.08 -42.05
N GLU U 42 75.85 -48.92 -43.14
CA GLU U 42 76.21 -47.91 -44.12
C GLU U 42 75.01 -47.19 -44.72
N ALA U 43 75.17 -45.88 -44.92
CA ALA U 43 74.12 -45.08 -45.47
C ALA U 43 74.45 -44.80 -46.92
N ASP U 44 73.44 -44.66 -47.75
CA ASP U 44 73.64 -44.29 -49.13
C ASP U 44 73.77 -42.77 -49.15
N GLY U 45 74.09 -42.20 -50.31
CA GLY U 45 74.27 -40.75 -50.47
C GLY U 45 75.71 -40.29 -50.69
N PRO U 46 75.89 -39.06 -51.21
CA PRO U 46 77.23 -38.44 -51.33
C PRO U 46 77.93 -38.35 -49.96
N PRO U 47 79.16 -38.85 -49.85
CA PRO U 47 79.62 -39.10 -48.49
C PRO U 47 79.92 -37.83 -47.66
N GLU U 48 80.55 -36.82 -48.24
CA GLU U 48 80.73 -35.59 -47.48
C GLU U 48 79.39 -34.97 -47.07
N CYS U 49 78.42 -35.00 -47.97
CA CYS U 49 77.09 -34.47 -47.72
C CYS U 49 76.35 -35.19 -46.58
N MET U 50 76.44 -36.52 -46.57
CA MET U 50 75.88 -37.30 -45.46
C MET U 50 76.55 -37.02 -44.08
N LYS U 51 77.87 -36.87 -44.05
CA LYS U 51 78.56 -36.42 -42.83
C LYS U 51 77.99 -35.09 -42.31
N ALA U 52 77.90 -34.10 -43.20
CA ALA U 52 77.29 -32.82 -42.87
C ALA U 52 75.86 -32.98 -42.35
N PHE U 53 75.08 -33.87 -42.95
CA PHE U 53 73.72 -34.11 -42.47
C PHE U 53 73.68 -34.59 -41.02
N SER U 54 74.66 -35.41 -40.64
CA SER U 54 74.68 -36.04 -39.33
C SER U 54 75.25 -35.13 -38.23
N GLU U 55 75.80 -33.98 -38.65
CA GLU U 55 76.43 -33.04 -37.74
C GLU U 55 75.71 -31.70 -37.69
N ILE U 56 74.46 -31.66 -38.14
CA ILE U 56 73.67 -30.42 -38.07
C ILE U 56 73.33 -29.96 -36.64
N GLU U 57 72.96 -28.69 -36.51
CA GLU U 57 72.46 -28.06 -35.27
C GLU U 57 70.97 -28.33 -35.08
N ASN U 58 70.55 -28.59 -33.83
CA ASN U 58 69.13 -28.65 -33.50
C ASN U 58 68.45 -27.32 -33.87
N GLU U 59 67.24 -27.37 -34.43
CA GLU U 59 66.54 -26.14 -34.80
C GLU U 59 65.15 -26.01 -34.16
N HIS U 60 64.36 -27.07 -34.24
CA HIS U 60 63.07 -27.11 -33.54
C HIS U 60 62.56 -28.53 -33.37
N LYS U 61 61.28 -28.65 -33.00
CA LYS U 61 60.70 -29.91 -32.56
C LYS U 61 60.83 -31.04 -33.61
N TRP U 62 60.75 -30.70 -34.89
CA TRP U 62 60.86 -31.70 -35.95
C TRP U 62 62.16 -31.53 -36.76
N LEU U 63 63.11 -30.76 -36.21
CA LEU U 63 64.39 -30.56 -36.89
C LEU U 63 65.56 -30.62 -35.91
N ASN U 64 65.99 -31.84 -35.62
CA ASN U 64 67.08 -32.08 -34.70
C ASN U 64 68.21 -32.88 -35.35
N ASN U 65 69.39 -32.77 -34.76
CA ASN U 65 70.46 -33.67 -35.07
C ASN U 65 70.00 -35.11 -34.90
N ILE U 66 70.17 -35.93 -35.93
CA ILE U 66 69.68 -37.32 -35.91
C ILE U 66 70.27 -38.17 -34.79
N LYS U 67 71.55 -37.93 -34.49
CA LYS U 67 72.25 -38.68 -33.45
C LYS U 67 71.55 -38.55 -32.10
N GLU U 68 70.98 -37.38 -31.83
CA GLU U 68 70.38 -37.11 -30.52
C GLU U 68 69.16 -37.98 -30.19
N ALA U 69 68.58 -38.61 -31.20
CA ALA U 69 67.47 -39.55 -31.02
C ALA U 69 67.91 -40.91 -30.52
N VAL U 70 69.20 -41.21 -30.59
CA VAL U 70 69.72 -42.54 -30.20
C VAL U 70 70.77 -42.52 -29.09
N ILE U 71 71.57 -41.45 -29.00
CA ILE U 71 72.60 -41.37 -27.95
C ILE U 71 71.93 -41.39 -26.58
N GLY U 72 72.40 -42.26 -25.69
CA GLY U 72 71.75 -42.47 -24.40
C GLY U 72 70.73 -43.60 -24.38
N ARG U 73 70.46 -44.20 -25.55
CA ARG U 73 69.42 -45.23 -25.67
C ARG U 73 69.95 -46.66 -25.82
N ASP U 74 69.11 -47.62 -25.50
CA ASP U 74 69.46 -49.01 -25.62
C ASP U 74 69.23 -49.45 -27.08
N PRO U 75 70.28 -49.97 -27.76
CA PRO U 75 70.17 -50.21 -29.22
C PRO U 75 69.26 -51.39 -29.60
N LEU U 76 68.86 -52.18 -28.61
CA LEU U 76 67.90 -53.26 -28.79
C LEU U 76 66.48 -52.81 -29.18
N GLU U 77 66.11 -51.58 -28.81
CA GLU U 77 64.73 -51.10 -28.95
C GLU U 77 64.50 -50.53 -30.35
N PHE U 78 64.40 -51.40 -31.34
CA PHE U 78 64.56 -50.98 -32.74
C PHE U 78 63.45 -50.06 -33.19
N ARG U 79 62.19 -50.41 -32.91
CA ARG U 79 61.05 -49.59 -33.29
C ARG U 79 61.18 -48.22 -32.64
N ALA U 80 61.29 -48.21 -31.31
CA ALA U 80 61.40 -46.96 -30.54
C ALA U 80 62.46 -46.03 -31.10
N ASN U 81 63.64 -46.59 -31.39
CA ASN U 81 64.80 -45.84 -31.88
C ASN U 81 64.54 -45.37 -33.31
N TYR U 82 63.98 -46.26 -34.13
CA TYR U 82 63.58 -45.85 -35.48
C TYR U 82 62.54 -44.72 -35.47
N ASN U 83 61.44 -44.92 -34.74
CA ASN U 83 60.43 -43.87 -34.68
C ASN U 83 60.99 -42.54 -34.15
N ARG U 84 61.94 -42.60 -33.20
CA ARG U 84 62.50 -41.36 -32.67
C ARG U 84 63.39 -40.65 -33.68
N MET U 85 64.21 -41.39 -34.42
CA MET U 85 64.98 -40.76 -35.51
C MET U 85 64.04 -40.16 -36.54
N TYR U 86 63.01 -40.93 -36.91
CA TYR U 86 62.07 -40.43 -37.92
C TYR U 86 61.34 -39.17 -37.45
N ASP U 87 60.78 -39.19 -36.24
CA ASP U 87 59.94 -38.08 -35.76
C ASP U 87 60.71 -36.77 -35.57
N THR U 88 61.88 -36.88 -34.96
CA THR U 88 62.68 -35.72 -34.57
C THR U 88 63.39 -35.07 -35.75
N THR U 89 63.50 -35.77 -36.88
CA THR U 89 64.12 -35.20 -38.09
C THR U 89 63.11 -35.02 -39.21
N LYS U 90 61.83 -35.06 -38.87
CA LYS U 90 60.75 -35.01 -39.88
C LYS U 90 60.84 -33.83 -40.86
N TRP U 91 61.21 -32.67 -40.34
CA TRP U 91 61.14 -31.48 -41.17
C TRP U 91 62.08 -31.54 -42.39
N ILE U 92 63.21 -32.23 -42.25
CA ILE U 92 64.23 -32.36 -43.30
C ILE U 92 64.34 -33.78 -43.86
N GLY U 93 63.65 -34.72 -43.23
CA GLY U 93 63.74 -36.13 -43.62
C GLY U 93 62.40 -36.57 -44.19
N MET U 94 61.79 -37.56 -43.54
CA MET U 94 60.47 -38.09 -43.95
C MET U 94 60.53 -38.86 -45.27
N ARG U 95 61.14 -38.27 -46.28
CA ARG U 95 61.42 -38.97 -47.51
C ARG U 95 62.80 -38.56 -47.98
N GLY U 96 63.46 -39.45 -48.71
CA GLY U 96 64.65 -39.07 -49.46
C GLY U 96 65.90 -39.13 -48.61
N LEU U 97 66.82 -38.23 -48.90
CA LEU U 97 68.18 -38.33 -48.35
C LEU U 97 68.23 -38.45 -46.83
N GLY U 98 67.30 -37.80 -46.13
CA GLY U 98 67.17 -37.96 -44.68
C GLY U 98 67.02 -39.39 -44.23
N LEU U 99 66.29 -40.17 -45.02
CA LEU U 99 66.13 -41.59 -44.75
C LEU U 99 67.32 -42.46 -45.04
N PHE U 100 68.27 -41.98 -45.85
CA PHE U 100 69.56 -42.70 -45.99
C PHE U 100 70.32 -42.73 -44.65
N ALA U 101 70.41 -41.58 -43.99
CA ALA U 101 71.05 -41.43 -42.67
C ALA U 101 70.45 -42.36 -41.62
N ILE U 102 69.11 -42.37 -41.54
CA ILE U 102 68.42 -43.32 -40.66
C ILE U 102 68.75 -44.79 -40.99
N SER U 103 68.67 -45.14 -42.27
CA SER U 103 69.01 -46.49 -42.74
C SER U 103 70.35 -46.96 -42.16
N GLY U 104 71.37 -46.13 -42.30
CA GLY U 104 72.72 -46.49 -41.84
C GLY U 104 72.82 -46.72 -40.34
N ILE U 105 72.25 -45.80 -39.55
CA ILE U 105 72.24 -45.98 -38.10
C ILE U 105 71.43 -47.20 -37.69
N ASP U 106 70.26 -47.37 -38.30
CA ASP U 106 69.44 -48.56 -38.06
C ASP U 106 70.22 -49.87 -38.32
N MET U 107 70.98 -49.94 -39.42
CA MET U 107 71.80 -51.12 -39.73
C MET U 107 72.79 -51.38 -38.60
N ALA U 108 73.52 -50.34 -38.21
CA ALA U 108 74.52 -50.41 -37.16
C ALA U 108 73.93 -50.84 -35.82
N LEU U 109 72.68 -50.47 -35.56
CA LEU U 109 72.04 -50.79 -34.30
C LEU U 109 71.78 -52.27 -34.23
N TYR U 110 71.44 -52.89 -35.35
CA TYR U 110 71.30 -54.36 -35.40
C TYR U 110 72.63 -55.07 -35.17
N ASP U 111 73.70 -54.49 -35.70
CA ASP U 111 75.03 -55.05 -35.53
C ASP U 111 75.44 -54.87 -34.06
N LEU U 112 75.17 -53.68 -33.50
CA LEU U 112 75.55 -53.40 -32.11
C LEU U 112 74.76 -54.25 -31.11
N ALA U 113 73.44 -54.28 -31.26
CA ALA U 113 72.60 -55.06 -30.39
C ALA U 113 72.96 -56.54 -30.43
N GLY U 114 73.29 -57.06 -31.61
CA GLY U 114 73.68 -58.47 -31.73
C GLY U 114 74.98 -58.74 -30.97
N LYS U 115 75.91 -57.80 -31.06
CA LYS U 115 77.17 -57.92 -30.34
C LYS U 115 77.01 -57.77 -28.81
N GLN U 116 76.18 -56.83 -28.36
CA GLN U 116 75.93 -56.73 -26.93
C GLN U 116 75.31 -58.03 -26.41
N LEU U 117 74.34 -58.56 -27.13
CA LEU U 117 73.61 -59.75 -26.66
C LEU U 117 74.35 -61.05 -27.00
N GLY U 118 75.35 -60.95 -27.86
CA GLY U 118 76.07 -62.12 -28.35
C GLY U 118 75.23 -63.03 -29.24
N VAL U 119 74.34 -62.46 -30.05
CA VAL U 119 73.51 -63.26 -30.97
C VAL U 119 73.64 -62.74 -32.42
N PRO U 120 73.42 -63.62 -33.42
CA PRO U 120 73.45 -63.09 -34.78
C PRO U 120 72.27 -62.18 -35.00
N ALA U 121 72.42 -61.19 -35.88
CA ALA U 121 71.37 -60.21 -36.11
C ALA U 121 70.04 -60.84 -36.53
N TYR U 122 70.08 -61.92 -37.32
CA TYR U 122 68.86 -62.51 -37.82
C TYR U 122 67.88 -62.94 -36.71
N LYS U 123 68.40 -63.35 -35.56
CA LYS U 123 67.55 -63.69 -34.42
C LYS U 123 66.80 -62.44 -33.92
N LEU U 124 67.44 -61.28 -34.02
CA LEU U 124 66.80 -60.04 -33.61
C LEU U 124 65.83 -59.54 -34.67
N MET U 125 65.83 -60.17 -35.84
CA MET U 125 64.97 -59.73 -36.95
C MET U 125 63.77 -60.67 -37.00
N GLY U 126 63.68 -61.55 -36.01
CA GLY U 126 62.55 -62.45 -35.87
C GLY U 126 62.91 -63.93 -35.97
N GLY U 127 64.12 -64.24 -36.45
CA GLY U 127 64.55 -65.63 -36.52
C GLY U 127 64.59 -66.19 -37.93
N ALA U 128 65.49 -67.16 -38.13
CA ALA U 128 65.73 -67.74 -39.45
C ALA U 128 64.50 -68.50 -39.93
N GLN U 129 64.06 -68.20 -41.15
CA GLN U 129 62.86 -68.85 -41.63
C GLN U 129 63.00 -69.64 -42.90
N LYS U 130 64.22 -69.72 -43.43
CA LYS U 130 64.50 -70.73 -44.45
C LYS U 130 65.72 -71.56 -44.07
N ALA U 131 65.83 -72.73 -44.70
CA ALA U 131 66.97 -73.59 -44.43
C ALA U 131 68.26 -73.01 -44.99
N GLN U 132 68.15 -72.30 -46.11
CA GLN U 132 69.30 -71.77 -46.85
C GLN U 132 69.05 -70.35 -47.35
N LEU U 133 70.11 -69.57 -47.45
CA LEU U 133 70.06 -68.33 -48.21
C LEU U 133 70.57 -68.52 -49.65
N THR U 134 69.65 -68.44 -50.60
CA THR U 134 69.92 -68.57 -52.03
C THR U 134 69.54 -67.27 -52.73
N PRO U 135 70.53 -66.42 -53.05
CA PRO U 135 70.23 -65.16 -53.72
C PRO U 135 70.25 -65.30 -55.23
N TYR U 136 69.84 -64.24 -55.91
CA TYR U 136 70.18 -64.05 -57.29
C TYR U 136 71.37 -63.11 -57.27
N PHE U 137 72.27 -63.30 -58.21
CA PHE U 137 73.49 -62.54 -58.23
C PHE U 137 73.41 -61.54 -59.36
N THR U 138 73.63 -60.28 -59.03
CA THR U 138 73.65 -59.26 -60.05
C THR U 138 74.98 -59.27 -60.83
N LEU U 139 74.86 -59.42 -62.15
CA LEU U 139 75.99 -59.43 -63.07
C LEU U 139 76.07 -58.13 -63.86
N TYR U 140 77.11 -57.35 -63.62
CA TYR U 140 77.33 -56.12 -64.35
C TYR U 140 78.73 -56.12 -64.98
N PRO U 141 78.79 -56.12 -66.32
CA PRO U 141 80.08 -56.31 -66.98
C PRO U 141 80.91 -55.04 -66.94
N SER U 142 82.23 -55.21 -66.89
CA SER U 142 83.17 -54.08 -67.01
C SER U 142 83.52 -53.85 -68.48
N VAL U 143 82.88 -52.86 -69.08
CA VAL U 143 83.01 -52.59 -70.51
C VAL U 143 83.34 -51.14 -70.78
N ALA U 144 83.92 -50.87 -71.95
CA ALA U 144 84.11 -49.51 -72.42
C ALA U 144 82.78 -48.74 -72.42
N ALA U 145 82.87 -47.42 -72.30
CA ALA U 145 81.73 -46.57 -72.67
C ALA U 145 81.50 -46.75 -74.16
N ASP U 146 80.26 -46.57 -74.60
CA ASP U 146 79.96 -46.70 -76.03
C ASP U 146 80.13 -48.12 -76.56
N ALA U 147 80.15 -49.12 -75.66
CA ALA U 147 80.36 -50.51 -76.08
C ALA U 147 79.17 -51.01 -76.89
N THR U 148 79.42 -51.87 -77.87
CA THR U 148 78.32 -52.45 -78.62
C THR U 148 77.64 -53.57 -77.83
N LEU U 149 76.41 -53.86 -78.19
CA LEU U 149 75.66 -54.94 -77.59
C LEU U 149 76.41 -56.26 -77.75
N SER U 150 76.96 -56.45 -78.94
CA SER U 150 77.73 -57.65 -79.20
C SER U 150 78.90 -57.73 -78.23
N GLU U 151 79.57 -56.60 -78.03
CA GLU U 151 80.69 -56.51 -77.11
C GLU U 151 80.28 -56.78 -75.67
N ILE U 152 79.10 -56.29 -75.28
CA ILE U 152 78.67 -56.46 -73.90
C ILE U 152 78.34 -57.94 -73.65
N VAL U 153 77.70 -58.58 -74.61
CA VAL U 153 77.45 -60.01 -74.50
C VAL U 153 78.75 -60.80 -74.33
N GLU U 154 79.81 -60.39 -75.03
CA GLU U 154 81.13 -61.00 -74.82
C GLU U 154 81.61 -60.77 -73.38
N ALA U 155 81.40 -59.57 -72.84
CA ALA U 155 81.86 -59.32 -71.48
C ALA U 155 81.08 -60.14 -70.45
N TYR U 156 79.85 -60.49 -70.79
CA TYR U 156 78.99 -61.24 -69.87
C TYR U 156 79.40 -62.69 -69.68
N LYS U 157 79.98 -63.29 -70.73
CA LYS U 157 80.22 -64.73 -70.76
C LYS U 157 81.10 -65.25 -69.61
N PRO U 158 82.17 -64.52 -69.26
CA PRO U 158 82.95 -65.08 -68.15
C PRO U 158 82.24 -64.91 -66.81
N LEU U 159 81.36 -63.92 -66.70
CA LEU U 159 80.60 -63.72 -65.46
C LEU U 159 79.57 -64.82 -65.34
N ILE U 160 78.89 -65.07 -66.42
CA ILE U 160 77.86 -66.06 -66.42
C ILE U 160 78.49 -67.43 -66.17
N ALA U 161 79.63 -67.66 -66.80
CA ALA U 161 80.31 -68.93 -66.62
C ALA U 161 80.71 -69.11 -65.16
N LYS U 162 81.17 -68.05 -64.51
CA LYS U 162 81.57 -68.15 -63.14
C LYS U 162 80.36 -68.37 -62.24
N ALA U 163 79.23 -67.76 -62.59
CA ALA U 163 77.98 -67.99 -61.82
C ALA U 163 77.55 -69.45 -61.88
N LYS U 164 77.63 -70.06 -63.06
CA LYS U 164 77.29 -71.49 -63.19
C LYS U 164 78.25 -72.36 -62.38
N GLU U 165 79.54 -72.04 -62.44
CA GLU U 165 80.55 -72.75 -61.66
C GLU U 165 80.27 -72.68 -60.15
N ARG U 166 79.71 -71.56 -59.70
CA ARG U 166 79.32 -71.44 -58.29
C ARG U 166 78.02 -72.13 -57.92
N GLY U 167 77.33 -72.70 -58.91
CA GLY U 167 76.00 -73.29 -58.67
C GLY U 167 74.89 -72.26 -58.45
N ALA U 168 75.10 -71.03 -58.90
CA ALA U 168 74.07 -69.99 -58.78
C ALA U 168 72.69 -70.44 -59.32
N LYS U 169 71.61 -70.04 -58.64
CA LYS U 169 70.26 -70.44 -59.08
C LYS U 169 69.66 -69.38 -59.96
N ALA U 170 70.27 -68.20 -59.99
CA ALA U 170 69.67 -67.03 -60.60
C ALA U 170 70.66 -65.92 -60.78
N VAL U 171 70.57 -65.23 -61.91
CA VAL U 171 71.41 -64.08 -62.18
C VAL U 171 70.55 -62.98 -62.77
N LYS U 172 70.97 -61.76 -62.55
CA LYS U 172 70.32 -60.62 -63.16
C LYS U 172 71.29 -60.00 -64.15
N VAL U 173 70.82 -59.73 -65.35
CA VAL U 173 71.64 -59.02 -66.33
C VAL U 173 71.04 -57.64 -66.57
N CYS U 174 71.81 -56.75 -67.20
CA CYS U 174 71.41 -55.35 -67.30
C CYS U 174 71.40 -54.86 -68.74
N ILE U 175 70.55 -53.88 -69.01
CA ILE U 175 70.61 -53.13 -70.27
C ILE U 175 71.37 -51.84 -70.02
N ILE U 176 72.64 -51.78 -70.44
CA ILE U 176 73.43 -50.56 -70.30
C ILE U 176 72.72 -49.44 -71.04
N PRO U 177 72.47 -48.31 -70.35
CA PRO U 177 71.70 -47.26 -70.99
C PRO U 177 72.36 -46.85 -72.31
N ASN U 178 71.61 -46.93 -73.40
CA ASN U 178 72.12 -46.68 -74.72
C ASN U 178 70.96 -46.31 -75.64
N ASP U 179 70.84 -45.02 -75.96
CA ASP U 179 69.70 -44.55 -76.71
C ASP U 179 69.95 -44.51 -78.22
N LYS U 180 71.09 -45.06 -78.64
CA LYS U 180 71.41 -45.15 -80.05
C LYS U 180 71.24 -46.59 -80.49
N VAL U 181 70.31 -47.30 -79.84
CA VAL U 181 70.11 -48.71 -80.08
C VAL U 181 68.60 -48.95 -79.97
N SER U 182 68.05 -49.80 -80.81
CA SER U 182 66.59 -49.93 -80.89
C SER U 182 66.05 -51.00 -79.93
N ASP U 183 64.74 -50.97 -79.72
CA ASP U 183 64.10 -52.00 -78.91
C ASP U 183 64.22 -53.37 -79.56
N LYS U 184 64.18 -53.40 -80.90
CA LYS U 184 64.40 -54.62 -81.68
C LYS U 184 65.77 -55.24 -81.35
N GLU U 185 66.81 -54.41 -81.36
CA GLU U 185 68.16 -54.84 -80.97
C GLU U 185 68.27 -55.32 -79.51
N ILE U 186 67.63 -54.60 -78.59
CA ILE U 186 67.48 -55.05 -77.19
C ILE U 186 66.89 -56.46 -77.14
N VAL U 187 65.82 -56.70 -77.88
CA VAL U 187 65.22 -58.04 -77.94
C VAL U 187 66.26 -59.10 -78.37
N ALA U 188 67.03 -58.82 -79.43
CA ALA U 188 68.03 -59.75 -79.91
C ALA U 188 69.08 -59.98 -78.84
N TYR U 189 69.50 -58.89 -78.23
CA TYR U 189 70.45 -58.91 -77.13
C TYR U 189 70.01 -59.84 -75.98
N LEU U 190 68.80 -59.62 -75.45
CA LEU U 190 68.31 -60.42 -74.32
C LEU U 190 68.05 -61.88 -74.72
N ARG U 191 67.63 -62.12 -75.95
CA ARG U 191 67.56 -63.50 -76.41
C ARG U 191 68.95 -64.16 -76.41
N GLU U 192 69.97 -63.43 -76.87
CA GLU U 192 71.34 -63.98 -76.87
C GLU U 192 71.76 -64.36 -75.47
N LEU U 193 71.55 -63.44 -74.54
CA LEU U 193 71.87 -63.68 -73.14
C LEU U 193 71.20 -64.91 -72.54
N ARG U 194 69.94 -65.18 -72.89
CA ARG U 194 69.29 -66.39 -72.39
C ARG U 194 69.97 -67.66 -72.94
N GLU U 195 70.30 -67.66 -74.23
CA GLU U 195 71.08 -68.76 -74.79
C GLU U 195 72.40 -69.00 -74.02
N VAL U 196 73.11 -67.91 -73.68
CA VAL U 196 74.34 -68.06 -72.90
C VAL U 196 74.08 -68.51 -71.45
N ILE U 197 73.02 -67.97 -70.85
CA ILE U 197 72.67 -68.34 -69.49
C ILE U 197 72.19 -69.80 -69.41
N GLY U 198 71.44 -70.21 -70.41
CA GLY U 198 70.89 -71.56 -70.39
C GLY U 198 69.57 -71.59 -69.64
N TRP U 199 69.13 -72.78 -69.27
CA TRP U 199 67.78 -72.99 -68.77
C TRP U 199 67.80 -73.68 -67.41
N ASP U 200 68.92 -73.57 -66.73
CA ASP U 200 69.06 -74.14 -65.40
C ASP U 200 69.24 -73.03 -64.36
N MET U 201 69.22 -71.78 -64.78
CA MET U 201 69.23 -70.63 -63.85
C MET U 201 68.10 -69.68 -64.23
N ASP U 202 67.42 -69.13 -63.23
CA ASP U 202 66.46 -68.05 -63.50
C ASP U 202 67.18 -66.84 -64.02
N MET U 203 66.53 -66.09 -64.91
CA MET U 203 67.15 -64.90 -65.50
C MET U 203 66.26 -63.66 -65.24
N MET U 204 66.82 -62.68 -64.53
CA MET U 204 66.14 -61.42 -64.23
C MET U 204 66.75 -60.38 -65.17
N VAL U 205 66.02 -59.32 -65.48
CA VAL U 205 66.59 -58.21 -66.28
C VAL U 205 66.41 -56.86 -65.61
N ASP U 206 67.48 -56.06 -65.55
CA ASP U 206 67.42 -54.67 -65.10
C ASP U 206 67.45 -53.73 -66.30
N CYS U 207 66.35 -53.03 -66.55
CA CYS U 207 66.25 -52.15 -67.72
C CYS U 207 66.90 -50.78 -67.51
N LEU U 208 67.31 -50.50 -66.28
CA LEU U 208 67.98 -49.24 -65.95
C LEU U 208 67.23 -48.02 -66.49
N TYR U 209 65.92 -48.00 -66.30
CA TYR U 209 65.08 -46.85 -66.61
C TYR U 209 65.11 -46.42 -68.07
N ARG U 210 65.21 -47.40 -68.97
CA ARG U 210 65.29 -47.13 -70.40
C ARG U 210 64.01 -46.57 -71.00
N TRP U 211 62.85 -47.09 -70.62
CA TRP U 211 61.61 -46.68 -71.25
C TRP U 211 60.87 -45.60 -70.47
N THR U 212 60.13 -44.78 -71.21
CA THR U 212 59.20 -43.84 -70.63
C THR U 212 57.77 -44.15 -71.05
N ASP U 213 57.58 -44.76 -72.22
CA ASP U 213 56.21 -45.10 -72.70
C ASP U 213 55.93 -46.55 -72.37
N TRP U 214 54.90 -46.80 -71.56
CA TRP U 214 54.60 -48.17 -71.16
C TRP U 214 54.28 -49.03 -72.37
N GLN U 215 53.74 -48.42 -73.42
CA GLN U 215 53.34 -49.22 -74.59
C GLN U 215 54.57 -49.72 -75.34
N LYS U 216 55.67 -48.99 -75.22
CA LYS U 216 56.91 -49.37 -75.89
C LYS U 216 57.61 -50.47 -75.11
N ALA U 217 57.60 -50.37 -73.78
CA ALA U 217 58.05 -51.49 -72.94
C ALA U 217 57.22 -52.75 -73.22
N ARG U 218 55.91 -52.56 -73.29
CA ARG U 218 54.98 -53.66 -73.56
C ARG U 218 55.39 -54.45 -74.81
N TRP U 219 55.69 -53.72 -75.88
CA TRP U 219 56.08 -54.34 -77.14
C TRP U 219 57.32 -55.20 -76.96
N THR U 220 58.31 -54.65 -76.26
CA THR U 220 59.57 -55.34 -76.06
C THR U 220 59.38 -56.66 -75.34
N PHE U 221 58.65 -56.64 -74.23
CA PHE U 221 58.59 -57.82 -73.36
C PHE U 221 57.50 -58.82 -73.76
N ARG U 222 56.59 -58.38 -74.62
CA ARG U 222 55.83 -59.34 -75.44
C ARG U 222 56.73 -60.20 -76.36
N GLN U 223 57.76 -59.62 -77.00
CA GLN U 223 58.65 -60.43 -77.86
C GLN U 223 59.49 -61.39 -77.03
N LEU U 224 59.73 -61.02 -75.77
CA LEU U 224 60.63 -61.78 -74.92
C LEU U 224 59.92 -62.82 -74.07
N GLU U 225 58.61 -62.99 -74.28
CA GLU U 225 57.86 -63.99 -73.52
C GLU U 225 58.54 -65.35 -73.51
N ASP U 226 59.10 -65.76 -74.65
CA ASP U 226 59.63 -67.11 -74.73
C ASP U 226 61.01 -67.31 -74.09
N ILE U 227 61.66 -66.24 -73.66
CA ILE U 227 62.88 -66.40 -72.88
C ILE U 227 62.62 -66.51 -71.37
N ASP U 228 61.36 -66.34 -70.96
CA ASP U 228 60.96 -66.73 -69.61
C ASP U 228 61.62 -65.92 -68.49
N LEU U 229 61.59 -64.61 -68.62
CA LEU U 229 62.22 -63.74 -67.62
C LEU U 229 61.52 -63.89 -66.26
N TYR U 230 62.31 -64.06 -65.21
CA TYR U 230 61.79 -64.19 -63.86
C TYR U 230 61.19 -62.86 -63.35
N PHE U 231 61.89 -61.76 -63.56
CA PHE U 231 61.31 -60.44 -63.38
C PHE U 231 61.95 -59.37 -64.27
N ILE U 232 61.22 -58.27 -64.45
CA ILE U 232 61.68 -57.11 -65.21
C ILE U 232 61.75 -55.91 -64.26
N GLU U 233 62.97 -55.43 -64.00
CA GLU U 233 63.22 -54.36 -63.04
C GLU U 233 63.47 -52.99 -63.70
N ALA U 234 62.95 -51.93 -63.11
CA ALA U 234 63.32 -50.54 -63.47
C ALA U 234 63.01 -50.25 -64.92
N CYS U 235 61.79 -50.59 -65.32
CA CYS U 235 61.46 -50.60 -66.72
C CYS U 235 61.02 -49.21 -67.16
N LEU U 236 60.23 -48.56 -66.31
CA LEU U 236 59.65 -47.24 -66.60
C LEU U 236 60.14 -46.24 -65.57
N GLN U 237 59.91 -44.94 -65.79
CA GLN U 237 60.45 -43.95 -64.86
C GLN U 237 59.81 -44.12 -63.49
N HIS U 238 60.63 -43.97 -62.45
CA HIS U 238 60.25 -44.24 -61.07
C HIS U 238 58.97 -43.56 -60.55
N ASP U 239 58.63 -42.37 -61.04
CA ASP U 239 57.41 -41.67 -60.57
C ASP U 239 56.14 -42.09 -61.29
N ASP U 240 56.32 -42.82 -62.39
CA ASP U 240 55.20 -43.19 -63.23
C ASP U 240 54.46 -44.44 -62.73
N LEU U 241 53.65 -44.24 -61.68
CA LEU U 241 52.90 -45.35 -61.08
C LEU U 241 51.89 -45.94 -62.06
N ILE U 242 51.19 -45.08 -62.79
CA ILE U 242 50.14 -45.53 -63.71
C ILE U 242 50.64 -46.35 -64.90
N GLY U 243 51.76 -45.93 -65.48
CA GLY U 243 52.38 -46.66 -66.60
C GLY U 243 52.81 -48.04 -66.14
N HIS U 244 53.39 -48.13 -64.94
CA HIS U 244 53.74 -49.42 -64.34
C HIS U 244 52.54 -50.33 -64.16
N GLN U 245 51.44 -49.78 -63.62
CA GLN U 245 50.27 -50.62 -63.37
C GLN U 245 49.71 -51.20 -64.68
N LYS U 246 49.76 -50.42 -65.75
CA LYS U 246 49.31 -50.90 -67.07
C LYS U 246 50.28 -51.94 -67.63
N LEU U 247 51.57 -51.70 -67.45
CA LEU U 247 52.59 -52.66 -67.87
C LEU U 247 52.53 -53.98 -67.07
N ALA U 248 52.48 -53.89 -65.75
CA ALA U 248 52.28 -55.09 -64.91
C ALA U 248 51.06 -55.91 -65.34
N ALA U 249 49.95 -55.24 -65.66
CA ALA U 249 48.72 -55.91 -66.11
C ALA U 249 48.82 -56.55 -67.49
N ALA U 250 49.72 -56.05 -68.33
CA ALA U 250 49.82 -56.57 -69.69
C ALA U 250 50.82 -57.72 -69.84
N ILE U 251 51.90 -57.72 -69.06
CA ILE U 251 52.96 -58.70 -69.27
C ILE U 251 52.57 -59.99 -68.57
N ASN U 252 53.35 -61.04 -68.78
CA ASN U 252 52.97 -62.31 -68.21
C ASN U 252 53.94 -62.81 -67.11
N THR U 253 54.77 -61.91 -66.57
CA THR U 253 55.64 -62.21 -65.41
C THR U 253 55.65 -61.09 -64.40
N ARG U 254 56.71 -61.08 -63.59
CA ARG U 254 56.91 -60.13 -62.49
C ARG U 254 57.47 -58.80 -62.97
N LEU U 255 56.83 -57.71 -62.55
CA LEU U 255 57.37 -56.39 -62.75
C LEU U 255 57.84 -55.89 -61.39
N CYS U 256 59.03 -55.28 -61.35
CA CYS U 256 59.59 -54.79 -60.10
C CYS U 256 59.38 -53.29 -59.97
N GLY U 257 59.53 -52.78 -58.76
CA GLY U 257 59.42 -51.35 -58.55
C GLY U 257 59.99 -50.92 -57.20
N ALA U 258 59.97 -49.61 -56.97
CA ALA U 258 60.34 -49.03 -55.69
C ALA U 258 61.85 -49.09 -55.42
N GLU U 259 62.66 -49.26 -56.46
CA GLU U 259 64.09 -49.41 -56.24
C GLU U 259 64.69 -48.19 -55.52
N MET U 260 64.22 -47.00 -55.90
CA MET U 260 64.72 -45.75 -55.35
C MET U 260 63.84 -45.19 -54.22
N SER U 261 62.74 -45.88 -53.91
CA SER U 261 61.76 -45.38 -52.94
C SER U 261 62.29 -45.34 -51.49
N THR U 262 61.68 -44.50 -50.66
CA THR U 262 61.92 -44.58 -49.22
C THR U 262 60.61 -44.73 -48.45
N THR U 263 60.72 -45.38 -47.30
CA THR U 263 59.65 -45.63 -46.35
C THR U 263 58.66 -46.68 -46.84
N ARG U 264 57.95 -47.24 -45.87
CA ARG U 264 56.89 -48.16 -46.13
C ARG U 264 55.71 -47.48 -46.81
N PHE U 265 55.61 -46.17 -46.67
CA PHE U 265 54.49 -45.45 -47.26
C PHE U 265 54.60 -45.45 -48.79
N GLU U 266 55.81 -45.35 -49.31
CA GLU U 266 55.99 -45.40 -50.76
C GLU U 266 55.90 -46.85 -51.27
N ALA U 267 56.43 -47.81 -50.52
CA ALA U 267 56.42 -49.20 -50.97
C ALA U 267 54.97 -49.61 -51.13
N GLN U 268 54.19 -49.15 -50.18
CA GLN U 268 52.80 -49.48 -50.13
C GLN U 268 51.96 -48.85 -51.24
N GLU U 269 52.17 -47.56 -51.52
CA GLU U 269 51.55 -46.94 -52.68
C GLU U 269 51.85 -47.72 -53.96
N TRP U 270 53.11 -48.12 -54.12
CA TRP U 270 53.50 -48.90 -55.28
C TRP U 270 52.65 -50.17 -55.37
N LEU U 271 52.57 -50.90 -54.27
CA LEU U 271 51.87 -52.18 -54.25
C LEU U 271 50.38 -52.00 -54.61
N GLU U 272 49.77 -51.00 -53.99
CA GLU U 272 48.34 -50.73 -54.11
C GLU U 272 48.02 -50.29 -55.52
N LYS U 273 48.81 -49.36 -56.03
CA LYS U 273 48.52 -48.73 -57.31
C LYS U 273 49.03 -49.47 -58.56
N THR U 274 50.10 -50.24 -58.43
CA THR U 274 50.71 -50.81 -59.64
C THR U 274 50.60 -52.33 -59.76
N GLY U 275 50.40 -53.01 -58.64
CA GLY U 275 50.49 -54.46 -58.65
C GLY U 275 51.86 -55.01 -59.04
N ILE U 276 52.94 -54.26 -58.78
CA ILE U 276 54.28 -54.84 -58.96
C ILE U 276 54.40 -56.09 -58.08
N SER U 277 55.20 -57.07 -58.51
CA SER U 277 55.29 -58.35 -57.82
C SER U 277 56.54 -58.45 -56.95
N VAL U 278 57.47 -57.53 -57.20
CA VAL U 278 58.74 -57.45 -56.49
C VAL U 278 59.03 -56.02 -56.05
N VAL U 279 59.20 -55.82 -54.75
CA VAL U 279 59.54 -54.51 -54.18
C VAL U 279 61.03 -54.52 -53.94
N GLN U 280 61.70 -53.39 -54.19
CA GLN U 280 63.18 -53.34 -54.17
C GLN U 280 63.74 -52.24 -53.24
N SER U 281 62.89 -51.67 -52.40
CA SER U 281 63.34 -50.81 -51.29
C SER U 281 64.69 -51.23 -50.74
N ASP U 282 65.61 -50.27 -50.63
CA ASP U 282 67.05 -50.50 -50.41
C ASP U 282 67.43 -50.45 -48.94
N TYR U 283 68.25 -51.40 -48.49
CA TYR U 283 68.74 -51.45 -47.10
C TYR U 283 69.26 -50.10 -46.60
N ASN U 284 69.95 -49.36 -47.46
CA ASN U 284 70.63 -48.16 -46.99
C ASN U 284 70.02 -46.85 -47.52
N ARG U 285 68.77 -46.95 -47.97
CA ARG U 285 68.04 -45.80 -48.43
C ARG U 285 66.70 -45.70 -47.73
N CYS U 286 66.02 -46.84 -47.57
CA CYS U 286 64.59 -46.84 -47.41
C CYS U 286 64.13 -46.63 -45.96
N GLY U 287 65.08 -46.66 -45.04
CA GLY U 287 64.76 -46.62 -43.62
C GLY U 287 65.54 -47.67 -42.85
N GLY U 288 66.06 -48.66 -43.57
CA GLY U 288 66.89 -49.70 -42.98
C GLY U 288 66.11 -50.96 -42.68
N VAL U 289 66.73 -51.87 -41.95
CA VAL U 289 66.13 -53.15 -41.60
C VAL U 289 64.79 -53.01 -40.89
N THR U 290 64.71 -52.06 -39.97
CA THR U 290 63.48 -51.89 -39.20
C THR U 290 62.32 -51.52 -40.13
N GLU U 291 62.55 -50.60 -41.05
CA GLU U 291 61.53 -50.28 -42.03
C GLU U 291 61.32 -51.43 -43.07
N LEU U 292 62.35 -52.23 -43.34
CA LEU U 292 62.20 -53.32 -44.32
C LEU U 292 61.35 -54.44 -43.77
N LEU U 293 61.47 -54.69 -42.47
CA LEU U 293 60.60 -55.68 -41.84
C LEU U 293 59.11 -55.31 -41.94
N ARG U 294 58.81 -54.03 -41.83
CA ARG U 294 57.40 -53.59 -41.98
C ARG U 294 56.95 -53.74 -43.42
N ILE U 295 57.81 -53.33 -44.35
CA ILE U 295 57.56 -53.49 -45.77
C ILE U 295 57.29 -54.96 -46.13
N MET U 296 58.01 -55.83 -45.44
CA MET U 296 57.89 -57.29 -45.64
C MET U 296 56.45 -57.75 -45.35
N ASP U 297 55.88 -57.23 -44.26
CA ASP U 297 54.56 -57.68 -43.84
C ASP U 297 53.49 -57.18 -44.80
N ILE U 298 53.72 -56.00 -45.34
CA ILE U 298 52.85 -55.42 -46.36
C ILE U 298 52.96 -56.18 -47.70
N CYS U 299 54.17 -56.52 -48.12
CA CYS U 299 54.33 -57.40 -49.29
C CYS U 299 53.59 -58.73 -49.10
N GLU U 300 53.67 -59.34 -47.91
CA GLU U 300 53.03 -60.64 -47.66
C GLU U 300 51.54 -60.57 -47.98
N HIS U 301 50.91 -59.50 -47.50
CA HIS U 301 49.49 -59.27 -47.73
C HIS U 301 49.16 -59.17 -49.25
N HIS U 302 50.01 -58.49 -50.04
CA HIS U 302 49.78 -58.40 -51.48
C HIS U 302 50.33 -59.60 -52.27
N ASN U 303 50.83 -60.61 -51.55
CA ASN U 303 51.59 -61.72 -52.15
C ASN U 303 52.68 -61.23 -53.12
N ALA U 304 53.37 -60.16 -52.73
CA ALA U 304 54.57 -59.68 -53.44
C ALA U 304 55.81 -60.14 -52.71
N GLN U 305 56.94 -60.18 -53.42
CA GLN U 305 58.21 -60.54 -52.81
C GLN U 305 58.98 -59.27 -52.49
N LEU U 306 59.89 -59.35 -51.55
CA LEU U 306 60.71 -58.21 -51.20
C LEU U 306 62.17 -58.56 -51.44
N MET U 307 62.80 -57.89 -52.41
CA MET U 307 64.17 -58.19 -52.84
C MET U 307 64.93 -56.86 -52.85
N PRO U 308 65.33 -56.39 -51.64
CA PRO U 308 65.90 -55.08 -51.49
C PRO U 308 67.14 -54.86 -52.35
N HIS U 309 67.22 -53.66 -52.93
CA HIS U 309 68.34 -53.25 -53.74
C HIS U 309 69.63 -53.29 -52.93
N ASN U 310 70.62 -53.99 -53.47
CA ASN U 310 71.84 -54.29 -52.74
C ASN U 310 73.03 -54.13 -53.66
N TRP U 311 73.48 -52.89 -53.85
CA TRP U 311 74.72 -52.65 -54.60
C TRP U 311 75.56 -51.59 -53.90
N LYS U 312 76.29 -52.01 -52.88
CA LYS U 312 76.98 -51.08 -52.01
C LYS U 312 78.32 -51.72 -51.61
N THR U 313 78.36 -52.24 -50.38
CA THR U 313 79.59 -52.71 -49.79
C THR U 313 79.33 -54.06 -49.10
N GLY U 314 80.38 -54.74 -48.66
CA GLY U 314 80.26 -55.90 -47.76
C GLY U 314 79.48 -55.66 -46.47
N ILE U 315 79.36 -54.40 -46.07
CA ILE U 315 78.58 -54.02 -44.87
C ILE U 315 77.10 -54.27 -45.12
N THR U 316 76.59 -53.72 -46.21
CA THR U 316 75.21 -54.00 -46.59
C THR U 316 75.01 -55.48 -46.95
N ALA U 317 76.09 -56.14 -47.38
CA ALA U 317 75.98 -57.53 -47.81
C ALA U 317 75.71 -58.43 -46.60
N ALA U 318 76.33 -58.08 -45.48
CA ALA U 318 76.00 -58.70 -44.20
C ALA U 318 74.52 -58.49 -43.81
N ALA U 319 74.01 -57.28 -44.01
CA ALA U 319 72.62 -57.01 -43.70
C ALA U 319 71.69 -57.87 -44.59
N ALA U 320 71.99 -57.95 -45.88
CA ALA U 320 71.25 -58.84 -46.80
C ALA U 320 71.31 -60.30 -46.37
N ARG U 321 72.48 -60.80 -45.99
CA ARG U 321 72.55 -62.19 -45.50
C ARG U 321 71.57 -62.43 -44.35
N HIS U 322 71.53 -61.51 -43.39
CA HIS U 322 70.66 -61.66 -42.23
C HIS U 322 69.20 -61.42 -42.56
N PHE U 323 68.91 -60.34 -43.26
CA PHE U 323 67.55 -60.09 -43.67
C PHE U 323 67.05 -61.22 -44.58
N GLY U 324 67.87 -61.61 -45.55
CA GLY U 324 67.53 -62.68 -46.48
C GLY U 324 67.12 -64.00 -45.85
N ILE U 325 67.77 -64.40 -44.77
CA ILE U 325 67.41 -65.68 -44.12
C ILE U 325 66.12 -65.57 -43.29
N VAL U 326 65.70 -64.34 -43.01
CA VAL U 326 64.48 -64.05 -42.24
C VAL U 326 63.28 -63.85 -43.18
N CYS U 327 63.55 -63.37 -44.39
CA CYS U 327 62.48 -62.94 -45.29
C CYS U 327 61.86 -64.11 -46.08
N HIS U 328 60.97 -64.83 -45.41
CA HIS U 328 60.37 -66.05 -45.95
C HIS U 328 59.44 -65.86 -47.17
N ILE U 329 58.95 -64.65 -47.39
CA ILE U 329 58.09 -64.44 -48.55
C ILE U 329 58.88 -64.43 -49.86
N SER U 330 60.21 -64.41 -49.76
CA SER U 330 61.07 -64.24 -50.92
C SER U 330 61.94 -65.47 -51.25
N GLU U 331 61.80 -65.96 -52.47
CA GLU U 331 62.62 -67.04 -53.01
C GLU U 331 64.09 -66.59 -53.10
N TYR U 332 64.31 -65.40 -53.65
CA TYR U 332 65.64 -64.83 -53.83
C TYR U 332 65.76 -63.47 -53.11
N VAL U 333 66.99 -63.05 -52.79
CA VAL U 333 67.24 -61.60 -52.62
C VAL U 333 68.43 -61.16 -53.48
N GLU U 334 68.49 -59.86 -53.82
CA GLU U 334 69.62 -59.39 -54.64
C GLU U 334 70.91 -59.49 -53.83
N TYR U 335 71.98 -59.96 -54.47
CA TYR U 335 73.30 -60.02 -53.84
C TYR U 335 74.42 -59.57 -54.78
N LEU U 336 75.29 -58.72 -54.26
CA LEU U 336 76.53 -58.33 -54.93
C LEU U 336 77.71 -59.08 -54.33
N HIS U 337 78.27 -60.02 -55.09
CA HIS U 337 79.38 -60.81 -54.57
C HIS U 337 80.73 -60.47 -55.25
N PRO U 338 81.83 -60.49 -54.46
CA PRO U 338 83.17 -60.21 -55.00
C PRO U 338 83.60 -61.06 -56.20
N ASP U 339 83.02 -62.25 -56.37
CA ASP U 339 83.29 -63.07 -57.57
C ASP U 339 82.90 -62.40 -58.89
N PHE U 340 81.94 -61.48 -58.83
CA PHE U 340 81.30 -60.98 -60.04
C PHE U 340 81.55 -59.48 -60.22
N TRP U 341 82.23 -58.86 -59.26
CA TRP U 341 82.48 -57.42 -59.27
C TRP U 341 83.83 -57.11 -58.66
N ASN U 342 84.62 -56.33 -59.40
CA ASN U 342 85.98 -56.03 -58.99
C ASN U 342 86.10 -54.62 -58.40
N GLY U 343 84.98 -54.04 -57.96
CA GLY U 343 85.02 -52.70 -57.35
C GLY U 343 85.94 -52.74 -56.13
N THR U 344 86.67 -51.65 -55.90
CA THR U 344 87.67 -51.55 -54.81
C THR U 344 87.06 -51.81 -53.42
N LEU U 345 85.88 -51.26 -53.16
CA LEU U 345 85.23 -51.43 -51.86
C LEU U 345 84.69 -52.83 -51.69
N THR U 346 84.10 -53.35 -52.76
CA THR U 346 83.66 -54.73 -52.80
C THR U 346 84.78 -55.72 -52.47
N GLN U 347 85.98 -55.47 -53.00
CA GLN U 347 87.10 -56.40 -52.85
C GLN U 347 87.92 -56.17 -51.58
N GLN U 348 87.88 -54.95 -51.04
CA GLN U 348 88.83 -54.63 -49.97
C GLN U 348 88.23 -54.16 -48.64
N LEU U 349 87.02 -53.59 -48.67
CA LEU U 349 86.44 -53.00 -47.45
C LEU U 349 86.20 -54.01 -46.33
N THR U 350 85.76 -55.20 -46.70
CA THR U 350 85.51 -56.27 -45.72
C THR U 350 86.41 -57.46 -45.96
N LEU U 351 86.39 -58.40 -45.02
CA LEU U 351 87.30 -59.53 -45.04
C LEU U 351 86.55 -60.85 -44.93
N ASN U 352 87.15 -61.91 -45.46
CA ASN U 352 86.55 -63.25 -45.40
C ASN U 352 85.05 -63.30 -45.77
N GLU U 353 84.70 -62.68 -46.89
CA GLU U 353 83.34 -62.76 -47.43
C GLU U 353 82.98 -64.22 -47.70
N PRO U 354 81.84 -64.69 -47.17
CA PRO U 354 81.46 -66.08 -47.40
C PRO U 354 81.43 -66.44 -48.88
N LYS U 355 81.80 -67.67 -49.19
CA LYS U 355 81.92 -68.14 -50.56
C LYS U 355 80.54 -68.60 -51.04
N ILE U 356 80.31 -68.55 -52.36
CA ILE U 356 79.09 -69.14 -52.92
C ILE U 356 79.30 -70.62 -53.14
N ILE U 357 78.43 -71.43 -52.54
CA ILE U 357 78.55 -72.88 -52.57
C ILE U 357 77.23 -73.51 -53.01
N ASP U 358 77.25 -74.12 -54.20
CA ASP U 358 76.02 -74.60 -54.81
C ASP U 358 74.95 -73.51 -54.81
N GLY U 359 75.34 -72.27 -55.08
CA GLY U 359 74.36 -71.17 -55.18
C GLY U 359 73.83 -70.61 -53.86
N ALA U 360 74.32 -71.12 -52.74
CA ALA U 360 73.93 -70.64 -51.41
C ALA U 360 75.09 -69.92 -50.74
N ILE U 361 74.79 -69.01 -49.81
CA ILE U 361 75.86 -68.52 -48.94
C ILE U 361 75.55 -68.66 -47.43
N GLU U 362 76.55 -69.09 -46.67
CA GLU U 362 76.37 -69.30 -45.22
C GLU U 362 75.99 -68.00 -44.54
N VAL U 363 74.99 -68.07 -43.66
CA VAL U 363 74.73 -66.97 -42.75
C VAL U 363 75.23 -67.38 -41.37
N SER U 364 76.39 -66.88 -40.98
CA SER U 364 77.05 -67.37 -39.77
C SER U 364 76.30 -66.95 -38.51
N ASP U 365 76.62 -67.64 -37.42
CA ASP U 365 76.05 -67.35 -36.13
C ASP U 365 76.92 -66.36 -35.33
N LYS U 366 77.93 -65.81 -35.99
CA LYS U 366 78.74 -64.73 -35.41
C LYS U 366 77.79 -63.62 -34.94
N PRO U 367 78.07 -63.04 -33.75
CA PRO U 367 77.20 -61.97 -33.23
C PRO U 367 77.04 -60.77 -34.17
N GLY U 368 75.85 -60.16 -34.15
CA GLY U 368 75.55 -58.98 -34.95
C GLY U 368 75.48 -59.34 -36.42
N LEU U 369 75.90 -58.44 -37.27
CA LEU U 369 75.90 -58.67 -38.70
C LEU U 369 77.04 -59.61 -39.10
N GLY U 370 77.94 -59.87 -38.15
CA GLY U 370 79.14 -60.63 -38.39
C GLY U 370 80.04 -59.99 -39.44
N ILE U 371 80.19 -58.68 -39.40
CA ILE U 371 81.10 -58.01 -40.33
C ILE U 371 82.57 -58.07 -39.85
N GLU U 372 83.45 -58.46 -40.78
CA GLU U 372 84.88 -58.40 -40.55
C GLU U 372 85.44 -57.24 -41.34
N LEU U 373 85.57 -56.09 -40.68
CA LEU U 373 85.98 -54.88 -41.35
C LEU U 373 87.49 -54.88 -41.63
N ASN U 374 87.89 -54.43 -42.82
CA ASN U 374 89.32 -54.32 -43.11
C ASN U 374 89.86 -53.02 -42.54
N ILE U 375 90.18 -53.05 -41.25
CA ILE U 375 90.59 -51.85 -40.50
C ILE U 375 91.71 -51.06 -41.18
N GLU U 376 92.79 -51.75 -41.54
CA GLU U 376 93.92 -51.12 -42.22
C GLU U 376 93.50 -50.30 -43.44
N PHE U 377 92.71 -50.93 -44.31
CA PHE U 377 92.21 -50.27 -45.50
C PHE U 377 91.42 -49.00 -45.13
N VAL U 378 90.46 -49.11 -44.23
CA VAL U 378 89.74 -47.94 -43.73
C VAL U 378 90.69 -46.81 -43.31
N GLU U 379 91.66 -47.13 -42.47
CA GLU U 379 92.61 -46.12 -42.01
C GLU U 379 93.43 -45.54 -43.16
N GLN U 380 93.91 -46.43 -44.03
CA GLN U 380 94.64 -46.00 -45.23
C GLN U 380 93.87 -44.93 -45.98
N VAL U 381 92.57 -45.14 -46.19
CA VAL U 381 91.80 -44.26 -47.07
C VAL U 381 91.17 -43.06 -46.36
N THR U 382 90.74 -43.24 -45.10
CA THR U 382 90.15 -42.13 -44.34
C THR U 382 91.22 -41.15 -43.88
N GLY U 383 92.34 -41.69 -43.41
CA GLY U 383 93.44 -40.87 -42.95
C GLY U 383 93.52 -40.85 -41.45
N HIS U 384 92.43 -41.29 -40.80
CA HIS U 384 92.36 -41.32 -39.34
C HIS U 384 92.39 -42.75 -38.76
N LYS U 385 92.67 -42.83 -37.46
CA LYS U 385 92.64 -44.08 -36.71
C LYS U 385 91.20 -44.52 -36.40
N PHE U 386 91.05 -45.65 -35.71
CA PHE U 386 89.75 -46.33 -35.60
C PHE U 386 89.59 -47.00 -34.23
N ALA V 5 7.02 -40.72 31.45
CA ALA V 5 6.46 -42.04 31.00
C ALA V 5 5.45 -41.75 29.93
N ASN V 6 5.19 -42.75 29.08
CA ASN V 6 4.34 -42.54 27.92
C ASN V 6 2.84 -42.57 28.24
N ILE V 7 2.10 -41.84 27.41
CA ILE V 7 0.66 -41.75 27.53
C ILE V 7 0.06 -43.06 27.06
N VAL V 8 -0.88 -43.55 27.85
CA VAL V 8 -1.47 -44.86 27.68
C VAL V 8 -2.93 -44.73 27.28
N SER V 9 -3.60 -43.68 27.75
CA SER V 9 -5.00 -43.48 27.39
C SER V 9 -5.44 -42.02 27.44
N VAL V 10 -6.49 -41.72 26.69
CA VAL V 10 -7.13 -40.42 26.74
C VAL V 10 -8.64 -40.65 26.84
N GLU V 11 -9.31 -39.86 27.66
CA GLU V 11 -10.75 -40.06 27.84
C GLU V 11 -11.48 -38.72 27.91
N PHE V 12 -12.49 -38.55 27.06
CA PHE V 12 -13.42 -37.42 27.10
C PHE V 12 -14.65 -37.78 27.94
N ILE V 13 -14.84 -37.08 29.07
CA ILE V 13 -15.86 -37.43 30.06
C ILE V 13 -16.93 -36.33 30.17
N PRO V 14 -18.09 -36.56 29.53
CA PRO V 14 -19.13 -35.53 29.58
C PRO V 14 -19.62 -35.28 31.00
N VAL V 15 -19.82 -34.01 31.34
CA VAL V 15 -20.36 -33.64 32.62
C VAL V 15 -21.54 -32.72 32.37
N ASN V 16 -22.74 -33.25 32.58
CA ASN V 16 -23.96 -32.51 32.29
C ASN V 16 -24.81 -32.42 33.55
N VAL V 17 -25.36 -31.25 33.82
CA VAL V 17 -26.12 -31.07 35.06
C VAL V 17 -27.57 -30.67 34.79
N ALA V 18 -28.49 -31.31 35.52
CA ALA V 18 -29.92 -31.00 35.41
C ALA V 18 -30.31 -29.88 36.38
N SER V 23 -27.31 -23.70 30.70
CA SER V 23 -26.96 -25.11 30.54
C SER V 23 -25.56 -25.36 31.07
N GLU V 24 -25.48 -25.98 32.25
CA GLU V 24 -24.22 -26.16 32.95
C GLU V 24 -23.54 -27.47 32.51
N ASN V 25 -22.61 -27.37 31.57
CA ASN V 25 -21.85 -28.56 31.18
C ASN V 25 -20.39 -28.32 30.79
N THR V 26 -19.60 -29.38 30.92
CA THR V 26 -18.25 -29.39 30.37
C THR V 26 -17.92 -30.77 29.79
N VAL V 27 -16.72 -30.90 29.22
CA VAL V 27 -16.17 -32.20 28.87
C VAL V 27 -14.81 -32.29 29.56
N ILE V 28 -14.69 -33.13 30.57
CA ILE V 28 -13.39 -33.39 31.19
C ILE V 28 -12.51 -34.28 30.32
N VAL V 29 -11.29 -33.82 30.03
CA VAL V 29 -10.32 -34.60 29.28
C VAL V 29 -9.30 -35.19 30.22
N LYS V 30 -9.19 -36.52 30.25
CA LYS V 30 -8.24 -37.17 31.15
C LYS V 30 -7.21 -37.97 30.38
N VAL V 31 -5.95 -37.63 30.59
CA VAL V 31 -4.83 -38.32 29.95
C VAL V 31 -3.99 -39.03 31.02
N THR V 32 -3.77 -40.32 30.82
CA THR V 32 -3.14 -41.17 31.82
C THR V 32 -1.89 -41.81 31.25
N ASP V 33 -0.79 -41.72 31.99
CA ASP V 33 0.46 -42.35 31.56
C ASP V 33 0.59 -43.79 32.08
N GLU V 34 1.76 -44.38 31.83
CA GLU V 34 2.02 -45.80 32.10
C GLU V 34 1.96 -46.12 33.58
N ASN V 35 2.42 -45.18 34.39
CA ASN V 35 2.46 -45.37 35.82
C ASN V 35 1.13 -45.09 36.47
N GLY V 36 0.14 -44.74 35.65
CA GLY V 36 -1.16 -44.35 36.16
C GLY V 36 -1.27 -42.91 36.68
N VAL V 37 -0.31 -42.05 36.37
CA VAL V 37 -0.46 -40.61 36.68
C VAL V 37 -1.34 -39.98 35.59
N TYR V 38 -2.23 -39.05 35.96
CA TYR V 38 -3.12 -38.44 34.97
C TYR V 38 -3.08 -36.92 34.98
N GLY V 39 -3.31 -36.30 33.81
CA GLY V 39 -3.45 -34.86 33.70
C GLY V 39 -4.87 -34.57 33.27
N LEU V 40 -5.40 -33.41 33.66
CA LEU V 40 -6.79 -33.04 33.36
C LEU V 40 -6.87 -31.76 32.55
N GLY V 41 -7.86 -31.73 31.65
CA GLY V 41 -8.15 -30.54 30.89
C GLY V 41 -9.63 -30.52 30.59
N GLU V 42 -10.08 -29.47 29.92
CA GLU V 42 -11.41 -29.50 29.37
C GLU V 42 -11.50 -28.91 27.99
N ALA V 43 -12.44 -29.43 27.22
CA ALA V 43 -12.70 -29.00 25.84
C ALA V 43 -14.04 -28.32 25.79
N ASP V 44 -14.15 -27.25 25.00
CA ASP V 44 -15.44 -26.63 24.74
C ASP V 44 -16.24 -27.58 23.86
N GLY V 45 -17.54 -27.29 23.71
CA GLY V 45 -18.42 -28.04 22.79
C GLY V 45 -19.56 -28.75 23.51
N PRO V 46 -20.55 -29.23 22.73
CA PRO V 46 -21.64 -30.06 23.25
C PRO V 46 -21.05 -31.37 23.75
N PRO V 47 -21.26 -31.69 25.04
CA PRO V 47 -20.41 -32.71 25.63
C PRO V 47 -20.48 -34.05 24.90
N GLU V 48 -21.69 -34.52 24.63
CA GLU V 48 -21.83 -35.87 24.09
C GLU V 48 -21.19 -35.92 22.70
N CYS V 49 -21.33 -34.82 21.96
CA CYS V 49 -20.77 -34.68 20.63
C CYS V 49 -19.24 -34.72 20.68
N MET V 50 -18.65 -34.07 21.68
CA MET V 50 -17.20 -34.04 21.80
C MET V 50 -16.62 -35.41 22.13
N LYS V 51 -17.30 -36.15 23.01
CA LYS V 51 -17.00 -37.57 23.27
C LYS V 51 -17.00 -38.41 21.98
N ALA V 52 -18.06 -38.28 21.20
CA ALA V 52 -18.20 -39.01 19.95
C ALA V 52 -17.08 -38.63 18.99
N PHE V 53 -16.67 -37.37 18.99
CA PHE V 53 -15.55 -36.91 18.13
C PHE V 53 -14.25 -37.58 18.54
N SER V 54 -14.06 -37.77 19.84
CA SER V 54 -12.83 -38.37 20.37
C SER V 54 -12.77 -39.88 20.15
N GLU V 55 -13.89 -40.45 19.68
CA GLU V 55 -14.03 -41.90 19.55
C GLU V 55 -14.27 -42.35 18.10
N ILE V 56 -14.06 -41.46 17.14
CA ILE V 56 -14.28 -41.80 15.72
C ILE V 56 -13.30 -42.90 15.30
N GLU V 57 -13.53 -43.46 14.12
CA GLU V 57 -12.59 -44.42 13.55
C GLU V 57 -11.67 -43.72 12.55
N ASN V 58 -10.44 -44.19 12.43
CA ASN V 58 -9.52 -43.72 11.37
C ASN V 58 -10.11 -43.89 9.99
N GLU V 59 -9.70 -43.03 9.06
CA GLU V 59 -10.20 -43.14 7.69
C GLU V 59 -9.11 -42.96 6.64
N HIS V 60 -8.24 -41.98 6.84
CA HIS V 60 -7.15 -41.73 5.90
C HIS V 60 -6.11 -40.84 6.54
N LYS V 61 -5.18 -40.34 5.72
CA LYS V 61 -3.98 -39.67 6.22
C LYS V 61 -4.35 -38.43 7.04
N TRP V 62 -5.43 -37.75 6.64
CA TRP V 62 -5.80 -36.49 7.27
C TRP V 62 -7.05 -36.63 8.16
N LEU V 63 -7.52 -37.85 8.37
CA LEU V 63 -8.66 -38.10 9.25
C LEU V 63 -8.41 -39.36 10.07
N ASN V 64 -7.78 -39.17 11.24
CA ASN V 64 -7.52 -40.22 12.22
C ASN V 64 -8.20 -39.89 13.56
N ASN V 65 -8.46 -40.89 14.37
CA ASN V 65 -8.88 -40.65 15.75
C ASN V 65 -7.83 -39.80 16.44
N ILE V 66 -8.28 -38.76 17.14
CA ILE V 66 -7.36 -37.75 17.68
C ILE V 66 -6.41 -38.30 18.75
N LYS V 67 -6.90 -39.25 19.55
CA LYS V 67 -6.12 -39.81 20.64
C LYS V 67 -4.90 -40.53 20.13
N GLU V 68 -4.95 -40.94 18.87
CA GLU V 68 -3.87 -41.74 18.30
C GLU V 68 -2.59 -40.97 17.97
N ALA V 69 -2.69 -39.65 17.91
CA ALA V 69 -1.52 -38.78 17.78
C ALA V 69 -0.70 -38.66 19.09
N VAL V 70 -1.33 -39.00 20.23
CA VAL V 70 -0.67 -38.88 21.54
C VAL V 70 -0.49 -40.18 22.34
N ILE V 71 -1.30 -41.21 22.08
CA ILE V 71 -1.08 -42.51 22.74
C ILE V 71 0.34 -43.03 22.41
N GLY V 72 1.12 -43.34 23.44
CA GLY V 72 2.51 -43.79 23.26
C GLY V 72 3.55 -42.68 23.22
N ARG V 73 3.10 -41.44 23.44
CA ARG V 73 4.02 -40.31 23.37
C ARG V 73 4.37 -39.71 24.72
N ASP V 74 5.41 -38.89 24.75
CA ASP V 74 5.85 -38.22 25.96
C ASP V 74 5.13 -36.88 26.07
N PRO V 75 4.34 -36.69 27.16
CA PRO V 75 3.55 -35.46 27.36
C PRO V 75 4.38 -34.17 27.46
N LEU V 76 5.68 -34.28 27.73
CA LEU V 76 6.60 -33.13 27.70
C LEU V 76 6.74 -32.48 26.31
N GLU V 77 6.44 -33.22 25.26
CA GLU V 77 6.74 -32.76 23.89
C GLU V 77 5.59 -31.93 23.31
N PHE V 78 5.34 -30.74 23.86
CA PHE V 78 4.10 -30.01 23.56
C PHE V 78 3.91 -29.68 22.08
N ARG V 79 4.94 -29.10 21.47
CA ARG V 79 4.90 -28.70 20.06
C ARG V 79 4.66 -29.92 19.17
N ALA V 80 5.49 -30.95 19.34
CA ALA V 80 5.37 -32.19 18.54
C ALA V 80 4.02 -32.90 18.70
N ASN V 81 3.51 -32.98 19.93
CA ASN V 81 2.16 -33.51 20.16
C ASN V 81 1.06 -32.67 19.54
N TYR V 82 1.08 -31.36 19.79
CA TYR V 82 0.14 -30.45 19.15
C TYR V 82 0.10 -30.60 17.62
N ASN V 83 1.24 -30.43 16.97
CA ASN V 83 1.36 -30.60 15.53
C ASN V 83 0.88 -31.94 15.03
N ARG V 84 1.13 -33.00 15.80
CA ARG V 84 0.61 -34.30 15.39
C ARG V 84 -0.92 -34.39 15.49
N MET V 85 -1.52 -33.83 16.53
CA MET V 85 -2.98 -33.87 16.64
C MET V 85 -3.57 -33.06 15.49
N TYR V 86 -3.01 -31.87 15.30
CA TYR V 86 -3.50 -30.98 14.26
C TYR V 86 -3.45 -31.65 12.88
N ASP V 87 -2.28 -32.14 12.49
CA ASP V 87 -2.06 -32.75 11.17
C ASP V 87 -2.88 -34.02 10.93
N THR V 88 -2.88 -34.95 11.88
CA THR V 88 -3.56 -36.22 11.66
C THR V 88 -5.10 -36.08 11.62
N THR V 89 -5.60 -34.90 12.04
CA THR V 89 -7.05 -34.64 11.94
C THR V 89 -7.42 -33.46 11.06
N LYS V 90 -6.49 -32.97 10.27
CA LYS V 90 -6.74 -31.80 9.39
C LYS V 90 -8.11 -31.83 8.71
N TRP V 91 -8.47 -32.95 8.11
CA TRP V 91 -9.68 -33.06 7.31
C TRP V 91 -10.97 -32.76 8.08
N ILE V 92 -10.96 -32.98 9.40
CA ILE V 92 -12.15 -32.65 10.21
C ILE V 92 -11.88 -31.60 11.28
N GLY V 93 -10.61 -31.23 11.46
CA GLY V 93 -10.22 -30.19 12.42
C GLY V 93 -9.85 -28.88 11.73
N MET V 94 -8.60 -28.46 11.92
CA MET V 94 -8.07 -27.27 11.24
C MET V 94 -8.68 -25.97 11.76
N ARG V 95 -10.01 -25.88 11.78
CA ARG V 95 -10.68 -24.79 12.50
C ARG V 95 -11.93 -25.32 13.22
N GLY V 96 -12.47 -24.52 14.14
CA GLY V 96 -13.73 -24.87 14.76
C GLY V 96 -13.68 -26.06 15.72
N LEU V 97 -14.74 -26.86 15.68
CA LEU V 97 -15.01 -27.88 16.70
C LEU V 97 -13.86 -28.88 16.91
N GLY V 98 -13.20 -29.30 15.84
CA GLY V 98 -11.99 -30.11 15.97
C GLY V 98 -10.91 -29.51 16.86
N LEU V 99 -10.79 -28.19 16.84
CA LEU V 99 -9.83 -27.52 17.68
C LEU V 99 -10.17 -27.48 19.17
N PHE V 100 -11.47 -27.52 19.51
CA PHE V 100 -11.89 -27.65 20.91
C PHE V 100 -11.32 -28.92 21.51
N ALA V 101 -11.42 -30.00 20.77
CA ALA V 101 -10.89 -31.31 21.18
C ALA V 101 -9.37 -31.27 21.39
N ILE V 102 -8.64 -30.71 20.44
CA ILE V 102 -7.19 -30.52 20.62
C ILE V 102 -6.87 -29.72 21.89
N SER V 103 -7.65 -28.66 22.15
CA SER V 103 -7.46 -27.79 23.34
C SER V 103 -7.59 -28.57 24.65
N GLY V 104 -8.62 -29.40 24.75
CA GLY V 104 -8.79 -30.24 25.91
C GLY V 104 -7.56 -31.10 26.22
N ILE V 105 -7.08 -31.85 25.22
CA ILE V 105 -5.94 -32.73 25.41
C ILE V 105 -4.68 -31.93 25.71
N ASP V 106 -4.41 -30.94 24.89
CA ASP V 106 -3.26 -30.06 25.11
C ASP V 106 -3.22 -29.52 26.55
N MET V 107 -4.36 -29.00 27.03
CA MET V 107 -4.47 -28.55 28.44
C MET V 107 -4.08 -29.67 29.44
N ALA V 108 -4.62 -30.87 29.20
CA ALA V 108 -4.35 -32.01 30.06
C ALA V 108 -2.88 -32.42 30.07
N LEU V 109 -2.21 -32.23 28.93
CA LEU V 109 -0.81 -32.63 28.80
C LEU V 109 0.13 -31.75 29.63
N TYR V 110 -0.19 -30.46 29.76
CA TYR V 110 0.56 -29.59 30.67
C TYR V 110 0.40 -30.04 32.13
N ASP V 111 -0.82 -30.46 32.47
CA ASP V 111 -1.10 -30.94 33.81
C ASP V 111 -0.34 -32.24 34.07
N LEU V 112 -0.38 -33.16 33.10
CA LEU V 112 0.28 -34.46 33.24
C LEU V 112 1.80 -34.37 33.33
N ALA V 113 2.40 -33.66 32.38
CA ALA V 113 3.85 -33.48 32.37
C ALA V 113 4.40 -32.76 33.62
N GLY V 114 3.74 -31.70 34.09
CA GLY V 114 4.11 -31.10 35.36
C GLY V 114 4.07 -32.09 36.53
N LYS V 115 3.04 -32.93 36.56
CA LYS V 115 2.90 -33.93 37.63
C LYS V 115 3.98 -35.02 37.54
N GLN V 116 4.33 -35.42 36.32
CA GLN V 116 5.43 -36.36 36.12
C GLN V 116 6.76 -35.82 36.61
N LEU V 117 7.01 -34.54 36.33
CA LEU V 117 8.30 -33.95 36.65
C LEU V 117 8.29 -33.32 38.04
N GLY V 118 7.11 -33.24 38.65
CA GLY V 118 6.97 -32.60 39.95
C GLY V 118 7.13 -31.09 39.86
N VAL V 119 6.64 -30.48 38.79
CA VAL V 119 6.78 -29.03 38.60
C VAL V 119 5.46 -28.36 38.18
N PRO V 120 5.20 -27.16 38.71
CA PRO V 120 4.03 -26.39 38.31
C PRO V 120 4.03 -26.13 36.81
N ALA V 121 2.84 -26.06 36.23
CA ALA V 121 2.73 -25.98 34.78
C ALA V 121 3.32 -24.67 34.24
N TYR V 122 3.34 -23.60 35.03
CA TYR V 122 3.85 -22.31 34.53
C TYR V 122 5.32 -22.36 34.12
N LYS V 123 6.06 -23.26 34.75
CA LYS V 123 7.46 -23.49 34.43
C LYS V 123 7.61 -24.14 33.05
N LEU V 124 6.71 -25.06 32.74
CA LEU V 124 6.66 -25.69 31.42
C LEU V 124 6.14 -24.75 30.36
N MET V 125 5.56 -23.63 30.78
CA MET V 125 5.05 -22.63 29.83
C MET V 125 6.03 -21.48 29.56
N GLY V 126 7.30 -21.65 29.93
CA GLY V 126 8.28 -20.58 29.84
C GLY V 126 8.76 -20.00 31.17
N GLY V 127 7.94 -20.10 32.23
CA GLY V 127 8.31 -19.53 33.52
C GLY V 127 7.57 -18.25 33.86
N ALA V 128 7.43 -17.99 35.16
CA ALA V 128 6.70 -16.84 35.65
C ALA V 128 7.38 -15.52 35.27
N GLN V 129 6.61 -14.57 34.78
CA GLN V 129 7.20 -13.33 34.32
C GLN V 129 6.50 -12.14 34.88
N LYS V 130 5.64 -12.36 35.86
CA LYS V 130 5.15 -11.26 36.63
C LYS V 130 5.10 -11.64 38.07
N ALA V 131 5.05 -10.63 38.93
CA ALA V 131 5.06 -10.85 40.37
C ALA V 131 3.74 -11.45 40.86
N GLN V 132 2.62 -10.98 40.31
CA GLN V 132 1.31 -11.41 40.79
C GLN V 132 0.33 -11.58 39.65
N LEU V 133 -0.65 -12.45 39.85
CA LEU V 133 -1.73 -12.56 38.91
C LEU V 133 -2.84 -11.62 39.35
N THR V 134 -3.09 -10.60 38.54
CA THR V 134 -4.12 -9.60 38.79
C THR V 134 -5.20 -9.73 37.73
N PRO V 135 -6.25 -10.49 38.02
CA PRO V 135 -7.28 -10.69 36.99
C PRO V 135 -8.19 -9.48 36.83
N TYR V 136 -8.93 -9.41 35.73
CA TYR V 136 -10.17 -8.66 35.71
C TYR V 136 -11.30 -9.67 35.89
N PHE V 137 -12.32 -9.31 36.67
CA PHE V 137 -13.36 -10.27 36.98
C PHE V 137 -14.63 -10.04 36.21
N THR V 138 -15.07 -11.07 35.50
CA THR V 138 -16.25 -10.99 34.68
C THR V 138 -17.48 -11.06 35.57
N LEU V 139 -18.36 -10.05 35.46
CA LEU V 139 -19.56 -10.03 36.27
C LEU V 139 -20.78 -10.22 35.41
N TYR V 140 -21.49 -11.30 35.66
CA TYR V 140 -22.73 -11.59 34.98
C TYR V 140 -23.78 -11.85 36.06
N PRO V 141 -24.87 -11.08 36.06
CA PRO V 141 -25.86 -11.15 37.12
C PRO V 141 -26.86 -12.28 36.87
N SER V 142 -27.44 -12.80 37.94
CA SER V 142 -28.51 -13.77 37.82
C SER V 142 -29.85 -13.04 37.78
N VAL V 143 -30.46 -13.01 36.61
CA VAL V 143 -31.70 -12.25 36.41
C VAL V 143 -32.57 -13.03 35.44
N ALA V 144 -33.86 -12.68 35.40
CA ALA V 144 -34.79 -13.32 34.49
C ALA V 144 -34.56 -12.90 33.03
N ALA V 145 -35.03 -13.70 32.09
CA ALA V 145 -35.20 -13.22 30.73
C ALA V 145 -36.31 -12.17 30.74
N ASP V 146 -36.21 -11.16 29.89
CA ASP V 146 -37.20 -10.09 29.94
C ASP V 146 -36.97 -9.11 31.12
N ALA V 147 -35.82 -9.23 31.80
CA ALA V 147 -35.48 -8.25 32.83
C ALA V 147 -35.17 -6.90 32.20
N THR V 148 -35.62 -5.82 32.85
CA THR V 148 -35.33 -4.47 32.39
C THR V 148 -33.88 -4.11 32.68
N LEU V 149 -33.40 -3.06 32.01
CA LEU V 149 -32.06 -2.54 32.23
C LEU V 149 -31.85 -2.10 33.69
N SER V 150 -32.89 -1.50 34.29
CA SER V 150 -32.82 -1.06 35.69
C SER V 150 -32.74 -2.27 36.60
N GLU V 151 -33.53 -3.30 36.32
CA GLU V 151 -33.48 -4.53 37.13
C GLU V 151 -32.11 -5.20 37.04
N ILE V 152 -31.46 -5.04 35.89
CA ILE V 152 -30.16 -5.66 35.65
C ILE V 152 -29.08 -4.86 36.39
N VAL V 153 -29.17 -3.53 36.29
CA VAL V 153 -28.32 -2.65 37.10
C VAL V 153 -28.48 -3.02 38.57
N GLU V 154 -29.71 -3.17 39.03
CA GLU V 154 -29.96 -3.51 40.44
C GLU V 154 -29.35 -4.85 40.82
N ALA V 155 -29.44 -5.81 39.91
CA ALA V 155 -28.78 -7.11 40.09
C ALA V 155 -27.25 -7.01 40.10
N TYR V 156 -26.68 -6.01 39.42
CA TYR V 156 -25.23 -5.87 39.40
C TYR V 156 -24.67 -5.34 40.72
N LYS V 157 -25.46 -4.53 41.43
CA LYS V 157 -24.92 -3.80 42.58
C LYS V 157 -24.22 -4.67 43.63
N PRO V 158 -24.85 -5.79 44.05
CA PRO V 158 -24.17 -6.63 45.06
C PRO V 158 -22.94 -7.36 44.49
N LEU V 159 -22.93 -7.63 43.18
CA LEU V 159 -21.75 -8.21 42.54
C LEU V 159 -20.57 -7.23 42.51
N ILE V 160 -20.83 -6.02 42.08
CA ILE V 160 -19.77 -5.01 42.04
C ILE V 160 -19.30 -4.68 43.45
N ALA V 161 -20.22 -4.68 44.40
CA ALA V 161 -19.85 -4.37 45.76
C ALA V 161 -19.00 -5.47 46.35
N LYS V 162 -19.27 -6.72 45.98
CA LYS V 162 -18.45 -7.84 46.41
C LYS V 162 -17.05 -7.76 45.79
N ALA V 163 -16.97 -7.28 44.56
CA ALA V 163 -15.69 -7.10 43.87
C ALA V 163 -14.82 -6.06 44.57
N LYS V 164 -15.40 -4.90 44.88
CA LYS V 164 -14.71 -3.88 45.66
C LYS V 164 -14.20 -4.46 46.98
N GLU V 165 -15.01 -5.33 47.59
CA GLU V 165 -14.66 -5.92 48.89
C GLU V 165 -13.42 -6.78 48.77
N ARG V 166 -13.28 -7.47 47.65
CA ARG V 166 -12.09 -8.31 47.42
C ARG V 166 -10.90 -7.50 46.89
N GLY V 167 -11.05 -6.19 46.76
CA GLY V 167 -10.01 -5.36 46.19
C GLY V 167 -9.76 -5.52 44.70
N ALA V 168 -10.79 -5.87 43.93
CA ALA V 168 -10.63 -6.10 42.48
C ALA V 168 -10.11 -4.86 41.75
N LYS V 169 -9.15 -5.04 40.83
CA LYS V 169 -8.60 -3.89 40.10
C LYS V 169 -9.45 -3.54 38.89
N ALA V 170 -10.31 -4.48 38.48
CA ALA V 170 -10.99 -4.37 37.21
C ALA V 170 -12.11 -5.39 37.12
N VAL V 171 -13.23 -4.99 36.52
CA VAL V 171 -14.37 -5.89 36.34
C VAL V 171 -15.00 -5.63 34.98
N LYS V 172 -15.60 -6.67 34.43
CA LYS V 172 -16.31 -6.57 33.16
C LYS V 172 -17.81 -6.67 33.38
N VAL V 173 -18.59 -5.84 32.71
CA VAL V 173 -20.04 -5.98 32.73
C VAL V 173 -20.54 -6.25 31.32
N CYS V 174 -21.78 -6.69 31.20
CA CYS V 174 -22.29 -7.22 29.94
C CYS V 174 -23.54 -6.47 29.56
N ILE V 175 -23.78 -6.35 28.26
CA ILE V 175 -25.10 -5.95 27.78
C ILE V 175 -25.84 -7.24 27.43
N ILE V 176 -26.73 -7.70 28.31
CA ILE V 176 -27.58 -8.85 28.01
C ILE V 176 -28.32 -8.61 26.69
N PRO V 177 -28.22 -9.55 25.73
CA PRO V 177 -28.81 -9.29 24.41
C PRO V 177 -30.29 -8.96 24.52
N ASN V 178 -30.70 -7.91 23.82
CA ASN V 178 -32.00 -7.33 24.05
C ASN V 178 -32.26 -6.31 22.96
N ASP V 179 -32.90 -6.74 21.88
CA ASP V 179 -33.16 -5.82 20.77
C ASP V 179 -34.41 -4.96 20.97
N LYS V 180 -35.10 -5.14 22.09
CA LYS V 180 -36.23 -4.29 22.45
C LYS V 180 -35.77 -2.93 23.00
N VAL V 181 -34.47 -2.67 22.95
CA VAL V 181 -33.91 -1.58 23.70
C VAL V 181 -33.00 -0.75 22.79
N SER V 182 -33.13 0.58 22.84
CA SER V 182 -32.40 1.46 21.94
C SER V 182 -30.97 1.68 22.45
N ASP V 183 -30.11 2.21 21.59
CA ASP V 183 -28.71 2.38 21.93
C ASP V 183 -28.59 3.50 22.95
N LYS V 184 -29.44 4.51 22.80
CA LYS V 184 -29.56 5.59 23.76
C LYS V 184 -29.82 5.04 25.16
N GLU V 185 -30.71 4.07 25.27
CA GLU V 185 -30.93 3.38 26.53
C GLU V 185 -29.71 2.57 26.99
N ILE V 186 -28.98 1.97 26.05
CA ILE V 186 -27.73 1.29 26.42
C ILE V 186 -26.70 2.27 26.98
N VAL V 187 -26.61 3.46 26.38
CA VAL V 187 -25.72 4.53 26.88
C VAL V 187 -26.02 4.89 28.34
N ALA V 188 -27.30 5.11 28.65
CA ALA V 188 -27.73 5.45 30.00
C ALA V 188 -27.41 4.31 30.97
N TYR V 189 -27.61 3.07 30.50
CA TYR V 189 -27.30 1.87 31.27
C TYR V 189 -25.83 1.72 31.62
N LEU V 190 -24.94 1.94 30.65
CA LEU V 190 -23.51 1.81 30.93
C LEU V 190 -22.96 2.95 31.81
N ARG V 191 -23.54 4.14 31.65
CA ARG V 191 -23.22 5.30 32.48
C ARG V 191 -23.60 5.06 33.93
N GLU V 192 -24.80 4.53 34.13
CA GLU V 192 -25.24 4.14 35.47
C GLU V 192 -24.29 3.13 36.11
N LEU V 193 -23.85 2.12 35.35
CA LEU V 193 -22.89 1.12 35.86
C LEU V 193 -21.52 1.71 36.22
N ARG V 194 -21.03 2.65 35.44
CA ARG V 194 -19.82 3.37 35.86
C ARG V 194 -20.03 4.11 37.21
N GLU V 195 -21.18 4.76 37.38
CA GLU V 195 -21.50 5.37 38.68
C GLU V 195 -21.35 4.33 39.75
N VAL V 196 -21.89 3.14 39.50
CA VAL V 196 -21.87 2.08 40.50
C VAL V 196 -20.45 1.56 40.74
N ILE V 197 -19.68 1.41 39.67
CA ILE V 197 -18.35 0.85 39.79
C ILE V 197 -17.39 1.88 40.42
N GLY V 198 -17.64 3.16 40.17
CA GLY V 198 -16.74 4.19 40.70
C GLY V 198 -15.49 4.28 39.82
N TRP V 199 -14.50 5.03 40.29
CA TRP V 199 -13.36 5.38 39.46
C TRP V 199 -12.03 4.78 39.96
N ASP V 200 -12.10 3.76 40.80
CA ASP V 200 -10.90 3.07 41.29
C ASP V 200 -10.75 1.65 40.75
N MET V 201 -11.63 1.27 39.84
CA MET V 201 -11.52 -0.02 39.17
C MET V 201 -11.60 0.26 37.67
N ASP V 202 -10.82 -0.47 36.88
CA ASP V 202 -11.04 -0.51 35.46
C ASP V 202 -12.36 -1.18 35.08
N MET V 203 -13.06 -0.59 34.12
CA MET V 203 -14.37 -1.08 33.68
C MET V 203 -14.28 -1.60 32.24
N MET V 204 -14.64 -2.86 32.04
CA MET V 204 -14.70 -3.45 30.70
C MET V 204 -16.17 -3.76 30.34
N VAL V 205 -16.50 -3.69 29.06
CA VAL V 205 -17.86 -4.04 28.62
C VAL V 205 -17.84 -5.14 27.57
N ASP V 206 -18.70 -6.12 27.76
CA ASP V 206 -18.95 -7.15 26.80
C ASP V 206 -20.28 -6.88 26.12
N CYS V 207 -20.24 -6.60 24.83
CA CYS V 207 -21.43 -6.22 24.08
C CYS V 207 -22.27 -7.41 23.65
N LEU V 208 -21.68 -8.60 23.71
CA LEU V 208 -22.37 -9.83 23.29
C LEU V 208 -23.00 -9.68 21.90
N TYR V 209 -22.21 -9.16 20.95
CA TYR V 209 -22.54 -9.16 19.52
C TYR V 209 -23.85 -8.43 19.24
N ARG V 210 -24.07 -7.34 19.96
CA ARG V 210 -25.27 -6.53 19.79
C ARG V 210 -25.37 -5.86 18.40
N TRP V 211 -24.26 -5.33 17.91
CA TRP V 211 -24.29 -4.45 16.74
C TRP V 211 -23.87 -5.16 15.46
N THR V 212 -24.38 -4.65 14.34
CA THR V 212 -23.99 -5.13 13.03
C THR V 212 -23.41 -3.97 12.23
N ASP V 213 -23.95 -2.77 12.45
CA ASP V 213 -23.45 -1.53 11.83
C ASP V 213 -22.37 -0.83 12.67
N TRP V 214 -21.14 -0.77 12.17
CA TRP V 214 -20.06 -0.13 12.89
C TRP V 214 -20.34 1.35 13.19
N GLN V 215 -21.13 2.02 12.36
CA GLN V 215 -21.50 3.42 12.65
C GLN V 215 -22.46 3.55 13.84
N LYS V 216 -23.20 2.49 14.15
CA LYS V 216 -24.08 2.50 15.33
C LYS V 216 -23.28 2.28 16.59
N ALA V 217 -22.35 1.33 16.55
CA ALA V 217 -21.42 1.14 17.65
C ALA V 217 -20.59 2.42 17.86
N ARG V 218 -20.24 3.08 16.76
CA ARG V 218 -19.45 4.29 16.81
C ARG V 218 -20.19 5.41 17.53
N TRP V 219 -21.49 5.53 17.24
CA TRP V 219 -22.32 6.55 17.86
C TRP V 219 -22.38 6.29 19.35
N THR V 220 -22.49 5.02 19.72
CA THR V 220 -22.69 4.62 21.10
C THR V 220 -21.43 4.83 21.93
N PHE V 221 -20.29 4.42 21.41
CA PHE V 221 -19.07 4.56 22.20
C PHE V 221 -18.44 5.94 22.19
N ARG V 222 -18.89 6.78 21.27
CA ARG V 222 -18.56 8.20 21.33
C ARG V 222 -19.34 8.86 22.48
N GLN V 223 -20.61 8.48 22.65
CA GLN V 223 -21.39 9.01 23.79
C GLN V 223 -20.71 8.67 25.10
N LEU V 224 -20.05 7.51 25.14
CA LEU V 224 -19.55 6.94 26.38
C LEU V 224 -18.06 7.17 26.64
N GLU V 225 -17.44 8.07 25.87
CA GLU V 225 -16.02 8.40 26.11
C GLU V 225 -15.80 8.84 27.55
N ASP V 226 -16.79 9.53 28.11
CA ASP V 226 -16.62 10.09 29.45
C ASP V 226 -16.70 9.05 30.58
N ILE V 227 -17.16 7.84 30.28
CA ILE V 227 -17.05 6.77 31.28
C ILE V 227 -15.75 5.98 31.20
N ASP V 228 -14.96 6.23 30.16
CA ASP V 228 -13.54 5.80 30.14
C ASP V 228 -13.36 4.27 30.23
N LEU V 229 -13.98 3.57 29.28
CA LEU V 229 -13.96 2.13 29.26
C LEU V 229 -12.54 1.65 28.96
N TYR V 230 -12.08 0.60 29.64
CA TYR V 230 -10.76 0.06 29.41
C TYR V 230 -10.73 -0.74 28.08
N PHE V 231 -11.75 -1.55 27.83
CA PHE V 231 -11.95 -2.15 26.51
C PHE V 231 -13.40 -2.47 26.20
N ILE V 232 -13.68 -2.63 24.92
CA ILE V 232 -15.01 -2.94 24.43
C ILE V 232 -14.88 -4.26 23.67
N GLU V 233 -15.62 -5.28 24.11
CA GLU V 233 -15.49 -6.63 23.57
C GLU V 233 -16.74 -7.01 22.78
N ALA V 234 -16.55 -7.85 21.76
CA ALA V 234 -17.65 -8.50 21.03
C ALA V 234 -18.67 -7.48 20.57
N CYS V 235 -18.16 -6.40 19.98
CA CYS V 235 -19.01 -5.26 19.67
C CYS V 235 -19.76 -5.52 18.37
N LEU V 236 -19.05 -6.02 17.36
CA LEU V 236 -19.62 -6.27 16.05
C LEU V 236 -19.66 -7.77 15.74
N GLN V 237 -20.38 -8.15 14.69
CA GLN V 237 -20.44 -9.57 14.31
C GLN V 237 -19.02 -10.14 14.10
N HIS V 238 -18.82 -11.37 14.56
CA HIS V 238 -17.50 -12.00 14.63
C HIS V 238 -16.72 -12.14 13.29
N ASP V 239 -17.45 -12.33 12.19
CA ASP V 239 -16.85 -12.46 10.87
C ASP V 239 -16.54 -11.12 10.24
N ASP V 240 -17.11 -10.05 10.79
CA ASP V 240 -16.99 -8.75 10.16
C ASP V 240 -15.70 -8.03 10.55
N LEU V 241 -14.62 -8.34 9.85
CA LEU V 241 -13.31 -7.77 10.16
C LEU V 241 -13.23 -6.30 9.76
N ILE V 242 -13.83 -5.96 8.62
CA ILE V 242 -13.78 -4.59 8.13
C ILE V 242 -14.48 -3.59 9.08
N GLY V 243 -15.69 -3.92 9.51
CA GLY V 243 -16.38 -3.13 10.52
C GLY V 243 -15.55 -2.93 11.78
N HIS V 244 -14.87 -3.99 12.22
CA HIS V 244 -14.01 -3.89 13.40
C HIS V 244 -12.87 -2.94 13.17
N GLN V 245 -12.21 -3.05 12.03
CA GLN V 245 -11.05 -2.18 11.82
C GLN V 245 -11.45 -0.69 11.75
N LYS V 246 -12.61 -0.40 11.17
CA LYS V 246 -13.12 0.97 11.06
C LYS V 246 -13.53 1.51 12.42
N LEU V 247 -14.14 0.66 13.23
CA LEU V 247 -14.52 1.05 14.59
C LEU V 247 -13.31 1.20 15.51
N ALA V 248 -12.34 0.30 15.42
CA ALA V 248 -11.13 0.45 16.21
C ALA V 248 -10.36 1.75 15.89
N ALA V 249 -10.36 2.16 14.62
CA ALA V 249 -9.67 3.41 14.22
C ALA V 249 -10.46 4.64 14.66
N ALA V 250 -11.78 4.51 14.76
CA ALA V 250 -12.63 5.64 15.13
C ALA V 250 -12.68 5.93 16.64
N ILE V 251 -12.58 4.89 17.48
CA ILE V 251 -12.76 5.08 18.95
C ILE V 251 -11.45 5.43 19.65
N ASN V 252 -11.51 5.78 20.93
CA ASN V 252 -10.31 6.16 21.67
C ASN V 252 -9.83 5.17 22.77
N THR V 253 -10.37 3.95 22.74
CA THR V 253 -9.83 2.87 23.61
C THR V 253 -9.56 1.57 22.89
N ARG V 254 -9.46 0.51 23.69
CA ARG V 254 -9.18 -0.83 23.19
C ARG V 254 -10.44 -1.47 22.69
N LEU V 255 -10.35 -2.01 21.46
CA LEU V 255 -11.38 -2.91 20.93
C LEU V 255 -10.85 -4.36 20.97
N CYS V 256 -11.67 -5.29 21.44
CA CYS V 256 -11.25 -6.68 21.58
C CYS V 256 -11.80 -7.43 20.43
N GLY V 257 -11.21 -8.59 20.14
CA GLY V 257 -11.76 -9.46 19.13
C GLY V 257 -11.31 -10.90 19.27
N ALA V 258 -11.86 -11.74 18.39
CA ALA V 258 -11.42 -13.12 18.22
C ALA V 258 -11.82 -14.01 19.38
N GLU V 259 -12.89 -13.65 20.09
CA GLU V 259 -13.37 -14.47 21.20
C GLU V 259 -13.74 -15.88 20.76
N MET V 260 -14.35 -16.01 19.59
CA MET V 260 -14.86 -17.32 19.15
C MET V 260 -13.91 -18.01 18.17
N SER V 261 -12.77 -17.40 17.89
CA SER V 261 -11.85 -17.92 16.87
C SER V 261 -11.00 -19.12 17.33
N THR V 262 -10.47 -19.86 16.37
CA THR V 262 -9.55 -20.95 16.66
C THR V 262 -8.30 -20.82 15.81
N THR V 263 -7.17 -21.20 16.40
CA THR V 263 -5.83 -21.18 15.78
C THR V 263 -5.18 -19.81 15.73
N ARG V 264 -3.86 -19.84 15.61
CA ARG V 264 -3.07 -18.65 15.51
C ARG V 264 -3.31 -17.95 14.18
N PHE V 265 -3.81 -18.70 13.19
CA PHE V 265 -3.98 -18.16 11.85
C PHE V 265 -5.13 -17.14 11.83
N GLU V 266 -6.22 -17.45 12.53
CA GLU V 266 -7.30 -16.47 12.66
C GLU V 266 -6.95 -15.29 13.57
N ALA V 267 -6.24 -15.56 14.69
CA ALA V 267 -5.83 -14.52 15.61
C ALA V 267 -4.95 -13.48 14.91
N GLN V 268 -3.97 -13.98 14.17
CA GLN V 268 -3.10 -13.13 13.36
C GLN V 268 -3.87 -12.36 12.28
N GLU V 269 -4.83 -13.00 11.63
CA GLU V 269 -5.71 -12.28 10.71
C GLU V 269 -6.47 -11.07 11.36
N TRP V 270 -7.07 -11.29 12.52
CA TRP V 270 -7.71 -10.21 13.30
C TRP V 270 -6.73 -9.07 13.54
N LEU V 271 -5.57 -9.42 14.07
CA LEU V 271 -4.57 -8.44 14.43
C LEU V 271 -4.16 -7.58 13.23
N GLU V 272 -3.93 -8.22 12.09
CA GLU V 272 -3.40 -7.53 10.91
C GLU V 272 -4.46 -6.67 10.25
N LYS V 273 -5.67 -7.19 10.19
CA LYS V 273 -6.74 -6.58 9.43
C LYS V 273 -7.52 -5.54 10.25
N THR V 274 -7.54 -5.69 11.58
CA THR V 274 -8.41 -4.85 12.39
C THR V 274 -7.71 -3.93 13.38
N GLY V 275 -6.46 -4.21 13.73
CA GLY V 275 -5.83 -3.50 14.85
C GLY V 275 -6.57 -3.61 16.21
N ILE V 276 -7.30 -4.71 16.44
CA ILE V 276 -7.78 -4.94 17.81
C ILE V 276 -6.60 -4.87 18.76
N SER V 277 -6.84 -4.47 20.01
CA SER V 277 -5.76 -4.25 20.96
C SER V 277 -5.73 -5.35 22.02
N VAL V 278 -6.79 -6.15 22.05
CA VAL V 278 -6.91 -7.30 22.95
C VAL V 278 -7.44 -8.52 22.17
N VAL V 279 -6.72 -9.63 22.24
CA VAL V 279 -7.11 -10.88 21.60
C VAL V 279 -7.70 -11.84 22.63
N GLN V 280 -8.83 -12.46 22.30
CA GLN V 280 -9.55 -13.23 23.32
C GLN V 280 -9.70 -14.73 23.04
N SER V 281 -8.89 -15.27 22.13
CA SER V 281 -8.91 -16.71 21.84
C SER V 281 -9.00 -17.50 23.15
N ASP V 282 -9.91 -18.48 23.17
CA ASP V 282 -10.31 -19.25 24.37
C ASP V 282 -9.36 -20.43 24.65
N TYR V 283 -8.99 -20.61 25.92
CA TYR V 283 -8.17 -21.76 26.35
C TYR V 283 -8.63 -23.11 25.85
N ASN V 284 -9.94 -23.33 25.88
CA ASN V 284 -10.48 -24.64 25.53
C ASN V 284 -11.13 -24.69 24.15
N ARG V 285 -10.75 -23.74 23.29
CA ARG V 285 -11.31 -23.65 21.94
C ARG V 285 -10.22 -23.53 20.88
N CYS V 286 -9.25 -22.63 21.10
CA CYS V 286 -8.36 -22.14 20.06
C CYS V 286 -7.19 -23.08 19.70
N GLY V 287 -7.02 -24.14 20.48
CA GLY V 287 -5.88 -25.04 20.32
C GLY V 287 -5.17 -25.28 21.64
N GLY V 288 -5.47 -24.45 22.62
CA GLY V 288 -4.96 -24.65 23.98
C GLY V 288 -3.73 -23.82 24.26
N VAL V 289 -3.05 -24.18 25.34
CA VAL V 289 -1.91 -23.44 25.84
C VAL V 289 -0.77 -23.38 24.83
N THR V 290 -0.53 -24.49 24.14
CA THR V 290 0.59 -24.54 23.20
C THR V 290 0.36 -23.52 22.10
N GLU V 291 -0.88 -23.43 21.66
CA GLU V 291 -1.24 -22.48 20.62
C GLU V 291 -1.30 -21.08 21.19
N LEU V 292 -1.83 -20.93 22.40
CA LEU V 292 -1.90 -19.60 23.03
C LEU V 292 -0.52 -18.98 23.24
N LEU V 293 0.50 -19.82 23.45
CA LEU V 293 1.86 -19.32 23.56
C LEU V 293 2.35 -18.74 22.22
N ARG V 294 2.00 -19.38 21.10
CA ARG V 294 2.27 -18.83 19.76
C ARG V 294 1.46 -17.55 19.54
N ILE V 295 0.22 -17.56 19.99
CA ILE V 295 -0.64 -16.39 19.85
C ILE V 295 -0.05 -15.22 20.67
N MET V 296 0.52 -15.54 21.83
CA MET V 296 1.22 -14.56 22.67
C MET V 296 2.34 -13.85 21.89
N ASP V 297 3.19 -14.63 21.22
CA ASP V 297 4.31 -14.04 20.48
C ASP V 297 3.85 -13.10 19.36
N ILE V 298 2.74 -13.44 18.71
CA ILE V 298 2.17 -12.61 17.64
C ILE V 298 1.54 -11.33 18.21
N CYS V 299 0.80 -11.46 19.30
CA CYS V 299 0.30 -10.29 20.02
C CYS V 299 1.40 -9.33 20.38
N GLU V 300 2.52 -9.87 20.85
CA GLU V 300 3.65 -9.04 21.25
C GLU V 300 4.23 -8.22 20.09
N HIS V 301 4.35 -8.82 18.91
CA HIS V 301 4.80 -8.08 17.75
C HIS V 301 3.83 -6.90 17.41
N HIS V 302 2.54 -7.11 17.60
CA HIS V 302 1.55 -6.09 17.32
C HIS V 302 1.27 -5.18 18.51
N ASN V 303 1.93 -5.42 19.65
CA ASN V 303 1.62 -4.67 20.88
C ASN V 303 0.12 -4.75 21.23
N ALA V 304 -0.45 -5.94 21.03
CA ALA V 304 -1.79 -6.24 21.52
C ALA V 304 -1.64 -6.99 22.83
N GLN V 305 -2.68 -6.95 23.65
CA GLN V 305 -2.74 -7.83 24.82
C GLN V 305 -3.46 -9.14 24.49
N LEU V 306 -3.09 -10.20 25.21
CA LEU V 306 -3.78 -11.48 25.10
C LEU V 306 -4.54 -11.80 26.40
N MET V 307 -5.86 -11.84 26.31
CA MET V 307 -6.70 -12.07 27.48
C MET V 307 -7.74 -13.14 27.13
N PRO V 308 -7.35 -14.42 27.26
CA PRO V 308 -8.18 -15.46 26.65
C PRO V 308 -9.52 -15.56 27.36
N HIS V 309 -10.57 -15.74 26.56
CA HIS V 309 -11.90 -16.00 27.08
C HIS V 309 -11.86 -17.15 28.09
N ASN V 310 -12.51 -16.94 29.23
CA ASN V 310 -12.37 -17.82 30.35
C ASN V 310 -13.67 -17.89 31.11
N TRP V 311 -14.57 -18.73 30.61
CA TRP V 311 -15.85 -18.96 31.24
C TRP V 311 -16.19 -20.43 31.14
N LYS V 312 -15.51 -21.23 31.94
CA LYS V 312 -15.78 -22.64 31.96
C LYS V 312 -15.87 -23.12 33.38
N THR V 313 -14.92 -23.99 33.71
CA THR V 313 -14.94 -24.71 34.94
C THR V 313 -13.65 -24.33 35.67
N GLY V 314 -13.50 -24.77 36.91
CA GLY V 314 -12.22 -24.59 37.63
C GLY V 314 -10.97 -25.20 36.97
N ILE V 315 -11.19 -26.14 36.06
CA ILE V 315 -10.10 -26.75 35.29
C ILE V 315 -9.46 -25.72 34.38
N THR V 316 -10.28 -25.01 33.61
CA THR V 316 -9.80 -23.89 32.80
C THR V 316 -9.26 -22.75 33.69
N ALA V 317 -9.89 -22.53 34.84
CA ALA V 317 -9.43 -21.47 35.76
C ALA V 317 -7.98 -21.70 36.20
N ALA V 318 -7.63 -22.96 36.49
CA ALA V 318 -6.25 -23.33 36.76
C ALA V 318 -5.30 -23.07 35.56
N ALA V 319 -5.71 -23.43 34.36
CA ALA V 319 -4.95 -23.06 33.17
C ALA V 319 -4.76 -21.54 33.07
N ALA V 320 -5.81 -20.78 33.38
CA ALA V 320 -5.71 -19.32 33.35
C ALA V 320 -4.74 -18.76 34.41
N ARG V 321 -4.66 -19.43 35.54
CA ARG V 321 -3.71 -18.99 36.60
C ARG V 321 -2.28 -19.19 36.14
N HIS V 322 -2.01 -20.36 35.55
CA HIS V 322 -0.68 -20.69 35.06
C HIS V 322 -0.29 -19.91 33.81
N PHE V 323 -1.21 -19.76 32.85
CA PHE V 323 -0.93 -18.90 31.68
C PHE V 323 -0.76 -17.42 32.05
N GLY V 324 -1.65 -16.92 32.89
CA GLY V 324 -1.60 -15.53 33.33
C GLY V 324 -0.27 -15.09 33.90
N ILE V 325 0.38 -15.95 34.69
CA ILE V 325 1.65 -15.56 35.34
C ILE V 325 2.85 -15.53 34.38
N VAL V 326 2.68 -16.24 33.25
CA VAL V 326 3.62 -16.24 32.14
C VAL V 326 3.36 -15.12 31.12
N CYS V 327 2.10 -14.70 30.99
CA CYS V 327 1.72 -13.78 29.94
C CYS V 327 2.06 -12.35 30.32
N HIS V 328 3.34 -12.00 30.23
CA HIS V 328 3.83 -10.67 30.58
C HIS V 328 3.28 -9.49 29.76
N ILE V 329 2.79 -9.73 28.55
CA ILE V 329 2.26 -8.64 27.73
C ILE V 329 0.88 -8.17 28.20
N SER V 330 0.27 -8.95 29.09
CA SER V 330 -1.07 -8.62 29.56
C SER V 330 -1.12 -8.11 31.00
N GLU V 331 -1.73 -6.94 31.19
CA GLU V 331 -1.88 -6.34 32.51
C GLU V 331 -2.87 -7.18 33.34
N TYR V 332 -3.91 -7.67 32.66
CA TYR V 332 -4.98 -8.50 33.26
C TYR V 332 -5.18 -9.78 32.45
N VAL V 333 -5.98 -10.70 32.98
CA VAL V 333 -6.60 -11.75 32.18
C VAL V 333 -8.01 -12.01 32.71
N GLU V 334 -8.89 -12.57 31.87
CA GLU V 334 -10.26 -12.83 32.29
C GLU V 334 -10.33 -13.92 33.35
N TYR V 335 -11.10 -13.68 34.39
CA TYR V 335 -11.28 -14.68 35.42
C TYR V 335 -12.75 -14.82 35.84
N LEU V 336 -13.24 -16.06 35.78
CA LEU V 336 -14.51 -16.43 36.37
C LEU V 336 -14.23 -17.02 37.76
N HIS V 337 -14.62 -16.29 38.79
CA HIS V 337 -14.35 -16.68 40.17
C HIS V 337 -15.66 -17.08 40.85
N PRO V 338 -15.59 -18.07 41.75
CA PRO V 338 -16.75 -18.55 42.51
C PRO V 338 -17.46 -17.47 43.34
N ASP V 339 -16.76 -16.42 43.73
CA ASP V 339 -17.41 -15.35 44.50
C ASP V 339 -18.46 -14.63 43.69
N PHE V 340 -18.43 -14.78 42.37
CA PHE V 340 -19.24 -13.96 41.47
C PHE V 340 -20.25 -14.71 40.61
N TRP V 341 -20.23 -16.03 40.72
CA TRP V 341 -21.08 -16.85 39.86
C TRP V 341 -21.44 -18.13 40.58
N ASN V 342 -22.71 -18.49 40.47
CA ASN V 342 -23.32 -19.54 41.27
C ASN V 342 -23.61 -20.82 40.50
N GLY V 343 -23.07 -20.93 39.29
CA GLY V 343 -23.19 -22.14 38.50
C GLY V 343 -22.71 -23.34 39.29
N THR V 344 -23.43 -24.45 39.13
CA THR V 344 -23.11 -25.69 39.83
C THR V 344 -21.67 -26.14 39.58
N LEU V 345 -21.24 -26.09 38.32
CA LEU V 345 -19.89 -26.52 37.98
C LEU V 345 -18.85 -25.60 38.57
N THR V 346 -19.08 -24.29 38.47
CA THR V 346 -18.22 -23.32 39.09
C THR V 346 -18.11 -23.52 40.62
N GLN V 347 -19.22 -23.89 41.25
CA GLN V 347 -19.24 -23.99 42.71
C GLN V 347 -18.69 -25.32 43.23
N GLN V 348 -18.81 -26.38 42.44
CA GLN V 348 -18.64 -27.73 42.97
C GLN V 348 -17.62 -28.65 42.29
N LEU V 349 -17.29 -28.38 41.04
CA LEU V 349 -16.48 -29.32 40.27
C LEU V 349 -15.06 -29.45 40.81
N THR V 350 -14.52 -28.36 41.36
CA THR V 350 -13.17 -28.36 41.92
C THR V 350 -13.17 -27.79 43.33
N LEU V 351 -12.10 -28.08 44.06
CA LEU V 351 -12.04 -27.78 45.49
C LEU V 351 -10.97 -26.77 45.78
N ASN V 352 -11.14 -25.99 46.84
CA ASN V 352 -10.08 -25.11 47.30
C ASN V 352 -9.64 -24.09 46.27
N GLU V 353 -10.60 -23.43 45.61
CA GLU V 353 -10.26 -22.38 44.67
C GLU V 353 -9.54 -21.25 45.41
N PRO V 354 -8.42 -20.76 44.86
CA PRO V 354 -7.66 -19.70 45.53
C PRO V 354 -8.52 -18.47 45.76
N LYS V 355 -8.35 -17.83 46.90
CA LYS V 355 -9.19 -16.69 47.27
C LYS V 355 -8.67 -15.42 46.61
N ILE V 356 -9.58 -14.47 46.36
CA ILE V 356 -9.18 -13.15 45.91
C ILE V 356 -8.70 -12.29 47.07
N ILE V 357 -7.45 -11.86 47.00
CA ILE V 357 -6.85 -11.05 48.05
C ILE V 357 -6.25 -9.78 47.49
N ASP V 358 -6.91 -8.67 47.75
CA ASP V 358 -6.44 -7.37 47.28
C ASP V 358 -6.40 -7.37 45.75
N GLY V 359 -7.31 -8.11 45.13
CA GLY V 359 -7.45 -8.10 43.68
C GLY V 359 -6.50 -9.03 42.94
N ALA V 360 -5.75 -9.83 43.69
CA ALA V 360 -4.82 -10.80 43.11
C ALA V 360 -5.25 -12.20 43.49
N ILE V 361 -4.79 -13.20 42.72
CA ILE V 361 -4.94 -14.58 43.17
C ILE V 361 -3.64 -15.36 43.06
N GLU V 362 -3.29 -16.06 44.13
CA GLU V 362 -2.06 -16.85 44.14
C GLU V 362 -2.09 -17.93 43.08
N VAL V 363 -0.98 -18.08 42.36
CA VAL V 363 -0.70 -19.25 41.54
C VAL V 363 0.22 -20.19 42.31
N SER V 364 -0.28 -21.35 42.72
CA SER V 364 0.51 -22.26 43.55
C SER V 364 1.62 -22.95 42.76
N ASP V 365 2.61 -23.46 43.49
CA ASP V 365 3.64 -24.29 42.89
C ASP V 365 3.34 -25.80 42.94
N LYS V 366 2.07 -26.17 43.15
CA LYS V 366 1.69 -27.58 43.11
C LYS V 366 1.90 -28.11 41.69
N PRO V 367 2.35 -29.38 41.56
CA PRO V 367 2.71 -29.95 40.27
C PRO V 367 1.61 -29.79 39.22
N GLY V 368 2.02 -29.63 37.96
CA GLY V 368 1.07 -29.47 36.86
C GLY V 368 0.21 -28.25 37.07
N LEU V 369 -1.09 -28.36 36.80
CA LEU V 369 -1.99 -27.22 36.83
C LEU V 369 -2.47 -26.91 38.25
N GLY V 370 -2.22 -27.85 39.16
CA GLY V 370 -2.61 -27.70 40.57
C GLY V 370 -4.12 -27.77 40.74
N ILE V 371 -4.77 -28.57 39.91
CA ILE V 371 -6.19 -28.77 40.03
C ILE V 371 -6.48 -29.77 41.15
N GLU V 372 -7.43 -29.42 42.01
CA GLU V 372 -7.95 -30.32 43.05
C GLU V 372 -9.39 -30.69 42.70
N LEU V 373 -9.56 -31.81 42.02
CA LEU V 373 -10.86 -32.18 41.48
C LEU V 373 -11.79 -32.72 42.56
N ASN V 374 -13.08 -32.38 42.47
CA ASN V 374 -14.08 -32.94 43.40
C ASN V 374 -14.53 -34.31 42.90
N ILE V 375 -13.76 -35.34 43.25
CA ILE V 375 -13.95 -36.66 42.67
C ILE V 375 -15.34 -37.24 42.96
N GLU V 376 -15.84 -37.04 44.18
CA GLU V 376 -17.15 -37.58 44.51
C GLU V 376 -18.23 -36.95 43.65
N PHE V 377 -18.14 -35.64 43.42
CA PHE V 377 -19.14 -34.95 42.62
C PHE V 377 -19.13 -35.43 41.17
N VAL V 378 -17.95 -35.74 40.63
CA VAL V 378 -17.84 -36.21 39.26
C VAL V 378 -18.40 -37.64 39.11
N GLU V 379 -18.05 -38.52 40.05
CA GLU V 379 -18.62 -39.86 40.07
C GLU V 379 -20.14 -39.79 40.24
N GLN V 380 -20.61 -38.92 41.14
CA GLN V 380 -22.04 -38.66 41.30
C GLN V 380 -22.72 -38.28 39.99
N VAL V 381 -22.15 -37.31 39.27
CA VAL V 381 -22.83 -36.74 38.11
C VAL V 381 -22.65 -37.52 36.81
N THR V 382 -21.47 -38.11 36.60
CA THR V 382 -21.25 -38.95 35.42
C THR V 382 -21.94 -40.30 35.54
N GLY V 383 -21.98 -40.82 36.76
CA GLY V 383 -22.53 -42.14 37.03
C GLY V 383 -21.46 -43.22 37.06
N HIS V 384 -20.37 -42.99 36.33
CA HIS V 384 -19.26 -43.96 36.26
C HIS V 384 -18.17 -43.68 37.31
N LYS V 385 -17.26 -44.64 37.49
CA LYS V 385 -16.21 -44.53 38.51
C LYS V 385 -14.94 -43.81 38.00
N PHE V 386 -14.39 -42.93 38.83
CA PHE V 386 -13.20 -42.15 38.47
C PHE V 386 -11.94 -42.71 39.13
N ALA W 5 -44.68 -21.35 -16.75
CA ALA W 5 -44.81 -21.28 -18.24
C ALA W 5 -43.87 -20.18 -18.71
N ASN W 6 -43.55 -20.17 -20.01
CA ASN W 6 -42.53 -19.30 -20.56
C ASN W 6 -43.05 -17.89 -20.85
N ILE W 7 -42.14 -16.93 -20.95
CA ILE W 7 -42.50 -15.55 -21.23
C ILE W 7 -42.85 -15.40 -22.70
N VAL W 8 -43.91 -14.66 -22.97
CA VAL W 8 -44.35 -14.48 -24.35
C VAL W 8 -44.27 -13.04 -24.85
N SER W 9 -44.28 -12.06 -23.95
CA SER W 9 -44.20 -10.66 -24.37
C SER W 9 -43.66 -9.71 -23.30
N VAL W 10 -43.01 -8.65 -23.75
CA VAL W 10 -42.53 -7.62 -22.87
C VAL W 10 -42.99 -6.30 -23.47
N GLU W 11 -43.57 -5.45 -22.64
CA GLU W 11 -44.14 -4.22 -23.11
C GLU W 11 -43.68 -3.06 -22.22
N PHE W 12 -43.15 -2.01 -22.85
CA PHE W 12 -42.79 -0.79 -22.14
C PHE W 12 -43.89 0.23 -22.35
N ILE W 13 -44.63 0.49 -21.29
CA ILE W 13 -45.80 1.37 -21.34
C ILE W 13 -45.48 2.75 -20.75
N PRO W 14 -45.25 3.76 -21.61
CA PRO W 14 -45.04 5.11 -21.13
C PRO W 14 -46.30 5.65 -20.44
N VAL W 15 -46.09 6.33 -19.32
CA VAL W 15 -47.18 6.83 -18.50
C VAL W 15 -46.82 8.25 -18.09
N ASN W 16 -47.23 9.21 -18.92
CA ASN W 16 -46.93 10.61 -18.68
C ASN W 16 -48.19 11.35 -18.22
N VAL W 17 -48.07 12.20 -17.22
CA VAL W 17 -49.25 12.92 -16.75
C VAL W 17 -49.18 14.39 -17.14
N ALA W 18 -50.23 14.85 -17.82
CA ALA W 18 -50.36 16.25 -18.22
C ALA W 18 -50.76 17.12 -17.03
N SER W 23 -43.53 17.74 -13.99
CA SER W 23 -43.68 16.64 -14.95
C SER W 23 -43.56 15.29 -14.23
N GLU W 24 -44.58 14.46 -14.43
CA GLU W 24 -44.85 13.30 -13.59
C GLU W 24 -44.93 12.04 -14.46
N ASN W 25 -43.97 11.14 -14.32
CA ASN W 25 -43.96 10.01 -15.23
C ASN W 25 -43.23 8.74 -14.83
N THR W 26 -43.59 7.65 -15.50
CA THR W 26 -42.91 6.39 -15.34
C THR W 26 -43.01 5.57 -16.63
N VAL W 27 -42.37 4.41 -16.62
CA VAL W 27 -42.47 3.48 -17.72
C VAL W 27 -42.83 2.18 -17.08
N ILE W 28 -44.08 1.76 -17.26
CA ILE W 28 -44.49 0.46 -16.76
C ILE W 28 -43.95 -0.63 -17.67
N VAL W 29 -43.32 -1.63 -17.05
CA VAL W 29 -42.88 -2.83 -17.77
C VAL W 29 -43.80 -4.02 -17.47
N LYS W 30 -44.43 -4.56 -18.49
CA LYS W 30 -45.38 -5.64 -18.29
C LYS W 30 -44.92 -6.84 -19.07
N VAL W 31 -44.64 -7.92 -18.33
CA VAL W 31 -44.12 -9.15 -18.92
C VAL W 31 -45.20 -10.21 -18.74
N THR W 32 -45.63 -10.80 -19.84
CA THR W 32 -46.75 -11.72 -19.86
C THR W 32 -46.27 -13.10 -20.28
N ASP W 33 -46.74 -14.13 -19.57
CA ASP W 33 -46.39 -15.53 -19.89
C ASP W 33 -47.45 -16.23 -20.77
N GLU W 34 -47.22 -17.51 -21.06
CA GLU W 34 -48.06 -18.26 -22.00
C GLU W 34 -49.51 -18.45 -21.52
N ASN W 35 -49.75 -18.24 -20.23
CA ASN W 35 -51.10 -18.38 -19.67
C ASN W 35 -51.78 -17.02 -19.45
N GLY W 36 -51.12 -15.93 -19.85
CA GLY W 36 -51.65 -14.59 -19.65
C GLY W 36 -51.45 -13.99 -18.25
N VAL W 37 -50.71 -14.68 -17.39
CA VAL W 37 -50.25 -14.08 -16.13
C VAL W 37 -49.19 -13.06 -16.51
N TYR W 38 -49.14 -11.94 -15.80
CA TYR W 38 -48.16 -10.90 -16.13
C TYR W 38 -47.55 -10.34 -14.85
N GLY W 39 -46.28 -9.94 -14.93
CA GLY W 39 -45.65 -9.25 -13.82
C GLY W 39 -45.43 -7.80 -14.20
N LEU W 40 -45.39 -6.95 -13.18
CA LEU W 40 -45.12 -5.53 -13.40
C LEU W 40 -43.79 -5.08 -12.79
N GLY W 41 -43.07 -4.27 -13.57
CA GLY W 41 -41.95 -3.50 -13.06
C GLY W 41 -42.02 -2.11 -13.64
N GLU W 42 -41.09 -1.24 -13.25
CA GLU W 42 -40.93 0.02 -13.94
C GLU W 42 -39.46 0.35 -14.18
N ALA W 43 -39.20 1.00 -15.31
CA ALA W 43 -37.87 1.46 -15.66
C ALA W 43 -37.79 2.96 -15.43
N ASP W 44 -36.64 3.45 -14.96
CA ASP W 44 -36.41 4.90 -14.91
C ASP W 44 -36.11 5.33 -16.33
N GLY W 45 -36.23 6.63 -16.61
CA GLY W 45 -35.80 7.21 -17.88
C GLY W 45 -36.93 7.93 -18.59
N PRO W 46 -36.59 8.76 -19.61
CA PRO W 46 -37.61 9.47 -20.38
C PRO W 46 -38.53 8.47 -21.07
N PRO W 47 -39.83 8.53 -20.76
CA PRO W 47 -40.66 7.36 -21.06
C PRO W 47 -40.71 6.96 -22.53
N GLU W 48 -40.87 7.92 -23.43
CA GLU W 48 -40.91 7.60 -24.85
C GLU W 48 -39.55 7.06 -25.34
N CYS W 49 -38.46 7.60 -24.81
CA CYS W 49 -37.12 7.11 -25.16
C CYS W 49 -36.95 5.67 -24.69
N MET W 50 -37.42 5.37 -23.49
CA MET W 50 -37.32 4.02 -22.96
C MET W 50 -38.15 3.01 -23.76
N LYS W 51 -39.35 3.40 -24.19
CA LYS W 51 -40.08 2.60 -25.18
C LYS W 51 -39.26 2.32 -26.45
N ALA W 52 -38.68 3.36 -27.04
CA ALA W 52 -37.88 3.20 -28.26
C ALA W 52 -36.74 2.21 -28.05
N PHE W 53 -36.10 2.28 -26.87
CA PHE W 53 -34.95 1.43 -26.59
C PHE W 53 -35.40 -0.02 -26.53
N SER W 54 -36.56 -0.25 -25.94
CA SER W 54 -37.14 -1.57 -25.79
C SER W 54 -37.61 -2.14 -27.13
N GLU W 55 -37.71 -1.28 -28.15
CA GLU W 55 -38.24 -1.69 -29.44
C GLU W 55 -37.23 -1.58 -30.58
N ILE W 56 -35.94 -1.66 -30.27
CA ILE W 56 -34.89 -1.54 -31.28
C ILE W 56 -34.73 -2.82 -32.10
N GLU W 57 -34.09 -2.70 -33.26
CA GLU W 57 -33.76 -3.84 -34.12
C GLU W 57 -32.44 -4.51 -33.70
N ASN W 58 -32.32 -5.82 -33.95
CA ASN W 58 -31.03 -6.51 -33.77
C ASN W 58 -30.00 -6.04 -34.79
N GLU W 59 -28.74 -6.05 -34.38
CA GLU W 59 -27.64 -5.55 -35.22
C GLU W 59 -26.43 -6.50 -35.19
N HIS W 60 -25.97 -6.86 -33.99
CA HIS W 60 -24.86 -7.80 -33.86
C HIS W 60 -24.85 -8.56 -32.52
N LYS W 61 -23.77 -9.29 -32.27
CA LYS W 61 -23.72 -10.17 -31.11
C LYS W 61 -23.98 -9.45 -29.79
N TRP W 62 -23.45 -8.23 -29.66
CA TRP W 62 -23.55 -7.45 -28.42
C TRP W 62 -24.58 -6.30 -28.50
N LEU W 63 -25.38 -6.28 -29.56
CA LEU W 63 -26.43 -5.26 -29.74
C LEU W 63 -27.70 -5.92 -30.31
N ASN W 64 -28.55 -6.40 -29.41
CA ASN W 64 -29.82 -7.05 -29.76
C ASN W 64 -30.96 -6.38 -29.03
N ASN W 65 -32.18 -6.57 -29.52
CA ASN W 65 -33.35 -6.11 -28.78
C ASN W 65 -33.37 -6.77 -27.41
N ILE W 66 -33.55 -5.94 -26.37
CA ILE W 66 -33.51 -6.44 -25.00
C ILE W 66 -34.50 -7.56 -24.72
N LYS W 67 -35.69 -7.48 -25.30
CA LYS W 67 -36.77 -8.39 -24.92
C LYS W 67 -36.43 -9.81 -25.34
N GLU W 68 -35.64 -9.92 -26.41
CA GLU W 68 -35.29 -11.22 -26.97
C GLU W 68 -34.44 -12.08 -26.04
N ALA W 69 -33.86 -11.46 -25.03
CA ALA W 69 -33.13 -12.18 -23.98
C ALA W 69 -34.04 -12.94 -23.01
N VAL W 70 -35.31 -12.53 -22.97
CA VAL W 70 -36.26 -13.11 -22.04
C VAL W 70 -37.44 -13.85 -22.69
N ILE W 71 -37.85 -13.46 -23.89
CA ILE W 71 -38.96 -14.13 -24.57
C ILE W 71 -38.65 -15.61 -24.76
N GLY W 72 -39.59 -16.48 -24.40
CA GLY W 72 -39.34 -17.94 -24.46
C GLY W 72 -38.60 -18.50 -23.24
N ARG W 73 -38.31 -17.63 -22.27
CA ARG W 73 -37.59 -18.05 -21.05
C ARG W 73 -38.47 -18.19 -19.83
N ASP W 74 -37.96 -18.92 -18.84
CA ASP W 74 -38.63 -19.14 -17.57
C ASP W 74 -38.23 -18.05 -16.58
N PRO W 75 -39.21 -17.26 -16.13
CA PRO W 75 -38.99 -16.11 -15.24
C PRO W 75 -38.37 -16.45 -13.86
N LEU W 76 -38.36 -17.74 -13.46
CA LEU W 76 -37.67 -18.14 -12.22
C LEU W 76 -36.15 -17.91 -12.32
N GLU W 77 -35.63 -17.93 -13.55
CA GLU W 77 -34.18 -17.99 -13.77
C GLU W 77 -33.55 -16.60 -13.71
N PHE W 78 -33.63 -15.96 -12.54
CA PHE W 78 -33.18 -14.58 -12.38
C PHE W 78 -31.75 -14.33 -12.88
N ARG W 79 -30.79 -15.15 -12.46
CA ARG W 79 -29.41 -14.87 -12.80
C ARG W 79 -29.22 -14.99 -14.30
N ALA W 80 -29.60 -16.13 -14.87
CA ALA W 80 -29.41 -16.40 -16.26
C ALA W 80 -30.09 -15.34 -17.11
N ASN W 81 -31.27 -14.92 -16.67
CA ASN W 81 -32.05 -13.94 -17.42
C ASN W 81 -31.40 -12.56 -17.37
N TYR W 82 -30.98 -12.15 -16.17
CA TYR W 82 -30.19 -10.94 -16.00
C TYR W 82 -28.96 -10.94 -16.87
N ASN W 83 -28.22 -12.05 -16.82
CA ASN W 83 -26.94 -12.15 -17.52
C ASN W 83 -27.12 -12.08 -19.02
N ARG W 84 -28.22 -12.66 -19.50
CA ARG W 84 -28.48 -12.66 -20.95
C ARG W 84 -28.85 -11.26 -21.40
N MET W 85 -29.75 -10.61 -20.64
CA MET W 85 -30.16 -9.26 -21.00
C MET W 85 -28.93 -8.38 -21.04
N TYR W 86 -28.08 -8.51 -20.02
CA TYR W 86 -26.86 -7.69 -19.94
C TYR W 86 -25.91 -7.98 -21.11
N ASP W 87 -25.65 -9.26 -21.38
CA ASP W 87 -24.67 -9.65 -22.40
C ASP W 87 -25.12 -9.31 -23.83
N THR W 88 -26.40 -9.54 -24.13
CA THR W 88 -26.91 -9.31 -25.48
C THR W 88 -27.07 -7.82 -25.83
N THR W 89 -26.97 -6.94 -24.83
CA THR W 89 -27.10 -5.50 -25.09
C THR W 89 -25.84 -4.69 -24.71
N LYS W 90 -24.77 -5.39 -24.36
CA LYS W 90 -23.50 -4.76 -24.04
C LYS W 90 -23.21 -3.50 -24.85
N TRP W 91 -23.18 -3.60 -26.17
CA TRP W 91 -22.80 -2.45 -27.00
C TRP W 91 -23.60 -1.17 -26.68
N ILE W 92 -24.86 -1.30 -26.27
CA ILE W 92 -25.67 -0.12 -25.97
C ILE W 92 -26.04 0.02 -24.51
N GLY W 93 -25.68 -1.00 -23.71
CA GLY W 93 -25.98 -1.03 -22.29
C GLY W 93 -24.73 -0.92 -21.44
N MET W 94 -24.50 -1.94 -20.61
CA MET W 94 -23.33 -2.02 -19.72
C MET W 94 -23.36 -1.02 -18.56
N ARG W 95 -23.59 0.26 -18.86
CA ARG W 95 -23.84 1.26 -17.82
C ARG W 95 -24.89 2.26 -18.31
N GLY W 96 -25.50 2.97 -17.39
CA GLY W 96 -26.38 4.07 -17.77
C GLY W 96 -27.73 3.57 -18.27
N LEU W 97 -28.22 4.20 -19.33
CA LEU W 97 -29.63 4.14 -19.66
C LEU W 97 -30.09 2.71 -19.91
N GLY W 98 -29.25 1.95 -20.62
CA GLY W 98 -29.58 0.58 -20.97
C GLY W 98 -29.86 -0.25 -19.75
N LEU W 99 -29.20 0.09 -18.64
CA LEU W 99 -29.45 -0.58 -17.40
C LEU W 99 -30.76 -0.26 -16.75
N PHE W 100 -31.31 0.93 -17.03
CA PHE W 100 -32.66 1.27 -16.54
C PHE W 100 -33.61 0.25 -17.15
N ALA W 101 -33.44 -0.03 -18.44
CA ALA W 101 -34.32 -0.98 -19.15
C ALA W 101 -34.25 -2.38 -18.53
N ILE W 102 -33.03 -2.85 -18.27
CA ILE W 102 -32.87 -4.14 -17.60
C ILE W 102 -33.53 -4.13 -16.20
N SER W 103 -33.48 -2.99 -15.52
CA SER W 103 -33.99 -2.89 -14.17
C SER W 103 -35.48 -3.14 -14.14
N GLY W 104 -36.22 -2.47 -15.03
CA GLY W 104 -37.66 -2.62 -15.12
C GLY W 104 -38.11 -4.03 -15.48
N ILE W 105 -37.41 -4.65 -16.42
CA ILE W 105 -37.72 -6.04 -16.76
C ILE W 105 -37.45 -6.97 -15.58
N ASP W 106 -36.25 -6.89 -15.01
CA ASP W 106 -35.88 -7.71 -13.86
C ASP W 106 -36.92 -7.56 -12.76
N MET W 107 -37.30 -6.33 -12.43
CA MET W 107 -38.35 -6.09 -11.42
C MET W 107 -39.63 -6.85 -11.76
N ALA W 108 -40.11 -6.69 -13.01
CA ALA W 108 -41.29 -7.43 -13.50
C ALA W 108 -41.17 -8.95 -13.34
N LEU W 109 -39.98 -9.49 -13.58
CA LEU W 109 -39.77 -10.94 -13.53
C LEU W 109 -39.97 -11.54 -12.13
N TYR W 110 -39.59 -10.80 -11.09
CA TYR W 110 -39.95 -11.20 -9.72
C TYR W 110 -41.45 -11.20 -9.48
N ASP W 111 -42.15 -10.18 -9.98
CA ASP W 111 -43.60 -10.13 -9.82
C ASP W 111 -44.24 -11.33 -10.51
N LEU W 112 -43.81 -11.60 -11.74
CA LEU W 112 -44.34 -12.68 -12.55
C LEU W 112 -44.06 -14.05 -11.93
N ALA W 113 -42.78 -14.33 -11.68
CA ALA W 113 -42.41 -15.62 -11.14
C ALA W 113 -43.13 -15.94 -9.83
N GLY W 114 -43.31 -14.91 -9.00
CA GLY W 114 -44.02 -15.07 -7.73
C GLY W 114 -45.50 -15.34 -7.98
N LYS W 115 -46.08 -14.62 -8.94
CA LYS W 115 -47.44 -14.91 -9.35
C LYS W 115 -47.62 -16.31 -9.94
N GLN W 116 -46.67 -16.78 -10.73
CA GLN W 116 -46.73 -18.14 -11.25
C GLN W 116 -46.66 -19.19 -10.14
N LEU W 117 -45.75 -19.06 -9.19
CA LEU W 117 -45.59 -20.10 -8.18
C LEU W 117 -46.54 -19.90 -6.99
N GLY W 118 -47.19 -18.75 -6.94
CA GLY W 118 -48.04 -18.37 -5.80
C GLY W 118 -47.28 -18.01 -4.53
N VAL W 119 -46.11 -17.37 -4.66
CA VAL W 119 -45.34 -16.91 -3.50
C VAL W 119 -45.03 -15.43 -3.57
N PRO W 120 -44.90 -14.79 -2.40
CA PRO W 120 -44.48 -13.40 -2.35
C PRO W 120 -43.03 -13.27 -2.78
N ALA W 121 -42.71 -12.19 -3.48
CA ALA W 121 -41.46 -12.12 -4.19
C ALA W 121 -40.28 -12.22 -3.23
N TYR W 122 -40.49 -11.88 -1.96
CA TYR W 122 -39.36 -11.86 -1.01
C TYR W 122 -38.80 -13.25 -0.75
N LYS W 123 -39.61 -14.27 -0.95
CA LYS W 123 -39.16 -15.64 -0.79
C LYS W 123 -38.23 -15.95 -1.97
N LEU W 124 -38.54 -15.36 -3.10
CA LEU W 124 -37.73 -15.54 -4.29
C LEU W 124 -36.41 -14.78 -4.19
N MET W 125 -36.35 -13.82 -3.28
CA MET W 125 -35.17 -12.99 -3.08
C MET W 125 -34.33 -13.53 -1.90
N GLY W 126 -34.62 -14.76 -1.48
CA GLY W 126 -33.91 -15.41 -0.37
C GLY W 126 -34.65 -15.62 0.96
N GLY W 127 -35.82 -15.01 1.09
CA GLY W 127 -36.63 -15.17 2.32
C GLY W 127 -36.43 -14.04 3.32
N ALA W 128 -37.47 -13.78 4.12
CA ALA W 128 -37.48 -12.62 4.99
C ALA W 128 -36.46 -12.77 6.10
N GLN W 129 -35.76 -11.70 6.42
CA GLN W 129 -34.72 -11.78 7.46
C GLN W 129 -34.83 -10.69 8.51
N LYS W 130 -35.93 -9.97 8.48
CA LYS W 130 -36.25 -9.12 9.61
C LYS W 130 -37.68 -9.29 10.02
N ALA W 131 -37.93 -8.98 11.28
CA ALA W 131 -39.25 -9.15 11.85
C ALA W 131 -40.19 -8.12 11.24
N GLN W 132 -39.68 -6.93 10.97
CA GLN W 132 -40.52 -5.85 10.47
C GLN W 132 -39.80 -5.02 9.44
N LEU W 133 -40.55 -4.34 8.62
CA LEU W 133 -39.96 -3.35 7.73
C LEU W 133 -40.11 -1.95 8.32
N THR W 134 -38.98 -1.37 8.73
CA THR W 134 -38.91 0.01 9.26
C THR W 134 -38.23 0.94 8.26
N PRO W 135 -39.02 1.65 7.46
CA PRO W 135 -38.44 2.54 6.47
C PRO W 135 -37.88 3.78 7.15
N TYR W 136 -37.06 4.54 6.43
CA TYR W 136 -36.98 5.95 6.71
C TYR W 136 -37.79 6.64 5.64
N PHE W 137 -38.57 7.64 6.04
CA PHE W 137 -39.47 8.31 5.11
C PHE W 137 -38.87 9.56 4.52
N THR W 138 -38.84 9.62 3.20
CA THR W 138 -38.37 10.80 2.49
C THR W 138 -39.41 11.94 2.47
N LEU W 139 -39.04 13.10 3.02
CA LEU W 139 -39.96 14.24 3.08
C LEU W 139 -39.48 15.36 2.16
N TYR W 140 -40.27 15.63 1.13
CA TYR W 140 -40.01 16.70 0.19
C TYR W 140 -41.21 17.62 0.20
N PRO W 141 -40.98 18.92 0.38
CA PRO W 141 -42.12 19.79 0.54
C PRO W 141 -42.57 20.39 -0.80
N SER W 142 -43.86 20.65 -0.94
CA SER W 142 -44.34 21.36 -2.12
C SER W 142 -44.34 22.85 -1.87
N VAL W 143 -43.43 23.56 -2.54
CA VAL W 143 -43.23 24.99 -2.33
C VAL W 143 -42.91 25.65 -3.66
N ALA W 144 -42.96 26.98 -3.67
CA ALA W 144 -42.65 27.72 -4.88
C ALA W 144 -41.15 27.68 -5.17
N ALA W 145 -40.78 27.90 -6.43
CA ALA W 145 -39.38 28.18 -6.77
C ALA W 145 -39.02 29.54 -6.17
N ASP W 146 -37.80 29.65 -5.65
CA ASP W 146 -37.44 30.88 -4.95
C ASP W 146 -38.22 31.00 -3.62
N ALA W 147 -38.68 29.86 -3.11
CA ALA W 147 -39.05 29.77 -1.70
C ALA W 147 -37.82 30.07 -0.85
N THR W 148 -37.98 30.92 0.16
CA THR W 148 -36.87 31.15 1.10
C THR W 148 -36.72 29.91 1.99
N LEU W 149 -35.59 29.80 2.68
CA LEU W 149 -35.37 28.70 3.58
C LEU W 149 -36.40 28.67 4.72
N SER W 150 -36.82 29.83 5.19
CA SER W 150 -37.85 29.88 6.25
C SER W 150 -39.18 29.34 5.73
N GLU W 151 -39.54 29.72 4.51
CA GLU W 151 -40.76 29.19 3.90
C GLU W 151 -40.69 27.67 3.70
N ILE W 152 -39.51 27.16 3.35
CA ILE W 152 -39.32 25.72 3.23
C ILE W 152 -39.48 24.99 4.57
N VAL W 153 -38.98 25.60 5.66
CA VAL W 153 -39.12 25.03 7.00
C VAL W 153 -40.59 25.03 7.41
N GLU W 154 -41.29 26.12 7.10
CA GLU W 154 -42.71 26.21 7.44
C GLU W 154 -43.56 25.17 6.69
N ALA W 155 -43.22 24.90 5.44
CA ALA W 155 -43.82 23.80 4.68
C ALA W 155 -43.38 22.44 5.17
N TYR W 156 -42.21 22.34 5.77
CA TYR W 156 -41.78 21.07 6.36
C TYR W 156 -42.59 20.68 7.60
N LYS W 157 -43.07 21.66 8.35
CA LYS W 157 -43.66 21.41 9.68
C LYS W 157 -44.87 20.45 9.67
N PRO W 158 -45.84 20.66 8.75
CA PRO W 158 -46.96 19.71 8.67
C PRO W 158 -46.53 18.30 8.26
N LEU W 159 -45.56 18.18 7.35
CA LEU W 159 -45.06 16.88 6.89
C LEU W 159 -44.46 16.12 8.05
N ILE W 160 -43.58 16.78 8.78
CA ILE W 160 -42.89 16.16 9.87
C ILE W 160 -43.82 15.79 11.02
N ALA W 161 -44.77 16.66 11.29
CA ALA W 161 -45.77 16.36 12.30
C ALA W 161 -46.62 15.15 11.90
N LYS W 162 -46.83 14.97 10.60
CA LYS W 162 -47.48 13.76 10.12
C LYS W 162 -46.63 12.50 10.27
N ALA W 163 -45.34 12.58 9.95
CA ALA W 163 -44.44 11.46 10.22
C ALA W 163 -44.50 11.02 11.68
N LYS W 164 -44.50 11.99 12.59
CA LYS W 164 -44.64 11.70 14.02
C LYS W 164 -45.98 11.05 14.38
N GLU W 165 -47.07 11.48 13.75
CA GLU W 165 -48.39 10.90 13.99
C GLU W 165 -48.37 9.41 13.59
N ARG W 166 -47.68 9.10 12.49
CA ARG W 166 -47.59 7.71 12.01
C ARG W 166 -46.52 6.89 12.76
N GLY W 167 -45.77 7.53 13.66
CA GLY W 167 -44.80 6.78 14.47
C GLY W 167 -43.51 6.50 13.73
N ALA W 168 -43.23 7.29 12.70
CA ALA W 168 -42.01 7.16 11.91
C ALA W 168 -40.77 7.13 12.80
N LYS W 169 -39.81 6.27 12.45
CA LYS W 169 -38.57 6.14 13.20
C LYS W 169 -37.46 7.01 12.63
N ALA W 170 -37.61 7.44 11.38
CA ALA W 170 -36.57 8.19 10.72
C ALA W 170 -37.13 8.96 9.52
N VAL W 171 -36.68 10.17 9.31
CA VAL W 171 -37.15 10.92 8.14
C VAL W 171 -35.95 11.57 7.47
N LYS W 172 -36.06 11.79 6.17
CA LYS W 172 -35.00 12.50 5.43
C LYS W 172 -35.53 13.83 4.96
N VAL W 173 -34.78 14.90 5.21
CA VAL W 173 -35.10 16.21 4.65
C VAL W 173 -34.06 16.58 3.61
N CYS W 174 -34.36 17.59 2.83
CA CYS W 174 -33.53 17.97 1.69
C CYS W 174 -33.12 19.42 1.75
N ILE W 175 -31.97 19.70 1.15
CA ILE W 175 -31.57 21.05 0.80
C ILE W 175 -31.99 21.25 -0.66
N ILE W 176 -33.13 21.89 -0.88
CA ILE W 176 -33.55 22.29 -2.21
C ILE W 176 -32.44 23.14 -2.83
N PRO W 177 -31.94 22.75 -4.01
CA PRO W 177 -30.79 23.42 -4.63
C PRO W 177 -30.98 24.94 -4.71
N ASN W 178 -30.02 25.68 -4.17
CA ASN W 178 -30.17 27.11 -3.97
C ASN W 178 -28.79 27.76 -3.92
N ASP W 179 -28.38 28.35 -5.03
CA ASP W 179 -27.05 28.93 -5.10
C ASP W 179 -26.99 30.33 -4.49
N LYS W 180 -28.16 30.92 -4.22
CA LYS W 180 -28.24 32.27 -3.65
C LYS W 180 -28.10 32.27 -2.12
N VAL W 181 -27.75 31.14 -1.54
CA VAL W 181 -27.79 30.99 -0.10
C VAL W 181 -26.47 30.42 0.38
N SER W 182 -26.01 30.87 1.55
CA SER W 182 -24.67 30.51 2.01
C SER W 182 -24.69 29.22 2.83
N ASP W 183 -23.52 28.65 3.07
CA ASP W 183 -23.40 27.45 3.86
C ASP W 183 -23.78 27.71 5.31
N LYS W 184 -23.37 28.88 5.82
CA LYS W 184 -23.78 29.33 7.14
C LYS W 184 -25.32 29.38 7.28
N GLU W 185 -26.01 29.87 6.24
CA GLU W 185 -27.47 29.80 6.20
C GLU W 185 -28.01 28.36 6.08
N ILE W 186 -27.24 27.46 5.45
CA ILE W 186 -27.64 26.03 5.38
C ILE W 186 -27.51 25.36 6.74
N VAL W 187 -26.43 25.67 7.46
CA VAL W 187 -26.28 25.23 8.84
C VAL W 187 -27.50 25.62 9.70
N ALA W 188 -27.93 26.88 9.61
CA ALA W 188 -29.03 27.37 10.46
C ALA W 188 -30.31 26.65 10.07
N TYR W 189 -30.54 26.50 8.78
CA TYR W 189 -31.69 25.79 8.22
C TYR W 189 -31.78 24.36 8.76
N LEU W 190 -30.67 23.61 8.69
CA LEU W 190 -30.67 22.22 9.16
C LEU W 190 -30.79 22.11 10.68
N ARG W 191 -30.23 23.08 11.40
CA ARG W 191 -30.40 23.15 12.85
C ARG W 191 -31.86 23.38 13.20
N GLU W 192 -32.54 24.26 12.46
CA GLU W 192 -33.97 24.48 12.71
C GLU W 192 -34.79 23.22 12.45
N LEU W 193 -34.45 22.47 11.38
CA LEU W 193 -35.20 21.26 11.05
C LEU W 193 -35.06 20.17 12.10
N ARG W 194 -33.89 20.04 12.71
CA ARG W 194 -33.74 19.11 13.83
C ARG W 194 -34.54 19.56 15.07
N GLU W 195 -34.60 20.86 15.33
CA GLU W 195 -35.48 21.36 16.39
C GLU W 195 -36.91 20.90 16.12
N VAL W 196 -37.35 21.03 14.87
CA VAL W 196 -38.70 20.62 14.49
C VAL W 196 -38.90 19.10 14.59
N ILE W 197 -37.89 18.33 14.20
CA ILE W 197 -37.99 16.87 14.17
C ILE W 197 -37.92 16.31 15.59
N GLY W 198 -37.07 16.91 16.41
CA GLY W 198 -36.92 16.49 17.80
C GLY W 198 -35.87 15.39 17.92
N TRP W 199 -35.78 14.80 19.08
CA TRP W 199 -34.71 13.87 19.33
C TRP W 199 -35.14 12.41 19.41
N ASP W 200 -36.39 12.12 19.02
CA ASP W 200 -36.86 10.72 19.00
C ASP W 200 -36.91 10.07 17.61
N MET W 201 -36.51 10.81 16.58
CA MET W 201 -36.44 10.27 15.23
C MET W 201 -35.01 10.46 14.70
N ASP W 202 -34.52 9.46 13.97
CA ASP W 202 -33.31 9.65 13.17
C ASP W 202 -33.54 10.64 12.03
N MET W 203 -32.55 11.49 11.79
CA MET W 203 -32.64 12.55 10.80
C MET W 203 -31.57 12.40 9.71
N MET W 204 -32.01 12.27 8.47
CA MET W 204 -31.12 12.20 7.33
C MET W 204 -31.27 13.46 6.46
N VAL W 205 -30.22 13.76 5.71
CA VAL W 205 -30.17 14.96 4.88
C VAL W 205 -29.67 14.60 3.49
N ASP W 206 -30.48 14.93 2.51
CA ASP W 206 -30.12 14.77 1.12
C ASP W 206 -29.69 16.14 0.63
N CYS W 207 -28.42 16.24 0.27
CA CYS W 207 -27.81 17.53 -0.06
C CYS W 207 -28.12 17.90 -1.49
N LEU W 208 -28.62 16.95 -2.27
CA LEU W 208 -28.93 17.23 -3.68
C LEU W 208 -27.75 17.85 -4.44
N TYR W 209 -26.55 17.31 -4.20
CA TYR W 209 -25.37 17.64 -4.98
C TYR W 209 -24.99 19.11 -4.86
N ARG W 210 -25.23 19.68 -3.67
CA ARG W 210 -24.84 21.08 -3.43
C ARG W 210 -23.34 21.37 -3.60
N TRP W 211 -22.48 20.56 -2.98
CA TRP W 211 -21.06 20.93 -2.85
C TRP W 211 -20.18 20.34 -3.95
N THR W 212 -19.11 21.05 -4.27
CA THR W 212 -18.11 20.50 -5.16
C THR W 212 -16.76 20.37 -4.44
N ASP W 213 -16.45 21.31 -3.55
CA ASP W 213 -15.23 21.26 -2.72
C ASP W 213 -15.48 20.48 -1.42
N TRP W 214 -14.81 19.34 -1.24
CA TRP W 214 -15.01 18.52 -0.03
C TRP W 214 -14.72 19.29 1.26
N GLN W 215 -13.77 20.22 1.22
CA GLN W 215 -13.43 21.03 2.41
C GLN W 215 -14.56 21.97 2.87
N LYS W 216 -15.38 22.41 1.93
CA LYS W 216 -16.54 23.24 2.22
C LYS W 216 -17.68 22.43 2.85
N ALA W 217 -17.92 21.25 2.28
CA ALA W 217 -18.82 20.29 2.89
C ALA W 217 -18.32 19.94 4.30
N ARG W 218 -17.01 19.72 4.42
CA ARG W 218 -16.40 19.44 5.70
C ARG W 218 -16.75 20.51 6.74
N TRP W 219 -16.56 21.76 6.36
CA TRP W 219 -16.87 22.89 7.24
C TRP W 219 -18.34 22.82 7.68
N THR W 220 -19.24 22.66 6.71
CA THR W 220 -20.68 22.63 6.99
C THR W 220 -21.06 21.55 7.99
N PHE W 221 -20.57 20.33 7.77
CA PHE W 221 -21.01 19.23 8.60
C PHE W 221 -20.22 19.11 9.90
N ARG W 222 -19.07 19.77 9.96
CA ARG W 222 -18.45 20.06 11.25
C ARG W 222 -19.37 20.93 12.14
N GLN W 223 -19.96 21.97 11.56
CA GLN W 223 -20.85 22.84 12.36
C GLN W 223 -22.07 22.04 12.85
N LEU W 224 -22.45 21.02 12.10
CA LEU W 224 -23.68 20.29 12.36
C LEU W 224 -23.52 18.99 13.18
N GLU W 225 -22.31 18.72 13.66
CA GLU W 225 -22.09 17.54 14.45
C GLU W 225 -23.11 17.44 15.58
N ASP W 226 -23.44 18.58 16.21
CA ASP W 226 -24.35 18.58 17.36
C ASP W 226 -25.81 18.27 17.04
N ILE W 227 -26.21 18.37 15.77
CA ILE W 227 -27.56 17.87 15.44
C ILE W 227 -27.63 16.36 15.16
N ASP W 228 -26.46 15.72 15.07
CA ASP W 228 -26.35 14.26 15.07
C ASP W 228 -27.02 13.57 13.85
N LEU W 229 -26.62 13.96 12.66
CA LEU W 229 -27.22 13.41 11.46
C LEU W 229 -26.92 11.91 11.38
N TYR W 230 -27.91 11.12 10.98
CA TYR W 230 -27.74 9.68 10.77
C TYR W 230 -26.95 9.41 9.47
N PHE W 231 -27.31 10.10 8.39
CA PHE W 231 -26.49 10.06 7.20
C PHE W 231 -26.57 11.34 6.38
N ILE W 232 -25.54 11.55 5.57
CA ILE W 232 -25.48 12.70 4.68
C ILE W 232 -25.38 12.19 3.24
N GLU W 233 -26.37 12.52 2.43
CA GLU W 233 -26.50 11.95 1.08
C GLU W 233 -26.17 12.96 -0.01
N ALA W 234 -25.66 12.48 -1.14
CA ALA W 234 -25.50 13.30 -2.35
C ALA W 234 -24.81 14.61 -2.04
N CYS W 235 -23.75 14.53 -1.25
CA CYS W 235 -23.10 15.72 -0.74
C CYS W 235 -22.21 16.40 -1.79
N LEU W 236 -21.38 15.60 -2.47
CA LEU W 236 -20.43 16.08 -3.48
C LEU W 236 -20.83 15.55 -4.85
N GLN W 237 -20.14 15.95 -5.91
CA GLN W 237 -20.48 15.48 -7.24
C GLN W 237 -20.27 13.98 -7.38
N HIS W 238 -21.22 13.34 -8.09
CA HIS W 238 -21.28 11.89 -8.24
C HIS W 238 -20.00 11.23 -8.77
N ASP W 239 -19.27 11.93 -9.65
CA ASP W 239 -18.02 11.39 -10.21
C ASP W 239 -16.84 11.54 -9.27
N ASP W 240 -16.98 12.34 -8.23
CA ASP W 240 -15.81 12.72 -7.45
C ASP W 240 -15.57 11.75 -6.30
N LEU W 241 -14.98 10.60 -6.61
CA LEU W 241 -14.79 9.59 -5.59
C LEU W 241 -13.77 10.04 -4.55
N ILE W 242 -12.73 10.76 -4.99
CA ILE W 242 -11.64 11.14 -4.08
C ILE W 242 -12.11 12.20 -3.07
N GLY W 243 -12.95 13.11 -3.53
CA GLY W 243 -13.59 14.08 -2.64
C GLY W 243 -14.44 13.38 -1.59
N HIS W 244 -15.19 12.37 -2.00
CA HIS W 244 -15.98 11.58 -1.06
C HIS W 244 -15.11 10.87 -0.03
N GLN W 245 -14.01 10.26 -0.45
CA GLN W 245 -13.23 9.51 0.54
C GLN W 245 -12.56 10.41 1.58
N LYS W 246 -12.21 11.63 1.19
CA LYS W 246 -11.61 12.56 2.14
C LYS W 246 -12.69 13.05 3.13
N LEU W 247 -13.88 13.32 2.62
CA LEU W 247 -15.02 13.72 3.44
C LEU W 247 -15.46 12.60 4.38
N ALA W 248 -15.65 11.40 3.85
CA ALA W 248 -16.10 10.28 4.72
C ALA W 248 -15.13 10.07 5.88
N ALA W 249 -13.83 10.25 5.62
CA ALA W 249 -12.81 10.07 6.65
C ALA W 249 -12.75 11.28 7.60
N ALA W 250 -13.12 12.47 7.10
CA ALA W 250 -13.13 13.67 7.94
C ALA W 250 -14.31 13.75 8.92
N ILE W 251 -15.49 13.30 8.52
CA ILE W 251 -16.69 13.46 9.37
C ILE W 251 -16.85 12.33 10.40
N ASN W 252 -17.91 12.42 11.20
CA ASN W 252 -18.16 11.42 12.23
C ASN W 252 -19.51 10.66 12.10
N THR W 253 -20.11 10.71 10.91
CA THR W 253 -21.25 9.84 10.59
C THR W 253 -21.13 9.14 9.27
N ARG W 254 -22.28 8.68 8.82
CA ARG W 254 -22.39 7.92 7.58
C ARG W 254 -22.47 8.91 6.42
N LEU W 255 -21.56 8.75 5.46
CA LEU W 255 -21.66 9.38 4.15
C LEU W 255 -22.30 8.39 3.17
N CYS W 256 -23.15 8.88 2.27
CA CYS W 256 -23.82 8.04 1.27
C CYS W 256 -23.25 8.27 -0.10
N GLY W 257 -23.49 7.34 -1.00
CA GLY W 257 -23.09 7.54 -2.38
C GLY W 257 -23.73 6.55 -3.32
N ALA W 258 -23.37 6.66 -4.61
CA ALA W 258 -23.85 5.73 -5.65
C ALA W 258 -25.33 5.86 -5.98
N GLU W 259 -25.96 6.97 -5.59
CA GLU W 259 -27.38 7.19 -5.88
C GLU W 259 -27.73 7.03 -7.37
N MET W 260 -26.84 7.52 -8.23
CA MET W 260 -27.09 7.57 -9.66
C MET W 260 -26.33 6.46 -10.41
N SER W 261 -25.55 5.68 -9.68
CA SER W 261 -24.71 4.68 -10.31
C SER W 261 -25.52 3.53 -10.93
N THR W 262 -24.91 2.74 -11.80
CA THR W 262 -25.50 1.48 -12.24
C THR W 262 -24.49 0.34 -12.12
N THR W 263 -25.03 -0.88 -11.96
CA THR W 263 -24.27 -2.12 -11.80
C THR W 263 -23.50 -2.21 -10.50
N ARG W 264 -23.23 -3.45 -10.08
CA ARG W 264 -22.38 -3.76 -8.94
C ARG W 264 -20.96 -3.26 -9.12
N PHE W 265 -20.51 -3.09 -10.37
CA PHE W 265 -19.12 -2.70 -10.63
C PHE W 265 -18.89 -1.29 -10.12
N GLU W 266 -19.83 -0.39 -10.39
CA GLU W 266 -19.75 0.95 -9.83
C GLU W 266 -19.96 0.96 -8.32
N ALA W 267 -20.96 0.24 -7.82
CA ALA W 267 -21.20 0.22 -6.38
C ALA W 267 -19.96 -0.26 -5.62
N GLN W 268 -19.29 -1.28 -6.16
CA GLN W 268 -18.10 -1.80 -5.53
C GLN W 268 -16.93 -0.82 -5.54
N GLU W 269 -16.78 -0.08 -6.64
CA GLU W 269 -15.77 0.99 -6.75
C GLU W 269 -15.94 2.11 -5.71
N TRP W 270 -17.17 2.60 -5.57
CA TRP W 270 -17.52 3.52 -4.47
C TRP W 270 -17.06 2.96 -3.11
N LEU W 271 -17.43 1.71 -2.85
CA LEU W 271 -17.16 1.10 -1.56
C LEU W 271 -15.66 1.07 -1.31
N GLU W 272 -14.91 0.49 -2.24
CA GLU W 272 -13.45 0.38 -2.16
C GLU W 272 -12.78 1.73 -1.99
N LYS W 273 -13.11 2.64 -2.88
CA LYS W 273 -12.38 3.89 -3.01
C LYS W 273 -12.82 4.95 -2.01
N THR W 274 -14.07 4.94 -1.58
CA THR W 274 -14.53 6.05 -0.76
C THR W 274 -14.80 5.71 0.70
N GLY W 275 -15.17 4.46 0.98
CA GLY W 275 -15.58 4.10 2.32
C GLY W 275 -16.96 4.67 2.72
N ILE W 276 -17.80 4.99 1.74
CA ILE W 276 -19.17 5.38 2.09
C ILE W 276 -19.80 4.26 2.92
N SER W 277 -20.82 4.60 3.70
CA SER W 277 -21.38 3.65 4.66
C SER W 277 -22.78 3.23 4.25
N VAL W 278 -23.31 3.93 3.25
CA VAL W 278 -24.63 3.64 2.72
C VAL W 278 -24.58 3.74 1.19
N VAL W 279 -24.93 2.64 0.50
CA VAL W 279 -25.00 2.62 -0.95
C VAL W 279 -26.43 2.81 -1.38
N GLN W 280 -26.65 3.66 -2.37
CA GLN W 280 -28.03 4.04 -2.71
C GLN W 280 -28.47 3.66 -4.12
N SER W 281 -27.79 2.70 -4.74
CA SER W 281 -28.22 2.13 -6.03
C SER W 281 -29.73 1.95 -6.13
N ASP W 282 -30.31 2.53 -7.18
CA ASP W 282 -31.73 2.60 -7.40
C ASP W 282 -32.32 1.29 -7.98
N TYR W 283 -33.49 0.87 -7.48
CA TYR W 283 -34.23 -0.32 -7.95
C TYR W 283 -34.47 -0.34 -9.45
N ASN W 284 -34.80 0.82 -10.02
CA ASN W 284 -35.18 0.86 -11.43
C ASN W 284 -34.13 1.52 -12.33
N ARG W 285 -32.89 1.54 -11.86
CA ARG W 285 -31.73 2.04 -12.61
C ARG W 285 -30.57 1.05 -12.64
N CYS W 286 -30.25 0.47 -11.48
CA CYS W 286 -28.90 -0.06 -11.27
C CYS W 286 -28.74 -1.42 -11.92
N GLY W 287 -29.86 -2.07 -12.20
CA GLY W 287 -29.86 -3.39 -12.81
C GLY W 287 -31.02 -4.19 -12.28
N GLY W 288 -31.62 -3.70 -11.19
CA GLY W 288 -32.80 -4.31 -10.63
C GLY W 288 -32.49 -5.08 -9.37
N VAL W 289 -33.46 -5.87 -8.94
CA VAL W 289 -33.35 -6.66 -7.73
C VAL W 289 -32.22 -7.66 -7.82
N THR W 290 -32.08 -8.33 -8.96
CA THR W 290 -31.06 -9.37 -9.09
C THR W 290 -29.69 -8.75 -8.86
N GLU W 291 -29.50 -7.52 -9.36
CA GLU W 291 -28.24 -6.84 -9.21
C GLU W 291 -28.10 -6.20 -7.80
N LEU W 292 -29.17 -5.64 -7.27
CA LEU W 292 -29.14 -5.20 -5.86
C LEU W 292 -28.78 -6.31 -4.85
N LEU W 293 -29.24 -7.53 -5.12
CA LEU W 293 -28.87 -8.63 -4.24
C LEU W 293 -27.36 -8.90 -4.22
N ARG W 294 -26.69 -8.77 -5.36
CA ARG W 294 -25.23 -8.91 -5.41
C ARG W 294 -24.55 -7.74 -4.71
N ILE W 295 -25.12 -6.56 -4.88
CA ILE W 295 -24.58 -5.35 -4.26
C ILE W 295 -24.71 -5.47 -2.75
N MET W 296 -25.79 -6.11 -2.33
CA MET W 296 -26.04 -6.37 -0.89
C MET W 296 -24.91 -7.21 -0.29
N ASP W 297 -24.45 -8.24 -1.02
CA ASP W 297 -23.39 -9.12 -0.50
C ASP W 297 -22.06 -8.36 -0.44
N ILE W 298 -21.86 -7.44 -1.36
CA ILE W 298 -20.66 -6.62 -1.39
C ILE W 298 -20.65 -5.58 -0.25
N CYS W 299 -21.80 -4.92 -0.05
CA CYS W 299 -22.01 -4.08 1.12
C CYS W 299 -21.69 -4.80 2.42
N GLU W 300 -22.18 -6.03 2.54
CA GLU W 300 -22.00 -6.79 3.79
C GLU W 300 -20.51 -6.99 4.09
N HIS W 301 -19.73 -7.32 3.06
CA HIS W 301 -18.28 -7.47 3.23
C HIS W 301 -17.63 -6.16 3.70
N HIS W 302 -18.10 -5.04 3.17
CA HIS W 302 -17.58 -3.75 3.61
C HIS W 302 -18.19 -3.20 4.90
N ASN W 303 -19.14 -3.92 5.50
CA ASN W 303 -19.95 -3.37 6.61
C ASN W 303 -20.58 -2.03 6.25
N ALA W 304 -21.10 -1.92 5.03
CA ALA W 304 -21.91 -0.78 4.62
C ALA W 304 -23.38 -1.18 4.58
N GLN W 305 -24.27 -0.20 4.73
CA GLN W 305 -25.69 -0.45 4.52
C GLN W 305 -26.08 -0.21 3.06
N LEU W 306 -27.16 -0.85 2.63
CA LEU W 306 -27.70 -0.65 1.28
C LEU W 306 -29.13 -0.12 1.39
N MET W 307 -29.35 1.11 0.95
CA MET W 307 -30.67 1.70 1.02
C MET W 307 -30.99 2.28 -0.34
N PRO W 308 -31.52 1.42 -1.24
CA PRO W 308 -31.70 1.80 -2.63
C PRO W 308 -32.59 3.01 -2.75
N HIS W 309 -32.18 3.95 -3.59
CA HIS W 309 -33.00 5.11 -3.93
C HIS W 309 -34.42 4.69 -4.33
N ASN W 310 -35.41 5.37 -3.79
CA ASN W 310 -36.79 4.98 -3.95
C ASN W 310 -37.68 6.19 -4.07
N TRP W 311 -37.78 6.69 -5.29
CA TRP W 311 -38.63 7.84 -5.56
C TRP W 311 -39.21 7.69 -6.94
N LYS W 312 -40.15 6.77 -7.08
CA LYS W 312 -40.89 6.61 -8.33
C LYS W 312 -42.37 6.38 -8.04
N THR W 313 -42.84 5.17 -8.31
CA THR W 313 -44.25 4.89 -8.22
C THR W 313 -44.52 3.82 -7.17
N GLY W 314 -45.78 3.54 -6.88
CA GLY W 314 -46.19 2.40 -6.05
C GLY W 314 -45.63 1.04 -6.50
N ILE W 315 -45.20 0.97 -7.77
CA ILE W 315 -44.60 -0.27 -8.32
C ILE W 315 -43.24 -0.54 -7.67
N THR W 316 -42.37 0.45 -7.73
CA THR W 316 -41.10 0.38 -6.99
C THR W 316 -41.28 0.28 -5.48
N ALA W 317 -42.36 0.85 -4.95
CA ALA W 317 -42.57 0.78 -3.50
C ALA W 317 -42.80 -0.67 -3.08
N ALA W 318 -43.55 -1.40 -3.89
CA ALA W 318 -43.74 -2.83 -3.70
C ALA W 318 -42.42 -3.60 -3.72
N ALA W 319 -41.57 -3.31 -4.70
CA ALA W 319 -40.23 -3.91 -4.74
C ALA W 319 -39.41 -3.57 -3.50
N ALA W 320 -39.50 -2.32 -3.05
CA ALA W 320 -38.80 -1.90 -1.83
C ALA W 320 -39.30 -2.62 -0.57
N ARG W 321 -40.60 -2.90 -0.51
CA ARG W 321 -41.13 -3.63 0.65
C ARG W 321 -40.55 -5.04 0.67
N HIS W 322 -40.47 -5.65 -0.50
CA HIS W 322 -40.02 -7.03 -0.59
C HIS W 322 -38.53 -7.17 -0.39
N PHE W 323 -37.77 -6.28 -1.00
CA PHE W 323 -36.34 -6.25 -0.83
C PHE W 323 -35.94 -5.77 0.58
N GLY W 324 -36.70 -4.83 1.11
CA GLY W 324 -36.48 -4.31 2.46
C GLY W 324 -36.48 -5.41 3.52
N ILE W 325 -37.44 -6.32 3.44
CA ILE W 325 -37.58 -7.39 4.43
C ILE W 325 -36.53 -8.48 4.28
N VAL W 326 -35.86 -8.49 3.13
CA VAL W 326 -34.78 -9.44 2.83
C VAL W 326 -33.41 -8.88 3.21
N CYS W 327 -33.26 -7.57 3.15
CA CYS W 327 -31.96 -6.91 3.32
C CYS W 327 -31.60 -6.69 4.81
N HIS W 328 -31.08 -7.73 5.46
CA HIS W 328 -30.81 -7.70 6.90
C HIS W 328 -29.70 -6.72 7.31
N ILE W 329 -28.84 -6.33 6.38
CA ILE W 329 -27.73 -5.45 6.72
C ILE W 329 -28.19 -4.01 6.93
N SER W 330 -29.45 -3.73 6.61
CA SER W 330 -29.96 -2.36 6.64
C SER W 330 -31.00 -2.15 7.74
N GLU W 331 -30.69 -1.26 8.66
CA GLU W 331 -31.62 -0.77 9.68
C GLU W 331 -32.94 -0.23 9.08
N TYR W 332 -32.80 0.60 8.04
CA TYR W 332 -33.93 1.26 7.36
C TYR W 332 -33.80 1.02 5.85
N VAL W 333 -34.86 1.33 5.11
CA VAL W 333 -34.70 1.59 3.66
C VAL W 333 -35.49 2.85 3.28
N GLU W 334 -35.13 3.50 2.18
CA GLU W 334 -35.86 4.69 1.75
C GLU W 334 -37.27 4.33 1.28
N TYR W 335 -38.23 5.15 1.69
CA TYR W 335 -39.64 4.93 1.34
C TYR W 335 -40.33 6.25 1.06
N LEU W 336 -40.95 6.32 -0.12
CA LEU W 336 -41.85 7.40 -0.49
C LEU W 336 -43.29 6.92 -0.25
N HIS W 337 -43.99 7.52 0.71
CA HIS W 337 -45.34 7.09 1.06
C HIS W 337 -46.31 8.18 0.71
N PRO W 338 -47.52 7.80 0.26
CA PRO W 338 -48.56 8.76 -0.16
C PRO W 338 -48.99 9.74 0.93
N ASP W 339 -48.70 9.43 2.19
CA ASP W 339 -49.02 10.32 3.30
C ASP W 339 -48.15 11.58 3.22
N PHE W 340 -47.09 11.50 2.43
CA PHE W 340 -46.06 12.53 2.45
C PHE W 340 -45.83 13.16 1.10
N TRP W 341 -46.49 12.66 0.08
CA TRP W 341 -46.27 13.18 -1.25
C TRP W 341 -47.54 13.12 -2.08
N ASN W 342 -47.89 14.24 -2.68
CA ASN W 342 -49.13 14.34 -3.43
C ASN W 342 -49.05 14.17 -4.94
N GLY W 343 -47.94 13.64 -5.42
CA GLY W 343 -47.80 13.46 -6.85
C GLY W 343 -48.93 12.61 -7.35
N THR W 344 -49.38 12.87 -8.57
CA THR W 344 -50.51 12.12 -9.12
C THR W 344 -50.26 10.62 -9.20
N LEU W 345 -49.06 10.23 -9.60
CA LEU W 345 -48.76 8.82 -9.76
C LEU W 345 -48.67 8.15 -8.40
N THR W 346 -48.05 8.85 -7.46
CA THR W 346 -47.96 8.37 -6.09
C THR W 346 -49.33 8.13 -5.50
N GLN W 347 -50.29 9.02 -5.82
CA GLN W 347 -51.63 8.94 -5.22
C GLN W 347 -52.59 8.02 -5.97
N GLN W 348 -52.36 7.83 -7.26
CA GLN W 348 -53.38 7.20 -8.11
C GLN W 348 -52.99 5.93 -8.86
N LEU W 349 -51.70 5.70 -9.09
CA LEU W 349 -51.30 4.61 -9.97
C LEU W 349 -51.59 3.25 -9.38
N THR W 350 -51.36 3.08 -8.08
CA THR W 350 -51.62 1.82 -7.40
C THR W 350 -52.68 1.97 -6.31
N LEU W 351 -53.24 0.85 -5.87
CA LEU W 351 -54.34 0.85 -4.92
C LEU W 351 -53.99 0.16 -3.60
N ASN W 352 -54.64 0.58 -2.52
CA ASN W 352 -54.50 -0.09 -1.24
C ASN W 352 -53.06 -0.17 -0.76
N GLU W 353 -52.36 0.95 -0.91
CA GLU W 353 -51.00 1.09 -0.37
C GLU W 353 -51.03 0.85 1.13
N PRO W 354 -50.11 0.01 1.63
CA PRO W 354 -50.11 -0.30 3.04
C PRO W 354 -49.91 0.95 3.89
N LYS W 355 -50.49 0.94 5.07
CA LYS W 355 -50.46 2.11 5.94
C LYS W 355 -49.22 2.05 6.84
N ILE W 356 -48.75 3.21 7.30
CA ILE W 356 -47.68 3.24 8.31
C ILE W 356 -48.28 3.08 9.70
N ILE W 357 -47.81 2.06 10.42
CA ILE W 357 -48.27 1.80 11.77
C ILE W 357 -47.11 1.64 12.74
N ASP W 358 -46.96 2.60 13.66
CA ASP W 358 -45.88 2.55 14.65
C ASP W 358 -44.54 2.55 13.93
N GLY W 359 -44.49 3.26 12.79
CA GLY W 359 -43.27 3.39 12.02
C GLY W 359 -42.95 2.26 11.04
N ALA W 360 -43.81 1.25 10.97
CA ALA W 360 -43.53 0.10 10.11
C ALA W 360 -44.56 -0.04 8.99
N ILE W 361 -44.20 -0.78 7.94
CA ILE W 361 -45.17 -1.16 6.92
C ILE W 361 -45.18 -2.67 6.65
N GLU W 362 -46.36 -3.29 6.83
CA GLU W 362 -46.55 -4.71 6.55
C GLU W 362 -46.10 -5.07 5.12
N VAL W 363 -45.25 -6.08 5.02
CA VAL W 363 -45.00 -6.73 3.74
C VAL W 363 -45.91 -7.96 3.66
N SER W 364 -46.85 -7.97 2.72
CA SER W 364 -47.85 -9.03 2.70
C SER W 364 -47.34 -10.28 1.98
N ASP W 365 -47.93 -11.43 2.26
CA ASP W 365 -47.57 -12.62 1.50
C ASP W 365 -48.41 -12.86 0.23
N LYS W 366 -48.95 -11.78 -0.31
CA LYS W 366 -49.56 -11.81 -1.63
C LYS W 366 -48.52 -12.13 -2.72
N PRO W 367 -48.93 -12.91 -3.74
CA PRO W 367 -47.99 -13.39 -4.75
C PRO W 367 -47.31 -12.29 -5.55
N GLY W 368 -46.05 -12.54 -5.90
CA GLY W 368 -45.24 -11.58 -6.63
C GLY W 368 -44.97 -10.36 -5.76
N LEU W 369 -45.03 -9.18 -6.34
CA LEU W 369 -44.74 -7.97 -5.58
C LEU W 369 -45.93 -7.45 -4.77
N GLY W 370 -47.11 -8.04 -4.96
CA GLY W 370 -48.31 -7.60 -4.26
C GLY W 370 -48.84 -6.27 -4.80
N ILE W 371 -48.64 -6.04 -6.08
CA ILE W 371 -49.02 -4.77 -6.68
C ILE W 371 -50.48 -4.81 -7.12
N GLU W 372 -51.25 -3.84 -6.67
CA GLU W 372 -52.62 -3.67 -7.15
C GLU W 372 -52.72 -2.39 -7.99
N LEU W 373 -52.57 -2.55 -9.29
CA LEU W 373 -52.52 -1.45 -10.22
C LEU W 373 -53.91 -0.87 -10.42
N ASN W 374 -54.03 0.46 -10.37
CA ASN W 374 -55.27 1.12 -10.74
C ASN W 374 -55.50 1.06 -12.25
N ILE W 375 -56.06 -0.07 -12.71
CA ILE W 375 -56.17 -0.35 -14.14
C ILE W 375 -56.87 0.79 -14.86
N GLU W 376 -57.98 1.26 -14.29
CA GLU W 376 -58.76 2.33 -14.90
C GLU W 376 -57.93 3.56 -15.21
N PHE W 377 -57.15 4.00 -14.22
CA PHE W 377 -56.25 5.14 -14.37
C PHE W 377 -55.27 4.92 -15.52
N VAL W 378 -54.64 3.76 -15.58
CA VAL W 378 -53.65 3.50 -16.63
C VAL W 378 -54.27 3.60 -18.02
N GLU W 379 -55.48 3.06 -18.18
CA GLU W 379 -56.18 3.10 -19.45
C GLU W 379 -56.61 4.52 -19.81
N GLN W 380 -57.06 5.28 -18.81
CA GLN W 380 -57.42 6.67 -19.04
C GLN W 380 -56.22 7.49 -19.50
N VAL W 381 -55.06 7.28 -18.88
CA VAL W 381 -53.89 8.07 -19.20
C VAL W 381 -53.09 7.56 -20.41
N THR W 382 -52.97 6.23 -20.56
CA THR W 382 -52.34 5.68 -21.76
C THR W 382 -53.23 5.85 -22.99
N GLY W 383 -54.54 5.65 -22.80
CA GLY W 383 -55.51 5.75 -23.88
C GLY W 383 -55.74 4.43 -24.59
N HIS W 384 -54.94 3.42 -24.21
CA HIS W 384 -55.08 2.07 -24.75
C HIS W 384 -55.68 1.14 -23.69
N LYS W 385 -56.23 0.02 -24.12
CA LYS W 385 -56.69 -1.04 -23.20
C LYS W 385 -55.52 -1.71 -22.47
N PHE W 386 -55.73 -2.09 -21.21
CA PHE W 386 -54.69 -2.80 -20.46
C PHE W 386 -54.92 -4.31 -20.50
N ALA X 5 3.14 -89.53 -49.72
CA ALA X 5 2.09 -89.51 -50.78
C ALA X 5 2.31 -88.34 -51.73
N ASN X 6 2.37 -88.66 -53.01
CA ASN X 6 2.56 -87.64 -54.04
C ASN X 6 1.30 -86.80 -54.28
N ILE X 7 1.54 -85.59 -54.76
CA ILE X 7 0.52 -84.65 -55.16
C ILE X 7 -0.22 -85.25 -56.34
N VAL X 8 -1.56 -85.12 -56.32
CA VAL X 8 -2.42 -85.62 -57.41
C VAL X 8 -3.12 -84.49 -58.18
N SER X 9 -3.37 -83.36 -57.53
CA SER X 9 -3.99 -82.25 -58.23
C SER X 9 -3.70 -80.90 -57.59
N VAL X 10 -3.79 -79.86 -58.41
CA VAL X 10 -3.63 -78.51 -57.96
C VAL X 10 -4.81 -77.74 -58.53
N GLU X 11 -5.49 -76.95 -57.69
CA GLU X 11 -6.63 -76.20 -58.12
C GLU X 11 -6.55 -74.76 -57.65
N PHE X 12 -6.75 -73.83 -58.57
CA PHE X 12 -6.87 -72.42 -58.25
C PHE X 12 -8.35 -72.08 -58.18
N ILE X 13 -8.81 -71.65 -57.01
CA ILE X 13 -10.22 -71.39 -56.77
C ILE X 13 -10.43 -69.90 -56.49
N PRO X 14 -10.95 -69.15 -57.47
CA PRO X 14 -11.16 -67.73 -57.28
C PRO X 14 -12.18 -67.44 -56.19
N VAL X 15 -11.90 -66.42 -55.39
CA VAL X 15 -12.83 -65.98 -54.35
C VAL X 15 -13.13 -64.52 -54.60
N ASN X 16 -14.29 -64.27 -55.17
CA ASN X 16 -14.62 -62.99 -55.75
C ASN X 16 -15.78 -62.41 -54.96
N VAL X 17 -15.50 -61.37 -54.16
CA VAL X 17 -16.46 -60.95 -53.15
C VAL X 17 -16.84 -59.48 -53.27
N ALA X 18 -18.12 -59.21 -53.02
CA ALA X 18 -18.69 -57.88 -53.24
C ALA X 18 -20.12 -57.83 -52.69
N GLU X 24 -11.67 -56.60 -52.77
CA GLU X 24 -11.70 -57.64 -51.75
C GLU X 24 -11.79 -59.02 -52.39
N ASN X 25 -10.65 -59.69 -52.54
CA ASN X 25 -10.66 -61.02 -53.12
C ASN X 25 -9.33 -61.74 -53.10
N THR X 26 -9.36 -63.01 -53.50
CA THR X 26 -8.17 -63.86 -53.43
C THR X 26 -8.36 -65.05 -54.34
N VAL X 27 -7.31 -65.84 -54.50
CA VAL X 27 -7.38 -67.09 -55.20
C VAL X 27 -6.83 -68.12 -54.25
N ILE X 28 -7.68 -69.03 -53.80
CA ILE X 28 -7.25 -70.14 -52.96
C ILE X 28 -6.58 -71.17 -53.85
N VAL X 29 -5.38 -71.58 -53.46
CA VAL X 29 -4.72 -72.66 -54.15
C VAL X 29 -4.84 -73.90 -53.30
N LYS X 30 -5.49 -74.92 -53.86
CA LYS X 30 -5.68 -76.17 -53.15
C LYS X 30 -4.88 -77.27 -53.82
N VAL X 31 -3.96 -77.87 -53.05
CA VAL X 31 -3.11 -78.96 -53.53
C VAL X 31 -3.42 -80.26 -52.79
N THR X 32 -3.77 -81.30 -53.53
CA THR X 32 -4.27 -82.55 -52.95
C THR X 32 -3.38 -83.76 -53.23
N ASP X 33 -3.14 -84.58 -52.22
CA ASP X 33 -2.31 -85.78 -52.38
C ASP X 33 -3.14 -87.04 -52.66
N GLU X 34 -2.47 -88.19 -52.71
CA GLU X 34 -3.09 -89.47 -53.12
C GLU X 34 -4.10 -89.98 -52.10
N ASN X 35 -4.00 -89.48 -50.86
CA ASN X 35 -4.85 -89.93 -49.77
C ASN X 35 -6.00 -88.98 -49.51
N GLY X 36 -6.07 -87.90 -50.30
CA GLY X 36 -7.17 -86.95 -50.22
C GLY X 36 -6.88 -85.79 -49.29
N VAL X 37 -5.69 -85.79 -48.67
CA VAL X 37 -5.26 -84.68 -47.81
C VAL X 37 -4.82 -83.50 -48.66
N TYR X 38 -5.08 -82.29 -48.17
CA TYR X 38 -4.78 -81.12 -48.97
C TYR X 38 -4.12 -80.00 -48.18
N GLY X 39 -3.44 -79.11 -48.89
CA GLY X 39 -2.87 -77.91 -48.31
C GLY X 39 -3.46 -76.67 -48.97
N LEU X 40 -3.52 -75.57 -48.20
CA LEU X 40 -4.07 -74.33 -48.75
C LEU X 40 -3.01 -73.24 -48.85
N GLY X 41 -3.06 -72.51 -49.95
CA GLY X 41 -2.30 -71.28 -50.05
C GLY X 41 -3.17 -70.28 -50.77
N GLU X 42 -2.65 -69.08 -50.97
CA GLU X 42 -3.32 -68.15 -51.87
C GLU X 42 -2.34 -67.37 -52.72
N ALA X 43 -2.78 -66.99 -53.91
CA ALA X 43 -1.94 -66.27 -54.83
C ALA X 43 -2.52 -64.89 -54.99
N ASP X 44 -1.66 -63.91 -55.14
CA ASP X 44 -2.12 -62.58 -55.49
C ASP X 44 -2.56 -62.56 -56.95
N GLY X 45 -3.16 -61.44 -57.37
CA GLY X 45 -3.53 -61.22 -58.77
C GLY X 45 -5.03 -61.30 -58.95
N PRO X 46 -5.55 -60.88 -60.13
CA PRO X 46 -6.99 -60.95 -60.38
C PRO X 46 -7.44 -62.41 -60.52
N PRO X 47 -8.50 -62.78 -59.79
CA PRO X 47 -8.75 -64.19 -59.52
C PRO X 47 -8.98 -65.06 -60.76
N GLU X 48 -9.86 -64.62 -61.66
CA GLU X 48 -10.16 -65.42 -62.86
C GLU X 48 -8.94 -65.56 -63.75
N CYS X 49 -8.19 -64.47 -63.90
CA CYS X 49 -6.96 -64.49 -64.69
C CYS X 49 -5.97 -65.51 -64.12
N MET X 50 -5.78 -65.49 -62.80
CA MET X 50 -4.85 -66.42 -62.17
C MET X 50 -5.34 -67.85 -62.38
N LYS X 51 -6.66 -68.04 -62.38
CA LYS X 51 -7.23 -69.35 -62.63
C LYS X 51 -6.83 -69.80 -64.03
N ALA X 52 -6.97 -68.90 -64.99
CA ALA X 52 -6.66 -69.20 -66.39
C ALA X 52 -5.17 -69.48 -66.56
N PHE X 53 -4.33 -68.72 -65.85
CA PHE X 53 -2.89 -68.97 -65.85
C PHE X 53 -2.57 -70.41 -65.41
N SER X 54 -3.19 -70.85 -64.32
CA SER X 54 -2.97 -72.20 -63.81
C SER X 54 -3.47 -73.29 -64.76
N GLU X 55 -4.32 -72.92 -65.72
CA GLU X 55 -4.93 -73.92 -66.60
C GLU X 55 -4.47 -73.85 -68.07
N ILE X 56 -3.29 -73.31 -68.32
CA ILE X 56 -2.79 -73.16 -69.71
C ILE X 56 -2.29 -74.47 -70.30
N GLU X 57 -2.13 -74.46 -71.62
CA GLU X 57 -1.58 -75.61 -72.36
C GLU X 57 -0.05 -75.53 -72.41
N ASN X 58 0.61 -76.67 -72.23
CA ASN X 58 2.07 -76.75 -72.49
C ASN X 58 2.44 -76.23 -73.87
N GLU X 59 3.62 -75.63 -74.01
CA GLU X 59 4.08 -75.21 -75.34
C GLU X 59 5.52 -75.59 -75.70
N HIS X 60 6.44 -75.51 -74.74
CA HIS X 60 7.84 -75.93 -74.95
C HIS X 60 8.62 -76.01 -73.63
N LYS X 61 9.94 -76.13 -73.71
CA LYS X 61 10.77 -76.39 -72.52
C LYS X 61 10.59 -75.37 -71.38
N TRP X 62 10.36 -74.10 -71.73
CA TRP X 62 10.28 -73.04 -70.72
C TRP X 62 8.88 -72.46 -70.59
N LEU X 63 7.90 -73.17 -71.14
CA LEU X 63 6.51 -72.77 -71.08
C LEU X 63 5.60 -73.99 -70.92
N ASN X 64 5.41 -74.39 -69.65
CA ASN X 64 4.52 -75.49 -69.31
C ASN X 64 3.49 -75.05 -68.31
N ASN X 65 2.34 -75.72 -68.31
CA ASN X 65 1.38 -75.55 -67.24
C ASN X 65 2.07 -75.72 -65.88
N ILE X 66 1.95 -74.71 -65.03
CA ILE X 66 2.63 -74.71 -63.74
C ILE X 66 2.36 -75.98 -62.90
N LYS X 67 1.15 -76.54 -63.02
CA LYS X 67 0.78 -77.66 -62.15
C LYS X 67 1.62 -78.92 -62.39
N GLU X 68 2.06 -79.10 -63.63
CA GLU X 68 2.81 -80.29 -64.04
C GLU X 68 4.19 -80.40 -63.40
N ALA X 69 4.68 -79.28 -62.86
CA ALA X 69 5.95 -79.28 -62.13
C ALA X 69 5.79 -79.94 -60.74
N VAL X 70 4.57 -80.03 -60.24
CA VAL X 70 4.39 -80.63 -58.93
C VAL X 70 3.52 -81.89 -58.85
N ILE X 71 2.62 -82.10 -59.83
CA ILE X 71 1.83 -83.33 -59.85
C ILE X 71 2.79 -84.52 -59.88
N GLY X 72 2.57 -85.47 -58.99
CA GLY X 72 3.41 -86.66 -58.93
C GLY X 72 4.63 -86.49 -58.04
N ARG X 73 4.73 -85.35 -57.34
CA ARG X 73 5.89 -85.07 -56.49
C ARG X 73 5.58 -85.03 -54.99
N ASP X 74 6.63 -85.08 -54.21
CA ASP X 74 6.53 -85.02 -52.76
C ASP X 74 6.53 -83.56 -52.32
N PRO X 75 5.51 -83.14 -51.57
CA PRO X 75 5.43 -81.73 -51.16
C PRO X 75 6.54 -81.32 -50.19
N LEU X 76 7.20 -82.29 -49.55
CA LEU X 76 8.33 -82.02 -48.67
C LEU X 76 9.50 -81.32 -49.39
N GLU X 77 9.59 -81.50 -50.72
CA GLU X 77 10.78 -81.08 -51.48
C GLU X 77 10.70 -79.63 -51.97
N PHE X 78 10.76 -78.66 -51.04
CA PHE X 78 10.38 -77.29 -51.38
C PHE X 78 11.26 -76.70 -52.47
N ARG X 79 12.57 -76.79 -52.29
CA ARG X 79 13.51 -76.20 -53.24
C ARG X 79 13.35 -76.82 -54.61
N ALA X 80 13.24 -78.15 -54.66
CA ALA X 80 13.21 -78.86 -55.94
C ALA X 80 11.92 -78.49 -56.64
N ASN X 81 10.84 -78.39 -55.87
CA ASN X 81 9.54 -78.08 -56.45
C ASN X 81 9.45 -76.64 -56.94
N TYR X 82 9.94 -75.72 -56.11
CA TYR X 82 10.03 -74.32 -56.47
C TYR X 82 10.90 -74.10 -57.72
N ASN X 83 12.11 -74.63 -57.70
CA ASN X 83 12.97 -74.54 -58.88
C ASN X 83 12.33 -75.18 -60.11
N ARG X 84 11.56 -76.25 -59.91
CA ARG X 84 10.87 -76.88 -61.05
C ARG X 84 9.74 -76.01 -61.57
N MET X 85 8.91 -75.47 -60.68
CA MET X 85 7.87 -74.52 -61.10
C MET X 85 8.49 -73.34 -61.85
N TYR X 86 9.57 -72.80 -61.30
CA TYR X 86 10.20 -71.61 -61.87
C TYR X 86 10.84 -71.92 -63.22
N ASP X 87 11.61 -73.00 -63.29
CA ASP X 87 12.29 -73.38 -64.53
C ASP X 87 11.33 -73.68 -65.69
N THR X 88 10.26 -74.40 -65.41
CA THR X 88 9.36 -74.85 -66.47
C THR X 88 8.38 -73.75 -66.91
N THR X 89 8.42 -72.59 -66.25
CA THR X 89 7.54 -71.48 -66.61
C THR X 89 8.28 -70.19 -66.88
N LYS X 90 9.60 -70.26 -66.92
CA LYS X 90 10.45 -69.08 -67.14
C LYS X 90 9.89 -68.15 -68.22
N TRP X 91 9.40 -68.74 -69.31
CA TRP X 91 9.02 -67.93 -70.43
C TRP X 91 7.85 -67.02 -70.12
N ILE X 92 6.95 -67.47 -69.25
CA ILE X 92 5.78 -66.66 -68.87
C ILE X 92 5.88 -66.24 -67.40
N GLY X 93 6.92 -66.71 -66.71
CA GLY X 93 7.10 -66.43 -65.30
C GLY X 93 8.30 -65.55 -65.02
N MET X 94 9.15 -66.01 -64.11
CA MET X 94 10.44 -65.38 -63.86
C MET X 94 10.31 -64.09 -63.05
N ARG X 95 9.46 -63.17 -63.50
CA ARG X 95 9.08 -62.04 -62.66
C ARG X 95 7.58 -61.83 -62.79
N GLY X 96 7.01 -61.13 -61.81
CA GLY X 96 5.65 -60.64 -61.97
C GLY X 96 4.61 -61.72 -61.76
N LEU X 97 3.56 -61.67 -62.56
CA LEU X 97 2.33 -62.40 -62.30
C LEU X 97 2.49 -63.94 -62.21
N GLY X 98 3.32 -64.51 -63.06
CA GLY X 98 3.67 -65.91 -62.92
C GLY X 98 4.28 -66.21 -61.57
N LEU X 99 4.99 -65.26 -60.98
CA LEU X 99 5.46 -65.54 -59.64
C LEU X 99 4.38 -65.54 -58.60
N PHE X 100 3.25 -64.87 -58.86
CA PHE X 100 2.12 -64.89 -57.91
C PHE X 100 1.63 -66.34 -57.82
N ALA X 101 1.46 -66.95 -58.98
CA ALA X 101 1.01 -68.34 -59.08
C ALA X 101 1.94 -69.30 -58.32
N ILE X 102 3.24 -69.14 -58.52
CA ILE X 102 4.20 -69.97 -57.80
C ILE X 102 4.07 -69.84 -56.27
N SER X 103 3.81 -68.60 -55.82
CA SER X 103 3.73 -68.27 -54.40
C SER X 103 2.60 -69.03 -53.70
N GLY X 104 1.45 -69.12 -54.35
CA GLY X 104 0.30 -69.76 -53.73
C GLY X 104 0.49 -71.27 -53.68
N ILE X 105 1.01 -71.84 -54.76
CA ILE X 105 1.32 -73.25 -54.72
C ILE X 105 2.35 -73.55 -53.66
N ASP X 106 3.37 -72.70 -53.58
CA ASP X 106 4.41 -72.92 -52.61
C ASP X 106 3.85 -72.91 -51.16
N MET X 107 3.00 -71.93 -50.87
CA MET X 107 2.37 -71.81 -49.55
C MET X 107 1.58 -73.08 -49.24
N ALA X 108 0.75 -73.53 -50.19
CA ALA X 108 -0.05 -74.75 -50.00
C ALA X 108 0.82 -75.99 -49.73
N LEU X 109 2.02 -75.99 -50.28
CA LEU X 109 2.93 -77.13 -50.12
C LEU X 109 3.43 -77.25 -48.68
N TYR X 110 3.75 -76.13 -48.05
CA TYR X 110 4.09 -76.14 -46.62
C TYR X 110 2.92 -76.64 -45.80
N ASP X 111 1.70 -76.25 -46.18
CA ASP X 111 0.49 -76.68 -45.46
C ASP X 111 0.28 -78.19 -45.65
N LEU X 112 0.48 -78.67 -46.88
CA LEU X 112 0.31 -80.09 -47.20
C LEU X 112 1.39 -80.97 -46.57
N ALA X 113 2.66 -80.59 -46.73
CA ALA X 113 3.73 -81.36 -46.09
C ALA X 113 3.62 -81.44 -44.58
N GLY X 114 3.25 -80.33 -43.93
CA GLY X 114 3.03 -80.35 -42.48
C GLY X 114 1.91 -81.30 -42.08
N LYS X 115 0.85 -81.31 -42.87
CA LYS X 115 -0.29 -82.18 -42.62
C LYS X 115 0.06 -83.64 -42.89
N GLN X 116 0.85 -83.89 -43.94
CA GLN X 116 1.31 -85.26 -44.21
C GLN X 116 2.18 -85.80 -43.10
N LEU X 117 3.01 -84.95 -42.50
CA LEU X 117 3.95 -85.42 -41.49
C LEU X 117 3.48 -85.20 -40.05
N GLY X 118 2.37 -84.50 -39.87
CA GLY X 118 1.90 -84.15 -38.54
C GLY X 118 2.78 -83.17 -37.78
N VAL X 119 3.39 -82.21 -38.50
CA VAL X 119 4.20 -81.16 -37.86
C VAL X 119 3.76 -79.76 -38.30
N PRO X 120 3.93 -78.75 -37.42
CA PRO X 120 3.59 -77.39 -37.85
C PRO X 120 4.59 -76.92 -38.90
N ALA X 121 4.15 -76.03 -39.77
CA ALA X 121 4.97 -75.62 -40.90
C ALA X 121 6.24 -74.89 -40.46
N TYR X 122 6.22 -74.19 -39.32
CA TYR X 122 7.44 -73.51 -38.83
C TYR X 122 8.65 -74.44 -38.66
N LYS X 123 8.40 -75.68 -38.25
CA LYS X 123 9.45 -76.70 -38.21
C LYS X 123 10.00 -77.01 -39.61
N LEU X 124 9.13 -76.92 -40.60
CA LEU X 124 9.54 -77.18 -41.97
C LEU X 124 10.24 -75.95 -42.61
N MET X 125 10.06 -74.77 -42.01
CA MET X 125 10.76 -73.55 -42.44
C MET X 125 12.10 -73.34 -41.72
N GLY X 126 12.56 -74.32 -40.94
CA GLY X 126 13.82 -74.13 -40.22
C GLY X 126 13.75 -74.17 -38.71
N GLY X 127 12.54 -73.95 -38.17
CA GLY X 127 12.30 -74.06 -36.73
C GLY X 127 12.13 -72.72 -36.03
N ALA X 128 11.43 -72.73 -34.90
CA ALA X 128 11.10 -71.49 -34.16
C ALA X 128 12.38 -70.85 -33.63
N GLN X 129 12.56 -69.57 -33.91
CA GLN X 129 13.72 -68.86 -33.38
C GLN X 129 13.40 -67.66 -32.51
N LYS X 130 12.14 -67.46 -32.16
CA LYS X 130 11.80 -66.49 -31.12
C LYS X 130 10.81 -67.09 -30.13
N ALA X 131 10.85 -66.58 -28.90
CA ALA X 131 9.96 -67.07 -27.84
C ALA X 131 8.49 -66.79 -28.15
N GLN X 132 8.24 -65.68 -28.84
CA GLN X 132 6.89 -65.18 -29.09
C GLN X 132 6.85 -64.52 -30.45
N LEU X 133 5.69 -64.56 -31.11
CA LEU X 133 5.46 -63.71 -32.28
C LEU X 133 4.87 -62.33 -31.90
N THR X 134 5.56 -61.28 -32.31
CA THR X 134 5.18 -59.90 -32.00
C THR X 134 5.15 -59.07 -33.27
N PRO X 135 4.00 -59.02 -33.94
CA PRO X 135 3.93 -58.30 -35.20
C PRO X 135 3.76 -56.82 -34.97
N TYR X 136 3.92 -56.03 -36.04
CA TYR X 136 3.32 -54.72 -36.09
C TYR X 136 1.94 -54.80 -36.76
N PHE X 137 1.01 -53.99 -36.29
CA PHE X 137 -0.36 -54.06 -36.75
C PHE X 137 -0.71 -52.90 -37.68
N THR X 138 -0.99 -53.22 -38.93
CA THR X 138 -1.37 -52.22 -39.92
C THR X 138 -2.78 -51.73 -39.61
N LEU X 139 -2.90 -50.44 -39.36
CA LEU X 139 -4.18 -49.84 -39.10
C LEU X 139 -4.57 -49.01 -40.32
N TYR X 140 -5.64 -49.42 -41.00
CA TYR X 140 -6.20 -48.63 -42.08
C TYR X 140 -7.60 -48.19 -41.69
N PRO X 141 -7.85 -46.87 -41.74
CA PRO X 141 -9.16 -46.35 -41.32
C PRO X 141 -10.21 -46.52 -42.42
N SER X 142 -11.44 -46.80 -42.03
CA SER X 142 -12.56 -46.79 -42.99
C SER X 142 -13.18 -45.40 -43.03
N VAL X 143 -12.93 -44.66 -44.11
CA VAL X 143 -13.27 -43.24 -44.17
C VAL X 143 -13.86 -42.86 -45.52
N ALA X 144 -14.60 -41.76 -45.53
CA ALA X 144 -15.20 -41.23 -46.74
C ALA X 144 -14.13 -40.80 -47.75
N ALA X 145 -14.53 -40.73 -49.02
CA ALA X 145 -13.63 -40.38 -50.12
C ALA X 145 -13.24 -38.90 -50.04
N ASP X 146 -11.96 -38.62 -50.29
CA ASP X 146 -11.45 -37.28 -50.09
C ASP X 146 -11.94 -36.72 -48.74
N ALA X 147 -11.93 -37.57 -47.71
CA ALA X 147 -12.08 -37.11 -46.33
C ALA X 147 -10.91 -36.20 -46.01
N THR X 148 -11.09 -35.31 -45.04
CA THR X 148 -10.01 -34.41 -44.64
C THR X 148 -9.08 -35.10 -43.66
N LEU X 149 -7.91 -34.52 -43.43
CA LEU X 149 -6.90 -35.12 -42.59
C LEU X 149 -7.41 -35.22 -41.15
N SER X 150 -8.20 -34.23 -40.75
CA SER X 150 -8.79 -34.24 -39.43
C SER X 150 -9.76 -35.41 -39.24
N GLU X 151 -10.66 -35.63 -40.20
CA GLU X 151 -11.59 -36.76 -40.15
C GLU X 151 -10.84 -38.09 -40.04
N ILE X 152 -9.75 -38.20 -40.80
CA ILE X 152 -8.89 -39.38 -40.78
C ILE X 152 -8.25 -39.59 -39.40
N VAL X 153 -7.75 -38.52 -38.79
CA VAL X 153 -7.27 -38.66 -37.43
C VAL X 153 -8.37 -39.21 -36.49
N GLU X 154 -9.59 -38.70 -36.65
CA GLU X 154 -10.72 -39.14 -35.81
C GLU X 154 -11.01 -40.61 -36.04
N ALA X 155 -11.08 -41.02 -37.29
CA ALA X 155 -11.25 -42.42 -37.61
C ALA X 155 -10.13 -43.34 -37.06
N TYR X 156 -8.92 -42.81 -36.89
CA TYR X 156 -7.81 -43.64 -36.41
C TYR X 156 -7.93 -43.90 -34.93
N LYS X 157 -8.60 -43.01 -34.21
CA LYS X 157 -8.56 -43.04 -32.75
C LYS X 157 -9.07 -44.37 -32.17
N PRO X 158 -10.21 -44.89 -32.66
CA PRO X 158 -10.65 -46.17 -32.06
C PRO X 158 -9.70 -47.32 -32.41
N LEU X 159 -9.12 -47.28 -33.61
CA LEU X 159 -8.18 -48.33 -34.00
C LEU X 159 -6.93 -48.30 -33.11
N ILE X 160 -6.44 -47.10 -32.84
CA ILE X 160 -5.25 -46.97 -32.00
C ILE X 160 -5.55 -47.39 -30.57
N ALA X 161 -6.71 -46.99 -30.06
CA ALA X 161 -7.11 -47.41 -28.73
C ALA X 161 -7.25 -48.91 -28.63
N LYS X 162 -7.80 -49.54 -29.66
CA LYS X 162 -7.87 -50.99 -29.62
C LYS X 162 -6.49 -51.64 -29.67
N ALA X 163 -5.57 -51.04 -30.41
CA ALA X 163 -4.21 -51.56 -30.46
C ALA X 163 -3.56 -51.50 -29.08
N LYS X 164 -3.72 -50.38 -28.39
CA LYS X 164 -3.23 -50.23 -27.00
C LYS X 164 -3.88 -51.26 -26.09
N GLU X 165 -5.19 -51.42 -26.23
CA GLU X 165 -5.96 -52.37 -25.43
C GLU X 165 -5.47 -53.82 -25.59
N ARG X 166 -4.97 -54.17 -26.77
CA ARG X 166 -4.43 -55.52 -26.95
C ARG X 166 -2.95 -55.59 -26.55
N GLY X 167 -2.39 -54.44 -26.18
CA GLY X 167 -0.98 -54.36 -25.86
C GLY X 167 -0.04 -54.43 -27.07
N ALA X 168 -0.49 -53.95 -28.22
CA ALA X 168 0.36 -53.98 -29.42
C ALA X 168 1.69 -53.22 -29.25
N LYS X 169 2.76 -53.75 -29.82
CA LYS X 169 4.07 -53.16 -29.61
C LYS X 169 4.38 -52.15 -30.69
N ALA X 170 3.58 -52.16 -31.76
CA ALA X 170 3.85 -51.37 -32.95
C ALA X 170 2.62 -51.34 -33.82
N VAL X 171 2.38 -50.19 -34.43
CA VAL X 171 1.33 -50.08 -35.44
C VAL X 171 1.83 -49.31 -36.64
N LYS X 172 1.24 -49.58 -37.80
CA LYS X 172 1.51 -48.80 -39.00
C LYS X 172 0.28 -47.99 -39.39
N VAL X 173 0.47 -46.68 -39.55
CA VAL X 173 -0.58 -45.80 -40.07
C VAL X 173 -0.28 -45.48 -41.54
N CYS X 174 -1.27 -44.97 -42.26
CA CYS X 174 -1.11 -44.71 -43.68
C CYS X 174 -1.37 -43.27 -44.08
N ILE X 175 -0.81 -42.87 -45.23
CA ILE X 175 -1.17 -41.61 -45.86
C ILE X 175 -2.13 -41.91 -47.00
N ILE X 176 -3.41 -41.69 -46.76
CA ILE X 176 -4.40 -41.97 -47.77
C ILE X 176 -4.05 -41.11 -48.97
N PRO X 177 -3.96 -41.71 -50.16
CA PRO X 177 -3.47 -40.92 -51.29
C PRO X 177 -4.34 -39.69 -51.53
N ASN X 178 -3.71 -38.52 -51.62
CA ASN X 178 -4.45 -37.27 -51.60
C ASN X 178 -3.60 -36.18 -52.18
N ASP X 179 -3.81 -35.85 -53.44
CA ASP X 179 -2.96 -34.82 -54.05
C ASP X 179 -3.52 -33.41 -53.91
N LYS X 180 -4.55 -33.24 -53.08
CA LYS X 180 -5.09 -31.90 -52.87
C LYS X 180 -4.62 -31.35 -51.54
N VAL X 181 -3.66 -32.04 -50.95
CA VAL X 181 -3.18 -31.76 -49.61
C VAL X 181 -1.65 -31.61 -49.67
N SER X 182 -1.12 -30.59 -48.99
CA SER X 182 0.30 -30.28 -49.10
C SER X 182 1.12 -31.17 -48.17
N ASP X 183 2.44 -31.18 -48.36
CA ASP X 183 3.35 -31.94 -47.50
C ASP X 183 3.44 -31.36 -46.09
N LYS X 184 3.44 -30.03 -46.00
CA LYS X 184 3.32 -29.34 -44.72
C LYS X 184 2.13 -29.89 -43.94
N GLU X 185 1.01 -30.12 -44.64
CA GLU X 185 -0.16 -30.71 -43.99
C GLU X 185 0.02 -32.19 -43.61
N ILE X 186 0.75 -32.93 -44.43
CA ILE X 186 1.14 -34.30 -44.11
C ILE X 186 2.00 -34.33 -42.82
N VAL X 187 2.92 -33.38 -42.69
CA VAL X 187 3.73 -33.25 -41.46
C VAL X 187 2.87 -33.04 -40.19
N ALA X 188 1.92 -32.11 -40.25
CA ALA X 188 1.06 -31.85 -39.09
C ALA X 188 0.17 -33.08 -38.79
N TYR X 189 -0.42 -33.64 -39.83
CA TYR X 189 -1.14 -34.91 -39.76
C TYR X 189 -0.36 -36.00 -39.01
N LEU X 190 0.87 -36.29 -39.44
CA LEU X 190 1.65 -37.33 -38.79
C LEU X 190 2.13 -36.94 -37.39
N ARG X 191 2.37 -35.64 -37.14
CA ARG X 191 2.64 -35.23 -35.75
C ARG X 191 1.45 -35.56 -34.84
N GLU X 192 0.26 -35.21 -35.29
CA GLU X 192 -0.96 -35.54 -34.57
C GLU X 192 -1.09 -37.02 -34.27
N LEU X 193 -0.90 -37.86 -35.30
CA LEU X 193 -0.99 -39.29 -35.06
C LEU X 193 0.01 -39.78 -34.02
N ARG X 194 1.22 -39.26 -34.01
CA ARG X 194 2.15 -39.64 -32.95
C ARG X 194 1.62 -39.22 -31.56
N GLU X 195 1.00 -38.05 -31.45
CA GLU X 195 0.36 -37.65 -30.19
C GLU X 195 -0.70 -38.67 -29.77
N VAL X 196 -1.53 -39.08 -30.72
CA VAL X 196 -2.58 -40.04 -30.41
C VAL X 196 -2.02 -41.41 -30.06
N ILE X 197 -1.01 -41.83 -30.81
CA ILE X 197 -0.36 -43.11 -30.59
C ILE X 197 0.34 -43.17 -29.23
N GLY X 198 0.99 -42.10 -28.85
CA GLY X 198 1.82 -42.11 -27.66
C GLY X 198 3.24 -42.58 -27.95
N TRP X 199 3.97 -42.83 -26.87
CA TRP X 199 5.41 -43.07 -26.95
C TRP X 199 5.77 -44.43 -26.40
N ASP X 200 4.79 -45.31 -26.36
CA ASP X 200 4.96 -46.64 -25.83
C ASP X 200 4.76 -47.71 -26.91
N MET X 201 4.46 -47.28 -28.14
CA MET X 201 4.40 -48.18 -29.28
C MET X 201 5.30 -47.62 -30.39
N ASP X 202 5.93 -48.50 -31.16
CA ASP X 202 6.62 -48.05 -32.36
C ASP X 202 5.59 -47.64 -33.36
N MET X 203 5.93 -46.62 -34.17
CA MET X 203 5.01 -46.06 -35.14
C MET X 203 5.63 -46.14 -36.56
N MET X 204 4.96 -46.83 -37.48
CA MET X 204 5.46 -46.92 -38.84
C MET X 204 4.53 -46.12 -39.72
N VAL X 205 5.02 -45.62 -40.84
CA VAL X 205 4.19 -44.93 -41.83
C VAL X 205 4.30 -45.58 -43.21
N ASP X 206 3.14 -45.87 -43.79
CA ASP X 206 3.05 -46.30 -45.18
C ASP X 206 2.58 -45.12 -46.04
N CYS X 207 3.46 -44.65 -46.92
CA CYS X 207 3.22 -43.42 -47.70
C CYS X 207 2.37 -43.66 -48.95
N LEU X 208 2.08 -44.94 -49.22
CA LEU X 208 1.33 -45.33 -50.40
C LEU X 208 1.77 -44.62 -51.69
N TYR X 209 3.08 -44.61 -51.92
CA TYR X 209 3.65 -44.10 -53.17
C TYR X 209 3.28 -42.65 -53.46
N ARG X 210 3.14 -41.85 -52.40
CA ARG X 210 2.84 -40.42 -52.56
C ARG X 210 3.88 -39.65 -53.37
N TRP X 211 5.15 -39.89 -53.13
CA TRP X 211 6.17 -39.01 -53.69
C TRP X 211 6.81 -39.56 -54.96
N THR X 212 7.16 -38.65 -55.88
CA THR X 212 7.98 -39.03 -57.01
C THR X 212 9.39 -38.42 -56.91
N ASP X 213 9.51 -37.23 -56.30
CA ASP X 213 10.83 -36.57 -56.17
C ASP X 213 11.42 -36.90 -54.81
N TRP X 214 12.62 -37.48 -54.76
CA TRP X 214 13.18 -37.83 -53.46
C TRP X 214 13.43 -36.63 -52.56
N GLN X 215 13.86 -35.52 -53.18
CA GLN X 215 14.09 -34.28 -52.43
C GLN X 215 12.81 -33.75 -51.75
N LYS X 216 11.64 -34.13 -52.27
CA LYS X 216 10.42 -33.69 -51.62
C LYS X 216 10.09 -34.55 -50.38
N ALA X 217 10.22 -35.86 -50.53
CA ALA X 217 10.15 -36.77 -49.38
C ALA X 217 11.19 -36.37 -48.32
N ARG X 218 12.38 -36.00 -48.78
CA ARG X 218 13.46 -35.62 -47.87
C ARG X 218 12.96 -34.52 -46.91
N TRP X 219 12.39 -33.47 -47.49
CA TRP X 219 11.96 -32.32 -46.70
C TRP X 219 10.94 -32.76 -45.67
N THR X 220 9.98 -33.57 -46.11
CA THR X 220 8.91 -34.05 -45.25
C THR X 220 9.43 -34.83 -44.04
N PHE X 221 10.35 -35.78 -44.25
CA PHE X 221 10.76 -36.62 -43.15
C PHE X 221 11.88 -36.04 -42.31
N ARG X 222 12.51 -34.99 -42.83
CA ARG X 222 13.33 -34.10 -42.02
C ARG X 222 12.49 -33.36 -40.97
N GLN X 223 11.34 -32.83 -41.37
CA GLN X 223 10.44 -32.16 -40.43
C GLN X 223 9.99 -33.13 -39.33
N LEU X 224 9.87 -34.41 -39.68
CA LEU X 224 9.33 -35.43 -38.78
C LEU X 224 10.36 -36.19 -37.94
N GLU X 225 11.61 -35.75 -37.93
CA GLU X 225 12.61 -36.48 -37.14
C GLU X 225 12.22 -36.69 -35.69
N ASP X 226 11.52 -35.73 -35.10
CA ASP X 226 11.29 -35.80 -33.67
C ASP X 226 10.08 -36.68 -33.27
N ILE X 227 9.31 -37.17 -34.25
CA ILE X 227 8.29 -38.18 -33.93
C ILE X 227 8.80 -39.61 -34.03
N ASP X 228 10.05 -39.79 -34.45
CA ASP X 228 10.72 -41.06 -34.28
C ASP X 228 10.07 -42.22 -35.06
N LEU X 229 9.84 -42.02 -36.35
CA LEU X 229 9.26 -43.08 -37.17
C LEU X 229 10.16 -44.32 -37.14
N TYR X 230 9.58 -45.49 -36.90
CA TYR X 230 10.36 -46.72 -36.90
C TYR X 230 10.81 -47.03 -38.34
N PHE X 231 9.88 -46.90 -39.27
CA PHE X 231 10.23 -47.01 -40.67
C PHE X 231 9.27 -46.25 -41.54
N ILE X 232 9.73 -45.96 -42.76
CA ILE X 232 8.93 -45.24 -43.74
C ILE X 232 8.83 -46.10 -44.99
N GLU X 233 7.59 -46.48 -45.32
CA GLU X 233 7.30 -47.45 -46.38
C GLU X 233 6.71 -46.79 -47.62
N ALA X 234 7.07 -47.32 -48.79
CA ALA X 234 6.41 -46.98 -50.06
C ALA X 234 6.44 -45.50 -50.32
N CYS X 235 7.57 -44.87 -50.03
CA CYS X 235 7.72 -43.43 -50.08
C CYS X 235 7.87 -42.93 -51.53
N LEU X 236 8.64 -43.66 -52.33
CA LEU X 236 8.92 -43.23 -53.69
C LEU X 236 8.39 -44.28 -54.65
N GLN X 237 8.38 -43.97 -55.96
CA GLN X 237 7.87 -44.91 -56.94
C GLN X 237 8.72 -46.19 -56.96
N HIS X 238 8.08 -47.32 -57.26
CA HIS X 238 8.73 -48.62 -57.04
C HIS X 238 9.99 -48.84 -57.87
N ASP X 239 10.02 -48.30 -59.09
CA ASP X 239 11.13 -48.52 -60.01
C ASP X 239 12.32 -47.64 -59.74
N ASP X 240 12.15 -46.66 -58.85
CA ASP X 240 13.16 -45.63 -58.70
C ASP X 240 14.18 -45.97 -57.63
N LEU X 241 15.13 -46.80 -58.01
CA LEU X 241 16.14 -47.30 -57.06
C LEU X 241 17.08 -46.18 -56.63
N ILE X 242 17.46 -45.31 -57.57
CA ILE X 242 18.39 -44.25 -57.24
C ILE X 242 17.82 -43.19 -56.30
N GLY X 243 16.56 -42.80 -56.53
CA GLY X 243 15.85 -41.95 -55.59
C GLY X 243 15.78 -42.54 -54.18
N HIS X 244 15.43 -43.83 -54.08
CA HIS X 244 15.41 -44.50 -52.77
C HIS X 244 16.77 -44.47 -52.08
N GLN X 245 17.85 -44.73 -52.82
CA GLN X 245 19.18 -44.75 -52.18
C GLN X 245 19.58 -43.36 -51.68
N LYS X 246 19.23 -42.32 -52.43
CA LYS X 246 19.47 -40.97 -51.96
C LYS X 246 18.62 -40.62 -50.74
N LEU X 247 17.34 -40.95 -50.79
CA LEU X 247 16.50 -40.72 -49.63
C LEU X 247 17.01 -41.47 -48.40
N ALA X 248 17.35 -42.76 -48.56
CA ALA X 248 17.80 -43.58 -47.43
C ALA X 248 19.04 -43.03 -46.77
N ALA X 249 19.98 -42.51 -47.58
CA ALA X 249 21.21 -41.93 -47.05
C ALA X 249 20.96 -40.56 -46.38
N ALA X 250 19.85 -39.91 -46.71
CA ALA X 250 19.59 -38.57 -46.18
C ALA X 250 18.79 -38.59 -44.86
N ILE X 251 17.91 -39.56 -44.68
CA ILE X 251 17.07 -39.63 -43.48
C ILE X 251 17.80 -40.34 -42.36
N ASN X 252 17.14 -40.46 -41.21
CA ASN X 252 17.84 -40.97 -40.06
C ASN X 252 17.15 -42.14 -39.37
N THR X 253 16.18 -42.76 -40.06
CA THR X 253 15.66 -44.09 -39.67
C THR X 253 15.62 -45.02 -40.86
N ARG X 254 14.78 -46.04 -40.73
CA ARG X 254 14.59 -47.09 -41.76
C ARG X 254 13.73 -46.65 -42.93
N LEU X 255 14.23 -46.90 -44.15
CA LEU X 255 13.42 -46.85 -45.37
C LEU X 255 13.12 -48.28 -45.82
N CYS X 256 11.87 -48.53 -46.20
CA CYS X 256 11.44 -49.84 -46.70
C CYS X 256 11.44 -49.80 -48.21
N GLY X 257 11.43 -50.97 -48.81
CA GLY X 257 11.27 -51.07 -50.25
C GLY X 257 10.88 -52.46 -50.65
N ALA X 258 10.71 -52.65 -51.96
CA ALA X 258 10.46 -53.96 -52.56
C ALA X 258 9.08 -54.56 -52.31
N GLU X 259 8.18 -53.81 -51.68
CA GLU X 259 6.85 -54.31 -51.38
C GLU X 259 6.19 -54.97 -52.60
N MET X 260 6.38 -54.38 -53.78
CA MET X 260 5.74 -54.87 -54.99
C MET X 260 6.61 -55.87 -55.80
N SER X 261 7.83 -56.14 -55.32
CA SER X 261 8.80 -56.89 -56.12
C SER X 261 8.49 -58.40 -56.17
N THR X 262 9.11 -59.12 -57.10
CA THR X 262 9.12 -60.60 -57.04
C THR X 262 10.54 -61.16 -57.20
N THR X 263 10.77 -62.32 -56.59
CA THR X 263 12.04 -63.04 -56.54
C THR X 263 13.05 -62.35 -55.69
N ARG X 264 14.01 -63.15 -55.24
CA ARG X 264 15.18 -62.72 -54.50
C ARG X 264 16.14 -61.92 -55.35
N PHE X 265 16.07 -62.06 -56.67
CA PHE X 265 16.94 -61.23 -57.52
C PHE X 265 16.60 -59.74 -57.41
N GLU X 266 15.30 -59.41 -57.41
CA GLU X 266 14.90 -58.01 -57.19
C GLU X 266 15.18 -57.56 -55.75
N ALA X 267 14.86 -58.40 -54.78
CA ALA X 267 15.14 -58.09 -53.38
C ALA X 267 16.61 -57.73 -53.18
N GLN X 268 17.49 -58.55 -53.76
CA GLN X 268 18.92 -58.33 -53.58
C GLN X 268 19.42 -57.05 -54.28
N GLU X 269 18.92 -56.79 -55.48
CA GLU X 269 19.23 -55.53 -56.14
C GLU X 269 18.82 -54.31 -55.30
N TRP X 270 17.65 -54.37 -54.66
CA TRP X 270 17.16 -53.27 -53.82
C TRP X 270 18.17 -53.06 -52.69
N LEU X 271 18.53 -54.17 -52.08
CA LEU X 271 19.34 -54.16 -50.89
C LEU X 271 20.73 -53.56 -51.20
N GLU X 272 21.34 -54.06 -52.28
CA GLU X 272 22.64 -53.56 -52.73
C GLU X 272 22.64 -52.11 -53.23
N LYS X 273 21.64 -51.76 -54.04
CA LYS X 273 21.63 -50.46 -54.71
C LYS X 273 21.07 -49.33 -53.84
N THR X 274 20.17 -49.64 -52.90
CA THR X 274 19.48 -48.56 -52.17
C THR X 274 19.84 -48.44 -50.70
N GLY X 275 20.20 -49.55 -50.06
CA GLY X 275 20.42 -49.58 -48.63
C GLY X 275 19.15 -49.44 -47.80
N ILE X 276 18.01 -49.83 -48.37
CA ILE X 276 16.82 -50.03 -47.57
C ILE X 276 17.07 -50.98 -46.37
N SER X 277 16.38 -50.72 -45.27
CA SER X 277 16.62 -51.45 -44.03
C SER X 277 15.52 -52.48 -43.77
N VAL X 278 14.43 -52.36 -44.53
CA VAL X 278 13.29 -53.28 -44.44
C VAL X 278 12.83 -53.70 -45.83
N VAL X 279 12.84 -55.02 -46.07
CA VAL X 279 12.41 -55.56 -47.33
C VAL X 279 10.99 -56.07 -47.11
N GLN X 280 10.10 -55.80 -48.06
CA GLN X 280 8.69 -56.12 -47.85
C GLN X 280 8.09 -57.08 -48.86
N SER X 281 8.93 -57.79 -49.61
CA SER X 281 8.46 -58.88 -50.48
C SER X 281 7.25 -59.62 -49.90
N ASP X 282 6.23 -59.80 -50.74
CA ASP X 282 4.93 -60.34 -50.31
C ASP X 282 4.85 -61.88 -50.36
N TYR X 283 4.33 -62.50 -49.30
CA TYR X 283 4.12 -63.97 -49.23
C TYR X 283 3.47 -64.56 -50.48
N ASN X 284 2.57 -63.80 -51.08
CA ASN X 284 1.74 -64.32 -52.15
C ASN X 284 2.07 -63.70 -53.53
N ARG X 285 3.27 -63.14 -53.63
CA ARG X 285 3.70 -62.51 -54.86
C ARG X 285 5.14 -62.93 -55.23
N CYS X 286 6.02 -62.96 -54.23
CA CYS X 286 7.44 -62.90 -54.52
C CYS X 286 8.06 -64.23 -54.89
N GLY X 287 7.30 -65.32 -54.72
CA GLY X 287 7.82 -66.68 -54.86
C GLY X 287 7.39 -67.56 -53.69
N GLY X 288 6.86 -66.95 -52.64
CA GLY X 288 6.36 -67.72 -51.49
C GLY X 288 7.36 -67.95 -50.38
N VAL X 289 7.02 -68.83 -49.45
CA VAL X 289 7.89 -69.03 -48.28
C VAL X 289 9.29 -69.49 -48.70
N THR X 290 9.36 -70.37 -49.69
CA THR X 290 10.64 -70.90 -50.14
C THR X 290 11.56 -69.79 -50.64
N GLU X 291 11.02 -68.80 -51.36
CA GLU X 291 11.85 -67.69 -51.81
C GLU X 291 12.15 -66.68 -50.70
N LEU X 292 11.16 -66.41 -49.87
CA LEU X 292 11.36 -65.56 -48.68
C LEU X 292 12.45 -66.09 -47.79
N LEU X 293 12.56 -67.41 -47.67
CA LEU X 293 13.66 -67.98 -46.88
C LEU X 293 15.02 -67.58 -47.46
N ARG X 294 15.15 -67.67 -48.77
CA ARG X 294 16.36 -67.21 -49.45
C ARG X 294 16.57 -65.69 -49.29
N ILE X 295 15.47 -64.92 -49.37
CA ILE X 295 15.54 -63.46 -49.14
C ILE X 295 15.96 -63.12 -47.69
N MET X 296 15.50 -63.91 -46.73
CA MET X 296 15.85 -63.73 -45.32
C MET X 296 17.38 -63.79 -45.13
N ASP X 297 18.01 -64.79 -45.74
CA ASP X 297 19.45 -65.00 -45.64
C ASP X 297 20.24 -63.86 -46.25
N ILE X 298 19.75 -63.35 -47.38
CA ILE X 298 20.35 -62.17 -47.99
C ILE X 298 20.17 -60.92 -47.13
N CYS X 299 18.97 -60.69 -46.61
CA CYS X 299 18.77 -59.57 -45.68
C CYS X 299 19.76 -59.63 -44.53
N GLU X 300 19.89 -60.82 -43.95
CA GLU X 300 20.79 -61.00 -42.80
C GLU X 300 22.20 -60.43 -43.08
N HIS X 301 22.68 -60.65 -44.29
CA HIS X 301 24.04 -60.22 -44.66
C HIS X 301 24.17 -58.68 -44.71
N HIS X 302 23.11 -58.02 -45.13
CA HIS X 302 23.07 -56.56 -45.14
C HIS X 302 22.63 -55.94 -43.81
N ASN X 303 22.39 -56.77 -42.80
CA ASN X 303 21.77 -56.32 -41.57
C ASN X 303 20.46 -55.59 -41.88
N ALA X 304 19.71 -56.15 -42.83
CA ALA X 304 18.38 -55.66 -43.14
C ALA X 304 17.34 -56.54 -42.46
N GLN X 305 16.17 -55.97 -42.16
CA GLN X 305 15.02 -56.74 -41.72
C GLN X 305 14.10 -57.18 -42.88
N LEU X 306 13.42 -58.32 -42.70
CA LEU X 306 12.43 -58.78 -43.67
C LEU X 306 11.04 -58.75 -43.02
N MET X 307 10.13 -57.96 -43.57
CA MET X 307 8.78 -57.85 -42.99
C MET X 307 7.83 -57.94 -44.18
N PRO X 308 7.54 -59.18 -44.61
CA PRO X 308 6.82 -59.41 -45.85
C PRO X 308 5.44 -58.77 -45.85
N HIS X 309 5.09 -58.11 -46.95
CA HIS X 309 3.78 -57.50 -47.10
C HIS X 309 2.69 -58.55 -46.90
N ASN X 310 1.72 -58.20 -46.06
CA ASN X 310 0.74 -59.14 -45.55
C ASN X 310 -0.61 -58.47 -45.43
N TRP X 311 -1.35 -58.45 -46.52
CA TRP X 311 -2.68 -57.87 -46.57
C TRP X 311 -3.51 -58.71 -47.51
N LYS X 312 -3.91 -59.89 -47.05
CA LYS X 312 -4.73 -60.81 -47.86
C LYS X 312 -5.83 -61.39 -47.00
N THR X 313 -5.70 -62.68 -46.73
CA THR X 313 -6.73 -63.43 -46.03
C THR X 313 -6.11 -64.09 -44.81
N GLY X 314 -6.91 -64.79 -44.01
CA GLY X 314 -6.40 -65.60 -42.91
C GLY X 314 -5.50 -66.76 -43.36
N ILE X 315 -5.58 -67.11 -44.65
CA ILE X 315 -4.67 -68.11 -45.20
C ILE X 315 -3.24 -67.58 -45.15
N THR X 316 -3.03 -66.39 -45.69
CA THR X 316 -1.74 -65.72 -45.60
C THR X 316 -1.34 -65.37 -44.17
N ALA X 317 -2.30 -65.05 -43.31
CA ALA X 317 -1.95 -64.74 -41.92
C ALA X 317 -1.39 -65.97 -41.21
N ALA X 318 -1.88 -67.15 -41.57
CA ALA X 318 -1.28 -68.39 -41.01
C ALA X 318 0.18 -68.55 -41.48
N ALA X 319 0.44 -68.31 -42.76
CA ALA X 319 1.80 -68.31 -43.29
C ALA X 319 2.68 -67.29 -42.58
N ALA X 320 2.15 -66.09 -42.33
CA ALA X 320 2.90 -65.06 -41.62
C ALA X 320 3.28 -65.48 -40.20
N ARG X 321 2.32 -66.07 -39.49
CA ARG X 321 2.55 -66.56 -38.13
C ARG X 321 3.71 -67.57 -38.16
N HIS X 322 3.65 -68.54 -39.06
CA HIS X 322 4.69 -69.55 -39.15
C HIS X 322 6.03 -69.00 -39.61
N PHE X 323 6.01 -68.16 -40.63
CA PHE X 323 7.22 -67.53 -41.09
C PHE X 323 7.81 -66.57 -40.05
N GLY X 324 6.93 -65.80 -39.41
CA GLY X 324 7.33 -64.84 -38.38
C GLY X 324 8.11 -65.43 -37.22
N ILE X 325 7.73 -66.60 -36.75
CA ILE X 325 8.40 -67.20 -35.59
C ILE X 325 9.80 -67.77 -35.95
N VAL X 326 10.09 -67.81 -37.24
CA VAL X 326 11.27 -68.46 -37.78
C VAL X 326 12.26 -67.37 -38.16
N CYS X 327 11.69 -66.22 -38.49
CA CYS X 327 12.43 -65.12 -39.10
C CYS X 327 13.10 -64.29 -38.00
N HIS X 328 14.21 -64.83 -37.47
CA HIS X 328 14.85 -64.28 -36.29
C HIS X 328 15.44 -62.87 -36.48
N ILE X 329 15.70 -62.48 -37.74
CA ILE X 329 16.30 -61.19 -38.02
C ILE X 329 15.33 -60.03 -37.86
N SER X 330 14.03 -60.32 -37.88
CA SER X 330 13.01 -59.31 -37.84
C SER X 330 12.36 -59.21 -36.46
N GLU X 331 12.50 -58.02 -35.88
CA GLU X 331 11.86 -57.69 -34.61
C GLU X 331 10.34 -57.78 -34.75
N TYR X 332 9.82 -57.34 -35.91
CA TYR X 332 8.38 -57.41 -36.22
C TYR X 332 8.15 -58.07 -37.58
N VAL X 333 6.92 -58.50 -37.81
CA VAL X 333 6.41 -58.68 -39.17
C VAL X 333 5.03 -58.02 -39.26
N GLU X 334 4.65 -57.61 -40.46
CA GLU X 334 3.34 -57.04 -40.69
C GLU X 334 2.25 -58.08 -40.45
N TYR X 335 1.19 -57.64 -39.79
CA TYR X 335 0.07 -58.51 -39.54
C TYR X 335 -1.23 -57.73 -39.71
N LEU X 336 -2.11 -58.30 -40.52
CA LEU X 336 -3.49 -57.86 -40.63
C LEU X 336 -4.39 -58.71 -39.72
N HIS X 337 -4.94 -58.08 -38.68
CA HIS X 337 -5.76 -58.81 -37.73
C HIS X 337 -7.21 -58.33 -37.74
N PRO X 338 -8.18 -59.26 -37.63
CA PRO X 338 -9.60 -58.95 -37.69
C PRO X 338 -10.04 -57.85 -36.71
N ASP X 339 -9.36 -57.75 -35.58
CA ASP X 339 -9.67 -56.68 -34.61
C ASP X 339 -9.55 -55.29 -35.24
N PHE X 340 -8.84 -55.19 -36.36
CA PHE X 340 -8.49 -53.89 -36.95
C PHE X 340 -9.04 -53.68 -38.36
N TRP X 341 -9.68 -54.69 -38.90
CA TRP X 341 -10.18 -54.64 -40.29
C TRP X 341 -11.47 -55.43 -40.46
N ASN X 342 -12.46 -54.82 -41.11
CA ASN X 342 -13.78 -55.41 -41.33
C ASN X 342 -14.01 -56.06 -42.70
N GLY X 343 -12.98 -56.12 -43.54
CA GLY X 343 -13.09 -56.82 -44.81
C GLY X 343 -13.78 -58.17 -44.66
N THR X 344 -14.67 -58.45 -45.60
CA THR X 344 -15.40 -59.72 -45.58
C THR X 344 -14.47 -60.93 -45.39
N LEU X 345 -13.43 -61.00 -46.22
CA LEU X 345 -12.55 -62.17 -46.24
C LEU X 345 -11.80 -62.29 -44.93
N THR X 346 -11.29 -61.16 -44.43
CA THR X 346 -10.65 -61.12 -43.12
C THR X 346 -11.59 -61.64 -42.02
N GLN X 347 -12.87 -61.32 -42.13
CA GLN X 347 -13.83 -61.61 -41.07
C GLN X 347 -14.45 -63.01 -41.19
N GLN X 348 -14.45 -63.57 -42.40
CA GLN X 348 -15.29 -64.72 -42.71
C GLN X 348 -14.57 -65.96 -43.26
N LEU X 349 -13.47 -65.78 -43.99
CA LEU X 349 -12.87 -66.91 -44.71
C LEU X 349 -12.33 -68.00 -43.79
N THR X 350 -11.72 -67.60 -42.68
CA THR X 350 -11.17 -68.56 -41.71
C THR X 350 -11.90 -68.49 -40.37
N LEU X 351 -11.69 -69.49 -39.53
CA LEU X 351 -12.36 -69.53 -38.23
C LEU X 351 -11.34 -69.40 -37.12
N ASN X 352 -11.78 -68.81 -36.02
CA ASN X 352 -11.03 -68.82 -34.76
C ASN X 352 -9.60 -68.30 -34.90
N GLU X 353 -9.45 -67.11 -35.49
CA GLU X 353 -8.14 -66.47 -35.62
C GLU X 353 -7.54 -66.24 -34.22
N PRO X 354 -6.23 -66.47 -34.05
CA PRO X 354 -5.64 -66.32 -32.73
C PRO X 354 -5.78 -64.89 -32.22
N LYS X 355 -6.04 -64.73 -30.94
CA LYS X 355 -6.18 -63.40 -30.34
C LYS X 355 -4.81 -62.70 -30.11
N ILE X 356 -4.81 -61.37 -30.14
CA ILE X 356 -3.63 -60.61 -29.71
C ILE X 356 -3.58 -60.58 -28.17
N ILE X 357 -2.55 -61.18 -27.58
CA ILE X 357 -2.37 -61.13 -26.13
C ILE X 357 -1.06 -60.46 -25.73
N ASP X 358 -1.16 -59.29 -25.10
CA ASP X 358 0.00 -58.47 -24.82
C ASP X 358 0.86 -58.23 -26.08
N GLY X 359 0.18 -57.94 -27.18
CA GLY X 359 0.84 -57.65 -28.45
C GLY X 359 1.50 -58.86 -29.10
N ALA X 360 1.22 -60.06 -28.61
CA ALA X 360 1.74 -61.26 -29.23
C ALA X 360 0.60 -62.15 -29.69
N ILE X 361 0.82 -62.88 -30.79
CA ILE X 361 -0.13 -63.90 -31.19
C ILE X 361 0.49 -65.30 -31.15
N GLU X 362 -0.22 -66.27 -30.57
CA GLU X 362 0.26 -67.65 -30.46
C GLU X 362 0.43 -68.29 -31.85
N VAL X 363 1.53 -69.01 -32.03
CA VAL X 363 1.71 -69.86 -33.20
C VAL X 363 1.47 -71.31 -32.81
N SER X 364 0.43 -71.93 -33.35
CA SER X 364 0.03 -73.25 -32.87
C SER X 364 0.88 -74.39 -33.43
N ASP X 365 0.89 -75.51 -32.73
CA ASP X 365 1.58 -76.70 -33.22
C ASP X 365 0.65 -77.63 -34.01
N LYS X 366 -0.47 -77.10 -34.48
CA LYS X 366 -1.31 -77.81 -35.44
C LYS X 366 -0.55 -78.12 -36.73
N PRO X 367 -0.83 -79.26 -37.35
CA PRO X 367 -0.07 -79.67 -38.52
C PRO X 367 -0.20 -78.63 -39.64
N GLY X 368 0.88 -78.42 -40.36
CA GLY X 368 0.88 -77.51 -41.48
C GLY X 368 0.74 -76.07 -41.04
N LEU X 369 -0.07 -75.31 -41.76
CA LEU X 369 -0.25 -73.90 -41.45
C LEU X 369 -1.25 -73.67 -40.30
N GLY X 370 -2.01 -74.71 -39.93
CA GLY X 370 -2.98 -74.57 -38.85
C GLY X 370 -4.13 -73.68 -39.29
N ILE X 371 -4.50 -73.78 -40.56
CA ILE X 371 -5.63 -73.03 -41.06
C ILE X 371 -6.93 -73.74 -40.74
N GLU X 372 -7.90 -73.03 -40.18
CA GLU X 372 -9.27 -73.55 -40.07
C GLU X 372 -10.24 -72.81 -41.00
N LEU X 373 -10.53 -73.42 -42.15
CA LEU X 373 -11.31 -72.75 -43.20
C LEU X 373 -12.78 -72.71 -42.81
N ASN X 374 -13.45 -71.59 -43.06
CA ASN X 374 -14.92 -71.55 -43.00
C ASN X 374 -15.48 -72.22 -44.26
N ILE X 375 -15.67 -73.52 -44.16
CA ILE X 375 -16.04 -74.34 -45.29
C ILE X 375 -17.34 -73.83 -45.91
N GLU X 376 -18.36 -73.69 -45.07
CA GLU X 376 -19.68 -73.25 -45.49
C GLU X 376 -19.60 -71.98 -46.34
N PHE X 377 -18.94 -70.97 -45.78
CA PHE X 377 -18.76 -69.70 -46.45
C PHE X 377 -18.02 -69.88 -47.78
N VAL X 378 -16.95 -70.68 -47.77
CA VAL X 378 -16.17 -70.86 -48.99
C VAL X 378 -16.95 -71.52 -50.10
N GLU X 379 -17.75 -72.52 -49.76
CA GLU X 379 -18.58 -73.19 -50.76
C GLU X 379 -19.63 -72.23 -51.29
N GLN X 380 -20.16 -71.39 -50.40
CA GLN X 380 -21.17 -70.42 -50.78
C GLN X 380 -20.64 -69.44 -51.80
N VAL X 381 -19.42 -68.94 -51.60
CA VAL X 381 -18.93 -67.87 -52.49
C VAL X 381 -18.06 -68.31 -53.66
N THR X 382 -17.69 -69.59 -53.72
CA THR X 382 -16.80 -70.04 -54.79
C THR X 382 -17.52 -70.98 -55.72
N GLY X 383 -18.45 -71.75 -55.17
CA GLY X 383 -19.37 -72.52 -55.99
C GLY X 383 -19.04 -73.99 -56.05
N HIS X 384 -17.86 -74.35 -55.56
CA HIS X 384 -17.42 -75.73 -55.55
C HIS X 384 -17.30 -76.24 -54.13
N LYS X 385 -17.75 -77.48 -53.93
CA LYS X 385 -17.82 -78.07 -52.60
C LYS X 385 -16.54 -78.83 -52.25
N PHE X 386 -16.20 -78.83 -50.96
CA PHE X 386 -15.08 -79.61 -50.46
C PHE X 386 -15.44 -81.08 -50.32
MG MG Y . -21.40 53.86 88.50
MG MG Z . -10.35 26.20 65.16
MG MG AA . -64.63 66.11 51.62
MG MG BA . -27.59 82.41 60.23
MG MG CA . -47.54 17.88 49.22
MG MG DA . -43.96 49.89 24.14
MG MG EA . 16.83 10.05 28.25
MG MG FA . 2.70 34.13 -1.40
MG MG GA . 69.07 -51.63 -60.40
MG MG HA . -17.77 -12.91 26.39
MG MG IA . -31.25 12.39 -3.56
MG MG JA . 1.69 -50.96 -48.15
#